data_3J99
#
_entry.id   3J99
#
_cell.length_a   1.000
_cell.length_b   1.000
_cell.length_c   1.000
_cell.angle_alpha   90.00
_cell.angle_beta   90.00
_cell.angle_gamma   90.00
#
_symmetry.space_group_name_H-M   'P 1'
#
loop_
_entity.id
_entity.type
_entity.pdbx_description
1 polymer 'Vesicle-fusing ATPase'
2 polymer 'Alpha-soluble NSF attachment protein'
3 polymer 'Vesicle-associated membrane protein 2'
4 polymer Syntaxin-1A
5 polymer 'Synaptosomal-associated protein 25'
#
loop_
_entity_poly.entity_id
_entity_poly.type
_entity_poly.pdbx_seq_one_letter_code
_entity_poly.pdbx_strand_id
1 'polypeptide(L)'
;GAHMAGRSMQAARCPTDELSLSNCAVVSEKDYQSGQHVIVRTSPNHKYIFTLRTHPSVVPGSVAFSLPQRKWAGLSIGQE
IEVALYSFDKAKQCIGTMTIEIDFLQKKNIDSNPYDTDKMAAEFIQQFNNQAFSVGQQLVFSFNDKLFGLLVKDIEAMDP
SILKGEPASGKRQKIEVGLVVGNSQVAFEKAENSSLNLIGKAKTKENRQSIINPDWNFEKMGIGGLDKEFSDIFRRAFAS
RVFPPEIVEQMGCKHVKGILLYGPPGCGKTLLARQIGKMLNAREPKVVNGPEILNKYVGESEANIRKLFADAEEEQRRLG
ANSGLHIIIFDEIDAICKQRGSMAGSTGVHDTVVNQLLSKIDGVEQLNNILVIGMTNRPDLIDEALLRPGRLEVKMEIGL
PDEKGRLQILHIHTARMRGHQLLSADVDIKELAVETKNFSGAELEGLVRAAQSTAMNRHIKASTKVEVDMEKAESLQVTR
GDFLASLENDIKPAFGTNQEDYASYIMNGIIKWGDPVTRVLDDGELLVQQTKNSDRTPLVSVLLEGPPHSGKTALAAKIA
EESNFPFIKICSPDKMIGFSETAKCQAMKKIFDDAYKSQLSCVVVDDIERLLDYVPIGPRFSNLVLQALLVLLKKAPPQG
RKLLIIGTTSRKDVLQEMEMLNAFSTTIHVPNIATGEQLLEALELLGNFKDKERTTIAQQVKGKKVWIGIKKLLMLIEMS
LQMDPEYRVRKFLALLREEGASPLDFD
;
A,B,C,D,E,F
2 'polypeptide(L)'
;GSMDTSGKQAEAMALLAEAERKVKNSQSFFSGLFGGSSKIEEACEIYARAANMFKMAKNWSAAGNAFCQAAQLHLQLQSK
HDAATCFVDAGNAFKKADPQEAINCLMRAIEIYTDMGRFTIAAKHHISIAEIYETELVDVEKAIAHYEQSADYYKGEESN
SSANKCLLKVAGYAAQLEQYQKAIDIYEQVGTSAMDSPLLKYSAKDYFFKAALCHFCIDMLNAKLAVQKYEELFPAFSDS
RECKLMKKLLEAHEEQNVDSYTESVKEYDSISRLDQWLTTMLLRIKKTIQGDEEDLR
;
H,I,J,G
3 'polypeptide(L)' GSNRRLQQTQAQVDEVVDIMRVNVDKVLERDQKLSELDDRADALQAGASQFETSAAKLKRKYW K
4 'polypeptide(L)' MALSEIETRHSEIIKLENSIRELHDMFMDMAMLVESQGEMIDRIEYNVEHAVDYVERAVSDTKKAVK L
5 'polypeptide(L)'
;RADQLADESLESTRRMLQLVEESKDAGIRTLVMLDEQGEQLDRVEEGMNHINQDMKEAEKNLKDLGKFCGLCVCPCNKLK
SSDAYKKAWGNNQDGVVASQPARVVDEREQMAISGGFIRRVTNDARENEMDENLEQVSGIIGNLRHMALDMGNEIDTQNR
QIDRIMEKADSNKTRIDEANQRATKMLG
;
M
#
# COMPACT_ATOMS: atom_id res chain seq x y z
N MET A 4 -13.59 61.77 -45.89
CA MET A 4 -13.48 62.44 -44.57
C MET A 4 -14.86 62.63 -43.95
N ALA A 5 -15.90 62.38 -44.74
CA ALA A 5 -17.27 62.52 -44.27
C ALA A 5 -17.76 61.21 -43.67
N GLY A 6 -17.13 60.11 -44.06
CA GLY A 6 -17.51 58.81 -43.55
C GLY A 6 -17.65 57.77 -44.65
N ARG A 7 -17.17 56.57 -44.39
CA ARG A 7 -17.24 55.49 -45.37
C ARG A 7 -17.52 54.15 -44.68
N SER A 8 -18.14 53.24 -45.41
CA SER A 8 -18.47 51.93 -44.87
C SER A 8 -17.24 51.02 -44.82
N MET A 9 -17.18 50.22 -43.76
CA MET A 9 -16.06 49.29 -43.57
C MET A 9 -16.57 47.94 -43.07
N GLN A 10 -15.66 46.96 -42.99
CA GLN A 10 -16.01 45.63 -42.52
C GLN A 10 -15.08 45.19 -41.40
N ALA A 11 -15.65 44.93 -40.24
CA ALA A 11 -14.88 44.50 -39.07
C ALA A 11 -14.15 43.19 -39.36
N ALA A 12 -12.91 43.10 -38.87
CA ALA A 12 -12.10 41.90 -39.05
C ALA A 12 -11.40 41.54 -37.76
N ARG A 13 -10.53 40.52 -37.82
CA ARG A 13 -9.80 40.08 -36.64
C ARG A 13 -8.38 40.66 -36.66
N CYS A 14 -7.83 40.87 -35.47
CA CYS A 14 -6.49 41.44 -35.32
C CYS A 14 -5.44 40.57 -36.02
N PRO A 15 -4.58 41.18 -36.85
CA PRO A 15 -3.53 40.46 -37.57
C PRO A 15 -2.66 39.63 -36.63
N THR A 16 -1.77 40.29 -35.92
CA THR A 16 -0.87 39.62 -34.99
C THR A 16 -1.16 40.03 -33.55
N ASP A 17 -0.55 39.31 -32.60
CA ASP A 17 -0.73 39.59 -31.18
C ASP A 17 -0.06 40.89 -30.77
N GLU A 18 0.96 41.28 -31.52
CA GLU A 18 1.70 42.51 -31.23
C GLU A 18 0.77 43.72 -31.28
N LEU A 19 -0.10 43.76 -32.27
CA LEU A 19 -1.05 44.85 -32.44
C LEU A 19 -2.26 44.63 -31.55
N SER A 20 -2.33 43.44 -30.96
CA SER A 20 -3.44 43.08 -30.07
C SER A 20 -3.17 43.61 -28.67
N LEU A 21 -1.94 44.03 -28.43
CA LEU A 21 -1.55 44.56 -27.13
C LEU A 21 -1.36 46.07 -27.18
N SER A 22 -1.59 46.64 -28.36
CA SER A 22 -1.44 48.08 -28.56
C SER A 22 -2.77 48.80 -28.43
N ASN A 23 -3.85 48.02 -28.42
CA ASN A 23 -5.20 48.58 -28.31
C ASN A 23 -5.43 49.61 -29.42
N CYS A 24 -5.08 49.24 -30.65
CA CYS A 24 -5.25 50.13 -31.79
C CYS A 24 -5.92 49.43 -32.94
N ALA A 25 -6.86 50.12 -33.58
CA ALA A 25 -7.59 49.56 -34.72
C ALA A 25 -6.66 49.43 -35.92
N VAL A 26 -6.29 48.19 -36.23
CA VAL A 26 -5.40 47.91 -37.35
C VAL A 26 -6.13 48.11 -38.68
N VAL A 27 -5.56 48.96 -39.54
CA VAL A 27 -6.15 49.23 -40.85
C VAL A 27 -5.13 49.02 -41.96
N SER A 28 -5.55 49.31 -43.19
CA SER A 28 -4.68 49.15 -44.36
C SER A 28 -4.00 50.46 -44.71
N GLU A 29 -2.87 50.36 -45.42
CA GLU A 29 -2.12 51.54 -45.83
C GLU A 29 -2.72 52.16 -47.09
N LYS A 30 -3.78 51.55 -47.60
CA LYS A 30 -4.44 52.03 -48.81
C LYS A 30 -5.69 52.83 -48.45
N ASP A 31 -5.92 53.02 -47.16
CA ASP A 31 -7.09 53.76 -46.69
C ASP A 31 -6.69 54.90 -45.76
N TYR A 32 -6.22 54.54 -44.56
CA TYR A 32 -5.81 55.54 -43.58
C TYR A 32 -4.30 55.49 -43.36
N GLN A 33 -3.81 56.30 -42.42
CA GLN A 33 -2.40 56.35 -42.10
C GLN A 33 -2.19 56.38 -40.60
N SER A 34 -1.11 55.75 -40.13
CA SER A 34 -0.79 55.68 -38.71
C SER A 34 -0.70 57.08 -38.10
N GLY A 35 -1.46 57.30 -37.03
CA GLY A 35 -1.44 58.60 -36.38
C GLY A 35 -2.79 59.28 -36.38
N GLN A 36 -3.69 58.83 -37.26
CA GLN A 36 -5.02 59.41 -37.35
C GLN A 36 -6.00 58.76 -36.38
N HIS A 37 -7.07 59.47 -36.07
CA HIS A 37 -8.09 58.97 -35.16
C HIS A 37 -9.44 58.87 -35.89
N VAL A 38 -10.27 57.92 -35.48
CA VAL A 38 -11.57 57.71 -36.09
C VAL A 38 -12.64 57.41 -35.06
N ILE A 39 -13.90 57.55 -35.47
CA ILE A 39 -15.03 57.28 -34.59
C ILE A 39 -15.95 56.23 -35.20
N VAL A 40 -15.86 55.01 -34.69
CA VAL A 40 -16.68 53.90 -35.19
C VAL A 40 -18.14 54.07 -34.79
N ARG A 41 -19.04 53.83 -35.73
CA ARG A 41 -20.47 53.94 -35.49
C ARG A 41 -21.17 52.61 -35.74
N THR A 42 -21.77 52.05 -34.69
CA THR A 42 -22.46 50.78 -34.79
C THR A 42 -23.97 51.01 -34.80
N SER A 43 -24.41 52.10 -34.19
CA SER A 43 -25.82 52.45 -34.13
C SER A 43 -26.01 53.89 -33.69
N PRO A 44 -27.20 54.46 -33.91
CA PRO A 44 -27.52 55.84 -33.54
C PRO A 44 -27.18 56.22 -32.10
N ASN A 45 -26.99 55.21 -31.25
CA ASN A 45 -26.67 55.47 -29.84
C ASN A 45 -25.46 54.68 -29.34
N HIS A 46 -24.45 54.56 -30.19
CA HIS A 46 -23.23 53.85 -29.83
C HIS A 46 -22.03 54.38 -30.62
N LYS A 47 -21.34 55.34 -30.02
CA LYS A 47 -20.17 55.96 -30.65
C LYS A 47 -18.90 55.66 -29.87
N TYR A 48 -17.88 55.15 -30.57
CA TYR A 48 -16.61 54.83 -29.93
C TYR A 48 -15.46 55.46 -30.71
N ILE A 49 -14.35 55.69 -30.02
CA ILE A 49 -13.17 56.29 -30.64
C ILE A 49 -11.94 55.44 -30.43
N PHE A 50 -11.24 55.12 -31.51
CA PHE A 50 -10.03 54.29 -31.44
C PHE A 50 -8.84 54.96 -32.11
N THR A 51 -7.71 54.28 -32.10
CA THR A 51 -6.49 54.78 -32.72
C THR A 51 -6.11 53.81 -33.84
N LEU A 52 -5.75 54.34 -35.00
CA LEU A 52 -5.40 53.52 -36.15
C LEU A 52 -3.93 53.12 -36.19
N ARG A 53 -3.67 51.96 -36.79
CA ARG A 53 -2.31 51.44 -36.94
C ARG A 53 -2.27 50.51 -38.14
N THR A 54 -1.85 51.05 -39.28
CA THR A 54 -1.77 50.30 -40.52
C THR A 54 -0.93 49.02 -40.42
N HIS A 55 -1.18 48.11 -41.36
CA HIS A 55 -0.46 46.83 -41.41
C HIS A 55 -0.66 46.20 -42.79
N PRO A 56 0.44 45.74 -43.41
CA PRO A 56 0.44 45.11 -44.74
C PRO A 56 -0.42 43.85 -44.85
N SER A 57 -1.31 43.62 -43.89
CA SER A 57 -2.17 42.45 -43.90
C SER A 57 -3.63 42.83 -44.05
N VAL A 58 -3.99 44.01 -43.57
CA VAL A 58 -5.36 44.50 -43.65
C VAL A 58 -5.81 44.69 -45.09
N VAL A 59 -7.05 44.31 -45.37
CA VAL A 59 -7.61 44.45 -46.71
C VAL A 59 -8.34 45.78 -46.85
N PRO A 60 -8.13 46.49 -47.97
CA PRO A 60 -8.76 47.78 -48.22
C PRO A 60 -10.28 47.74 -48.02
N GLY A 61 -10.78 48.62 -47.16
CA GLY A 61 -12.21 48.68 -46.90
C GLY A 61 -12.64 47.82 -45.73
N SER A 62 -11.77 47.71 -44.72
CA SER A 62 -12.07 46.91 -43.54
C SER A 62 -11.14 47.26 -42.38
N VAL A 63 -11.68 47.24 -41.17
CA VAL A 63 -10.91 47.55 -39.97
C VAL A 63 -10.90 46.35 -39.02
N ALA A 64 -9.71 45.96 -38.58
CA ALA A 64 -9.57 44.82 -37.68
C ALA A 64 -9.47 45.28 -36.23
N PHE A 65 -10.18 44.58 -35.35
CA PHE A 65 -10.17 44.90 -33.93
C PHE A 65 -9.73 43.67 -33.11
N SER A 66 -9.18 43.92 -31.93
CA SER A 66 -8.74 42.84 -31.06
C SER A 66 -9.92 42.26 -30.28
N LEU A 67 -9.69 41.15 -29.61
CA LEU A 67 -10.73 40.50 -28.83
C LEU A 67 -11.33 41.45 -27.78
N PRO A 68 -10.49 42.10 -26.96
CA PRO A 68 -10.99 43.02 -25.95
C PRO A 68 -11.86 44.13 -26.53
N GLN A 69 -11.35 44.79 -27.57
CA GLN A 69 -12.07 45.88 -28.22
C GLN A 69 -13.44 45.43 -28.70
N ARG A 70 -13.48 44.31 -29.41
CA ARG A 70 -14.73 43.76 -29.92
C ARG A 70 -15.76 43.55 -28.81
N LYS A 71 -15.27 43.22 -27.61
CA LYS A 71 -16.15 42.99 -26.49
C LYS A 71 -16.66 44.31 -25.93
N TRP A 72 -15.79 45.32 -25.89
CA TRP A 72 -16.15 46.63 -25.39
C TRP A 72 -17.12 47.34 -26.33
N ALA A 73 -16.69 47.55 -27.58
CA ALA A 73 -17.51 48.22 -28.58
C ALA A 73 -18.63 47.30 -29.09
N GLY A 74 -18.62 46.06 -28.63
CA GLY A 74 -19.64 45.11 -29.05
C GLY A 74 -19.66 44.93 -30.56
N LEU A 75 -18.50 44.61 -31.12
CA LEU A 75 -18.37 44.42 -32.56
C LEU A 75 -18.32 42.94 -32.93
N SER A 76 -18.71 42.63 -34.15
CA SER A 76 -18.72 41.25 -34.64
C SER A 76 -17.83 41.14 -35.87
N ILE A 77 -17.30 39.94 -36.10
CA ILE A 77 -16.43 39.69 -37.24
C ILE A 77 -17.22 39.54 -38.53
N GLY A 78 -17.30 40.62 -39.30
CA GLY A 78 -18.03 40.59 -40.56
C GLY A 78 -19.28 41.44 -40.58
N GLN A 79 -19.31 42.48 -39.76
CA GLN A 79 -20.47 43.37 -39.71
C GLN A 79 -20.14 44.70 -40.37
N GLU A 80 -21.19 45.41 -40.81
CA GLU A 80 -21.03 46.69 -41.47
C GLU A 80 -20.95 47.83 -40.44
N ILE A 81 -19.93 48.67 -40.57
CA ILE A 81 -19.73 49.79 -39.67
C ILE A 81 -19.28 51.03 -40.43
N GLU A 82 -19.61 52.20 -39.89
CA GLU A 82 -19.22 53.46 -40.52
C GLU A 82 -18.07 54.11 -39.77
N VAL A 83 -17.00 54.43 -40.48
CA VAL A 83 -15.82 55.05 -39.88
C VAL A 83 -15.61 56.45 -40.43
N ALA A 84 -15.49 57.42 -39.52
CA ALA A 84 -15.28 58.81 -39.90
C ALA A 84 -14.09 59.40 -39.15
N LEU A 85 -13.25 60.13 -39.87
CA LEU A 85 -12.07 60.76 -39.28
C LEU A 85 -12.48 61.71 -38.16
N TYR A 86 -11.81 61.59 -37.01
CA TYR A 86 -12.10 62.44 -35.87
C TYR A 86 -10.87 63.26 -35.49
N SER A 87 -11.08 64.55 -35.23
CA SER A 87 -9.99 65.45 -34.87
C SER A 87 -10.11 65.89 -33.42
N PHE A 88 -9.12 65.51 -32.61
CA PHE A 88 -9.10 65.88 -31.19
C PHE A 88 -8.79 67.35 -30.99
N ASP A 89 -9.24 67.88 -29.86
CA ASP A 89 -9.00 69.28 -29.51
C ASP A 89 -7.99 69.33 -28.38
N LYS A 90 -6.74 69.64 -28.72
CA LYS A 90 -5.67 69.73 -27.73
C LYS A 90 -5.83 70.93 -26.82
N ALA A 91 -7.07 71.24 -26.47
CA ALA A 91 -7.36 72.37 -25.59
C ALA A 91 -8.28 71.93 -24.45
N LYS A 92 -8.87 70.75 -24.58
CA LYS A 92 -9.76 70.22 -23.56
C LYS A 92 -9.66 68.70 -23.42
N GLN A 93 -9.16 68.05 -24.46
CA GLN A 93 -9.01 66.59 -24.45
C GLN A 93 -7.62 66.14 -24.06
N CYS A 94 -6.77 67.08 -23.66
CA CYS A 94 -5.40 66.75 -23.26
C CYS A 94 -5.41 66.13 -21.86
N ILE A 95 -5.17 64.82 -21.80
CA ILE A 95 -5.14 64.10 -20.54
C ILE A 95 -3.94 64.48 -19.68
N GLY A 96 -4.17 64.62 -18.38
CA GLY A 96 -3.10 64.98 -17.46
C GLY A 96 -3.13 64.09 -16.23
N THR A 97 -4.31 63.56 -15.93
CA THR A 97 -4.50 62.69 -14.78
C THR A 97 -5.66 61.74 -15.04
N MET A 98 -5.32 60.51 -15.44
CA MET A 98 -6.33 59.51 -15.75
C MET A 98 -6.24 58.29 -14.83
N THR A 99 -7.30 58.05 -14.06
CA THR A 99 -7.35 56.92 -13.15
C THR A 99 -7.78 55.68 -13.92
N ILE A 100 -7.03 54.59 -13.74
CA ILE A 100 -7.33 53.35 -14.44
C ILE A 100 -7.57 52.18 -13.48
N GLU A 101 -8.56 51.35 -13.81
CA GLU A 101 -8.89 50.19 -12.99
C GLU A 101 -8.25 48.97 -13.61
N ILE A 102 -7.12 48.54 -13.05
CA ILE A 102 -6.40 47.39 -13.55
C ILE A 102 -6.75 46.09 -12.82
N ASP A 103 -6.68 44.99 -13.56
CA ASP A 103 -6.98 43.67 -13.02
C ASP A 103 -6.53 42.60 -14.02
N PHE A 104 -6.13 41.43 -13.50
CA PHE A 104 -5.68 40.34 -14.36
C PHE A 104 -6.68 40.03 -15.47
N LEU A 105 -6.26 40.24 -16.71
CA LEU A 105 -7.11 39.98 -17.87
C LEU A 105 -7.57 38.53 -17.87
N GLN A 106 -6.61 37.61 -17.86
CA GLN A 106 -6.91 36.19 -17.85
C GLN A 106 -6.83 35.63 -16.45
N LYS A 107 -7.96 35.10 -15.96
CA LYS A 107 -8.01 34.52 -14.63
C LYS A 107 -7.23 33.22 -14.62
N LYS A 108 -6.63 32.89 -15.76
CA LYS A 108 -5.83 31.69 -15.92
C LYS A 108 -4.52 31.81 -15.15
N ASN A 109 -3.96 33.02 -15.15
CA ASN A 109 -2.70 33.27 -14.46
C ASN A 109 -2.83 34.40 -13.44
N ILE A 110 -3.37 34.07 -12.28
CA ILE A 110 -3.55 35.06 -11.22
C ILE A 110 -2.58 34.77 -10.07
N ASP A 111 -1.73 35.74 -9.77
CA ASP A 111 -0.76 35.60 -8.69
C ASP A 111 -0.94 36.68 -7.64
N SER A 112 -0.14 36.60 -6.58
CA SER A 112 -0.21 37.56 -5.49
C SER A 112 1.10 38.34 -5.39
N ASN A 113 1.94 38.22 -6.41
CA ASN A 113 3.22 38.92 -6.44
C ASN A 113 3.01 40.43 -6.56
N PRO A 114 3.98 41.22 -6.08
CA PRO A 114 3.92 42.68 -6.13
C PRO A 114 4.31 43.25 -7.49
N TYR A 115 3.61 44.30 -7.92
CA TYR A 115 3.90 44.95 -9.19
C TYR A 115 4.10 46.45 -9.01
N ASP A 116 5.35 46.89 -9.14
CA ASP A 116 5.70 48.30 -8.98
C ASP A 116 4.88 49.16 -9.94
N THR A 117 4.08 50.07 -9.39
CA THR A 117 3.23 50.95 -10.20
C THR A 117 4.06 51.98 -10.96
N ASP A 118 5.09 52.51 -10.31
CA ASP A 118 5.94 53.52 -10.92
C ASP A 118 6.48 53.03 -12.27
N LYS A 119 6.84 51.76 -12.34
CA LYS A 119 7.36 51.16 -13.57
C LYS A 119 6.25 51.00 -14.59
N MET A 120 5.03 50.82 -14.10
CA MET A 120 3.87 50.64 -14.99
C MET A 120 3.52 51.94 -15.70
N ALA A 121 3.35 53.01 -14.94
CA ALA A 121 3.02 54.31 -15.49
C ALA A 121 4.10 54.79 -16.45
N ALA A 122 5.31 54.28 -16.28
CA ALA A 122 6.44 54.65 -17.12
C ALA A 122 6.35 53.96 -18.49
N GLU A 123 6.07 52.66 -18.46
CA GLU A 123 5.96 51.88 -19.69
C GLU A 123 4.59 52.07 -20.34
N PHE A 124 3.65 52.59 -19.55
CA PHE A 124 2.29 52.82 -20.04
C PHE A 124 2.26 53.97 -21.05
N ILE A 125 2.96 55.05 -20.72
CA ILE A 125 3.01 56.22 -21.59
C ILE A 125 4.02 56.02 -22.71
N GLN A 126 5.00 55.14 -22.48
CA GLN A 126 6.03 54.86 -23.48
C GLN A 126 5.50 53.95 -24.58
N GLN A 127 4.26 53.48 -24.41
CA GLN A 127 3.65 52.59 -25.39
C GLN A 127 2.28 53.10 -25.83
N PHE A 128 1.58 53.78 -24.93
CA PHE A 128 0.27 54.32 -25.25
C PHE A 128 0.26 55.84 -25.32
N ASN A 129 1.28 56.40 -25.96
CA ASN A 129 1.39 57.85 -26.11
C ASN A 129 0.71 58.30 -27.39
N ASN A 130 0.09 59.48 -27.35
CA ASN A 130 -0.61 60.03 -28.51
C ASN A 130 -1.71 59.09 -28.98
N GLN A 131 -2.50 58.59 -28.04
CA GLN A 131 -3.60 57.69 -28.37
C GLN A 131 -4.89 58.11 -27.69
N ALA A 132 -6.01 57.55 -28.14
CA ALA A 132 -7.31 57.88 -27.60
C ALA A 132 -7.81 56.89 -26.54
N PHE A 133 -8.25 57.41 -25.41
CA PHE A 133 -8.76 56.60 -24.32
C PHE A 133 -10.07 57.20 -23.80
N SER A 134 -11.10 56.37 -23.69
CA SER A 134 -12.40 56.83 -23.21
C SER A 134 -12.74 56.21 -21.86
N VAL A 135 -13.67 56.85 -21.14
CA VAL A 135 -14.09 56.37 -19.83
C VAL A 135 -14.93 55.10 -19.97
N GLY A 136 -14.51 54.05 -19.28
CA GLY A 136 -15.24 52.79 -19.34
C GLY A 136 -14.69 51.87 -20.42
N GLN A 137 -13.63 52.32 -21.08
CA GLN A 137 -13.01 51.55 -22.15
C GLN A 137 -12.24 50.36 -21.58
N GLN A 138 -12.20 49.26 -22.33
CA GLN A 138 -11.51 48.06 -21.90
C GLN A 138 -10.38 47.73 -22.87
N LEU A 139 -9.22 47.42 -22.34
CA LEU A 139 -8.06 47.09 -23.17
C LEU A 139 -7.12 46.11 -22.45
N VAL A 140 -5.95 45.90 -23.03
CA VAL A 140 -4.96 44.99 -22.46
C VAL A 140 -3.62 45.72 -22.26
N PHE A 141 -2.95 45.41 -21.15
CA PHE A 141 -1.68 46.04 -20.85
C PHE A 141 -0.58 45.00 -20.71
N SER A 142 0.45 45.11 -21.54
CA SER A 142 1.56 44.18 -21.53
C SER A 142 2.67 44.68 -20.58
N PHE A 143 2.68 44.14 -19.37
CA PHE A 143 3.68 44.53 -18.38
C PHE A 143 4.49 43.32 -17.91
N ASN A 144 5.74 43.26 -18.35
CA ASN A 144 6.63 42.16 -17.99
C ASN A 144 6.09 40.82 -18.48
N ASP A 145 5.77 40.76 -19.77
CA ASP A 145 5.23 39.53 -20.37
C ASP A 145 3.96 39.07 -19.67
N LYS A 146 3.34 39.98 -18.91
CA LYS A 146 2.12 39.67 -18.18
C LYS A 146 0.98 40.51 -18.75
N LEU A 147 -0.15 39.86 -19.03
CA LEU A 147 -1.31 40.54 -19.59
C LEU A 147 -2.30 40.98 -18.51
N PHE A 148 -2.80 42.20 -18.64
CA PHE A 148 -3.77 42.74 -17.70
C PHE A 148 -4.99 43.30 -18.41
N GLY A 149 -5.98 43.73 -17.64
CA GLY A 149 -7.19 44.29 -18.22
C GLY A 149 -7.51 45.64 -17.62
N LEU A 150 -7.07 46.71 -18.29
CA LEU A 150 -7.30 48.07 -17.81
C LEU A 150 -8.73 48.51 -18.07
N LEU A 151 -9.21 49.45 -17.24
CA LEU A 151 -10.56 49.99 -17.38
C LEU A 151 -10.60 51.44 -16.91
N VAL A 152 -10.52 52.36 -17.86
CA VAL A 152 -10.55 53.78 -17.55
C VAL A 152 -11.77 54.12 -16.70
N LYS A 153 -11.54 54.72 -15.54
CA LYS A 153 -12.63 55.11 -14.64
C LYS A 153 -12.88 56.61 -14.67
N ASP A 154 -11.81 57.38 -14.80
CA ASP A 154 -11.92 58.84 -14.85
C ASP A 154 -10.73 59.47 -15.56
N ILE A 155 -11.00 60.51 -16.34
CA ILE A 155 -9.97 61.22 -17.07
C ILE A 155 -10.00 62.71 -16.78
N GLU A 156 -8.84 63.29 -16.47
CA GLU A 156 -8.74 64.70 -16.16
C GLU A 156 -7.78 65.41 -17.11
N ALA A 157 -8.21 66.54 -17.65
CA ALA A 157 -7.40 67.32 -18.56
C ALA A 157 -6.45 68.24 -17.79
N MET A 158 -5.54 68.88 -18.51
CA MET A 158 -4.58 69.79 -17.90
C MET A 158 -5.19 71.17 -17.72
N ARG A 172 -9.77 71.53 -12.60
CA ARG A 172 -9.67 70.18 -13.17
C ARG A 172 -11.02 69.74 -13.74
N GLN A 173 -11.10 69.70 -15.07
CA GLN A 173 -12.33 69.31 -15.75
C GLN A 173 -12.28 67.85 -16.17
N LYS A 174 -13.24 67.06 -15.70
CA LYS A 174 -13.31 65.64 -16.04
C LYS A 174 -13.94 65.46 -17.41
N ILE A 175 -13.16 64.92 -18.35
CA ILE A 175 -13.65 64.69 -19.70
C ILE A 175 -14.00 63.23 -19.93
N GLU A 176 -14.81 62.98 -20.96
CA GLU A 176 -15.23 61.62 -21.30
C GLU A 176 -14.13 60.92 -22.10
N VAL A 177 -13.62 61.60 -23.12
CA VAL A 177 -12.57 61.05 -23.96
C VAL A 177 -11.38 62.00 -23.99
N GLY A 178 -10.17 61.45 -23.96
CA GLY A 178 -8.98 62.28 -23.98
C GLY A 178 -7.87 61.75 -24.88
N LEU A 179 -6.74 62.43 -24.86
CA LEU A 179 -5.59 62.05 -25.66
C LEU A 179 -4.32 62.06 -24.82
N VAL A 180 -3.82 60.88 -24.50
CA VAL A 180 -2.60 60.75 -23.69
C VAL A 180 -1.39 61.31 -24.42
N VAL A 181 -0.60 62.12 -23.72
CA VAL A 181 0.59 62.71 -24.30
C VAL A 181 1.85 62.31 -23.53
N GLY A 182 2.96 62.99 -23.80
CA GLY A 182 4.20 62.67 -23.12
C GLY A 182 4.17 62.99 -21.64
N ASN A 183 3.67 64.16 -21.30
CA ASN A 183 3.59 64.59 -19.90
C ASN A 183 2.25 64.22 -19.27
N SER A 184 1.84 62.97 -19.47
CA SER A 184 0.58 62.49 -18.91
C SER A 184 0.81 61.56 -17.72
N GLN A 185 0.21 61.91 -16.59
CA GLN A 185 0.34 61.11 -15.38
C GLN A 185 -0.75 60.05 -15.34
N VAL A 186 -0.42 58.87 -14.81
CA VAL A 186 -1.38 57.78 -14.72
C VAL A 186 -1.42 57.15 -13.33
N ALA A 187 -2.62 56.90 -12.83
CA ALA A 187 -2.81 56.31 -11.52
C ALA A 187 -3.56 54.98 -11.65
N PHE A 188 -3.10 53.98 -10.90
CA PHE A 188 -3.74 52.66 -10.93
C PHE A 188 -4.43 52.33 -9.60
N GLU A 189 -5.45 51.48 -9.67
CA GLU A 189 -6.20 51.08 -8.51
C GLU A 189 -6.88 49.74 -8.77
N LYS A 190 -6.60 48.76 -7.92
CA LYS A 190 -7.19 47.43 -8.07
C LYS A 190 -8.71 47.49 -8.07
N ALA A 191 -9.33 46.71 -8.95
CA ALA A 191 -10.78 46.67 -9.05
C ALA A 191 -11.37 45.93 -7.85
N GLU A 192 -12.69 45.93 -7.74
CA GLU A 192 -13.37 45.25 -6.65
C GLU A 192 -13.19 43.74 -6.79
N ASN A 193 -12.88 43.10 -5.66
CA ASN A 193 -12.66 41.65 -5.63
C ASN A 193 -11.41 41.28 -6.42
N SER A 194 -10.45 42.19 -6.46
CA SER A 194 -9.20 41.97 -7.18
C SER A 194 -8.11 41.51 -6.23
N SER A 195 -7.22 40.65 -6.71
CA SER A 195 -6.13 40.13 -5.91
C SER A 195 -4.78 40.71 -6.32
N LEU A 196 -4.83 41.72 -7.18
CA LEU A 196 -3.60 42.37 -7.65
C LEU A 196 -2.98 43.23 -6.57
N ASN A 197 -1.74 42.90 -6.20
CA ASN A 197 -1.02 43.66 -5.17
C ASN A 197 -0.17 44.73 -5.81
N LEU A 198 -0.55 45.99 -5.63
CA LEU A 198 0.19 47.11 -6.19
C LEU A 198 0.94 47.89 -5.13
N ILE A 199 2.07 48.46 -5.52
CA ILE A 199 2.91 49.24 -4.62
C ILE A 199 3.50 50.44 -5.34
N GLY A 200 3.76 51.52 -4.60
CA GLY A 200 4.34 52.70 -5.21
C GLY A 200 3.63 53.99 -4.83
N LYS A 201 3.88 55.03 -5.61
CA LYS A 201 3.28 56.35 -5.38
C LYS A 201 2.27 56.67 -6.48
N ALA A 202 2.21 55.81 -7.49
CA ALA A 202 1.29 56.02 -8.60
C ALA A 202 -0.02 55.23 -8.47
N LYS A 203 -0.71 55.42 -7.36
CA LYS A 203 -1.98 54.73 -7.12
C LYS A 203 -3.14 55.74 -7.06
N THR A 204 -4.09 55.50 -6.17
CA THR A 204 -5.25 56.36 -6.01
C THR A 204 -5.94 56.65 -7.33
N PHE A 218 5.61 54.38 12.50
CA PHE A 218 4.56 55.33 12.84
C PHE A 218 3.25 54.60 12.82
N GLU A 219 3.29 53.26 12.77
CA GLU A 219 2.01 52.59 12.80
C GLU A 219 1.89 52.55 14.32
N LYS A 220 1.69 53.72 14.91
CA LYS A 220 1.62 53.86 16.36
C LYS A 220 0.43 53.21 17.02
N MET A 221 -0.73 53.29 16.36
CA MET A 221 -1.97 52.90 17.00
C MET A 221 -2.10 51.44 17.38
N GLY A 222 -1.72 50.52 16.50
CA GLY A 222 -1.76 49.10 16.84
C GLY A 222 -0.51 48.53 17.49
N ILE A 223 -0.11 49.06 18.64
CA ILE A 223 1.08 48.58 19.36
C ILE A 223 1.03 48.98 20.84
N GLY A 224 1.86 48.35 21.68
CA GLY A 224 2.00 48.75 23.06
C GLY A 224 3.38 49.35 23.28
N GLY A 225 3.41 50.57 23.83
CA GLY A 225 4.64 51.32 24.09
C GLY A 225 5.72 51.27 23.03
N LEU A 226 6.97 51.07 23.45
CA LEU A 226 8.11 50.96 22.52
C LEU A 226 8.03 51.77 21.20
N ASP A 227 7.20 52.81 21.19
CA ASP A 227 6.92 53.68 20.04
C ASP A 227 8.10 54.43 19.45
N LYS A 228 9.02 54.91 20.27
CA LYS A 228 10.25 55.48 19.74
C LYS A 228 11.25 54.44 19.20
N GLU A 229 11.48 53.38 19.95
CA GLU A 229 12.36 52.30 19.48
C GLU A 229 11.71 51.63 18.27
N PHE A 230 10.40 51.41 18.39
CA PHE A 230 9.62 50.80 17.32
C PHE A 230 9.80 51.69 16.15
N SER A 231 9.71 53.00 16.38
CA SER A 231 9.76 53.95 15.29
C SER A 231 11.09 53.80 14.58
N ASP A 232 12.19 53.68 15.31
CA ASP A 232 13.47 53.53 14.60
C ASP A 232 13.58 52.23 13.79
N ILE A 233 13.16 51.10 14.36
CA ILE A 233 13.22 49.83 13.62
C ILE A 233 12.30 49.95 12.39
N PHE A 234 11.14 50.56 12.65
CA PHE A 234 10.02 50.70 11.73
C PHE A 234 10.64 51.45 10.58
N ARG A 235 11.42 52.46 10.96
CA ARG A 235 12.05 53.41 10.06
C ARG A 235 13.06 52.76 9.17
N ARG A 236 13.91 51.92 9.74
CA ARG A 236 14.89 51.24 8.92
C ARG A 236 14.26 50.37 7.83
N ALA A 237 13.34 49.51 8.26
CA ALA A 237 12.79 48.56 7.30
C ALA A 237 12.15 49.36 6.18
N PHE A 238 11.45 50.40 6.59
CA PHE A 238 10.60 51.21 5.71
C PHE A 238 11.40 52.00 4.74
N ALA A 239 12.48 52.57 5.22
CA ALA A 239 13.27 53.43 4.38
C ALA A 239 13.55 52.40 3.31
N SER A 240 14.03 51.20 3.68
CA SER A 240 14.39 50.27 2.63
C SER A 240 13.23 49.91 1.66
N ARG A 241 12.04 49.59 2.19
CA ARG A 241 10.86 49.25 1.37
C ARG A 241 10.06 50.33 0.62
N VAL A 242 9.76 51.42 1.31
CA VAL A 242 8.79 52.42 0.89
C VAL A 242 9.23 53.27 -0.28
N PHE A 243 10.51 53.61 -0.30
CA PHE A 243 11.01 54.62 -1.22
C PHE A 243 10.70 54.31 -2.64
N PRO A 244 10.07 55.28 -3.31
CA PRO A 244 9.61 54.99 -4.64
C PRO A 244 10.14 55.70 -5.87
N PRO A 245 10.50 54.90 -6.89
CA PRO A 245 11.05 53.58 -6.63
C PRO A 245 12.54 53.55 -7.02
N GLU A 246 13.08 54.47 -7.83
CA GLU A 246 14.44 54.31 -8.37
C GLU A 246 15.50 54.46 -7.32
N ILE A 247 15.25 55.28 -6.31
CA ILE A 247 16.29 55.46 -5.31
C ILE A 247 16.63 54.09 -4.66
N VAL A 248 15.66 53.23 -4.31
CA VAL A 248 16.00 51.92 -3.71
C VAL A 248 16.80 51.02 -4.72
N GLU A 249 16.47 51.00 -6.02
CA GLU A 249 17.31 50.21 -6.96
C GLU A 249 18.69 50.84 -7.00
N GLN A 250 18.75 52.16 -6.92
CA GLN A 250 20.06 52.80 -6.88
C GLN A 250 20.78 52.28 -5.63
N MET A 251 20.07 52.14 -4.53
CA MET A 251 20.63 51.50 -3.35
C MET A 251 21.06 50.09 -3.75
N GLY A 252 20.25 49.42 -4.58
CA GLY A 252 20.59 48.11 -5.10
C GLY A 252 21.02 47.19 -3.99
N CYS A 253 20.37 47.40 -2.86
CA CYS A 253 20.54 46.61 -1.67
C CYS A 253 19.18 46.02 -1.38
N LYS A 254 19.17 44.71 -1.18
CA LYS A 254 17.95 43.99 -0.89
C LYS A 254 17.47 44.42 0.48
N HIS A 255 16.16 44.37 0.65
CA HIS A 255 15.56 44.69 1.92
C HIS A 255 16.11 43.64 2.85
N VAL A 256 16.38 44.00 4.10
CA VAL A 256 17.06 43.07 4.97
C VAL A 256 16.26 41.77 5.00
N LYS A 257 16.95 40.65 4.87
CA LYS A 257 16.27 39.37 4.82
C LYS A 257 15.57 39.08 6.13
N GLY A 258 16.26 39.40 7.22
CA GLY A 258 15.70 39.09 8.53
C GLY A 258 15.88 40.09 9.64
N ILE A 259 14.96 40.05 10.60
CA ILE A 259 15.08 40.87 11.79
C ILE A 259 15.01 39.94 13.00
N LEU A 260 15.91 40.15 13.95
CA LEU A 260 15.97 39.34 15.16
C LEU A 260 15.48 40.17 16.29
N LEU A 261 14.43 39.71 16.94
CA LEU A 261 13.98 40.48 18.06
C LEU A 261 13.97 39.64 19.29
N TYR A 262 14.58 40.12 20.37
CA TYR A 262 14.48 39.26 21.54
C TYR A 262 13.86 39.92 22.75
N GLY A 263 12.84 39.29 23.30
CA GLY A 263 12.24 39.83 24.48
C GLY A 263 11.89 38.77 25.48
N PRO A 264 11.84 39.14 26.76
CA PRO A 264 11.46 38.37 27.94
C PRO A 264 10.03 37.83 27.82
N PRO A 265 9.79 36.54 28.15
CA PRO A 265 8.61 35.67 28.33
C PRO A 265 7.96 35.55 29.69
N GLY A 266 6.70 35.92 29.77
CA GLY A 266 6.00 36.52 28.64
C GLY A 266 6.37 37.95 28.31
N CYS A 267 6.17 38.45 27.08
CA CYS A 267 5.56 37.86 25.88
C CYS A 267 5.40 39.07 24.96
N GLY A 268 4.64 38.91 23.89
CA GLY A 268 4.22 40.05 23.09
C GLY A 268 5.09 40.50 21.95
N LYS A 269 6.21 39.83 21.78
CA LYS A 269 7.04 40.07 20.63
C LYS A 269 6.32 39.66 19.35
N THR A 270 5.62 38.53 19.44
CA THR A 270 4.96 37.91 18.29
C THR A 270 3.86 38.75 17.64
N LEU A 271 3.04 39.37 18.48
CA LEU A 271 1.93 40.20 18.03
C LEU A 271 2.49 41.38 17.27
N LEU A 272 3.58 41.91 17.80
CA LEU A 272 4.29 43.02 17.17
C LEU A 272 4.82 42.55 15.83
N ALA A 273 5.28 41.30 15.74
CA ALA A 273 5.75 40.79 14.46
C ALA A 273 4.67 40.68 13.38
N ARG A 274 3.50 40.15 13.73
CA ARG A 274 2.42 40.08 12.74
C ARG A 274 2.00 41.48 12.34
N GLN A 275 1.79 42.32 13.35
CA GLN A 275 1.36 43.70 13.15
C GLN A 275 2.40 44.46 12.32
N ILE A 276 3.68 44.18 12.57
CA ILE A 276 4.80 44.89 11.96
C ILE A 276 4.66 44.53 10.51
N GLY A 277 4.56 43.25 10.20
CA GLY A 277 4.53 42.84 8.80
C GLY A 277 3.33 43.48 8.11
N LYS A 278 2.15 43.45 8.72
CA LYS A 278 0.97 44.02 8.08
C LYS A 278 1.12 45.52 7.82
N MET A 279 1.62 46.24 8.81
CA MET A 279 1.81 47.68 8.73
C MET A 279 2.81 47.96 7.62
N LEU A 280 3.92 47.23 7.71
CA LEU A 280 5.07 47.32 6.83
C LEU A 280 4.97 46.90 5.41
N ASN A 281 4.25 45.81 5.26
CA ASN A 281 4.17 45.13 4.01
C ASN A 281 2.77 44.77 3.71
N ALA A 282 2.50 44.55 2.44
CA ALA A 282 1.20 44.14 2.02
C ALA A 282 1.56 43.00 1.08
N ARG A 283 0.63 42.08 0.89
CA ARG A 283 0.74 40.94 -0.04
C ARG A 283 1.46 39.74 0.55
N GLU A 284 1.91 39.86 1.79
CA GLU A 284 2.53 38.73 2.43
C GLU A 284 1.79 38.45 3.73
N PRO A 285 1.29 37.22 3.87
CA PRO A 285 0.78 36.67 5.12
C PRO A 285 1.84 35.92 5.92
N LYS A 286 1.98 36.30 7.18
CA LYS A 286 3.02 35.71 8.01
C LYS A 286 2.68 34.27 8.36
N VAL A 287 3.71 33.48 8.60
CA VAL A 287 3.56 32.09 9.01
C VAL A 287 4.16 31.92 10.39
N VAL A 288 3.45 31.23 11.28
CA VAL A 288 3.92 31.01 12.66
C VAL A 288 4.44 29.59 12.90
N ASN A 289 5.68 29.48 13.36
CA ASN A 289 6.28 28.15 13.59
C ASN A 289 6.72 27.91 15.04
N GLY A 290 6.23 26.83 15.62
CA GLY A 290 6.76 26.29 16.86
C GLY A 290 7.98 25.47 16.52
N PRO A 291 8.76 25.04 17.52
CA PRO A 291 9.88 24.19 17.12
C PRO A 291 9.41 22.74 16.89
N GLU A 292 8.53 22.60 15.91
CA GLU A 292 7.99 21.32 15.42
C GLU A 292 9.04 20.44 14.75
N ILE A 293 9.98 21.08 14.07
CA ILE A 293 10.78 20.45 13.02
C ILE A 293 11.64 19.27 13.46
N LEU A 294 12.15 19.29 14.69
CA LEU A 294 13.28 18.46 15.08
C LEU A 294 13.03 16.95 14.93
N ASN A 295 11.80 16.53 15.23
CA ASN A 295 11.46 15.11 15.30
C ASN A 295 11.57 14.40 13.94
N LYS A 296 12.02 13.14 14.02
CA LYS A 296 12.07 12.07 12.99
C LYS A 296 13.49 11.49 12.93
N TYR A 297 14.42 12.21 12.29
CA TYR A 297 15.91 12.00 12.17
C TYR A 297 16.43 12.65 10.89
N VAL A 298 16.05 12.09 9.75
CA VAL A 298 16.51 12.57 8.46
C VAL A 298 15.32 12.92 7.57
N GLY A 299 15.35 14.09 6.93
CA GLY A 299 14.24 14.45 6.06
C GLY A 299 13.37 15.50 6.69
N GLU A 300 12.50 15.07 7.60
CA GLU A 300 11.29 15.82 7.93
C GLU A 300 11.59 17.23 8.45
N SER A 301 12.60 17.37 9.30
CA SER A 301 12.91 18.69 9.83
C SER A 301 13.37 19.60 8.71
N GLU A 302 14.31 19.09 7.94
CA GLU A 302 14.88 19.82 6.83
C GLU A 302 13.81 20.10 5.79
N ALA A 303 12.98 19.09 5.52
CA ALA A 303 11.92 19.22 4.53
C ALA A 303 10.94 20.31 4.94
N ASN A 304 10.59 20.31 6.22
CA ASN A 304 9.65 21.29 6.72
C ASN A 304 10.25 22.68 6.57
N ILE A 305 11.53 22.79 6.91
CA ILE A 305 12.23 24.05 6.77
C ILE A 305 12.25 24.52 5.31
N ARG A 306 12.53 23.60 4.39
CA ARG A 306 12.57 23.96 2.97
C ARG A 306 11.19 24.41 2.46
N LYS A 307 10.09 23.79 2.88
CA LYS A 307 8.78 24.03 2.21
C LYS A 307 8.25 25.47 2.08
N LEU A 308 8.27 26.23 3.17
CA LEU A 308 7.89 27.65 3.14
C LEU A 308 8.84 28.46 2.26
N PHE A 309 10.14 28.19 2.41
CA PHE A 309 11.18 28.82 1.62
C PHE A 309 10.95 28.51 0.15
N ALA A 310 10.43 27.30 -0.08
CA ALA A 310 10.21 26.71 -1.39
C ALA A 310 9.10 27.50 -2.03
N ASP A 311 8.04 27.74 -1.26
CA ASP A 311 6.92 28.50 -1.78
C ASP A 311 7.45 29.89 -2.17
N ALA A 312 8.24 30.49 -1.29
CA ALA A 312 8.78 31.82 -1.57
C ALA A 312 9.65 31.83 -2.84
N GLU A 313 10.50 30.81 -2.98
CA GLU A 313 11.43 30.69 -4.10
C GLU A 313 10.62 30.55 -5.37
N GLU A 314 9.53 29.78 -5.31
CA GLU A 314 8.69 29.56 -6.47
C GLU A 314 8.08 30.88 -6.91
N GLU A 315 7.58 31.64 -5.93
CA GLU A 315 7.00 32.92 -6.29
C GLU A 315 8.07 33.78 -6.95
N GLN A 316 9.26 33.80 -6.37
CA GLN A 316 10.35 34.61 -6.92
C GLN A 316 10.80 34.18 -8.32
N ARG A 317 10.85 32.87 -8.52
CA ARG A 317 11.17 32.23 -9.79
C ARG A 317 10.23 32.63 -10.89
N ARG A 318 8.95 32.62 -10.55
CA ARG A 318 7.94 32.95 -11.51
C ARG A 318 8.11 34.41 -11.97
N LEU A 319 8.36 35.30 -11.01
CA LEU A 319 8.50 36.75 -11.23
C LEU A 319 9.71 37.47 -10.58
N GLY A 320 10.87 37.29 -11.20
CA GLY A 320 12.22 37.72 -10.82
C GLY A 320 12.59 39.16 -11.22
N ALA A 321 12.56 40.14 -10.30
CA ALA A 321 12.82 41.58 -10.59
C ALA A 321 12.25 42.35 -9.42
N ASN A 322 10.95 42.17 -9.34
CA ASN A 322 10.14 42.67 -8.29
C ASN A 322 9.30 41.51 -8.59
N SER A 323 8.47 41.17 -7.60
CA SER A 323 7.35 40.24 -7.64
C SER A 323 7.33 39.03 -6.70
N GLY A 324 7.65 39.25 -5.39
CA GLY A 324 7.29 38.26 -4.33
C GLY A 324 7.08 39.17 -3.12
N LEU A 325 6.63 38.71 -1.95
CA LEU A 325 7.30 38.81 -0.63
C LEU A 325 6.68 37.68 0.18
N HIS A 326 7.41 37.14 1.13
CA HIS A 326 6.93 36.15 2.08
C HIS A 326 7.29 36.59 3.49
N ILE A 327 6.37 36.55 4.42
CA ILE A 327 6.73 36.90 5.79
C ILE A 327 6.58 35.62 6.57
N ILE A 328 7.64 35.23 7.25
CA ILE A 328 7.67 34.04 8.07
C ILE A 328 8.02 34.45 9.50
N ILE A 329 7.24 33.99 10.47
CA ILE A 329 7.61 34.31 11.83
C ILE A 329 7.76 32.97 12.59
N PHE A 330 8.92 32.72 13.21
CA PHE A 330 9.04 31.47 13.98
C PHE A 330 9.66 31.69 15.36
N ASP A 331 8.86 31.65 16.41
CA ASP A 331 9.39 31.84 17.76
C ASP A 331 10.18 30.63 18.24
N GLU A 332 10.99 30.82 19.29
CA GLU A 332 11.85 29.75 19.80
C GLU A 332 12.80 29.35 18.69
N ILE A 333 13.31 30.39 18.00
CA ILE A 333 14.25 30.24 16.91
C ILE A 333 15.45 29.51 17.52
N ASP A 334 15.76 29.86 18.77
CA ASP A 334 16.89 29.28 19.51
C ASP A 334 16.76 27.78 19.75
N ALA A 335 15.56 27.35 20.07
CA ALA A 335 15.24 25.95 20.30
C ALA A 335 15.48 25.13 19.05
N ILE A 336 15.08 25.68 17.90
CA ILE A 336 15.37 25.09 16.62
C ILE A 336 16.87 25.16 16.31
N CYS A 337 17.23 25.91 15.26
CA CYS A 337 18.63 26.15 14.91
C CYS A 337 19.51 26.45 16.13
N HIS A 350 22.54 21.64 14.91
CA HIS A 350 21.44 20.66 14.60
C HIS A 350 21.98 19.25 14.35
N ASP A 351 23.09 19.02 13.62
CA ASP A 351 23.83 20.05 12.78
C ASP A 351 23.12 20.54 11.53
N THR A 352 22.44 19.63 10.83
CA THR A 352 21.91 19.91 9.52
C THR A 352 20.82 20.99 9.40
N VAL A 353 19.92 21.09 10.36
CA VAL A 353 18.83 22.09 10.33
C VAL A 353 19.36 23.53 10.30
N VAL A 354 20.41 23.79 11.08
CA VAL A 354 21.05 25.11 11.09
C VAL A 354 21.57 25.40 9.71
N ASN A 355 22.12 24.37 9.07
CA ASN A 355 22.75 24.51 7.78
C ASN A 355 21.68 24.71 6.74
N GLN A 356 20.56 24.00 6.85
CA GLN A 356 19.48 24.12 5.88
C GLN A 356 18.90 25.51 5.92
N LEU A 357 18.69 26.01 7.13
CA LEU A 357 18.15 27.34 7.24
C LEU A 357 19.17 28.26 6.55
N LEU A 358 20.46 28.08 6.85
CA LEU A 358 21.49 28.92 6.23
C LEU A 358 21.48 28.84 4.70
N SER A 359 21.31 27.66 4.14
CA SER A 359 21.28 27.52 2.69
C SER A 359 20.08 28.20 2.07
N LYS A 360 18.93 28.10 2.74
CA LYS A 360 17.71 28.61 2.17
C LYS A 360 17.44 30.11 2.30
N ILE A 361 17.93 30.79 3.34
CA ILE A 361 17.80 32.26 3.33
C ILE A 361 18.74 32.86 2.27
N ASP A 362 19.95 32.31 2.13
CA ASP A 362 20.88 32.83 1.13
C ASP A 362 21.22 31.76 0.12
N GLY A 363 21.11 32.13 -1.15
CA GLY A 363 21.30 31.21 -2.26
C GLY A 363 22.29 31.71 -3.30
N VAL A 364 22.85 30.77 -4.05
CA VAL A 364 23.84 31.09 -5.07
C VAL A 364 23.21 32.07 -6.06
N GLU A 365 21.95 31.85 -6.42
CA GLU A 365 21.28 32.80 -7.30
C GLU A 365 20.03 33.32 -6.60
N GLN A 366 19.86 34.63 -6.62
CA GLN A 366 18.64 35.30 -6.14
C GLN A 366 18.30 34.96 -4.69
N LEU A 367 17.06 34.52 -4.50
CA LEU A 367 16.43 34.24 -3.19
C LEU A 367 15.94 35.52 -2.52
N ASN A 368 16.01 36.62 -3.25
CA ASN A 368 15.59 37.93 -2.75
C ASN A 368 14.08 38.09 -2.58
N ASN A 369 13.68 39.09 -1.78
CA ASN A 369 12.29 39.51 -1.62
C ASN A 369 11.51 38.76 -0.53
N ILE A 370 12.19 38.00 0.33
CA ILE A 370 11.48 37.38 1.47
C ILE A 370 12.07 37.82 2.82
N LEU A 371 11.19 38.16 3.78
CA LEU A 371 11.64 38.66 5.08
C LEU A 371 11.30 37.70 6.24
N VAL A 372 12.29 37.46 7.11
CA VAL A 372 12.17 36.55 8.25
C VAL A 372 12.34 37.26 9.60
N ILE A 373 11.45 37.01 10.56
CA ILE A 373 11.57 37.64 11.87
C ILE A 373 11.81 36.55 12.92
N GLY A 374 12.79 36.76 13.78
CA GLY A 374 13.10 35.78 14.81
C GLY A 374 12.96 36.31 16.23
N MET A 375 12.25 35.55 17.06
CA MET A 375 12.07 35.90 18.46
C MET A 375 12.65 34.79 19.34
N THR A 376 13.51 35.19 20.27
CA THR A 376 14.14 34.25 21.19
C THR A 376 14.43 34.90 22.53
N ASN A 377 14.43 34.10 23.58
CA ASN A 377 14.72 34.62 24.90
C ASN A 377 16.11 35.15 25.11
N ARG A 378 17.03 34.39 24.55
CA ARG A 378 18.45 34.62 24.61
C ARG A 378 19.11 34.85 23.25
N PRO A 379 19.74 36.01 23.08
CA PRO A 379 20.44 36.27 21.83
C PRO A 379 21.66 35.35 21.66
N ASP A 380 22.39 35.10 22.74
CA ASP A 380 23.72 34.50 22.68
C ASP A 380 23.82 33.05 22.18
N LEU A 381 22.83 32.22 22.48
CA LEU A 381 22.90 30.81 22.07
C LEU A 381 22.96 30.63 20.58
N ILE A 382 22.28 31.53 19.89
CA ILE A 382 22.21 31.44 18.46
C ILE A 382 23.54 31.62 17.74
N ASP A 383 23.63 30.92 16.61
CA ASP A 383 24.84 30.82 15.85
C ASP A 383 25.23 32.22 15.35
N GLU A 384 26.54 32.45 15.32
CA GLU A 384 27.11 33.73 14.96
C GLU A 384 26.78 34.11 13.51
N ALA A 385 26.78 33.11 12.62
CA ALA A 385 26.58 33.35 11.20
C ALA A 385 25.20 33.96 10.93
N LEU A 386 24.17 33.48 11.61
CA LEU A 386 22.85 34.04 11.38
C LEU A 386 22.81 35.53 11.75
N LEU A 387 23.41 35.87 12.89
CA LEU A 387 23.44 37.26 13.38
C LEU A 387 24.14 38.26 12.44
N ARG A 388 25.21 37.82 11.79
CA ARG A 388 26.02 38.70 10.97
C ARG A 388 25.25 39.23 9.75
N PRO A 389 25.58 40.44 9.29
CA PRO A 389 24.85 41.17 8.24
C PRO A 389 24.61 40.30 7.02
N GLY A 390 23.41 40.38 6.46
CA GLY A 390 23.04 39.38 5.49
C GLY A 390 21.74 38.74 5.94
N ARG A 391 21.88 37.51 6.40
CA ARG A 391 20.76 36.65 6.74
C ARG A 391 19.89 37.18 7.85
N LEU A 392 20.50 37.71 8.90
CA LEU A 392 19.73 38.39 9.94
C LEU A 392 20.49 39.69 10.24
N GLU A 393 20.41 40.68 9.35
CA GLU A 393 21.27 41.86 9.45
C GLU A 393 21.07 42.71 10.70
N VAL A 394 19.81 42.88 11.13
CA VAL A 394 19.50 43.71 12.28
C VAL A 394 18.79 43.04 13.46
N LYS A 395 19.30 43.31 14.66
CA LYS A 395 18.73 42.78 15.89
C LYS A 395 18.19 43.96 16.73
N MET A 396 16.91 43.84 17.05
CA MET A 396 16.14 44.65 18.00
C MET A 396 15.68 43.91 19.27
N GLU A 397 15.88 44.50 20.43
CA GLU A 397 15.51 43.82 21.66
C GLU A 397 14.34 44.53 22.33
N ILE A 398 13.33 43.77 22.75
CA ILE A 398 12.19 44.42 23.39
C ILE A 398 12.20 44.19 24.89
N GLY A 399 12.21 45.28 25.65
CA GLY A 399 12.25 45.21 27.10
C GLY A 399 10.90 45.10 27.77
N LEU A 400 10.22 43.97 27.67
CA LEU A 400 8.96 43.79 28.40
C LEU A 400 7.96 44.97 28.06
N PRO A 401 7.26 45.61 29.03
CA PRO A 401 6.38 46.73 28.72
C PRO A 401 6.84 48.11 29.19
N ASP A 402 6.80 49.09 28.31
CA ASP A 402 7.11 50.43 28.77
C ASP A 402 5.96 50.78 29.72
N GLU A 403 6.27 51.58 30.73
CA GLU A 403 5.31 51.98 31.74
C GLU A 403 4.14 52.71 31.09
N LYS A 404 4.48 53.61 30.17
CA LYS A 404 3.48 54.31 29.39
C LYS A 404 2.82 53.35 28.42
N GLY A 405 3.61 52.50 27.78
CA GLY A 405 3.05 51.51 26.87
C GLY A 405 2.19 50.44 27.50
N ARG A 406 2.65 49.94 28.65
CA ARG A 406 1.88 48.97 29.40
C ARG A 406 0.59 49.68 29.74
N LEU A 407 0.73 50.94 30.14
CA LEU A 407 -0.42 51.75 30.51
C LEU A 407 -1.36 51.79 29.31
N GLN A 408 -0.81 51.94 28.10
CA GLN A 408 -1.64 52.02 26.90
C GLN A 408 -2.45 50.73 26.63
N ILE A 409 -1.82 49.55 26.71
CA ILE A 409 -2.59 48.32 26.47
C ILE A 409 -3.67 48.10 27.53
N LEU A 410 -3.28 48.31 28.79
CA LEU A 410 -4.23 48.05 29.87
C LEU A 410 -5.39 49.06 29.63
N HIS A 411 -5.04 50.27 29.20
CA HIS A 411 -6.01 51.36 29.01
C HIS A 411 -7.01 51.01 27.92
N ILE A 412 -6.52 50.46 26.80
CA ILE A 412 -7.41 50.06 25.71
C ILE A 412 -8.37 48.95 26.19
N HIS A 413 -7.87 47.93 26.88
CA HIS A 413 -8.80 46.87 27.32
C HIS A 413 -9.87 47.39 28.29
N THR A 414 -9.45 48.28 29.17
CA THR A 414 -10.35 48.92 30.15
C THR A 414 -11.38 49.79 29.46
N ALA A 415 -10.97 50.45 28.38
CA ALA A 415 -11.86 51.29 27.59
C ALA A 415 -12.91 50.36 27.00
N ARG A 416 -12.47 49.19 26.56
CA ARG A 416 -13.41 48.19 26.06
C ARG A 416 -14.40 47.83 27.18
N MET A 417 -13.90 47.65 28.41
CA MET A 417 -14.77 47.38 29.55
C MET A 417 -15.72 48.56 29.83
N ARG A 418 -15.19 49.77 29.64
CA ARG A 418 -15.91 51.03 29.83
C ARG A 418 -17.09 51.11 28.87
N GLY A 419 -16.88 50.57 27.68
CA GLY A 419 -17.88 50.60 26.63
C GLY A 419 -19.13 49.92 27.13
N HIS A 420 -18.95 48.85 27.91
CA HIS A 420 -20.07 48.20 28.58
C HIS A 420 -20.25 48.92 29.92
N GLN A 421 -21.50 49.06 30.38
CA GLN A 421 -21.76 49.67 31.69
C GLN A 421 -20.95 49.08 32.84
N LEU A 422 -20.78 47.76 32.84
CA LEU A 422 -20.07 47.08 33.92
C LEU A 422 -18.62 47.54 33.94
N LEU A 423 -18.15 47.84 35.14
CA LEU A 423 -16.78 48.21 35.34
C LEU A 423 -16.51 48.00 36.80
N SER A 424 -15.24 47.98 37.16
CA SER A 424 -14.88 47.93 38.54
C SER A 424 -14.45 49.37 38.87
N ALA A 425 -15.17 50.01 39.80
CA ALA A 425 -14.93 51.43 40.14
C ALA A 425 -13.62 51.82 40.79
N ASP A 426 -13.19 50.99 41.73
CA ASP A 426 -12.00 51.20 42.53
C ASP A 426 -10.80 51.18 41.60
N VAL A 427 -10.84 50.31 40.58
CA VAL A 427 -9.71 50.17 39.67
C VAL A 427 -9.40 51.41 38.90
N ASP A 428 -8.11 51.69 38.91
CA ASP A 428 -7.49 52.76 38.17
C ASP A 428 -6.34 52.33 37.26
N ILE A 429 -6.40 52.82 36.03
CA ILE A 429 -5.42 52.51 35.00
C ILE A 429 -3.98 52.86 35.31
N LYS A 430 -3.84 54.06 35.82
CA LYS A 430 -2.55 54.60 36.18
C LYS A 430 -1.96 53.73 37.26
N GLU A 431 -2.81 53.34 38.23
CA GLU A 431 -2.37 52.51 39.33
C GLU A 431 -1.87 51.15 38.84
N LEU A 432 -2.59 50.52 37.92
CA LEU A 432 -2.16 49.22 37.42
C LEU A 432 -0.82 49.37 36.71
N ALA A 433 -0.69 50.43 35.91
CA ALA A 433 0.55 50.65 35.19
C ALA A 433 1.73 50.83 36.16
N VAL A 434 1.54 51.66 37.18
CA VAL A 434 2.61 51.92 38.14
C VAL A 434 2.99 50.63 38.89
N GLU A 435 1.99 49.80 39.21
CA GLU A 435 2.22 48.52 39.91
C GLU A 435 3.05 47.53 39.12
N THR A 436 2.83 47.46 37.81
CA THR A 436 3.57 46.47 37.06
C THR A 436 4.21 47.14 35.87
N LYS A 437 5.52 46.95 35.83
CA LYS A 437 6.33 47.36 34.71
C LYS A 437 6.87 46.08 34.11
N ASN A 438 6.89 44.99 34.87
CA ASN A 438 7.44 43.76 34.34
C ASN A 438 6.59 43.10 33.23
N PHE A 439 5.25 43.08 33.40
CA PHE A 439 4.38 42.30 32.48
C PHE A 439 4.23 42.71 31.00
N SER A 440 4.28 41.76 30.08
CA SER A 440 4.02 41.99 28.64
C SER A 440 2.57 42.23 28.29
N GLY A 441 2.32 42.96 27.21
CA GLY A 441 0.95 43.28 26.86
C GLY A 441 0.08 42.05 26.64
N ALA A 442 0.53 41.02 25.93
CA ALA A 442 -0.31 39.82 25.80
C ALA A 442 -0.61 39.14 27.15
N GLU A 443 0.41 39.04 28.01
CA GLU A 443 0.24 38.45 29.36
C GLU A 443 -0.79 39.34 30.07
N LEU A 444 -0.63 40.67 29.99
CA LEU A 444 -1.53 41.57 30.71
C LEU A 444 -2.94 41.33 30.24
N GLU A 445 -3.11 41.14 28.94
CA GLU A 445 -4.43 40.88 28.41
C GLU A 445 -4.97 39.62 29.09
N GLY A 446 -4.10 38.62 29.20
CA GLY A 446 -4.53 37.41 29.88
C GLY A 446 -4.94 37.70 31.31
N LEU A 447 -4.23 38.61 31.98
CA LEU A 447 -4.59 38.97 33.33
C LEU A 447 -5.99 39.53 33.38
N VAL A 448 -6.33 40.37 32.41
CA VAL A 448 -7.66 40.96 32.42
C VAL A 448 -8.70 39.85 32.34
N ARG A 449 -8.45 38.88 31.46
CA ARG A 449 -9.39 37.75 31.37
C ARG A 449 -9.53 37.04 32.71
N ALA A 450 -8.40 36.85 33.39
CA ALA A 450 -8.43 36.21 34.70
C ALA A 450 -9.30 37.00 35.70
N ALA A 451 -9.19 38.33 35.65
CA ALA A 451 -10.00 39.17 36.54
C ALA A 451 -11.48 38.97 36.31
N GLN A 452 -11.84 38.89 35.03
CA GLN A 452 -13.23 38.62 34.68
C GLN A 452 -13.67 37.29 35.28
N SER A 453 -12.77 36.30 35.21
CA SER A 453 -13.07 35.00 35.82
C SER A 453 -13.30 35.14 37.33
N THR A 454 -12.52 35.99 37.99
CA THR A 454 -12.71 36.25 39.43
C THR A 454 -14.08 36.85 39.76
N ALA A 455 -14.53 37.81 38.96
CA ALA A 455 -15.87 38.42 39.18
C ALA A 455 -16.92 37.33 39.05
N MET A 456 -16.67 36.49 38.03
CA MET A 456 -17.55 35.39 37.70
C MET A 456 -17.57 34.52 38.95
N ASN A 457 -16.41 34.37 39.59
CA ASN A 457 -16.36 33.57 40.79
C ASN A 457 -17.19 34.16 41.93
N ARG A 458 -17.16 35.47 42.08
CA ARG A 458 -17.95 36.14 43.13
C ARG A 458 -19.47 36.05 43.07
N HIS A 459 -20.04 36.18 41.88
CA HIS A 459 -21.50 36.02 41.77
C HIS A 459 -22.09 34.63 42.19
N ILE A 460 -21.40 33.52 41.88
CA ILE A 460 -21.89 32.17 42.26
C ILE A 460 -21.53 31.88 43.71
N ASP A 482 -8.87 49.78 42.98
CA ASP A 482 -8.79 48.39 43.35
C ASP A 482 -9.98 47.52 42.90
N PHE A 483 -10.94 47.28 43.79
CA PHE A 483 -12.23 46.58 43.51
C PHE A 483 -12.09 45.20 42.89
N LEU A 484 -12.82 44.95 41.79
CA LEU A 484 -12.70 43.63 41.16
C LEU A 484 -11.31 43.34 40.61
N ALA A 485 -10.68 44.33 39.96
CA ALA A 485 -9.33 44.13 39.42
C ALA A 485 -8.37 43.89 40.57
N SER A 486 -8.51 44.64 41.66
CA SER A 486 -7.67 44.43 42.86
C SER A 486 -7.82 43.11 43.54
N LEU A 487 -9.07 42.66 43.65
CA LEU A 487 -9.35 41.39 44.26
C LEU A 487 -8.63 40.45 43.32
N GLU A 488 -8.70 40.79 42.05
CA GLU A 488 -7.94 40.10 41.05
C GLU A 488 -6.44 40.36 41.25
N ASN A 489 -5.98 41.47 41.81
CA ASN A 489 -4.55 41.70 42.12
C ASN A 489 -4.08 40.83 43.29
N ASP A 490 -4.92 40.72 44.31
CA ASP A 490 -4.68 39.92 45.49
C ASP A 490 -4.67 38.43 45.12
N ILE A 491 -5.62 37.99 44.29
CA ILE A 491 -5.64 36.59 43.82
C ILE A 491 -4.95 36.19 42.50
N LYS A 492 -4.42 37.13 41.73
CA LYS A 492 -4.11 36.91 40.29
C LYS A 492 -2.73 36.30 40.28
N PRO A 493 -1.78 36.92 41.00
CA PRO A 493 -0.50 36.25 41.07
C PRO A 493 -0.52 34.96 41.90
N ALA A 494 0.21 33.91 41.49
CA ALA A 494 0.94 33.79 40.19
C ALA A 494 2.23 34.62 40.31
N PHE A 495 3.07 34.62 39.28
CA PHE A 495 4.29 35.40 39.35
C PHE A 495 4.84 35.74 37.95
N GLY A 496 5.68 36.77 37.85
CA GLY A 496 5.96 37.70 38.94
C GLY A 496 6.27 39.13 38.50
N THR A 497 5.91 40.17 39.26
CA THR A 497 5.01 40.21 40.43
C THR A 497 5.69 39.70 41.71
N ASN A 498 4.93 39.71 42.80
CA ASN A 498 5.40 39.25 44.10
C ASN A 498 5.50 37.74 44.11
N GLN A 499 6.48 37.23 44.83
CA GLN A 499 6.64 35.81 45.02
C GLN A 499 6.50 35.52 46.49
N GLU A 500 5.66 34.55 46.84
CA GLU A 500 5.42 34.25 48.24
C GLU A 500 6.70 33.90 48.94
N ASP A 501 7.57 33.06 48.37
CA ASP A 501 8.93 32.79 48.91
C ASP A 501 9.27 33.38 50.30
N TYR A 502 8.94 34.67 50.47
CA TYR A 502 9.20 35.49 51.66
C TYR A 502 8.69 34.69 52.86
N ALA A 503 7.39 34.39 52.78
CA ALA A 503 6.63 33.64 53.76
C ALA A 503 7.46 32.45 54.18
N SER A 504 7.83 31.61 53.22
CA SER A 504 8.40 30.32 53.54
C SER A 504 9.70 30.54 54.30
N TYR A 505 10.45 31.57 53.92
CA TYR A 505 11.73 31.88 54.58
C TYR A 505 11.60 32.45 56.00
N ILE A 506 10.54 33.20 56.24
CA ILE A 506 10.24 33.91 57.49
C ILE A 506 9.86 32.88 58.58
N MET A 507 9.14 31.94 57.96
CA MET A 507 8.45 30.75 58.47
C MET A 507 7.81 30.89 59.86
N ASN A 508 8.50 31.60 60.73
CA ASN A 508 8.05 31.88 62.08
C ASN A 508 8.00 33.38 62.37
N GLY A 509 8.37 34.17 61.37
CA GLY A 509 8.47 35.62 61.49
C GLY A 509 9.76 36.06 62.10
N ILE A 510 9.99 37.36 62.17
CA ILE A 510 11.19 37.82 62.81
C ILE A 510 10.85 38.70 64.00
N ILE A 511 11.48 38.33 65.11
CA ILE A 511 11.39 39.03 66.38
C ILE A 511 12.79 39.35 66.87
N LYS A 512 13.02 40.61 67.21
CA LYS A 512 14.37 41.02 67.55
C LYS A 512 14.63 40.77 69.02
N TRP A 513 15.17 39.60 69.33
CA TRP A 513 15.55 39.29 70.69
C TRP A 513 16.65 40.24 71.15
N GLY A 514 17.57 40.49 70.25
CA GLY A 514 18.76 41.28 70.52
C GLY A 514 19.01 42.35 69.48
N ASP A 515 19.78 43.37 69.85
CA ASP A 515 20.09 44.43 68.91
C ASP A 515 20.91 43.99 67.69
N PRO A 516 21.73 42.90 67.80
CA PRO A 516 22.56 42.64 66.62
C PRO A 516 21.73 42.42 65.37
N VAL A 517 20.60 41.75 65.47
CA VAL A 517 19.77 41.45 64.30
C VAL A 517 19.29 42.75 63.64
N THR A 518 18.86 43.69 64.48
CA THR A 518 18.37 44.98 64.01
C THR A 518 19.50 45.66 63.26
N ARG A 519 20.70 45.53 63.83
CA ARG A 519 21.90 46.10 63.25
C ARG A 519 22.16 45.46 61.88
N VAL A 520 21.95 44.16 61.77
CA VAL A 520 22.11 43.47 60.49
C VAL A 520 21.14 44.02 59.45
N LEU A 521 19.90 44.22 59.85
CA LEU A 521 18.91 44.79 58.93
C LEU A 521 19.29 46.19 58.49
N ASP A 522 19.83 46.97 59.42
CA ASP A 522 20.29 48.31 59.08
C ASP A 522 21.43 48.26 58.08
N ASP A 523 22.35 47.31 58.26
CA ASP A 523 23.46 47.14 57.34
C ASP A 523 22.90 46.85 55.96
N GLY A 524 21.93 45.94 55.93
CA GLY A 524 21.32 45.53 54.70
C GLY A 524 20.64 46.68 54.00
N GLU A 525 19.91 47.50 54.78
CA GLU A 525 19.19 48.64 54.26
C GLU A 525 20.20 49.61 53.65
N LEU A 526 21.34 49.79 54.31
CA LEU A 526 22.38 50.69 53.80
C LEU A 526 22.85 50.18 52.45
N LEU A 527 23.04 48.86 52.33
CA LEU A 527 23.51 48.28 51.07
C LEU A 527 22.45 48.65 50.02
N VAL A 528 21.18 48.48 50.37
CA VAL A 528 20.08 48.75 49.44
C VAL A 528 20.07 50.17 48.94
N GLN A 529 20.24 51.06 49.90
CA GLN A 529 20.19 52.47 49.60
C GLN A 529 21.30 52.76 48.64
N GLN A 530 22.46 52.16 48.90
CA GLN A 530 23.61 52.40 48.05
C GLN A 530 23.37 51.91 46.62
N THR A 531 22.75 50.74 46.49
CA THR A 531 22.47 50.21 45.16
C THR A 531 21.58 51.13 44.36
N LYS A 532 20.55 51.64 45.02
CA LYS A 532 19.71 52.66 44.41
C LYS A 532 20.44 53.97 44.11
N ASN A 533 21.30 54.38 45.04
CA ASN A 533 21.97 55.67 45.04
C ASN A 533 23.40 55.82 44.52
N SER A 534 24.06 54.74 44.13
CA SER A 534 25.47 54.83 43.74
C SER A 534 25.67 54.61 42.25
N ASP A 535 26.23 55.60 41.56
CA ASP A 535 26.63 55.45 40.16
C ASP A 535 27.83 54.55 39.90
N ARG A 536 28.86 54.66 40.74
CA ARG A 536 30.16 54.05 40.48
C ARG A 536 30.18 52.53 40.50
N THR A 537 29.46 51.93 41.43
CA THR A 537 29.42 50.47 41.47
C THR A 537 28.10 49.90 41.01
N PRO A 538 28.14 49.13 39.92
CA PRO A 538 26.93 48.60 39.28
C PRO A 538 26.26 47.59 40.18
N LEU A 539 27.04 46.73 40.82
CA LEU A 539 26.47 45.66 41.61
C LEU A 539 27.10 45.53 42.99
N VAL A 540 26.28 45.13 43.95
CA VAL A 540 26.73 44.94 45.33
C VAL A 540 26.60 43.48 45.73
N SER A 541 27.65 42.93 46.29
CA SER A 541 27.62 41.54 46.74
C SER A 541 27.90 41.45 48.22
N VAL A 542 27.06 40.67 48.90
CA VAL A 542 27.17 40.52 50.33
C VAL A 542 27.08 39.06 50.74
N LEU A 543 27.73 38.70 51.84
CA LEU A 543 27.58 37.36 52.36
C LEU A 543 27.16 37.41 53.82
N LEU A 544 26.22 36.55 54.21
CA LEU A 544 25.82 36.47 55.61
C LEU A 544 26.36 35.18 56.21
N GLU A 545 27.18 35.25 57.26
CA GLU A 545 27.65 33.99 57.82
C GLU A 545 26.98 33.80 59.18
N GLY A 546 26.46 32.60 59.42
CA GLY A 546 25.85 32.33 60.71
C GLY A 546 26.16 30.88 61.03
N PRO A 547 26.38 30.59 62.31
CA PRO A 547 26.36 29.23 62.88
C PRO A 547 25.09 28.53 62.42
N PRO A 548 25.17 27.23 62.07
CA PRO A 548 23.94 26.64 61.54
C PRO A 548 22.81 26.70 62.55
N HIS A 549 21.60 26.96 62.02
CA HIS A 549 20.37 27.27 62.76
C HIS A 549 20.37 28.74 63.07
N SER A 550 21.34 29.47 62.54
CA SER A 550 21.30 30.89 62.84
C SER A 550 20.04 31.41 62.22
N GLY A 551 19.70 30.89 61.05
CA GLY A 551 18.53 31.50 60.48
C GLY A 551 18.92 32.71 59.66
N LYS A 552 20.22 32.85 59.40
CA LYS A 552 20.82 33.94 58.62
C LYS A 552 19.96 33.70 57.38
N THR A 553 19.71 32.42 57.15
CA THR A 553 19.00 31.88 56.04
C THR A 553 17.56 32.40 56.14
N ALA A 554 16.92 32.44 57.31
CA ALA A 554 15.57 33.03 57.41
C ALA A 554 15.49 34.55 57.09
N LEU A 555 16.50 35.26 57.58
CA LEU A 555 16.67 36.71 57.64
C LEU A 555 16.98 37.36 56.30
N ALA A 556 17.77 36.69 55.46
CA ALA A 556 18.23 37.33 54.23
C ALA A 556 17.02 37.75 53.39
N ALA A 557 15.98 36.92 53.36
CA ALA A 557 14.78 37.24 52.60
C ALA A 557 14.10 38.49 53.16
N LYS A 558 14.08 38.63 54.48
CA LYS A 558 13.44 39.77 55.13
C LYS A 558 14.13 41.06 54.71
N ILE A 559 15.46 41.04 54.68
CA ILE A 559 16.17 42.25 54.27
C ILE A 559 15.75 42.74 52.90
N ALA A 560 15.55 41.80 51.98
CA ALA A 560 15.24 42.16 50.60
C ALA A 560 13.89 42.85 50.47
N GLU A 561 12.88 42.40 51.21
CA GLU A 561 11.52 42.89 51.00
C GLU A 561 11.35 44.39 51.27
N GLU A 562 11.93 44.86 52.37
CA GLU A 562 11.84 46.26 52.80
C GLU A 562 12.51 47.14 51.75
N SER A 563 13.60 46.62 51.22
CA SER A 563 14.38 47.23 50.17
C SER A 563 13.47 47.48 48.97
N ASN A 564 12.57 46.52 48.78
CA ASN A 564 11.49 46.46 47.76
C ASN A 564 12.02 46.82 46.38
N PHE A 565 13.14 46.23 46.01
CA PHE A 565 13.63 46.46 44.67
C PHE A 565 12.61 45.77 43.76
N PRO A 566 12.48 46.19 42.48
CA PRO A 566 11.37 45.65 41.69
C PRO A 566 11.45 44.11 41.55
N PHE A 567 12.63 43.54 41.33
CA PHE A 567 12.72 42.09 41.17
C PHE A 567 13.62 41.49 42.26
N ILE A 568 13.07 40.56 43.05
CA ILE A 568 13.86 39.75 43.97
C ILE A 568 13.57 38.27 43.79
N LYS A 569 14.59 37.49 43.50
CA LYS A 569 14.40 36.06 43.40
C LYS A 569 15.41 35.35 44.25
N ILE A 570 14.96 34.36 44.98
CA ILE A 570 15.85 33.65 45.87
C ILE A 570 16.21 32.31 45.25
N CYS A 571 17.49 32.08 45.00
CA CYS A 571 17.90 30.83 44.40
C CYS A 571 17.66 29.72 45.40
N SER A 572 17.09 28.63 44.90
CA SER A 572 16.67 27.54 45.74
C SER A 572 17.48 26.25 45.64
N PRO A 573 18.05 25.77 46.75
CA PRO A 573 18.65 24.44 46.71
C PRO A 573 17.60 23.40 46.41
N ASP A 574 16.45 23.52 47.07
CA ASP A 574 15.40 22.51 46.99
C ASP A 574 14.90 22.39 45.57
N LYS A 575 14.70 23.52 44.90
CA LYS A 575 14.25 23.49 43.52
C LYS A 575 15.32 22.76 42.71
N MET A 576 16.58 23.11 43.02
CA MET A 576 17.72 22.53 42.31
C MET A 576 18.06 21.09 42.64
N ILE A 577 17.48 20.51 43.68
CA ILE A 577 17.92 19.18 44.12
C ILE A 577 17.85 18.11 43.06
N GLY A 578 18.89 17.30 42.99
CA GLY A 578 18.93 16.21 42.05
C GLY A 578 19.38 16.63 40.68
N PHE A 579 19.64 17.92 40.52
CA PHE A 579 20.10 18.41 39.24
C PHE A 579 21.52 17.95 39.05
N SER A 580 21.85 17.74 37.79
CA SER A 580 23.22 17.49 37.41
C SER A 580 23.89 18.83 37.61
N GLU A 581 25.20 18.83 37.74
CA GLU A 581 25.94 20.06 37.92
C GLU A 581 25.67 20.99 36.73
N THR A 582 25.61 20.43 35.53
CA THR A 582 25.29 21.21 34.35
C THR A 582 23.88 21.81 34.50
N ALA A 583 22.94 21.00 34.98
CA ALA A 583 21.55 21.45 35.15
C ALA A 583 21.46 22.59 36.14
N LYS A 584 22.21 22.48 37.23
CA LYS A 584 22.20 23.51 38.25
C LYS A 584 22.72 24.78 37.62
N CYS A 585 23.79 24.64 36.83
CA CYS A 585 24.41 25.80 36.20
C CYS A 585 23.40 26.53 35.36
N GLN A 586 22.70 25.78 34.53
CA GLN A 586 21.74 26.42 33.64
C GLN A 586 20.63 27.10 34.43
N ALA A 587 20.16 26.47 35.51
CA ALA A 587 19.12 27.11 36.31
C ALA A 587 19.59 28.43 36.95
N MET A 588 20.82 28.41 37.46
CA MET A 588 21.41 29.58 38.09
C MET A 588 21.54 30.70 37.05
N LYS A 589 21.96 30.29 35.87
CA LYS A 589 22.18 31.19 34.76
C LYS A 589 20.86 31.85 34.48
N LYS A 590 19.80 31.05 34.43
CA LYS A 590 18.49 31.57 34.12
C LYS A 590 18.05 32.62 35.14
N ILE A 591 18.21 32.30 36.43
CA ILE A 591 17.78 33.24 37.47
C ILE A 591 18.51 34.58 37.30
N PHE A 592 19.82 34.50 37.17
CA PHE A 592 20.61 35.73 37.13
C PHE A 592 20.28 36.50 35.86
N ASP A 593 20.04 35.75 34.79
CA ASP A 593 19.71 36.34 33.50
C ASP A 593 18.41 37.11 33.62
N ASP A 594 17.48 36.59 34.41
CA ASP A 594 16.25 37.32 34.67
C ASP A 594 16.57 38.60 35.41
N ALA A 595 17.49 38.51 36.36
CA ALA A 595 17.88 39.73 37.08
C ALA A 595 18.46 40.81 36.17
N TYR A 596 19.27 40.43 35.20
CA TYR A 596 19.86 41.44 34.31
C TYR A 596 18.84 42.26 33.52
N LYS A 597 17.75 41.62 33.09
CA LYS A 597 16.68 42.29 32.36
C LYS A 597 15.91 43.36 33.14
N SER A 598 15.65 43.09 34.42
CA SER A 598 14.85 44.00 35.24
C SER A 598 15.60 45.29 35.35
N GLN A 599 14.85 46.39 35.40
CA GLN A 599 15.44 47.72 35.47
C GLN A 599 16.30 47.88 36.68
N LEU A 600 15.78 47.42 37.79
CA LEU A 600 16.58 47.33 38.96
C LEU A 600 16.45 45.88 39.50
N SER A 601 17.56 45.22 39.79
CA SER A 601 17.52 43.81 40.20
C SER A 601 18.18 43.37 41.54
N CYS A 602 17.45 42.57 42.33
CA CYS A 602 18.02 41.90 43.50
C CYS A 602 17.88 40.38 43.51
N VAL A 603 19.00 39.70 43.77
CA VAL A 603 19.01 38.24 43.82
C VAL A 603 19.61 37.69 45.12
N VAL A 604 19.04 36.61 45.64
CA VAL A 604 19.59 35.99 46.83
C VAL A 604 20.22 34.64 46.48
N VAL A 605 21.52 34.50 46.73
CA VAL A 605 22.20 33.22 46.66
C VAL A 605 22.05 32.49 48.00
N ASP A 606 20.84 32.01 48.24
CA ASP A 606 20.52 31.29 49.47
C ASP A 606 21.32 29.99 49.63
N ASP A 607 21.76 29.72 50.85
CA ASP A 607 22.42 28.45 51.19
C ASP A 607 23.54 28.09 50.21
N ILE A 608 24.54 28.96 50.13
CA ILE A 608 25.61 28.85 49.15
C ILE A 608 26.38 27.54 49.25
N GLU A 609 26.60 27.09 50.47
CA GLU A 609 27.41 25.91 50.70
C GLU A 609 26.85 24.70 50.02
N ARG A 610 25.55 24.54 50.20
CA ARG A 610 24.79 23.46 49.61
C ARG A 610 24.77 23.61 48.10
N LEU A 611 24.59 24.85 47.66
CA LEU A 611 24.52 25.20 46.25
C LEU A 611 25.80 24.67 45.60
N LEU A 612 26.91 24.90 46.30
CA LEU A 612 28.24 24.44 45.95
C LEU A 612 28.32 22.94 45.96
N ASP A 613 27.63 22.34 46.93
CA ASP A 613 27.61 20.91 47.15
C ASP A 613 28.89 20.47 47.91
N TYR A 614 29.61 21.43 48.49
CA TYR A 614 30.81 21.08 49.26
C TYR A 614 30.48 20.17 50.46
N VAL A 615 31.25 19.10 50.64
CA VAL A 615 31.16 18.26 51.84
C VAL A 615 32.54 18.10 52.50
N PRO A 616 32.64 18.26 53.83
CA PRO A 616 33.98 18.23 54.41
C PRO A 616 34.68 16.88 54.20
N ILE A 617 33.95 15.78 54.30
CA ILE A 617 34.60 14.47 54.24
C ILE A 617 34.89 14.06 52.78
N GLY A 618 36.12 14.32 52.36
CA GLY A 618 36.54 14.16 50.98
C GLY A 618 37.81 14.94 50.69
N PRO A 619 37.71 16.27 50.71
CA PRO A 619 36.40 16.93 50.71
C PRO A 619 35.81 17.00 49.30
N ARG A 620 34.49 16.98 49.18
CA ARG A 620 33.90 16.95 47.85
C ARG A 620 33.06 18.19 47.57
N PHE A 621 33.32 18.87 46.46
CA PHE A 621 32.47 19.97 46.06
C PHE A 621 32.36 19.99 44.54
N SER A 622 31.33 20.65 44.02
CA SER A 622 31.21 20.73 42.58
C SER A 622 31.81 22.06 42.17
N ASN A 623 32.85 21.95 41.34
CA ASN A 623 33.60 23.09 40.89
C ASN A 623 32.84 24.01 39.94
N LEU A 624 32.07 23.35 39.07
CA LEU A 624 31.45 24.00 37.92
C LEU A 624 30.54 25.12 38.44
N VAL A 625 29.75 24.77 39.45
CA VAL A 625 28.82 25.69 40.09
C VAL A 625 29.53 26.86 40.74
N LEU A 626 30.67 26.57 41.37
CA LEU A 626 31.41 27.60 42.08
C LEU A 626 31.90 28.67 41.16
N GLN A 627 32.46 28.21 40.06
CA GLN A 627 32.94 29.09 39.01
C GLN A 627 31.88 29.92 38.28
N ALA A 628 30.77 29.26 37.95
CA ALA A 628 29.69 29.96 37.24
C ALA A 628 29.37 31.10 38.17
N LEU A 629 29.33 30.73 39.45
CA LEU A 629 28.97 31.63 40.53
C LEU A 629 29.89 32.82 40.66
N LEU A 630 31.20 32.58 40.61
CA LEU A 630 32.17 33.66 40.72
C LEU A 630 32.04 34.62 39.56
N VAL A 631 31.90 34.06 38.36
CA VAL A 631 31.78 34.92 37.19
C VAL A 631 30.50 35.75 37.38
N LEU A 632 29.46 35.13 37.93
CA LEU A 632 28.17 35.79 38.16
C LEU A 632 28.33 36.97 39.11
N LEU A 633 29.06 36.74 40.20
CA LEU A 633 29.19 37.72 41.25
C LEU A 633 29.94 38.92 40.70
N LYS A 634 30.95 38.65 39.88
CA LYS A 634 31.72 39.77 39.33
C LYS A 634 31.24 40.26 37.96
N LYS A 635 30.14 39.72 37.45
CA LYS A 635 29.64 40.13 36.13
C LYS A 635 28.57 41.26 36.24
N ALA A 636 28.87 42.44 35.74
CA ALA A 636 27.95 43.58 35.87
C ALA A 636 26.69 43.39 35.01
N PRO A 637 25.53 43.83 35.52
CA PRO A 637 24.28 43.97 34.76
C PRO A 637 24.38 44.84 33.51
N PRO A 638 23.45 44.68 32.55
CA PRO A 638 23.50 45.42 31.28
C PRO A 638 23.43 46.91 31.56
N GLN A 639 24.26 47.70 30.88
CA GLN A 639 24.26 49.13 31.12
C GLN A 639 22.91 49.70 30.68
N GLY A 640 22.29 50.54 31.52
CA GLY A 640 22.81 50.69 32.86
C GLY A 640 21.80 50.16 33.84
N ARG A 641 22.21 49.12 34.54
CA ARG A 641 21.38 48.49 35.55
C ARG A 641 22.19 48.21 36.81
N LYS A 642 21.54 48.32 37.96
CA LYS A 642 22.19 47.99 39.21
C LYS A 642 21.55 46.84 39.99
N LEU A 643 22.39 45.90 40.43
CA LEU A 643 21.94 44.70 41.10
C LEU A 643 22.61 44.37 42.41
N LEU A 644 21.89 43.72 43.32
CA LEU A 644 22.54 43.36 44.58
C LEU A 644 22.43 41.86 44.80
N ILE A 645 23.54 41.24 45.18
CA ILE A 645 23.54 39.81 45.45
C ILE A 645 23.63 39.60 46.96
N ILE A 646 22.66 38.90 47.55
CA ILE A 646 22.75 38.55 48.97
C ILE A 646 22.88 37.05 49.12
N GLY A 647 23.97 36.58 49.71
CA GLY A 647 24.21 35.16 49.81
C GLY A 647 24.37 34.64 51.22
N THR A 648 23.74 33.51 51.53
CA THR A 648 23.83 32.98 52.90
C THR A 648 24.67 31.71 53.04
N THR A 649 25.77 31.77 53.80
CA THR A 649 26.62 30.60 54.08
C THR A 649 26.81 30.39 55.59
N SER A 650 26.64 29.16 56.06
CA SER A 650 26.84 28.89 57.48
C SER A 650 28.25 28.41 57.77
N ARG A 651 29.08 28.36 56.74
CA ARG A 651 30.46 27.92 56.92
C ARG A 651 31.47 28.87 56.26
N LYS A 652 31.71 30.01 56.89
CA LYS A 652 32.46 31.10 56.29
C LYS A 652 33.92 30.80 55.96
N ASP A 653 34.59 30.11 56.86
CA ASP A 653 36.02 29.81 56.69
C ASP A 653 36.27 28.98 55.44
N VAL A 654 35.46 27.94 55.26
CA VAL A 654 35.71 26.98 54.19
C VAL A 654 35.66 27.73 52.88
N LEU A 655 34.71 28.66 52.81
CA LEU A 655 34.56 29.53 51.67
C LEU A 655 35.74 30.45 51.52
N GLN A 656 36.28 30.91 52.65
CA GLN A 656 37.46 31.78 52.60
C GLN A 656 38.64 31.03 51.95
N GLU A 657 38.78 29.74 52.27
CA GLU A 657 39.87 28.96 51.72
C GLU A 657 39.75 28.90 50.19
N MET A 658 38.51 28.81 49.72
CA MET A 658 38.20 28.79 48.29
C MET A 658 38.65 30.04 47.57
N GLU A 659 38.75 31.13 48.33
CA GLU A 659 39.06 32.49 47.87
C GLU A 659 37.75 33.02 47.32
N MET A 660 36.70 32.29 47.66
CA MET A 660 35.35 32.77 47.47
C MET A 660 35.07 34.04 48.27
N LEU A 661 35.57 34.06 49.50
CA LEU A 661 35.25 35.14 50.44
C LEU A 661 35.72 36.49 49.89
N ASN A 662 36.84 36.46 49.16
CA ASN A 662 37.42 37.65 48.55
C ASN A 662 36.43 38.28 47.58
N ALA A 663 35.68 37.42 46.87
CA ALA A 663 34.81 37.88 45.79
C ALA A 663 33.68 38.76 46.32
N PHE A 664 33.10 38.39 47.46
CA PHE A 664 32.00 39.17 48.01
C PHE A 664 32.47 40.55 48.43
N SER A 665 31.68 41.56 48.08
CA SER A 665 32.03 42.94 48.40
C SER A 665 32.03 43.12 49.92
N THR A 666 31.04 42.54 50.59
CA THR A 666 30.97 42.74 52.04
C THR A 666 30.62 41.48 52.82
N THR A 667 30.99 41.50 54.08
CA THR A 667 30.65 40.45 55.01
C THR A 667 29.78 40.92 56.16
N ILE A 668 28.70 40.21 56.35
CA ILE A 668 27.74 40.45 57.42
C ILE A 668 27.68 39.24 58.34
N HIS A 669 27.72 39.55 59.64
CA HIS A 669 27.80 38.53 60.66
C HIS A 669 26.50 38.35 61.43
N VAL A 670 26.01 37.11 61.47
CA VAL A 670 24.77 36.82 62.16
C VAL A 670 25.11 36.10 63.45
N PRO A 671 24.63 36.61 64.58
CA PRO A 671 24.96 35.90 65.81
C PRO A 671 23.82 35.15 66.50
N ASN A 672 24.11 33.90 66.85
CA ASN A 672 23.25 33.15 67.76
C ASN A 672 23.24 33.85 69.10
N ILE A 673 22.16 33.68 69.85
CA ILE A 673 22.01 34.36 71.13
C ILE A 673 23.14 33.98 72.09
N ALA A 674 23.44 34.87 73.05
CA ALA A 674 24.67 34.70 73.83
C ALA A 674 24.45 34.88 75.34
N THR A 675 23.59 35.81 75.72
CA THR A 675 23.29 36.04 77.13
C THR A 675 21.88 35.50 77.35
N GLY A 676 21.54 35.16 78.58
CA GLY A 676 20.22 34.63 78.86
C GLY A 676 19.08 35.62 78.64
N GLU A 677 19.36 36.91 78.78
CA GLU A 677 18.34 37.95 78.59
C GLU A 677 17.67 37.95 77.21
N GLN A 678 18.48 37.84 76.17
CA GLN A 678 17.97 37.71 74.80
C GLN A 678 17.10 36.47 74.77
N LEU A 679 17.55 35.40 75.41
CA LEU A 679 16.86 34.11 75.33
C LEU A 679 15.45 34.31 75.89
N LEU A 680 15.32 34.99 77.02
CA LEU A 680 13.99 35.18 77.61
C LEU A 680 13.12 36.01 76.73
N GLU A 681 13.67 37.09 76.19
CA GLU A 681 12.87 37.93 75.34
C GLU A 681 12.36 37.12 74.14
N ALA A 682 13.25 36.32 73.56
CA ALA A 682 12.87 35.52 72.41
C ALA A 682 11.73 34.56 72.79
N LEU A 683 11.82 33.96 73.97
CA LEU A 683 10.75 33.06 74.39
C LEU A 683 9.43 33.81 74.58
N GLU A 684 9.48 35.01 75.18
CA GLU A 684 8.24 35.74 75.43
C GLU A 684 7.52 36.16 74.14
N LEU A 685 8.24 36.61 73.12
CA LEU A 685 7.52 37.05 71.90
C LEU A 685 6.71 35.92 71.26
N LEU A 686 7.29 34.73 71.25
CA LEU A 686 6.62 33.53 70.76
C LEU A 686 5.41 33.18 71.63
N GLY A 687 5.55 33.35 72.94
CA GLY A 687 4.46 33.07 73.86
C GLY A 687 4.33 31.59 74.23
N ASN A 688 5.26 30.79 73.75
CA ASN A 688 5.23 29.34 74.00
C ASN A 688 5.43 28.86 75.39
N PHE A 689 6.28 29.53 76.12
CA PHE A 689 6.54 29.11 77.47
C PHE A 689 5.80 29.99 78.40
N LYS A 690 5.12 29.36 79.33
CA LYS A 690 4.25 30.08 80.23
C LYS A 690 5.10 31.04 81.03
N ASP A 691 4.49 32.16 81.38
CA ASP A 691 5.20 33.22 82.08
C ASP A 691 5.72 32.72 83.42
N LYS A 692 4.99 31.85 84.11
CA LYS A 692 5.52 31.31 85.36
C LYS A 692 6.79 30.50 85.06
N GLU A 693 6.74 29.72 83.98
CA GLU A 693 7.94 29.08 83.47
C GLU A 693 8.96 30.11 83.02
N ARG A 694 8.57 31.19 82.35
CA ARG A 694 9.49 32.23 81.86
C ARG A 694 10.22 32.93 83.02
N THR A 695 9.51 33.11 84.12
CA THR A 695 9.96 33.65 85.40
C THR A 695 11.06 32.72 85.89
N THR A 696 10.84 31.41 85.78
CA THR A 696 11.76 30.41 86.32
C THR A 696 12.95 30.24 85.37
N ILE A 697 12.72 30.28 84.05
CA ILE A 697 13.66 29.93 82.98
C ILE A 697 14.63 31.07 82.98
N ALA A 698 14.12 32.29 83.10
CA ALA A 698 15.00 33.44 83.13
C ALA A 698 15.98 33.23 84.26
N GLN A 699 15.50 32.72 85.39
CA GLN A 699 16.42 32.43 86.45
C GLN A 699 17.42 31.28 86.15
N GLN A 700 17.00 30.14 85.57
CA GLN A 700 18.00 29.07 85.37
C GLN A 700 19.07 29.40 84.32
N VAL A 701 18.67 30.07 83.24
CA VAL A 701 19.59 30.28 82.12
C VAL A 701 20.86 31.06 82.46
N LYS A 702 20.76 32.06 83.34
CA LYS A 702 21.94 32.86 83.61
C LYS A 702 22.83 32.17 84.66
N GLY A 703 23.28 30.96 84.32
CA GLY A 703 24.33 30.31 85.08
C GLY A 703 25.59 30.21 84.26
N LYS A 704 25.43 30.33 82.94
CA LYS A 704 26.56 30.24 82.01
C LYS A 704 26.22 30.98 80.72
N LYS A 705 27.24 31.31 79.93
CA LYS A 705 27.04 31.94 78.63
C LYS A 705 26.31 30.96 77.70
N VAL A 706 25.43 31.45 76.85
CA VAL A 706 24.64 30.56 75.98
C VAL A 706 24.96 30.75 74.51
N TRP A 707 25.08 29.67 73.74
CA TRP A 707 25.37 29.81 72.33
C TRP A 707 24.34 29.02 71.53
N ILE A 708 23.12 29.54 71.52
CA ILE A 708 22.04 28.84 70.86
C ILE A 708 21.41 29.62 69.69
N GLY A 709 21.23 28.93 68.56
CA GLY A 709 20.55 29.48 67.39
C GLY A 709 19.06 29.69 67.54
N ILE A 710 18.55 30.76 66.94
CA ILE A 710 17.12 31.08 66.99
C ILE A 710 16.30 29.98 66.31
N LYS A 711 16.77 29.45 65.18
CA LYS A 711 16.07 28.34 64.55
C LYS A 711 16.04 27.20 65.54
N LYS A 712 17.19 27.00 66.17
CA LYS A 712 17.37 26.00 67.21
C LYS A 712 16.44 26.34 68.36
N LEU A 713 16.27 27.63 68.64
CA LEU A 713 15.40 28.04 69.72
C LEU A 713 13.99 27.59 69.43
N LEU A 714 13.57 27.78 68.18
CA LEU A 714 12.23 27.39 67.76
C LEU A 714 12.03 25.89 67.90
N MET A 715 13.05 25.14 67.47
CA MET A 715 13.00 23.69 67.55
C MET A 715 12.87 23.26 69.01
N LEU A 716 13.63 23.94 69.86
CA LEU A 716 13.69 23.65 71.28
C LEU A 716 12.35 23.85 71.92
N ILE A 717 11.75 24.94 71.51
CA ILE A 717 10.46 25.35 71.98
C ILE A 717 9.36 24.38 71.62
N GLU A 718 9.42 23.95 70.37
CA GLU A 718 8.44 23.02 69.88
C GLU A 718 8.54 21.69 70.63
N MET A 719 9.78 21.23 70.86
CA MET A 719 10.00 19.99 71.59
C MET A 719 9.42 20.06 72.99
N SER A 720 9.66 21.21 73.63
CA SER A 720 9.19 21.42 74.99
C SER A 720 7.67 21.40 75.09
N LEU A 721 6.99 21.95 74.08
CA LEU A 721 5.54 22.13 74.16
C LEU A 721 4.75 20.83 74.35
N GLN A 722 5.20 19.73 73.73
CA GLN A 722 4.44 18.48 73.71
C GLN A 722 3.94 17.92 75.05
N MET A 723 4.79 18.04 76.06
CA MET A 723 4.53 17.62 77.44
C MET A 723 3.51 18.43 78.24
N ASP A 724 3.05 17.84 79.35
CA ASP A 724 2.11 18.48 80.24
C ASP A 724 2.87 19.65 80.90
N PRO A 725 2.15 20.60 81.54
CA PRO A 725 2.80 21.85 81.95
C PRO A 725 4.00 21.75 82.90
N GLU A 726 3.91 20.87 83.89
CA GLU A 726 4.99 20.65 84.85
C GLU A 726 6.24 20.10 84.17
N TYR A 727 6.00 19.15 83.27
CA TYR A 727 7.04 18.48 82.48
C TYR A 727 7.73 19.36 81.41
N ARG A 728 6.97 20.21 80.73
CA ARG A 728 7.47 20.95 79.57
C ARG A 728 8.72 21.71 79.92
N VAL A 729 8.68 22.33 81.08
CA VAL A 729 9.77 23.14 81.55
C VAL A 729 11.00 22.30 81.73
N ARG A 730 10.83 21.11 82.32
CA ARG A 730 11.98 20.26 82.56
C ARG A 730 12.64 19.85 81.25
N LYS A 731 11.83 19.42 80.27
CA LYS A 731 12.44 19.02 78.99
C LYS A 731 13.18 20.18 78.39
N PHE A 732 12.55 21.36 78.43
CA PHE A 732 13.18 22.51 77.82
C PHE A 732 14.53 22.77 78.47
N LEU A 733 14.58 22.74 79.79
CA LEU A 733 15.82 23.03 80.49
C LEU A 733 16.90 21.98 80.18
N ALA A 734 16.53 20.70 80.17
CA ALA A 734 17.50 19.66 79.87
C ALA A 734 18.07 19.84 78.45
N LEU A 735 17.17 20.12 77.52
CA LEU A 735 17.53 20.36 76.13
C LEU A 735 18.46 21.58 76.01
N LEU A 736 18.14 22.61 76.78
CA LEU A 736 18.90 23.86 76.80
C LEU A 736 20.31 23.56 77.22
N ARG A 737 20.44 22.71 78.25
CA ARG A 737 21.75 22.29 78.71
C ARG A 737 22.46 21.49 77.62
N GLU A 738 21.73 20.61 76.93
CA GLU A 738 22.30 19.82 75.85
C GLU A 738 22.75 20.68 74.67
N GLU A 739 21.96 21.70 74.33
CA GLU A 739 22.25 22.54 73.17
C GLU A 739 23.01 23.81 73.55
N GLY A 740 24.07 23.66 74.33
CA GLY A 740 24.86 24.80 74.76
C GLY A 740 26.33 24.65 74.39
N MET B 4 5.39 8.91 -71.86
CA MET B 4 5.62 10.14 -71.04
C MET B 4 4.28 10.68 -70.52
N ALA B 5 3.20 10.37 -71.23
CA ALA B 5 1.87 10.83 -70.83
C ALA B 5 1.42 10.10 -69.57
N GLY B 6 1.66 8.80 -69.53
CA GLY B 6 1.28 8.01 -68.37
C GLY B 6 0.40 6.83 -68.75
N ARG B 7 0.99 5.65 -68.79
CA ARG B 7 0.26 4.43 -69.14
C ARG B 7 -0.26 3.71 -67.89
N SER B 8 -1.38 3.02 -68.05
CA SER B 8 -1.98 2.28 -66.95
C SER B 8 -1.17 1.05 -66.60
N MET B 9 -0.96 0.81 -65.31
CA MET B 9 -0.19 -0.33 -64.85
C MET B 9 -0.82 -0.96 -63.61
N GLN B 10 -0.20 -2.02 -63.11
CA GLN B 10 -0.69 -2.72 -61.94
C GLN B 10 0.43 -2.93 -60.94
N ALA B 11 0.11 -2.86 -59.65
CA ALA B 11 1.12 -3.04 -58.60
C ALA B 11 1.25 -4.52 -58.21
N ALA B 12 2.48 -4.93 -57.93
CA ALA B 12 2.76 -6.31 -57.54
C ALA B 12 3.73 -6.35 -56.36
N ARG B 13 4.31 -7.52 -56.12
CA ARG B 13 5.25 -7.70 -55.02
C ARG B 13 6.69 -7.76 -55.54
N CYS B 14 7.63 -7.34 -54.70
CA CYS B 14 9.04 -7.34 -55.06
C CYS B 14 9.55 -8.76 -55.25
N PRO B 15 10.23 -9.03 -56.39
CA PRO B 15 10.79 -10.34 -56.71
C PRO B 15 11.66 -10.90 -55.58
N THR B 16 12.96 -10.64 -55.67
CA THR B 16 13.91 -11.12 -54.66
C THR B 16 14.15 -10.03 -53.61
N ASP B 17 14.89 -10.38 -52.56
CA ASP B 17 15.18 -9.45 -51.49
C ASP B 17 16.25 -8.43 -51.89
N GLU B 18 17.17 -8.86 -52.76
CA GLU B 18 18.24 -7.99 -53.21
C GLU B 18 17.68 -6.70 -53.81
N LEU B 19 16.57 -6.81 -54.51
CA LEU B 19 15.92 -5.67 -55.12
C LEU B 19 15.17 -4.85 -54.07
N SER B 20 14.93 -5.47 -52.92
CA SER B 20 14.24 -4.81 -51.83
C SER B 20 15.21 -3.90 -51.08
N LEU B 21 16.50 -4.10 -51.32
CA LEU B 21 17.55 -3.31 -50.69
C LEU B 21 18.12 -2.29 -51.67
N SER B 22 17.46 -2.14 -52.81
CA SER B 22 17.89 -1.19 -53.83
C SER B 22 16.92 -0.03 -53.94
N ASN B 23 15.77 -0.16 -53.30
CA ASN B 23 14.75 0.88 -53.31
C ASN B 23 14.39 1.25 -54.75
N CYS B 24 14.34 0.24 -55.61
CA CYS B 24 14.01 0.45 -57.02
C CYS B 24 12.75 -0.31 -57.42
N ALA B 25 11.87 0.36 -58.15
CA ALA B 25 10.63 -0.26 -58.60
C ALA B 25 10.93 -1.32 -59.66
N VAL B 26 10.89 -2.58 -59.25
CA VAL B 26 11.16 -3.69 -60.14
C VAL B 26 10.08 -3.83 -61.21
N VAL B 27 10.47 -3.65 -62.47
CA VAL B 27 9.54 -3.75 -63.59
C VAL B 27 9.96 -4.88 -64.53
N SER B 28 9.27 -4.99 -65.66
CA SER B 28 9.57 -6.01 -66.65
C SER B 28 10.33 -5.43 -67.82
N GLU B 29 11.25 -6.21 -68.38
CA GLU B 29 12.05 -5.77 -69.52
C GLU B 29 11.16 -5.53 -70.74
N LYS B 30 9.97 -6.12 -70.73
CA LYS B 30 9.03 -5.98 -71.83
C LYS B 30 8.20 -4.70 -71.67
N ASP B 31 8.66 -3.79 -70.83
CA ASP B 31 7.96 -2.54 -70.59
C ASP B 31 8.93 -1.36 -70.52
N TYR B 32 9.79 -1.38 -69.50
CA TYR B 32 10.76 -0.32 -69.32
C TYR B 32 12.19 -0.88 -69.34
N GLN B 33 13.15 -0.05 -68.97
CA GLN B 33 14.55 -0.46 -68.94
C GLN B 33 15.24 0.08 -67.70
N SER B 34 16.17 -0.72 -67.17
CA SER B 34 16.91 -0.34 -65.97
C SER B 34 17.67 0.96 -66.17
N GLY B 35 17.33 1.97 -65.40
CA GLY B 35 17.99 3.27 -65.51
C GLY B 35 17.01 4.41 -65.65
N GLN B 36 15.87 4.14 -66.25
CA GLN B 36 14.85 5.16 -66.45
C GLN B 36 14.13 5.49 -65.15
N HIS B 37 13.65 6.72 -65.03
CA HIS B 37 12.95 7.18 -63.84
C HIS B 37 11.48 7.39 -64.17
N VAL B 38 10.60 7.15 -63.20
CA VAL B 38 9.17 7.32 -63.42
C VAL B 38 8.47 7.95 -62.21
N ILE B 39 7.30 8.53 -62.46
CA ILE B 39 6.51 9.17 -61.43
C ILE B 39 5.17 8.43 -61.29
N VAL B 40 5.03 7.70 -60.19
CA VAL B 40 3.80 6.93 -59.94
C VAL B 40 2.65 7.83 -59.49
N ARG B 41 1.54 7.75 -60.22
CA ARG B 41 0.35 8.54 -59.91
C ARG B 41 -0.70 7.61 -59.29
N THR B 42 -1.28 8.05 -58.18
CA THR B 42 -2.29 7.25 -57.50
C THR B 42 -3.58 8.03 -57.25
N SER B 43 -3.43 9.33 -57.04
CA SER B 43 -4.57 10.21 -56.78
C SER B 43 -4.30 11.60 -57.34
N PRO B 44 -5.16 12.58 -57.03
CA PRO B 44 -4.93 13.93 -57.57
C PRO B 44 -3.57 14.55 -57.22
N ASN B 45 -3.29 14.65 -55.92
CA ASN B 45 -2.03 15.24 -55.47
C ASN B 45 -1.14 14.33 -54.67
N HIS B 46 -0.87 13.14 -55.19
CA HIS B 46 -0.01 12.16 -54.53
C HIS B 46 0.94 11.54 -55.54
N LYS B 47 1.94 12.31 -55.95
CA LYS B 47 2.93 11.86 -56.92
C LYS B 47 4.20 11.41 -56.23
N TYR B 48 4.73 10.27 -56.67
CA TYR B 48 5.95 9.73 -56.09
C TYR B 48 6.92 9.32 -57.19
N ILE B 49 8.21 9.60 -56.98
CA ILE B 49 9.23 9.28 -57.97
C ILE B 49 10.06 8.08 -57.54
N PHE B 50 10.21 7.11 -58.45
CA PHE B 50 10.99 5.91 -58.17
C PHE B 50 12.00 5.62 -59.28
N THR B 51 12.85 4.63 -59.05
CA THR B 51 13.86 4.22 -60.02
C THR B 51 13.44 2.84 -60.54
N LEU B 52 13.78 2.54 -61.79
CA LEU B 52 13.40 1.26 -62.37
C LEU B 52 14.54 0.26 -62.45
N ARG B 53 14.20 -1.01 -62.26
CA ARG B 53 15.17 -2.10 -62.31
C ARG B 53 14.45 -3.39 -62.73
N THR B 54 14.47 -3.67 -64.03
CA THR B 54 13.81 -4.85 -64.57
C THR B 54 14.25 -6.15 -63.93
N HIS B 55 13.47 -7.21 -64.15
CA HIS B 55 13.75 -8.54 -63.61
C HIS B 55 12.89 -9.56 -64.32
N PRO B 56 13.49 -10.69 -64.76
CA PRO B 56 12.79 -11.78 -65.45
C PRO B 56 11.64 -12.41 -64.68
N SER B 57 11.26 -11.80 -63.56
CA SER B 57 10.17 -12.32 -62.74
C SER B 57 8.97 -11.38 -62.71
N VAL B 58 9.07 -10.26 -63.43
CA VAL B 58 8.00 -9.28 -63.48
C VAL B 58 7.08 -9.54 -64.67
N VAL B 59 5.78 -9.36 -64.45
CA VAL B 59 4.78 -9.57 -65.49
C VAL B 59 4.51 -8.27 -66.26
N PRO B 60 4.49 -8.34 -67.60
CA PRO B 60 4.24 -7.17 -68.44
C PRO B 60 2.96 -6.42 -68.07
N GLY B 61 3.06 -5.10 -67.95
CA GLY B 61 1.91 -4.30 -67.61
C GLY B 61 1.70 -4.16 -66.11
N SER B 62 2.77 -4.31 -65.34
CA SER B 62 2.69 -4.19 -63.89
C SER B 62 4.06 -3.92 -63.28
N VAL B 63 4.08 -3.08 -62.25
CA VAL B 63 5.31 -2.72 -61.56
C VAL B 63 5.31 -3.31 -60.15
N ALA B 64 6.47 -3.76 -59.69
CA ALA B 64 6.60 -4.35 -58.37
C ALA B 64 7.31 -3.40 -57.40
N PHE B 65 6.82 -3.35 -56.16
CA PHE B 65 7.41 -2.48 -55.15
C PHE B 65 7.70 -3.27 -53.88
N SER B 66 8.62 -2.76 -53.06
CA SER B 66 8.99 -3.41 -51.82
C SER B 66 8.12 -2.91 -50.67
N LEU B 67 8.08 -3.68 -49.58
CA LEU B 67 7.28 -3.33 -48.41
C LEU B 67 7.45 -1.86 -48.01
N PRO B 68 8.70 -1.38 -47.88
CA PRO B 68 8.95 0.01 -47.50
C PRO B 68 8.26 0.99 -48.44
N GLN B 69 8.57 0.85 -49.73
CA GLN B 69 8.01 1.73 -50.76
C GLN B 69 6.49 1.69 -50.75
N ARG B 70 5.94 0.53 -50.41
CA ARG B 70 4.48 0.35 -50.36
C ARG B 70 3.86 0.96 -49.12
N LYS B 71 4.66 1.16 -48.09
CA LYS B 71 4.18 1.78 -46.85
C LYS B 71 4.49 3.27 -46.87
N TRP B 72 5.13 3.71 -47.95
CA TRP B 72 5.50 5.12 -48.12
C TRP B 72 4.60 5.77 -49.17
N ALA B 73 4.49 5.14 -50.33
CA ALA B 73 3.67 5.65 -51.41
C ALA B 73 2.19 5.35 -51.16
N GLY B 74 1.93 4.39 -50.29
CA GLY B 74 0.56 4.03 -49.98
C GLY B 74 -0.07 3.19 -51.06
N LEU B 75 0.78 2.50 -51.84
CA LEU B 75 0.32 1.66 -52.93
C LEU B 75 -0.33 0.38 -52.38
N SER B 76 -0.82 -0.45 -53.28
CA SER B 76 -1.46 -1.71 -52.91
C SER B 76 -1.43 -2.68 -54.10
N ILE B 77 -1.51 -3.97 -53.81
CA ILE B 77 -1.49 -4.99 -54.86
C ILE B 77 -2.82 -5.02 -55.61
N GLY B 78 -2.74 -5.05 -56.94
CA GLY B 78 -3.95 -5.09 -57.74
C GLY B 78 -4.43 -3.75 -58.25
N GLN B 79 -4.36 -2.72 -57.41
CA GLN B 79 -4.80 -1.38 -57.80
C GLN B 79 -4.15 -0.92 -59.11
N GLU B 80 -4.88 -0.08 -59.85
CA GLU B 80 -4.37 0.43 -61.12
C GLU B 80 -3.72 1.80 -60.92
N ILE B 81 -2.44 1.90 -61.22
CA ILE B 81 -1.71 3.15 -61.08
C ILE B 81 -1.28 3.69 -62.45
N GLU B 82 -0.95 4.97 -62.50
CA GLU B 82 -0.52 5.59 -63.74
C GLU B 82 0.95 5.98 -63.68
N VAL B 83 1.78 5.21 -64.37
CA VAL B 83 3.23 5.45 -64.41
C VAL B 83 3.60 6.29 -65.63
N ALA B 84 4.48 7.26 -65.42
CA ALA B 84 4.94 8.14 -66.49
C ALA B 84 6.44 8.39 -66.41
N LEU B 85 7.08 8.45 -67.56
CA LEU B 85 8.53 8.67 -67.63
C LEU B 85 8.89 10.02 -67.02
N TYR B 86 10.05 10.08 -66.36
CA TYR B 86 10.52 11.30 -65.74
C TYR B 86 12.03 11.42 -65.85
N SER B 87 12.49 12.52 -66.44
CA SER B 87 13.92 12.75 -66.62
C SER B 87 14.42 13.88 -65.72
N PHE B 88 15.39 13.57 -64.86
CA PHE B 88 15.95 14.55 -63.95
C PHE B 88 16.86 15.53 -64.68
N ASP B 89 16.98 16.75 -64.14
CA ASP B 89 17.82 17.78 -64.71
C ASP B 89 19.14 17.79 -63.95
N LYS B 90 20.03 16.86 -64.27
CA LYS B 90 21.32 16.76 -63.62
C LYS B 90 22.05 18.09 -63.55
N ALA B 91 21.65 19.03 -64.41
CA ALA B 91 22.26 20.35 -64.44
C ALA B 91 22.07 21.09 -63.11
N LYS B 92 21.07 20.67 -62.34
CA LYS B 92 20.80 21.32 -61.06
C LYS B 92 19.89 20.48 -60.16
N GLN B 93 20.09 19.17 -60.16
CA GLN B 93 19.27 18.28 -59.33
C GLN B 93 20.08 17.13 -58.74
N CYS B 94 21.32 16.98 -59.21
CA CYS B 94 22.19 15.93 -58.72
C CYS B 94 22.45 16.10 -57.22
N ILE B 95 22.41 15.00 -56.49
CA ILE B 95 22.64 15.04 -55.05
C ILE B 95 24.13 15.01 -54.72
N GLY B 96 24.54 15.93 -53.83
CA GLY B 96 25.93 15.99 -53.44
C GLY B 96 26.08 15.90 -51.93
N THR B 97 25.03 16.30 -51.22
CA THR B 97 25.02 16.26 -49.76
C THR B 97 23.58 16.01 -49.27
N MET B 98 23.30 14.76 -48.93
CA MET B 98 21.97 14.39 -48.46
C MET B 98 21.99 13.76 -47.07
N THR B 99 21.25 14.36 -46.15
CA THR B 99 21.16 13.85 -44.78
C THR B 99 20.05 12.80 -44.71
N ILE B 100 20.28 11.76 -43.93
CA ILE B 100 19.29 10.69 -43.79
C ILE B 100 19.08 10.27 -42.34
N GLU B 101 17.82 10.02 -41.99
CA GLU B 101 17.46 9.59 -40.65
C GLU B 101 17.50 8.07 -40.61
N ILE B 102 18.30 7.51 -39.70
CA ILE B 102 18.42 6.06 -39.59
C ILE B 102 18.04 5.55 -38.20
N ASP B 103 17.46 4.36 -38.16
CA ASP B 103 17.04 3.74 -36.91
C ASP B 103 16.72 2.27 -37.16
N PHE B 104 16.86 1.44 -36.13
CA PHE B 104 16.59 0.02 -36.24
C PHE B 104 15.18 -0.24 -36.78
N LEU B 105 15.12 -0.93 -37.91
CA LEU B 105 13.84 -1.25 -38.53
C LEU B 105 13.04 -2.18 -37.63
N GLN B 106 13.68 -3.28 -37.21
CA GLN B 106 13.05 -4.25 -36.34
C GLN B 106 13.36 -3.92 -34.88
N LYS B 107 12.34 -3.48 -34.15
CA LYS B 107 12.50 -3.11 -32.75
C LYS B 107 12.87 -4.31 -31.88
N LYS B 108 12.98 -5.48 -32.50
CA LYS B 108 13.33 -6.69 -31.79
C LYS B 108 14.80 -7.04 -31.99
N ASN B 109 15.55 -6.09 -32.54
CA ASN B 109 16.97 -6.30 -32.79
C ASN B 109 17.78 -5.04 -32.49
N ILE B 110 17.35 -4.29 -31.47
CA ILE B 110 18.02 -3.06 -31.08
C ILE B 110 19.16 -3.35 -30.10
N ASP B 111 20.34 -2.84 -30.41
CA ASP B 111 21.51 -3.03 -29.57
C ASP B 111 22.18 -1.70 -29.23
N SER B 112 23.33 -1.77 -28.58
CA SER B 112 24.07 -0.56 -28.20
C SER B 112 25.47 -0.56 -28.77
N ASN B 113 25.73 -1.45 -29.73
CA ASN B 113 27.04 -1.54 -30.35
C ASN B 113 27.28 -0.38 -31.32
N PRO B 114 28.56 -0.02 -31.54
CA PRO B 114 28.92 1.08 -32.45
C PRO B 114 28.84 0.69 -33.93
N TYR B 115 28.40 1.63 -34.76
CA TYR B 115 28.29 1.40 -36.19
C TYR B 115 28.98 2.51 -36.97
N ASP B 116 30.13 2.20 -37.54
CA ASP B 116 30.90 3.18 -38.32
C ASP B 116 30.05 3.73 -39.46
N THR B 117 29.85 5.04 -39.46
CA THR B 117 29.06 5.72 -40.48
C THR B 117 29.81 5.83 -41.80
N ASP B 118 31.12 6.05 -41.72
CA ASP B 118 31.94 6.19 -42.92
C ASP B 118 31.77 4.97 -43.84
N LYS B 119 31.66 3.80 -43.24
CA LYS B 119 31.49 2.57 -44.00
C LYS B 119 30.07 2.46 -44.55
N MET B 120 29.14 3.12 -43.86
CA MET B 120 27.74 3.10 -44.27
C MET B 120 27.53 3.95 -45.52
N ALA B 121 28.16 5.12 -45.54
CA ALA B 121 28.04 6.03 -46.68
C ALA B 121 28.66 5.41 -47.92
N ALA B 122 29.69 4.59 -47.72
CA ALA B 122 30.37 3.93 -48.83
C ALA B 122 29.50 2.82 -49.42
N GLU B 123 28.93 2.00 -48.55
CA GLU B 123 28.07 0.90 -48.99
C GLU B 123 26.73 1.42 -49.47
N PHE B 124 26.39 2.64 -49.06
CA PHE B 124 25.12 3.26 -49.43
C PHE B 124 25.12 3.65 -50.90
N ILE B 125 26.15 4.37 -51.33
CA ILE B 125 26.27 4.82 -52.70
C ILE B 125 26.59 3.64 -53.62
N GLN B 126 27.18 2.59 -53.03
CA GLN B 126 27.55 1.41 -53.79
C GLN B 126 26.32 0.58 -54.15
N GLN B 127 25.20 0.83 -53.48
CA GLN B 127 23.97 0.10 -53.74
C GLN B 127 22.85 1.01 -54.20
N PHE B 128 22.95 2.30 -53.90
CA PHE B 128 21.92 3.25 -54.28
C PHE B 128 22.47 4.32 -55.22
N ASN B 129 23.32 3.91 -56.15
CA ASN B 129 23.90 4.84 -57.12
C ASN B 129 22.97 5.02 -58.31
N ASN B 130 22.95 6.22 -58.86
CA ASN B 130 22.09 6.53 -60.00
C ASN B 130 20.64 6.18 -59.70
N GLN B 131 20.10 6.81 -58.66
CA GLN B 131 18.72 6.57 -58.25
C GLN B 131 18.04 7.84 -57.76
N ALA B 132 16.72 7.80 -57.65
CA ALA B 132 15.94 8.95 -57.20
C ALA B 132 15.52 8.84 -55.74
N PHE B 133 15.75 9.91 -54.99
CA PHE B 133 15.39 9.97 -53.58
C PHE B 133 14.64 11.28 -53.29
N SER B 134 13.56 11.18 -52.52
CA SER B 134 12.77 12.35 -52.18
C SER B 134 12.88 12.67 -50.69
N VAL B 135 12.69 13.94 -50.35
CA VAL B 135 12.78 14.38 -48.96
C VAL B 135 11.64 13.79 -48.14
N GLY B 136 11.94 12.76 -47.36
CA GLY B 136 10.92 12.14 -46.54
C GLY B 136 10.59 10.73 -47.02
N GLN B 137 11.41 10.22 -47.94
CA GLN B 137 11.21 8.88 -48.49
C GLN B 137 11.66 7.82 -47.50
N GLN B 138 10.94 6.71 -47.46
CA GLN B 138 11.26 5.61 -46.55
C GLN B 138 11.82 4.42 -47.31
N LEU B 139 12.78 3.72 -46.70
CA LEU B 139 13.40 2.55 -47.31
C LEU B 139 14.23 1.79 -46.28
N VAL B 140 14.66 0.60 -46.66
CA VAL B 140 15.46 -0.24 -45.77
C VAL B 140 16.92 -0.30 -46.20
N PHE B 141 17.82 -0.33 -45.23
CA PHE B 141 19.26 -0.38 -45.50
C PHE B 141 19.87 -1.58 -44.77
N SER B 142 20.45 -2.50 -45.53
CA SER B 142 21.07 -3.68 -44.93
C SER B 142 22.57 -3.50 -44.76
N PHE B 143 22.97 -3.16 -43.54
CA PHE B 143 24.38 -2.95 -43.22
C PHE B 143 24.87 -4.08 -42.32
N ASN B 144 25.66 -4.98 -42.89
CA ASN B 144 26.19 -6.13 -42.15
C ASN B 144 25.06 -7.04 -41.68
N ASP B 145 24.21 -7.43 -42.61
CA ASP B 145 23.09 -8.31 -42.30
C ASP B 145 22.12 -7.68 -41.30
N LYS B 146 22.35 -6.40 -41.00
CA LYS B 146 21.51 -5.69 -40.05
C LYS B 146 20.59 -4.73 -40.81
N LEU B 147 19.29 -4.85 -40.58
CA LEU B 147 18.32 -4.00 -41.25
C LEU B 147 18.03 -2.70 -40.49
N PHE B 148 17.95 -1.60 -41.23
CA PHE B 148 17.67 -0.30 -40.65
C PHE B 148 16.55 0.40 -41.42
N GLY B 149 16.09 1.53 -40.89
CA GLY B 149 15.03 2.28 -41.54
C GLY B 149 15.46 3.70 -41.84
N LEU B 150 15.91 3.93 -43.07
CA LEU B 150 16.36 5.25 -43.48
C LEU B 150 15.17 6.20 -43.70
N LEU B 151 15.47 7.50 -43.73
CA LEU B 151 14.45 8.52 -43.94
C LEU B 151 15.09 9.84 -44.33
N VAL B 152 15.03 10.17 -45.63
CA VAL B 152 15.61 11.40 -46.14
C VAL B 152 15.06 12.61 -45.41
N LYS B 153 15.94 13.54 -45.06
CA LYS B 153 15.55 14.75 -44.34
C LYS B 153 15.94 16.00 -45.13
N ASP B 154 17.15 16.01 -45.65
CA ASP B 154 17.65 17.15 -46.42
C ASP B 154 18.51 16.69 -47.59
N ILE B 155 18.37 17.37 -48.72
CA ILE B 155 19.13 17.05 -49.92
C ILE B 155 19.71 18.31 -50.55
N GLU B 156 20.99 18.25 -50.91
CA GLU B 156 21.67 19.39 -51.52
C GLU B 156 22.29 19.02 -52.86
N ALA B 157 22.31 19.97 -53.78
CA ALA B 157 22.88 19.74 -55.11
C ALA B 157 24.34 20.15 -55.14
N MET B 158 25.10 19.57 -56.08
CA MET B 158 26.52 19.88 -56.21
C MET B 158 26.71 21.31 -56.71
N ARG B 172 25.67 26.02 -51.85
CA ARG B 172 24.84 24.88 -52.23
C ARG B 172 23.36 25.26 -52.33
N GLN B 173 22.60 24.42 -53.04
CA GLN B 173 21.17 24.65 -53.22
C GLN B 173 20.38 23.45 -52.72
N LYS B 174 19.35 23.73 -51.92
CA LYS B 174 18.51 22.67 -51.37
C LYS B 174 17.38 22.29 -52.33
N ILE B 175 17.28 21.01 -52.65
CA ILE B 175 16.25 20.51 -53.54
C ILE B 175 15.34 19.55 -52.79
N GLU B 176 14.13 19.35 -53.32
CA GLU B 176 13.16 18.46 -52.69
C GLU B 176 13.28 17.05 -53.26
N VAL B 177 13.93 16.94 -54.41
CA VAL B 177 14.13 15.64 -55.07
C VAL B 177 15.36 15.70 -55.96
N GLY B 178 16.22 14.70 -55.83
CA GLY B 178 17.43 14.68 -56.64
C GLY B 178 17.83 13.29 -57.14
N LEU B 179 19.00 13.20 -57.75
CA LEU B 179 19.50 11.94 -58.28
C LEU B 179 20.89 11.62 -57.71
N VAL B 180 20.95 10.57 -56.90
CA VAL B 180 22.21 10.16 -56.30
C VAL B 180 23.18 9.67 -57.36
N VAL B 181 24.40 10.18 -57.31
CA VAL B 181 25.44 9.79 -58.27
C VAL B 181 26.64 9.19 -57.57
N GLY B 182 27.76 9.07 -58.30
CA GLY B 182 28.95 8.50 -57.72
C GLY B 182 29.50 9.30 -56.55
N ASN B 183 30.00 10.50 -56.84
CA ASN B 183 30.55 11.38 -55.81
C ASN B 183 29.45 12.03 -54.98
N SER B 184 28.56 11.21 -54.42
CA SER B 184 27.46 11.71 -53.61
C SER B 184 27.74 11.48 -52.12
N GLN B 185 28.05 12.57 -51.41
CA GLN B 185 28.33 12.51 -49.99
C GLN B 185 27.03 12.36 -49.21
N VAL B 186 27.03 11.47 -48.21
CA VAL B 186 25.85 11.23 -47.40
C VAL B 186 26.14 11.37 -45.91
N ALA B 187 25.16 11.85 -45.17
CA ALA B 187 25.30 12.04 -43.72
C ALA B 187 24.12 11.39 -43.00
N PHE B 188 24.42 10.66 -41.93
CA PHE B 188 23.37 9.97 -41.17
C PHE B 188 23.18 10.61 -39.79
N GLU B 189 21.99 10.44 -39.24
CA GLU B 189 21.67 10.98 -37.93
C GLU B 189 20.56 10.17 -37.28
N LYS B 190 20.86 9.59 -36.12
CA LYS B 190 19.88 8.78 -35.39
C LYS B 190 18.57 9.54 -35.20
N ALA B 191 17.46 8.83 -35.39
CA ALA B 191 16.14 9.43 -35.24
C ALA B 191 15.89 9.76 -33.77
N GLU B 192 14.83 10.52 -33.51
CA GLU B 192 14.49 10.90 -32.14
C GLU B 192 14.05 9.66 -31.36
N ASN B 193 14.41 9.63 -30.08
CA ASN B 193 14.07 8.51 -29.21
C ASN B 193 14.71 7.22 -29.70
N SER B 194 15.95 7.33 -30.18
CA SER B 194 16.68 6.16 -30.68
C SER B 194 17.89 5.87 -29.81
N SER B 195 18.33 4.62 -29.81
CA SER B 195 19.48 4.21 -29.03
C SER B 195 20.65 3.82 -29.93
N LEU B 196 20.50 4.09 -31.22
CA LEU B 196 21.55 3.78 -32.18
C LEU B 196 22.80 4.60 -31.93
N ASN B 197 23.95 3.92 -31.90
CA ASN B 197 25.23 4.59 -31.66
C ASN B 197 26.01 4.72 -32.97
N LEU B 198 26.11 5.94 -33.48
CA LEU B 198 26.83 6.19 -34.72
C LEU B 198 28.17 6.86 -34.43
N ILE B 199 29.21 6.39 -35.11
CA ILE B 199 30.55 6.96 -34.93
C ILE B 199 31.11 7.45 -36.25
N GLY B 200 32.21 8.22 -36.17
CA GLY B 200 32.83 8.75 -37.37
C GLY B 200 32.23 10.08 -37.80
N LYS B 201 32.93 10.79 -38.67
CA LYS B 201 32.46 12.07 -39.16
C LYS B 201 31.66 11.97 -40.45
N ALA B 202 30.56 11.23 -40.39
CA ALA B 202 29.67 11.05 -41.54
C ALA B 202 28.25 11.20 -41.02
N LYS B 203 28.13 11.84 -39.87
CA LYS B 203 26.84 12.05 -39.22
C LYS B 203 26.34 13.47 -39.46
N THR B 204 25.74 14.06 -38.43
CA THR B 204 25.21 15.43 -38.50
C THR B 204 24.42 15.65 -39.79
N LYS B 220 34.85 40.44 -16.62
CA LYS B 220 35.87 40.67 -15.59
C LYS B 220 35.23 41.21 -14.31
N MET B 221 33.92 41.06 -14.20
CA MET B 221 33.19 41.51 -13.03
C MET B 221 32.09 40.53 -12.60
N GLY B 222 31.70 40.55 -11.33
CA GLY B 222 32.31 41.43 -10.34
C GLY B 222 32.74 40.69 -9.10
N ILE B 223 33.98 40.92 -8.68
CA ILE B 223 34.57 40.30 -7.49
C ILE B 223 35.72 41.16 -7.01
N GLY B 224 35.57 41.75 -5.82
CA GLY B 224 36.56 42.68 -5.31
C GLY B 224 37.76 42.00 -4.68
N GLY B 225 38.95 42.37 -5.16
CA GLY B 225 40.18 41.72 -4.73
C GLY B 225 40.24 40.34 -5.36
N LEU B 226 41.11 39.47 -4.84
CA LEU B 226 41.22 38.09 -5.35
C LEU B 226 41.29 38.13 -6.86
N ASP B 227 42.36 38.71 -7.38
CA ASP B 227 42.56 38.71 -8.81
C ASP B 227 43.74 37.87 -9.25
N LYS B 228 44.86 37.92 -8.52
CA LYS B 228 45.99 37.07 -8.88
C LYS B 228 45.70 35.60 -8.62
N GLU B 229 45.23 35.29 -7.41
CA GLU B 229 44.98 33.91 -7.04
C GLU B 229 43.86 33.38 -7.93
N PHE B 230 42.80 34.17 -8.01
CA PHE B 230 41.62 33.78 -8.77
C PHE B 230 42.09 33.57 -10.19
N SER B 231 42.92 34.48 -10.70
CA SER B 231 43.29 34.44 -12.12
C SER B 231 44.01 33.13 -12.37
N ASP B 232 44.97 32.80 -11.52
CA ASP B 232 45.75 31.59 -11.76
C ASP B 232 44.82 30.38 -11.71
N ILE B 233 43.95 30.30 -10.70
CA ILE B 233 43.11 29.11 -10.53
C ILE B 233 42.17 28.97 -11.74
N PHE B 234 41.64 30.13 -12.16
CA PHE B 234 40.62 30.28 -13.17
C PHE B 234 41.32 29.71 -14.39
N ARG B 235 42.53 30.20 -14.61
CA ARG B 235 43.29 29.82 -15.79
C ARG B 235 43.50 28.31 -15.76
N ARG B 236 43.95 27.75 -14.64
CA ARG B 236 44.31 26.34 -14.66
C ARG B 236 43.12 25.43 -14.96
N ALA B 237 41.97 25.68 -14.34
CA ALA B 237 40.80 24.86 -14.66
C ALA B 237 40.18 25.11 -16.05
N PHE B 238 39.93 26.38 -16.35
CA PHE B 238 39.33 26.85 -17.61
C PHE B 238 40.19 26.86 -18.87
N ALA B 239 41.43 27.34 -18.77
CA ALA B 239 42.39 27.38 -19.88
C ALA B 239 42.67 25.98 -20.43
N SER B 240 42.89 25.02 -19.55
CA SER B 240 43.17 23.67 -20.02
C SER B 240 41.97 23.22 -20.85
N ARG B 241 40.75 23.49 -20.38
CA ARG B 241 39.57 23.26 -21.20
C ARG B 241 39.50 24.13 -22.48
N VAL B 242 39.96 25.38 -22.39
CA VAL B 242 39.66 26.43 -23.38
C VAL B 242 40.40 26.23 -24.68
N PHE B 243 41.66 25.80 -24.61
CA PHE B 243 42.48 25.73 -25.81
C PHE B 243 41.76 24.74 -26.72
N PRO B 244 41.53 25.18 -27.98
CA PRO B 244 40.77 24.47 -29.01
C PRO B 244 41.42 23.98 -30.32
N PRO B 245 41.17 22.72 -30.67
CA PRO B 245 40.87 21.70 -29.67
C PRO B 245 42.02 20.69 -29.51
N GLU B 246 42.96 20.74 -30.44
CA GLU B 246 44.05 19.80 -30.49
C GLU B 246 45.01 20.05 -29.35
N ILE B 247 44.99 21.27 -28.81
CA ILE B 247 46.00 21.64 -27.85
C ILE B 247 45.95 20.72 -26.66
N VAL B 248 44.76 20.38 -26.18
CA VAL B 248 44.65 19.52 -25.00
C VAL B 248 45.32 18.18 -25.29
N GLU B 249 45.07 17.60 -26.46
CA GLU B 249 45.70 16.33 -26.75
C GLU B 249 47.21 16.60 -26.75
N GLN B 250 47.64 17.74 -27.31
CA GLN B 250 49.05 18.14 -27.34
C GLN B 250 49.63 18.26 -25.93
N MET B 251 48.86 18.86 -25.03
CA MET B 251 49.03 18.89 -23.58
C MET B 251 48.91 17.47 -22.97
N GLY B 252 47.95 16.70 -23.50
CA GLY B 252 47.67 15.34 -23.06
C GLY B 252 47.31 15.05 -21.65
N CYS B 253 46.52 15.94 -21.05
CA CYS B 253 46.13 15.75 -19.69
C CYS B 253 44.62 15.63 -19.65
N LYS B 254 44.14 14.62 -18.93
CA LYS B 254 42.71 14.44 -18.77
C LYS B 254 42.27 15.67 -18.01
N HIS B 255 41.09 16.16 -18.32
CA HIS B 255 40.61 17.38 -17.71
C HIS B 255 40.43 17.19 -16.21
N VAL B 256 40.72 18.26 -15.46
CA VAL B 256 40.61 18.26 -14.00
C VAL B 256 39.16 18.04 -13.58
N LYS B 257 38.96 17.28 -12.51
CA LYS B 257 37.62 16.93 -12.05
C LYS B 257 36.90 18.02 -11.26
N GLY B 258 37.61 18.69 -10.33
CA GLY B 258 36.95 19.66 -9.47
C GLY B 258 37.89 20.68 -8.85
N ILE B 259 37.34 21.80 -8.40
CA ILE B 259 38.13 22.79 -7.67
C ILE B 259 37.41 23.09 -6.33
N LEU B 260 38.15 23.12 -5.21
CA LEU B 260 37.53 23.41 -3.89
C LEU B 260 38.10 24.61 -3.15
N LEU B 261 37.22 25.46 -2.61
CA LEU B 261 37.67 26.65 -1.86
C LEU B 261 37.24 26.69 -0.39
N TYR B 262 38.21 26.94 0.49
CA TYR B 262 37.93 27.07 1.91
C TYR B 262 38.33 28.45 2.46
N GLY B 263 37.40 29.09 3.16
CA GLY B 263 37.60 30.47 3.63
C GLY B 263 37.07 30.84 5.00
N PRO B 264 37.58 31.94 5.58
CA PRO B 264 36.99 32.44 6.82
C PRO B 264 35.60 32.94 6.52
N PRO B 265 34.72 32.93 7.53
CA PRO B 265 33.34 33.30 7.23
C PRO B 265 33.17 34.76 6.84
N GLY B 266 32.23 34.99 5.93
CA GLY B 266 31.92 36.32 5.44
C GLY B 266 32.79 36.81 4.29
N CYS B 267 33.66 35.94 3.79
CA CYS B 267 34.53 36.35 2.69
C CYS B 267 33.81 36.33 1.33
N GLY B 268 32.50 36.07 1.34
CA GLY B 268 31.76 36.02 0.09
C GLY B 268 32.20 34.98 -0.89
N LYS B 269 32.52 33.79 -0.39
CA LYS B 269 32.97 32.68 -1.22
C LYS B 269 31.88 32.33 -2.22
N THR B 270 30.62 32.33 -1.77
CA THR B 270 29.52 31.81 -2.55
C THR B 270 29.37 32.61 -3.84
N LEU B 271 29.47 33.93 -3.72
CA LEU B 271 29.30 34.81 -4.85
C LEU B 271 30.38 34.49 -5.88
N LEU B 272 31.60 34.26 -5.40
CA LEU B 272 32.69 33.97 -6.30
C LEU B 272 32.36 32.70 -7.07
N ALA B 273 31.86 31.69 -6.36
CA ALA B 273 31.51 30.43 -7.03
C ALA B 273 30.41 30.54 -8.09
N ARG B 274 29.34 31.27 -7.77
CA ARG B 274 28.26 31.41 -8.74
C ARG B 274 28.86 32.06 -9.98
N GLN B 275 29.65 33.11 -9.74
CA GLN B 275 30.24 33.87 -10.84
C GLN B 275 31.15 33.01 -11.71
N ILE B 276 31.97 32.19 -11.06
CA ILE B 276 32.94 31.37 -11.76
C ILE B 276 32.14 30.41 -12.65
N GLY B 277 31.09 29.82 -12.09
CA GLY B 277 30.27 28.89 -12.85
C GLY B 277 29.64 29.58 -14.05
N LYS B 278 29.11 30.77 -13.84
CA LYS B 278 28.47 31.52 -14.92
C LYS B 278 29.47 31.79 -16.04
N MET B 279 30.66 32.25 -15.64
CA MET B 279 31.73 32.62 -16.55
C MET B 279 32.17 31.44 -17.41
N LEU B 280 32.24 30.26 -16.77
CA LEU B 280 32.72 29.05 -17.43
C LEU B 280 31.91 28.55 -18.62
N ASN B 281 30.59 28.60 -18.50
CA ASN B 281 29.72 28.09 -19.56
C ASN B 281 28.65 29.11 -19.90
N ALA B 282 28.18 29.07 -21.14
CA ALA B 282 27.05 29.92 -21.51
C ALA B 282 25.91 29.59 -20.55
N ARG B 283 25.58 28.31 -20.45
CA ARG B 283 24.74 27.82 -19.36
C ARG B 283 25.19 26.43 -18.95
N GLU B 284 25.52 26.24 -17.68
CA GLU B 284 25.80 24.88 -17.20
C GLU B 284 24.52 24.01 -17.29
N PRO B 285 23.36 24.54 -16.81
CA PRO B 285 23.16 25.74 -16.01
C PRO B 285 23.02 25.44 -14.52
N LYS B 286 23.98 25.97 -13.77
CA LYS B 286 24.19 25.88 -12.32
C LYS B 286 23.36 24.87 -11.52
N VAL B 287 24.01 24.09 -10.67
CA VAL B 287 23.29 23.17 -9.80
C VAL B 287 23.59 23.50 -8.36
N VAL B 288 22.53 23.60 -7.55
CA VAL B 288 22.68 24.00 -6.16
C VAL B 288 22.32 22.80 -5.30
N ASN B 289 23.14 22.54 -4.29
CA ASN B 289 22.88 21.42 -3.42
C ASN B 289 22.49 21.83 -2.03
N GLY B 290 21.40 21.27 -1.53
CA GLY B 290 20.99 21.65 -0.21
C GLY B 290 22.04 21.09 0.72
N PRO B 291 22.19 21.74 1.89
CA PRO B 291 23.16 21.54 2.97
C PRO B 291 22.94 20.16 3.57
N GLU B 292 21.66 19.83 3.74
CA GLU B 292 21.30 18.54 4.29
C GLU B 292 21.83 17.54 3.30
N ILE B 293 21.59 17.79 2.00
CA ILE B 293 22.15 16.92 0.96
C ILE B 293 21.43 15.60 1.04
N LEU B 294 21.46 15.05 2.25
CA LEU B 294 21.05 13.71 2.57
C LEU B 294 19.62 13.60 3.12
N ASN B 295 18.78 14.63 2.96
CA ASN B 295 17.44 14.58 3.55
C ASN B 295 16.65 13.39 2.97
N LYS B 296 15.84 12.71 3.81
CA LYS B 296 15.13 11.43 3.56
C LYS B 296 15.94 10.21 4.02
N TYR B 297 15.64 9.72 5.22
CA TYR B 297 16.40 8.62 5.82
C TYR B 297 16.28 7.22 5.22
N VAL B 298 15.08 6.87 4.79
CA VAL B 298 14.78 5.46 4.57
C VAL B 298 15.69 4.66 3.63
N GLY B 299 16.05 5.22 2.48
CA GLY B 299 16.89 4.52 1.51
C GLY B 299 18.22 5.23 1.35
N GLU B 300 18.34 6.25 0.50
CA GLU B 300 17.31 7.04 -0.24
C GLU B 300 17.89 8.37 -0.63
N SER B 301 18.20 9.16 0.39
CA SER B 301 18.84 10.45 0.24
C SER B 301 20.18 10.34 -0.40
N GLU B 302 20.87 9.31 0.04
CA GLU B 302 22.18 9.00 -0.40
C GLU B 302 22.05 8.84 -1.90
N ALA B 303 20.95 8.18 -2.27
CA ALA B 303 20.70 7.95 -3.68
C ALA B 303 20.56 9.30 -4.34
N ASN B 304 19.97 10.30 -3.67
CA ASN B 304 19.79 11.64 -4.27
C ASN B 304 21.12 12.33 -4.58
N ILE B 305 22.05 12.20 -3.63
CA ILE B 305 23.40 12.69 -3.81
C ILE B 305 24.02 11.98 -5.01
N ARG B 306 23.77 10.69 -5.16
CA ARG B 306 24.19 9.99 -6.38
C ARG B 306 23.44 10.49 -7.67
N LYS B 307 22.16 10.83 -7.51
CA LYS B 307 21.22 11.07 -8.60
C LYS B 307 21.49 12.38 -9.32
N LEU B 308 21.75 13.48 -8.59
CA LEU B 308 22.00 14.72 -9.33
C LEU B 308 23.24 14.49 -10.22
N PHE B 309 24.23 13.75 -9.72
CA PHE B 309 25.38 13.40 -10.56
C PHE B 309 24.88 12.63 -11.77
N ALA B 310 23.89 11.78 -11.52
CA ALA B 310 23.41 10.85 -12.54
C ALA B 310 22.96 11.54 -13.82
N ASP B 311 22.28 12.69 -13.71
CA ASP B 311 21.82 13.35 -14.93
C ASP B 311 23.01 13.78 -15.80
N ALA B 312 24.01 14.38 -15.15
CA ALA B 312 25.20 14.82 -15.88
C ALA B 312 25.92 13.65 -16.52
N GLU B 313 26.09 12.56 -15.78
CA GLU B 313 26.78 11.40 -16.37
C GLU B 313 25.98 10.87 -17.56
N GLU B 314 24.65 10.86 -17.43
CA GLU B 314 23.80 10.36 -18.52
C GLU B 314 23.99 11.21 -19.76
N GLU B 315 24.00 12.54 -19.59
CA GLU B 315 24.19 13.40 -20.75
C GLU B 315 25.54 13.07 -21.36
N GLN B 316 26.58 12.96 -20.52
CA GLN B 316 27.91 12.69 -21.03
C GLN B 316 27.99 11.35 -21.78
N ARG B 317 27.36 10.28 -21.29
CA ARG B 317 27.42 9.00 -22.02
C ARG B 317 26.72 9.17 -23.36
N ARG B 318 25.63 9.91 -23.30
CA ARG B 318 24.78 10.18 -24.44
C ARG B 318 25.53 10.95 -25.55
N LEU B 319 26.34 11.93 -25.19
CA LEU B 319 27.11 12.70 -26.17
C LEU B 319 28.63 12.53 -26.02
N GLY B 320 29.09 11.50 -25.30
CA GLY B 320 30.47 11.49 -24.87
C GLY B 320 31.58 11.45 -25.89
N ALA B 321 32.43 12.45 -25.73
CA ALA B 321 33.63 12.73 -26.49
C ALA B 321 33.86 14.23 -26.30
N ASN B 322 32.94 14.97 -26.88
CA ASN B 322 32.79 16.42 -26.75
C ASN B 322 31.35 16.79 -27.09
N SER B 323 30.85 17.94 -26.65
CA SER B 323 31.55 18.85 -25.74
C SER B 323 30.61 19.34 -24.64
N GLY B 324 30.26 18.47 -23.70
CA GLY B 324 29.30 18.84 -22.69
C GLY B 324 29.87 18.94 -21.29
N LEU B 325 29.63 20.09 -20.65
CA LEU B 325 30.12 20.34 -19.30
C LEU B 325 28.97 20.65 -18.34
N HIS B 326 28.96 19.97 -17.19
CA HIS B 326 27.95 20.25 -16.18
C HIS B 326 28.64 20.69 -14.89
N ILE B 327 28.16 21.77 -14.29
CA ILE B 327 28.76 22.30 -13.07
C ILE B 327 27.81 22.05 -11.93
N ILE B 328 28.33 21.40 -10.89
CA ILE B 328 27.59 21.06 -9.69
C ILE B 328 28.33 21.63 -8.50
N ILE B 329 27.62 22.29 -7.59
CA ILE B 329 28.31 22.88 -6.45
C ILE B 329 27.71 22.41 -5.10
N PHE B 330 28.57 22.00 -4.16
CA PHE B 330 28.05 21.63 -2.84
C PHE B 330 28.45 22.65 -1.77
N ASP B 331 27.46 23.29 -1.17
CA ASP B 331 27.69 24.27 -0.12
C ASP B 331 27.78 23.57 1.24
N GLU B 332 28.68 24.02 2.11
CA GLU B 332 28.86 23.38 3.42
C GLU B 332 29.16 21.88 3.40
N ILE B 333 30.04 21.47 2.48
CA ILE B 333 30.35 20.06 2.30
C ILE B 333 30.96 19.42 3.54
N HIS B 350 28.51 9.78 8.26
CA HIS B 350 29.32 9.57 7.07
C HIS B 350 28.84 8.37 6.28
N ASP B 351 29.50 7.23 6.47
CA ASP B 351 29.08 5.97 5.85
C ASP B 351 29.04 6.02 4.31
N THR B 352 27.88 5.67 3.76
CA THR B 352 27.69 5.51 2.33
C THR B 352 27.92 6.77 1.49
N VAL B 353 27.49 7.92 1.99
CA VAL B 353 27.59 9.16 1.21
C VAL B 353 29.04 9.55 0.84
N VAL B 354 29.97 9.37 1.78
CA VAL B 354 31.41 9.57 1.55
C VAL B 354 31.86 8.83 0.29
N ASN B 355 31.67 7.52 0.32
CA ASN B 355 32.05 6.62 -0.75
C ASN B 355 31.31 7.04 -2.00
N GLN B 356 30.06 7.46 -1.86
CA GLN B 356 29.20 7.69 -3.02
C GLN B 356 29.69 8.85 -3.82
N LEU B 357 29.98 9.92 -3.12
CA LEU B 357 30.50 11.07 -3.78
C LEU B 357 31.82 10.67 -4.39
N LEU B 358 32.67 9.95 -3.64
CA LEU B 358 33.98 9.60 -4.18
C LEU B 358 33.94 8.75 -5.45
N SER B 359 33.06 7.75 -5.51
CA SER B 359 32.97 6.89 -6.68
C SER B 359 32.49 7.61 -7.94
N LYS B 360 31.45 8.42 -7.80
CA LYS B 360 30.93 9.18 -8.94
C LYS B 360 31.92 10.20 -9.45
N ILE B 361 32.56 10.92 -8.54
CA ILE B 361 33.53 11.93 -8.95
C ILE B 361 34.72 11.28 -9.67
N ASP B 362 35.20 10.14 -9.17
CA ASP B 362 36.28 9.42 -9.86
C ASP B 362 35.94 7.95 -10.03
N GLY B 363 36.08 7.45 -11.25
CA GLY B 363 35.92 6.03 -11.54
C GLY B 363 34.47 5.59 -11.54
N VAL B 364 34.21 4.30 -11.74
CA VAL B 364 35.23 3.34 -12.15
C VAL B 364 35.75 3.68 -13.54
N GLU B 365 34.84 4.06 -14.43
CA GLU B 365 35.19 4.44 -15.80
C GLU B 365 34.69 5.85 -16.11
N GLN B 366 35.58 6.66 -16.68
CA GLN B 366 35.25 8.02 -17.11
C GLN B 366 34.74 8.87 -15.95
N LEU B 367 33.57 9.47 -16.16
CA LEU B 367 32.92 10.41 -15.22
C LEU B 367 33.48 11.82 -15.39
N ASN B 368 34.35 11.99 -16.39
CA ASN B 368 34.88 13.30 -16.73
C ASN B 368 33.90 14.07 -17.61
N ASN B 369 34.25 15.32 -17.93
CA ASN B 369 33.41 16.25 -18.69
C ASN B 369 32.44 17.00 -17.76
N ILE B 370 32.64 16.83 -16.45
CA ILE B 370 31.95 17.68 -15.48
C ILE B 370 32.89 18.16 -14.38
N LEU B 371 32.54 19.29 -13.76
CA LEU B 371 33.34 19.85 -12.69
C LEU B 371 32.47 20.24 -11.51
N VAL B 372 33.03 20.08 -10.31
CA VAL B 372 32.32 20.39 -9.08
C VAL B 372 33.12 21.23 -8.12
N ILE B 373 32.50 22.29 -7.60
CA ILE B 373 33.22 23.13 -6.68
C ILE B 373 32.60 23.07 -5.26
N GLY B 374 33.43 22.85 -4.25
CA GLY B 374 32.90 22.80 -2.89
C GLY B 374 33.29 23.97 -2.02
N MET B 375 32.31 24.61 -1.37
CA MET B 375 32.62 25.76 -0.52
C MET B 375 32.40 25.48 0.95
N THR B 376 33.42 25.71 1.77
CA THR B 376 33.32 25.38 3.19
C THR B 376 34.18 26.31 4.04
N ASN B 377 33.72 26.60 5.25
CA ASN B 377 34.42 27.51 6.17
C ASN B 377 35.77 27.02 6.69
N ARG B 378 35.87 25.73 7.00
CA ARG B 378 37.11 25.18 7.55
C ARG B 378 37.68 24.02 6.76
N PRO B 379 38.99 24.06 6.47
CA PRO B 379 39.66 22.97 5.73
C PRO B 379 39.71 21.66 6.52
N ASP B 380 39.99 21.75 7.82
CA ASP B 380 40.31 20.58 8.63
C ASP B 380 39.16 19.58 8.78
N LEU B 381 37.94 20.10 8.84
CA LEU B 381 36.74 19.26 8.98
C LEU B 381 36.55 18.24 7.86
N ILE B 382 36.85 18.65 6.64
CA ILE B 382 36.57 17.82 5.47
C ILE B 382 37.48 16.59 5.37
N ASP B 383 37.00 15.58 4.65
CA ASP B 383 37.67 14.30 4.47
C ASP B 383 38.98 14.44 3.67
N GLU B 384 39.98 13.65 4.05
CA GLU B 384 41.27 13.57 3.35
C GLU B 384 41.25 13.00 1.92
N ALA B 385 40.41 11.99 1.68
CA ALA B 385 40.44 11.23 0.44
C ALA B 385 40.10 12.10 -0.77
N LEU B 386 39.16 13.01 -0.58
CA LEU B 386 38.75 13.90 -1.65
C LEU B 386 39.90 14.80 -2.11
N LEU B 387 40.74 15.22 -1.15
CA LEU B 387 41.75 16.26 -1.40
C LEU B 387 42.80 15.90 -2.46
N ARG B 388 43.19 14.64 -2.52
CA ARG B 388 44.31 14.24 -3.37
C ARG B 388 44.05 14.57 -4.83
N PRO B 389 45.11 14.92 -5.59
CA PRO B 389 44.91 15.34 -6.98
C PRO B 389 44.20 14.24 -7.77
N GLY B 390 43.30 14.63 -8.66
CA GLY B 390 42.36 13.69 -9.20
C GLY B 390 40.97 14.24 -8.93
N ARG B 391 40.27 13.62 -8.00
CA ARG B 391 38.88 13.98 -7.74
C ARG B 391 38.73 15.45 -7.32
N LEU B 392 39.61 15.92 -6.46
CA LEU B 392 39.69 17.33 -6.09
C LEU B 392 41.14 17.78 -6.14
N GLU B 393 41.69 17.90 -7.34
CA GLU B 393 43.11 18.21 -7.47
C GLU B 393 43.52 19.55 -6.89
N VAL B 394 42.70 20.56 -7.10
CA VAL B 394 43.09 21.89 -6.64
C VAL B 394 42.27 22.42 -5.46
N LYS B 395 42.99 22.84 -4.43
CA LYS B 395 42.38 23.43 -3.26
C LYS B 395 42.86 24.88 -3.18
N MET B 396 41.89 25.77 -3.02
CA MET B 396 42.11 27.21 -3.01
C MET B 396 41.73 27.79 -1.65
N GLU B 397 42.64 28.59 -1.13
CA GLU B 397 42.48 29.15 0.19
C GLU B 397 42.30 30.65 0.14
N ILE B 398 41.30 31.10 0.88
CA ILE B 398 40.95 32.51 0.98
C ILE B 398 42.02 33.36 1.67
N GLY B 399 42.13 34.62 1.24
CA GLY B 399 43.11 35.54 1.75
C GLY B 399 42.43 36.83 2.17
N LEU B 400 43.08 37.54 3.08
CA LEU B 400 42.60 38.78 3.68
C LEU B 400 42.45 39.88 2.61
N PRO B 401 41.42 40.72 2.73
CA PRO B 401 41.11 41.75 1.73
C PRO B 401 42.24 42.76 1.56
N ASP B 402 42.56 43.03 0.29
CA ASP B 402 43.57 44.01 -0.08
C ASP B 402 43.04 45.41 0.13
N GLU B 403 43.94 46.33 0.48
CA GLU B 403 43.60 47.74 0.56
C GLU B 403 43.15 48.20 -0.82
N LYS B 404 43.91 47.77 -1.83
CA LYS B 404 43.57 48.05 -3.22
C LYS B 404 42.26 47.35 -3.54
N GLY B 405 42.16 46.10 -3.10
CA GLY B 405 40.96 45.32 -3.30
C GLY B 405 39.78 45.96 -2.60
N ARG B 406 40.02 46.44 -1.39
CA ARG B 406 38.97 47.05 -0.59
C ARG B 406 38.44 48.22 -1.39
N LEU B 407 39.37 48.95 -1.98
CA LEU B 407 39.00 50.05 -2.84
C LEU B 407 38.18 49.48 -3.99
N GLN B 408 38.49 48.31 -4.52
CA GLN B 408 37.68 47.74 -5.59
C GLN B 408 36.20 47.38 -5.24
N ILE B 409 35.97 46.70 -4.11
CA ILE B 409 34.60 46.32 -3.73
C ILE B 409 33.76 47.54 -3.42
N LEU B 410 34.35 48.45 -2.65
CA LEU B 410 33.65 49.69 -2.32
C LEU B 410 33.44 50.44 -3.64
N HIS B 411 34.41 50.36 -4.57
CA HIS B 411 34.43 51.19 -5.78
C HIS B 411 33.28 50.79 -6.65
N ILE B 412 32.98 49.51 -6.76
CA ILE B 412 31.85 49.16 -7.61
C ILE B 412 30.51 49.75 -7.09
N HIS B 413 30.21 49.57 -5.80
CA HIS B 413 28.94 50.07 -5.27
C HIS B 413 28.87 51.60 -5.36
N THR B 414 29.97 52.24 -4.94
CA THR B 414 30.13 53.69 -4.96
C THR B 414 29.99 54.20 -6.38
N ALA B 415 30.55 53.46 -7.33
CA ALA B 415 30.61 53.83 -8.75
C ALA B 415 29.22 53.79 -9.32
N ARG B 416 28.46 52.79 -8.91
CA ARG B 416 27.09 52.63 -9.38
C ARG B 416 26.39 53.90 -8.87
N MET B 417 26.65 54.28 -7.62
CA MET B 417 26.17 55.60 -7.12
C MET B 417 26.71 56.83 -7.86
N ARG B 418 27.95 56.74 -8.32
CA ARG B 418 28.65 57.80 -9.04
C ARG B 418 27.89 58.02 -10.34
N GLY B 419 27.43 56.92 -10.90
CA GLY B 419 26.92 56.83 -12.25
C GLY B 419 25.59 57.55 -12.23
N HIS B 420 24.77 57.24 -11.23
CA HIS B 420 23.59 58.03 -11.01
C HIS B 420 24.09 59.37 -10.48
N GLN B 421 23.32 60.43 -10.67
CA GLN B 421 23.77 61.77 -10.26
C GLN B 421 24.03 61.93 -8.77
N LEU B 422 23.19 61.33 -7.93
CA LEU B 422 23.33 61.49 -6.48
C LEU B 422 24.65 60.89 -5.99
N LEU B 423 25.35 61.66 -5.15
CA LEU B 423 26.57 61.19 -4.53
C LEU B 423 26.86 62.06 -3.33
N SER B 424 27.77 61.59 -2.48
CA SER B 424 28.24 62.39 -1.38
C SER B 424 29.61 62.90 -1.79
N ALA B 425 29.75 64.22 -1.87
CA ALA B 425 30.97 64.89 -2.32
C ALA B 425 32.13 64.61 -1.37
N ASP B 426 31.81 64.62 -0.09
CA ASP B 426 32.76 64.45 1.00
C ASP B 426 33.42 63.06 0.92
N VAL B 427 32.66 62.02 0.55
CA VAL B 427 33.23 60.67 0.52
C VAL B 427 34.30 60.53 -0.53
N ASP B 428 35.39 59.91 -0.09
CA ASP B 428 36.50 59.55 -0.96
C ASP B 428 36.79 58.07 -0.83
N ILE B 429 36.92 57.44 -1.99
CA ILE B 429 37.15 56.02 -2.10
C ILE B 429 38.42 55.58 -1.39
N LYS B 430 39.47 56.35 -1.65
CA LYS B 430 40.79 56.10 -1.10
C LYS B 430 40.75 56.23 0.41
N GLU B 431 40.06 57.26 0.89
CA GLU B 431 39.94 57.51 2.32
C GLU B 431 39.25 56.34 3.03
N LEU B 432 38.15 55.86 2.47
CA LEU B 432 37.45 54.74 3.10
C LEU B 432 38.38 53.54 3.13
N ALA B 433 39.09 53.32 2.03
CA ALA B 433 40.00 52.18 1.98
C ALA B 433 41.09 52.27 3.05
N VAL B 434 41.71 53.45 3.19
CA VAL B 434 42.78 53.62 4.16
C VAL B 434 42.22 53.41 5.58
N GLU B 435 40.99 53.88 5.83
CA GLU B 435 40.37 53.72 7.15
C GLU B 435 40.11 52.27 7.57
N THR B 436 39.72 51.42 6.63
CA THR B 436 39.40 50.04 7.01
C THR B 436 40.37 49.00 6.47
N LYS B 437 40.86 48.16 7.36
CA LYS B 437 41.76 47.08 6.98
C LYS B 437 41.15 45.68 7.11
N ASN B 438 40.50 45.43 8.24
CA ASN B 438 40.06 44.09 8.62
C ASN B 438 38.95 43.47 7.76
N PHE B 439 38.01 44.30 7.34
CA PHE B 439 36.71 43.84 6.85
C PHE B 439 36.76 42.93 5.61
N SER B 440 35.93 41.89 5.67
CA SER B 440 35.59 40.98 4.57
C SER B 440 34.72 41.73 3.56
N GLY B 441 34.64 41.25 2.32
CA GLY B 441 33.74 41.92 1.38
C GLY B 441 32.30 42.32 1.68
N ALA B 442 31.31 41.44 1.64
CA ALA B 442 30.14 41.45 2.56
C ALA B 442 30.02 42.66 3.53
N GLU B 443 31.08 42.89 4.29
CA GLU B 443 31.24 44.02 5.23
C GLU B 443 31.09 45.37 4.57
N LEU B 444 31.63 45.45 3.37
CA LEU B 444 31.66 46.63 2.52
C LEU B 444 30.26 46.99 2.03
N GLU B 445 29.55 46.00 1.48
CA GLU B 445 28.18 46.20 1.02
C GLU B 445 27.39 46.62 2.27
N GLY B 446 27.71 46.02 3.40
CA GLY B 446 27.03 46.31 4.66
C GLY B 446 27.21 47.77 5.09
N LEU B 447 28.45 48.25 5.05
CA LEU B 447 28.81 49.62 5.38
C LEU B 447 28.09 50.59 4.46
N VAL B 448 28.09 50.27 3.17
CA VAL B 448 27.48 51.14 2.18
C VAL B 448 26.00 51.18 2.49
N ARG B 449 25.42 50.04 2.82
CA ARG B 449 23.99 49.92 3.04
C ARG B 449 23.60 50.79 4.22
N ALA B 450 24.40 50.72 5.29
CA ALA B 450 24.17 51.57 6.45
C ALA B 450 24.23 53.06 6.07
N ALA B 451 25.21 53.42 5.23
CA ALA B 451 25.27 54.81 4.76
C ALA B 451 24.02 55.23 3.98
N GLN B 452 23.54 54.31 3.14
CA GLN B 452 22.34 54.60 2.36
C GLN B 452 21.16 54.81 3.29
N SER B 453 21.04 53.96 4.30
CA SER B 453 19.96 54.09 5.28
C SER B 453 20.02 55.41 6.03
N THR B 454 21.23 55.81 6.41
CA THR B 454 21.40 57.08 7.12
C THR B 454 20.98 58.25 6.24
N ALA B 455 21.34 58.18 4.97
CA ALA B 455 20.97 59.24 4.03
C ALA B 455 19.46 59.30 3.87
N MET B 456 18.86 58.12 3.79
CA MET B 456 17.42 57.96 3.64
C MET B 456 16.73 58.60 4.84
N ASN B 457 17.29 58.38 6.02
CA ASN B 457 16.80 58.95 7.27
C ASN B 457 16.88 60.46 7.25
N ARG B 458 17.97 60.98 6.69
CA ARG B 458 18.18 62.42 6.59
C ARG B 458 17.07 63.03 5.76
N HIS B 459 16.72 62.35 4.68
CA HIS B 459 15.67 62.84 3.80
C HIS B 459 14.33 62.95 4.55
N ILE B 460 14.04 61.97 5.40
CA ILE B 460 12.83 62.00 6.22
C ILE B 460 13.14 62.23 7.70
N ASP B 482 31.67 61.93 2.87
CA ASP B 482 31.93 61.45 4.17
C ASP B 482 30.56 61.67 4.69
N PHE B 483 30.37 62.79 5.38
CA PHE B 483 29.04 63.16 5.81
C PHE B 483 28.48 61.97 6.57
N LEU B 484 27.28 61.58 6.17
CA LEU B 484 26.58 60.45 6.76
C LEU B 484 27.32 59.16 6.54
N ALA B 485 27.89 58.98 5.34
CA ALA B 485 28.63 57.75 5.08
C ALA B 485 29.84 57.63 6.01
N SER B 486 30.57 58.72 6.17
CA SER B 486 31.72 58.71 7.09
C SER B 486 31.28 58.46 8.50
N LEU B 487 30.18 59.11 8.86
CA LEU B 487 29.63 58.95 10.20
C LEU B 487 29.20 57.51 10.45
N GLU B 488 28.63 56.88 9.43
CA GLU B 488 28.23 55.49 9.53
C GLU B 488 29.47 54.63 9.70
N ASN B 489 30.52 54.92 8.94
CA ASN B 489 31.76 54.16 9.11
C ASN B 489 32.32 54.37 10.51
N ASP B 490 32.22 55.62 10.96
CA ASP B 490 32.63 56.09 12.28
C ASP B 490 31.82 55.43 13.39
N ILE B 491 30.52 55.24 13.16
CA ILE B 491 29.66 54.65 14.17
C ILE B 491 29.06 53.35 13.68
N LYS B 492 28.02 53.42 12.85
CA LYS B 492 27.21 52.26 12.37
C LYS B 492 27.66 50.81 12.69
N PRO B 493 28.97 50.49 12.51
CA PRO B 493 29.36 49.16 12.94
C PRO B 493 30.28 49.09 14.20
N ALA B 494 30.16 48.10 15.09
CA ALA B 494 29.22 46.96 15.13
C ALA B 494 29.67 45.86 14.18
N PHE B 495 30.78 46.10 13.48
CA PHE B 495 31.39 45.11 12.63
C PHE B 495 31.85 43.94 13.50
N GLY B 496 32.38 44.26 14.67
CA GLY B 496 32.90 43.26 15.59
C GLY B 496 34.35 42.95 15.34
N THR B 497 34.89 43.49 14.26
CA THR B 497 36.32 43.40 14.02
C THR B 497 36.95 44.65 14.64
N ASN B 498 36.09 45.61 14.99
CA ASN B 498 36.53 46.87 15.57
C ASN B 498 37.18 46.78 16.94
N GLN B 499 36.63 45.90 17.80
CA GLN B 499 37.07 45.72 19.18
C GLN B 499 36.55 46.81 20.12
N GLU B 500 35.65 47.66 19.65
CA GLU B 500 35.07 48.72 20.48
C GLU B 500 34.64 48.21 21.85
N ASP B 501 34.11 46.99 21.85
CA ASP B 501 33.61 46.36 23.05
C ASP B 501 34.80 46.27 24.01
N TYR B 502 35.97 45.94 23.47
CA TYR B 502 37.20 45.95 24.27
C TYR B 502 37.43 47.29 24.92
N ALA B 503 37.14 48.35 24.17
CA ALA B 503 37.31 49.69 24.70
C ALA B 503 36.39 49.87 25.90
N SER B 504 35.17 49.34 25.77
CA SER B 504 34.22 49.43 26.88
C SER B 504 34.65 48.79 28.21
N TYR B 505 35.32 47.63 28.15
CA TYR B 505 35.79 46.92 29.35
C TYR B 505 36.21 47.77 30.55
N ILE B 506 36.77 48.94 30.28
CA ILE B 506 37.28 49.80 31.34
C ILE B 506 36.27 50.88 31.69
N MET B 507 35.59 50.69 32.82
CA MET B 507 34.55 51.61 33.24
C MET B 507 35.03 53.00 33.64
N ASN B 508 36.13 53.07 34.38
CA ASN B 508 36.55 54.34 34.97
C ASN B 508 37.76 54.97 34.31
N GLY B 509 38.14 54.48 33.14
CA GLY B 509 39.31 55.03 32.47
C GLY B 509 40.55 54.61 33.24
N ILE B 510 41.71 55.10 32.82
CA ILE B 510 42.95 54.76 33.53
C ILE B 510 43.46 55.95 34.31
N ILE B 511 43.75 55.72 35.59
CA ILE B 511 44.27 56.77 36.43
C ILE B 511 45.75 56.53 36.73
N LYS B 512 46.57 57.52 36.44
CA LYS B 512 48.00 57.43 36.74
C LYS B 512 48.24 57.60 38.23
N TRP B 513 47.61 56.78 39.06
CA TRP B 513 47.81 56.85 40.51
C TRP B 513 49.27 56.82 40.95
N GLY B 514 50.18 56.52 40.03
CA GLY B 514 51.58 56.47 40.35
C GLY B 514 52.45 56.13 39.14
N ASP B 515 53.76 56.26 39.32
CA ASP B 515 54.71 56.04 38.23
C ASP B 515 54.61 54.62 37.67
N PRO B 516 54.33 53.61 38.53
CA PRO B 516 54.33 52.25 37.98
C PRO B 516 53.35 52.13 36.82
N VAL B 517 52.20 52.81 36.86
CA VAL B 517 51.22 52.70 35.78
C VAL B 517 51.81 53.12 34.45
N THR B 518 52.50 54.26 34.47
CA THR B 518 53.10 54.80 33.26
C THR B 518 54.11 53.78 32.77
N ARG B 519 54.88 53.22 33.71
CA ARG B 519 55.89 52.22 33.36
C ARG B 519 55.23 50.98 32.75
N VAL B 520 54.07 50.59 33.26
CA VAL B 520 53.40 49.45 32.68
C VAL B 520 53.06 49.82 31.24
N LEU B 521 52.53 51.03 31.00
CA LEU B 521 52.23 51.42 29.62
C LEU B 521 53.43 51.56 28.65
N ASP B 522 54.55 52.13 29.09
CA ASP B 522 55.72 52.24 28.19
C ASP B 522 56.15 50.82 27.88
N ASP B 523 56.06 49.95 28.89
CA ASP B 523 56.36 48.52 28.72
C ASP B 523 55.42 47.91 27.65
N GLY B 524 54.14 48.26 27.71
CA GLY B 524 53.13 47.77 26.79
C GLY B 524 53.52 48.25 25.41
N GLU B 525 53.99 49.49 25.35
CA GLU B 525 54.38 50.17 24.13
C GLU B 525 55.55 49.42 23.51
N LEU B 526 56.50 49.04 24.34
CA LEU B 526 57.68 48.31 23.90
C LEU B 526 57.22 46.97 23.31
N LEU B 527 56.26 46.33 23.96
CA LEU B 527 55.75 45.08 23.41
C LEU B 527 55.11 45.30 22.04
N VAL B 528 54.32 46.36 21.92
CA VAL B 528 53.66 46.65 20.65
C VAL B 528 54.67 46.90 19.54
N GLN B 529 55.69 47.70 19.84
CA GLN B 529 56.70 48.07 18.84
C GLN B 529 57.38 46.77 18.37
N GLN B 530 57.74 45.92 19.34
CA GLN B 530 58.44 44.68 19.04
C GLN B 530 57.58 43.83 18.13
N THR B 531 56.30 43.72 18.45
CA THR B 531 55.43 42.91 17.62
C THR B 531 55.15 43.50 16.25
N LYS B 532 55.03 44.81 16.19
CA LYS B 532 54.86 45.50 14.93
C LYS B 532 56.03 45.31 13.97
N ASN B 533 57.25 45.33 14.49
CA ASN B 533 58.44 45.26 13.64
C ASN B 533 58.67 44.03 12.76
N SER B 534 58.33 42.84 13.28
CA SER B 534 58.24 41.59 12.51
C SER B 534 59.52 40.78 12.28
N ASP B 535 60.65 41.20 12.83
CA ASP B 535 61.84 40.37 12.71
C ASP B 535 61.78 39.18 13.66
N ARG B 536 62.54 38.13 13.31
CA ARG B 536 62.75 36.96 14.17
C ARG B 536 61.36 36.34 14.48
N THR B 537 61.09 36.12 15.76
CA THR B 537 59.83 35.60 16.27
C THR B 537 58.68 36.57 16.03
N PRO B 538 57.54 36.06 15.54
CA PRO B 538 56.43 36.99 15.32
C PRO B 538 55.40 36.96 16.46
N LEU B 539 55.64 36.14 17.47
CA LEU B 539 54.70 35.93 18.58
C LEU B 539 55.28 36.27 19.94
N VAL B 540 54.60 37.12 20.70
CA VAL B 540 55.09 37.49 22.02
C VAL B 540 53.95 37.31 23.02
N SER B 541 54.26 36.75 24.17
CA SER B 541 53.25 36.51 25.18
C SER B 541 53.64 37.21 26.46
N VAL B 542 52.70 38.00 27.00
CA VAL B 542 52.88 38.71 28.26
C VAL B 542 51.84 38.49 29.37
N LEU B 543 52.34 38.24 30.58
CA LEU B 543 51.48 38.10 31.75
C LEU B 543 51.81 39.08 32.87
N LEU B 544 50.78 39.70 33.43
CA LEU B 544 51.03 40.71 34.45
C LEU B 544 50.51 40.28 35.84
N GLU B 545 51.40 40.20 36.82
CA GLU B 545 50.99 39.69 38.12
C GLU B 545 50.84 40.85 39.09
N GLY B 546 49.68 40.96 39.72
CA GLY B 546 49.46 42.09 40.57
C GLY B 546 48.79 41.38 41.69
N PRO B 547 48.68 42.05 42.82
CA PRO B 547 47.91 41.58 43.97
C PRO B 547 46.54 41.50 43.34
N PRO B 548 45.69 40.54 43.72
CA PRO B 548 44.33 40.42 43.18
C PRO B 548 43.58 41.71 43.04
N HIS B 549 42.94 41.95 41.87
CA HIS B 549 42.37 43.25 41.57
C HIS B 549 43.36 44.20 41.05
N SER B 550 42.81 45.39 40.96
CA SER B 550 43.27 46.54 40.26
C SER B 550 42.79 46.40 38.86
N GLY B 551 43.19 47.50 38.18
CA GLY B 551 42.86 47.79 36.82
C GLY B 551 43.95 46.98 36.11
N LYS B 552 43.91 45.64 36.30
CA LYS B 552 44.74 44.65 35.57
C LYS B 552 44.31 44.52 34.13
N THR B 553 43.01 44.24 34.06
CA THR B 553 42.27 44.02 32.84
C THR B 553 42.24 45.36 32.16
N ALA B 554 42.08 46.40 32.97
CA ALA B 554 42.02 47.74 32.44
C ALA B 554 43.33 48.06 31.75
N LEU B 555 44.44 47.71 32.38
CA LEU B 555 45.75 47.97 31.79
C LEU B 555 45.93 47.18 30.52
N ALA B 556 45.55 45.91 30.52
CA ALA B 556 45.66 45.10 29.31
C ALA B 556 44.84 45.73 28.17
N ALA B 557 43.65 46.19 28.52
CA ALA B 557 42.73 46.81 27.57
C ALA B 557 43.33 48.08 26.99
N LYS B 558 43.97 48.88 27.84
CA LYS B 558 44.63 50.10 27.37
C LYS B 558 45.80 49.79 26.45
N ILE B 559 46.56 48.74 26.76
CA ILE B 559 47.66 48.35 25.89
C ILE B 559 47.07 48.00 24.53
N ALA B 560 45.98 47.23 24.55
CA ALA B 560 45.31 46.83 23.32
C ALA B 560 44.87 48.06 22.54
N GLU B 561 44.36 49.04 23.27
CA GLU B 561 43.91 50.29 22.65
C GLU B 561 45.07 50.99 21.97
N GLU B 562 46.20 51.03 22.67
CA GLU B 562 47.38 51.75 22.19
C GLU B 562 47.85 51.14 20.91
N SER B 563 47.78 49.82 20.88
CA SER B 563 48.23 49.07 19.73
C SER B 563 47.58 49.41 18.38
N ASN B 564 46.27 49.65 18.38
CA ASN B 564 45.53 49.97 17.15
C ASN B 564 45.65 48.88 16.08
N PHE B 565 45.77 47.62 16.48
CA PHE B 565 45.80 46.52 15.52
C PHE B 565 44.43 46.34 14.91
N PRO B 566 44.40 45.95 13.63
CA PRO B 566 43.16 45.55 12.95
C PRO B 566 42.30 44.59 13.76
N PHE B 567 42.89 43.54 14.33
CA PHE B 567 42.06 42.58 15.06
C PHE B 567 42.41 42.53 16.55
N ILE B 568 41.48 42.96 17.41
CA ILE B 568 41.66 42.74 18.85
C ILE B 568 40.48 41.97 19.40
N LYS B 569 40.73 40.76 19.87
CA LYS B 569 39.66 40.00 20.50
C LYS B 569 40.07 39.51 21.89
N ILE B 570 39.22 39.81 22.86
CA ILE B 570 39.47 39.50 24.26
C ILE B 570 38.79 38.20 24.69
N CYS B 571 39.63 37.28 25.14
CA CYS B 571 39.20 35.97 25.61
C CYS B 571 39.03 36.11 27.10
N SER B 572 37.78 35.99 27.57
CA SER B 572 37.53 36.08 29.00
C SER B 572 36.59 35.00 29.54
N PRO B 573 36.71 34.67 30.85
CA PRO B 573 35.92 33.56 31.37
C PRO B 573 34.43 33.84 31.29
N ASP B 574 34.10 35.12 31.44
CA ASP B 574 32.73 35.55 31.62
C ASP B 574 31.91 35.18 30.41
N LYS B 575 32.53 35.31 29.24
CA LYS B 575 31.89 34.93 27.99
C LYS B 575 31.59 33.44 27.98
N MET B 576 32.53 32.69 28.54
CA MET B 576 32.57 31.23 28.49
C MET B 576 31.84 30.46 29.60
N ILE B 577 30.98 31.11 30.38
CA ILE B 577 30.47 30.52 31.63
C ILE B 577 29.85 29.12 31.56
N GLY B 578 30.24 28.25 32.48
CA GLY B 578 29.62 26.95 32.63
C GLY B 578 30.03 25.87 31.66
N PHE B 579 30.98 26.20 30.79
CA PHE B 579 31.40 25.28 29.75
C PHE B 579 32.23 24.12 30.24
N SER B 580 32.10 23.00 29.52
CA SER B 580 32.91 21.83 29.76
C SER B 580 34.33 22.22 29.34
N GLU B 581 35.33 21.48 29.79
CA GLU B 581 36.71 21.78 29.40
C GLU B 581 36.81 21.89 27.88
N THR B 582 36.17 20.95 27.21
CA THR B 582 36.17 20.90 25.76
C THR B 582 35.52 22.10 25.10
N ALA B 583 34.39 22.55 25.64
CA ALA B 583 33.68 23.69 25.05
C ALA B 583 34.49 24.98 25.15
N LYS B 584 35.09 25.20 26.32
CA LYS B 584 35.94 26.37 26.53
C LYS B 584 37.10 26.28 25.56
N CYS B 585 37.65 25.08 25.42
CA CYS B 585 38.76 24.87 24.53
C CYS B 585 38.37 25.24 23.10
N GLN B 586 37.18 24.84 22.71
CA GLN B 586 36.67 25.13 21.39
C GLN B 586 36.54 26.63 21.15
N ALA B 587 35.98 27.34 22.13
CA ALA B 587 35.83 28.78 22.00
C ALA B 587 37.18 29.44 21.81
N MET B 588 38.14 29.00 22.62
CA MET B 588 39.49 29.54 22.57
C MET B 588 40.16 29.31 21.22
N LYS B 589 40.00 28.09 20.71
CA LYS B 589 40.62 27.70 19.45
C LYS B 589 40.02 28.60 18.38
N LYS B 590 38.72 28.81 18.51
CA LYS B 590 37.99 29.60 17.54
C LYS B 590 38.55 31.01 17.51
N ILE B 591 38.74 31.59 18.68
CA ILE B 591 39.30 32.92 18.76
C ILE B 591 40.69 33.02 18.19
N PHE B 592 41.54 32.06 18.51
CA PHE B 592 42.88 32.09 17.96
C PHE B 592 42.89 31.96 16.43
N ASP B 593 42.00 31.13 15.91
CA ASP B 593 41.90 30.94 14.46
C ASP B 593 41.55 32.30 13.87
N ASP B 594 40.54 32.94 14.46
CA ASP B 594 40.07 34.23 13.99
C ASP B 594 41.23 35.22 13.98
N ALA B 595 42.07 35.14 15.02
CA ALA B 595 43.23 36.01 15.11
C ALA B 595 44.20 35.70 14.00
N TYR B 596 44.36 34.42 13.68
CA TYR B 596 45.24 34.03 12.58
C TYR B 596 44.77 34.66 11.30
N LYS B 597 43.46 34.78 11.11
CA LYS B 597 43.01 35.38 9.85
C LYS B 597 43.56 36.81 9.57
N SER B 598 43.64 37.69 10.59
CA SER B 598 44.16 39.06 10.43
C SER B 598 45.69 39.21 10.19
N GLN B 599 46.13 40.23 9.43
CA GLN B 599 47.57 40.48 9.26
C GLN B 599 48.21 40.79 10.60
N LEU B 600 47.54 41.63 11.37
CA LEU B 600 48.04 41.96 12.68
C LEU B 600 46.94 41.46 13.59
N SER B 601 47.31 40.64 14.56
CA SER B 601 46.32 40.08 15.46
C SER B 601 46.63 40.38 16.91
N CYS B 602 45.62 40.87 17.64
CA CYS B 602 45.77 41.09 19.07
C CYS B 602 44.77 40.27 19.87
N VAL B 603 45.29 39.57 20.87
CA VAL B 603 44.45 38.75 21.71
C VAL B 603 44.81 38.96 23.16
N VAL B 604 43.81 38.86 24.01
CA VAL B 604 43.98 39.02 25.43
C VAL B 604 43.28 37.87 26.10
N VAL B 605 43.92 37.33 27.13
CA VAL B 605 43.32 36.32 27.94
C VAL B 605 43.09 36.87 29.33
N ASP B 606 41.84 36.75 29.76
CA ASP B 606 41.31 37.36 30.95
C ASP B 606 41.40 36.43 32.13
N ASP B 607 42.11 36.82 33.17
CA ASP B 607 42.20 36.01 34.36
C ASP B 607 42.48 34.54 34.04
N ILE B 608 43.70 34.27 33.58
CA ILE B 608 44.11 32.96 33.10
C ILE B 608 43.85 31.88 34.14
N GLU B 609 44.05 32.23 35.40
CA GLU B 609 43.76 31.32 36.50
C GLU B 609 42.26 31.00 36.50
N ARG B 610 41.41 31.99 36.22
CA ARG B 610 39.97 31.77 36.19
C ARG B 610 39.65 30.78 35.08
N LEU B 611 40.33 30.94 33.94
CA LEU B 611 40.04 30.12 32.76
C LEU B 611 40.23 28.64 33.03
N LEU B 612 41.34 28.34 33.70
CA LEU B 612 41.69 26.96 34.03
C LEU B 612 40.78 26.45 35.07
N ASP B 613 40.08 27.43 35.62
CA ASP B 613 39.21 27.29 36.73
C ASP B 613 39.95 26.75 37.97
N TYR B 614 41.20 27.18 38.14
CA TYR B 614 42.00 26.72 39.28
C TYR B 614 41.36 27.03 40.64
N VAL B 615 41.41 26.07 41.53
CA VAL B 615 40.90 26.24 42.89
C VAL B 615 42.03 25.96 43.88
N PRO B 616 42.28 26.90 44.82
CA PRO B 616 43.42 26.67 45.71
C PRO B 616 43.28 25.37 46.51
N ILE B 617 42.10 25.04 47.02
CA ILE B 617 41.90 23.75 47.69
C ILE B 617 42.15 22.69 46.65
N GLY B 618 42.69 21.54 47.06
CA GLY B 618 42.89 20.49 46.09
C GLY B 618 44.35 20.28 45.83
N PRO B 619 44.84 20.78 44.68
CA PRO B 619 44.09 21.66 43.79
C PRO B 619 43.52 21.03 42.51
N ARG B 620 42.28 21.36 42.20
CA ARG B 620 41.68 20.84 40.99
C ARG B 620 41.49 21.94 39.97
N PHE B 621 42.01 21.68 38.78
CA PHE B 621 41.88 22.58 37.66
C PHE B 621 41.64 21.78 36.40
N SER B 622 41.05 22.42 35.40
CA SER B 622 40.78 21.75 34.15
C SER B 622 42.04 21.70 33.30
N ASN B 623 42.59 20.49 33.17
CA ASN B 623 43.85 20.29 32.47
C ASN B 623 43.83 20.58 30.98
N LEU B 624 42.71 20.24 30.34
CA LEU B 624 42.61 20.34 28.89
C LEU B 624 42.79 21.76 28.39
N VAL B 625 42.16 22.70 29.10
CA VAL B 625 42.23 24.11 28.76
C VAL B 625 43.68 24.58 28.90
N LEU B 626 44.35 24.12 29.95
CA LEU B 626 45.73 24.51 30.17
C LEU B 626 46.65 24.06 29.06
N GLN B 627 46.45 22.82 28.64
CA GLN B 627 47.24 22.30 27.55
C GLN B 627 46.97 23.07 26.28
N ALA B 628 45.70 23.37 26.06
CA ALA B 628 45.37 24.12 24.88
C ALA B 628 46.12 25.44 24.92
N LEU B 629 46.09 26.11 26.07
CA LEU B 629 46.73 27.41 26.20
C LEU B 629 48.22 27.33 25.98
N LEU B 630 48.86 26.31 26.54
CA LEU B 630 50.30 26.14 26.43
C LEU B 630 50.72 25.89 24.98
N VAL B 631 49.92 25.10 24.28
CA VAL B 631 50.15 24.88 22.86
C VAL B 631 50.04 26.18 22.10
N LEU B 632 49.03 26.96 22.48
CA LEU B 632 48.74 28.23 21.85
C LEU B 632 49.85 29.27 22.04
N LEU B 633 50.42 29.34 23.24
CA LEU B 633 51.56 30.22 23.52
C LEU B 633 52.77 29.75 22.74
N LYS B 634 52.95 28.44 22.70
CA LYS B 634 53.98 27.84 21.87
C LYS B 634 53.73 28.09 20.38
N LYS B 635 52.46 28.06 19.99
CA LYS B 635 52.07 28.12 18.58
C LYS B 635 52.50 29.43 17.92
N ALA B 636 52.88 29.37 16.65
CA ALA B 636 53.33 30.55 15.89
C ALA B 636 52.37 30.85 14.73
N PRO B 637 51.97 32.12 14.56
CA PRO B 637 51.00 32.46 13.52
C PRO B 637 51.51 32.11 12.12
N PRO B 638 50.62 31.63 11.26
CA PRO B 638 50.84 31.58 9.82
C PRO B 638 51.40 32.86 9.21
N GLN B 639 52.17 32.69 8.16
CA GLN B 639 53.10 33.70 7.65
C GLN B 639 52.46 35.00 7.17
N GLY B 640 53.15 36.11 7.37
CA GLY B 640 52.61 37.40 6.98
C GLY B 640 51.84 37.96 8.14
N ARG B 641 51.73 37.17 9.20
CA ARG B 641 51.01 37.64 10.37
C ARG B 641 51.73 37.61 11.70
N LYS B 642 51.54 38.70 12.42
CA LYS B 642 52.06 38.86 13.77
C LYS B 642 51.01 38.92 14.88
N LEU B 643 51.15 38.04 15.87
CA LEU B 643 50.12 37.89 16.89
C LEU B 643 50.64 38.28 18.29
N LEU B 644 49.85 39.09 19.00
CA LEU B 644 50.20 39.57 20.34
C LEU B 644 49.29 38.98 21.40
N ILE B 645 49.86 38.24 22.35
CA ILE B 645 49.06 37.59 23.37
C ILE B 645 49.34 38.21 24.71
N ILE B 646 48.30 38.71 25.34
CA ILE B 646 48.45 39.28 26.65
C ILE B 646 47.63 38.41 27.57
N GLY B 647 48.22 37.80 28.57
CA GLY B 647 47.46 36.97 29.49
C GLY B 647 47.56 37.54 30.88
N THR B 648 46.43 37.76 31.56
CA THR B 648 46.58 38.30 32.91
C THR B 648 46.17 37.33 34.03
N THR B 649 47.07 37.16 35.00
CA THR B 649 46.91 36.20 36.08
C THR B 649 46.86 36.88 37.45
N SER B 650 45.86 36.55 38.26
CA SER B 650 45.81 37.20 39.57
C SER B 650 47.03 36.81 40.40
N ARG B 651 47.34 35.51 40.45
CA ARG B 651 48.56 35.06 41.15
C ARG B 651 49.45 34.15 40.29
N LYS B 652 50.72 34.51 40.16
CA LYS B 652 51.73 33.73 39.43
C LYS B 652 52.00 32.41 40.10
N ASP B 653 51.87 32.34 41.42
CA ASP B 653 52.39 31.20 42.18
C ASP B 653 51.72 29.97 41.65
N VAL B 654 50.43 30.05 41.32
CA VAL B 654 49.80 28.88 40.74
C VAL B 654 50.46 28.51 39.43
N LEU B 655 50.71 29.53 38.63
CA LEU B 655 51.24 29.35 37.29
C LEU B 655 52.65 28.80 37.23
N GLN B 656 53.49 29.22 38.15
CA GLN B 656 54.86 28.77 38.11
C GLN B 656 54.96 27.28 38.32
N GLU B 657 54.10 26.75 39.20
CA GLU B 657 54.11 25.31 39.36
C GLU B 657 53.75 24.70 38.03
N MET B 658 52.75 25.30 37.39
CA MET B 658 52.24 24.82 36.11
C MET B 658 53.28 24.81 35.00
N GLU B 659 54.20 25.77 35.04
CA GLU B 659 55.24 26.03 34.02
C GLU B 659 54.68 26.82 32.87
N MET B 660 53.47 27.30 33.08
CA MET B 660 52.81 28.17 32.14
C MET B 660 53.64 29.41 31.96
N LEU B 661 54.18 29.86 33.08
CA LEU B 661 54.86 31.13 33.18
C LEU B 661 56.09 31.19 32.30
N ASN B 662 56.79 30.06 32.20
CA ASN B 662 57.98 29.92 31.38
C ASN B 662 57.64 30.20 29.92
N ALA B 663 56.48 29.72 29.48
CA ALA B 663 56.06 29.84 28.09
C ALA B 663 55.98 31.29 27.69
N PHE B 664 55.44 32.12 28.58
CA PHE B 664 55.25 33.53 28.32
C PHE B 664 56.61 34.18 28.13
N SER B 665 56.69 34.98 27.08
CA SER B 665 57.91 35.70 26.75
C SER B 665 58.35 36.76 27.75
N THR B 666 57.39 37.56 28.21
CA THR B 666 57.69 38.62 29.16
C THR B 666 56.60 38.82 30.22
N THR B 667 57.00 39.15 31.44
CA THR B 667 56.00 39.36 32.49
C THR B 667 56.18 40.71 33.20
N ILE B 668 55.07 41.43 33.39
CA ILE B 668 55.08 42.78 33.98
C ILE B 668 54.37 42.80 35.32
N HIS B 669 55.01 43.25 36.39
CA HIS B 669 54.28 43.39 37.64
C HIS B 669 53.39 44.61 37.66
N VAL B 670 52.28 44.53 38.41
CA VAL B 670 51.38 45.67 38.58
C VAL B 670 51.02 45.81 40.08
N PRO B 671 51.96 46.30 40.89
CA PRO B 671 51.73 46.30 42.34
C PRO B 671 50.63 47.24 42.84
N ASN B 672 49.91 46.86 43.90
CA ASN B 672 49.00 47.79 44.61
C ASN B 672 49.71 48.87 45.40
N ILE B 673 48.97 49.94 45.69
CA ILE B 673 49.48 51.13 46.37
C ILE B 673 50.09 50.72 47.70
N ALA B 674 51.30 51.21 47.98
CA ALA B 674 52.03 50.85 49.20
C ALA B 674 52.46 52.05 50.02
N THR B 675 52.23 53.24 49.50
CA THR B 675 52.60 54.47 50.19
C THR B 675 51.43 55.45 50.29
N GLY B 676 51.44 56.25 51.33
CA GLY B 676 50.41 57.24 51.55
C GLY B 676 50.38 58.23 50.40
N GLU B 677 51.54 58.49 49.81
CA GLU B 677 51.64 59.42 48.70
C GLU B 677 50.82 58.94 47.52
N GLN B 678 51.04 57.69 47.10
CA GLN B 678 50.30 57.12 45.98
C GLN B 678 48.81 57.10 46.29
N LEU B 679 48.50 56.97 47.58
CA LEU B 679 47.12 56.91 48.07
C LEU B 679 46.44 58.24 47.78
N LEU B 680 46.99 59.31 48.36
CA LEU B 680 46.41 60.63 48.12
C LEU B 680 46.44 60.95 46.65
N GLU B 681 47.51 60.56 45.97
CA GLU B 681 47.62 60.83 44.54
C GLU B 681 46.41 60.25 43.81
N ALA B 682 46.00 59.06 44.22
CA ALA B 682 44.82 58.44 43.64
C ALA B 682 43.54 59.17 44.03
N LEU B 683 43.38 59.49 45.31
CA LEU B 683 42.18 60.22 45.76
C LEU B 683 42.02 61.57 45.06
N GLU B 684 43.15 62.23 44.84
CA GLU B 684 43.21 63.54 44.20
C GLU B 684 42.80 63.42 42.75
N LEU B 685 43.46 62.52 42.02
CA LEU B 685 43.10 62.33 40.61
C LEU B 685 41.64 61.90 40.43
N LEU B 686 41.12 61.15 41.40
CA LEU B 686 39.73 60.68 41.32
C LEU B 686 38.71 61.78 41.63
N GLY B 687 39.12 62.75 42.44
CA GLY B 687 38.27 63.86 42.84
C GLY B 687 36.95 63.44 43.45
N ASN B 688 37.02 62.86 44.64
CA ASN B 688 35.84 62.41 45.36
C ASN B 688 35.65 63.18 46.66
N PHE B 689 36.69 63.15 47.49
CA PHE B 689 36.66 63.83 48.77
C PHE B 689 36.96 65.32 48.58
N LYS B 690 36.48 66.12 49.52
CA LYS B 690 36.69 67.56 49.48
C LYS B 690 38.13 67.88 49.83
N ASP B 691 38.58 69.09 49.54
CA ASP B 691 39.94 69.52 49.84
C ASP B 691 40.29 69.29 51.31
N LYS B 692 39.31 69.57 52.17
CA LYS B 692 39.46 69.44 53.62
C LYS B 692 39.58 67.98 54.01
N GLU B 693 38.69 67.17 53.46
CA GLU B 693 38.66 65.75 53.76
C GLU B 693 39.99 65.11 53.38
N ARG B 694 40.46 65.40 52.17
CA ARG B 694 41.73 64.85 51.73
C ARG B 694 42.87 65.34 52.58
N THR B 695 42.82 66.60 53.01
CA THR B 695 43.88 67.08 53.90
C THR B 695 43.91 66.28 55.21
N THR B 696 42.73 65.91 55.70
CA THR B 696 42.66 65.13 56.95
C THR B 696 43.21 63.72 56.74
N ILE B 697 42.75 63.09 55.65
CA ILE B 697 43.19 61.75 55.32
C ILE B 697 44.71 61.75 55.24
N ALA B 698 45.24 62.75 54.54
CA ALA B 698 46.68 62.90 54.40
C ALA B 698 47.35 62.98 55.76
N GLN B 699 46.76 63.74 56.69
CA GLN B 699 47.31 63.78 58.04
C GLN B 699 47.12 62.45 58.79
N GLN B 700 46.38 61.51 58.21
CA GLN B 700 46.22 60.20 58.86
C GLN B 700 46.92 59.03 58.16
N VAL B 701 47.69 59.32 57.11
CA VAL B 701 48.36 58.26 56.35
C VAL B 701 49.83 58.57 56.01
N LYS B 702 50.12 59.83 55.65
CA LYS B 702 51.48 60.24 55.31
C LYS B 702 52.48 59.82 56.39
N GLY B 703 53.41 58.96 56.00
CA GLY B 703 54.42 58.46 56.91
C GLY B 703 54.12 57.03 57.31
N LYS B 704 52.94 56.54 56.92
CA LYS B 704 52.53 55.17 57.25
C LYS B 704 52.47 54.31 56.00
N LYS B 705 52.47 52.99 56.19
CA LYS B 705 52.40 52.06 55.07
C LYS B 705 50.97 51.60 54.78
N VAL B 706 50.69 51.31 53.51
CA VAL B 706 49.37 50.86 53.09
C VAL B 706 49.50 49.71 52.10
N TRP B 707 48.41 48.97 51.87
CA TRP B 707 48.46 47.84 50.95
C TRP B 707 47.05 47.55 50.41
N ILE B 708 46.64 48.32 49.41
CA ILE B 708 45.31 48.19 48.78
C ILE B 708 45.26 48.55 47.29
N GLY B 709 44.54 47.75 46.49
CA GLY B 709 44.42 48.00 45.07
C GLY B 709 43.76 49.31 44.67
N ILE B 710 43.51 49.45 43.37
CA ILE B 710 42.88 50.67 42.90
C ILE B 710 41.38 50.41 42.88
N LYS B 711 40.96 49.27 42.34
CA LYS B 711 39.55 48.92 42.31
C LYS B 711 38.95 48.80 43.69
N LYS B 712 39.71 48.15 44.57
CA LYS B 712 39.26 47.92 45.93
C LYS B 712 39.11 49.30 46.53
N LEU B 713 40.01 50.19 46.14
CA LEU B 713 39.98 51.55 46.63
C LEU B 713 38.73 52.24 46.16
N LEU B 714 38.43 52.12 44.87
CA LEU B 714 37.24 52.73 44.30
C LEU B 714 36.02 52.30 45.09
N MET B 715 36.05 51.03 45.49
CA MET B 715 34.96 50.47 46.26
C MET B 715 34.87 51.12 47.63
N LEU B 716 35.95 51.08 48.41
CA LEU B 716 35.93 51.72 49.74
C LEU B 716 35.48 53.17 49.68
N ILE B 717 35.91 53.87 48.63
CA ILE B 717 35.56 55.26 48.44
C ILE B 717 34.06 55.40 48.33
N GLU B 718 33.48 54.64 47.41
CA GLU B 718 32.03 54.68 47.27
C GLU B 718 31.30 54.29 48.54
N MET B 719 31.85 53.33 49.27
CA MET B 719 31.23 52.85 50.51
C MET B 719 31.28 53.94 51.57
N SER B 720 32.24 54.86 51.42
CA SER B 720 32.40 55.95 52.36
C SER B 720 31.54 57.14 51.99
N LEU B 721 31.30 57.32 50.68
CA LEU B 721 30.49 58.45 50.21
C LEU B 721 29.01 58.28 50.58
N GLN B 722 28.62 57.06 50.90
CA GLN B 722 27.23 56.77 51.27
C GLN B 722 26.92 57.32 52.65
N MET B 723 27.89 57.21 53.55
CA MET B 723 27.75 57.73 54.91
C MET B 723 27.55 59.24 54.83
N ASP B 724 26.88 59.81 55.84
CA ASP B 724 26.67 61.26 55.90
C ASP B 724 27.97 62.02 55.63
N PRO B 725 27.87 63.24 55.08
CA PRO B 725 29.03 64.10 54.80
C PRO B 725 29.94 64.37 56.00
N GLU B 726 29.53 63.91 57.18
CA GLU B 726 30.29 64.10 58.42
C GLU B 726 30.92 62.78 58.86
N TYR B 727 30.45 61.70 58.26
CA TYR B 727 30.93 60.37 58.60
C TYR B 727 31.73 59.72 57.46
N ARG B 728 31.81 60.42 56.33
CA ARG B 728 32.54 59.91 55.16
C ARG B 728 34.02 59.67 55.44
N VAL B 729 34.70 60.70 55.92
CA VAL B 729 36.13 60.62 56.21
C VAL B 729 36.45 59.50 57.19
N ARG B 730 35.73 59.49 58.31
CA ARG B 730 35.95 58.51 59.36
C ARG B 730 35.68 57.11 58.81
N LYS B 731 34.65 57.01 57.97
CA LYS B 731 34.30 55.71 57.40
C LYS B 731 35.43 55.22 56.52
N PHE B 732 35.93 56.12 55.68
CA PHE B 732 37.02 55.79 54.78
C PHE B 732 38.20 55.24 55.55
N LEU B 733 38.62 55.99 56.58
CA LEU B 733 39.74 55.51 57.39
C LEU B 733 39.38 54.21 58.12
N ALA B 734 38.10 53.96 58.32
CA ALA B 734 37.63 52.74 58.97
C ALA B 734 37.69 51.52 58.06
N LEU B 735 37.54 51.74 56.76
CA LEU B 735 37.59 50.66 55.78
C LEU B 735 39.02 50.29 55.43
N LEU B 736 39.81 51.30 55.12
CA LEU B 736 41.22 51.10 54.76
C LEU B 736 41.98 50.45 55.91
N ARG B 737 41.43 50.58 57.12
CA ARG B 737 42.03 50.02 58.31
C ARG B 737 41.79 48.52 58.34
N GLU B 738 40.66 48.10 57.78
CA GLU B 738 40.29 46.69 57.74
C GLU B 738 40.88 46.02 56.51
N GLU B 739 41.08 46.82 55.46
CA GLU B 739 41.63 46.31 54.21
C GLU B 739 43.14 46.53 54.15
N GLY B 740 43.84 46.11 55.19
CA GLY B 740 45.28 46.27 55.26
C GLY B 740 46.03 44.95 55.17
N MET C 4 20.00 -39.22 -68.97
CA MET C 4 21.44 -38.87 -69.16
C MET C 4 21.58 -37.40 -69.54
N ALA C 5 20.95 -37.02 -70.65
CA ALA C 5 21.00 -35.64 -71.11
C ALA C 5 20.04 -34.76 -70.32
N GLY C 6 19.04 -35.40 -69.71
CA GLY C 6 18.07 -34.66 -68.93
C GLY C 6 16.65 -34.81 -69.46
N ARG C 7 15.67 -34.56 -68.59
CA ARG C 7 14.28 -34.67 -68.99
C ARG C 7 13.41 -33.68 -68.22
N SER C 8 12.35 -33.21 -68.87
CA SER C 8 11.42 -32.25 -68.27
C SER C 8 10.74 -32.82 -67.04
N MET C 9 10.79 -32.08 -65.94
CA MET C 9 10.17 -32.49 -64.68
C MET C 9 9.69 -31.27 -63.91
N GLN C 10 8.62 -31.43 -63.14
CA GLN C 10 8.07 -30.33 -62.35
C GLN C 10 8.23 -30.60 -60.86
N ALA C 11 8.41 -29.54 -60.08
CA ALA C 11 8.58 -29.67 -58.64
C ALA C 11 7.26 -30.01 -57.94
N ALA C 12 7.38 -30.63 -56.76
CA ALA C 12 6.21 -31.01 -55.98
C ALA C 12 6.53 -30.94 -54.50
N ARG C 13 5.65 -31.49 -53.67
CA ARG C 13 5.86 -31.47 -52.22
C ARG C 13 6.28 -32.85 -51.71
N CYS C 14 7.12 -32.86 -50.68
CA CYS C 14 7.59 -34.10 -50.10
C CYS C 14 6.44 -34.97 -49.61
N PRO C 15 6.51 -36.28 -49.87
CA PRO C 15 5.46 -37.23 -49.47
C PRO C 15 5.14 -37.17 -47.97
N THR C 16 6.08 -37.64 -47.15
CA THR C 16 5.90 -37.64 -45.70
C THR C 16 7.04 -36.91 -45.00
N ASP C 17 6.86 -36.65 -43.71
CA ASP C 17 7.87 -35.97 -42.92
C ASP C 17 9.10 -36.84 -42.76
N GLU C 18 8.96 -38.13 -43.05
CA GLU C 18 10.06 -39.07 -42.93
C GLU C 18 11.15 -38.77 -43.95
N LEU C 19 10.76 -38.65 -45.21
CA LEU C 19 11.70 -38.36 -46.29
C LEU C 19 12.12 -36.90 -46.26
N SER C 20 11.46 -36.13 -45.40
CA SER C 20 11.77 -34.71 -45.27
C SER C 20 12.96 -34.49 -44.36
N LEU C 21 13.19 -35.44 -43.45
CA LEU C 21 14.30 -35.35 -42.50
C LEU C 21 15.54 -36.06 -43.05
N SER C 22 15.56 -36.27 -44.36
CA SER C 22 16.68 -36.93 -45.01
C SER C 22 17.34 -36.02 -46.05
N ASN C 23 16.68 -34.92 -46.35
CA ASN C 23 17.19 -33.96 -47.33
C ASN C 23 17.48 -34.68 -48.64
N CYS C 24 16.46 -35.36 -49.17
CA CYS C 24 16.62 -36.10 -50.42
C CYS C 24 15.43 -35.86 -51.36
N ALA C 25 15.74 -35.64 -52.64
CA ALA C 25 14.71 -35.40 -53.64
C ALA C 25 13.92 -36.68 -53.88
N VAL C 26 12.74 -36.77 -53.29
CA VAL C 26 11.88 -37.94 -53.43
C VAL C 26 11.28 -38.02 -54.83
N VAL C 27 11.53 -39.13 -55.51
CA VAL C 27 11.02 -39.34 -56.86
C VAL C 27 10.25 -40.66 -56.96
N SER C 28 9.74 -40.95 -58.14
CA SER C 28 8.98 -42.17 -58.36
C SER C 28 9.91 -43.33 -58.72
N GLU C 29 9.46 -44.55 -58.45
CA GLU C 29 10.24 -45.74 -58.72
C GLU C 29 10.18 -46.08 -60.22
N LYS C 30 9.25 -45.45 -60.92
CA LYS C 30 9.07 -45.67 -62.35
C LYS C 30 9.97 -44.74 -63.17
N ASP C 31 10.70 -43.87 -62.48
CA ASP C 31 11.58 -42.93 -63.13
C ASP C 31 13.05 -43.19 -62.76
N TYR C 32 13.38 -43.00 -61.49
CA TYR C 32 14.74 -43.22 -61.00
C TYR C 32 14.76 -44.28 -59.91
N GLN C 33 15.95 -44.53 -59.36
CA GLN C 33 16.12 -45.52 -58.29
C GLN C 33 16.94 -44.93 -57.14
N SER C 34 16.52 -45.24 -55.92
CA SER C 34 17.21 -44.75 -54.72
C SER C 34 18.70 -45.05 -54.77
N GLY C 35 19.52 -44.01 -54.61
CA GLY C 35 20.96 -44.19 -54.64
C GLY C 35 21.63 -43.33 -55.68
N GLN C 36 20.96 -43.13 -56.81
CA GLN C 36 21.50 -42.33 -57.89
C GLN C 36 21.51 -40.85 -57.53
N HIS C 37 22.34 -40.09 -58.24
CA HIS C 37 22.46 -38.66 -57.99
C HIS C 37 22.00 -37.87 -59.21
N VAL C 38 21.37 -36.73 -58.98
CA VAL C 38 20.87 -35.89 -60.07
C VAL C 38 21.23 -34.42 -59.85
N ILE C 39 21.18 -33.65 -60.94
CA ILE C 39 21.50 -32.22 -60.88
C ILE C 39 20.36 -31.38 -61.42
N VAL C 40 19.60 -30.77 -60.52
CA VAL C 40 18.47 -29.92 -60.91
C VAL C 40 18.97 -28.72 -61.68
N ARG C 41 18.32 -28.44 -62.81
CA ARG C 41 18.70 -27.31 -63.65
C ARG C 41 17.57 -26.29 -63.77
N THR C 42 17.87 -25.04 -63.46
CA THR C 42 16.89 -23.96 -63.54
C THR C 42 17.50 -22.75 -64.21
N SER C 43 18.81 -22.82 -64.45
CA SER C 43 19.55 -21.74 -65.09
C SER C 43 20.97 -22.21 -65.41
N PRO C 44 21.59 -21.62 -66.45
CA PRO C 44 22.95 -22.02 -66.83
C PRO C 44 23.97 -21.85 -65.72
N ASN C 45 23.61 -21.09 -64.69
CA ASN C 45 24.50 -20.85 -63.56
C ASN C 45 23.87 -21.29 -62.24
N HIS C 46 22.67 -21.86 -62.32
CA HIS C 46 21.96 -22.32 -61.12
C HIS C 46 21.86 -23.84 -61.10
N LYS C 47 22.96 -24.49 -60.76
CA LYS C 47 23.00 -25.95 -60.70
C LYS C 47 23.04 -26.45 -59.25
N TYR C 48 22.10 -27.32 -58.91
CA TYR C 48 22.03 -27.87 -57.56
C TYR C 48 22.03 -29.40 -57.62
N ILE C 49 22.68 -30.03 -56.65
CA ILE C 49 22.76 -31.48 -56.61
C ILE C 49 22.01 -32.05 -55.41
N PHE C 50 21.15 -33.05 -55.66
CA PHE C 50 20.38 -33.68 -54.61
C PHE C 50 20.50 -35.20 -54.65
N THR C 51 19.99 -35.86 -53.63
CA THR C 51 20.02 -37.31 -53.54
C THR C 51 18.59 -37.81 -53.69
N LEU C 52 18.39 -38.79 -54.57
CA LEU C 52 17.06 -39.34 -54.81
C LEU C 52 16.66 -40.45 -53.85
N ARG C 53 15.37 -40.49 -53.52
CA ARG C 53 14.82 -41.50 -52.62
C ARG C 53 13.37 -41.77 -53.00
N THR C 54 13.16 -42.81 -53.81
CA THR C 54 11.84 -43.19 -54.29
C THR C 54 10.80 -43.37 -53.19
N HIS C 55 9.53 -43.36 -53.59
CA HIS C 55 8.41 -43.53 -52.67
C HIS C 55 7.13 -43.77 -53.48
N PRO C 56 6.36 -44.80 -53.11
CA PRO C 56 5.11 -45.16 -53.79
C PRO C 56 4.05 -44.07 -53.82
N SER C 57 4.42 -42.84 -53.47
CA SER C 57 3.48 -41.73 -53.47
C SER C 57 3.81 -40.70 -54.55
N VAL C 58 5.05 -40.75 -55.04
CA VAL C 58 5.50 -39.81 -56.07
C VAL C 58 4.79 -40.08 -57.40
N VAL C 59 4.59 -39.00 -58.16
CA VAL C 59 3.93 -39.09 -59.45
C VAL C 59 4.96 -39.13 -60.58
N PRO C 60 4.82 -40.10 -61.50
CA PRO C 60 5.74 -40.26 -62.63
C PRO C 60 5.90 -38.98 -63.43
N GLY C 61 7.14 -38.49 -63.53
CA GLY C 61 7.40 -37.27 -64.27
C GLY C 61 7.43 -36.03 -63.41
N SER C 62 7.90 -36.18 -62.17
CA SER C 62 7.98 -35.06 -61.24
C SER C 62 8.77 -35.42 -59.99
N VAL C 63 9.56 -34.47 -59.50
CA VAL C 63 10.38 -34.68 -58.31
C VAL C 63 9.84 -33.84 -57.16
N ALA C 64 9.74 -34.46 -55.98
CA ALA C 64 9.23 -33.77 -54.80
C ALA C 64 10.36 -33.27 -53.91
N PHE C 65 10.28 -31.99 -53.54
CA PHE C 65 11.29 -31.39 -52.68
C PHE C 65 10.67 -30.90 -51.38
N SER C 66 11.39 -31.04 -50.28
CA SER C 66 10.90 -30.60 -48.98
C SER C 66 10.96 -29.08 -48.89
N LEU C 67 10.28 -28.52 -47.89
CA LEU C 67 10.26 -27.08 -47.69
C LEU C 67 11.67 -26.51 -47.58
N PRO C 68 12.52 -27.09 -46.72
CA PRO C 68 13.89 -26.61 -46.55
C PRO C 68 14.65 -26.51 -47.87
N GLN C 69 14.52 -27.55 -48.69
CA GLN C 69 15.19 -27.60 -49.99
C GLN C 69 14.70 -26.48 -50.89
N ARG C 70 13.38 -26.30 -50.94
CA ARG C 70 12.78 -25.27 -51.78
C ARG C 70 13.22 -23.89 -51.33
N LYS C 71 13.71 -23.79 -50.10
CA LYS C 71 14.17 -22.52 -49.55
C LYS C 71 15.63 -22.30 -49.95
N TRP C 72 16.26 -23.34 -50.45
CA TRP C 72 17.65 -23.28 -50.88
C TRP C 72 17.76 -23.25 -52.40
N ALA C 73 17.33 -24.32 -53.04
CA ALA C 73 17.38 -24.43 -54.50
C ALA C 73 16.45 -23.42 -55.16
N GLY C 74 15.65 -22.74 -54.35
CA GLY C 74 14.72 -21.75 -54.88
C GLY C 74 13.77 -22.34 -55.89
N LEU C 75 13.07 -23.41 -55.50
CA LEU C 75 12.11 -24.06 -56.38
C LEU C 75 10.69 -23.83 -55.92
N SER C 76 9.78 -23.63 -56.87
CA SER C 76 8.37 -23.40 -56.56
C SER C 76 7.54 -24.62 -56.92
N ILE C 77 6.37 -24.73 -56.30
CA ILE C 77 5.47 -25.85 -56.55
C ILE C 77 4.66 -25.65 -57.83
N GLY C 78 5.19 -26.16 -58.94
CA GLY C 78 4.50 -26.03 -60.21
C GLY C 78 5.40 -25.63 -61.36
N GLN C 79 6.60 -25.13 -61.05
CA GLN C 79 7.53 -24.71 -62.08
C GLN C 79 8.08 -25.90 -62.86
N GLU C 80 8.83 -25.62 -63.91
CA GLU C 80 9.42 -26.66 -64.74
C GLU C 80 10.93 -26.68 -64.59
N ILE C 81 11.48 -27.86 -64.31
CA ILE C 81 12.92 -28.01 -64.14
C ILE C 81 13.44 -29.20 -64.93
N GLU C 82 14.76 -29.22 -65.16
CA GLU C 82 15.39 -30.31 -65.90
C GLU C 82 16.29 -31.12 -64.98
N VAL C 83 16.03 -32.42 -64.91
CA VAL C 83 16.81 -33.31 -64.07
C VAL C 83 17.69 -34.22 -64.91
N ALA C 84 18.95 -34.36 -64.51
CA ALA C 84 19.90 -35.19 -65.23
C ALA C 84 20.77 -35.98 -64.24
N LEU C 85 21.07 -37.22 -64.59
CA LEU C 85 21.89 -38.08 -63.74
C LEU C 85 23.29 -37.50 -63.60
N TYR C 86 23.76 -37.38 -62.36
CA TYR C 86 25.09 -36.84 -62.09
C TYR C 86 25.97 -37.85 -61.38
N SER C 87 27.24 -37.89 -61.76
CA SER C 87 28.19 -38.82 -61.16
C SER C 87 29.25 -38.07 -60.36
N PHE C 88 29.63 -38.62 -59.22
CA PHE C 88 30.63 -38.00 -58.36
C PHE C 88 32.00 -38.62 -58.57
N ASP C 89 33.05 -37.88 -58.22
CA ASP C 89 34.42 -38.35 -58.35
C ASP C 89 34.96 -38.69 -56.96
N LYS C 90 34.62 -39.88 -56.47
CA LYS C 90 35.06 -40.34 -55.16
C LYS C 90 36.56 -40.23 -54.92
N ALA C 91 37.30 -39.84 -55.94
CA ALA C 91 38.75 -39.70 -55.83
C ALA C 91 39.10 -38.32 -55.29
N LYS C 92 38.27 -37.33 -55.58
CA LYS C 92 38.49 -35.96 -55.12
C LYS C 92 37.20 -35.23 -54.81
N GLN C 93 36.18 -35.97 -54.39
CA GLN C 93 34.89 -35.36 -54.05
C GLN C 93 34.28 -35.93 -52.77
N CYS C 94 34.95 -36.89 -52.16
CA CYS C 94 34.44 -37.50 -50.93
C CYS C 94 34.71 -36.58 -49.74
N ILE C 95 33.66 -36.32 -48.96
CA ILE C 95 33.76 -35.45 -47.80
C ILE C 95 34.54 -36.12 -46.67
N GLY C 96 35.58 -35.45 -46.19
CA GLY C 96 36.37 -35.99 -45.09
C GLY C 96 36.30 -35.11 -43.87
N THR C 97 35.96 -33.84 -44.08
CA THR C 97 35.84 -32.87 -43.00
C THR C 97 34.88 -31.76 -43.41
N MET C 98 33.63 -31.87 -42.96
CA MET C 98 32.62 -30.87 -43.30
C MET C 98 32.01 -30.22 -42.06
N THR C 99 32.04 -28.89 -42.03
CA THR C 99 31.48 -28.14 -40.91
C THR C 99 30.02 -27.82 -41.20
N ILE C 100 29.19 -27.91 -40.18
CA ILE C 100 27.76 -27.63 -40.34
C ILE C 100 27.23 -26.68 -39.27
N GLU C 101 26.36 -25.76 -39.69
CA GLU C 101 25.76 -24.79 -38.79
C GLU C 101 24.41 -25.33 -38.32
N ILE C 102 24.28 -25.55 -37.02
CA ILE C 102 23.04 -26.07 -36.46
C ILE C 102 22.27 -25.03 -35.65
N ASP C 103 20.95 -25.09 -35.74
CA ASP C 103 20.08 -24.16 -35.01
C ASP C 103 18.67 -24.75 -34.95
N PHE C 104 17.96 -24.49 -33.87
CA PHE C 104 16.61 -25.00 -33.70
C PHE C 104 15.73 -24.69 -34.89
N LEU C 105 15.16 -25.73 -35.49
CA LEU C 105 14.29 -25.56 -36.66
C LEU C 105 12.90 -25.17 -36.20
N GLN C 106 12.44 -25.81 -35.13
CA GLN C 106 11.11 -25.55 -34.58
C GLN C 106 11.19 -24.47 -33.51
N LYS C 107 10.73 -23.28 -33.86
CA LYS C 107 10.75 -22.14 -32.94
C LYS C 107 9.68 -22.24 -31.86
N LYS C 108 9.43 -23.46 -31.41
CA LYS C 108 8.44 -23.72 -30.37
C LYS C 108 8.98 -24.70 -29.33
N ASN C 109 10.09 -25.35 -29.66
CA ASN C 109 10.73 -26.31 -28.77
C ASN C 109 12.14 -25.85 -28.46
N ILE C 110 12.37 -24.55 -28.55
CA ILE C 110 13.68 -23.97 -28.29
C ILE C 110 13.98 -23.95 -26.79
N ASP C 111 15.19 -24.36 -26.42
CA ASP C 111 15.60 -24.37 -25.03
C ASP C 111 17.08 -24.03 -24.90
N SER C 112 17.61 -24.12 -23.69
CA SER C 112 19.01 -23.82 -23.44
C SER C 112 19.74 -25.02 -22.84
N ASN C 113 19.17 -26.21 -23.02
CA ASN C 113 19.76 -27.43 -22.50
C ASN C 113 20.90 -27.92 -23.39
N PRO C 114 21.92 -28.56 -22.78
CA PRO C 114 23.09 -29.09 -23.49
C PRO C 114 22.76 -30.24 -24.45
N TYR C 115 23.50 -30.31 -25.55
CA TYR C 115 23.31 -31.35 -26.56
C TYR C 115 24.66 -31.90 -27.01
N ASP C 116 24.99 -33.11 -26.58
CA ASP C 116 26.25 -33.74 -26.93
C ASP C 116 26.39 -33.82 -28.46
N THR C 117 27.52 -33.32 -28.96
CA THR C 117 27.78 -33.33 -30.40
C THR C 117 28.40 -34.64 -30.87
N ASP C 118 29.21 -35.26 -30.01
CA ASP C 118 29.86 -36.52 -30.35
C ASP C 118 28.83 -37.57 -30.77
N LYS C 119 27.67 -37.56 -30.12
CA LYS C 119 26.61 -38.50 -30.42
C LYS C 119 25.85 -38.09 -31.68
N MET C 120 26.04 -36.83 -32.09
CA MET C 120 25.38 -36.30 -33.27
C MET C 120 26.12 -36.70 -34.55
N ALA C 121 27.43 -36.50 -34.55
CA ALA C 121 28.25 -36.84 -35.70
C ALA C 121 28.21 -38.34 -35.99
N ALA C 122 27.91 -39.13 -34.96
CA ALA C 122 27.85 -40.58 -35.11
C ALA C 122 26.51 -41.02 -35.69
N GLU C 123 25.49 -40.20 -35.48
CA GLU C 123 24.15 -40.51 -35.99
C GLU C 123 23.88 -39.80 -37.31
N PHE C 124 24.63 -38.73 -37.56
CA PHE C 124 24.48 -37.96 -38.78
C PHE C 124 24.96 -38.73 -39.99
N ILE C 125 26.04 -39.49 -39.82
CA ILE C 125 26.62 -40.28 -40.90
C ILE C 125 25.84 -41.58 -41.10
N GLN C 126 25.15 -42.03 -40.06
CA GLN C 126 24.37 -43.26 -40.12
C GLN C 126 23.06 -43.07 -40.87
N GLN C 127 22.61 -41.82 -40.99
CA GLN C 127 21.37 -41.52 -41.68
C GLN C 127 21.61 -40.76 -42.98
N PHE C 128 22.66 -39.94 -43.00
CA PHE C 128 23.00 -39.15 -44.18
C PHE C 128 24.23 -39.71 -44.88
N ASN C 129 24.28 -41.02 -45.03
CA ASN C 129 25.40 -41.69 -45.68
C ASN C 129 25.16 -41.84 -47.18
N ASN C 130 26.22 -41.80 -47.96
CA ASN C 130 26.13 -41.95 -49.41
C ASN C 130 25.18 -40.92 -50.00
N GLN C 131 25.29 -39.67 -49.54
CA GLN C 131 24.43 -38.60 -50.02
C GLN C 131 25.25 -37.37 -50.42
N ALA C 132 24.65 -36.53 -51.25
CA ALA C 132 25.32 -35.32 -51.73
C ALA C 132 25.00 -34.09 -50.90
N PHE C 133 26.04 -33.35 -50.52
CA PHE C 133 25.89 -32.13 -49.74
C PHE C 133 26.70 -31.00 -50.36
N SER C 134 26.07 -29.84 -50.53
CA SER C 134 26.74 -28.69 -51.12
C SER C 134 26.97 -27.60 -50.07
N VAL C 135 27.94 -26.73 -50.36
CA VAL C 135 28.27 -25.64 -49.45
C VAL C 135 27.16 -24.60 -49.43
N GLY C 136 26.54 -24.42 -48.27
CA GLY C 136 25.47 -23.45 -48.15
C GLY C 136 24.10 -24.09 -48.21
N GLN C 137 24.09 -25.41 -48.42
CA GLN C 137 22.83 -26.15 -48.50
C GLN C 137 22.12 -26.17 -47.15
N GLN C 138 20.80 -26.09 -47.19
CA GLN C 138 19.99 -26.08 -45.97
C GLN C 138 19.12 -27.33 -45.91
N LEU C 139 19.03 -27.92 -44.71
CA LEU C 139 18.23 -29.12 -44.51
C LEU C 139 17.76 -29.23 -43.06
N VAL C 140 17.34 -30.42 -42.66
CA VAL C 140 16.87 -30.66 -41.31
C VAL C 140 17.51 -31.91 -40.73
N PHE C 141 17.76 -31.89 -39.42
CA PHE C 141 18.37 -33.03 -38.74
C PHE C 141 17.51 -33.50 -37.57
N SER C 142 17.25 -34.80 -37.54
CA SER C 142 16.45 -35.40 -36.47
C SER C 142 17.35 -36.12 -35.46
N PHE C 143 17.58 -35.49 -34.32
CA PHE C 143 18.42 -36.07 -33.28
C PHE C 143 17.64 -36.29 -31.99
N ASN C 144 17.30 -37.54 -31.72
CA ASN C 144 16.53 -37.90 -30.53
C ASN C 144 15.18 -37.20 -30.50
N ASP C 145 14.35 -37.48 -31.49
CA ASP C 145 13.02 -36.88 -31.59
C ASP C 145 13.08 -35.36 -31.50
N LYS C 146 14.22 -34.79 -31.89
CA LYS C 146 14.41 -33.35 -31.85
C LYS C 146 14.89 -32.88 -33.22
N LEU C 147 14.11 -32.01 -33.85
CA LEU C 147 14.45 -31.49 -35.17
C LEU C 147 15.27 -30.20 -35.09
N PHE C 148 16.26 -30.08 -35.97
CA PHE C 148 17.11 -28.90 -36.02
C PHE C 148 17.23 -28.38 -37.45
N GLY C 149 18.04 -27.34 -37.62
CA GLY C 149 18.24 -26.77 -38.94
C GLY C 149 19.71 -26.65 -39.29
N LEU C 150 20.22 -27.63 -40.02
CA LEU C 150 21.62 -27.63 -40.41
C LEU C 150 21.92 -26.62 -41.51
N LEU C 151 23.20 -26.38 -41.75
CA LEU C 151 23.63 -25.44 -42.78
C LEU C 151 25.12 -25.62 -43.09
N VAL C 152 25.41 -26.33 -44.17
CA VAL C 152 26.79 -26.58 -44.57
C VAL C 152 27.56 -25.28 -44.74
N LYS C 153 28.72 -25.20 -44.09
CA LYS C 153 29.55 -24.00 -44.15
C LYS C 153 30.80 -24.25 -45.00
N ASP C 154 31.43 -25.40 -44.80
CA ASP C 154 32.64 -25.76 -45.54
C ASP C 154 32.76 -27.27 -45.70
N ILE C 155 33.28 -27.69 -46.86
CA ILE C 155 33.47 -29.11 -47.14
C ILE C 155 34.87 -29.37 -47.68
N GLU C 156 35.53 -30.38 -47.12
CA GLU C 156 36.88 -30.74 -47.54
C GLU C 156 36.98 -32.22 -47.92
N ALA C 157 37.66 -32.50 -49.03
CA ALA C 157 37.82 -33.88 -49.49
C ALA C 157 38.89 -34.59 -48.64
N MET C 158 38.84 -35.91 -48.63
CA MET C 158 39.79 -36.70 -47.86
C MET C 158 41.18 -36.60 -48.47
N ARG C 172 45.03 -31.15 -48.92
CA ARG C 172 43.61 -31.19 -48.58
C ARG C 172 42.89 -30.05 -49.32
N GLN C 173 42.16 -30.42 -50.37
CA GLN C 173 41.43 -29.44 -51.18
C GLN C 173 39.98 -29.23 -50.72
N LYS C 174 39.45 -28.06 -51.02
CA LYS C 174 38.08 -27.71 -50.67
C LYS C 174 37.18 -27.99 -51.87
N ILE C 175 35.91 -28.25 -51.62
CA ILE C 175 34.97 -28.54 -52.71
C ILE C 175 33.61 -27.88 -52.50
N GLU C 176 32.95 -27.56 -53.60
CA GLU C 176 31.63 -26.94 -53.57
C GLU C 176 30.58 -27.98 -53.19
N VAL C 177 30.70 -29.18 -53.78
CA VAL C 177 29.78 -30.27 -53.51
C VAL C 177 30.55 -31.55 -53.22
N GLY C 178 30.11 -32.28 -52.19
CA GLY C 178 30.79 -33.51 -51.83
C GLY C 178 29.84 -34.67 -51.62
N LEU C 179 30.40 -35.84 -51.29
CA LEU C 179 29.62 -37.04 -51.06
C LEU C 179 29.98 -37.67 -49.72
N VAL C 180 29.11 -37.49 -48.73
CA VAL C 180 29.34 -38.05 -47.41
C VAL C 180 29.45 -39.56 -47.46
N VAL C 181 30.56 -40.10 -46.95
CA VAL C 181 30.78 -41.54 -46.93
C VAL C 181 30.65 -42.11 -45.52
N GLY C 182 31.27 -43.26 -45.29
CA GLY C 182 31.20 -43.89 -43.99
C GLY C 182 32.21 -43.33 -42.99
N ASN C 183 33.39 -42.98 -43.47
CA ASN C 183 34.44 -42.44 -42.60
C ASN C 183 34.49 -40.92 -42.65
N SER C 184 33.35 -40.29 -42.95
CA SER C 184 33.27 -38.84 -43.02
C SER C 184 33.14 -38.22 -41.63
N GLN C 185 34.03 -37.29 -41.31
CA GLN C 185 34.01 -36.61 -40.02
C GLN C 185 33.21 -35.32 -40.12
N VAL C 186 32.31 -35.11 -39.18
CA VAL C 186 31.47 -33.92 -39.18
C VAL C 186 31.62 -33.10 -37.89
N ALA C 187 31.62 -31.78 -38.04
CA ALA C 187 31.74 -30.88 -36.90
C ALA C 187 30.55 -29.92 -36.87
N PHE C 188 30.00 -29.71 -35.68
CA PHE C 188 28.86 -28.81 -35.53
C PHE C 188 29.22 -27.53 -34.79
N GLU C 189 28.82 -26.40 -35.36
CA GLU C 189 29.08 -25.11 -34.76
C GLU C 189 27.80 -24.28 -34.72
N LYS C 190 27.31 -24.03 -33.51
CA LYS C 190 26.08 -23.26 -33.33
C LYS C 190 26.19 -21.90 -34.02
N ALA C 191 25.19 -21.59 -34.84
CA ALA C 191 25.17 -20.31 -35.56
C ALA C 191 25.36 -19.16 -34.58
N GLU C 192 25.93 -18.07 -35.06
CA GLU C 192 26.16 -16.90 -34.22
C GLU C 192 24.84 -16.36 -33.69
N ASN C 193 24.85 -15.90 -32.45
CA ASN C 193 23.66 -15.35 -31.80
C ASN C 193 22.64 -16.43 -31.43
N SER C 194 22.83 -17.64 -31.94
CA SER C 194 21.92 -18.74 -31.66
C SER C 194 21.92 -19.06 -30.17
N SER C 195 20.87 -19.76 -29.71
CA SER C 195 20.75 -20.12 -28.31
C SER C 195 20.83 -21.63 -28.11
N LEU C 196 21.71 -22.28 -28.86
CA LEU C 196 21.88 -23.73 -28.75
C LEU C 196 23.13 -24.08 -27.96
N ASN C 197 22.94 -24.87 -26.89
CA ASN C 197 24.05 -25.29 -26.05
C ASN C 197 24.62 -26.61 -26.54
N LEU C 198 25.76 -26.55 -27.19
CA LEU C 198 26.42 -27.74 -27.72
C LEU C 198 27.67 -28.09 -26.92
N ILE C 199 27.77 -29.35 -26.51
CA ILE C 199 28.91 -29.82 -25.74
C ILE C 199 29.64 -30.94 -26.48
N GLY C 200 30.86 -31.23 -26.06
CA GLY C 200 31.64 -32.27 -26.69
C GLY C 200 32.91 -31.76 -27.32
N LYS C 201 33.50 -32.55 -28.21
CA LYS C 201 34.73 -32.16 -28.89
C LYS C 201 34.52 -32.12 -30.41
N ALA C 202 33.32 -32.51 -30.85
CA ALA C 202 33.00 -32.52 -32.26
C ALA C 202 32.35 -31.23 -32.72
N LYS C 203 33.01 -30.11 -32.47
CA LYS C 203 32.48 -28.81 -32.87
C LYS C 203 33.48 -28.06 -33.76
N THR C 204 33.54 -26.74 -33.59
CA THR C 204 34.45 -25.90 -34.38
C THR C 204 34.34 -26.21 -35.87
N LYS C 220 49.69 -4.51 -23.82
CA LYS C 220 50.66 -4.33 -22.74
C LYS C 220 50.62 -2.90 -22.20
N MET C 221 49.55 -2.17 -22.53
CA MET C 221 49.38 -0.79 -22.07
C MET C 221 47.93 -0.51 -21.67
N GLY C 222 47.70 0.48 -20.81
CA GLY C 222 48.75 1.27 -20.18
C GLY C 222 48.58 1.31 -18.67
N ILE C 223 49.68 1.03 -17.96
CA ILE C 223 49.72 1.03 -16.49
C ILE C 223 51.16 1.22 -16.02
N GLY C 224 51.43 2.33 -15.35
CA GLY C 224 52.78 2.65 -14.97
C GLY C 224 53.20 1.90 -13.71
N GLY C 225 54.30 1.18 -13.81
CA GLY C 225 54.77 0.33 -12.72
C GLY C 225 53.88 -0.88 -12.64
N LEU C 226 53.95 -1.60 -11.52
CA LEU C 226 53.08 -2.75 -11.31
C LEU C 226 53.08 -3.69 -12.51
N ASP C 227 54.23 -4.28 -12.82
CA ASP C 227 54.31 -5.25 -13.91
C ASP C 227 54.48 -6.68 -13.41
N LYS C 228 55.44 -6.91 -12.51
CA LYS C 228 55.64 -8.24 -11.96
C LYS C 228 54.42 -8.66 -11.15
N GLU C 229 53.97 -7.75 -10.31
CA GLU C 229 52.79 -7.97 -9.49
C GLU C 229 51.63 -8.16 -10.45
N PHE C 230 51.60 -7.34 -11.50
CA PHE C 230 50.49 -7.37 -12.45
C PHE C 230 50.47 -8.72 -13.08
N SER C 231 51.66 -9.27 -13.34
CA SER C 231 51.74 -10.60 -13.91
C SER C 231 51.23 -11.68 -12.97
N ASP C 232 51.57 -11.60 -11.68
CA ASP C 232 51.04 -12.59 -10.73
C ASP C 232 49.50 -12.57 -10.52
N ILE C 233 48.97 -11.35 -10.37
CA ILE C 233 47.52 -11.06 -10.27
C ILE C 233 46.82 -11.52 -11.55
N PHE C 234 47.50 -11.30 -12.67
CA PHE C 234 47.10 -11.59 -14.04
C PHE C 234 47.01 -13.11 -14.02
N ARG C 235 47.98 -13.74 -13.37
CA ARG C 235 48.34 -15.13 -13.61
C ARG C 235 47.35 -16.03 -12.92
N ARG C 236 47.02 -15.75 -11.67
CA ARG C 236 46.13 -16.69 -11.00
C ARG C 236 44.71 -16.79 -11.59
N ALA C 237 44.08 -15.67 -11.90
CA ALA C 237 42.79 -15.74 -12.60
C ALA C 237 42.84 -16.12 -14.09
N PHE C 238 43.74 -15.47 -14.83
CA PHE C 238 43.88 -15.69 -16.28
C PHE C 238 44.51 -16.99 -16.73
N ALA C 239 45.53 -17.45 -16.01
CA ALA C 239 46.26 -18.67 -16.39
C ALA C 239 45.30 -19.85 -16.36
N SER C 240 44.48 -19.91 -15.32
CA SER C 240 43.52 -20.99 -15.17
C SER C 240 42.54 -20.97 -16.35
N ARG C 241 42.11 -19.80 -16.77
CA ARG C 241 41.02 -19.69 -17.73
C ARG C 241 41.52 -19.83 -19.18
N VAL C 242 42.70 -19.26 -19.45
CA VAL C 242 43.24 -19.13 -20.79
C VAL C 242 43.61 -20.43 -21.52
N PHE C 243 44.17 -21.41 -20.80
CA PHE C 243 44.65 -22.62 -21.44
C PHE C 243 43.50 -23.36 -22.11
N PRO C 244 43.67 -23.73 -23.39
CA PRO C 244 42.60 -24.37 -24.17
C PRO C 244 42.71 -25.81 -24.70
N PRO C 245 41.65 -26.60 -24.48
CA PRO C 245 40.76 -26.44 -23.34
C PRO C 245 40.89 -27.56 -22.28
N GLU C 246 41.57 -28.63 -22.65
CA GLU C 246 41.72 -29.83 -21.83
C GLU C 246 42.62 -29.61 -20.63
N ILE C 247 43.47 -28.59 -20.72
CA ILE C 247 44.51 -28.41 -19.72
C ILE C 247 43.90 -28.26 -18.35
N VAL C 248 42.80 -27.50 -18.25
CA VAL C 248 42.17 -27.26 -16.96
C VAL C 248 41.71 -28.59 -16.36
N GLU C 249 41.10 -29.47 -17.15
CA GLU C 249 40.66 -30.76 -16.62
C GLU C 249 41.90 -31.54 -16.16
N GLN C 250 43.00 -31.47 -16.92
CA GLN C 250 44.24 -32.14 -16.51
C GLN C 250 44.68 -31.61 -15.15
N MET C 251 44.59 -30.30 -14.99
CA MET C 251 44.71 -29.61 -13.72
C MET C 251 43.59 -30.06 -12.78
N GLY C 252 42.40 -30.19 -13.37
CA GLY C 252 41.18 -30.58 -12.68
C GLY C 252 40.76 -29.66 -11.54
N CYS C 253 40.96 -28.37 -11.75
CA CYS C 253 40.63 -27.38 -10.75
C CYS C 253 39.63 -26.34 -11.24
N LYS C 254 38.60 -26.11 -10.43
CA LYS C 254 37.57 -25.13 -10.70
C LYS C 254 38.15 -23.73 -10.69
N HIS C 255 37.71 -22.91 -11.63
CA HIS C 255 38.20 -21.55 -11.80
C HIS C 255 37.82 -20.65 -10.61
N VAL C 256 38.75 -19.77 -10.25
CA VAL C 256 38.53 -18.83 -9.16
C VAL C 256 37.47 -17.80 -9.53
N LYS C 257 36.69 -17.39 -8.54
CA LYS C 257 35.58 -16.45 -8.72
C LYS C 257 35.96 -14.97 -8.83
N GLY C 258 36.88 -14.50 -8.00
CA GLY C 258 37.17 -13.08 -7.99
C GLY C 258 38.54 -12.66 -7.48
N ILE C 259 38.96 -11.45 -7.86
CA ILE C 259 40.23 -10.91 -7.39
C ILE C 259 40.02 -9.56 -6.66
N LEU C 260 40.64 -9.37 -5.49
CA LEU C 260 40.46 -8.08 -4.77
C LEU C 260 41.76 -7.32 -4.58
N LEU C 261 41.76 -6.04 -4.95
CA LEU C 261 42.95 -5.23 -4.77
C LEU C 261 42.72 -4.02 -3.86
N TYR C 262 43.62 -3.86 -2.91
CA TYR C 262 43.59 -2.78 -1.95
C TYR C 262 44.88 -1.96 -2.07
N GLY C 263 44.72 -0.65 -2.11
CA GLY C 263 45.83 0.25 -2.32
C GLY C 263 45.63 1.51 -1.51
N PRO C 264 46.72 2.25 -1.27
CA PRO C 264 46.67 3.56 -0.64
C PRO C 264 45.99 4.52 -1.61
N PRO C 265 45.38 5.60 -1.12
CA PRO C 265 44.63 6.43 -2.07
C PRO C 265 45.57 7.10 -3.06
N GLY C 266 45.10 7.29 -4.29
CA GLY C 266 45.90 7.92 -5.31
C GLY C 266 46.77 6.88 -5.98
N CYS C 267 46.59 5.62 -5.62
CA CYS C 267 47.40 4.57 -6.24
C CYS C 267 46.86 4.20 -7.63
N GLY C 268 45.84 4.90 -8.09
CA GLY C 268 45.25 4.64 -9.40
C GLY C 268 44.69 3.24 -9.57
N LYS C 269 44.06 2.71 -8.52
CA LYS C 269 43.54 1.35 -8.53
C LYS C 269 42.49 1.15 -9.63
N THR C 270 41.66 2.18 -9.81
CA THR C 270 40.52 2.14 -10.71
C THR C 270 40.94 1.92 -12.16
N LEU C 271 42.04 2.57 -12.56
CA LEU C 271 42.57 2.44 -13.91
C LEU C 271 43.00 1.00 -14.16
N LEU C 272 43.64 0.39 -13.16
CA LEU C 272 44.09 -0.99 -13.27
C LEU C 272 42.87 -1.86 -13.49
N ALA C 273 41.81 -1.58 -12.73
CA ALA C 273 40.57 -2.35 -12.88
C ALA C 273 39.97 -2.22 -14.28
N ARG C 274 39.98 -1.01 -14.82
CA ARG C 274 39.42 -0.81 -16.16
C ARG C 274 40.23 -1.61 -17.16
N GLN C 275 41.55 -1.58 -17.00
CA GLN C 275 42.44 -2.30 -17.89
C GLN C 275 42.24 -3.81 -17.84
N ILE C 276 42.07 -4.35 -16.63
CA ILE C 276 41.86 -5.79 -16.51
C ILE C 276 40.54 -6.12 -17.22
N GLY C 277 39.54 -5.27 -17.02
CA GLY C 277 38.23 -5.48 -17.64
C GLY C 277 38.32 -5.48 -19.15
N LYS C 278 39.12 -4.57 -19.70
CA LYS C 278 39.34 -4.49 -21.14
C LYS C 278 40.07 -5.71 -21.66
N MET C 279 41.01 -6.21 -20.86
CA MET C 279 42.01 -7.18 -21.33
C MET C 279 41.49 -8.62 -21.26
N LEU C 280 40.75 -8.94 -20.20
CA LEU C 280 40.25 -10.30 -20.01
C LEU C 280 39.30 -10.84 -21.08
N ASN C 281 38.41 -10.00 -21.57
CA ASN C 281 37.43 -10.43 -22.55
C ASN C 281 37.33 -9.53 -23.76
N ALA C 282 36.93 -10.11 -24.89
CA ALA C 282 36.62 -9.29 -26.05
C ALA C 282 35.46 -8.39 -25.61
N ARG C 283 34.46 -9.00 -24.99
CA ARG C 283 33.48 -8.25 -24.22
C ARG C 283 33.23 -9.03 -22.93
N GLU C 284 33.36 -8.35 -21.79
CA GLU C 284 33.10 -9.03 -20.52
C GLU C 284 31.61 -9.46 -20.34
N PRO C 285 30.62 -8.58 -20.63
CA PRO C 285 30.73 -7.13 -20.81
C PRO C 285 30.95 -6.55 -19.41
N LYS C 286 31.74 -5.50 -19.29
CA LYS C 286 32.08 -4.97 -17.98
C LYS C 286 30.86 -4.49 -17.21
N VAL C 287 30.82 -4.79 -15.92
CA VAL C 287 29.72 -4.31 -15.09
C VAL C 287 30.31 -3.49 -13.96
N VAL C 288 29.73 -2.31 -13.75
CA VAL C 288 30.17 -1.35 -12.75
C VAL C 288 29.12 -1.15 -11.66
N ASN C 289 29.55 -1.15 -10.40
CA ASN C 289 28.64 -1.00 -9.28
C ASN C 289 28.82 0.25 -8.45
N GLY C 290 27.72 0.94 -8.20
CA GLY C 290 27.79 2.15 -7.41
C GLY C 290 28.15 1.69 -6.02
N PRO C 291 28.87 2.52 -5.26
CA PRO C 291 29.32 2.20 -3.91
C PRO C 291 28.13 1.96 -3.00
N GLU C 292 27.09 2.78 -3.17
CA GLU C 292 25.97 2.79 -2.26
C GLU C 292 25.27 1.46 -2.22
N ILE C 293 25.04 0.90 -3.41
CA ILE C 293 24.60 -0.48 -3.54
C ILE C 293 23.18 -0.55 -2.97
N LEU C 294 23.05 -0.11 -1.72
CA LEU C 294 21.85 -0.31 -0.92
C LEU C 294 20.81 0.78 -1.06
N ASN C 295 21.02 1.73 -1.96
CA ASN C 295 20.06 2.80 -2.16
C ASN C 295 18.70 2.24 -2.59
N LYS C 296 17.64 2.85 -2.05
CA LYS C 296 16.22 2.50 -2.25
C LYS C 296 15.73 1.64 -1.08
N TYR C 297 14.99 2.28 -0.19
CA TYR C 297 14.36 1.61 0.96
C TYR C 297 13.22 0.69 0.53
N VAL C 298 12.52 1.10 -0.52
CA VAL C 298 11.21 0.55 -0.82
C VAL C 298 11.21 -0.95 -1.09
N GLY C 299 12.21 -1.45 -1.80
CA GLY C 299 12.25 -2.87 -2.11
C GLY C 299 13.36 -3.66 -1.44
N GLU C 300 14.53 -3.83 -2.07
CA GLU C 300 15.06 -3.17 -3.27
C GLU C 300 16.54 -3.51 -3.35
N SER C 301 17.29 -3.00 -2.38
CA SER C 301 18.72 -3.20 -2.38
C SER C 301 19.10 -4.66 -2.31
N GLU C 302 18.45 -5.43 -1.45
CA GLU C 302 18.75 -6.85 -1.40
C GLU C 302 18.43 -7.54 -2.69
N ALA C 303 17.23 -7.23 -3.14
CA ALA C 303 16.71 -7.73 -4.38
C ALA C 303 17.58 -7.27 -5.52
N ASN C 304 17.98 -6.01 -5.50
CA ASN C 304 18.81 -5.48 -6.57
C ASN C 304 20.15 -6.15 -6.59
N ILE C 305 20.72 -6.40 -5.41
CA ILE C 305 22.03 -7.01 -5.33
C ILE C 305 21.99 -8.39 -5.92
N ARG C 306 20.98 -9.14 -5.50
CA ARG C 306 20.76 -10.45 -6.09
C ARG C 306 20.53 -10.36 -7.59
N LYS C 307 19.80 -9.34 -8.02
CA LYS C 307 19.48 -9.17 -9.44
C LYS C 307 20.69 -8.92 -10.31
N LEU C 308 21.58 -8.07 -9.83
CA LEU C 308 22.81 -7.76 -10.54
C LEU C 308 23.69 -9.01 -10.60
N PHE C 309 23.74 -9.72 -9.48
CA PHE C 309 24.47 -10.99 -9.44
C PHE C 309 23.90 -12.02 -10.44
N ALA C 310 22.57 -12.02 -10.59
CA ALA C 310 21.82 -13.16 -11.11
C ALA C 310 21.96 -13.41 -12.61
N ASP C 311 22.01 -12.35 -13.40
CA ASP C 311 21.91 -12.52 -14.84
C ASP C 311 23.05 -13.37 -15.39
N ALA C 312 24.26 -13.11 -14.92
CA ALA C 312 25.41 -13.87 -15.40
C ALA C 312 25.30 -15.35 -15.09
N GLU C 313 24.88 -15.67 -13.86
CA GLU C 313 24.77 -17.06 -13.46
C GLU C 313 23.72 -17.70 -14.35
N GLU C 314 22.60 -17.01 -14.59
CA GLU C 314 21.56 -17.58 -15.45
C GLU C 314 21.99 -17.80 -16.91
N GLU C 315 22.75 -16.87 -17.49
CA GLU C 315 23.21 -17.11 -18.85
C GLU C 315 24.04 -18.37 -18.77
N GLN C 316 24.91 -18.43 -17.78
CA GLN C 316 25.77 -19.58 -17.61
C GLN C 316 25.08 -20.91 -17.38
N ARG C 317 24.03 -20.93 -16.57
CA ARG C 317 23.31 -22.15 -16.28
C ARG C 317 22.77 -22.54 -17.62
N ARG C 318 22.33 -21.52 -18.36
CA ARG C 318 21.84 -21.83 -19.67
C ARG C 318 22.90 -22.44 -20.60
N LEU C 319 24.14 -21.96 -20.61
CA LEU C 319 25.14 -22.56 -21.50
C LEU C 319 26.34 -23.19 -20.78
N GLY C 320 26.27 -23.28 -19.46
CA GLY C 320 27.39 -23.72 -18.64
C GLY C 320 28.13 -24.95 -19.06
N ALA C 321 29.41 -24.69 -19.29
CA ALA C 321 30.45 -25.61 -19.72
C ALA C 321 31.48 -24.72 -20.38
N ASN C 322 31.08 -24.17 -21.53
CA ASN C 322 31.82 -23.13 -22.24
C ASN C 322 30.87 -22.38 -23.18
N SER C 323 31.22 -21.16 -23.62
CA SER C 323 32.40 -20.43 -23.16
C SER C 323 32.09 -18.98 -22.82
N GLY C 324 31.35 -18.72 -21.75
CA GLY C 324 31.03 -17.35 -21.42
C GLY C 324 31.52 -17.02 -20.03
N LEU C 325 32.26 -15.93 -19.88
CA LEU C 325 32.70 -15.50 -18.57
C LEU C 325 32.18 -14.06 -18.41
N HIS C 326 31.55 -13.76 -17.27
CA HIS C 326 31.00 -12.42 -17.02
C HIS C 326 31.69 -11.69 -15.86
N ILE C 327 32.09 -10.44 -16.08
CA ILE C 327 32.86 -9.69 -15.09
C ILE C 327 32.06 -8.54 -14.49
N ILE C 328 31.99 -8.52 -13.17
CA ILE C 328 31.33 -7.47 -12.42
C ILE C 328 32.41 -6.80 -11.57
N ILE C 329 32.46 -5.48 -11.58
CA ILE C 329 33.53 -4.77 -10.87
C ILE C 329 32.98 -3.98 -9.68
N PHE C 330 33.67 -4.10 -8.56
CA PHE C 330 33.28 -3.42 -7.34
C PHE C 330 34.26 -2.32 -6.88
N ASP C 331 33.73 -1.13 -6.64
CA ASP C 331 34.51 0.02 -6.17
C ASP C 331 33.98 0.52 -4.82
N GLU C 332 34.86 0.95 -3.92
CA GLU C 332 34.41 1.37 -2.59
C GLU C 332 33.69 0.23 -1.88
N ILE C 333 34.41 -0.87 -1.70
CA ILE C 333 33.92 -2.08 -1.10
C ILE C 333 33.53 -1.84 0.35
N ASP C 334 34.23 -0.95 1.04
CA ASP C 334 33.97 -0.75 2.46
C ASP C 334 32.51 -0.35 2.66
N ALA C 335 31.98 0.47 1.77
CA ALA C 335 30.56 0.80 1.82
C ALA C 335 29.70 -0.43 1.61
N ILE C 336 30.14 -1.28 0.68
CA ILE C 336 29.45 -2.51 0.32
C ILE C 336 29.41 -3.50 1.48
N CYS C 337 30.52 -3.60 2.20
CA CYS C 337 30.62 -4.54 3.32
C CYS C 337 31.60 -4.07 4.39
N HIS C 350 24.20 -1.37 6.41
CA HIS C 350 24.83 -2.65 6.09
C HIS C 350 23.88 -3.81 6.35
N ASP C 351 24.14 -4.52 7.44
CA ASP C 351 23.31 -5.65 7.84
C ASP C 351 23.28 -6.74 6.78
N THR C 352 22.06 -7.10 6.37
CA THR C 352 21.81 -8.21 5.47
C THR C 352 22.41 -8.01 4.06
N VAL C 353 22.41 -6.79 3.53
CA VAL C 353 22.84 -6.55 2.14
C VAL C 353 24.27 -7.06 1.94
N VAL C 354 25.10 -6.86 2.96
CA VAL C 354 26.45 -7.40 3.01
C VAL C 354 26.41 -8.93 2.93
N ASN C 355 25.43 -9.51 3.62
CA ASN C 355 25.22 -10.95 3.67
C ASN C 355 24.87 -11.51 2.28
N GLN C 356 24.13 -10.73 1.47
CA GLN C 356 23.59 -11.22 0.20
C GLN C 356 24.70 -11.53 -0.80
N LEU C 357 25.71 -10.66 -0.83
CA LEU C 357 26.82 -10.79 -1.77
C LEU C 357 27.54 -12.10 -1.54
N LEU C 358 27.68 -12.48 -0.27
CA LEU C 358 28.46 -13.64 0.13
C LEU C 358 27.91 -14.92 -0.44
N SER C 359 26.58 -15.00 -0.47
CA SER C 359 25.88 -16.18 -0.93
C SER C 359 26.08 -16.55 -2.39
N LYS C 360 26.12 -15.58 -3.30
CA LYS C 360 26.25 -15.89 -4.73
C LYS C 360 27.55 -16.58 -5.15
N ILE C 361 28.68 -16.13 -4.63
CA ILE C 361 29.98 -16.79 -4.85
C ILE C 361 30.05 -18.20 -4.23
N ASP C 362 29.46 -18.36 -3.04
CA ASP C 362 29.52 -19.63 -2.31
C ASP C 362 28.21 -20.38 -2.51
N GLY C 363 27.49 -19.94 -3.53
CA GLY C 363 26.15 -20.42 -3.83
C GLY C 363 26.22 -21.90 -4.07
N VAL C 364 25.16 -22.58 -3.66
CA VAL C 364 25.13 -24.03 -3.59
C VAL C 364 25.36 -24.64 -4.96
N GLU C 365 24.76 -24.05 -5.98
CA GLU C 365 24.93 -24.59 -7.32
C GLU C 365 25.71 -23.64 -8.23
N GLN C 366 26.82 -24.15 -8.76
CA GLN C 366 27.62 -23.45 -9.77
C GLN C 366 28.07 -22.07 -9.32
N LEU C 367 27.80 -21.09 -10.20
CA LEU C 367 28.18 -19.68 -10.04
C LEU C 367 29.62 -19.42 -10.45
N ASN C 368 30.28 -20.46 -10.96
CA ASN C 368 31.66 -20.34 -11.46
C ASN C 368 31.59 -19.58 -12.78
N ASN C 369 32.69 -19.04 -13.26
CA ASN C 369 32.75 -18.31 -14.55
C ASN C 369 32.28 -16.85 -14.46
N ILE C 370 32.03 -16.37 -13.25
CA ILE C 370 31.69 -14.97 -13.04
C ILE C 370 32.86 -14.38 -12.25
N LEU C 371 33.43 -13.28 -12.74
CA LEU C 371 34.60 -12.71 -12.10
C LEU C 371 34.28 -11.35 -11.50
N VAL C 372 34.60 -11.22 -10.22
CA VAL C 372 34.37 -9.99 -9.48
C VAL C 372 35.64 -9.35 -8.91
N ILE C 373 35.80 -8.06 -9.17
CA ILE C 373 36.94 -7.33 -8.66
C ILE C 373 36.49 -6.22 -7.72
N GLY C 374 37.09 -6.15 -6.54
CA GLY C 374 36.71 -5.13 -5.59
C GLY C 374 37.90 -4.25 -5.26
N MET C 375 37.71 -2.93 -5.34
CA MET C 375 38.77 -2.02 -4.96
C MET C 375 38.43 -1.35 -3.65
N THR C 376 39.23 -1.59 -2.62
CA THR C 376 38.99 -1.02 -1.31
C THR C 376 40.23 -0.34 -0.77
N ASN C 377 40.10 0.88 -0.25
CA ASN C 377 41.26 1.54 0.33
C ASN C 377 41.77 0.79 1.56
N ARG C 378 40.85 0.34 2.40
CA ARG C 378 41.19 -0.40 3.61
C ARG C 378 40.67 -1.83 3.59
N PRO C 379 41.57 -2.82 3.68
CA PRO C 379 41.17 -4.23 3.75
C PRO C 379 40.39 -4.59 5.01
N ASP C 380 40.80 -4.05 6.16
CA ASP C 380 40.34 -4.53 7.47
C ASP C 380 38.83 -4.35 7.70
N LEU C 381 38.28 -3.23 7.25
CA LEU C 381 36.84 -2.95 7.44
C LEU C 381 35.99 -3.98 6.75
N ILE C 382 36.44 -4.42 5.59
CA ILE C 382 35.71 -5.43 4.84
C ILE C 382 35.65 -6.72 5.63
N ASP C 383 34.53 -7.42 5.46
CA ASP C 383 34.23 -8.61 6.21
C ASP C 383 35.29 -9.67 5.90
N GLU C 384 35.59 -10.51 6.89
CA GLU C 384 36.61 -11.54 6.74
C GLU C 384 36.27 -12.63 5.70
N ALA C 385 35.01 -12.99 5.61
CA ALA C 385 34.59 -14.11 4.76
C ALA C 385 34.93 -13.85 3.31
N LEU C 386 34.74 -12.61 2.87
CA LEU C 386 35.09 -12.25 1.50
C LEU C 386 36.59 -12.41 1.25
N LEU C 387 37.41 -12.03 2.22
CA LEU C 387 38.86 -12.09 2.06
C LEU C 387 39.31 -13.51 1.84
N ARG C 388 38.68 -14.40 2.55
CA ARG C 388 39.11 -15.76 2.54
C ARG C 388 38.92 -16.42 1.18
N PRO C 389 39.82 -17.34 0.81
CA PRO C 389 39.79 -17.93 -0.53
C PRO C 389 38.47 -18.64 -0.80
N GLY C 390 38.04 -18.58 -2.05
CA GLY C 390 36.69 -18.96 -2.40
C GLY C 390 36.31 -17.68 -3.11
N ARG C 391 35.47 -16.88 -2.47
CA ARG C 391 34.90 -15.69 -3.10
C ARG C 391 35.87 -14.67 -3.59
N LEU C 392 36.86 -14.40 -2.77
CA LEU C 392 37.94 -13.54 -3.15
C LEU C 392 39.23 -14.22 -2.73
N GLU C 393 39.59 -15.30 -3.41
CA GLU C 393 40.78 -16.06 -3.02
C GLU C 393 42.05 -15.24 -3.08
N VAL C 394 42.16 -14.42 -4.10
CA VAL C 394 43.33 -13.62 -4.31
C VAL C 394 43.18 -12.20 -3.74
N LYS C 395 44.18 -11.83 -2.94
CA LYS C 395 44.29 -10.52 -2.34
C LYS C 395 45.53 -9.85 -2.90
N MET C 396 45.34 -8.61 -3.31
CA MET C 396 46.34 -7.79 -3.99
C MET C 396 46.54 -6.52 -3.19
N GLU C 397 47.78 -6.22 -2.86
CA GLU C 397 48.10 -4.99 -2.14
C GLU C 397 49.08 -4.20 -2.97
N ILE C 398 48.84 -2.92 -3.17
CA ILE C 398 49.83 -2.23 -3.99
C ILE C 398 50.65 -1.22 -3.19
N GLY C 399 51.97 -1.33 -3.32
CA GLY C 399 52.91 -0.40 -2.73
C GLY C 399 53.07 0.88 -3.53
N LEU C 400 53.64 1.89 -2.90
CA LEU C 400 53.94 3.16 -3.55
C LEU C 400 54.89 2.87 -4.72
N PRO C 401 54.68 3.53 -5.88
CA PRO C 401 55.36 3.10 -7.10
C PRO C 401 56.89 3.16 -7.02
N ASP C 402 57.54 2.12 -7.53
CA ASP C 402 58.99 2.02 -7.55
C ASP C 402 59.59 3.08 -8.46
N GLU C 403 60.73 3.65 -8.09
CA GLU C 403 61.41 4.64 -8.92
C GLU C 403 61.30 4.29 -10.41
N LYS C 404 61.54 3.03 -10.74
CA LYS C 404 61.33 2.53 -12.09
C LYS C 404 59.88 2.68 -12.50
N GLY C 405 59.00 2.31 -11.58
CA GLY C 405 57.57 2.41 -11.77
C GLY C 405 57.21 3.87 -11.92
N ARG C 406 57.83 4.71 -11.10
CA ARG C 406 57.54 6.13 -11.11
C ARG C 406 57.86 6.64 -12.50
N LEU C 407 58.97 6.13 -13.02
CA LEU C 407 59.35 6.45 -14.38
C LEU C 407 58.26 5.96 -15.30
N GLN C 408 57.67 4.80 -15.04
CA GLN C 408 56.58 4.30 -15.89
C GLN C 408 55.28 5.16 -15.91
N ILE C 409 54.79 5.59 -14.74
CA ILE C 409 53.57 6.41 -14.67
C ILE C 409 53.76 7.76 -15.32
N LEU C 410 54.90 8.38 -14.99
CA LEU C 410 55.22 9.67 -15.60
C LEU C 410 55.40 9.40 -17.11
N HIS C 411 55.97 8.24 -17.47
CA HIS C 411 56.42 7.93 -18.84
C HIS C 411 55.22 7.83 -19.73
N ILE C 412 54.12 7.23 -19.29
CA ILE C 412 52.97 7.14 -20.19
C ILE C 412 52.42 8.54 -20.55
N HIS C 413 52.19 9.42 -19.57
CA HIS C 413 51.63 10.75 -19.85
C HIS C 413 52.61 11.55 -20.73
N THR C 414 53.89 11.51 -20.33
CA THR C 414 54.98 12.18 -21.02
C THR C 414 55.10 11.67 -22.45
N ALA C 415 54.89 10.36 -22.63
CA ALA C 415 55.06 9.65 -23.91
C ALA C 415 53.96 10.07 -24.88
N ARG C 416 52.76 10.21 -24.33
CA ARG C 416 51.59 10.59 -25.12
C ARG C 416 52.06 11.98 -25.58
N MET C 417 52.69 12.73 -24.66
CA MET C 417 53.33 14.00 -25.03
C MET C 417 54.49 13.95 -26.04
N ARG C 418 55.27 12.88 -26.01
CA ARG C 418 56.40 12.66 -26.88
C ARG C 418 55.86 12.53 -28.27
N GLY C 419 54.71 11.87 -28.35
CA GLY C 419 54.14 11.38 -29.58
C GLY C 419 53.62 12.55 -30.38
N HIS C 420 52.88 13.43 -29.72
CA HIS C 420 52.52 14.68 -30.33
C HIS C 420 53.82 15.46 -30.38
N GLN C 421 53.93 16.39 -31.31
CA GLN C 421 55.18 17.14 -31.49
C GLN C 421 55.62 17.97 -30.28
N LEU C 422 54.67 18.63 -29.62
CA LEU C 422 55.01 19.50 -28.49
C LEU C 422 55.62 18.70 -27.34
N LEU C 423 56.71 19.23 -26.80
CA LEU C 423 57.36 18.62 -25.64
C LEU C 423 58.24 19.66 -24.99
N SER C 424 58.65 19.39 -23.77
CA SER C 424 59.63 20.25 -23.11
C SER C 424 60.98 19.58 -23.13
N ALA C 425 61.96 20.21 -23.77
CA ALA C 425 63.30 19.65 -23.92
C ALA C 425 64.01 19.50 -22.57
N ASP C 426 63.86 20.50 -21.71
CA ASP C 426 64.55 20.53 -20.42
C ASP C 426 64.13 19.38 -19.51
N VAL C 427 62.84 19.06 -19.51
CA VAL C 427 62.33 18.00 -18.66
C VAL C 427 62.87 16.65 -19.14
N ASP C 428 63.34 15.86 -18.18
CA ASP C 428 63.81 14.49 -18.40
C ASP C 428 63.10 13.49 -17.50
N ILE C 429 62.68 12.39 -18.12
CA ILE C 429 61.94 11.35 -17.42
C ILE C 429 62.68 10.75 -16.23
N LYS C 430 63.95 10.42 -16.47
CA LYS C 430 64.79 9.83 -15.47
C LYS C 430 64.98 10.81 -14.31
N GLU C 431 65.20 12.07 -14.67
CA GLU C 431 65.41 13.13 -13.71
C GLU C 431 64.19 13.29 -12.81
N LEU C 432 62.99 13.31 -13.40
CA LEU C 432 61.79 13.47 -12.61
C LEU C 432 61.67 12.29 -11.65
N ALA C 433 61.96 11.09 -12.15
CA ALA C 433 61.86 9.91 -11.30
C ALA C 433 62.83 9.99 -10.12
N VAL C 434 64.08 10.37 -10.39
CA VAL C 434 65.10 10.45 -9.34
C VAL C 434 64.68 11.52 -8.31
N GLU C 435 64.11 12.63 -8.77
CA GLU C 435 63.66 13.70 -7.88
C GLU C 435 62.54 13.28 -6.93
N THR C 436 61.61 12.44 -7.39
CA THR C 436 60.51 12.11 -6.51
C THR C 436 60.50 10.65 -6.04
N LYS C 437 60.41 10.47 -4.72
CA LYS C 437 60.33 9.15 -4.12
C LYS C 437 58.98 8.79 -3.48
N ASN C 438 58.44 9.70 -2.69
CA ASN C 438 57.29 9.40 -1.84
C ASN C 438 56.01 9.15 -2.60
N PHE C 439 55.85 9.90 -3.69
CA PHE C 439 54.55 10.06 -4.31
C PHE C 439 53.83 8.84 -4.90
N SER C 440 52.51 8.80 -4.68
CA SER C 440 51.60 7.88 -5.36
C SER C 440 51.55 8.18 -6.85
N GLY C 441 51.29 7.17 -7.68
CA GLY C 441 51.27 7.40 -9.12
C GLY C 441 50.25 8.42 -9.63
N ALA C 442 49.02 8.39 -9.10
CA ALA C 442 48.02 9.40 -9.47
C ALA C 442 48.47 10.81 -9.12
N GLU C 443 49.04 10.93 -7.92
CA GLU C 443 49.62 12.20 -7.47
C GLU C 443 50.72 12.56 -8.46
N LEU C 444 51.49 11.56 -8.89
CA LEU C 444 52.59 11.82 -9.82
C LEU C 444 51.97 12.42 -11.06
N GLU C 445 50.81 11.91 -11.45
CA GLU C 445 50.13 12.44 -12.61
C GLU C 445 49.82 13.90 -12.35
N GLY C 446 49.43 14.19 -11.10
CA GLY C 446 49.04 15.55 -10.75
C GLY C 446 50.03 16.67 -10.97
N LEU C 447 51.33 16.40 -10.81
CA LEU C 447 52.35 17.42 -11.11
C LEU C 447 52.32 17.71 -12.61
N VAL C 448 52.12 16.66 -13.39
CA VAL C 448 52.07 16.76 -14.84
C VAL C 448 50.86 17.59 -15.23
N ARG C 449 49.74 17.34 -14.57
CA ARG C 449 48.50 18.11 -14.72
C ARG C 449 48.71 19.58 -14.38
N ALA C 450 49.51 19.83 -13.36
CA ALA C 450 49.84 21.18 -12.91
C ALA C 450 50.60 21.82 -14.06
N ALA C 451 51.48 21.02 -14.65
CA ALA C 451 52.52 21.49 -15.54
C ALA C 451 51.89 21.96 -16.84
N GLN C 452 50.97 21.20 -17.43
CA GLN C 452 50.41 21.68 -18.70
C GLN C 452 49.78 23.03 -18.40
N SER C 453 49.11 23.14 -17.25
CA SER C 453 48.46 24.38 -16.88
C SER C 453 49.45 25.54 -16.83
N THR C 454 50.62 25.31 -16.25
CA THR C 454 51.65 26.35 -16.23
C THR C 454 52.03 26.72 -17.67
N ALA C 455 52.13 25.71 -18.53
CA ALA C 455 52.43 25.97 -19.94
C ALA C 455 51.34 26.83 -20.59
N MET C 456 50.09 26.56 -20.25
CA MET C 456 48.94 27.29 -20.76
C MET C 456 49.06 28.75 -20.37
N ASN C 457 49.48 28.97 -19.13
CA ASN C 457 49.69 30.31 -18.62
C ASN C 457 50.80 31.02 -19.40
N ARG C 458 51.86 30.28 -19.72
CA ARG C 458 52.96 30.84 -20.51
C ARG C 458 52.46 31.27 -21.88
N HIS C 459 51.61 30.46 -22.49
CA HIS C 459 51.05 30.78 -23.81
C HIS C 459 50.23 32.05 -23.74
N ILE C 460 49.46 32.24 -22.65
CA ILE C 460 48.67 33.45 -22.49
C ILE C 460 49.26 34.33 -21.39
N ASP C 482 63.29 21.53 -16.49
CA ASP C 482 62.53 22.30 -15.49
C ASP C 482 61.29 22.94 -16.12
N PHE C 483 61.43 24.20 -16.52
CA PHE C 483 60.34 24.93 -17.17
C PHE C 483 59.10 24.99 -16.29
N LEU C 484 57.96 24.62 -16.86
CA LEU C 484 56.69 24.65 -16.16
C LEU C 484 56.71 23.67 -15.00
N ALA C 485 57.35 22.53 -15.24
CA ALA C 485 57.40 21.46 -14.27
C ALA C 485 58.07 21.89 -12.98
N SER C 486 59.13 22.70 -13.07
CA SER C 486 59.82 23.17 -11.88
C SER C 486 58.92 23.99 -10.94
N LEU C 487 58.10 24.87 -11.54
CA LEU C 487 57.12 25.65 -10.79
C LEU C 487 56.11 24.70 -10.17
N GLU C 488 55.71 23.74 -11.00
CA GLU C 488 54.71 22.79 -10.60
C GLU C 488 55.23 22.04 -9.38
N ASN C 489 56.50 21.70 -9.33
CA ASN C 489 57.01 20.98 -8.17
C ASN C 489 56.83 21.84 -6.93
N ASP C 490 57.06 23.13 -7.10
CA ASP C 490 56.92 24.09 -6.01
C ASP C 490 55.49 24.22 -5.45
N ILE C 491 54.46 24.23 -6.29
CA ILE C 491 53.12 24.41 -5.68
C ILE C 491 52.00 23.42 -6.05
N LYS C 492 52.37 22.31 -6.67
CA LYS C 492 51.43 21.29 -7.13
C LYS C 492 50.97 20.44 -5.97
N PRO C 493 51.90 19.98 -5.12
CA PRO C 493 51.46 19.14 -4.01
C PRO C 493 51.51 19.72 -2.57
N ALA C 494 50.69 19.25 -1.62
CA ALA C 494 49.56 18.28 -1.74
C ALA C 494 50.04 16.82 -1.85
N PHE C 495 51.35 16.64 -1.71
CA PHE C 495 51.96 15.33 -1.75
C PHE C 495 51.45 14.48 -0.60
N GLY C 496 51.29 15.11 0.56
CA GLY C 496 50.84 14.41 1.75
C GLY C 496 52.02 13.76 2.45
N THR C 497 53.19 13.93 1.86
CA THR C 497 54.43 13.45 2.45
C THR C 497 55.39 14.61 2.54
N ASN C 498 55.94 14.82 3.74
CA ASN C 498 56.93 15.86 4.03
C ASN C 498 56.36 17.28 4.00
N GLN C 499 55.80 17.67 2.86
CA GLN C 499 55.21 18.99 2.67
C GLN C 499 56.23 20.08 2.98
N GLU C 500 57.46 19.87 2.55
CA GLU C 500 58.65 20.68 2.91
C GLU C 500 58.58 21.35 4.30
N ASP C 501 57.51 22.07 4.61
CA ASP C 501 57.15 22.54 5.97
C ASP C 501 58.25 22.81 7.02
N TYR C 502 59.38 22.12 6.93
CA TYR C 502 60.36 22.11 8.01
C TYR C 502 60.87 23.52 8.30
N ALA C 503 61.05 24.30 7.23
CA ALA C 503 61.53 25.68 7.38
C ALA C 503 60.56 26.43 8.29
N SER C 504 59.27 26.15 8.13
CA SER C 504 58.26 26.75 8.98
C SER C 504 58.50 26.28 10.42
N TYR C 505 58.87 25.02 10.57
CA TYR C 505 59.17 24.45 11.88
C TYR C 505 60.55 24.83 12.42
N ILE C 506 61.56 24.78 11.57
CA ILE C 506 62.89 25.23 11.97
C ILE C 506 63.03 26.73 11.76
N MET C 507 62.40 27.50 12.63
CA MET C 507 62.36 28.92 12.40
C MET C 507 63.70 29.64 12.47
N ASN C 508 64.63 29.41 13.40
CA ASN C 508 65.69 30.39 13.17
C ASN C 508 66.89 29.80 12.46
N GLY C 509 66.75 28.52 12.12
CA GLY C 509 67.82 27.80 11.48
C GLY C 509 68.70 27.23 12.56
N ILE C 510 69.81 26.64 12.17
CA ILE C 510 70.63 25.94 13.12
C ILE C 510 72.04 26.48 13.06
N ILE C 511 72.26 27.58 13.80
CA ILE C 511 73.57 28.20 13.81
C ILE C 511 74.50 27.36 14.65
N LYS C 512 75.79 27.54 14.43
CA LYS C 512 76.81 26.80 15.15
C LYS C 512 77.38 27.64 16.29
N TRP C 513 76.56 27.88 17.31
CA TRP C 513 77.00 28.66 18.46
C TRP C 513 78.06 27.95 19.29
N GLY C 514 78.21 26.66 19.04
CA GLY C 514 79.01 25.82 19.89
C GLY C 514 79.69 24.61 19.28
N ASP C 515 80.66 24.07 20.01
CA ASP C 515 81.25 22.78 19.64
C ASP C 515 80.09 21.72 19.71
N PRO C 516 79.10 21.84 20.65
CA PRO C 516 78.24 20.68 20.91
C PRO C 516 77.27 20.50 19.73
N VAL C 517 76.77 21.59 19.17
CA VAL C 517 75.70 21.47 18.18
C VAL C 517 76.20 20.59 17.05
N THR C 518 77.44 20.80 16.62
CA THR C 518 77.96 19.96 15.54
C THR C 518 77.95 18.49 15.97
N ARG C 519 78.37 18.19 17.21
CA ARG C 519 78.49 16.79 17.67
C ARG C 519 77.11 16.17 17.61
N VAL C 520 76.10 16.89 18.12
CA VAL C 520 74.75 16.36 18.16
C VAL C 520 74.25 16.08 16.74
N LEU C 521 74.47 17.02 15.82
CA LEU C 521 73.98 16.83 14.45
C LEU C 521 74.64 15.60 13.82
N ASP C 522 75.94 15.47 14.03
CA ASP C 522 76.71 14.36 13.47
C ASP C 522 76.19 13.06 14.02
N ASP C 523 75.91 13.06 15.33
CA ASP C 523 75.42 11.87 16.02
C ASP C 523 74.10 11.45 15.40
N GLY C 524 73.22 12.42 15.18
CA GLY C 524 71.92 12.13 14.61
C GLY C 524 72.05 11.54 13.22
N GLU C 525 72.93 12.12 12.41
CA GLU C 525 73.11 11.64 11.04
C GLU C 525 73.69 10.22 11.05
N LEU C 526 74.60 9.95 11.98
CA LEU C 526 75.21 8.64 12.13
C LEU C 526 74.15 7.61 12.47
N LEU C 527 73.23 7.99 13.36
CA LEU C 527 72.14 7.10 13.74
C LEU C 527 71.25 6.86 12.53
N VAL C 528 71.05 7.89 11.71
CA VAL C 528 70.26 7.75 10.49
C VAL C 528 70.86 6.69 9.58
N GLN C 529 72.17 6.81 9.40
CA GLN C 529 72.88 5.88 8.55
C GLN C 529 72.77 4.48 9.12
N GLN C 530 72.85 4.39 10.45
CA GLN C 530 72.75 3.11 11.13
C GLN C 530 71.39 2.49 10.85
N THR C 531 70.36 3.32 10.83
CA THR C 531 69.04 2.82 10.49
C THR C 531 69.12 2.26 9.08
N LYS C 532 69.87 2.97 8.25
CA LYS C 532 69.84 2.70 6.83
C LYS C 532 70.61 1.44 6.42
N ASN C 533 71.58 1.04 7.23
CA ASN C 533 72.35 -0.16 6.91
C ASN C 533 72.16 -1.37 7.81
N SER C 534 71.69 -1.15 9.03
CA SER C 534 71.49 -2.26 9.96
C SER C 534 70.25 -3.07 9.65
N ASP C 535 70.42 -4.38 9.45
CA ASP C 535 69.29 -5.25 9.15
C ASP C 535 68.73 -5.98 10.36
N ARG C 536 69.55 -6.14 11.39
CA ARG C 536 69.15 -6.85 12.59
C ARG C 536 68.04 -6.10 13.32
N THR C 537 68.15 -4.78 13.41
CA THR C 537 67.14 -3.99 14.11
C THR C 537 66.29 -3.11 13.19
N PRO C 538 64.99 -3.43 13.11
CA PRO C 538 64.07 -2.68 12.25
C PRO C 538 63.86 -1.23 12.69
N LEU C 539 63.71 -1.00 14.00
CA LEU C 539 63.30 0.31 14.49
C LEU C 539 64.34 0.95 15.40
N VAL C 540 64.60 2.24 15.15
CA VAL C 540 65.55 3.03 15.92
C VAL C 540 64.87 4.21 16.67
N SER C 541 65.15 4.36 17.96
CA SER C 541 64.52 5.43 18.74
C SER C 541 65.52 6.36 19.45
N VAL C 542 65.27 7.66 19.30
CA VAL C 542 66.10 8.69 19.91
C VAL C 542 65.31 9.80 20.62
N LEU C 543 65.86 10.26 21.75
CA LEU C 543 65.23 11.25 22.61
C LEU C 543 66.21 12.37 22.95
N LEU C 544 65.79 13.62 22.77
CA LEU C 544 66.68 14.76 23.02
C LEU C 544 66.29 15.47 24.31
N GLU C 545 67.26 15.68 25.19
CA GLU C 545 66.93 16.25 26.50
C GLU C 545 67.62 17.56 26.76
N GLY C 546 66.81 18.52 27.18
CA GLY C 546 67.33 19.83 27.41
C GLY C 546 66.47 20.62 28.35
N PRO C 547 67.07 21.66 28.94
CA PRO C 547 66.41 22.70 29.74
C PRO C 547 65.45 23.44 28.81
N PRO C 548 64.37 24.05 29.32
CA PRO C 548 63.45 24.66 28.37
C PRO C 548 64.16 25.73 27.55
N HIS C 549 63.72 25.90 26.30
CA HIS C 549 64.36 26.77 25.32
C HIS C 549 65.64 26.18 24.72
N SER C 550 65.82 24.88 24.88
CA SER C 550 67.03 24.22 24.40
C SER C 550 67.16 24.28 22.88
N GLY C 551 66.04 24.21 22.17
CA GLY C 551 66.15 24.10 20.74
C GLY C 551 66.00 22.69 20.20
N LYS C 552 65.47 21.81 21.04
CA LYS C 552 65.33 20.39 20.75
C LYS C 552 64.46 20.08 19.54
N THR C 553 63.36 20.80 19.39
CA THR C 553 62.47 20.60 18.26
C THR C 553 63.15 20.94 16.94
N ALA C 554 63.84 22.07 16.92
CA ALA C 554 64.53 22.50 15.71
C ALA C 554 65.59 21.50 15.31
N LEU C 555 66.36 21.03 16.29
CA LEU C 555 67.42 20.06 16.03
C LEU C 555 66.86 18.75 15.51
N ALA C 556 65.75 18.30 16.09
CA ALA C 556 65.13 17.05 15.66
C ALA C 556 64.68 17.18 14.22
N ALA C 557 64.08 18.32 13.92
CA ALA C 557 63.60 18.59 12.58
C ALA C 557 64.79 18.59 11.63
N LYS C 558 65.90 19.18 12.08
CA LYS C 558 67.13 19.30 11.29
C LYS C 558 67.69 17.94 10.92
N ILE C 559 67.65 17.04 11.88
CA ILE C 559 68.12 15.69 11.67
C ILE C 559 67.25 15.12 10.56
N ALA C 560 65.95 15.32 10.69
CA ALA C 560 65.05 14.79 9.66
C ALA C 560 65.34 15.31 8.23
N GLU C 561 65.66 16.60 8.05
CA GLU C 561 66.03 17.05 6.68
C GLU C 561 67.30 16.33 6.25
N GLU C 562 68.21 16.13 7.20
CA GLU C 562 69.49 15.50 6.87
C GLU C 562 69.33 14.12 6.32
N SER C 563 68.39 13.36 6.87
CA SER C 563 68.16 12.00 6.41
C SER C 563 67.82 11.82 4.92
N ASN C 564 67.04 12.76 4.37
CA ASN C 564 66.44 12.67 3.03
C ASN C 564 65.52 11.47 2.84
N PHE C 565 64.76 11.12 3.89
CA PHE C 565 63.88 9.96 3.81
C PHE C 565 62.68 10.19 2.92
N PRO C 566 62.11 9.11 2.37
CA PRO C 566 60.98 9.27 1.46
C PRO C 566 59.76 9.90 2.16
N PHE C 567 59.42 9.47 3.38
CA PHE C 567 58.27 10.05 4.08
C PHE C 567 58.77 10.62 5.40
N ILE C 568 58.55 11.92 5.60
CA ILE C 568 58.90 12.56 6.84
C ILE C 568 57.72 13.30 7.44
N LYS C 569 57.40 13.03 8.71
CA LYS C 569 56.32 13.75 9.35
C LYS C 569 56.65 14.02 10.80
N ILE C 570 56.09 15.09 11.33
CA ILE C 570 56.32 15.51 12.69
C ILE C 570 55.04 15.39 13.51
N CYS C 571 55.13 14.73 14.66
CA CYS C 571 53.98 14.58 15.54
C CYS C 571 53.97 15.74 16.51
N SER C 572 52.92 16.53 16.44
CA SER C 572 52.88 17.82 17.10
C SER C 572 51.76 17.94 18.12
N PRO C 573 52.06 18.53 19.28
CA PRO C 573 51.01 18.95 20.19
C PRO C 573 50.12 19.95 19.49
N ASP C 574 50.73 20.81 18.68
CA ASP C 574 50.05 21.98 18.14
C ASP C 574 48.86 21.54 17.29
N LYS C 575 49.05 20.47 16.54
CA LYS C 575 48.00 19.93 15.68
C LYS C 575 46.80 19.47 16.49
N MET C 576 47.06 18.86 17.65
CA MET C 576 45.99 18.29 18.45
C MET C 576 45.68 19.14 19.66
N ILE C 577 44.47 19.69 19.68
CA ILE C 577 43.98 20.41 20.84
C ILE C 577 42.55 20.01 21.18
N GLY C 578 42.26 19.82 22.46
CA GLY C 578 40.93 19.51 22.90
C GLY C 578 40.52 18.07 22.68
N PHE C 579 41.46 17.23 22.30
CA PHE C 579 41.11 15.84 22.05
C PHE C 579 40.99 15.05 23.33
N SER C 580 40.51 13.83 23.18
CA SER C 580 40.38 12.89 24.28
C SER C 580 41.29 11.72 24.00
N GLU C 581 42.12 11.36 24.97
CA GLU C 581 43.09 10.25 24.87
C GLU C 581 42.95 9.33 23.66
N THR C 582 41.73 8.90 23.39
CA THR C 582 41.46 8.01 22.27
C THR C 582 41.63 8.75 20.94
N ALA C 583 41.21 10.02 20.87
CA ALA C 583 41.41 10.82 19.66
C ALA C 583 42.89 11.10 19.36
N LYS C 584 43.64 11.44 20.40
CA LYS C 584 45.07 11.69 20.24
C LYS C 584 45.71 10.39 19.74
N CYS C 585 45.29 9.29 20.35
CA CYS C 585 45.82 7.97 19.97
C CYS C 585 45.51 7.67 18.51
N GLN C 586 44.29 7.97 18.07
CA GLN C 586 43.92 7.68 16.69
C GLN C 586 44.81 8.49 15.77
N ALA C 587 45.02 9.77 16.09
CA ALA C 587 45.85 10.59 15.21
C ALA C 587 47.25 9.98 15.13
N MET C 588 47.80 9.63 16.29
CA MET C 588 49.17 9.14 16.38
C MET C 588 49.28 7.85 15.58
N LYS C 589 48.25 7.03 15.74
CA LYS C 589 48.16 5.72 15.14
C LYS C 589 48.21 5.88 13.64
N LYS C 590 47.40 6.80 13.13
CA LYS C 590 47.35 7.01 11.70
C LYS C 590 48.70 7.48 11.18
N ILE C 591 49.35 8.39 11.91
CA ILE C 591 50.64 8.90 11.44
C ILE C 591 51.69 7.79 11.36
N PHE C 592 51.76 7.00 12.43
CA PHE C 592 52.74 5.93 12.49
C PHE C 592 52.41 4.87 11.43
N ASP C 593 51.11 4.69 11.19
CA ASP C 593 50.63 3.80 10.14
C ASP C 593 51.16 4.30 8.81
N ASP C 594 51.16 5.62 8.65
CA ASP C 594 51.61 6.24 7.41
C ASP C 594 53.07 5.87 7.24
N ALA C 595 53.81 5.91 8.35
CA ALA C 595 55.20 5.46 8.32
C ALA C 595 55.33 3.98 7.93
N TYR C 596 54.42 3.14 8.39
CA TYR C 596 54.43 1.71 8.02
C TYR C 596 54.19 1.51 6.52
N LYS C 597 53.31 2.33 5.94
CA LYS C 597 52.93 2.23 4.54
C LYS C 597 54.11 2.43 3.59
N SER C 598 54.93 3.43 3.89
CA SER C 598 56.17 3.70 3.15
C SER C 598 57.23 2.67 3.47
N GLN C 599 58.14 2.41 2.53
CA GLN C 599 59.18 1.40 2.73
C GLN C 599 60.10 1.74 3.91
N LEU C 600 60.57 2.98 4.00
CA LEU C 600 61.35 3.37 5.17
C LEU C 600 61.02 4.82 5.49
N SER C 601 60.90 5.17 6.76
CA SER C 601 60.54 6.56 7.07
C SER C 601 60.90 7.10 8.44
N CYS C 602 60.83 8.42 8.58
CA CYS C 602 61.11 9.03 9.86
C CYS C 602 59.96 9.83 10.46
N VAL C 603 59.62 9.53 11.71
CA VAL C 603 58.52 10.23 12.36
C VAL C 603 59.05 10.95 13.60
N VAL C 604 58.71 12.23 13.73
CA VAL C 604 59.23 13.00 14.84
C VAL C 604 58.10 13.31 15.81
N VAL C 605 58.32 12.98 17.07
CA VAL C 605 57.41 13.32 18.15
C VAL C 605 57.92 14.57 18.82
N ASP C 606 57.06 15.57 18.92
CA ASP C 606 57.47 16.88 19.40
C ASP C 606 56.85 17.16 20.75
N ASP C 607 57.66 17.60 21.70
CA ASP C 607 57.20 17.88 23.06
C ASP C 607 56.36 16.77 23.67
N ILE C 608 57.00 15.62 23.84
CA ILE C 608 56.34 14.42 24.34
C ILE C 608 55.66 14.72 25.68
N GLU C 609 56.37 15.42 26.57
CA GLU C 609 55.87 15.70 27.91
C GLU C 609 54.54 16.46 27.80
N ARG C 610 54.50 17.39 26.85
CA ARG C 610 53.29 18.10 26.50
C ARG C 610 52.25 17.23 25.83
N LEU C 611 52.74 16.31 24.99
CA LEU C 611 51.89 15.47 24.18
C LEU C 611 51.03 14.60 25.07
N LEU C 612 51.63 14.06 26.13
CA LEU C 612 50.92 13.23 27.08
C LEU C 612 49.80 13.99 27.76
N ASP C 613 50.02 15.30 27.93
CA ASP C 613 49.17 16.25 28.67
C ASP C 613 49.71 16.47 30.08
N TYR C 614 50.91 15.95 30.34
CA TYR C 614 51.44 15.93 31.70
C TYR C 614 51.61 17.32 32.33
N VAL C 615 51.27 17.44 33.61
CA VAL C 615 51.42 18.68 34.37
C VAL C 615 52.20 18.31 35.65
N PRO C 616 53.03 19.22 36.20
CA PRO C 616 53.87 18.78 37.32
C PRO C 616 53.08 18.30 38.54
N ILE C 617 51.99 19.01 38.88
CA ILE C 617 51.23 18.66 40.07
C ILE C 617 50.59 17.30 39.87
N GLY C 618 50.68 16.45 40.90
CA GLY C 618 49.96 15.18 40.96
C GLY C 618 50.90 13.96 41.00
N PRO C 619 51.74 13.78 39.95
CA PRO C 619 51.55 14.54 38.72
C PRO C 619 50.34 14.07 37.91
N ARG C 620 49.77 14.94 37.07
CA ARG C 620 48.60 14.58 36.28
C ARG C 620 48.91 14.37 34.79
N PHE C 621 48.56 13.20 34.25
CA PHE C 621 48.79 12.91 32.84
C PHE C 621 47.64 12.05 32.33
N SER C 622 47.46 12.00 31.03
CA SER C 622 46.42 11.16 30.45
C SER C 622 47.06 9.83 30.01
N ASN C 623 46.66 8.72 30.65
CA ASN C 623 47.29 7.41 30.46
C ASN C 623 47.27 6.72 29.09
N LEU C 624 46.13 6.78 28.43
CA LEU C 624 45.93 6.03 27.19
C LEU C 624 46.96 6.45 26.16
N VAL C 625 47.21 7.75 26.08
CA VAL C 625 48.18 8.28 25.11
C VAL C 625 49.56 7.71 25.39
N LEU C 626 49.92 7.67 26.67
CA LEU C 626 51.24 7.23 27.06
C LEU C 626 51.41 5.78 26.66
N GLN C 627 50.38 4.99 26.94
CA GLN C 627 50.42 3.58 26.60
C GLN C 627 50.56 3.41 25.10
N ALA C 628 49.80 4.20 24.35
CA ALA C 628 49.80 4.11 22.90
C ALA C 628 51.24 4.32 22.46
N LEU C 629 51.83 5.35 23.03
CA LEU C 629 53.18 5.75 22.68
C LEU C 629 54.15 4.60 22.92
N LEU C 630 54.07 3.98 24.11
CA LEU C 630 55.00 2.90 24.44
C LEU C 630 54.87 1.72 23.48
N VAL C 631 53.63 1.31 23.21
CA VAL C 631 53.41 0.14 22.37
C VAL C 631 53.92 0.45 20.96
N LEU C 632 53.65 1.67 20.52
CA LEU C 632 54.04 2.13 19.18
C LEU C 632 55.57 2.07 19.08
N LEU C 633 56.24 2.49 20.16
CA LEU C 633 57.70 2.45 20.25
C LEU C 633 58.32 1.07 20.19
N LYS C 634 57.68 0.12 20.87
CA LYS C 634 58.16 -1.25 20.84
C LYS C 634 58.03 -1.77 19.43
N LYS C 635 56.98 -1.33 18.76
CA LYS C 635 56.54 -1.96 17.53
C LYS C 635 57.42 -1.95 16.29
N ALA C 636 57.27 -3.04 15.55
CA ALA C 636 58.09 -3.35 14.39
C ALA C 636 57.30 -3.13 13.11
N PRO C 637 57.84 -2.31 12.22
CA PRO C 637 57.31 -2.06 10.87
C PRO C 637 57.17 -3.37 10.09
N PRO C 638 56.31 -3.40 9.06
CA PRO C 638 56.11 -4.57 8.20
C PRO C 638 57.46 -4.95 7.58
N GLN C 639 57.75 -6.22 7.38
CA GLN C 639 59.14 -6.59 7.10
C GLN C 639 59.74 -5.94 5.85
N GLY C 640 61.02 -5.63 5.94
CA GLY C 640 61.70 -4.85 4.93
C GLY C 640 61.51 -3.36 5.12
N ARG C 641 60.89 -2.97 6.23
CA ARG C 641 60.60 -1.57 6.50
C ARG C 641 61.36 -1.06 7.72
N LYS C 642 61.97 0.11 7.57
CA LYS C 642 62.73 0.72 8.65
C LYS C 642 62.21 2.10 9.03
N LEU C 643 62.06 2.35 10.32
CA LEU C 643 61.56 3.64 10.81
C LEU C 643 62.49 4.32 11.83
N LEU C 644 62.74 5.61 11.62
CA LEU C 644 63.55 6.40 12.54
C LEU C 644 62.61 7.34 13.27
N ILE C 645 62.59 7.26 14.59
CA ILE C 645 61.66 8.07 15.34
C ILE C 645 62.42 8.94 16.32
N ILE C 646 62.07 10.22 16.34
CA ILE C 646 62.77 11.13 17.24
C ILE C 646 61.82 11.63 18.31
N GLY C 647 62.24 11.63 19.56
CA GLY C 647 61.39 12.10 20.63
C GLY C 647 61.95 13.35 21.28
N THR C 648 61.15 14.40 21.39
CA THR C 648 61.67 15.62 22.02
C THR C 648 61.07 15.84 23.42
N THR C 649 61.92 16.06 24.42
CA THR C 649 61.43 16.25 25.79
C THR C 649 62.33 17.21 26.55
N SER C 650 61.77 17.87 27.56
CA SER C 650 62.61 18.59 28.51
C SER C 650 62.46 18.00 29.89
N ARG C 651 61.34 17.33 30.11
CA ARG C 651 61.12 16.59 31.34
C ARG C 651 61.68 15.19 31.38
N LYS C 652 62.98 15.07 31.21
CA LYS C 652 63.65 13.78 31.20
C LYS C 652 63.45 13.00 32.48
N ASP C 653 63.48 13.73 33.59
CA ASP C 653 63.35 13.14 34.91
C ASP C 653 62.06 12.36 35.01
N VAL C 654 60.99 13.01 34.59
CA VAL C 654 59.67 12.43 34.66
C VAL C 654 59.59 11.21 33.75
N LEU C 655 60.17 11.29 32.56
CA LEU C 655 60.13 10.17 31.64
C LEU C 655 60.86 8.97 32.23
N GLN C 656 62.00 9.24 32.86
CA GLN C 656 62.81 8.20 33.48
C GLN C 656 62.09 7.53 34.62
N GLU C 657 61.40 8.33 35.41
CA GLU C 657 60.62 7.77 36.49
C GLU C 657 59.45 6.98 35.94
N MET C 658 58.88 7.48 34.86
CA MET C 658 57.74 6.88 34.16
C MET C 658 58.04 5.51 33.57
N GLU C 659 59.30 5.30 33.16
CA GLU C 659 59.82 4.16 32.38
C GLU C 659 59.67 4.42 30.89
N MET C 660 59.24 5.64 30.55
CA MET C 660 59.23 6.07 29.16
C MET C 660 60.65 6.08 28.61
N LEU C 661 61.57 6.56 29.43
CA LEU C 661 62.94 6.78 28.99
C LEU C 661 63.67 5.51 28.58
N ASN C 662 63.37 4.43 29.26
CA ASN C 662 64.04 3.17 29.01
C ASN C 662 63.78 2.73 27.57
N ALA C 663 62.57 2.95 27.07
CA ALA C 663 62.19 2.45 25.76
C ALA C 663 63.06 3.01 24.63
N PHE C 664 63.41 4.29 24.71
CA PHE C 664 64.25 4.91 23.69
C PHE C 664 65.62 4.25 23.62
N SER C 665 66.07 3.99 22.40
CA SER C 665 67.39 3.40 22.21
C SER C 665 68.48 4.31 22.72
N THR C 666 68.41 5.60 22.38
CA THR C 666 69.44 6.52 22.87
C THR C 666 68.90 7.89 23.20
N THR C 667 69.59 8.58 24.11
CA THR C 667 69.26 9.97 24.38
C THR C 667 70.43 10.93 24.24
N ILE C 668 70.20 12.04 23.54
CA ILE C 668 71.23 13.07 23.35
C ILE C 668 70.87 14.31 24.15
N HIS C 669 71.79 14.74 25.00
CA HIS C 669 71.61 15.96 25.77
C HIS C 669 71.78 17.16 24.84
N VAL C 670 71.01 18.22 25.07
CA VAL C 670 71.09 19.41 24.23
C VAL C 670 71.26 20.63 25.15
N PRO C 671 72.48 20.80 25.69
CA PRO C 671 72.72 21.72 26.80
C PRO C 671 72.59 23.19 26.41
N ASN C 672 72.00 24.03 27.27
CA ASN C 672 71.99 25.48 27.05
C ASN C 672 73.38 26.05 27.25
N ILE C 673 73.63 27.17 26.61
CA ILE C 673 74.95 27.77 26.56
C ILE C 673 75.47 27.98 27.97
N ALA C 674 76.76 27.71 28.17
CA ALA C 674 77.33 27.67 29.51
C ALA C 674 78.50 28.66 29.64
N THR C 675 79.15 28.95 28.53
CA THR C 675 80.26 29.91 28.50
C THR C 675 79.78 31.20 27.83
N GLY C 676 80.08 32.32 28.48
CA GLY C 676 79.67 33.63 27.98
C GLY C 676 80.24 33.94 26.61
N GLU C 677 81.48 33.53 26.38
CA GLU C 677 82.11 33.71 25.09
C GLU C 677 81.34 33.00 23.97
N GLN C 678 80.86 31.81 24.28
CA GLN C 678 80.07 31.01 23.35
C GLN C 678 78.79 31.78 23.01
N LEU C 679 78.18 32.41 24.03
CA LEU C 679 76.96 33.21 23.84
C LEU C 679 77.28 34.34 22.87
N LEU C 680 78.45 34.93 23.03
CA LEU C 680 78.89 35.97 22.11
C LEU C 680 79.04 35.51 20.72
N GLU C 681 79.60 34.31 20.58
CA GLU C 681 79.85 33.71 19.30
C GLU C 681 78.51 33.56 18.62
N ALA C 682 77.51 33.15 19.38
CA ALA C 682 76.18 33.02 18.82
C ALA C 682 75.75 34.41 18.35
N LEU C 683 75.99 35.44 19.16
CA LEU C 683 75.61 36.79 18.75
C LEU C 683 76.28 37.28 17.44
N GLU C 684 77.59 37.06 17.26
CA GLU C 684 78.20 37.53 16.01
C GLU C 684 77.58 36.77 14.85
N LEU C 685 77.34 35.47 15.04
CA LEU C 685 76.73 34.69 13.95
C LEU C 685 75.36 35.22 13.60
N LEU C 686 74.58 35.58 14.61
CA LEU C 686 73.27 36.15 14.35
C LEU C 686 73.40 37.53 13.73
N GLY C 687 74.44 38.26 14.13
CA GLY C 687 74.67 39.60 13.63
C GLY C 687 73.48 40.52 13.83
N ASN C 688 73.28 40.94 15.07
CA ASN C 688 72.17 41.81 15.41
C ASN C 688 72.77 43.11 15.88
N PHE C 689 73.70 42.99 16.80
CA PHE C 689 74.36 44.15 17.37
C PHE C 689 75.52 44.65 16.46
N LYS C 690 75.96 45.89 16.73
CA LYS C 690 77.05 46.60 16.06
C LYS C 690 78.37 46.09 16.65
N ASP C 691 79.52 46.45 16.08
CA ASP C 691 80.79 45.96 16.62
C ASP C 691 81.17 46.30 18.09
N LYS C 692 81.02 47.58 18.47
CA LYS C 692 81.46 48.01 19.80
C LYS C 692 80.76 47.41 21.01
N GLU C 693 79.44 47.35 20.94
CA GLU C 693 78.67 46.78 22.02
C GLU C 693 79.00 45.31 22.15
N ARG C 694 79.16 44.60 21.03
CA ARG C 694 79.47 43.17 21.11
C ARG C 694 80.76 43.13 21.90
N THR C 695 81.68 44.05 21.61
CA THR C 695 82.91 44.04 22.39
C THR C 695 82.55 44.26 23.87
N THR C 696 81.63 45.19 24.18
CA THR C 696 81.22 45.46 25.56
C THR C 696 80.59 44.28 26.31
N ILE C 697 79.70 43.56 25.62
CA ILE C 697 79.02 42.40 26.17
C ILE C 697 80.12 41.43 26.47
N ALA C 698 81.06 41.35 25.54
CA ALA C 698 82.17 40.43 25.66
C ALA C 698 82.98 40.76 26.90
N GLN C 699 83.21 42.03 27.15
CA GLN C 699 83.96 42.41 28.34
C GLN C 699 83.21 42.02 29.60
N GLN C 700 81.89 42.22 29.59
CA GLN C 700 81.09 41.84 30.75
C GLN C 700 81.09 40.35 31.06
N VAL C 701 81.03 39.51 30.02
CA VAL C 701 80.77 38.08 30.19
C VAL C 701 82.00 37.16 30.11
N LYS C 702 82.93 37.46 29.20
CA LYS C 702 84.14 36.64 29.02
C LYS C 702 84.78 36.36 30.37
N GLY C 703 85.02 35.07 30.61
CA GLY C 703 85.63 34.61 31.84
C GLY C 703 84.55 34.21 32.83
N LYS C 704 83.32 34.69 32.62
CA LYS C 704 82.21 34.37 33.52
C LYS C 704 81.35 33.26 32.93
N LYS C 705 80.53 32.65 33.77
CA LYS C 705 79.63 31.57 33.36
C LYS C 705 78.19 32.07 33.11
N VAL C 706 77.53 31.57 32.07
CA VAL C 706 76.16 32.01 31.73
C VAL C 706 75.29 30.79 31.37
N TRP C 707 73.98 30.90 31.53
CA TRP C 707 73.06 29.79 31.21
C TRP C 707 71.89 30.27 30.36
N ILE C 708 72.15 30.48 29.08
CA ILE C 708 71.11 30.95 28.18
C ILE C 708 70.73 29.96 27.07
N GLY C 709 69.44 29.65 26.96
CA GLY C 709 68.94 28.85 25.85
C GLY C 709 68.99 29.67 24.57
N ILE C 710 69.14 29.01 23.43
CA ILE C 710 69.25 29.77 22.19
C ILE C 710 68.01 30.58 21.80
N LYS C 711 66.81 30.00 21.83
CA LYS C 711 65.59 30.75 21.52
C LYS C 711 65.41 31.85 22.56
N LYS C 712 65.70 31.50 23.82
CA LYS C 712 65.60 32.43 24.92
C LYS C 712 66.57 33.56 24.62
N LEU C 713 67.74 33.21 24.10
CA LEU C 713 68.73 34.22 23.76
C LEU C 713 68.24 35.14 22.68
N LEU C 714 67.59 34.58 21.67
CA LEU C 714 67.04 35.36 20.60
C LEU C 714 66.01 36.33 21.14
N MET C 715 65.16 35.83 22.03
CA MET C 715 64.12 36.66 22.62
C MET C 715 64.80 37.82 23.34
N LEU C 716 65.87 37.53 24.08
CA LEU C 716 66.58 38.58 24.80
C LEU C 716 67.16 39.60 23.84
N ILE C 717 67.69 39.12 22.72
CA ILE C 717 68.24 40.04 21.75
C ILE C 717 67.14 40.97 21.28
N GLU C 718 65.97 40.42 20.96
CA GLU C 718 64.86 41.22 20.47
C GLU C 718 64.44 42.26 21.51
N MET C 719 64.36 41.83 22.77
CA MET C 719 63.97 42.74 23.85
C MET C 719 64.99 43.87 23.93
N SER C 720 66.27 43.51 23.79
CA SER C 720 67.36 44.47 23.88
C SER C 720 67.28 45.50 22.75
N LEU C 721 66.92 45.04 21.56
CA LEU C 721 66.89 45.94 20.40
C LEU C 721 65.92 47.09 20.59
N GLN C 722 64.78 46.82 21.21
CA GLN C 722 63.68 47.76 21.27
C GLN C 722 64.08 49.11 21.87
N MET C 723 64.96 49.07 22.87
CA MET C 723 65.46 50.27 23.54
C MET C 723 66.32 51.14 22.62
N ASP C 724 66.55 52.40 23.03
CA ASP C 724 67.38 53.32 22.26
C ASP C 724 68.77 52.74 22.05
N PRO C 725 69.49 53.19 21.01
CA PRO C 725 70.86 52.72 20.71
C PRO C 725 71.84 52.68 21.88
N GLU C 726 71.73 53.62 22.81
CA GLU C 726 72.61 53.67 23.98
C GLU C 726 71.87 53.02 25.13
N TYR C 727 70.80 52.33 24.80
CA TYR C 727 69.98 51.71 25.81
C TYR C 727 69.67 50.26 25.45
N ARG C 728 70.38 49.75 24.45
CA ARG C 728 70.17 48.41 23.94
C ARG C 728 70.92 47.35 24.74
N VAL C 729 72.23 47.52 24.78
CA VAL C 729 73.15 46.62 25.47
C VAL C 729 73.04 46.54 26.98
N ARG C 730 72.91 47.70 27.62
CA ARG C 730 72.80 47.76 29.06
C ARG C 730 71.53 47.00 29.40
N LYS C 731 70.48 47.27 28.63
CA LYS C 731 69.18 46.61 28.76
C LYS C 731 69.37 45.11 28.68
N PHE C 732 70.14 44.67 27.70
CA PHE C 732 70.33 43.25 27.47
C PHE C 732 70.94 42.64 28.71
N LEU C 733 71.95 43.34 29.21
CA LEU C 733 72.66 42.86 30.37
C LEU C 733 71.70 42.74 31.54
N ALA C 734 70.86 43.75 31.71
CA ALA C 734 69.87 43.77 32.80
C ALA C 734 68.88 42.61 32.70
N LEU C 735 68.40 42.33 31.51
CA LEU C 735 67.47 41.23 31.31
C LEU C 735 68.15 39.95 31.72
N LEU C 736 69.40 39.79 31.27
CA LEU C 736 70.13 38.57 31.55
C LEU C 736 70.28 38.38 33.06
N ARG C 737 70.61 39.46 33.77
CA ARG C 737 70.80 39.41 35.22
C ARG C 737 69.49 39.06 35.93
N GLU C 738 68.40 39.68 35.48
CA GLU C 738 67.09 39.41 36.08
C GLU C 738 66.71 37.95 35.87
N GLU C 739 67.01 37.45 34.68
CA GLU C 739 66.71 36.07 34.30
C GLU C 739 67.49 35.09 35.15
N GLY C 740 68.73 35.48 35.48
CA GLY C 740 69.63 34.69 36.31
C GLY C 740 68.99 34.02 37.52
N MET D 4 -20.67 -66.01 -33.18
CA MET D 4 -19.63 -65.80 -34.23
C MET D 4 -19.96 -64.62 -35.12
N ALA D 5 -20.76 -64.87 -36.15
CA ALA D 5 -21.16 -63.83 -37.10
C ALA D 5 -21.64 -62.58 -36.37
N GLY D 6 -22.58 -62.74 -35.45
CA GLY D 6 -23.09 -61.62 -34.70
C GLY D 6 -24.59 -61.44 -34.85
N ARG D 7 -25.17 -60.63 -33.97
CA ARG D 7 -26.62 -60.39 -34.00
C ARG D 7 -26.96 -59.09 -33.26
N SER D 8 -27.89 -58.33 -33.83
CA SER D 8 -28.31 -57.06 -33.24
C SER D 8 -29.04 -57.29 -31.92
N MET D 9 -28.78 -56.42 -30.95
CA MET D 9 -29.40 -56.51 -29.64
C MET D 9 -29.84 -55.13 -29.15
N GLN D 10 -30.40 -55.09 -27.94
CA GLN D 10 -30.86 -53.84 -27.35
C GLN D 10 -30.48 -53.76 -25.88
N ALA D 11 -29.72 -52.73 -25.52
CA ALA D 11 -29.27 -52.54 -24.15
C ALA D 11 -30.46 -52.35 -23.20
N ALA D 12 -30.37 -52.96 -22.02
CA ALA D 12 -31.43 -52.87 -21.03
C ALA D 12 -30.83 -52.58 -19.65
N ARG D 13 -31.65 -52.71 -18.62
CA ARG D 13 -31.20 -52.47 -17.25
C ARG D 13 -31.05 -53.79 -16.49
N CYS D 14 -30.13 -53.79 -15.52
CA CYS D 14 -29.88 -54.98 -14.71
C CYS D 14 -31.12 -55.40 -13.94
N PRO D 15 -31.51 -56.68 -14.06
CA PRO D 15 -32.69 -57.22 -13.37
C PRO D 15 -32.69 -56.92 -11.87
N THR D 16 -31.86 -57.65 -11.12
CA THR D 16 -31.77 -57.45 -9.68
C THR D 16 -30.36 -57.05 -9.27
N ASP D 17 -30.20 -56.74 -7.99
CA ASP D 17 -28.90 -56.33 -7.46
C ASP D 17 -27.92 -57.50 -7.43
N GLU D 18 -28.45 -58.71 -7.34
CA GLU D 18 -27.63 -59.91 -7.29
C GLU D 18 -26.74 -59.99 -8.53
N LEU D 19 -27.33 -59.74 -9.70
CA LEU D 19 -26.60 -59.79 -10.95
C LEU D 19 -25.77 -58.52 -11.15
N SER D 20 -25.99 -57.54 -10.28
CA SER D 20 -25.25 -56.28 -10.35
C SER D 20 -23.98 -56.34 -9.53
N LEU D 21 -23.86 -57.38 -8.71
CA LEU D 21 -22.68 -57.57 -7.88
C LEU D 21 -21.80 -58.68 -8.42
N SER D 22 -22.02 -59.05 -9.68
CA SER D 22 -21.24 -60.11 -10.32
C SER D 22 -20.53 -59.58 -11.56
N ASN D 23 -20.91 -58.39 -12.00
CA ASN D 23 -20.31 -57.78 -13.19
C ASN D 23 -20.47 -58.70 -14.38
N CYS D 24 -21.72 -58.96 -14.75
CA CYS D 24 -22.01 -59.83 -15.89
C CYS D 24 -23.21 -59.32 -16.69
N ALA D 25 -23.07 -59.33 -18.01
CA ALA D 25 -24.14 -58.89 -18.90
C ALA D 25 -25.30 -59.88 -18.85
N VAL D 26 -26.37 -59.51 -18.15
CA VAL D 26 -27.54 -60.37 -18.01
C VAL D 26 -28.27 -60.50 -19.34
N VAL D 27 -28.59 -61.74 -19.71
CA VAL D 27 -29.30 -62.01 -20.96
C VAL D 27 -30.45 -62.98 -20.75
N SER D 28 -31.05 -63.44 -21.84
CA SER D 28 -32.17 -64.37 -21.77
C SER D 28 -31.70 -65.81 -21.97
N GLU D 29 -32.43 -66.74 -21.38
CA GLU D 29 -32.11 -68.16 -21.48
C GLU D 29 -32.46 -68.68 -22.87
N LYS D 30 -33.28 -67.93 -23.59
CA LYS D 30 -33.71 -68.31 -24.93
C LYS D 30 -32.73 -67.79 -25.99
N ASP D 31 -31.60 -67.26 -25.54
CA ASP D 31 -30.59 -66.74 -26.45
C ASP D 31 -29.21 -67.34 -26.15
N TYR D 32 -28.69 -67.06 -24.96
CA TYR D 32 -27.38 -67.57 -24.57
C TYR D 32 -27.49 -68.38 -23.27
N GLN D 33 -26.34 -68.77 -22.74
CA GLN D 33 -26.30 -69.54 -21.49
C GLN D 33 -25.21 -69.01 -20.56
N SER D 34 -25.46 -69.11 -19.26
CA SER D 34 -24.52 -68.63 -18.26
C SER D 34 -23.17 -69.32 -18.39
N GLY D 35 -22.15 -68.56 -18.80
CA GLY D 35 -20.82 -69.12 -18.96
C GLY D 35 -20.14 -68.65 -20.23
N GLN D 36 -20.92 -68.44 -21.28
CA GLN D 36 -20.38 -67.99 -22.56
C GLN D 36 -19.90 -66.54 -22.47
N HIS D 37 -19.02 -66.17 -23.40
CA HIS D 37 -18.47 -64.81 -23.45
C HIS D 37 -18.85 -64.14 -24.76
N VAL D 38 -19.02 -62.82 -24.72
CA VAL D 38 -19.39 -62.06 -25.91
C VAL D 38 -18.61 -60.76 -26.01
N ILE D 39 -18.70 -60.12 -27.17
CA ILE D 39 -18.01 -58.86 -27.41
C ILE D 39 -18.98 -57.80 -27.94
N VAL D 40 -19.35 -56.87 -27.06
CA VAL D 40 -20.29 -55.81 -27.43
C VAL D 40 -19.63 -54.83 -28.40
N ARG D 41 -20.29 -54.58 -29.51
CA ARG D 41 -19.78 -53.67 -30.52
C ARG D 41 -20.65 -52.43 -30.65
N THR D 42 -20.08 -51.28 -30.31
CA THR D 42 -20.79 -50.01 -30.39
C THR D 42 -20.19 -49.15 -31.49
N SER D 43 -18.92 -49.42 -31.81
CA SER D 43 -18.22 -48.69 -32.85
C SER D 43 -17.10 -49.56 -33.42
N PRO D 44 -16.70 -49.28 -34.68
CA PRO D 44 -15.63 -50.05 -35.34
C PRO D 44 -14.26 -49.81 -34.71
N ASN D 45 -14.25 -49.11 -33.58
CA ASN D 45 -13.00 -48.82 -32.88
C ASN D 45 -13.14 -49.08 -31.38
N HIS D 46 -14.34 -49.42 -30.95
CA HIS D 46 -14.60 -49.70 -29.55
C HIS D 46 -15.16 -51.11 -29.35
N LYS D 47 -14.35 -51.98 -28.78
CA LYS D 47 -14.75 -53.37 -28.54
C LYS D 47 -14.64 -53.70 -27.06
N TYR D 48 -15.73 -54.18 -26.48
CA TYR D 48 -15.75 -54.54 -25.07
C TYR D 48 -16.18 -56.00 -24.88
N ILE D 49 -15.63 -56.65 -23.87
CA ILE D 49 -15.95 -58.05 -23.60
C ILE D 49 -16.61 -58.21 -22.23
N PHE D 50 -17.72 -58.92 -22.20
CA PHE D 50 -18.45 -59.14 -20.96
C PHE D 50 -18.75 -60.63 -20.73
N THR D 51 -19.28 -60.94 -19.55
CA THR D 51 -19.65 -62.30 -19.20
C THR D 51 -21.17 -62.37 -19.14
N LEU D 52 -21.75 -63.42 -19.71
CA LEU D 52 -23.19 -63.58 -19.73
C LEU D 52 -23.77 -64.34 -18.55
N ARG D 53 -25.01 -64.02 -18.20
CA ARG D 53 -25.72 -64.65 -17.10
C ARG D 53 -27.23 -64.52 -17.35
N THR D 54 -27.84 -65.60 -17.82
CA THR D 54 -29.27 -65.62 -18.12
C THR D 54 -30.14 -65.27 -16.93
N HIS D 55 -31.38 -64.89 -17.23
CA HIS D 55 -32.36 -64.52 -16.21
C HIS D 55 -33.70 -64.27 -16.89
N PRO D 56 -34.77 -64.92 -16.39
CA PRO D 56 -36.13 -64.78 -16.94
C PRO D 56 -36.58 -63.36 -17.24
N SER D 57 -36.33 -62.44 -16.32
CA SER D 57 -36.71 -61.04 -16.49
C SER D 57 -36.29 -60.48 -17.85
N VAL D 58 -35.13 -60.92 -18.34
CA VAL D 58 -34.61 -60.45 -19.62
C VAL D 58 -35.54 -60.85 -20.78
N VAL D 59 -35.66 -59.95 -21.75
CA VAL D 59 -36.50 -60.20 -22.92
C VAL D 59 -35.64 -60.64 -24.10
N PRO D 60 -36.13 -61.62 -24.88
CA PRO D 60 -35.40 -62.13 -26.04
C PRO D 60 -34.94 -61.03 -27.01
N GLY D 61 -33.66 -61.05 -27.35
CA GLY D 61 -33.11 -60.06 -28.26
C GLY D 61 -32.64 -58.79 -27.57
N SER D 62 -32.00 -58.95 -26.41
CA SER D 62 -31.50 -57.80 -25.66
C SER D 62 -30.58 -58.24 -24.52
N VAL D 63 -29.60 -57.40 -24.21
CA VAL D 63 -28.65 -57.69 -23.14
C VAL D 63 -28.71 -56.58 -22.09
N ALA D 64 -28.93 -56.97 -20.83
CA ALA D 64 -29.00 -56.02 -19.73
C ALA D 64 -27.66 -55.88 -19.01
N PHE D 65 -27.25 -54.64 -18.80
CA PHE D 65 -26.00 -54.36 -18.12
C PHE D 65 -26.26 -53.61 -16.81
N SER D 66 -25.26 -53.57 -15.94
CA SER D 66 -25.39 -52.89 -14.66
C SER D 66 -24.95 -51.43 -14.79
N LEU D 67 -25.31 -50.61 -13.81
CA LEU D 67 -24.95 -49.20 -13.82
C LEU D 67 -23.45 -49.00 -14.06
N PRO D 68 -22.60 -49.68 -13.28
CA PRO D 68 -21.15 -49.54 -13.45
C PRO D 68 -20.72 -49.82 -14.88
N GLN D 69 -21.04 -51.01 -15.37
CA GLN D 69 -20.70 -51.42 -16.74
C GLN D 69 -21.19 -50.36 -17.72
N ARG D 70 -22.45 -49.97 -17.57
CA ARG D 70 -23.06 -48.97 -18.44
C ARG D 70 -22.40 -47.60 -18.30
N LYS D 71 -21.49 -47.47 -17.35
CA LYS D 71 -20.78 -46.22 -17.12
C LYS D 71 -19.32 -46.41 -17.55
N TRP D 72 -19.03 -47.58 -18.12
CA TRP D 72 -17.69 -47.92 -18.58
C TRP D 72 -17.69 -48.11 -20.09
N ALA D 73 -18.56 -48.98 -20.57
CA ALA D 73 -18.67 -49.26 -22.00
C ALA D 73 -19.36 -48.12 -22.74
N GLY D 74 -20.08 -47.29 -22.00
CA GLY D 74 -20.79 -46.18 -22.60
C GLY D 74 -21.94 -46.63 -23.47
N LEU D 75 -22.81 -47.46 -22.91
CA LEU D 75 -23.96 -47.97 -23.64
C LEU D 75 -25.18 -47.08 -23.42
N SER D 76 -26.35 -47.57 -23.83
CA SER D 76 -27.59 -46.81 -23.68
C SER D 76 -28.81 -47.73 -23.84
N ILE D 77 -29.67 -47.76 -22.82
CA ILE D 77 -30.87 -48.59 -22.87
C ILE D 77 -31.82 -48.07 -23.92
N GLY D 78 -31.70 -48.59 -25.13
CA GLY D 78 -32.56 -48.17 -26.23
C GLY D 78 -31.84 -48.24 -27.54
N GLN D 79 -30.55 -47.95 -27.53
CA GLN D 79 -29.73 -47.99 -28.74
C GLN D 79 -29.60 -49.42 -29.24
N GLU D 80 -28.97 -49.59 -30.40
CA GLU D 80 -28.77 -50.91 -30.98
C GLU D 80 -27.30 -51.29 -31.02
N ILE D 81 -26.97 -52.42 -30.43
CA ILE D 81 -25.59 -52.90 -30.40
C ILE D 81 -25.47 -54.26 -31.06
N GLU D 82 -24.25 -54.60 -31.49
CA GLU D 82 -23.99 -55.87 -32.14
C GLU D 82 -23.16 -56.78 -31.25
N VAL D 83 -23.80 -57.77 -30.66
CA VAL D 83 -23.12 -58.73 -29.78
C VAL D 83 -22.69 -59.97 -30.56
N ALA D 84 -21.46 -60.40 -30.32
CA ALA D 84 -20.91 -61.58 -30.99
C ALA D 84 -20.22 -62.50 -30.01
N LEU D 85 -20.36 -63.81 -30.21
CA LEU D 85 -19.74 -64.80 -29.35
C LEU D 85 -18.22 -64.70 -29.41
N TYR D 86 -17.59 -64.73 -28.24
CA TYR D 86 -16.13 -64.64 -28.16
C TYR D 86 -15.57 -65.79 -27.31
N SER D 87 -14.57 -66.46 -27.85
CA SER D 87 -13.94 -67.57 -27.15
C SER D 87 -12.53 -67.20 -26.67
N PHE D 88 -12.25 -67.47 -25.40
CA PHE D 88 -10.95 -67.16 -24.82
C PHE D 88 -9.94 -68.28 -25.04
N ASP D 89 -8.67 -67.92 -24.95
CA ASP D 89 -7.58 -68.88 -25.11
C ASP D 89 -6.96 -69.11 -23.74
N LYS D 90 -7.64 -69.91 -22.93
CA LYS D 90 -7.18 -70.21 -21.57
C LYS D 90 -5.71 -70.60 -21.52
N ALA D 91 -5.14 -70.92 -22.67
CA ALA D 91 -3.73 -71.31 -22.74
C ALA D 91 -2.78 -70.12 -22.55
N LYS D 92 -3.25 -68.92 -22.88
CA LYS D 92 -2.42 -67.73 -22.74
C LYS D 92 -3.23 -66.50 -22.36
N GLN D 93 -4.48 -66.69 -21.98
CA GLN D 93 -5.32 -65.55 -21.61
C GLN D 93 -5.81 -65.57 -20.16
N CYS D 94 -5.64 -66.70 -19.49
CA CYS D 94 -6.07 -66.81 -18.10
C CYS D 94 -5.28 -65.85 -17.22
N ILE D 95 -5.98 -65.12 -16.36
CA ILE D 95 -5.34 -64.15 -15.48
C ILE D 95 -4.62 -64.84 -14.32
N GLY D 96 -3.34 -64.50 -14.15
CA GLY D 96 -2.55 -65.08 -13.08
C GLY D 96 -2.15 -64.03 -12.07
N THR D 97 -2.18 -62.77 -12.48
CA THR D 97 -1.83 -61.66 -11.61
C THR D 97 -2.46 -60.36 -12.15
N MET D 98 -3.57 -59.97 -11.56
CA MET D 98 -4.27 -58.75 -11.99
C MET D 98 -4.35 -57.71 -10.87
N THR D 99 -3.80 -56.53 -11.16
CA THR D 99 -3.82 -55.44 -10.19
C THR D 99 -5.09 -54.63 -10.36
N ILE D 100 -5.71 -54.24 -9.25
CA ILE D 100 -6.95 -53.48 -9.30
C ILE D 100 -6.92 -52.26 -8.37
N GLU D 101 -7.46 -51.15 -8.85
CA GLU D 101 -7.50 -49.92 -8.07
C GLU D 101 -8.83 -49.87 -7.31
N ILE D 102 -8.75 -49.89 -5.98
CA ILE D 102 -9.95 -49.87 -5.15
C ILE D 102 -10.12 -48.55 -4.40
N ASP D 103 -11.37 -48.10 -4.31
CA ASP D 103 -11.71 -46.87 -3.62
C ASP D 103 -13.20 -46.88 -3.29
N PHE D 104 -13.54 -46.41 -2.09
CA PHE D 104 -14.93 -46.37 -1.64
C PHE D 104 -15.87 -45.83 -2.72
N LEU D 105 -16.80 -46.68 -3.16
CA LEU D 105 -17.76 -46.29 -4.19
C LEU D 105 -18.64 -45.16 -3.69
N GLN D 106 -19.22 -45.33 -2.50
CA GLN D 106 -20.08 -44.32 -1.92
C GLN D 106 -19.31 -43.44 -0.94
N LYS D 107 -19.38 -42.12 -1.16
CA LYS D 107 -18.70 -41.16 -0.31
C LYS D 107 -19.43 -41.04 1.03
N LYS D 108 -20.55 -41.75 1.15
CA LYS D 108 -21.35 -41.71 2.37
C LYS D 108 -20.80 -42.70 3.41
N ASN D 109 -20.20 -43.78 2.92
CA ASN D 109 -19.63 -44.80 3.79
C ASN D 109 -18.11 -44.82 3.65
N ILE D 110 -17.45 -43.81 4.21
CA ILE D 110 -16.00 -43.71 4.15
C ILE D 110 -15.41 -43.85 5.55
N ASP D 111 -14.59 -44.88 5.76
CA ASP D 111 -13.96 -45.12 7.04
C ASP D 111 -12.45 -45.30 6.89
N SER D 112 -11.77 -45.52 8.01
CA SER D 112 -10.32 -45.70 8.00
C SER D 112 -9.94 -47.07 8.58
N ASN D 113 -10.94 -47.90 8.82
CA ASN D 113 -10.71 -49.24 9.36
C ASN D 113 -9.82 -50.06 8.43
N PRO D 114 -9.13 -51.07 8.98
CA PRO D 114 -8.24 -51.94 8.18
C PRO D 114 -8.99 -53.03 7.43
N TYR D 115 -8.62 -53.23 6.16
CA TYR D 115 -9.25 -54.26 5.35
C TYR D 115 -8.20 -55.21 4.77
N ASP D 116 -8.14 -56.42 5.30
CA ASP D 116 -7.18 -57.41 4.85
C ASP D 116 -7.38 -57.74 3.37
N THR D 117 -6.36 -57.47 2.56
CA THR D 117 -6.42 -57.71 1.12
C THR D 117 -6.47 -59.20 0.77
N ASP D 118 -5.73 -60.01 1.53
CA ASP D 118 -5.69 -61.45 1.29
C ASP D 118 -7.11 -62.03 1.31
N LYS D 119 -7.95 -61.47 2.17
CA LYS D 119 -9.34 -61.93 2.28
C LYS D 119 -10.18 -61.35 1.14
N MET D 120 -9.72 -60.23 0.60
CA MET D 120 -10.42 -59.57 -0.50
C MET D 120 -10.16 -60.30 -1.81
N ALA D 121 -8.95 -60.81 -1.97
CA ALA D 121 -8.57 -61.52 -3.19
C ALA D 121 -9.12 -62.96 -3.16
N ALA D 122 -9.57 -63.39 -1.99
CA ALA D 122 -10.12 -64.73 -1.84
C ALA D 122 -11.62 -64.73 -2.12
N GLU D 123 -12.28 -63.64 -1.79
CA GLU D 123 -13.72 -63.50 -2.01
C GLU D 123 -13.99 -62.97 -3.41
N PHE D 124 -13.03 -62.23 -3.96
CA PHE D 124 -13.15 -61.65 -5.28
C PHE D 124 -13.08 -62.74 -6.36
N ILE D 125 -12.21 -63.71 -6.13
CA ILE D 125 -12.04 -64.82 -7.07
C ILE D 125 -13.11 -65.87 -6.89
N GLN D 126 -13.79 -65.84 -5.74
CA GLN D 126 -14.84 -66.79 -5.44
C GLN D 126 -16.20 -66.29 -5.91
N GLN D 127 -16.25 -65.05 -6.37
CA GLN D 127 -17.50 -64.45 -6.84
C GLN D 127 -17.40 -64.02 -8.30
N PHE D 128 -16.21 -63.64 -8.73
CA PHE D 128 -15.99 -63.22 -10.11
C PHE D 128 -15.19 -64.26 -10.89
N ASN D 129 -15.35 -65.53 -10.50
CA ASN D 129 -14.64 -66.62 -11.15
C ASN D 129 -15.23 -66.91 -12.53
N ASN D 130 -14.38 -67.39 -13.44
CA ASN D 130 -14.82 -67.72 -14.80
C ASN D 130 -15.50 -66.52 -15.46
N GLN D 131 -14.84 -65.38 -15.41
CA GLN D 131 -15.38 -64.16 -16.00
C GLN D 131 -14.29 -63.37 -16.74
N ALA D 132 -14.73 -62.45 -17.59
CA ALA D 132 -13.79 -61.63 -18.36
C ALA D 132 -13.60 -60.24 -17.78
N PHE D 133 -12.35 -59.79 -17.72
CA PHE D 133 -12.00 -58.47 -17.21
C PHE D 133 -11.03 -57.79 -18.16
N SER D 134 -11.23 -56.50 -18.37
CA SER D 134 -10.37 -55.73 -19.27
C SER D 134 -9.61 -54.65 -18.50
N VAL D 135 -8.50 -54.20 -19.08
CA VAL D 135 -7.68 -53.16 -18.45
C VAL D 135 -8.41 -51.82 -18.46
N GLY D 136 -8.79 -51.35 -17.28
CA GLY D 136 -9.49 -50.09 -17.17
C GLY D 136 -10.99 -50.27 -17.03
N GLN D 137 -11.40 -51.48 -16.66
CA GLN D 137 -12.81 -51.79 -16.48
C GLN D 137 -13.29 -51.36 -15.10
N GLN D 138 -14.54 -50.91 -15.03
CA GLN D 138 -15.11 -50.46 -13.76
C GLN D 138 -16.22 -51.41 -13.30
N LEU D 139 -16.35 -51.55 -11.99
CA LEU D 139 -17.36 -52.43 -11.41
C LEU D 139 -17.49 -52.20 -9.90
N VAL D 140 -18.40 -52.94 -9.27
CA VAL D 140 -18.62 -52.82 -7.83
C VAL D 140 -18.22 -54.10 -7.13
N PHE D 141 -17.66 -53.96 -5.92
CA PHE D 141 -17.23 -55.11 -5.13
C PHE D 141 -17.92 -55.10 -3.78
N SER D 142 -18.56 -56.22 -3.44
CA SER D 142 -19.26 -56.34 -2.17
C SER D 142 -18.45 -57.16 -1.17
N PHE D 143 -17.82 -56.47 -0.22
CA PHE D 143 -17.01 -57.13 0.80
C PHE D 143 -17.48 -56.71 2.19
N ASN D 144 -18.01 -57.68 2.94
CA ASN D 144 -18.50 -57.41 4.30
C ASN D 144 -19.56 -56.31 4.27
N ASP D 145 -20.56 -56.47 3.41
CA ASP D 145 -21.63 -55.50 3.28
C ASP D 145 -21.07 -54.09 3.11
N LYS D 146 -19.99 -53.97 2.35
CA LYS D 146 -19.35 -52.69 2.10
C LYS D 146 -19.05 -52.59 0.61
N LEU D 147 -19.62 -51.58 -0.05
CA LEU D 147 -19.42 -51.39 -1.49
C LEU D 147 -18.19 -50.56 -1.82
N PHE D 148 -17.42 -51.02 -2.81
CA PHE D 148 -16.22 -50.33 -3.24
C PHE D 148 -16.23 -50.14 -4.76
N GLY D 149 -15.28 -49.37 -5.26
CA GLY D 149 -15.18 -49.11 -6.68
C GLY D 149 -13.87 -49.60 -7.25
N LEU D 150 -13.88 -50.81 -7.81
CA LEU D 150 -12.67 -51.40 -8.39
C LEU D 150 -12.34 -50.78 -9.74
N LEU D 151 -11.10 -50.99 -10.19
CA LEU D 151 -10.65 -50.46 -11.47
C LEU D 151 -9.38 -51.19 -11.92
N VAL D 152 -9.55 -52.14 -12.83
CA VAL D 152 -8.42 -52.92 -13.34
C VAL D 152 -7.32 -52.02 -13.87
N LYS D 153 -6.08 -52.30 -13.45
CA LYS D 153 -4.93 -51.52 -13.87
C LYS D 153 -4.02 -52.33 -14.79
N ASP D 154 -3.71 -53.56 -14.37
CA ASP D 154 -2.85 -54.44 -15.16
C ASP D 154 -3.28 -55.89 -15.00
N ILE D 155 -3.17 -56.64 -16.10
CA ILE D 155 -3.54 -58.05 -16.11
C ILE D 155 -2.43 -58.90 -16.72
N GLU D 156 -2.02 -59.94 -16.00
CA GLU D 156 -0.97 -60.83 -16.47
C GLU D 156 -1.47 -62.27 -16.54
N ALA D 157 -0.83 -63.07 -17.40
CA ALA D 157 -1.20 -64.47 -17.56
C ALA D 157 -0.42 -65.34 -16.58
N MET D 158 -0.81 -66.60 -16.46
CA MET D 158 -0.14 -67.52 -15.55
C MET D 158 1.17 -68.03 -16.17
N ARG D 172 5.96 -64.12 -18.40
CA ARG D 172 4.85 -63.20 -18.16
C ARG D 172 4.48 -62.47 -19.44
N GLN D 173 3.18 -62.47 -19.76
CA GLN D 173 2.68 -61.82 -20.96
C GLN D 173 1.50 -60.91 -20.63
N LYS D 174 1.73 -59.60 -20.69
CA LYS D 174 0.70 -58.63 -20.40
C LYS D 174 -0.45 -58.75 -21.41
N ILE D 175 -1.67 -58.90 -20.89
CA ILE D 175 -2.85 -59.03 -21.75
C ILE D 175 -3.88 -57.93 -21.47
N GLU D 176 -4.52 -57.46 -22.54
CA GLU D 176 -5.53 -56.41 -22.41
C GLU D 176 -6.78 -56.95 -21.73
N VAL D 177 -7.16 -58.18 -22.09
CA VAL D 177 -8.34 -58.82 -21.52
C VAL D 177 -8.02 -60.26 -21.14
N GLY D 178 -8.49 -60.69 -19.98
CA GLY D 178 -8.23 -62.04 -19.53
C GLY D 178 -9.45 -62.72 -18.91
N LEU D 179 -9.27 -63.96 -18.48
CA LEU D 179 -10.34 -64.73 -17.87
C LEU D 179 -9.96 -65.16 -16.45
N VAL D 180 -10.59 -64.55 -15.45
CA VAL D 180 -10.31 -64.86 -14.07
C VAL D 180 -10.72 -66.30 -13.73
N VAL D 181 -9.74 -67.11 -13.35
CA VAL D 181 -10.00 -68.50 -13.01
C VAL D 181 -10.03 -68.68 -11.48
N GLY D 182 -9.90 -69.93 -11.05
CA GLY D 182 -9.92 -70.21 -9.62
C GLY D 182 -8.63 -69.83 -8.92
N ASN D 183 -7.50 -70.24 -9.50
CA ASN D 183 -6.20 -69.94 -8.93
C ASN D 183 -5.68 -68.58 -9.40
N SER D 184 -6.58 -67.61 -9.50
CA SER D 184 -6.22 -66.27 -9.94
C SER D 184 -5.66 -65.46 -8.78
N GLN D 185 -4.43 -64.98 -8.93
CA GLN D 185 -3.79 -64.19 -7.89
C GLN D 185 -4.01 -62.71 -8.16
N VAL D 186 -4.76 -62.04 -7.29
CA VAL D 186 -5.05 -60.62 -7.45
C VAL D 186 -4.33 -59.75 -6.43
N ALA D 187 -3.94 -58.56 -6.86
CA ALA D 187 -3.25 -57.60 -5.98
C ALA D 187 -3.94 -56.25 -6.06
N PHE D 188 -4.43 -55.78 -4.91
CA PHE D 188 -5.12 -54.49 -4.85
C PHE D 188 -4.17 -53.33 -4.56
N GLU D 189 -4.70 -52.12 -4.64
CA GLU D 189 -3.94 -50.91 -4.38
C GLU D 189 -4.87 -49.71 -4.41
N LYS D 190 -4.94 -48.98 -3.29
CA LYS D 190 -5.80 -47.81 -3.20
C LYS D 190 -5.40 -46.78 -4.25
N ALA D 191 -6.28 -45.81 -4.48
CA ALA D 191 -6.02 -44.75 -5.45
C ALA D 191 -4.84 -43.90 -5.00
N GLU D 192 -5.01 -42.58 -5.07
CA GLU D 192 -3.96 -41.66 -4.67
C GLU D 192 -4.38 -40.92 -3.40
N ASN D 193 -3.79 -41.32 -2.27
CA ASN D 193 -4.12 -40.73 -0.98
C ASN D 193 -5.59 -40.90 -0.63
N SER D 194 -6.01 -42.16 -0.51
CA SER D 194 -7.40 -42.49 -0.17
C SER D 194 -7.48 -42.93 1.28
N SER D 195 -8.59 -42.62 1.93
CA SER D 195 -8.79 -42.99 3.32
C SER D 195 -8.70 -44.51 3.50
N LEU D 196 -8.97 -45.23 2.41
CA LEU D 196 -8.92 -46.69 2.42
C LEU D 196 -7.59 -47.21 2.95
N ASN D 197 -7.65 -47.98 4.04
CA ASN D 197 -6.46 -48.54 4.65
C ASN D 197 -6.36 -50.01 4.28
N LEU D 198 -5.33 -50.36 3.51
CA LEU D 198 -5.12 -51.73 3.09
C LEU D 198 -3.90 -52.34 3.76
N ILE D 199 -3.99 -53.61 4.13
CA ILE D 199 -2.89 -54.30 4.79
C ILE D 199 -2.64 -55.67 4.15
N GLY D 200 -1.72 -56.43 4.73
CA GLY D 200 -1.40 -57.74 4.20
C GLY D 200 -0.47 -57.63 3.01
N LYS D 201 -0.06 -58.76 2.46
CA LYS D 201 0.84 -58.76 1.31
C LYS D 201 0.12 -59.22 0.05
N ALA D 202 -0.97 -58.53 -0.28
CA ALA D 202 -1.76 -58.84 -1.45
C ALA D 202 -2.03 -57.55 -2.21
N LYS D 203 -1.21 -56.54 -1.92
CA LYS D 203 -1.35 -55.23 -2.55
C LYS D 203 -0.29 -55.04 -3.63
N THR D 204 0.15 -53.80 -3.81
CA THR D 204 1.17 -53.48 -4.81
C THR D 204 0.86 -54.13 -6.16
N LYS D 220 29.37 -43.78 -1.59
CA LYS D 220 29.53 -42.75 -0.58
C LYS D 220 30.69 -41.82 -0.93
N MET D 221 30.61 -41.22 -2.12
CA MET D 221 31.64 -40.29 -2.56
C MET D 221 31.01 -39.08 -3.26
N GLY D 222 31.70 -37.94 -3.25
CA GLY D 222 32.97 -37.81 -2.56
C GLY D 222 32.96 -36.70 -1.52
N ILE D 223 33.36 -37.04 -0.30
CA ILE D 223 33.47 -36.07 0.79
C ILE D 223 34.74 -36.41 1.58
N GLY D 224 35.39 -35.40 2.13
CA GLY D 224 36.58 -35.61 2.95
C GLY D 224 36.47 -35.19 4.41
N GLY D 225 36.70 -36.13 5.32
CA GLY D 225 36.71 -35.79 6.73
C GLY D 225 35.30 -35.71 7.25
N LEU D 226 35.16 -35.58 8.56
CA LEU D 226 33.88 -35.28 9.18
C LEU D 226 33.02 -36.54 9.14
N ASP D 227 33.65 -37.65 8.75
CA ASP D 227 32.92 -38.85 8.40
C ASP D 227 32.11 -39.41 9.57
N LYS D 228 32.66 -39.35 10.78
CA LYS D 228 31.89 -39.72 11.96
C LYS D 228 30.68 -38.78 12.12
N GLU D 229 30.93 -37.49 11.94
CA GLU D 229 29.90 -36.46 12.04
C GLU D 229 28.84 -36.66 10.96
N PHE D 230 29.30 -37.01 9.76
CA PHE D 230 28.43 -37.26 8.62
C PHE D 230 27.57 -38.46 9.01
N SER D 231 28.19 -39.44 9.66
CA SER D 231 27.46 -40.63 10.07
C SER D 231 26.36 -40.25 11.06
N ASP D 232 26.66 -39.39 12.02
CA ASP D 232 25.67 -38.95 13.01
C ASP D 232 24.48 -38.20 12.38
N ILE D 233 24.82 -37.28 11.48
CA ILE D 233 23.80 -36.47 10.79
C ILE D 233 22.93 -37.44 10.00
N PHE D 234 23.55 -38.46 9.40
CA PHE D 234 22.81 -39.46 8.65
C PHE D 234 21.89 -40.15 9.64
N ARG D 235 22.41 -40.39 10.83
CA ARG D 235 21.72 -41.21 11.81
C ARG D 235 20.42 -40.58 12.28
N ARG D 236 20.41 -39.27 12.53
CA ARG D 236 19.16 -38.68 13.00
C ARG D 236 18.06 -38.41 11.95
N ALA D 237 18.40 -37.83 10.80
CA ALA D 237 17.40 -37.61 9.75
C ALA D 237 16.94 -38.85 8.99
N PHE D 238 17.92 -39.65 8.57
CA PHE D 238 17.69 -40.80 7.70
C PHE D 238 17.00 -41.99 8.36
N ALA D 239 17.22 -42.20 9.66
CA ALA D 239 16.75 -43.42 10.31
C ALA D 239 15.23 -43.54 10.17
N SER D 240 14.49 -42.44 10.32
CA SER D 240 13.03 -42.50 10.16
C SER D 240 12.62 -42.92 8.73
N ARG D 241 13.23 -42.33 7.72
CA ARG D 241 13.00 -42.67 6.31
C ARG D 241 13.46 -44.05 5.80
N VAL D 242 14.61 -44.51 6.29
CA VAL D 242 15.37 -45.60 5.64
C VAL D 242 14.68 -46.96 5.74
N PHE D 243 14.11 -47.30 6.90
CA PHE D 243 13.54 -48.63 7.08
C PHE D 243 12.15 -48.68 6.46
N PRO D 244 11.92 -49.63 5.56
CA PRO D 244 10.63 -49.84 4.88
C PRO D 244 9.77 -51.06 5.21
N PRO D 245 8.49 -50.81 5.56
CA PRO D 245 8.02 -49.55 6.10
C PRO D 245 7.45 -49.60 7.53
N GLU D 246 7.24 -50.80 8.06
CA GLU D 246 6.59 -50.99 9.34
C GLU D 246 7.49 -50.56 10.47
N ILE D 247 8.78 -50.55 10.19
CA ILE D 247 9.75 -50.35 11.26
C ILE D 247 9.49 -49.01 11.92
N VAL D 248 9.19 -47.97 11.13
CA VAL D 248 8.97 -46.64 11.71
C VAL D 248 7.79 -46.67 12.68
N GLU D 249 6.69 -47.32 12.30
CA GLU D 249 5.53 -47.37 13.19
C GLU D 249 5.96 -48.13 14.45
N GLN D 250 6.74 -49.20 14.27
CA GLN D 250 7.26 -49.98 15.39
C GLN D 250 8.10 -49.08 16.30
N MET D 251 8.92 -48.25 15.67
CA MET D 251 9.64 -47.13 16.25
C MET D 251 8.67 -46.08 16.78
N GLY D 252 7.61 -45.84 16.01
CA GLY D 252 6.57 -44.87 16.36
C GLY D 252 6.96 -43.43 16.56
N CYS D 253 7.89 -42.95 15.76
CA CYS D 253 8.33 -41.58 15.89
C CYS D 253 8.04 -40.84 14.61
N LYS D 254 7.45 -39.65 14.75
CA LYS D 254 7.16 -38.80 13.62
C LYS D 254 8.50 -38.41 13.03
N HIS D 255 8.57 -38.30 11.71
CA HIS D 255 9.83 -38.01 11.04
C HIS D 255 10.34 -36.64 11.44
N VAL D 256 11.66 -36.54 11.56
CA VAL D 256 12.32 -35.29 11.93
C VAL D 256 12.07 -34.22 10.86
N LYS D 257 11.86 -33.00 11.32
CA LYS D 257 11.55 -31.85 10.47
C LYS D 257 12.71 -31.18 9.72
N GLY D 258 13.81 -30.91 10.40
CA GLY D 258 14.92 -30.22 9.75
C GLY D 258 16.22 -30.36 10.51
N ILE D 259 17.34 -30.16 9.83
CA ILE D 259 18.61 -30.25 10.55
C ILE D 259 19.46 -29.00 10.22
N LEU D 260 20.23 -28.44 11.17
CA LEU D 260 21.03 -27.25 10.81
C LEU D 260 22.53 -27.39 11.11
N LEU D 261 23.38 -27.02 10.16
CA LEU D 261 24.82 -27.13 10.39
C LEU D 261 25.56 -25.78 10.32
N TYR D 262 26.35 -25.49 11.35
CA TYR D 262 27.14 -24.26 11.40
C TYR D 262 28.64 -24.57 11.55
N GLY D 263 29.46 -23.93 10.72
CA GLY D 263 30.90 -24.10 10.76
C GLY D 263 31.60 -22.78 10.55
N PRO D 264 32.84 -22.65 11.06
CA PRO D 264 33.65 -21.46 10.82
C PRO D 264 33.89 -21.38 9.32
N PRO D 265 34.05 -20.19 8.75
CA PRO D 265 33.89 -20.05 7.29
C PRO D 265 34.90 -20.87 6.51
N GLY D 266 34.49 -21.36 5.34
CA GLY D 266 35.40 -22.16 4.54
C GLY D 266 35.43 -23.63 4.83
N CYS D 267 34.55 -24.08 5.71
CA CYS D 267 34.54 -25.47 6.05
C CYS D 267 33.86 -26.29 4.95
N GLY D 268 33.52 -25.63 3.86
CA GLY D 268 32.86 -26.30 2.76
C GLY D 268 31.55 -26.90 3.19
N LYS D 269 30.83 -26.16 4.01
CA LYS D 269 29.54 -26.61 4.52
C LYS D 269 28.59 -26.83 3.34
N THR D 270 28.66 -25.89 2.41
CA THR D 270 27.70 -25.80 1.32
C THR D 270 27.77 -27.06 0.47
N LEU D 271 29.00 -27.47 0.17
CA LEU D 271 29.22 -28.62 -0.69
C LEU D 271 28.64 -29.88 -0.07
N LEU D 272 28.80 -30.02 1.24
CA LEU D 272 28.26 -31.17 1.94
C LEU D 272 26.75 -31.18 1.83
N ALA D 273 26.13 -30.02 2.00
CA ALA D 273 24.67 -29.92 1.85
C ALA D 273 24.15 -30.28 0.46
N ARG D 274 24.84 -29.80 -0.58
CA ARG D 274 24.42 -30.09 -1.95
C ARG D 274 24.54 -31.60 -2.15
N GLN D 275 25.65 -32.18 -1.70
CA GLN D 275 25.93 -33.59 -1.91
C GLN D 275 24.87 -34.44 -1.24
N ILE D 276 24.62 -34.16 0.04
CA ILE D 276 23.67 -34.94 0.81
C ILE D 276 22.30 -34.78 0.17
N GLY D 277 21.95 -33.56 -0.23
CA GLY D 277 20.63 -33.33 -0.75
C GLY D 277 20.40 -34.12 -2.02
N LYS D 278 21.38 -34.13 -2.91
CA LYS D 278 21.22 -34.95 -4.11
C LYS D 278 21.17 -36.45 -3.79
N MET D 279 22.03 -36.92 -2.89
CA MET D 279 22.06 -38.36 -2.57
C MET D 279 20.84 -38.94 -1.84
N LEU D 280 20.23 -38.17 -0.95
CA LEU D 280 19.12 -38.69 -0.12
C LEU D 280 17.87 -39.13 -0.87
N ASN D 281 17.48 -38.31 -1.85
CA ASN D 281 16.32 -38.58 -2.69
C ASN D 281 16.75 -38.62 -4.14
N ALA D 282 16.30 -39.63 -4.88
CA ALA D 282 16.63 -39.75 -6.31
C ALA D 282 16.57 -38.36 -6.92
N ARG D 283 15.46 -37.69 -6.72
CA ARG D 283 15.38 -36.26 -6.96
C ARG D 283 14.46 -35.60 -5.94
N GLU D 284 15.00 -34.61 -5.22
CA GLU D 284 14.16 -33.82 -4.31
C GLU D 284 13.13 -33.04 -5.17
N PRO D 285 13.58 -32.46 -6.31
CA PRO D 285 14.95 -32.06 -6.66
C PRO D 285 15.39 -30.71 -6.10
N LYS D 286 16.39 -30.75 -5.22
CA LYS D 286 16.97 -29.62 -4.47
C LYS D 286 16.29 -28.25 -4.47
N VAL D 287 16.09 -27.65 -3.30
CA VAL D 287 15.48 -26.32 -3.25
C VAL D 287 16.50 -25.35 -2.66
N VAL D 288 16.71 -24.22 -3.33
CA VAL D 288 17.70 -23.23 -2.93
C VAL D 288 17.08 -21.90 -2.52
N ASN D 289 17.53 -21.40 -1.36
CA ASN D 289 17.07 -20.12 -0.84
C ASN D 289 18.08 -18.99 -0.93
N GLY D 290 17.66 -17.90 -1.56
CA GLY D 290 18.46 -16.71 -1.65
C GLY D 290 18.62 -16.24 -0.21
N PRO D 291 19.79 -15.68 0.12
CA PRO D 291 20.09 -15.19 1.46
C PRO D 291 19.08 -14.11 1.82
N GLU D 292 18.76 -13.26 0.85
CA GLU D 292 17.81 -12.17 1.08
C GLU D 292 16.46 -12.78 1.39
N ILE D 293 16.10 -13.76 0.58
CA ILE D 293 14.93 -14.60 0.78
C ILE D 293 13.63 -13.82 0.56
N LEU D 294 13.49 -12.74 1.32
CA LEU D 294 12.25 -12.00 1.41
C LEU D 294 12.11 -10.90 0.37
N ASN D 295 13.13 -10.73 -0.47
CA ASN D 295 13.18 -9.57 -1.38
C ASN D 295 11.85 -9.21 -2.02
N LYS D 296 11.64 -7.90 -2.11
CA LYS D 296 10.38 -7.24 -2.50
C LYS D 296 9.58 -6.95 -1.21
N TYR D 297 9.71 -5.74 -0.67
CA TYR D 297 9.04 -5.31 0.57
C TYR D 297 7.51 -5.25 0.62
N VAL D 298 6.83 -5.12 -0.51
CA VAL D 298 5.40 -5.41 -0.50
C VAL D 298 5.18 -6.77 0.18
N GLY D 299 4.19 -6.77 1.08
CA GLY D 299 3.85 -7.92 1.92
C GLY D 299 3.40 -9.16 1.21
N GLU D 300 2.69 -8.98 0.11
CA GLU D 300 2.26 -10.11 -0.70
C GLU D 300 3.48 -10.87 -1.20
N SER D 301 4.51 -10.15 -1.61
CA SER D 301 5.75 -10.78 -2.07
C SER D 301 6.37 -11.63 -0.97
N GLU D 302 6.42 -11.06 0.23
CA GLU D 302 7.03 -11.77 1.33
C GLU D 302 6.23 -13.05 1.53
N ALA D 303 4.92 -12.92 1.43
CA ALA D 303 4.07 -14.08 1.54
C ALA D 303 4.49 -15.08 0.47
N ASN D 304 4.86 -14.60 -0.71
CA ASN D 304 5.36 -15.48 -1.77
C ASN D 304 6.61 -16.27 -1.37
N ILE D 305 7.53 -15.57 -0.69
CA ILE D 305 8.74 -16.21 -0.18
C ILE D 305 8.28 -17.34 0.72
N ARG D 306 7.23 -17.08 1.49
CA ARG D 306 6.64 -18.19 2.24
C ARG D 306 6.02 -19.28 1.39
N LYS D 307 5.44 -18.87 0.27
CA LYS D 307 4.67 -19.78 -0.54
C LYS D 307 5.56 -20.85 -1.09
N LEU D 308 6.78 -20.51 -1.47
CA LEU D 308 7.63 -21.57 -2.03
C LEU D 308 7.74 -22.74 -1.03
N PHE D 309 7.85 -22.40 0.26
CA PHE D 309 7.71 -23.39 1.33
C PHE D 309 6.30 -24.00 1.33
N ALA D 310 5.31 -23.14 1.08
CA ALA D 310 3.90 -23.54 1.16
C ALA D 310 3.53 -24.65 0.20
N ASP D 311 4.03 -24.59 -1.03
CA ASP D 311 3.74 -25.65 -1.98
C ASP D 311 4.29 -26.95 -1.41
N ALA D 312 5.50 -26.85 -0.85
CA ALA D 312 6.13 -28.03 -0.28
C ALA D 312 5.21 -28.65 0.78
N GLU D 313 4.64 -27.84 1.65
CA GLU D 313 3.79 -28.34 2.70
C GLU D 313 2.63 -29.02 2.01
N GLU D 314 2.17 -28.44 0.90
CA GLU D 314 1.02 -28.99 0.20
C GLU D 314 1.20 -30.35 -0.46
N GLU D 315 2.37 -30.70 -1.02
CA GLU D 315 2.48 -32.00 -1.73
C GLU D 315 2.08 -33.31 -0.98
N GLN D 316 2.59 -33.45 0.25
CA GLN D 316 2.16 -34.32 1.30
C GLN D 316 0.67 -34.20 1.46
N ARG D 317 0.10 -32.99 1.39
CA ARG D 317 -1.30 -32.91 1.79
C ARG D 317 -1.95 -33.66 0.67
N ARG D 318 -1.50 -33.36 -0.55
CA ARG D 318 -1.99 -34.03 -1.73
C ARG D 318 -1.56 -35.52 -1.72
N LEU D 319 -0.29 -35.85 -1.36
CA LEU D 319 0.12 -37.28 -1.47
C LEU D 319 0.52 -38.01 -0.17
N GLY D 320 0.06 -37.42 0.92
CA GLY D 320 0.47 -37.77 2.27
C GLY D 320 0.19 -39.12 2.84
N ALA D 321 1.23 -39.77 3.34
CA ALA D 321 1.21 -41.08 4.00
C ALA D 321 2.61 -41.57 3.79
N ASN D 322 2.81 -41.85 2.50
CA ASN D 322 4.07 -42.16 1.84
C ASN D 322 3.85 -41.87 0.35
N SER D 323 4.90 -41.59 -0.41
CA SER D 323 6.20 -41.31 0.16
C SER D 323 6.84 -40.14 -0.59
N GLY D 324 6.33 -38.92 -0.41
CA GLY D 324 6.95 -37.84 -1.13
C GLY D 324 7.81 -36.96 -0.26
N LEU D 325 9.07 -36.79 -0.66
CA LEU D 325 9.99 -35.96 0.10
C LEU D 325 10.61 -34.80 -0.69
N HIS D 326 10.46 -33.62 -0.12
CA HIS D 326 11.09 -32.38 -0.60
C HIS D 326 12.04 -31.78 0.42
N ILE D 327 13.26 -31.52 -0.05
CA ILE D 327 14.32 -30.96 0.75
C ILE D 327 14.56 -29.54 0.27
N ILE D 328 14.46 -28.62 1.21
CA ILE D 328 14.67 -27.20 0.97
C ILE D 328 15.88 -26.91 1.82
N ILE D 329 16.88 -26.33 1.20
CA ILE D 329 18.07 -26.00 1.96
C ILE D 329 18.21 -24.49 1.92
N PHE D 330 18.41 -23.90 3.09
CA PHE D 330 18.51 -22.45 3.09
C PHE D 330 19.97 -22.04 3.27
N ASP D 331 20.56 -21.41 2.27
CA ASP D 331 21.88 -20.79 2.45
C ASP D 331 21.74 -19.53 3.30
N GLU D 332 22.76 -19.19 4.10
CA GLU D 332 22.72 -17.95 4.88
C GLU D 332 21.46 -17.84 5.75
N ILE D 333 21.15 -18.90 6.50
CA ILE D 333 19.94 -18.90 7.32
C ILE D 333 20.02 -17.74 8.29
N ASP D 334 21.22 -17.44 8.80
CA ASP D 334 21.32 -16.25 9.64
C ASP D 334 20.95 -15.01 8.85
N ALA D 335 20.22 -14.13 9.54
CA ALA D 335 19.64 -12.88 9.03
C ALA D 335 18.27 -13.22 8.44
N ILE D 336 17.87 -14.48 8.64
CA ILE D 336 16.56 -14.99 8.23
C ILE D 336 16.13 -14.54 6.83
N ASP D 351 11.32 -10.68 12.27
CA ASP D 351 10.02 -10.05 12.43
C ASP D 351 8.91 -10.94 11.88
N THR D 352 8.06 -10.37 11.03
CA THR D 352 6.93 -11.11 10.48
C THR D 352 7.48 -12.26 9.67
N VAL D 353 8.58 -11.99 8.97
CA VAL D 353 9.23 -12.99 8.14
C VAL D 353 9.69 -14.19 8.95
N VAL D 354 10.35 -13.92 10.08
CA VAL D 354 10.86 -14.99 10.92
C VAL D 354 9.78 -15.87 11.55
N ASN D 355 8.71 -15.22 12.03
CA ASN D 355 7.61 -15.93 12.67
C ASN D 355 6.99 -16.81 11.61
N GLN D 356 6.92 -16.21 10.43
CA GLN D 356 6.36 -16.84 9.29
C GLN D 356 7.11 -18.09 8.85
N LEU D 357 8.44 -17.99 8.85
CA LEU D 357 9.31 -19.10 8.48
C LEU D 357 9.05 -20.22 9.47
N LEU D 358 8.96 -19.81 10.74
CA LEU D 358 8.75 -20.72 11.86
C LEU D 358 7.45 -21.52 11.71
N SER D 359 6.38 -20.88 11.29
CA SER D 359 5.15 -21.63 11.11
C SER D 359 5.22 -22.69 9.99
N LYS D 360 5.88 -22.38 8.88
CA LYS D 360 5.95 -23.30 7.74
C LYS D 360 6.92 -24.45 7.90
N ILE D 361 7.21 -24.77 9.15
CA ILE D 361 8.09 -25.88 9.49
C ILE D 361 7.34 -26.73 10.52
N ASP D 362 6.68 -26.09 11.48
CA ASP D 362 5.88 -26.82 12.47
C ASP D 362 4.47 -26.24 12.62
N GLY D 363 3.48 -27.12 12.52
CA GLY D 363 2.08 -26.80 12.78
C GLY D 363 1.44 -26.01 11.65
N VAL D 364 0.17 -25.63 11.80
CA VAL D 364 -0.72 -26.09 12.88
C VAL D 364 -0.98 -27.59 12.81
N GLU D 365 -1.20 -28.08 11.58
CA GLU D 365 -1.45 -29.50 11.34
C GLU D 365 -0.42 -30.05 10.35
N GLN D 366 0.16 -31.19 10.71
CA GLN D 366 1.11 -31.94 9.87
C GLN D 366 2.32 -31.10 9.50
N LEU D 367 2.59 -31.03 8.20
CA LEU D 367 3.75 -30.37 7.57
C LEU D 367 5.01 -31.25 7.58
N ASN D 368 4.89 -32.50 8.05
CA ASN D 368 5.99 -33.45 8.00
C ASN D 368 6.11 -34.10 6.63
N ASN D 369 7.15 -34.91 6.41
CA ASN D 369 7.47 -35.54 5.10
C ASN D 369 8.30 -34.60 4.23
N ILE D 370 8.76 -33.50 4.82
CA ILE D 370 9.78 -32.67 4.17
C ILE D 370 10.84 -32.30 5.20
N LEU D 371 12.05 -32.00 4.73
CA LEU D 371 13.16 -31.61 5.60
C LEU D 371 13.92 -30.39 5.08
N VAL D 372 14.43 -29.57 6.01
CA VAL D 372 15.17 -28.35 5.65
C VAL D 372 16.50 -28.23 6.39
N ILE D 373 17.57 -27.95 5.65
CA ILE D 373 18.86 -27.83 6.32
C ILE D 373 19.37 -26.38 6.21
N GLY D 374 19.80 -25.81 7.31
CA GLY D 374 20.30 -24.45 7.29
C GLY D 374 21.80 -24.31 7.48
N MET D 375 22.47 -23.57 6.60
CA MET D 375 23.92 -23.41 6.71
C MET D 375 24.36 -21.99 7.09
N THR D 376 25.15 -21.87 8.15
CA THR D 376 25.54 -20.54 8.63
C THR D 376 26.90 -20.50 9.31
N ASN D 377 27.59 -19.38 9.16
CA ASN D 377 28.91 -19.23 9.75
C ASN D 377 28.91 -19.20 11.29
N ARG D 378 27.92 -18.52 11.88
CA ARG D 378 27.84 -18.42 13.35
C ARG D 378 26.54 -18.89 13.99
N PRO D 379 26.65 -19.69 15.05
CA PRO D 379 25.49 -20.20 15.81
C PRO D 379 24.71 -19.11 16.58
N ASP D 380 25.45 -18.20 17.19
CA ASP D 380 24.91 -17.24 18.16
C ASP D 380 23.90 -16.27 17.55
N LEU D 381 24.15 -15.90 16.30
CA LEU D 381 23.28 -14.99 15.55
C LEU D 381 21.85 -15.52 15.46
N ILE D 382 21.69 -16.82 15.30
CA ILE D 382 20.37 -17.39 15.05
C ILE D 382 19.41 -17.34 16.21
N ASP D 383 18.13 -17.39 15.84
CA ASP D 383 17.00 -17.32 16.74
C ASP D 383 16.99 -18.57 17.61
N GLU D 384 16.61 -18.41 18.87
CA GLU D 384 16.45 -19.53 19.80
C GLU D 384 15.31 -20.53 19.48
N ALA D 385 14.19 -20.03 19.00
CA ALA D 385 12.96 -20.83 18.85
C ALA D 385 13.10 -21.97 17.86
N LEU D 386 13.82 -21.74 16.77
CA LEU D 386 14.01 -22.77 15.75
C LEU D 386 14.76 -23.97 16.31
N LEU D 387 15.72 -23.70 17.19
CA LEU D 387 16.68 -24.71 17.65
C LEU D 387 16.06 -25.90 18.37
N ARG D 388 14.99 -25.65 19.14
CA ARG D 388 14.43 -26.68 20.01
C ARG D 388 13.96 -27.88 19.19
N PRO D 389 14.08 -29.09 19.77
CA PRO D 389 13.76 -30.30 19.01
C PRO D 389 12.33 -30.24 18.51
N GLY D 390 12.12 -30.74 17.30
CA GLY D 390 10.90 -30.43 16.60
C GLY D 390 11.30 -29.81 15.28
N ARG D 391 11.08 -28.52 15.17
CA ARG D 391 11.31 -27.81 13.92
C ARG D 391 12.75 -27.90 13.42
N LEU D 392 13.71 -27.73 14.33
CA LEU D 392 15.13 -27.97 14.02
C LEU D 392 15.73 -28.82 15.13
N GLU D 393 15.37 -30.09 15.20
CA GLU D 393 15.83 -30.90 16.33
C GLU D 393 17.33 -31.10 16.46
N VAL D 394 18.01 -31.32 15.36
CA VAL D 394 19.44 -31.62 15.43
C VAL D 394 20.29 -30.46 14.85
N LYS D 395 21.28 -30.05 15.64
CA LYS D 395 22.23 -29.02 15.26
C LYS D 395 23.59 -29.69 15.18
N MET D 396 24.26 -29.42 14.08
CA MET D 396 25.59 -29.93 13.75
C MET D 396 26.58 -28.79 13.67
N GLU D 397 27.67 -28.95 14.38
CA GLU D 397 28.73 -27.95 14.42
C GLU D 397 29.99 -28.57 13.88
N ILE D 398 30.66 -27.87 12.99
CA ILE D 398 31.84 -28.50 12.45
C ILE D 398 33.11 -27.75 12.85
N GLY D 399 34.08 -28.49 13.41
CA GLY D 399 35.37 -27.93 13.74
C GLY D 399 36.27 -27.83 12.53
N LEU D 400 37.36 -27.07 12.64
CA LEU D 400 38.32 -26.99 11.55
C LEU D 400 38.82 -28.41 11.27
N PRO D 401 38.97 -28.77 9.98
CA PRO D 401 39.13 -30.18 9.60
C PRO D 401 40.33 -30.84 10.28
N ASP D 402 40.13 -32.07 10.74
CA ASP D 402 41.15 -32.83 11.46
C ASP D 402 42.38 -33.03 10.58
N GLU D 403 43.54 -33.24 11.22
CA GLU D 403 44.80 -33.42 10.49
C GLU D 403 44.74 -34.62 9.59
N LYS D 404 44.25 -35.72 10.13
CA LYS D 404 44.03 -36.90 9.32
C LYS D 404 42.98 -36.52 8.27
N GLY D 405 41.93 -35.83 8.71
CA GLY D 405 40.86 -35.36 7.85
C GLY D 405 41.40 -34.42 6.82
N ARG D 406 42.32 -33.57 7.25
CA ARG D 406 42.91 -32.60 6.35
C ARG D 406 43.58 -33.42 5.26
N LEU D 407 44.24 -34.52 5.67
CA LEU D 407 44.84 -35.41 4.68
C LEU D 407 43.82 -36.04 3.72
N GLN D 408 42.63 -36.45 4.17
CA GLN D 408 41.64 -36.92 3.18
C GLN D 408 41.23 -35.79 2.21
N ILE D 409 41.04 -34.57 2.72
CA ILE D 409 40.65 -33.44 1.86
C ILE D 409 41.73 -33.13 0.81
N LEU D 410 42.98 -33.10 1.25
CA LEU D 410 44.10 -32.88 0.35
C LEU D 410 44.19 -34.03 -0.64
N HIS D 411 43.97 -35.24 -0.14
CA HIS D 411 44.15 -36.44 -0.93
C HIS D 411 43.11 -36.49 -2.03
N ILE D 412 41.86 -36.22 -1.70
CA ILE D 412 40.78 -36.24 -2.69
C ILE D 412 40.90 -35.10 -3.71
N HIS D 413 41.17 -33.87 -3.26
CA HIS D 413 41.35 -32.78 -4.24
C HIS D 413 42.55 -33.04 -5.16
N THR D 414 43.64 -33.56 -4.60
CA THR D 414 44.83 -33.94 -5.37
C THR D 414 44.50 -35.07 -6.32
N ALA D 415 43.63 -35.97 -5.91
CA ALA D 415 43.46 -37.30 -6.50
C ALA D 415 42.97 -37.20 -7.93
N ARG D 416 42.12 -36.23 -8.22
CA ARG D 416 41.63 -36.03 -9.57
C ARG D 416 42.86 -35.68 -10.47
N MET D 417 43.74 -34.83 -9.96
CA MET D 417 45.05 -34.49 -10.57
C MET D 417 46.00 -35.71 -10.65
N ARG D 418 45.92 -36.55 -9.62
CA ARG D 418 46.78 -37.70 -9.33
C ARG D 418 46.46 -38.75 -10.38
N GLY D 419 45.19 -38.83 -10.73
CA GLY D 419 44.59 -39.94 -11.42
C GLY D 419 45.22 -39.77 -12.79
N HIS D 420 45.23 -38.55 -13.31
CA HIS D 420 46.01 -38.31 -14.52
C HIS D 420 47.46 -38.44 -14.12
N GLN D 421 48.31 -38.76 -15.08
CA GLN D 421 49.72 -39.04 -14.81
C GLN D 421 50.44 -37.84 -14.16
N LEU D 422 50.14 -36.64 -14.62
CA LEU D 422 50.87 -35.45 -14.17
C LEU D 422 50.80 -35.30 -12.65
N LEU D 423 51.96 -35.04 -12.06
CA LEU D 423 52.08 -34.84 -10.62
C LEU D 423 53.40 -34.16 -10.29
N SER D 424 53.52 -33.64 -9.09
CA SER D 424 54.79 -33.15 -8.60
C SER D 424 55.32 -34.13 -7.54
N ALA D 425 56.49 -34.70 -7.81
CA ALA D 425 57.05 -35.74 -6.94
C ALA D 425 57.38 -35.23 -5.54
N ASP D 426 57.94 -34.02 -5.46
CA ASP D 426 58.39 -33.47 -4.18
C ASP D 426 57.25 -33.29 -3.17
N VAL D 427 56.11 -32.83 -3.66
CA VAL D 427 54.96 -32.56 -2.78
C VAL D 427 54.45 -33.85 -2.18
N ASP D 428 54.05 -33.78 -0.91
CA ASP D 428 53.56 -34.95 -0.19
C ASP D 428 52.32 -34.51 0.59
N ILE D 429 51.26 -35.30 0.47
CA ILE D 429 49.98 -34.99 1.10
C ILE D 429 50.15 -34.90 2.61
N LYS D 430 50.88 -35.85 3.19
CA LYS D 430 51.10 -35.90 4.62
C LYS D 430 51.83 -34.64 5.08
N GLU D 431 52.82 -34.24 4.29
CA GLU D 431 53.61 -33.05 4.57
C GLU D 431 52.69 -31.83 4.59
N LEU D 432 51.79 -31.77 3.60
CA LEU D 432 50.86 -30.65 3.53
C LEU D 432 49.97 -30.65 4.78
N ALA D 433 49.51 -31.82 5.18
CA ALA D 433 48.64 -31.94 6.36
C ALA D 433 49.32 -31.48 7.65
N VAL D 434 50.56 -31.95 7.88
CA VAL D 434 51.31 -31.54 9.06
C VAL D 434 51.52 -30.02 9.00
N GLU D 435 51.80 -29.51 7.79
CA GLU D 435 52.11 -28.10 7.61
C GLU D 435 50.93 -27.21 8.00
N THR D 436 49.73 -27.58 7.57
CA THR D 436 48.54 -26.85 8.02
C THR D 436 47.46 -27.79 8.53
N LYS D 437 47.03 -27.58 9.76
CA LYS D 437 45.87 -28.26 10.32
C LYS D 437 44.75 -27.25 10.50
N ASN D 438 45.13 -25.99 10.48
CA ASN D 438 44.22 -24.87 10.69
C ASN D 438 43.18 -24.69 9.59
N PHE D 439 43.59 -24.95 8.35
CA PHE D 439 42.78 -24.57 7.19
C PHE D 439 41.44 -25.27 7.14
N SER D 440 40.39 -24.53 6.82
CA SER D 440 39.04 -25.06 6.57
C SER D 440 38.94 -25.73 5.18
N GLY D 441 37.99 -26.65 4.98
CA GLY D 441 37.91 -27.37 3.70
C GLY D 441 37.92 -26.48 2.45
N ALA D 442 37.04 -25.49 2.37
CA ALA D 442 36.98 -24.54 1.24
C ALA D 442 38.43 -24.16 0.94
N GLU D 443 39.11 -23.71 1.99
CA GLU D 443 40.49 -23.22 1.96
C GLU D 443 41.52 -24.22 1.53
N LEU D 444 41.38 -25.46 1.98
CA LEU D 444 42.32 -26.49 1.61
C LEU D 444 42.18 -26.69 0.08
N GLU D 445 40.92 -26.70 -0.37
CA GLU D 445 40.56 -26.83 -1.78
C GLU D 445 41.15 -25.67 -2.57
N GLY D 446 41.03 -24.47 -2.00
CA GLY D 446 41.58 -23.25 -2.57
C GLY D 446 43.07 -23.44 -2.68
N LEU D 447 43.68 -24.08 -1.68
CA LEU D 447 45.12 -24.19 -1.58
C LEU D 447 45.57 -25.02 -2.75
N VAL D 448 44.85 -26.12 -3.00
CA VAL D 448 45.15 -26.93 -4.16
C VAL D 448 44.97 -26.11 -5.43
N ARG D 449 43.93 -25.28 -5.48
CA ARG D 449 43.70 -24.42 -6.63
C ARG D 449 44.89 -23.49 -6.90
N ALA D 450 45.51 -23.01 -5.82
CA ALA D 450 46.66 -22.11 -5.91
C ALA D 450 47.86 -22.72 -6.64
N ALA D 451 48.09 -24.01 -6.41
CA ALA D 451 49.24 -24.70 -6.98
C ALA D 451 49.20 -24.71 -8.49
N GLN D 452 48.00 -24.87 -9.04
CA GLN D 452 47.78 -25.00 -10.48
C GLN D 452 48.26 -23.76 -11.22
N SER D 453 48.00 -22.60 -10.59
CA SER D 453 48.29 -21.32 -11.20
C SER D 453 49.77 -21.21 -11.48
N THR D 454 50.61 -21.75 -10.58
CA THR D 454 52.04 -21.69 -10.77
C THR D 454 52.49 -22.47 -12.01
N ALA D 455 51.91 -23.66 -12.21
CA ALA D 455 52.18 -24.49 -13.39
C ALA D 455 51.78 -23.79 -14.68
N MET D 456 50.58 -23.22 -14.63
CA MET D 456 50.02 -22.46 -15.74
C MET D 456 50.94 -21.28 -16.04
N ASN D 457 51.47 -20.69 -14.96
CA ASN D 457 52.29 -19.49 -15.00
C ASN D 457 53.60 -19.82 -15.70
N ARG D 458 54.18 -20.97 -15.33
CA ARG D 458 55.43 -21.41 -15.93
C ARG D 458 55.22 -21.62 -17.42
N HIS D 459 54.09 -22.23 -17.78
CA HIS D 459 53.79 -22.45 -19.19
C HIS D 459 53.72 -21.15 -20.00
N ILE D 460 53.14 -20.10 -19.41
CA ILE D 460 53.02 -18.80 -20.09
C ILE D 460 54.25 -17.94 -19.81
N PHE D 483 58.46 -28.44 -4.02
CA PHE D 483 59.31 -27.73 -4.97
C PHE D 483 58.95 -26.25 -5.02
N LEU D 484 58.79 -25.74 -6.24
CA LEU D 484 58.47 -24.33 -6.47
C LEU D 484 57.11 -23.97 -5.87
N ALA D 485 56.17 -24.90 -5.99
CA ALA D 485 54.79 -24.68 -5.58
C ALA D 485 54.70 -24.42 -4.08
N SER D 486 55.48 -25.13 -3.27
CA SER D 486 55.41 -24.95 -1.83
C SER D 486 55.83 -23.53 -1.41
N LEU D 487 56.93 -23.06 -2.00
CA LEU D 487 57.42 -21.71 -1.75
C LEU D 487 56.42 -20.66 -2.21
N GLU D 488 55.87 -20.88 -3.41
CA GLU D 488 54.85 -19.98 -3.94
C GLU D 488 53.67 -19.95 -2.99
N ASN D 489 53.38 -21.12 -2.41
CA ASN D 489 52.24 -21.29 -1.55
C ASN D 489 52.47 -20.44 -0.32
N ASP D 490 53.69 -20.49 0.20
CA ASP D 490 54.08 -19.67 1.34
C ASP D 490 53.91 -18.19 1.00
N ILE D 491 54.26 -17.80 -0.23
CA ILE D 491 54.04 -16.42 -0.65
C ILE D 491 52.58 -16.11 -1.02
N LYS D 492 51.61 -16.86 -0.48
CA LYS D 492 50.19 -16.58 -0.73
C LYS D 492 49.10 -17.25 0.14
N PRO D 493 49.44 -17.77 1.34
CA PRO D 493 48.51 -18.72 1.98
C PRO D 493 47.17 -18.09 2.38
N ALA D 494 47.22 -16.90 2.96
CA ALA D 494 46.04 -16.11 3.29
C ALA D 494 45.02 -16.87 4.13
N PHE D 495 45.52 -17.68 5.07
CA PHE D 495 44.68 -18.48 5.95
C PHE D 495 43.80 -17.68 6.88
N GLY D 496 44.36 -16.61 7.41
CA GLY D 496 43.72 -15.79 8.40
C GLY D 496 44.10 -16.32 9.77
N THR D 497 44.68 -17.53 9.78
CA THR D 497 45.36 -18.03 10.98
C THR D 497 46.87 -17.96 10.79
N ASN D 498 47.29 -17.81 9.54
CA ASN D 498 48.70 -17.70 9.20
C ASN D 498 49.15 -16.25 9.17
N GLN D 499 48.21 -15.34 9.40
CA GLN D 499 48.49 -13.91 9.41
C GLN D 499 49.50 -13.61 10.51
N GLU D 500 49.32 -14.26 11.65
CA GLU D 500 50.28 -14.18 12.73
C GLU D 500 51.56 -14.81 12.26
N ASP D 501 52.68 -14.20 12.64
CA ASP D 501 53.98 -14.70 12.25
C ASP D 501 54.92 -14.69 13.41
N TYR D 502 55.53 -15.85 13.59
CA TYR D 502 56.52 -16.07 14.62
C TYR D 502 57.84 -15.38 14.28
N ALA D 503 58.26 -15.43 13.01
CA ALA D 503 59.40 -14.62 12.55
C ALA D 503 59.30 -13.13 12.95
N SER D 504 58.11 -12.73 13.40
CA SER D 504 57.82 -11.36 13.83
C SER D 504 58.18 -11.17 15.30
N TYR D 505 58.14 -12.24 16.07
CA TYR D 505 58.46 -12.15 17.49
C TYR D 505 59.89 -12.63 17.74
N ILE D 506 60.46 -13.31 16.74
CA ILE D 506 61.81 -13.86 16.83
C ILE D 506 62.54 -13.26 15.64
N MET D 507 62.57 -11.93 15.58
CA MET D 507 63.20 -11.26 14.45
C MET D 507 64.71 -11.39 14.35
N ASN D 508 65.39 -11.41 15.49
CA ASN D 508 66.85 -11.56 15.43
C ASN D 508 67.41 -12.84 16.01
N GLY D 509 66.50 -13.73 16.39
CA GLY D 509 66.87 -15.03 16.87
C GLY D 509 67.39 -15.21 18.29
N ILE D 510 67.72 -16.49 18.48
CA ILE D 510 68.29 -16.87 19.74
C ILE D 510 69.65 -17.45 19.49
N ILE D 511 70.57 -16.88 20.24
CA ILE D 511 71.96 -17.25 20.40
C ILE D 511 72.13 -17.37 21.88
N LYS D 512 72.77 -18.43 22.37
CA LYS D 512 72.74 -18.58 23.78
C LYS D 512 74.03 -18.07 24.36
N TRP D 513 73.92 -16.99 25.12
CA TRP D 513 75.06 -16.49 25.83
C TRP D 513 75.43 -17.51 26.87
N GLY D 514 74.43 -18.15 27.44
CA GLY D 514 74.69 -19.17 28.44
C GLY D 514 74.02 -20.52 28.31
N ASP D 515 74.67 -21.53 28.87
CA ASP D 515 74.11 -22.87 28.88
C ASP D 515 72.77 -22.70 29.66
N PRO D 516 72.75 -21.87 30.75
CA PRO D 516 71.49 -21.72 31.49
C PRO D 516 70.34 -21.21 30.60
N VAL D 517 70.58 -20.34 29.64
CA VAL D 517 69.46 -19.91 28.82
C VAL D 517 68.88 -21.11 28.05
N THR D 518 69.74 -22.00 27.53
CA THR D 518 69.20 -23.22 26.93
C THR D 518 68.42 -24.07 27.92
N ARG D 519 68.95 -24.19 29.14
CA ARG D 519 68.24 -25.01 30.13
C ARG D 519 66.87 -24.38 30.34
N VAL D 520 66.79 -23.05 30.43
CA VAL D 520 65.50 -22.40 30.65
C VAL D 520 64.54 -22.68 29.50
N LEU D 521 64.99 -22.59 28.24
CA LEU D 521 64.07 -22.94 27.16
C LEU D 521 63.61 -24.38 27.25
N ASP D 522 64.54 -25.27 27.54
CA ASP D 522 64.21 -26.69 27.64
C ASP D 522 63.23 -26.94 28.78
N ASP D 523 63.36 -26.20 29.87
CA ASP D 523 62.46 -26.28 31.02
C ASP D 523 61.08 -25.78 30.63
N GLY D 524 61.04 -24.74 29.81
CA GLY D 524 59.76 -24.25 29.33
C GLY D 524 59.14 -25.34 28.50
N GLU D 525 59.94 -26.00 27.66
CA GLU D 525 59.45 -27.09 26.83
C GLU D 525 58.92 -28.23 27.67
N LEU D 526 59.61 -28.50 28.78
CA LEU D 526 59.21 -29.53 29.71
C LEU D 526 57.88 -29.21 30.37
N LEU D 527 57.66 -27.95 30.71
CA LEU D 527 56.38 -27.52 31.27
C LEU D 527 55.28 -27.67 30.21
N VAL D 528 55.61 -27.37 28.96
CA VAL D 528 54.68 -27.58 27.84
C VAL D 528 54.31 -29.06 27.70
N GLN D 529 55.32 -29.91 27.88
CA GLN D 529 55.16 -31.36 27.85
C GLN D 529 54.31 -31.79 29.02
N GLN D 530 54.44 -31.03 30.09
CA GLN D 530 53.59 -31.24 31.25
C GLN D 530 52.14 -30.97 30.98
N THR D 531 51.91 -29.93 30.22
CA THR D 531 50.59 -29.58 29.76
C THR D 531 50.03 -30.67 28.89
N LYS D 532 50.91 -31.17 28.03
CA LYS D 532 50.62 -32.24 27.09
C LYS D 532 50.29 -33.59 27.69
N ASN D 533 51.00 -33.95 28.76
CA ASN D 533 50.80 -35.22 29.43
C ASN D 533 49.65 -35.22 30.43
N SER D 534 49.52 -34.13 31.16
CA SER D 534 48.59 -34.06 32.29
C SER D 534 47.13 -34.15 31.92
N ASP D 535 46.38 -34.96 32.67
CA ASP D 535 44.93 -35.03 32.55
C ASP D 535 44.19 -34.30 33.67
N ARG D 536 44.65 -34.49 34.91
CA ARG D 536 44.03 -33.81 36.06
C ARG D 536 44.32 -32.31 36.11
N THR D 537 45.35 -31.86 35.41
CA THR D 537 45.72 -30.45 35.37
C THR D 537 45.85 -29.98 33.92
N PRO D 538 44.73 -29.96 33.17
CA PRO D 538 44.81 -29.58 31.76
C PRO D 538 45.19 -28.11 31.59
N LEU D 539 45.14 -27.33 32.66
CA LEU D 539 45.40 -25.91 32.56
C LEU D 539 46.74 -25.54 33.18
N VAL D 540 47.57 -24.92 32.36
CA VAL D 540 48.91 -24.49 32.76
C VAL D 540 49.21 -23.00 32.56
N SER D 541 49.71 -22.35 33.62
CA SER D 541 50.23 -20.99 33.48
C SER D 541 51.69 -20.84 33.91
N VAL D 542 52.49 -20.37 32.97
CA VAL D 542 53.89 -20.12 33.18
C VAL D 542 54.22 -18.64 32.89
N LEU D 543 54.93 -18.04 33.83
CA LEU D 543 55.36 -16.66 33.77
C LEU D 543 56.85 -16.59 33.72
N LEU D 544 57.36 -15.95 32.69
CA LEU D 544 58.79 -15.76 32.55
C LEU D 544 59.13 -14.27 32.68
N GLU D 545 60.01 -13.94 33.62
CA GLU D 545 60.33 -12.53 33.83
C GLU D 545 61.81 -12.12 33.70
N GLY D 546 62.04 -11.07 32.91
CA GLY D 546 63.34 -10.50 32.68
C GLY D 546 63.20 -8.99 32.53
N PRO D 547 64.26 -8.22 32.80
CA PRO D 547 64.25 -6.76 32.56
C PRO D 547 64.06 -6.41 31.06
N PRO D 548 63.29 -5.37 30.69
CA PRO D 548 62.81 -4.95 29.35
C PRO D 548 63.93 -5.16 28.45
N HIS D 549 63.62 -5.38 27.21
CA HIS D 549 64.71 -5.59 26.23
C HIS D 549 65.45 -6.81 26.74
N SER D 550 64.73 -7.78 27.34
CA SER D 550 65.50 -8.92 27.75
C SER D 550 65.23 -9.97 26.77
N GLY D 551 64.34 -9.78 25.81
CA GLY D 551 64.30 -11.04 25.12
C GLY D 551 63.43 -12.10 25.78
N LYS D 552 62.33 -11.66 26.38
CA LYS D 552 61.34 -12.53 27.03
C LYS D 552 60.40 -13.19 26.05
N THR D 553 59.90 -12.31 25.18
CA THR D 553 58.92 -12.60 24.16
C THR D 553 59.43 -13.60 23.16
N ALA D 554 60.69 -13.44 22.75
CA ALA D 554 61.29 -14.35 21.80
C ALA D 554 61.36 -15.74 22.38
N LEU D 555 61.72 -15.81 23.66
CA LEU D 555 61.82 -17.07 24.36
C LEU D 555 60.45 -17.73 24.41
N ALA D 556 59.43 -16.91 24.66
CA ALA D 556 58.05 -17.40 24.72
C ALA D 556 57.64 -17.96 23.37
N ALA D 557 58.02 -17.25 22.32
CA ALA D 557 57.72 -17.64 20.95
C ALA D 557 58.37 -18.98 20.64
N LYS D 558 59.62 -19.16 21.07
CA LYS D 558 60.36 -20.39 20.84
C LYS D 558 59.64 -21.54 21.54
N ILE D 559 59.21 -21.27 22.77
CA ILE D 559 58.51 -22.27 23.57
C ILE D 559 57.27 -22.70 22.81
N ALA D 560 56.60 -21.72 22.24
CA ALA D 560 55.39 -21.96 21.47
C ALA D 560 55.73 -22.81 20.25
N GLU D 561 56.88 -22.53 19.64
CA GLU D 561 57.28 -23.20 18.41
C GLU D 561 57.50 -24.67 18.58
N GLU D 562 58.14 -25.01 19.69
CA GLU D 562 58.59 -26.39 19.85
C GLU D 562 57.51 -27.28 20.44
N SER D 563 56.32 -26.73 20.61
CA SER D 563 55.21 -27.45 21.21
C SER D 563 54.42 -28.30 20.23
N ASN D 564 54.39 -27.87 18.97
CA ASN D 564 53.67 -28.56 17.89
C ASN D 564 52.17 -28.69 18.15
N PHE D 565 51.66 -27.85 19.04
CA PHE D 565 50.24 -27.81 19.40
C PHE D 565 49.39 -27.45 18.19
N PRO D 566 48.20 -28.05 18.08
CA PRO D 566 47.34 -27.77 16.93
C PRO D 566 46.83 -26.33 16.91
N PHE D 567 46.81 -25.69 18.07
CA PHE D 567 46.35 -24.31 18.18
C PHE D 567 47.40 -23.48 18.89
N ILE D 568 47.96 -22.50 18.19
CA ILE D 568 48.90 -21.58 18.80
C ILE D 568 48.49 -20.16 18.46
N LYS D 569 48.43 -19.30 19.46
CA LYS D 569 48.12 -17.91 19.22
C LYS D 569 49.00 -17.08 20.14
N ILE D 570 49.29 -15.87 19.72
CA ILE D 570 50.06 -14.95 20.54
C ILE D 570 49.32 -13.64 20.68
N CYS D 571 49.25 -13.14 21.90
CA CYS D 571 48.56 -11.91 22.17
C CYS D 571 49.51 -10.78 22.52
N SER D 572 49.34 -9.68 21.81
CA SER D 572 50.19 -8.53 21.99
C SER D 572 49.36 -7.25 22.10
N PRO D 573 49.82 -6.30 22.93
CA PRO D 573 49.26 -4.95 23.05
C PRO D 573 49.30 -4.29 21.68
N ASP D 574 50.24 -4.73 20.86
CA ASP D 574 50.52 -4.10 19.59
C ASP D 574 49.32 -4.08 18.67
N LYS D 575 48.62 -5.20 18.62
CA LYS D 575 47.33 -5.30 17.97
C LYS D 575 46.32 -4.40 18.67
N MET D 576 46.45 -4.40 19.99
CA MET D 576 45.52 -3.77 20.92
C MET D 576 45.53 -2.24 20.97
N ILE D 577 46.53 -1.62 20.36
CA ILE D 577 46.87 -0.23 20.65
C ILE D 577 45.67 0.72 20.57
N GLY D 578 45.48 1.50 21.63
CA GLY D 578 44.45 2.50 21.66
C GLY D 578 43.08 1.97 22.03
N PHE D 579 42.99 0.68 22.33
CA PHE D 579 41.69 0.09 22.63
C PHE D 579 41.12 0.49 23.97
N SER D 580 39.80 0.61 23.99
CA SER D 580 39.06 0.96 25.20
C SER D 580 39.21 -0.18 26.19
N GLU D 581 39.33 0.15 27.48
CA GLU D 581 39.60 -0.84 28.51
C GLU D 581 38.67 -2.04 28.36
N THR D 582 37.39 -1.78 28.08
CA THR D 582 36.41 -2.82 27.79
C THR D 582 36.80 -3.59 26.52
N ALA D 583 37.27 -2.84 25.52
CA ALA D 583 37.60 -3.41 24.21
C ALA D 583 38.71 -4.43 24.38
N LYS D 584 39.66 -4.11 25.25
CA LYS D 584 40.81 -4.97 25.49
C LYS D 584 40.31 -6.31 26.01
N CYS D 585 39.31 -6.22 26.88
CA CYS D 585 38.63 -7.37 27.44
C CYS D 585 37.92 -8.16 26.37
N GLN D 586 37.35 -7.46 25.40
CA GLN D 586 36.72 -8.11 24.26
C GLN D 586 37.68 -8.89 23.36
N ALA D 587 38.83 -8.30 23.07
CA ALA D 587 39.83 -8.96 22.25
C ALA D 587 40.27 -10.21 23.00
N MET D 588 40.46 -10.04 24.31
CA MET D 588 40.87 -11.15 25.14
C MET D 588 39.84 -12.24 25.06
N LYS D 589 38.57 -11.84 25.14
CA LYS D 589 37.51 -12.82 25.13
C LYS D 589 37.53 -13.58 23.84
N LYS D 590 37.77 -12.92 22.72
CA LYS D 590 37.82 -13.64 21.45
C LYS D 590 39.00 -14.62 21.32
N ILE D 591 40.20 -14.14 21.67
CA ILE D 591 41.40 -14.98 21.60
C ILE D 591 41.35 -16.19 22.52
N PHE D 592 40.91 -15.99 23.76
CA PHE D 592 40.72 -17.07 24.72
C PHE D 592 39.59 -17.97 24.26
N ASP D 593 38.55 -17.37 23.66
CA ASP D 593 37.31 -18.06 23.35
C ASP D 593 37.65 -19.16 22.36
N ASP D 594 38.42 -18.83 21.32
CA ASP D 594 38.78 -19.90 20.37
C ASP D 594 39.58 -21.02 21.02
N ALA D 595 40.48 -20.67 21.92
CA ALA D 595 41.37 -21.64 22.58
C ALA D 595 40.71 -22.90 23.14
N TYR D 596 39.52 -22.74 23.69
CA TYR D 596 38.81 -23.85 24.36
C TYR D 596 38.39 -24.99 23.46
N LYS D 597 38.02 -24.71 22.22
CA LYS D 597 37.62 -25.77 21.30
C LYS D 597 38.75 -26.74 20.99
N SER D 598 39.92 -26.17 20.78
CA SER D 598 41.13 -26.95 20.53
C SER D 598 41.56 -27.76 21.73
N GLN D 599 41.87 -29.02 21.48
CA GLN D 599 42.21 -29.95 22.55
C GLN D 599 43.41 -29.58 23.36
N LEU D 600 44.47 -29.22 22.68
CA LEU D 600 45.64 -28.79 23.37
C LEU D 600 46.05 -27.48 22.72
N SER D 601 46.11 -26.39 23.47
CA SER D 601 46.61 -25.16 22.87
C SER D 601 47.32 -24.16 23.77
N CYS D 602 48.24 -23.39 23.19
CA CYS D 602 48.94 -22.33 23.92
C CYS D 602 48.77 -20.90 23.44
N VAL D 603 48.36 -20.07 24.39
CA VAL D 603 48.13 -18.65 24.17
C VAL D 603 49.20 -17.78 24.87
N VAL D 604 49.89 -16.95 24.09
CA VAL D 604 50.98 -16.16 24.66
C VAL D 604 50.56 -14.70 24.79
N VAL D 605 50.68 -14.17 26.00
CA VAL D 605 50.45 -12.77 26.30
C VAL D 605 51.78 -12.05 26.48
N ASP D 606 52.10 -11.18 25.54
CA ASP D 606 53.26 -10.33 25.69
C ASP D 606 52.86 -9.18 26.60
N ASP D 607 53.82 -8.62 27.33
CA ASP D 607 53.55 -7.41 28.09
C ASP D 607 52.34 -7.47 29.01
N ILE D 608 52.26 -8.47 29.88
CA ILE D 608 51.07 -8.69 30.69
C ILE D 608 50.75 -7.41 31.43
N GLU D 609 51.82 -6.79 31.95
CA GLU D 609 51.64 -5.52 32.60
C GLU D 609 51.05 -4.50 31.62
N ARG D 610 51.43 -4.56 30.33
CA ARG D 610 50.91 -3.58 29.38
C ARG D 610 49.41 -3.65 29.34
N LEU D 611 48.91 -4.88 29.33
CA LEU D 611 47.47 -5.09 29.38
C LEU D 611 46.84 -4.52 30.64
N LEU D 612 47.49 -4.73 31.78
CA LEU D 612 47.11 -3.98 32.98
C LEU D 612 47.45 -2.48 32.84
N ASP D 613 48.47 -2.17 32.02
CA ASP D 613 49.18 -0.88 31.75
C ASP D 613 49.71 -0.08 32.95
N TYR D 614 50.43 -0.77 33.83
CA TYR D 614 51.01 -0.13 35.00
C TYR D 614 52.00 0.98 34.73
N VAL D 615 51.83 2.06 35.46
CA VAL D 615 52.69 3.20 35.36
C VAL D 615 53.22 3.43 36.77
N PRO D 616 54.54 3.54 36.91
CA PRO D 616 55.11 3.51 38.26
C PRO D 616 54.62 4.67 39.10
N ILE D 617 54.60 5.87 38.53
CA ILE D 617 54.04 7.00 39.24
C ILE D 617 52.56 6.67 39.33
N GLY D 618 51.88 7.12 40.37
CA GLY D 618 50.47 6.80 40.47
C GLY D 618 50.22 6.12 41.78
N PRO D 619 50.03 4.80 41.75
CA PRO D 619 50.15 3.92 40.57
C PRO D 619 48.84 3.67 39.80
N ARG D 620 48.85 3.84 38.48
CA ARG D 620 47.59 3.62 37.73
C ARG D 620 47.56 2.36 36.86
N PHE D 621 46.54 1.53 37.05
CA PHE D 621 46.35 0.31 36.25
C PHE D 621 44.83 0.12 36.05
N SER D 622 44.43 -0.66 35.04
CA SER D 622 43.00 -0.90 34.78
C SER D 622 42.44 -2.21 35.32
N ASN D 623 41.42 -2.05 36.17
CA ASN D 623 40.80 -3.17 36.89
C ASN D 623 40.24 -4.23 35.96
N LEU D 624 39.53 -3.83 34.91
CA LEU D 624 38.87 -4.82 34.05
C LEU D 624 39.87 -5.72 33.36
N VAL D 625 40.94 -5.15 32.81
CA VAL D 625 41.93 -5.98 32.15
C VAL D 625 42.49 -6.97 33.17
N LEU D 626 42.82 -6.48 34.36
CA LEU D 626 43.44 -7.31 35.38
C LEU D 626 42.53 -8.47 35.77
N GLN D 627 41.25 -8.18 35.96
CA GLN D 627 40.27 -9.17 36.37
C GLN D 627 40.17 -10.19 35.28
N ALA D 628 40.16 -9.71 34.05
CA ALA D 628 40.04 -10.60 32.93
C ALA D 628 41.23 -11.53 32.96
N LEU D 629 42.43 -11.02 33.18
CA LEU D 629 43.61 -11.87 33.19
C LEU D 629 43.59 -12.90 34.33
N LEU D 630 43.20 -12.48 35.52
CA LEU D 630 43.11 -13.36 36.70
C LEU D 630 42.12 -14.49 36.44
N VAL D 631 40.96 -14.10 35.94
CA VAL D 631 39.89 -15.03 35.61
C VAL D 631 40.25 -16.00 34.49
N LEU D 632 40.91 -15.49 33.46
CA LEU D 632 41.26 -16.25 32.28
C LEU D 632 42.30 -17.28 32.72
N LEU D 633 43.22 -16.87 33.57
CA LEU D 633 44.20 -17.81 34.10
C LEU D 633 43.48 -18.87 34.92
N LYS D 634 42.51 -18.49 35.75
CA LYS D 634 41.81 -19.50 36.54
C LYS D 634 40.60 -20.14 35.83
N LYS D 635 40.26 -19.67 34.63
CA LYS D 635 39.20 -20.29 33.82
C LYS D 635 39.62 -21.64 33.23
N ALA D 636 38.68 -22.56 33.12
CA ALA D 636 38.96 -23.90 32.61
C ALA D 636 38.19 -24.16 31.32
N PRO D 637 38.86 -24.67 30.28
CA PRO D 637 38.15 -24.99 29.04
C PRO D 637 37.23 -26.17 29.31
N PRO D 638 36.21 -26.38 28.46
CA PRO D 638 35.28 -27.45 28.79
C PRO D 638 35.95 -28.82 28.76
N GLN D 639 35.34 -29.79 29.43
CA GLN D 639 36.02 -31.05 29.75
C GLN D 639 36.50 -31.76 28.50
N GLY D 640 37.65 -32.43 28.59
CA GLY D 640 38.26 -32.99 27.41
C GLY D 640 39.17 -32.01 26.71
N ARG D 641 39.41 -30.84 27.29
CA ARG D 641 40.22 -29.81 26.63
C ARG D 641 41.39 -29.26 27.45
N LYS D 642 42.47 -28.86 26.79
CA LYS D 642 43.61 -28.27 27.51
C LYS D 642 44.04 -26.88 26.99
N LEU D 643 44.20 -25.94 27.93
CA LEU D 643 44.67 -24.59 27.62
C LEU D 643 45.95 -24.29 28.42
N LEU D 644 46.93 -23.72 27.72
CA LEU D 644 48.23 -23.39 28.24
C LEU D 644 48.45 -21.86 28.08
N ILE D 645 48.80 -21.15 29.15
CA ILE D 645 49.08 -19.70 29.09
C ILE D 645 50.52 -19.25 29.43
N ILE D 646 51.13 -18.46 28.55
CA ILE D 646 52.46 -17.85 28.82
C ILE D 646 52.44 -16.37 28.71
N GLY D 647 52.91 -15.67 29.74
CA GLY D 647 52.92 -14.24 29.61
C GLY D 647 54.30 -13.76 29.99
N THR D 648 54.70 -12.60 29.47
CA THR D 648 56.00 -12.09 29.87
C THR D 648 55.84 -10.77 30.55
N THR D 649 56.37 -10.68 31.76
CA THR D 649 56.35 -9.42 32.49
C THR D 649 57.76 -9.01 32.90
N SER D 650 58.11 -7.80 32.56
CA SER D 650 59.44 -7.30 32.85
C SER D 650 59.83 -7.17 34.31
N ARG D 651 58.88 -6.72 35.09
CA ARG D 651 59.04 -6.50 36.52
C ARG D 651 58.11 -7.30 37.45
N LYS D 652 58.75 -8.10 38.29
CA LYS D 652 58.10 -8.95 39.28
C LYS D 652 57.27 -8.12 40.23
N ASP D 653 57.75 -6.91 40.52
CA ASP D 653 57.09 -6.05 41.49
C ASP D 653 55.66 -5.75 41.07
N VAL D 654 55.39 -5.53 39.79
CA VAL D 654 54.02 -5.26 39.37
C VAL D 654 53.10 -6.43 39.65
N LEU D 655 53.57 -7.62 39.33
CA LEU D 655 52.76 -8.79 39.52
C LEU D 655 52.51 -9.04 41.00
N GLN D 656 53.53 -8.86 41.82
CA GLN D 656 53.30 -8.96 43.26
C GLN D 656 52.32 -7.88 43.73
N GLU D 657 52.44 -6.67 43.17
CA GLU D 657 51.57 -5.56 43.55
C GLU D 657 50.13 -5.91 43.30
N MET D 658 49.85 -6.44 42.12
CA MET D 658 48.50 -6.91 41.77
C MET D 658 48.03 -8.06 42.64
N GLU D 659 48.96 -8.94 43.01
CA GLU D 659 48.71 -10.24 43.64
C GLU D 659 48.32 -11.24 42.57
N MET D 660 48.47 -10.80 41.32
CA MET D 660 48.25 -11.68 40.19
C MET D 660 49.27 -12.81 40.18
N LEU D 661 50.49 -12.51 40.64
CA LEU D 661 51.60 -13.46 40.49
C LEU D 661 51.25 -14.78 41.16
N ASN D 662 50.53 -14.69 42.27
CA ASN D 662 50.13 -15.86 43.03
C ASN D 662 49.32 -16.84 42.18
N ALA D 663 48.50 -16.30 41.28
CA ALA D 663 47.66 -17.13 40.42
C ALA D 663 48.46 -18.04 39.50
N PHE D 664 49.60 -17.57 39.00
CA PHE D 664 50.41 -18.39 38.10
C PHE D 664 50.91 -19.66 38.73
N SER D 665 50.83 -20.71 37.94
CA SER D 665 51.37 -21.99 38.34
C SER D 665 52.88 -21.94 38.53
N THR D 666 53.60 -21.32 37.61
CA THR D 666 55.05 -21.20 37.82
C THR D 666 55.69 -19.90 37.34
N THR D 667 56.83 -19.57 37.95
CA THR D 667 57.64 -18.44 37.51
C THR D 667 59.08 -18.85 37.17
N ILE D 668 59.52 -18.44 35.98
CA ILE D 668 60.86 -18.71 35.45
C ILE D 668 61.66 -17.42 35.19
N HIS D 669 62.83 -17.34 35.82
CA HIS D 669 63.70 -16.18 35.65
C HIS D 669 64.38 -16.20 34.29
N VAL D 670 64.61 -15.02 33.74
CA VAL D 670 65.28 -14.87 32.47
C VAL D 670 66.37 -13.83 32.70
N PRO D 671 67.45 -14.21 33.40
CA PRO D 671 68.45 -13.21 33.76
C PRO D 671 69.17 -12.68 32.54
N ASN D 672 69.41 -11.37 32.47
CA ASN D 672 70.29 -10.82 31.45
C ASN D 672 71.73 -11.15 31.82
N ILE D 673 72.63 -11.05 30.85
CA ILE D 673 74.03 -11.42 31.07
C ILE D 673 74.64 -10.58 32.21
N ALA D 674 75.38 -11.27 33.07
CA ALA D 674 75.98 -10.67 34.25
C ALA D 674 77.49 -10.88 34.28
N THR D 675 77.98 -11.89 33.56
CA THR D 675 79.42 -12.16 33.54
C THR D 675 80.01 -11.80 32.18
N GLY D 676 81.32 -11.50 32.18
CA GLY D 676 82.05 -11.19 30.96
C GLY D 676 82.25 -12.32 29.98
N GLU D 677 82.58 -13.50 30.49
CA GLU D 677 82.91 -14.66 29.65
C GLU D 677 81.74 -15.11 28.81
N GLN D 678 80.61 -15.15 29.48
CA GLN D 678 79.36 -15.55 28.92
C GLN D 678 78.98 -14.55 27.81
N LEU D 679 79.23 -13.26 28.08
CA LEU D 679 78.96 -12.17 27.14
C LEU D 679 79.80 -12.37 25.89
N LEU D 680 81.06 -12.75 26.11
CA LEU D 680 82.01 -12.98 25.03
C LEU D 680 81.50 -14.13 24.16
N GLU D 681 80.97 -15.15 24.83
CA GLU D 681 80.44 -16.34 24.15
C GLU D 681 79.27 -15.93 23.25
N ALA D 682 78.42 -15.04 23.77
CA ALA D 682 77.26 -14.57 23.00
C ALA D 682 77.79 -13.88 21.75
N LEU D 683 78.84 -13.09 21.95
CA LEU D 683 79.46 -12.38 20.84
C LEU D 683 79.96 -13.38 19.79
N GLU D 684 80.56 -14.49 20.23
CA GLU D 684 81.03 -15.49 19.27
C GLU D 684 79.89 -16.09 18.47
N LEU D 685 78.77 -16.36 19.16
CA LEU D 685 77.62 -16.94 18.48
C LEU D 685 77.02 -15.99 17.45
N LEU D 686 76.93 -14.71 17.79
CA LEU D 686 76.39 -13.75 16.86
C LEU D 686 77.31 -13.48 15.68
N GLY D 687 78.61 -13.61 15.92
CA GLY D 687 79.62 -13.37 14.90
C GLY D 687 79.46 -12.01 14.25
N ASN D 688 79.92 -10.98 14.96
CA ASN D 688 79.84 -9.61 14.48
C ASN D 688 81.20 -8.96 14.43
N PHE D 689 81.92 -9.03 15.55
CA PHE D 689 83.24 -8.43 15.65
C PHE D 689 84.29 -9.43 15.15
N LYS D 690 85.43 -8.90 14.67
CA LYS D 690 86.57 -9.73 14.26
C LYS D 690 87.19 -10.39 15.48
N ASP D 691 87.91 -11.48 15.28
CA ASP D 691 88.39 -12.25 16.43
C ASP D 691 89.32 -11.45 17.34
N LYS D 692 90.25 -10.70 16.76
CA LYS D 692 91.21 -9.94 17.56
C LYS D 692 90.57 -8.86 18.42
N GLU D 693 89.65 -8.11 17.83
CA GLU D 693 88.94 -7.08 18.57
C GLU D 693 88.10 -7.72 19.66
N ARG D 694 87.51 -8.87 19.36
CA ARG D 694 86.70 -9.57 20.35
C ARG D 694 87.56 -9.97 21.54
N THR D 695 88.77 -10.44 21.26
CA THR D 695 89.71 -10.83 22.31
C THR D 695 90.03 -9.60 23.15
N THR D 696 90.22 -8.46 22.49
CA THR D 696 90.49 -7.22 23.20
C THR D 696 89.32 -6.90 24.14
N ILE D 697 88.09 -7.07 23.64
CA ILE D 697 86.90 -6.81 24.43
C ILE D 697 86.86 -7.74 25.62
N ALA D 698 87.24 -8.99 25.40
CA ALA D 698 87.27 -9.99 26.44
C ALA D 698 88.26 -9.60 27.53
N GLN D 699 89.41 -9.09 27.09
CA GLN D 699 90.44 -8.61 27.99
C GLN D 699 89.85 -7.50 28.84
N GLN D 700 89.05 -6.67 28.21
CA GLN D 700 88.45 -5.52 28.87
C GLN D 700 87.24 -5.90 29.76
N VAL D 701 86.73 -7.13 29.61
CA VAL D 701 85.55 -7.53 30.39
C VAL D 701 85.76 -8.80 31.23
N LYS D 702 86.53 -9.77 30.73
CA LYS D 702 86.79 -11.02 31.47
C LYS D 702 87.18 -10.74 32.92
N GLY D 703 86.42 -11.32 33.83
CA GLY D 703 86.66 -11.13 35.25
C GLY D 703 85.73 -10.07 35.82
N LYS D 704 85.55 -8.98 35.08
CA LYS D 704 84.68 -7.89 35.53
C LYS D 704 83.21 -8.27 35.47
N LYS D 705 82.35 -7.39 35.97
CA LYS D 705 80.92 -7.62 35.98
C LYS D 705 80.18 -6.77 34.93
N VAL D 706 79.09 -7.29 34.39
CA VAL D 706 78.32 -6.55 33.39
C VAL D 706 76.82 -6.68 33.67
N TRP D 707 76.01 -5.81 33.07
CA TRP D 707 74.56 -5.96 33.19
C TRP D 707 73.82 -5.52 31.92
N ILE D 708 73.93 -6.31 30.87
CA ILE D 708 73.29 -5.96 29.61
C ILE D 708 72.27 -7.01 29.13
N GLY D 709 71.07 -6.54 28.81
CA GLY D 709 70.03 -7.37 28.22
C GLY D 709 70.45 -7.76 26.83
N ILE D 710 70.07 -8.97 26.43
CA ILE D 710 70.49 -9.50 25.14
C ILE D 710 69.98 -8.58 24.03
N LYS D 711 68.71 -8.18 24.12
CA LYS D 711 68.08 -7.34 23.11
C LYS D 711 68.88 -6.06 23.01
N LYS D 712 69.28 -5.52 24.16
CA LYS D 712 70.06 -4.29 24.15
C LYS D 712 71.37 -4.57 23.46
N LEU D 713 71.93 -5.74 23.73
CA LEU D 713 73.24 -6.01 23.21
C LEU D 713 73.26 -5.99 21.70
N LEU D 714 72.26 -6.59 21.03
CA LEU D 714 72.24 -6.49 19.56
C LEU D 714 72.19 -5.05 19.01
N MET D 715 71.39 -4.21 19.67
CA MET D 715 71.23 -2.81 19.29
C MET D 715 72.59 -2.15 19.42
N LEU D 716 73.24 -2.49 20.52
CA LEU D 716 74.54 -1.97 20.84
C LEU D 716 75.57 -2.33 19.78
N ILE D 717 75.53 -3.60 19.35
CA ILE D 717 76.49 -4.08 18.38
C ILE D 717 76.28 -3.28 17.12
N GLU D 718 75.01 -3.09 16.75
CA GLU D 718 74.75 -2.32 15.54
C GLU D 718 75.28 -0.92 15.59
N MET D 719 75.11 -0.28 16.74
CA MET D 719 75.62 1.07 16.85
C MET D 719 77.12 1.03 16.62
N SER D 720 77.80 0.03 17.17
CA SER D 720 79.26 0.04 17.09
C SER D 720 79.84 -0.36 15.74
N LEU D 721 79.10 -1.16 14.96
CA LEU D 721 79.58 -1.57 13.64
C LEU D 721 79.50 -0.47 12.58
N GLN D 722 79.00 0.69 12.97
CA GLN D 722 78.82 1.81 12.05
C GLN D 722 80.02 2.74 12.07
N MET D 723 80.96 2.44 12.97
CA MET D 723 82.14 3.27 13.10
C MET D 723 83.30 2.67 12.29
N ASP D 724 84.34 3.47 12.05
CA ASP D 724 85.51 3.00 11.30
C ASP D 724 86.18 1.80 11.99
N PRO D 725 86.78 0.90 11.20
CA PRO D 725 87.48 -0.31 11.67
C PRO D 725 88.50 -0.09 12.77
N GLU D 726 88.88 1.15 13.00
CA GLU D 726 89.84 1.49 14.05
C GLU D 726 89.18 1.55 15.41
N TYR D 727 88.26 2.48 15.55
CA TYR D 727 87.54 2.66 16.79
C TYR D 727 86.11 2.06 16.82
N ARG D 728 86.04 0.74 16.61
CA ARG D 728 84.77 0.03 16.65
C ARG D 728 84.62 -0.57 18.04
N VAL D 729 85.75 -0.82 18.68
CA VAL D 729 85.77 -1.41 20.01
C VAL D 729 85.59 -0.32 21.06
N ARG D 730 86.17 0.85 20.80
CA ARG D 730 86.06 1.98 21.72
C ARG D 730 84.60 2.37 21.89
N LYS D 731 83.85 2.31 20.79
CA LYS D 731 82.45 2.68 20.78
C LYS D 731 81.62 1.65 21.53
N PHE D 732 81.95 0.38 21.30
CA PHE D 732 81.24 -0.73 21.93
C PHE D 732 81.43 -0.62 23.44
N LEU D 733 82.68 -0.54 23.87
CA LEU D 733 83.01 -0.43 25.29
C LEU D 733 82.44 0.83 25.92
N ALA D 734 82.38 1.92 25.16
CA ALA D 734 81.83 3.17 25.70
C ALA D 734 80.35 3.03 25.99
N LEU D 735 79.63 2.50 25.01
CA LEU D 735 78.20 2.30 25.10
C LEU D 735 77.87 1.24 26.16
N LEU D 736 78.73 0.24 26.29
CA LEU D 736 78.55 -0.84 27.26
C LEU D 736 78.78 -0.26 28.65
N ARG D 737 79.66 0.72 28.71
CA ARG D 737 79.98 1.40 29.96
C ARG D 737 78.81 2.30 30.31
N GLU D 738 78.01 2.63 29.31
CA GLU D 738 76.81 3.43 29.57
C GLU D 738 75.62 2.54 29.95
N GLU D 739 75.55 1.35 29.37
CA GLU D 739 74.43 0.42 29.65
C GLU D 739 74.79 -0.59 30.74
N GLY D 740 75.60 -0.17 31.71
CA GLY D 740 76.02 -1.05 32.79
C GLY D 740 75.25 -0.80 34.07
N MET E 4 -54.27 -64.71 19.70
CA MET E 4 -53.57 -64.88 21.00
C MET E 4 -52.50 -65.97 20.93
N ALA E 5 -52.82 -67.06 20.23
CA ALA E 5 -51.89 -68.16 20.10
C ALA E 5 -50.83 -67.86 19.04
N GLY E 6 -50.95 -66.69 18.42
CA GLY E 6 -49.99 -66.30 17.39
C GLY E 6 -50.44 -66.68 16.00
N ARG E 7 -50.10 -65.85 15.02
CA ARG E 7 -50.47 -66.09 13.64
C ARG E 7 -49.35 -65.71 12.69
N SER E 8 -49.14 -66.52 11.65
CA SER E 8 -48.09 -66.26 10.67
C SER E 8 -48.34 -64.97 9.91
N MET E 9 -47.27 -64.20 9.71
CA MET E 9 -47.36 -62.93 9.00
C MET E 9 -46.15 -62.76 8.07
N GLN E 10 -46.21 -61.74 7.23
CA GLN E 10 -45.13 -61.46 6.29
C GLN E 10 -44.60 -60.04 6.47
N ALA E 11 -43.28 -59.91 6.61
CA ALA E 11 -42.66 -58.60 6.79
C ALA E 11 -42.72 -57.78 5.50
N ALA E 12 -43.06 -56.50 5.65
CA ALA E 12 -43.15 -55.59 4.51
C ALA E 12 -42.39 -54.30 4.79
N ARG E 13 -42.50 -53.34 3.88
CA ARG E 13 -41.82 -52.06 4.03
C ARG E 13 -42.77 -51.01 4.58
N CYS E 14 -42.24 -50.10 5.40
CA CYS E 14 -43.03 -49.03 6.00
C CYS E 14 -43.75 -48.21 4.94
N PRO E 15 -45.04 -47.87 5.20
CA PRO E 15 -45.85 -47.07 4.27
C PRO E 15 -45.18 -45.77 3.85
N THR E 16 -45.31 -44.75 4.70
CA THR E 16 -44.72 -43.44 4.41
C THR E 16 -43.51 -43.18 5.30
N ASP E 17 -43.18 -41.90 5.47
CA ASP E 17 -42.04 -41.51 6.29
C ASP E 17 -42.50 -41.14 7.70
N GLU E 18 -43.77 -40.84 7.85
CA GLU E 18 -44.33 -40.46 9.14
C GLU E 18 -44.37 -41.65 10.10
N LEU E 19 -44.73 -42.82 9.58
CA LEU E 19 -44.80 -44.03 10.39
C LEU E 19 -43.42 -44.64 10.63
N SER E 20 -42.45 -44.20 9.84
CA SER E 20 -41.09 -44.70 9.97
C SER E 20 -40.34 -43.91 11.04
N LEU E 21 -40.96 -42.84 11.52
CA LEU E 21 -40.37 -41.99 12.53
C LEU E 21 -41.03 -42.22 13.89
N SER E 22 -42.01 -43.13 13.92
CA SER E 22 -42.72 -43.43 15.16
C SER E 22 -42.22 -44.76 15.74
N ASN E 23 -41.39 -45.45 14.98
CA ASN E 23 -40.83 -46.73 15.42
C ASN E 23 -41.97 -47.69 15.77
N CYS E 24 -43.03 -47.66 14.98
CA CYS E 24 -44.19 -48.51 15.21
C CYS E 24 -44.38 -49.52 14.08
N ALA E 25 -44.81 -50.73 14.43
CA ALA E 25 -45.05 -51.77 13.44
C ALA E 25 -46.39 -51.54 12.76
N VAL E 26 -46.34 -50.88 11.60
CA VAL E 26 -47.56 -50.58 10.85
C VAL E 26 -48.24 -51.86 10.38
N VAL E 27 -49.55 -51.94 10.61
CA VAL E 27 -50.34 -53.09 10.21
C VAL E 27 -51.63 -52.67 9.52
N SER E 28 -52.47 -53.64 9.18
CA SER E 28 -53.73 -53.37 8.50
C SER E 28 -54.87 -53.24 9.51
N GLU E 29 -55.86 -52.43 9.17
CA GLU E 29 -57.01 -52.21 10.04
C GLU E 29 -57.92 -53.44 10.04
N LYS E 30 -57.67 -54.36 9.12
CA LYS E 30 -58.46 -55.58 9.02
C LYS E 30 -57.90 -56.68 9.90
N ASP E 31 -56.72 -56.43 10.47
CA ASP E 31 -56.06 -57.39 11.34
C ASP E 31 -56.01 -56.90 12.79
N TYR E 32 -55.29 -55.82 13.01
CA TYR E 32 -55.16 -55.25 14.35
C TYR E 32 -55.62 -53.80 14.37
N GLN E 33 -55.59 -53.20 15.56
CA GLN E 33 -55.98 -51.80 15.73
C GLN E 33 -54.92 -51.04 16.52
N SER E 34 -54.71 -49.78 16.16
CA SER E 34 -53.73 -48.93 16.82
C SER E 34 -53.93 -48.92 18.33
N GLY E 35 -52.89 -49.29 19.07
CA GLY E 35 -52.98 -49.32 20.51
C GLY E 35 -52.53 -50.64 21.11
N GLN E 36 -52.73 -51.71 20.35
CA GLN E 36 -52.35 -53.06 20.81
C GLN E 36 -50.85 -53.29 20.66
N HIS E 37 -50.34 -54.25 21.43
CA HIS E 37 -48.92 -54.60 21.39
C HIS E 37 -48.75 -56.04 20.95
N VAL E 38 -47.63 -56.34 20.31
CA VAL E 38 -47.36 -57.70 19.84
C VAL E 38 -45.90 -58.08 20.04
N ILE E 39 -45.61 -59.37 19.91
CA ILE E 39 -44.26 -59.89 20.07
C ILE E 39 -43.85 -60.70 18.84
N VAL E 40 -42.88 -60.19 18.09
CA VAL E 40 -42.39 -60.86 16.89
C VAL E 40 -41.46 -62.02 17.24
N ARG E 41 -41.64 -63.14 16.54
CA ARG E 41 -40.82 -64.33 16.78
C ARG E 41 -40.16 -64.78 15.48
N THR E 42 -38.83 -64.96 15.53
CA THR E 42 -38.07 -65.39 14.37
C THR E 42 -37.36 -66.72 14.64
N SER E 43 -37.15 -67.02 15.92
CA SER E 43 -36.49 -68.25 16.31
C SER E 43 -36.75 -68.54 17.79
N PRO E 44 -36.37 -69.74 18.27
CA PRO E 44 -36.57 -70.11 19.67
C PRO E 44 -36.13 -69.05 20.66
N ASN E 45 -34.90 -68.57 20.51
CA ASN E 45 -34.36 -67.55 21.41
C ASN E 45 -34.10 -66.21 20.72
N HIS E 46 -35.18 -65.56 20.30
CA HIS E 46 -35.11 -64.26 19.63
C HIS E 46 -36.48 -63.60 19.62
N LYS E 47 -36.90 -63.08 20.77
CA LYS E 47 -38.20 -62.42 20.89
C LYS E 47 -38.07 -60.90 20.94
N TYR E 48 -38.93 -60.22 20.19
CA TYR E 48 -38.92 -58.76 20.13
C TYR E 48 -40.34 -58.23 20.32
N ILE E 49 -40.46 -57.01 20.83
CA ILE E 49 -41.76 -56.40 21.06
C ILE E 49 -41.90 -55.05 20.36
N PHE E 50 -42.95 -54.90 19.56
CA PHE E 50 -43.20 -53.66 18.84
C PHE E 50 -44.61 -53.15 19.11
N THR E 51 -44.87 -51.92 18.67
CA THR E 51 -46.18 -51.29 18.85
C THR E 51 -46.90 -51.36 17.50
N LEU E 52 -48.23 -51.29 17.53
CA LEU E 52 -49.00 -51.37 16.29
C LEU E 52 -49.68 -50.05 15.92
N ARG E 53 -49.68 -49.76 14.62
CA ARG E 53 -50.29 -48.55 14.09
C ARG E 53 -50.84 -48.82 12.70
N THR E 54 -52.15 -49.08 12.62
CA THR E 54 -52.82 -49.37 11.37
C THR E 54 -52.62 -48.29 10.30
N HIS E 55 -52.81 -48.69 9.05
CA HIS E 55 -52.67 -47.79 7.91
C HIS E 55 -53.16 -48.48 6.64
N PRO E 56 -54.04 -47.81 5.88
CA PRO E 56 -54.61 -48.34 4.63
C PRO E 56 -53.58 -48.88 3.63
N SER E 57 -52.31 -48.54 3.84
CA SER E 57 -51.25 -49.00 2.95
C SER E 57 -50.68 -50.34 3.38
N VAL E 58 -51.48 -51.10 4.14
CA VAL E 58 -51.05 -52.41 4.62
C VAL E 58 -51.97 -53.51 4.10
N VAL E 59 -51.37 -54.60 3.63
CA VAL E 59 -52.13 -55.73 3.11
C VAL E 59 -52.44 -56.73 4.23
N PRO E 60 -53.70 -57.17 4.32
CA PRO E 60 -54.13 -58.13 5.35
C PRO E 60 -53.24 -59.37 5.41
N GLY E 61 -52.64 -59.60 6.58
CA GLY E 61 -51.77 -60.75 6.74
C GLY E 61 -50.30 -60.42 6.55
N SER E 62 -49.90 -59.23 6.98
CA SER E 62 -48.51 -58.80 6.86
C SER E 62 -48.23 -57.57 7.69
N VAL E 63 -47.03 -57.50 8.26
CA VAL E 63 -46.64 -56.36 9.08
C VAL E 63 -45.43 -55.66 8.47
N ALA E 64 -45.55 -54.35 8.30
CA ALA E 64 -44.47 -53.56 7.71
C ALA E 64 -43.55 -52.97 8.78
N PHE E 65 -42.25 -53.05 8.52
CA PHE E 65 -41.24 -52.52 9.45
C PHE E 65 -40.34 -51.51 8.75
N SER E 66 -39.74 -50.63 9.53
CA SER E 66 -38.84 -49.62 8.98
C SER E 66 -37.41 -50.16 8.92
N LEU E 67 -36.53 -49.41 8.25
CA LEU E 67 -35.14 -49.83 8.12
C LEU E 67 -34.47 -50.03 9.47
N PRO E 68 -34.61 -49.05 10.39
CA PRO E 68 -34.00 -49.17 11.72
C PRO E 68 -34.47 -50.40 12.48
N GLN E 69 -35.77 -50.72 12.36
CA GLN E 69 -36.35 -51.86 13.04
C GLN E 69 -35.88 -53.18 12.44
N ARG E 70 -35.83 -53.25 11.11
CA ARG E 70 -35.41 -54.45 10.42
C ARG E 70 -33.97 -54.85 10.75
N LYS E 71 -33.11 -53.85 10.94
CA LYS E 71 -31.71 -54.09 11.26
C LYS E 71 -31.54 -54.40 12.74
N TRP E 72 -32.60 -54.20 13.52
CA TRP E 72 -32.57 -54.46 14.95
C TRP E 72 -33.08 -55.87 15.26
N ALA E 73 -34.22 -56.22 14.69
CA ALA E 73 -34.82 -57.54 14.90
C ALA E 73 -34.35 -58.53 13.85
N GLY E 74 -33.48 -58.08 12.96
CA GLY E 74 -32.97 -58.95 11.92
C GLY E 74 -34.08 -59.41 10.98
N LEU E 75 -34.96 -58.49 10.62
CA LEU E 75 -36.07 -58.80 9.73
C LEU E 75 -35.81 -58.30 8.32
N SER E 76 -36.44 -58.93 7.34
CA SER E 76 -36.29 -58.54 5.94
C SER E 76 -37.64 -58.53 5.25
N ILE E 77 -37.69 -57.90 4.08
CA ILE E 77 -38.93 -57.82 3.31
C ILE E 77 -39.17 -59.10 2.52
N GLY E 78 -40.09 -59.93 3.01
CA GLY E 78 -40.38 -61.17 2.32
C GLY E 78 -40.34 -62.40 3.22
N GLN E 79 -39.58 -62.31 4.31
CA GLN E 79 -39.47 -63.43 5.24
C GLN E 79 -40.76 -63.69 6.00
N GLU E 80 -40.84 -64.84 6.66
CA GLU E 80 -42.02 -65.21 7.43
C GLU E 80 -41.74 -65.08 8.92
N ILE E 81 -42.73 -64.56 9.65
CA ILE E 81 -42.60 -64.38 11.09
C ILE E 81 -43.91 -64.72 11.80
N GLU E 82 -43.82 -64.95 13.12
CA GLU E 82 -44.99 -65.28 13.92
C GLU E 82 -45.28 -64.16 14.92
N VAL E 83 -46.44 -63.52 14.77
CA VAL E 83 -46.84 -62.44 15.64
C VAL E 83 -47.93 -62.89 16.62
N ALA E 84 -47.86 -62.38 17.84
CA ALA E 84 -48.83 -62.72 18.88
C ALA E 84 -49.11 -61.52 19.76
N LEU E 85 -50.38 -61.35 20.16
CA LEU E 85 -50.77 -60.25 21.01
C LEU E 85 -50.07 -60.32 22.35
N TYR E 86 -49.45 -59.21 22.76
CA TYR E 86 -48.75 -59.15 24.03
C TYR E 86 -49.29 -58.02 24.91
N SER E 87 -49.75 -58.38 26.10
CA SER E 87 -50.31 -57.41 27.04
C SER E 87 -49.30 -57.06 28.12
N PHE E 88 -48.89 -55.80 28.17
CA PHE E 88 -47.93 -55.34 29.17
C PHE E 88 -48.55 -55.25 30.56
N ASP E 89 -47.79 -55.70 31.56
CA ASP E 89 -48.26 -55.65 32.94
C ASP E 89 -48.05 -54.24 33.45
N LYS E 90 -49.01 -53.36 33.17
CA LYS E 90 -48.93 -51.98 33.59
C LYS E 90 -48.95 -51.85 35.12
N ALA E 91 -47.86 -52.28 35.73
CA ALA E 91 -47.70 -52.24 37.18
C ALA E 91 -46.28 -52.65 37.55
N LYS E 92 -45.53 -53.11 36.56
CA LYS E 92 -44.15 -53.54 36.77
C LYS E 92 -43.29 -53.18 35.56
N GLN E 93 -43.91 -53.05 34.40
CA GLN E 93 -43.20 -52.71 33.17
C GLN E 93 -43.48 -51.28 32.73
N CYS E 94 -43.94 -50.45 33.65
CA CYS E 94 -44.24 -49.05 33.34
C CYS E 94 -42.97 -48.21 33.40
N ILE E 95 -42.51 -47.76 32.24
CA ILE E 95 -41.30 -46.94 32.16
C ILE E 95 -41.47 -45.59 32.83
N GLY E 96 -40.52 -45.24 33.69
CA GLY E 96 -40.57 -43.97 34.39
C GLY E 96 -39.32 -43.15 34.12
N THR E 97 -38.23 -43.85 33.78
CA THR E 97 -36.97 -43.21 33.49
C THR E 97 -36.18 -44.09 32.50
N MET E 98 -35.95 -43.56 31.31
CA MET E 98 -35.24 -44.30 30.27
C MET E 98 -34.15 -43.45 29.61
N THR E 99 -32.90 -43.87 29.78
CA THR E 99 -31.77 -43.16 29.19
C THR E 99 -31.65 -43.52 27.71
N ILE E 100 -31.44 -42.51 26.87
CA ILE E 100 -31.30 -42.75 25.44
C ILE E 100 -30.07 -42.07 24.86
N GLU E 101 -29.33 -42.81 24.04
CA GLU E 101 -28.13 -42.28 23.41
C GLU E 101 -28.49 -41.68 22.06
N ILE E 102 -28.49 -40.36 21.98
CA ILE E 102 -28.84 -39.66 20.75
C ILE E 102 -27.60 -39.18 19.98
N ASP E 103 -27.67 -39.25 18.66
CA ASP E 103 -26.57 -38.83 17.80
C ASP E 103 -27.06 -38.75 16.36
N PHE E 104 -26.53 -37.78 15.61
CA PHE E 104 -26.92 -37.58 14.22
C PHE E 104 -26.92 -38.89 13.43
N LEU E 105 -28.08 -39.26 12.91
CA LEU E 105 -28.21 -40.48 12.13
C LEU E 105 -27.33 -40.43 10.88
N GLN E 106 -27.50 -39.36 10.11
CA GLN E 106 -26.72 -39.18 8.89
C GLN E 106 -25.50 -38.31 9.16
N LYS E 107 -24.33 -38.81 8.79
CA LYS E 107 -23.08 -38.08 8.99
C LYS E 107 -22.87 -37.00 7.95
N LYS E 108 -23.95 -36.60 7.29
CA LYS E 108 -23.89 -35.56 6.27
C LYS E 108 -24.53 -34.27 6.80
N ASN E 109 -25.51 -34.43 7.69
CA ASN E 109 -26.21 -33.29 8.27
C ASN E 109 -25.75 -33.08 9.71
N ILE E 110 -24.47 -33.32 9.96
CA ILE E 110 -23.92 -33.15 11.30
C ILE E 110 -23.53 -31.71 11.60
N ASP E 111 -24.45 -30.96 12.19
CA ASP E 111 -24.18 -29.58 12.56
C ASP E 111 -23.72 -29.58 14.02
N SER E 112 -23.96 -28.49 14.73
CA SER E 112 -23.55 -28.40 16.12
C SER E 112 -24.31 -27.34 16.90
N ASN E 113 -25.44 -26.91 16.34
CA ASN E 113 -26.27 -25.90 17.00
C ASN E 113 -26.85 -26.50 18.29
N PRO E 114 -27.30 -25.64 19.21
CA PRO E 114 -27.87 -26.11 20.47
C PRO E 114 -29.31 -26.62 20.35
N TYR E 115 -29.54 -27.83 20.81
CA TYR E 115 -30.88 -28.43 20.77
C TYR E 115 -31.44 -28.56 22.18
N ASP E 116 -32.45 -27.75 22.49
CA ASP E 116 -33.07 -27.77 23.80
C ASP E 116 -33.65 -29.15 24.11
N THR E 117 -33.03 -29.85 25.05
CA THR E 117 -33.47 -31.20 25.44
C THR E 117 -34.90 -31.18 25.98
N ASP E 118 -35.20 -30.18 26.80
CA ASP E 118 -36.54 -30.06 27.38
C ASP E 118 -37.60 -30.12 26.29
N LYS E 119 -37.29 -29.54 25.14
CA LYS E 119 -38.22 -29.53 24.02
C LYS E 119 -38.22 -30.86 23.28
N MET E 120 -37.10 -31.58 23.39
CA MET E 120 -36.96 -32.88 22.74
C MET E 120 -37.77 -33.93 23.50
N ALA E 121 -37.56 -34.01 24.81
CA ALA E 121 -38.26 -34.97 25.65
C ALA E 121 -39.76 -34.71 25.61
N ALA E 122 -40.15 -33.45 25.47
CA ALA E 122 -41.55 -33.06 25.42
C ALA E 122 -42.18 -33.53 24.11
N GLU E 123 -41.41 -33.52 23.04
CA GLU E 123 -41.88 -33.94 21.73
C GLU E 123 -41.73 -35.46 21.58
N PHE E 124 -40.81 -36.04 22.35
CA PHE E 124 -40.57 -37.48 22.31
C PHE E 124 -41.78 -38.23 22.87
N ILE E 125 -42.28 -37.76 23.99
CA ILE E 125 -43.43 -38.38 24.63
C ILE E 125 -44.72 -37.99 23.91
N GLN E 126 -44.66 -36.86 23.21
CA GLN E 126 -45.81 -36.36 22.48
C GLN E 126 -45.99 -37.12 21.16
N GLN E 127 -45.05 -38.01 20.86
CA GLN E 127 -45.11 -38.79 19.63
C GLN E 127 -44.90 -40.29 19.90
N PHE E 128 -44.14 -40.60 20.94
CA PHE E 128 -43.87 -41.99 21.29
C PHE E 128 -44.60 -42.42 22.56
N ASN E 129 -45.77 -41.82 22.79
CA ASN E 129 -46.57 -42.14 23.97
C ASN E 129 -47.33 -43.45 23.77
N ASN E 130 -47.50 -44.20 24.85
CA ASN E 130 -48.21 -45.48 24.81
C ASN E 130 -47.56 -46.44 23.81
N GLN E 131 -46.24 -46.55 23.88
CA GLN E 131 -45.49 -47.44 23.00
C GLN E 131 -44.49 -48.28 23.78
N ALA E 132 -44.00 -49.35 23.14
CA ALA E 132 -43.06 -50.25 23.78
C ALA E 132 -41.61 -50.03 23.33
N PHE E 133 -40.70 -50.03 24.28
CA PHE E 133 -39.28 -49.85 24.00
C PHE E 133 -38.45 -50.91 24.74
N SER E 134 -37.41 -51.39 24.08
CA SER E 134 -36.54 -52.41 24.67
C SER E 134 -35.11 -51.92 24.79
N VAL E 135 -34.34 -52.56 25.66
CA VAL E 135 -32.94 -52.18 25.85
C VAL E 135 -32.10 -52.58 24.65
N GLY E 136 -31.41 -51.60 24.07
CA GLY E 136 -30.59 -51.88 22.91
C GLY E 136 -31.34 -51.69 21.61
N GLN E 137 -32.58 -51.21 21.71
CA GLN E 137 -33.41 -50.98 20.54
C GLN E 137 -32.95 -49.75 19.77
N GLN E 138 -32.87 -49.89 18.45
CA GLN E 138 -32.43 -48.79 17.60
C GLN E 138 -33.62 -48.19 16.84
N LEU E 139 -33.65 -46.88 16.72
CA LEU E 139 -34.72 -46.18 16.02
C LEU E 139 -34.31 -44.78 15.61
N VAL E 140 -35.19 -44.08 14.91
CA VAL E 140 -34.91 -42.72 14.46
C VAL E 140 -35.75 -41.71 15.25
N PHE E 141 -35.38 -40.45 15.17
CA PHE E 141 -36.09 -39.39 15.88
C PHE E 141 -36.02 -38.09 15.08
N SER E 142 -37.18 -37.61 14.63
CA SER E 142 -37.24 -36.38 13.86
C SER E 142 -37.51 -35.18 14.75
N PHE E 143 -36.52 -34.29 14.85
CA PHE E 143 -36.65 -33.10 15.66
C PHE E 143 -36.26 -31.87 14.85
N ASN E 144 -37.26 -31.16 14.33
CA ASN E 144 -37.05 -29.96 13.53
C ASN E 144 -36.41 -30.32 12.19
N ASP E 145 -37.07 -31.20 11.44
CA ASP E 145 -36.58 -31.63 10.14
C ASP E 145 -35.17 -32.22 10.23
N LYS E 146 -34.85 -32.82 11.37
CA LYS E 146 -33.53 -33.41 11.58
C LYS E 146 -33.67 -34.82 12.14
N LEU E 147 -33.03 -35.79 11.48
CA LEU E 147 -33.09 -37.18 11.90
C LEU E 147 -31.93 -37.57 12.82
N PHE E 148 -32.26 -38.14 13.97
CA PHE E 148 -31.25 -38.57 14.93
C PHE E 148 -31.31 -40.08 15.11
N GLY E 149 -30.27 -40.64 15.73
CA GLY E 149 -30.23 -42.07 15.96
C GLY E 149 -30.25 -42.39 17.44
N LEU E 150 -31.45 -42.74 17.95
CA LEU E 150 -31.61 -43.07 19.36
C LEU E 150 -31.18 -44.51 19.64
N LEU E 151 -30.76 -44.76 20.88
CA LEU E 151 -30.33 -46.08 21.29
C LEU E 151 -30.58 -46.30 22.78
N VAL E 152 -31.62 -47.07 23.10
CA VAL E 152 -31.95 -47.35 24.49
C VAL E 152 -30.78 -47.98 25.22
N LYS E 153 -30.32 -47.33 26.28
CA LYS E 153 -29.19 -47.82 27.06
C LYS E 153 -29.64 -48.41 28.39
N ASP E 154 -30.72 -47.84 28.95
CA ASP E 154 -31.24 -48.33 30.23
C ASP E 154 -32.68 -47.89 30.44
N ILE E 155 -33.50 -48.79 30.96
CA ILE E 155 -34.91 -48.52 31.22
C ILE E 155 -35.26 -48.88 32.66
N GLU E 156 -36.06 -48.04 33.31
CA GLU E 156 -36.46 -48.28 34.69
C GLU E 156 -37.96 -48.07 34.87
N ALA E 157 -38.56 -48.84 35.78
CA ALA E 157 -39.99 -48.75 36.05
C ALA E 157 -40.26 -47.71 37.12
N MET E 158 -41.45 -47.13 37.09
CA MET E 158 -41.84 -46.12 38.08
C MET E 158 -41.90 -46.72 39.48
N ARG E 172 -35.89 -48.87 42.54
CA ARG E 172 -35.82 -48.85 41.08
C ARG E 172 -35.53 -50.25 40.53
N GLN E 173 -36.32 -50.66 39.55
CA GLN E 173 -36.16 -51.98 38.94
C GLN E 173 -35.84 -51.85 37.46
N LYS E 174 -34.83 -52.59 37.01
CA LYS E 174 -34.42 -52.56 35.61
C LYS E 174 -35.11 -53.68 34.84
N ILE E 175 -35.67 -53.33 33.68
CA ILE E 175 -36.36 -54.30 32.83
C ILE E 175 -35.85 -54.23 31.39
N GLU E 176 -36.04 -55.33 30.66
CA GLU E 176 -35.59 -55.41 29.27
C GLU E 176 -36.53 -54.61 28.36
N VAL E 177 -37.83 -54.82 28.53
CA VAL E 177 -38.83 -54.13 27.73
C VAL E 177 -39.84 -53.42 28.63
N GLY E 178 -40.22 -52.21 28.26
CA GLY E 178 -41.18 -51.47 29.06
C GLY E 178 -42.23 -50.74 28.22
N LEU E 179 -43.03 -49.92 28.88
CA LEU E 179 -44.08 -49.17 28.20
C LEU E 179 -44.02 -47.70 28.58
N VAL E 180 -43.78 -46.85 27.59
CA VAL E 180 -43.70 -45.40 27.82
C VAL E 180 -45.08 -44.80 27.98
N VAL E 181 -45.28 -44.09 29.09
CA VAL E 181 -46.56 -43.45 29.36
C VAL E 181 -46.46 -41.93 29.21
N GLY E 182 -47.45 -41.22 29.74
CA GLY E 182 -47.44 -39.77 29.63
C GLY E 182 -46.43 -39.10 30.55
N ASN E 183 -46.43 -39.53 31.81
CA ASN E 183 -45.51 -38.97 32.80
C ASN E 183 -44.18 -39.70 32.82
N SER E 184 -43.70 -40.08 31.64
CA SER E 184 -42.43 -40.79 31.52
C SER E 184 -41.27 -39.82 31.38
N GLN E 185 -40.31 -39.90 32.29
CA GLN E 185 -39.14 -39.04 32.26
C GLN E 185 -38.08 -39.63 31.35
N VAL E 186 -37.72 -38.88 30.30
CA VAL E 186 -36.72 -39.33 29.35
C VAL E 186 -35.46 -38.48 29.41
N ALA E 187 -34.30 -39.14 29.41
CA ALA E 187 -33.02 -38.44 29.46
C ALA E 187 -32.21 -38.75 28.20
N PHE E 188 -31.51 -37.74 27.69
CA PHE E 188 -30.69 -37.92 26.50
C PHE E 188 -29.21 -37.72 26.79
N GLU E 189 -28.38 -38.48 26.09
CA GLU E 189 -26.93 -38.38 26.27
C GLU E 189 -26.21 -38.55 24.93
N LYS E 190 -25.49 -37.51 24.52
CA LYS E 190 -24.75 -37.54 23.26
C LYS E 190 -23.78 -38.72 23.22
N ALA E 191 -23.66 -39.36 22.06
CA ALA E 191 -22.77 -40.49 21.90
C ALA E 191 -21.33 -40.02 22.10
N GLU E 192 -20.70 -40.52 23.16
CA GLU E 192 -19.32 -40.17 23.51
C GLU E 192 -18.53 -39.61 22.32
N ASN E 193 -17.98 -38.42 22.49
CA ASN E 193 -17.20 -37.76 21.45
C ASN E 193 -18.06 -37.40 20.25
N SER E 194 -19.15 -36.68 20.50
CA SER E 194 -20.07 -36.27 19.44
C SER E 194 -20.21 -34.75 19.41
N SER E 195 -20.40 -34.21 18.22
CA SER E 195 -20.56 -32.78 18.03
C SER E 195 -21.93 -32.29 18.49
N LEU E 196 -22.78 -33.24 18.87
CA LEU E 196 -24.12 -32.91 19.33
C LEU E 196 -24.10 -32.34 20.74
N ASN E 197 -24.28 -31.03 20.84
CA ASN E 197 -24.28 -30.36 22.13
C ASN E 197 -25.71 -30.11 22.62
N LEU E 198 -26.13 -30.89 23.61
CA LEU E 198 -27.47 -30.77 24.17
C LEU E 198 -27.51 -29.78 25.32
N ILE E 199 -28.63 -29.06 25.44
CA ILE E 199 -28.82 -28.08 26.50
C ILE E 199 -30.14 -28.33 27.23
N GLY E 200 -30.17 -28.00 28.51
CA GLY E 200 -31.38 -28.20 29.29
C GLY E 200 -31.16 -28.99 30.55
N LYS E 201 -32.23 -29.53 31.11
CA LYS E 201 -32.15 -30.33 32.34
C LYS E 201 -32.49 -31.79 32.07
N ALA E 202 -33.00 -32.07 30.88
CA ALA E 202 -33.37 -33.42 30.50
C ALA E 202 -32.17 -34.13 29.88
N LYS E 203 -31.04 -34.09 30.58
CA LYS E 203 -29.81 -34.72 30.11
C LYS E 203 -29.49 -35.96 30.93
N THR E 204 -28.22 -36.34 30.94
CA THR E 204 -27.76 -37.51 31.68
C THR E 204 -28.69 -38.70 31.48
N LYS E 220 -10.80 -36.39 30.51
CA LYS E 220 -9.68 -36.02 31.37
C LYS E 220 -8.35 -36.34 30.69
N MET E 221 -8.40 -36.55 29.38
CA MET E 221 -7.20 -36.84 28.61
C MET E 221 -7.22 -36.12 27.27
N GLY E 222 -6.05 -35.88 26.68
CA GLY E 222 -4.77 -36.23 27.27
C GLY E 222 -3.80 -35.06 27.31
N ILE E 223 -3.20 -34.82 28.48
CA ILE E 223 -2.22 -33.73 28.67
C ILE E 223 -1.35 -34.08 29.88
N GLY E 224 -0.07 -34.29 29.64
CA GLY E 224 0.83 -34.73 30.69
C GLY E 224 1.25 -33.56 31.54
N GLY E 225 1.04 -33.67 32.85
CA GLY E 225 1.31 -32.56 33.75
C GLY E 225 0.22 -31.52 33.55
N LEU E 226 0.45 -30.31 34.03
CA LEU E 226 -0.50 -29.21 33.86
C LEU E 226 -1.91 -29.63 34.24
N ASP E 227 -2.12 -29.95 35.50
CA ASP E 227 -3.47 -30.27 35.97
C ASP E 227 -4.05 -29.27 36.95
N LYS E 228 -3.28 -28.76 37.89
CA LYS E 228 -3.80 -27.74 38.80
C LYS E 228 -4.06 -26.40 38.10
N GLU E 229 -3.06 -25.91 37.39
CA GLU E 229 -3.16 -24.62 36.73
C GLU E 229 -4.24 -24.75 35.66
N PHE E 230 -4.15 -25.82 34.88
CA PHE E 230 -5.08 -26.05 33.78
C PHE E 230 -6.44 -26.11 34.42
N SER E 231 -6.56 -26.82 35.54
CA SER E 231 -7.88 -27.05 36.11
C SER E 231 -8.48 -25.70 36.44
N ASP E 232 -7.71 -24.85 37.13
CA ASP E 232 -8.27 -23.57 37.56
C ASP E 232 -8.66 -22.76 36.31
N ILE E 233 -7.77 -22.66 35.32
CA ILE E 233 -8.00 -21.81 34.13
C ILE E 233 -9.24 -22.29 33.28
N PHE E 234 -9.31 -23.62 33.12
CA PHE E 234 -10.25 -24.35 32.26
C PHE E 234 -11.50 -23.90 32.90
N ARG E 235 -11.43 -24.08 34.19
CA ARG E 235 -12.53 -23.83 35.03
C ARG E 235 -13.03 -22.38 34.97
N ARG E 236 -12.15 -21.40 35.11
CA ARG E 236 -12.62 -20.03 35.24
C ARG E 236 -13.35 -19.63 33.98
N ALA E 237 -12.79 -19.97 32.82
CA ALA E 237 -13.50 -19.65 31.57
C ALA E 237 -14.77 -20.48 31.29
N PHE E 238 -14.67 -21.80 31.41
CA PHE E 238 -15.78 -22.74 31.15
C PHE E 238 -16.89 -22.84 32.20
N ALA E 239 -16.54 -22.89 33.48
CA ALA E 239 -17.47 -22.93 34.61
C ALA E 239 -18.41 -21.73 34.64
N SER E 240 -17.87 -20.54 34.43
CA SER E 240 -18.72 -19.36 34.45
C SER E 240 -19.77 -19.55 33.35
N ARG E 241 -19.36 -20.04 32.18
CA ARG E 241 -20.32 -20.42 31.15
C ARG E 241 -21.24 -21.60 31.52
N VAL E 242 -20.73 -22.57 32.28
CA VAL E 242 -21.35 -23.89 32.44
C VAL E 242 -22.60 -23.88 33.31
N PHE E 243 -22.60 -23.10 34.40
CA PHE E 243 -23.71 -23.16 35.33
C PHE E 243 -24.95 -22.78 34.56
N PRO E 244 -26.00 -23.60 34.66
CA PRO E 244 -27.24 -23.45 33.91
C PRO E 244 -28.57 -23.16 34.62
N PRO E 245 -29.29 -22.16 34.10
CA PRO E 245 -28.70 -21.03 33.40
C PRO E 245 -28.77 -19.71 34.18
N GLU E 246 -29.57 -19.71 35.24
CA GLU E 246 -29.83 -18.53 36.01
C GLU E 246 -28.61 -18.12 36.78
N ILE E 247 -27.73 -19.08 37.00
CA ILE E 247 -26.61 -18.81 37.89
C ILE E 247 -25.79 -17.64 37.37
N VAL E 248 -25.56 -17.58 36.07
CA VAL E 248 -24.74 -16.50 35.54
C VAL E 248 -25.40 -15.17 35.87
N GLU E 249 -26.72 -15.05 35.68
CA GLU E 249 -27.39 -13.80 35.99
C GLU E 249 -27.22 -13.56 37.50
N GLN E 250 -27.32 -14.62 38.31
CA GLN E 250 -27.14 -14.52 39.76
C GLN E 250 -25.75 -13.97 40.07
N MET E 251 -24.75 -14.46 39.35
CA MET E 251 -23.39 -13.96 39.24
C MET E 251 -23.32 -12.56 38.63
N GLY E 252 -24.14 -12.34 37.60
CA GLY E 252 -24.21 -11.07 36.90
C GLY E 252 -22.93 -10.57 36.28
N CYS E 253 -22.13 -11.49 35.76
CA CYS E 253 -20.86 -11.11 35.16
C CYS E 253 -20.84 -11.51 33.70
N LYS E 254 -20.45 -10.59 32.82
CA LYS E 254 -20.34 -10.89 31.40
C LYS E 254 -19.26 -11.95 31.13
N HIS E 255 -19.53 -12.81 30.16
CA HIS E 255 -18.62 -13.91 29.81
C HIS E 255 -17.28 -13.40 29.27
N VAL E 256 -16.19 -14.12 29.56
CA VAL E 256 -14.84 -13.73 29.12
C VAL E 256 -14.65 -13.73 27.61
N LYS E 257 -13.89 -12.74 27.12
CA LYS E 257 -13.69 -12.60 25.70
C LYS E 257 -12.64 -13.62 25.23
N GLY E 258 -11.55 -13.77 25.99
CA GLY E 258 -10.45 -14.65 25.58
C GLY E 258 -9.52 -15.14 26.68
N ILE E 259 -8.79 -16.21 26.41
CA ILE E 259 -7.75 -16.71 27.32
C ILE E 259 -6.45 -16.83 26.49
N LEU E 260 -5.31 -16.38 27.00
CA LEU E 260 -4.05 -16.46 26.24
C LEU E 260 -2.89 -17.22 26.89
N LEU E 261 -2.22 -18.09 26.13
CA LEU E 261 -1.10 -18.85 26.71
C LEU E 261 0.26 -18.57 26.06
N TYR E 262 1.25 -18.29 26.90
CA TYR E 262 2.64 -18.06 26.49
C TYR E 262 3.56 -19.08 27.18
N GLY E 263 4.36 -19.81 26.40
CA GLY E 263 5.21 -20.86 26.95
C GLY E 263 6.60 -20.95 26.35
N PRO E 264 7.52 -21.63 27.05
CA PRO E 264 8.82 -21.87 26.40
C PRO E 264 8.62 -22.84 25.25
N PRO E 265 9.48 -22.78 24.23
CA PRO E 265 9.18 -23.63 23.07
C PRO E 265 9.29 -25.13 23.29
N GLY E 266 8.41 -25.86 22.60
CA GLY E 266 8.38 -27.29 22.68
C GLY E 266 7.61 -27.85 23.84
N CYS E 267 6.98 -26.97 24.60
CA CYS E 267 6.21 -27.39 25.75
C CYS E 267 4.84 -27.95 25.35
N GLY E 268 4.61 -28.10 24.05
CA GLY E 268 3.34 -28.59 23.56
C GLY E 268 2.07 -27.81 23.83
N LYS E 269 2.18 -26.49 23.68
CA LYS E 269 1.07 -25.58 23.89
C LYS E 269 -0.11 -25.87 22.96
N THR E 270 0.21 -26.16 21.71
CA THR E 270 -0.80 -26.24 20.66
C THR E 270 -1.80 -27.34 20.98
N LEU E 271 -1.27 -28.48 21.40
CA LEU E 271 -2.10 -29.65 21.68
C LEU E 271 -3.08 -29.31 22.79
N LEU E 272 -2.59 -28.62 23.81
CA LEU E 272 -3.44 -28.28 24.94
C LEU E 272 -4.57 -27.42 24.40
N ALA E 273 -4.24 -26.46 23.55
CA ALA E 273 -5.29 -25.60 22.99
C ALA E 273 -6.35 -26.32 22.14
N ARG E 274 -5.92 -27.21 21.25
CA ARG E 274 -6.89 -27.92 20.43
C ARG E 274 -7.81 -28.68 21.38
N GLN E 275 -7.20 -29.34 22.37
CA GLN E 275 -7.94 -30.17 23.31
C GLN E 275 -8.93 -29.34 24.11
N ILE E 276 -8.51 -28.18 24.57
CA ILE E 276 -9.34 -27.32 25.41
C ILE E 276 -10.55 -26.92 24.55
N GLY E 277 -10.30 -26.53 23.30
CA GLY E 277 -11.38 -26.12 22.43
C GLY E 277 -12.36 -27.27 22.22
N LYS E 278 -11.84 -28.47 22.01
CA LYS E 278 -12.67 -29.64 21.79
C LYS E 278 -13.54 -29.88 23.02
N MET E 279 -12.91 -29.81 24.18
CA MET E 279 -13.55 -30.07 25.46
C MET E 279 -14.69 -29.08 25.72
N LEU E 280 -14.44 -27.82 25.35
CA LEU E 280 -15.39 -26.73 25.59
C LEU E 280 -16.73 -26.84 24.90
N ASN E 281 -16.72 -27.27 23.65
CA ASN E 281 -17.95 -27.36 22.90
C ASN E 281 -17.99 -28.72 22.26
N ALA E 282 -19.18 -29.24 22.04
CA ALA E 282 -19.29 -30.47 21.28
C ALA E 282 -18.61 -30.25 19.94
N ARG E 283 -18.99 -29.19 19.24
CA ARG E 283 -18.22 -28.67 18.12
C ARG E 283 -18.31 -27.16 18.05
N GLU E 284 -17.18 -26.47 18.09
CA GLU E 284 -17.18 -25.02 17.88
C GLU E 284 -17.67 -24.67 16.47
N PRO E 285 -17.13 -25.32 15.41
CA PRO E 285 -16.00 -26.26 15.41
C PRO E 285 -14.69 -25.61 14.94
N LYS E 286 -13.74 -25.59 15.88
CA LYS E 286 -12.36 -25.03 15.78
C LYS E 286 -12.00 -24.16 14.58
N VAL E 287 -11.37 -23.02 14.85
CA VAL E 287 -10.89 -22.18 13.77
C VAL E 287 -9.39 -22.03 13.91
N VAL E 288 -8.69 -22.23 12.81
CA VAL E 288 -7.26 -22.20 12.82
C VAL E 288 -6.83 -21.00 12.02
N ASN E 289 -5.86 -20.25 12.55
CA ASN E 289 -5.41 -19.09 11.84
C ASN E 289 -4.01 -19.25 11.32
N GLY E 290 -3.86 -18.95 10.04
CA GLY E 290 -2.58 -19.08 9.42
C GLY E 290 -1.68 -18.03 10.01
N PRO E 291 -0.38 -18.31 9.96
CA PRO E 291 0.71 -17.53 10.54
C PRO E 291 0.78 -16.16 9.90
N GLU E 292 0.62 -16.15 8.58
CA GLU E 292 0.66 -14.90 7.85
C GLU E 292 -0.48 -14.06 8.36
N ILE E 293 -1.67 -14.67 8.47
CA ILE E 293 -2.83 -13.98 9.03
C ILE E 293 -3.21 -12.91 8.02
N LEU E 294 -2.22 -12.10 7.71
CA LEU E 294 -2.32 -10.88 6.94
C LEU E 294 -1.94 -11.09 5.48
N ASN E 295 -1.87 -12.33 5.01
CA ASN E 295 -1.42 -12.56 3.64
C ASN E 295 -2.41 -11.87 2.67
N LYS E 296 -1.88 -11.28 1.59
CA LYS E 296 -2.58 -10.40 0.61
C LYS E 296 -2.45 -8.91 0.96
N TYR E 297 -1.50 -8.23 0.34
CA TYR E 297 -1.23 -6.82 0.65
C TYR E 297 -2.25 -5.76 0.25
N VAL E 298 -2.86 -5.92 -0.92
CA VAL E 298 -3.57 -4.81 -1.57
C VAL E 298 -4.65 -4.04 -0.78
N GLY E 299 -5.53 -4.75 -0.09
CA GLY E 299 -6.61 -4.15 0.66
C GLY E 299 -6.46 -4.38 2.15
N GLU E 300 -6.90 -5.52 2.71
CA GLU E 300 -7.38 -6.78 2.09
C GLU E 300 -7.28 -7.91 3.11
N SER E 301 -6.04 -8.20 3.48
CA SER E 301 -5.72 -9.19 4.49
C SER E 301 -6.32 -8.84 5.81
N GLU E 302 -6.22 -7.56 6.08
CA GLU E 302 -6.68 -6.98 7.29
C GLU E 302 -8.15 -7.31 7.38
N ALA E 303 -8.78 -7.20 6.22
CA ALA E 303 -10.18 -7.48 6.13
C ALA E 303 -10.36 -8.94 6.50
N ASN E 304 -9.44 -9.83 6.12
CA ASN E 304 -9.57 -11.27 6.42
C ASN E 304 -9.54 -11.57 7.91
N ILE E 305 -8.62 -10.91 8.60
CA ILE E 305 -8.53 -11.00 10.05
C ILE E 305 -9.84 -10.51 10.66
N ARG E 306 -10.41 -9.45 10.10
CA ARG E 306 -11.74 -9.03 10.50
C ARG E 306 -12.86 -10.06 10.12
N LYS E 307 -12.69 -10.72 8.98
CA LYS E 307 -13.74 -11.54 8.34
C LYS E 307 -13.97 -12.85 9.06
N LEU E 308 -12.92 -13.56 9.48
CA LEU E 308 -13.21 -14.82 10.18
C LEU E 308 -14.02 -14.49 11.42
N PHE E 309 -13.71 -13.36 12.08
CA PHE E 309 -14.52 -12.91 13.22
C PHE E 309 -15.96 -12.71 12.74
N ALA E 310 -16.07 -12.18 11.52
CA ALA E 310 -17.37 -11.77 11.00
C ALA E 310 -18.41 -12.89 10.97
N ASP E 311 -18.01 -14.11 10.62
CA ASP E 311 -18.99 -15.19 10.58
C ASP E 311 -19.59 -15.47 11.96
N ALA E 312 -18.71 -15.52 12.95
CA ALA E 312 -19.14 -15.77 14.32
C ALA E 312 -20.07 -14.66 14.81
N GLU E 313 -19.70 -13.41 14.56
CA GLU E 313 -20.56 -12.31 15.02
C GLU E 313 -21.93 -12.41 14.33
N GLU E 314 -21.94 -12.78 13.04
CA GLU E 314 -23.19 -12.90 12.29
C GLU E 314 -24.08 -13.99 12.91
N GLU E 315 -23.50 -15.14 13.25
CA GLU E 315 -24.31 -16.20 13.85
C GLU E 315 -24.89 -15.66 15.14
N GLN E 316 -24.04 -15.00 15.93
CA GLN E 316 -24.50 -14.49 17.21
C GLN E 316 -25.64 -13.46 17.03
N ARG E 317 -25.56 -12.55 16.07
CA ARG E 317 -26.65 -11.58 15.91
C ARG E 317 -27.94 -12.30 15.52
N ARG E 318 -27.81 -13.30 14.65
CA ARG E 318 -28.97 -14.05 14.18
C ARG E 318 -29.66 -14.76 15.36
N LEU E 319 -28.86 -15.31 16.27
CA LEU E 319 -29.42 -16.01 17.42
C LEU E 319 -29.12 -15.38 18.78
N GLY E 320 -28.70 -14.12 18.81
CA GLY E 320 -28.12 -13.58 20.03
C GLY E 320 -29.02 -13.48 21.23
N ALA E 321 -28.51 -14.11 22.29
CA ALA E 321 -29.08 -14.21 23.63
C ALA E 321 -28.44 -15.44 24.21
N ASN E 322 -28.83 -16.57 23.61
CA ASN E 322 -28.28 -17.89 23.84
C ASN E 322 -28.61 -18.76 22.61
N SER E 323 -27.87 -19.84 22.37
CA SER E 323 -26.67 -20.21 23.12
C SER E 323 -25.55 -20.65 22.16
N GLY E 324 -24.96 -19.71 21.44
CA GLY E 324 -23.96 -20.07 20.44
C GLY E 324 -22.56 -19.60 20.80
N LEU E 325 -21.61 -20.53 20.77
CA LEU E 325 -20.21 -20.24 21.07
C LEU E 325 -19.30 -20.61 19.90
N HIS E 326 -18.44 -19.69 19.50
CA HIS E 326 -17.47 -19.98 18.44
C HIS E 326 -16.05 -19.81 18.99
N ILE E 327 -15.18 -20.77 18.73
CA ILE E 327 -13.81 -20.73 19.22
C ILE E 327 -12.87 -20.47 18.05
N ILE E 328 -12.05 -19.45 18.20
CA ILE E 328 -11.07 -19.02 17.21
C ILE E 328 -9.70 -18.99 17.86
N ILE E 329 -8.70 -19.56 17.20
CA ILE E 329 -7.40 -19.57 17.82
C ILE E 329 -6.34 -18.95 16.89
N PHE E 330 -5.51 -18.04 17.42
CA PHE E 330 -4.43 -17.49 16.59
C PHE E 330 -3.08 -18.01 17.04
N ASP E 331 -2.40 -18.72 16.16
CA ASP E 331 -1.08 -19.27 16.44
C ASP E 331 -0.01 -18.21 16.09
N GLU E 332 1.05 -18.11 16.90
CA GLU E 332 2.10 -17.12 16.66
C GLU E 332 1.61 -15.66 16.59
N ILE E 333 0.70 -15.29 17.49
CA ILE E 333 0.10 -13.96 17.48
C ILE E 333 1.14 -12.85 17.66
N HIS E 350 2.33 -3.28 11.88
CA HIS E 350 1.22 -3.20 12.81
C HIS E 350 0.01 -2.55 12.14
N ASP E 351 -0.17 -1.25 12.39
CA ASP E 351 -1.24 -0.48 11.76
C ASP E 351 -2.60 -1.07 12.04
N THR E 352 -3.36 -1.34 10.98
CA THR E 352 -4.74 -1.78 11.08
C THR E 352 -5.02 -3.06 11.79
N VAL E 353 -4.19 -4.08 11.64
CA VAL E 353 -4.52 -5.36 12.25
C VAL E 353 -4.62 -5.27 13.77
N VAL E 354 -3.73 -4.53 14.42
CA VAL E 354 -3.80 -4.25 15.85
C VAL E 354 -5.20 -3.77 16.27
N ASN E 355 -5.58 -2.62 15.70
CA ASN E 355 -6.87 -1.98 15.98
C ASN E 355 -8.01 -2.89 15.61
N GLN E 356 -7.86 -3.61 14.50
CA GLN E 356 -8.96 -4.36 13.91
C GLN E 356 -9.32 -5.50 14.82
N LEU E 357 -8.29 -6.20 15.27
CA LEU E 357 -8.52 -7.28 16.19
C LEU E 357 -9.11 -6.68 17.45
N LEU E 358 -8.54 -5.57 17.94
CA LEU E 358 -9.05 -5.00 19.19
C LEU E 358 -10.52 -4.57 19.13
N SER E 359 -10.92 -3.97 18.02
CA SER E 359 -12.30 -3.51 17.86
C SER E 359 -13.28 -4.66 17.85
N LYS E 360 -12.97 -5.71 17.09
CA LYS E 360 -13.85 -6.86 17.04
C LYS E 360 -13.96 -7.63 18.34
N ILE E 361 -12.82 -7.83 19.00
CA ILE E 361 -12.83 -8.57 20.28
C ILE E 361 -13.60 -7.82 21.36
N ASP E 362 -13.46 -6.49 21.44
CA ASP E 362 -14.24 -5.71 22.40
C ASP E 362 -14.88 -4.51 21.72
N GLY E 363 -16.19 -4.37 21.93
CA GLY E 363 -16.91 -3.21 21.47
C GLY E 363 -17.17 -3.25 19.97
N VAL E 364 -17.80 -2.22 19.40
CA VAL E 364 -18.43 -1.14 20.15
C VAL E 364 -19.61 -1.68 20.97
N GLU E 365 -20.38 -2.58 20.35
CA GLU E 365 -21.53 -3.20 20.99
C GLU E 365 -21.39 -4.73 20.95
N GLN E 366 -21.61 -5.35 22.12
CA GLN E 366 -21.59 -6.81 22.27
C GLN E 366 -20.26 -7.40 21.84
N LEU E 367 -20.33 -8.37 20.93
CA LEU E 367 -19.21 -9.17 20.43
C LEU E 367 -18.88 -10.32 21.37
N ASN E 368 -19.69 -10.47 22.41
CA ASN E 368 -19.57 -11.60 23.35
C ASN E 368 -20.23 -12.85 22.77
N ASN E 369 -20.12 -13.97 23.50
CA ASN E 369 -20.61 -15.29 23.09
C ASN E 369 -19.59 -16.02 22.22
N ILE E 370 -18.39 -15.46 22.13
CA ILE E 370 -17.26 -16.17 21.53
C ILE E 370 -15.99 -16.02 22.36
N LEU E 371 -15.08 -16.98 22.23
CA LEU E 371 -13.80 -16.95 22.93
C LEU E 371 -12.65 -17.26 21.98
N VAL E 372 -11.52 -16.61 22.25
CA VAL E 372 -10.33 -16.75 21.43
C VAL E 372 -9.06 -17.01 22.25
N ILE E 373 -8.29 -18.01 21.84
CA ILE E 373 -7.08 -18.30 22.58
C ILE E 373 -5.81 -18.04 21.75
N GLY E 374 -4.86 -17.30 22.32
CA GLY E 374 -3.64 -17.04 21.59
C GLY E 374 -2.42 -17.76 22.15
N MET E 375 -1.69 -18.46 21.30
CA MET E 375 -0.51 -19.20 21.75
C MET E 375 0.78 -18.60 21.24
N THR E 376 1.72 -18.27 22.12
CA THR E 376 2.95 -17.62 21.67
C THR E 376 4.14 -17.97 22.56
N ASN E 377 5.34 -18.02 21.97
CA ASN E 377 6.54 -18.39 22.71
C ASN E 377 6.99 -17.36 23.74
N ARG E 378 6.87 -16.08 23.42
CA ARG E 378 7.31 -15.03 24.34
C ARG E 378 6.23 -14.03 24.70
N PRO E 379 6.07 -13.74 26.01
CA PRO E 379 5.08 -12.76 26.48
C PRO E 379 5.42 -11.32 26.06
N ASP E 380 6.71 -10.97 26.13
CA ASP E 380 7.16 -9.59 26.00
C ASP E 380 6.90 -8.98 24.62
N LEU E 381 7.01 -9.82 23.59
CA LEU E 381 6.78 -9.40 22.21
C LEU E 381 5.39 -8.84 21.97
N ILE E 382 4.39 -9.46 22.60
CA ILE E 382 3.01 -9.11 22.32
C ILE E 382 2.62 -7.72 22.87
N ASP E 383 1.58 -7.14 22.28
CA ASP E 383 1.06 -5.82 22.58
C ASP E 383 0.47 -5.75 23.99
N GLU E 384 0.65 -4.61 24.66
CA GLU E 384 0.08 -4.35 25.98
C GLU E 384 -1.46 -4.24 26.05
N ALA E 385 -2.08 -3.65 25.03
CA ALA E 385 -3.50 -3.30 25.07
C ALA E 385 -4.41 -4.52 25.19
N LEU E 386 -4.03 -5.60 24.51
CA LEU E 386 -4.82 -6.83 24.55
C LEU E 386 -4.87 -7.42 25.96
N LEU E 387 -3.77 -7.29 26.70
CA LEU E 387 -3.59 -7.99 27.97
C LEU E 387 -4.61 -7.64 29.07
N ARG E 388 -5.04 -6.38 29.13
CA ARG E 388 -5.87 -5.89 30.23
C ARG E 388 -7.18 -6.69 30.30
N PRO E 389 -7.71 -6.90 31.52
CA PRO E 389 -8.91 -7.73 31.66
C PRO E 389 -10.07 -7.19 30.84
N GLY E 390 -10.85 -8.09 30.25
CA GLY E 390 -11.74 -7.68 29.19
C GLY E 390 -11.45 -8.52 27.97
N ARG E 391 -10.84 -7.91 26.97
CA ARG E 391 -10.61 -8.58 25.69
C ARG E 391 -9.77 -9.84 25.85
N LEU E 392 -8.71 -9.75 26.66
CA LEU E 392 -7.90 -10.90 27.05
C LEU E 392 -7.70 -10.86 28.55
N GLU E 393 -8.75 -11.16 29.30
CA GLU E 393 -8.69 -11.03 30.75
C GLU E 393 -7.67 -11.95 31.40
N VAL E 394 -7.58 -13.18 30.93
CA VAL E 394 -6.67 -14.10 31.60
C VAL E 394 -5.43 -14.48 30.79
N LYS E 395 -4.30 -14.30 31.46
CA LYS E 395 -3.00 -14.61 30.90
C LYS E 395 -2.50 -15.88 31.59
N MET E 396 -2.02 -16.78 30.75
CA MET E 396 -1.76 -18.16 31.06
C MET E 396 -0.32 -18.44 30.70
N GLU E 397 0.44 -18.94 31.66
CA GLU E 397 1.81 -19.26 31.34
C GLU E 397 2.00 -20.74 31.54
N ILE E 398 2.64 -21.31 30.52
CA ILE E 398 2.86 -22.73 30.44
C ILE E 398 3.71 -23.21 31.59
N GLY E 399 3.30 -24.35 32.12
CA GLY E 399 3.94 -24.96 33.26
C GLY E 399 5.33 -25.49 33.03
N LEU E 400 6.13 -25.35 34.09
CA LEU E 400 7.48 -25.86 34.18
C LEU E 400 7.35 -27.38 34.11
N PRO E 401 8.33 -28.07 33.50
CA PRO E 401 8.17 -29.52 33.38
C PRO E 401 8.11 -30.22 34.75
N ASP E 402 7.22 -31.21 34.87
CA ASP E 402 7.04 -31.94 36.12
C ASP E 402 7.76 -33.26 36.05
N GLU E 403 8.25 -33.71 37.21
CA GLU E 403 8.86 -35.02 37.31
C GLU E 403 7.80 -36.04 36.93
N LYS E 404 6.61 -35.84 37.48
CA LYS E 404 5.49 -36.72 37.23
C LYS E 404 5.07 -36.51 35.79
N GLY E 405 5.00 -35.24 35.39
CA GLY E 405 4.66 -34.89 34.04
C GLY E 405 5.69 -35.45 33.07
N ARG E 406 6.96 -35.34 33.44
CA ARG E 406 8.03 -35.81 32.56
C ARG E 406 7.80 -37.28 32.37
N LEU E 407 7.46 -37.96 33.45
CA LEU E 407 7.12 -39.36 33.32
C LEU E 407 5.91 -39.54 32.42
N GLN E 408 4.91 -38.65 32.44
CA GLN E 408 3.78 -38.82 31.51
C GLN E 408 4.09 -38.70 30.01
N ILE E 409 4.84 -37.66 29.64
CA ILE E 409 5.22 -37.44 28.23
C ILE E 409 6.16 -38.52 27.70
N LEU E 410 7.16 -38.87 28.51
CA LEU E 410 8.07 -39.94 28.11
C LEU E 410 7.21 -41.23 28.04
N HIS E 411 6.25 -41.35 28.96
CA HIS E 411 5.48 -42.59 29.18
C HIS E 411 4.65 -42.86 27.96
N ILE E 412 4.04 -41.84 27.36
CA ILE E 412 3.23 -42.14 26.17
C ILE E 412 4.09 -42.72 25.02
N HIS E 413 5.21 -42.09 24.67
CA HIS E 413 6.03 -42.61 23.56
C HIS E 413 6.57 -44.00 23.88
N THR E 414 7.10 -44.14 25.10
CA THR E 414 7.65 -45.39 25.60
C THR E 414 6.59 -46.48 25.59
N ALA E 415 5.37 -46.11 25.95
CA ALA E 415 4.22 -47.01 26.11
C ALA E 415 3.77 -47.51 24.75
N ARG E 416 3.80 -46.62 23.77
CA ARG E 416 3.38 -46.98 22.43
C ARG E 416 4.39 -48.03 22.01
N MET E 417 5.65 -47.77 22.35
CA MET E 417 6.71 -48.77 22.14
C MET E 417 6.53 -50.05 22.96
N ARG E 418 5.96 -49.93 24.16
CA ARG E 418 5.70 -51.00 25.09
C ARG E 418 4.69 -51.94 24.45
N GLY E 419 3.76 -51.32 23.73
CA GLY E 419 2.54 -51.93 23.25
C GLY E 419 3.01 -52.84 22.14
N HIS E 420 3.88 -52.33 21.28
CA HIS E 420 4.55 -53.20 20.33
C HIS E 420 5.52 -54.04 21.17
N GLN E 421 5.87 -55.22 20.68
CA GLN E 421 6.72 -56.13 21.45
C GLN E 421 8.13 -55.58 21.76
N LEU E 422 8.73 -54.89 20.81
CA LEU E 422 10.09 -54.37 20.98
C LEU E 422 10.16 -53.34 22.10
N LEU E 423 11.17 -53.49 22.95
CA LEU E 423 11.42 -52.54 24.02
C LEU E 423 12.85 -52.72 24.52
N SER E 424 13.34 -51.74 25.25
CA SER E 424 14.63 -51.87 25.89
C SER E 424 14.42 -52.16 27.37
N ALA E 425 14.92 -53.32 27.82
CA ALA E 425 14.74 -53.75 29.20
C ALA E 425 15.44 -52.84 30.19
N ASP E 426 16.63 -52.40 29.84
CA ASP E 426 17.46 -51.58 30.70
C ASP E 426 16.82 -50.24 31.02
N VAL E 427 16.19 -49.62 30.03
CA VAL E 427 15.55 -48.33 30.21
C VAL E 427 14.35 -48.46 31.16
N ASP E 428 14.28 -47.53 32.10
CA ASP E 428 13.17 -47.40 33.04
C ASP E 428 12.56 -46.01 33.03
N ILE E 429 11.23 -45.96 32.96
CA ILE E 429 10.50 -44.71 32.89
C ILE E 429 10.77 -43.77 34.05
N LYS E 430 10.74 -44.34 35.24
CA LYS E 430 10.96 -43.60 36.47
C LYS E 430 12.38 -43.04 36.49
N GLU E 431 13.32 -43.89 36.07
CA GLU E 431 14.73 -43.52 36.04
C GLU E 431 14.96 -42.35 35.09
N LEU E 432 14.36 -42.40 33.89
CA LEU E 432 14.54 -41.32 32.94
C LEU E 432 13.99 -40.04 33.54
N ALA E 433 12.83 -40.15 34.19
CA ALA E 433 12.22 -38.96 34.78
C ALA E 433 13.13 -38.36 35.86
N VAL E 434 13.67 -39.20 36.75
CA VAL E 434 14.52 -38.72 37.84
C VAL E 434 15.79 -38.06 37.26
N GLU E 435 16.32 -38.63 36.18
CA GLU E 435 17.52 -38.08 35.54
C GLU E 435 17.33 -36.68 34.94
N THR E 436 16.16 -36.41 34.37
CA THR E 436 15.98 -35.11 33.73
C THR E 436 14.97 -34.20 34.44
N LYS E 437 15.40 -32.96 34.71
CA LYS E 437 14.54 -31.97 35.33
C LYS E 437 14.14 -30.82 34.40
N ASN E 438 15.13 -30.27 33.71
CA ASN E 438 14.98 -29.03 32.94
C ASN E 438 14.07 -29.08 31.71
N PHE E 439 14.09 -30.19 30.99
CA PHE E 439 13.59 -30.27 29.61
C PHE E 439 12.08 -29.96 29.39
N SER E 440 11.83 -29.21 28.31
CA SER E 440 10.50 -28.94 27.72
C SER E 440 9.98 -30.22 27.08
N GLY E 441 8.68 -30.35 26.85
CA GLY E 441 8.19 -31.54 26.15
C GLY E 441 8.79 -32.14 24.88
N ALA E 442 8.52 -31.65 23.68
CA ALA E 442 9.52 -31.58 22.57
C ALA E 442 10.88 -32.25 22.78
N GLU E 443 11.54 -31.86 23.88
CA GLU E 443 12.82 -32.40 24.32
C GLU E 443 12.79 -33.91 24.53
N LEU E 444 11.67 -34.35 25.08
CA LEU E 444 11.39 -35.75 25.40
C LEU E 444 11.25 -36.56 24.12
N GLU E 445 10.42 -36.08 23.19
CA GLU E 445 10.24 -36.74 21.91
C GLU E 445 11.59 -36.76 21.20
N GLY E 446 12.36 -35.68 21.35
CA GLY E 446 13.66 -35.56 20.74
C GLY E 446 14.65 -36.60 21.26
N LEU E 447 14.69 -36.75 22.59
CA LEU E 447 15.54 -37.73 23.25
C LEU E 447 15.15 -39.12 22.76
N VAL E 448 13.84 -39.37 22.73
CA VAL E 448 13.35 -40.68 22.33
C VAL E 448 13.73 -40.94 20.88
N ARG E 449 13.58 -39.92 20.04
CA ARG E 449 13.80 -40.07 18.60
C ARG E 449 15.25 -40.41 18.32
N ALA E 450 16.14 -39.69 18.99
CA ALA E 450 17.56 -39.96 18.90
C ALA E 450 17.87 -41.40 19.34
N ALA E 451 17.23 -41.84 20.42
CA ALA E 451 17.40 -43.22 20.86
C ALA E 451 16.95 -44.21 19.80
N GLN E 452 15.83 -43.90 19.14
CA GLN E 452 15.38 -44.79 18.11
C GLN E 452 16.41 -44.85 17.00
N SER E 453 16.96 -43.71 16.61
CA SER E 453 17.98 -43.69 15.55
C SER E 453 19.28 -44.45 15.86
N THR E 454 19.79 -44.30 17.08
CA THR E 454 21.00 -45.03 17.47
C THR E 454 20.69 -46.52 17.46
N ALA E 455 19.49 -46.87 17.92
CA ALA E 455 19.08 -48.26 17.94
C ALA E 455 19.06 -48.78 16.51
N MET E 456 18.58 -47.93 15.60
CA MET E 456 18.50 -48.24 14.18
C MET E 456 19.93 -48.52 13.71
N ASN E 457 20.86 -47.71 14.21
CA ASN E 457 22.29 -47.85 13.91
C ASN E 457 22.84 -49.18 14.40
N ARG E 458 22.41 -49.60 15.59
CA ARG E 458 22.84 -50.85 16.19
C ARG E 458 22.41 -51.99 15.27
N HIS E 459 21.19 -51.90 14.74
CA HIS E 459 20.69 -52.94 13.85
C HIS E 459 21.54 -53.03 12.57
N ILE E 460 21.96 -51.89 12.03
CA ILE E 460 22.83 -51.84 10.84
C ILE E 460 24.23 -51.37 11.19
N ASP E 482 20.77 -48.19 28.77
CA ASP E 482 21.50 -47.06 28.22
C ASP E 482 21.46 -47.14 26.71
N PHE E 483 22.51 -47.71 26.12
CA PHE E 483 22.51 -47.96 24.68
C PHE E 483 22.26 -46.71 23.87
N LEU E 484 21.29 -46.83 22.98
CA LEU E 484 20.87 -45.77 22.09
C LEU E 484 20.37 -44.55 22.84
N ALA E 485 19.62 -44.78 23.91
CA ALA E 485 19.10 -43.69 24.73
C ALA E 485 20.26 -42.92 25.35
N SER E 486 21.26 -43.67 25.82
CA SER E 486 22.46 -43.07 26.42
C SER E 486 23.24 -42.22 25.43
N LEU E 487 23.38 -42.73 24.20
CA LEU E 487 24.08 -41.99 23.17
C LEU E 487 23.34 -40.69 22.91
N GLU E 488 22.01 -40.78 22.92
CA GLU E 488 21.17 -39.60 22.73
C GLU E 488 21.32 -38.57 23.85
N ASN E 489 21.37 -39.04 25.09
CA ASN E 489 21.58 -38.16 26.23
C ASN E 489 22.93 -37.47 26.12
N ASP E 490 23.91 -38.25 25.68
CA ASP E 490 25.27 -37.79 25.47
C ASP E 490 25.39 -36.71 24.40
N ILE E 491 24.62 -36.82 23.32
CA ILE E 491 24.70 -35.84 22.24
C ILE E 491 23.39 -35.11 22.04
N LYS E 492 22.42 -35.74 21.36
CA LYS E 492 21.12 -35.16 20.94
C LYS E 492 20.72 -33.74 21.39
N PRO E 493 20.88 -33.41 22.71
CA PRO E 493 20.59 -32.03 23.07
C PRO E 493 21.85 -31.20 23.46
N ALA E 494 21.96 -29.89 23.14
CA ALA E 494 21.04 -29.06 22.31
C ALA E 494 19.75 -28.77 23.06
N PHE E 495 19.74 -29.10 24.34
CA PHE E 495 18.59 -28.90 25.21
C PHE E 495 18.30 -27.40 25.35
N GLY E 496 19.35 -26.60 25.48
CA GLY E 496 19.19 -25.18 25.71
C GLY E 496 19.09 -24.84 27.18
N THR E 497 18.98 -25.87 28.01
CA THR E 497 19.10 -25.72 29.45
C THR E 497 20.27 -26.51 30.00
N GLU E 500 23.54 -25.41 36.69
CA GLU E 500 23.71 -26.12 37.94
C GLU E 500 24.78 -27.20 37.83
N ASP E 501 25.59 -27.18 36.77
CA ASP E 501 26.65 -28.18 36.59
C ASP E 501 27.69 -28.12 37.73
N TYR E 502 27.76 -29.17 38.55
CA TYR E 502 28.72 -29.17 39.66
C TYR E 502 30.05 -29.75 39.17
N ALA E 503 29.99 -30.54 38.10
CA ALA E 503 31.16 -31.19 37.53
C ALA E 503 32.18 -30.18 37.01
N SER E 504 31.78 -28.91 36.96
CA SER E 504 32.64 -27.85 36.47
C SER E 504 33.28 -27.15 37.67
N TYR E 505 32.77 -27.44 38.85
CA TYR E 505 33.26 -26.84 40.10
C TYR E 505 33.89 -27.83 41.08
N ILE E 506 33.75 -29.12 40.79
CA ILE E 506 34.46 -30.14 41.55
C ILE E 506 35.23 -31.00 40.54
N MET E 507 36.23 -30.37 39.93
CA MET E 507 37.13 -31.01 38.97
C MET E 507 37.92 -32.10 39.71
N ASN E 508 38.32 -31.77 40.92
CA ASN E 508 39.06 -32.72 41.73
C ASN E 508 38.12 -33.13 42.85
N GLY E 509 38.02 -34.44 43.01
CA GLY E 509 37.08 -35.10 43.90
C GLY E 509 37.29 -34.75 45.35
N ILE E 510 36.19 -34.55 46.07
CA ILE E 510 36.25 -34.32 47.50
C ILE E 510 36.92 -35.49 48.25
N ILE E 511 38.24 -35.57 48.02
CA ILE E 511 39.05 -36.57 48.67
C ILE E 511 39.09 -36.23 50.15
N LYS E 512 39.07 -37.22 51.00
CA LYS E 512 39.12 -36.95 52.42
C LYS E 512 40.56 -36.74 52.89
N TRP E 513 41.24 -35.71 52.42
CA TRP E 513 42.64 -35.56 52.85
C TRP E 513 42.79 -35.41 54.35
N GLY E 514 41.92 -34.64 54.95
CA GLY E 514 42.07 -34.28 56.34
C GLY E 514 40.81 -34.27 57.16
N ASP E 515 41.01 -34.32 58.47
CA ASP E 515 39.93 -34.27 59.43
C ASP E 515 39.22 -32.93 59.12
N PRO E 516 40.02 -31.84 58.91
CA PRO E 516 39.35 -30.59 58.52
C PRO E 516 38.37 -30.71 57.35
N VAL E 517 38.62 -31.47 56.30
CA VAL E 517 37.65 -31.51 55.20
C VAL E 517 36.30 -32.01 55.68
N THR E 518 36.31 -33.11 56.40
CA THR E 518 35.07 -33.68 56.89
C THR E 518 34.39 -32.65 57.79
N ARG E 519 35.13 -32.01 58.70
CA ARG E 519 34.50 -31.03 59.60
C ARG E 519 33.90 -29.87 58.78
N VAL E 520 34.59 -29.40 57.74
CA VAL E 520 33.95 -28.34 57.00
C VAL E 520 32.67 -28.87 56.36
N LEU E 521 32.69 -30.04 55.74
CA LEU E 521 31.44 -30.52 55.17
C LEU E 521 30.31 -30.75 56.18
N ASP E 522 30.60 -31.32 57.36
CA ASP E 522 29.54 -31.59 58.36
C ASP E 522 28.97 -30.24 58.74
N ASP E 523 29.84 -29.23 58.83
CA ASP E 523 29.37 -27.88 59.16
C ASP E 523 28.44 -27.40 58.04
N GLY E 524 28.74 -27.77 56.81
CA GLY E 524 27.85 -27.47 55.69
C GLY E 524 26.50 -28.16 55.90
N GLU E 525 26.56 -29.40 56.40
CA GLU E 525 25.37 -30.18 56.72
C GLU E 525 24.53 -29.53 57.82
N LEU E 526 25.23 -28.98 58.80
CA LEU E 526 24.62 -28.25 59.87
C LEU E 526 23.90 -27.04 59.34
N LEU E 527 24.54 -26.37 58.39
CA LEU E 527 23.91 -25.22 57.77
C LEU E 527 22.68 -25.50 56.92
N VAL E 528 22.71 -26.57 56.14
CA VAL E 528 21.53 -26.95 55.37
C VAL E 528 20.40 -27.31 56.32
N GLN E 529 20.77 -28.02 57.38
CA GLN E 529 19.77 -28.42 58.37
C GLN E 529 19.19 -27.13 58.94
N GLN E 530 20.05 -26.13 59.14
CA GLN E 530 19.58 -24.85 59.66
C GLN E 530 18.57 -24.21 58.75
N THR E 531 18.82 -24.32 57.46
CA THR E 531 17.90 -23.77 56.48
C THR E 531 16.55 -24.45 56.53
N LYS E 532 16.55 -25.77 56.74
CA LYS E 532 15.43 -26.63 56.34
C LYS E 532 14.11 -26.04 56.80
N ASN E 533 14.10 -25.54 58.03
CA ASN E 533 12.93 -24.89 58.58
C ASN E 533 13.14 -23.38 58.67
N SER E 534 13.85 -22.94 59.71
CA SER E 534 14.30 -21.56 59.81
C SER E 534 13.19 -20.53 59.65
N ASP E 535 12.05 -20.77 60.28
CA ASP E 535 10.96 -19.79 60.13
C ASP E 535 11.36 -18.43 60.72
N ARG E 536 12.02 -18.45 61.87
CA ARG E 536 12.41 -17.20 62.55
C ARG E 536 13.38 -16.40 61.69
N THR E 537 14.34 -17.08 61.08
CA THR E 537 15.24 -16.44 60.13
C THR E 537 15.08 -17.03 58.73
N PRO E 538 14.65 -16.20 57.77
CA PRO E 538 14.28 -16.63 56.42
C PRO E 538 15.51 -16.92 55.59
N LEU E 539 16.54 -16.11 55.73
CA LEU E 539 17.65 -16.12 54.80
C LEU E 539 18.89 -16.56 55.52
N VAL E 540 19.61 -17.46 54.88
CA VAL E 540 20.82 -17.97 55.50
C VAL E 540 21.97 -17.43 54.70
N SER E 541 22.92 -16.82 55.40
CA SER E 541 24.15 -16.38 54.78
C SER E 541 25.38 -17.07 55.37
N VAL E 542 26.15 -17.70 54.49
CA VAL E 542 27.38 -18.38 54.88
C VAL E 542 28.56 -18.08 54.01
N LEU E 543 29.75 -18.08 54.60
CA LEU E 543 30.92 -17.82 53.81
C LEU E 543 32.05 -18.82 54.19
N LEU E 544 32.97 -19.04 53.25
CA LEU E 544 34.18 -19.83 53.49
C LEU E 544 35.40 -18.99 53.23
N GLU E 545 36.26 -18.94 54.23
CA GLU E 545 37.48 -18.17 54.14
C GLU E 545 38.70 -19.07 54.16
N GLY E 546 39.54 -18.99 53.15
CA GLY E 546 40.67 -19.88 53.05
C GLY E 546 41.86 -19.18 52.41
N PRO E 547 43.06 -19.74 52.62
CA PRO E 547 44.28 -19.25 51.96
C PRO E 547 44.10 -19.44 50.46
N PRO E 548 44.73 -18.61 49.62
CA PRO E 548 44.51 -18.83 48.19
C PRO E 548 44.93 -20.24 47.82
N HIS E 549 44.17 -20.84 46.89
CA HIS E 549 44.26 -22.23 46.47
C HIS E 549 43.64 -23.12 47.53
N SER E 550 42.85 -22.53 48.44
CA SER E 550 42.23 -23.37 49.46
C SER E 550 41.37 -24.38 48.74
N GLY E 551 40.74 -24.00 47.63
CA GLY E 551 39.81 -24.98 47.10
C GLY E 551 38.47 -25.03 47.80
N LYS E 552 38.21 -24.00 48.57
CA LYS E 552 37.07 -23.76 49.43
C LYS E 552 35.84 -23.76 48.52
N THR E 553 35.96 -23.20 47.32
CA THR E 553 34.84 -23.13 46.41
C THR E 553 34.30 -24.43 45.86
N ALA E 554 35.17 -25.39 45.62
CA ALA E 554 34.72 -26.72 45.23
C ALA E 554 33.90 -27.26 46.38
N LEU E 555 34.39 -27.00 47.60
CA LEU E 555 33.70 -27.43 48.81
C LEU E 555 32.30 -26.81 48.90
N ALA E 556 32.20 -25.52 48.58
CA ALA E 556 30.93 -24.83 48.60
C ALA E 556 29.95 -25.43 47.59
N ALA E 557 30.49 -25.75 46.42
CA ALA E 557 29.71 -26.40 45.38
C ALA E 557 29.22 -27.77 45.84
N LYS E 558 30.09 -28.49 46.54
CA LYS E 558 29.75 -29.81 47.08
C LYS E 558 28.60 -29.68 48.08
N ILE E 559 28.66 -28.65 48.93
CA ILE E 559 27.59 -28.40 49.90
C ILE E 559 26.30 -28.17 49.15
N ALA E 560 26.38 -27.44 48.05
CA ALA E 560 25.20 -27.18 47.22
C ALA E 560 24.62 -28.46 46.62
N GLU E 561 25.49 -29.35 46.15
CA GLU E 561 25.05 -30.64 45.62
C GLU E 561 24.41 -31.48 46.69
N GLU E 562 25.00 -31.42 47.87
CA GLU E 562 24.52 -32.15 48.99
C GLU E 562 23.13 -31.74 49.42
N SER E 563 22.95 -30.43 49.42
CA SER E 563 21.69 -29.84 49.81
C SER E 563 20.56 -30.25 48.88
N ASN E 564 20.82 -30.26 47.57
CA ASN E 564 19.81 -30.62 46.57
C ASN E 564 18.57 -29.79 46.75
N PHE E 565 18.75 -28.50 46.99
CA PHE E 565 17.54 -27.74 47.19
C PHE E 565 16.91 -27.64 45.80
N PRO E 566 15.63 -27.26 45.72
CA PRO E 566 14.94 -27.38 44.43
C PRO E 566 15.56 -26.42 43.39
N PHE E 567 15.94 -25.19 43.75
CA PHE E 567 16.63 -24.35 42.75
C PHE E 567 18.03 -23.98 43.25
N ILE E 568 19.02 -24.39 42.46
CA ILE E 568 20.40 -24.01 42.65
C ILE E 568 21.05 -23.45 41.39
N LYS E 569 21.55 -22.22 41.48
CA LYS E 569 22.28 -21.66 40.34
C LYS E 569 23.64 -21.20 40.76
N ILE E 570 24.64 -21.72 40.08
CA ILE E 570 26.00 -21.34 40.34
C ILE E 570 26.28 -19.93 39.85
N CYS E 571 27.13 -19.19 40.57
CA CYS E 571 27.56 -17.87 40.14
C CYS E 571 29.06 -17.91 39.86
N SER E 572 29.45 -17.34 38.73
CA SER E 572 30.81 -17.45 38.26
C SER E 572 31.40 -16.07 38.09
N PRO E 573 32.65 -15.89 38.56
CA PRO E 573 33.40 -14.66 38.34
C PRO E 573 33.56 -14.53 36.84
N ASP E 574 33.75 -15.69 36.21
CA ASP E 574 34.21 -15.79 34.84
C ASP E 574 33.20 -15.14 33.89
N LYS E 575 31.91 -15.31 34.16
CA LYS E 575 30.85 -14.70 33.35
C LYS E 575 30.86 -13.18 33.37
N MET E 576 31.09 -12.63 34.55
CA MET E 576 31.19 -11.18 34.80
C MET E 576 32.30 -10.46 34.04
N ILE E 577 33.32 -11.19 33.63
CA ILE E 577 34.51 -10.58 33.04
C ILE E 577 34.24 -9.70 31.82
N GLY E 578 34.83 -8.52 31.85
CA GLY E 578 34.79 -7.60 30.74
C GLY E 578 33.46 -6.87 30.74
N PHE E 579 32.65 -7.12 31.76
CA PHE E 579 31.38 -6.44 31.86
C PHE E 579 31.50 -5.06 32.43
N SER E 580 30.56 -4.21 32.04
CA SER E 580 30.46 -2.87 32.60
C SER E 580 30.05 -3.07 34.05
N GLU E 581 30.44 -2.16 34.93
CA GLU E 581 30.19 -2.33 36.36
C GLU E 581 28.68 -2.46 36.57
N THR E 582 27.93 -1.65 35.82
CA THR E 582 26.47 -1.77 35.82
C THR E 582 25.99 -3.11 35.28
N ALA E 583 26.63 -3.62 34.23
CA ALA E 583 26.26 -4.91 33.65
C ALA E 583 26.47 -6.00 34.67
N LYS E 584 27.61 -5.89 35.36
CA LYS E 584 27.94 -6.81 36.42
C LYS E 584 26.87 -6.81 37.48
N CYS E 585 26.40 -5.61 37.83
CA CYS E 585 25.33 -5.57 38.82
C CYS E 585 24.10 -6.28 38.27
N GLN E 586 23.80 -6.01 37.01
CA GLN E 586 22.56 -6.49 36.42
C GLN E 586 22.40 -7.98 36.33
N ALA E 587 23.44 -8.66 35.85
CA ALA E 587 23.36 -10.10 35.74
C ALA E 587 23.14 -10.73 37.10
N MET E 588 23.86 -10.15 38.05
CA MET E 588 23.88 -10.61 39.42
C MET E 588 22.42 -10.47 39.93
N LYS E 589 21.77 -9.34 39.57
CA LYS E 589 20.39 -9.06 39.98
C LYS E 589 19.42 -10.10 39.48
N LYS E 590 19.63 -10.45 38.22
CA LYS E 590 18.81 -11.42 37.54
C LYS E 590 18.92 -12.76 38.27
N ILE E 591 20.12 -13.15 38.69
CA ILE E 591 20.27 -14.42 39.43
C ILE E 591 19.46 -14.32 40.72
N PHE E 592 19.49 -13.15 41.33
CA PHE E 592 18.82 -12.94 42.61
C PHE E 592 17.34 -13.14 42.58
N ASP E 593 16.74 -12.58 41.54
CA ASP E 593 15.33 -12.83 41.38
C ASP E 593 15.11 -14.30 41.06
N ASP E 594 16.02 -14.92 40.31
CA ASP E 594 15.81 -16.32 39.97
C ASP E 594 15.76 -17.18 41.23
N ALA E 595 16.59 -16.81 42.21
CA ALA E 595 16.60 -17.47 43.49
C ALA E 595 15.23 -17.40 44.15
N TYR E 596 14.49 -16.35 43.83
CA TYR E 596 13.19 -16.14 44.46
C TYR E 596 12.17 -17.23 44.20
N LYS E 597 12.21 -17.81 43.01
CA LYS E 597 11.16 -18.76 42.62
C LYS E 597 11.05 -20.02 43.47
N SER E 598 12.17 -20.63 43.85
CA SER E 598 12.11 -21.83 44.70
C SER E 598 11.69 -21.61 46.15
N GLN E 599 10.89 -22.52 46.69
CA GLN E 599 10.51 -22.41 48.10
C GLN E 599 11.65 -22.54 49.10
N LEU E 600 12.51 -23.49 48.82
CA LEU E 600 13.71 -23.75 49.61
C LEU E 600 14.85 -23.66 48.61
N SER E 601 15.92 -22.92 48.85
CA SER E 601 16.80 -22.58 47.72
C SER E 601 18.22 -22.18 48.13
N CYS E 602 19.19 -22.56 47.29
CA CYS E 602 20.58 -22.19 47.52
C CYS E 602 21.27 -21.52 46.33
N VAL E 603 22.01 -20.46 46.65
CA VAL E 603 22.79 -19.69 45.67
C VAL E 603 24.23 -19.52 46.16
N VAL E 604 25.12 -19.48 45.18
CA VAL E 604 26.55 -19.41 45.41
C VAL E 604 27.08 -18.08 44.88
N VAL E 605 27.85 -17.40 45.72
CA VAL E 605 28.65 -16.24 45.37
C VAL E 605 30.09 -16.69 45.54
N ASP E 606 30.83 -16.55 44.46
CA ASP E 606 32.20 -16.98 44.52
C ASP E 606 33.32 -16.02 44.18
N ASP E 607 34.45 -16.19 44.86
CA ASP E 607 35.56 -15.26 44.72
C ASP E 607 35.02 -13.84 44.85
N ILE E 608 34.31 -13.56 45.94
CA ILE E 608 33.72 -12.24 46.11
C ILE E 608 34.78 -11.12 46.00
N GLU E 609 36.00 -11.31 46.52
CA GLU E 609 37.03 -10.28 46.32
C GLU E 609 37.27 -10.10 44.83
N ARG E 610 37.34 -11.23 44.14
CA ARG E 610 37.40 -11.19 42.70
C ARG E 610 36.11 -10.65 42.11
N LEU E 611 34.97 -11.02 42.70
CA LEU E 611 33.70 -10.63 42.13
C LEU E 611 33.58 -9.10 42.15
N LEU E 612 33.97 -8.54 43.28
CA LEU E 612 33.88 -7.10 43.52
C LEU E 612 34.78 -6.26 42.63
N ASP E 613 35.80 -6.92 42.08
CA ASP E 613 36.89 -6.29 41.33
C ASP E 613 37.83 -5.61 42.30
N TYR E 614 37.74 -6.00 43.57
CA TYR E 614 38.61 -5.41 44.59
C TYR E 614 40.06 -5.66 44.25
N VAL E 615 40.87 -4.63 44.40
CA VAL E 615 42.26 -4.75 44.01
C VAL E 615 43.13 -4.29 45.19
N PRO E 616 44.29 -4.94 45.41
CA PRO E 616 45.04 -4.55 46.61
C PRO E 616 45.52 -3.11 46.62
N ILE E 617 46.01 -2.62 45.49
CA ILE E 617 46.44 -1.24 45.44
C ILE E 617 45.21 -0.35 45.49
N GLY E 618 45.24 0.65 46.35
CA GLY E 618 44.15 1.61 46.43
C GLY E 618 43.73 1.68 47.89
N PRO E 619 42.96 0.67 48.33
CA PRO E 619 42.43 -0.34 47.40
C PRO E 619 41.28 0.16 46.51
N ARG E 620 41.17 -0.42 45.33
CA ARG E 620 40.13 -0.02 44.40
C ARG E 620 39.07 -1.10 44.24
N PHE E 621 37.81 -0.68 44.34
CA PHE E 621 36.70 -1.61 44.31
C PHE E 621 35.43 -0.94 43.80
N SER E 622 34.45 -1.77 43.49
CA SER E 622 33.24 -1.34 42.80
C SER E 622 32.12 -1.11 43.80
N ASN E 623 31.72 0.15 43.97
CA ASN E 623 30.66 0.49 44.92
C ASN E 623 29.30 -0.11 44.58
N LEU E 624 28.93 -0.05 43.32
CA LEU E 624 27.62 -0.55 42.89
C LEU E 624 27.49 -2.06 43.10
N VAL E 625 28.55 -2.76 42.71
CA VAL E 625 28.62 -4.21 42.86
C VAL E 625 28.49 -4.53 44.33
N LEU E 626 29.19 -3.73 45.13
CA LEU E 626 29.24 -3.97 46.55
C LEU E 626 27.84 -3.83 47.12
N GLN E 627 27.08 -2.84 46.65
CA GLN E 627 25.71 -2.63 47.09
C GLN E 627 24.73 -3.71 46.78
N ALA E 628 24.83 -4.22 45.57
CA ALA E 628 23.94 -5.30 45.21
C ALA E 628 24.26 -6.40 46.21
N LEU E 629 25.55 -6.63 46.41
CA LEU E 629 25.98 -7.66 47.35
C LEU E 629 25.52 -7.43 48.79
N LEU E 630 25.64 -6.19 49.26
CA LEU E 630 25.31 -5.82 50.63
C LEU E 630 23.85 -5.90 50.98
N VAL E 631 23.04 -5.38 50.08
CA VAL E 631 21.61 -5.38 50.30
C VAL E 631 21.10 -6.79 50.26
N LEU E 632 21.62 -7.60 49.35
CA LEU E 632 21.06 -8.94 49.18
C LEU E 632 21.01 -9.82 50.40
N LEU E 633 22.09 -9.79 51.14
CA LEU E 633 22.19 -10.56 52.35
C LEU E 633 21.12 -10.06 53.28
N LYS E 634 21.01 -8.73 53.37
CA LYS E 634 19.94 -8.08 54.11
C LYS E 634 18.56 -8.32 53.45
N LYS E 635 18.54 -8.34 52.11
CA LYS E 635 17.30 -8.41 51.31
C LYS E 635 16.48 -9.67 51.56
N ALA E 636 15.15 -9.57 51.59
CA ALA E 636 14.31 -10.73 51.93
C ALA E 636 13.52 -11.34 50.76
N PRO E 637 13.67 -12.65 50.54
CA PRO E 637 12.92 -13.44 49.56
C PRO E 637 11.42 -13.37 49.87
N PRO E 638 10.55 -13.56 48.86
CA PRO E 638 9.12 -13.53 49.13
C PRO E 638 8.71 -14.58 50.15
N GLN E 639 7.69 -14.27 50.94
CA GLN E 639 7.31 -15.12 52.09
C GLN E 639 7.00 -16.54 51.68
N GLY E 640 7.41 -17.49 52.52
CA GLY E 640 7.29 -18.85 52.08
C GLY E 640 8.67 -19.29 51.66
N ARG E 641 8.96 -18.93 50.41
CA ARG E 641 10.18 -19.26 49.74
C ARG E 641 11.41 -18.66 50.44
N LYS E 642 12.47 -19.47 50.56
CA LYS E 642 13.74 -19.13 51.27
C LYS E 642 15.05 -19.43 50.53
N LEU E 643 16.15 -18.83 50.99
CA LEU E 643 17.46 -18.95 50.34
C LEU E 643 18.70 -18.95 51.25
N LEU E 644 19.75 -19.69 50.84
CA LEU E 644 21.02 -19.71 51.56
C LEU E 644 22.16 -19.26 50.59
N ILE E 645 22.97 -18.30 51.00
CA ILE E 645 24.02 -17.74 50.16
C ILE E 645 25.41 -18.21 50.58
N ILE E 646 26.20 -18.80 49.71
CA ILE E 646 27.54 -19.21 50.14
C ILE E 646 28.54 -18.36 49.41
N GLY E 647 29.42 -17.68 50.13
CA GLY E 647 30.37 -16.84 49.44
C GLY E 647 31.72 -17.42 49.77
N THR E 648 32.60 -17.53 48.79
CA THR E 648 33.98 -17.96 49.03
C THR E 648 34.90 -16.76 48.98
N THR E 649 35.63 -16.48 50.05
CA THR E 649 36.48 -15.31 49.95
C THR E 649 37.93 -15.67 50.27
N SER E 650 38.84 -15.24 49.41
CA SER E 650 40.25 -15.49 49.64
C SER E 650 40.80 -14.76 50.86
N ARG E 651 40.43 -13.50 50.99
CA ARG E 651 40.92 -12.65 52.06
C ARG E 651 39.83 -12.27 53.07
N LYS E 652 39.93 -12.74 54.31
CA LYS E 652 38.96 -12.35 55.33
C LYS E 652 38.90 -10.88 55.79
N ASP E 653 40.05 -10.27 56.05
CA ASP E 653 40.07 -8.97 56.73
C ASP E 653 39.44 -7.83 55.89
N VAL E 654 39.72 -7.76 54.59
CA VAL E 654 39.16 -6.68 53.76
C VAL E 654 37.63 -6.78 53.73
N LEU E 655 37.13 -8.00 53.57
CA LEU E 655 35.70 -8.22 53.57
C LEU E 655 35.13 -7.82 54.92
N GLN E 656 35.80 -8.19 56.00
CA GLN E 656 35.30 -7.78 57.31
C GLN E 656 35.24 -6.26 57.37
N GLU E 657 36.28 -5.67 56.80
CA GLU E 657 36.53 -4.25 56.78
C GLU E 657 35.40 -3.50 56.07
N MET E 658 34.84 -4.07 55.00
CA MET E 658 33.77 -3.36 54.29
C MET E 658 32.37 -3.63 54.81
N GLU E 659 32.29 -4.26 55.98
CA GLU E 659 31.04 -4.63 56.69
C GLU E 659 30.41 -5.87 56.08
N MET E 660 31.10 -6.48 55.13
CA MET E 660 30.61 -7.70 54.49
C MET E 660 30.53 -8.88 55.47
N LEU E 661 31.53 -9.01 56.34
CA LEU E 661 31.58 -10.11 57.31
C LEU E 661 30.39 -10.04 58.26
N ASN E 662 30.00 -8.82 58.60
CA ASN E 662 28.92 -8.58 59.54
C ASN E 662 27.64 -9.19 59.00
N ALA E 663 27.46 -9.11 57.69
CA ALA E 663 26.26 -9.60 57.06
C ALA E 663 26.10 -11.10 57.28
N PHE E 664 27.19 -11.86 57.18
CA PHE E 664 27.03 -13.31 57.11
C PHE E 664 26.58 -13.92 58.44
N SER E 665 25.65 -14.85 58.35
CA SER E 665 25.16 -15.57 59.52
C SER E 665 26.26 -16.43 60.10
N THR E 666 26.98 -17.08 59.19
CA THR E 666 28.06 -17.97 59.61
C THR E 666 29.30 -17.80 58.74
N THR E 667 30.44 -17.96 59.39
CA THR E 667 31.74 -17.88 58.74
C THR E 667 32.49 -19.16 59.04
N ILE E 668 33.13 -19.70 58.00
CA ILE E 668 33.77 -21.00 58.07
C ILE E 668 35.19 -20.84 57.57
N HIS E 669 36.13 -21.59 58.13
CA HIS E 669 37.51 -21.53 57.68
C HIS E 669 37.98 -22.90 57.22
N VAL E 670 38.75 -22.91 56.15
CA VAL E 670 39.26 -24.14 55.55
C VAL E 670 40.74 -24.05 55.33
N PRO E 671 41.51 -24.10 56.43
CA PRO E 671 42.95 -23.96 56.26
C PRO E 671 43.59 -25.14 55.56
N ASN E 672 44.65 -24.80 54.86
CA ASN E 672 45.55 -25.72 54.20
C ASN E 672 46.23 -26.58 55.22
N ILE E 673 46.51 -27.83 54.88
CA ILE E 673 47.08 -28.74 55.85
C ILE E 673 48.42 -28.30 56.44
N ALA E 674 48.60 -28.33 57.76
CA ALA E 674 49.92 -27.98 58.33
C ALA E 674 50.75 -29.22 58.66
N THR E 675 50.18 -30.39 58.39
CA THR E 675 50.75 -31.71 58.72
C THR E 675 51.27 -32.55 57.53
N GLY E 676 52.50 -33.05 57.61
CA GLY E 676 53.03 -33.86 56.52
C GLY E 676 52.27 -35.16 56.25
N GLU E 677 51.83 -35.84 57.30
CA GLU E 677 51.10 -37.10 57.14
C GLU E 677 49.76 -36.95 56.42
N GLN E 678 49.03 -35.89 56.73
CA GLN E 678 47.79 -35.53 56.03
C GLN E 678 48.06 -35.30 54.54
N LEU E 679 49.19 -34.66 54.26
CA LEU E 679 49.65 -34.37 52.90
C LEU E 679 49.80 -35.70 52.20
N LEU E 680 50.36 -36.64 52.95
CA LEU E 680 50.59 -38.00 52.47
C LEU E 680 49.31 -38.71 52.13
N GLU E 681 48.33 -38.52 53.01
CA GLU E 681 47.01 -39.13 52.86
C GLU E 681 46.40 -38.61 51.58
N ALA E 682 46.53 -37.30 51.36
CA ALA E 682 46.00 -36.67 50.15
C ALA E 682 46.68 -37.29 48.93
N LEU E 683 47.99 -37.48 49.04
CA LEU E 683 48.76 -38.07 47.95
C LEU E 683 48.26 -39.46 47.61
N GLU E 684 47.97 -40.23 48.65
CA GLU E 684 47.47 -41.58 48.50
C GLU E 684 46.11 -41.58 47.81
N LEU E 685 45.25 -40.65 48.21
CA LEU E 685 43.92 -40.51 47.62
C LEU E 685 43.97 -40.16 46.15
N LEU E 686 44.89 -39.25 45.82
CA LEU E 686 45.05 -38.79 44.44
C LEU E 686 45.68 -39.86 43.56
N GLY E 687 46.54 -40.67 44.16
CA GLY E 687 47.23 -41.73 43.44
C GLY E 687 47.99 -41.22 42.24
N ASN E 688 49.10 -40.54 42.53
CA ASN E 688 49.97 -39.97 41.53
C ASN E 688 51.31 -40.64 41.63
N PHE E 689 51.80 -40.73 42.86
CA PHE E 689 53.10 -41.33 43.11
C PHE E 689 53.00 -42.84 43.34
N LYS E 690 54.10 -43.54 43.05
CA LYS E 690 54.18 -44.98 43.25
C LYS E 690 54.21 -45.29 44.73
N ASP E 691 53.88 -46.54 45.07
CA ASP E 691 53.90 -46.95 46.47
C ASP E 691 55.25 -46.76 47.16
N LYS E 692 56.34 -46.76 46.40
CA LYS E 692 57.64 -46.35 46.96
C LYS E 692 57.70 -44.87 47.31
N GLU E 693 57.22 -44.06 46.38
CA GLU E 693 57.33 -42.62 46.53
C GLU E 693 56.55 -42.13 47.75
N ARG E 694 55.37 -42.70 48.00
CA ARG E 694 54.54 -42.28 49.12
C ARG E 694 55.31 -42.52 50.42
N THR E 695 56.00 -43.65 50.48
CA THR E 695 56.80 -44.00 51.64
C THR E 695 57.93 -43.00 51.78
N THR E 696 58.59 -42.68 50.67
CA THR E 696 59.68 -41.70 50.73
C THR E 696 59.22 -40.33 51.24
N ILE E 697 58.06 -39.88 50.74
CA ILE E 697 57.50 -38.59 51.13
C ILE E 697 57.25 -38.68 52.63
N ALA E 698 56.71 -39.82 53.08
CA ALA E 698 56.43 -40.01 54.49
C ALA E 698 57.67 -39.88 55.35
N GLN E 699 58.78 -40.44 54.88
CA GLN E 699 60.03 -40.29 55.62
C GLN E 699 60.48 -38.83 55.68
N GLN E 700 60.36 -38.11 54.57
CA GLN E 700 60.77 -36.70 54.55
C GLN E 700 59.92 -35.75 55.38
N VAL E 701 58.60 -35.95 55.40
CA VAL E 701 57.71 -34.98 56.02
C VAL E 701 57.91 -34.84 57.52
N LYS E 702 58.24 -35.93 58.21
CA LYS E 702 58.38 -35.88 59.66
C LYS E 702 59.47 -34.89 60.06
N GLY E 703 59.20 -34.09 61.08
CA GLY E 703 60.15 -33.05 61.47
C GLY E 703 60.05 -31.83 60.59
N LYS E 704 59.03 -31.82 59.73
CA LYS E 704 58.84 -30.71 58.81
C LYS E 704 57.38 -30.28 58.82
N LYS E 705 57.13 -29.00 58.55
CA LYS E 705 55.77 -28.47 58.56
C LYS E 705 55.40 -27.97 57.16
N VAL E 706 54.22 -28.36 56.69
CA VAL E 706 53.79 -28.02 55.33
C VAL E 706 52.63 -27.05 55.34
N TRP E 707 52.74 -25.95 54.61
CA TRP E 707 51.65 -25.01 54.53
C TRP E 707 51.36 -24.81 53.05
N ILE E 708 50.54 -25.71 52.51
CA ILE E 708 50.23 -25.64 51.09
C ILE E 708 48.78 -26.01 50.75
N GLY E 709 48.18 -25.25 49.83
CA GLY E 709 46.84 -25.54 49.41
C GLY E 709 46.68 -26.79 48.59
N ILE E 710 45.53 -27.43 48.77
CA ILE E 710 45.24 -28.63 48.03
C ILE E 710 45.23 -28.38 46.52
N LYS E 711 44.65 -27.26 46.09
CA LYS E 711 44.61 -26.88 44.69
C LYS E 711 46.05 -26.71 44.21
N LYS E 712 46.79 -26.03 45.07
CA LYS E 712 48.20 -25.73 44.88
C LYS E 712 48.96 -27.03 45.00
N LEU E 713 48.60 -27.86 45.97
CA LEU E 713 49.33 -29.12 46.17
C LEU E 713 49.27 -30.02 44.99
N LEU E 714 48.09 -30.18 44.45
CA LEU E 714 47.91 -31.02 43.29
C LEU E 714 48.64 -30.44 42.11
N MET E 715 48.56 -29.12 41.92
CA MET E 715 49.32 -28.55 40.82
C MET E 715 50.81 -28.84 40.97
N LEU E 716 51.29 -28.72 42.21
CA LEU E 716 52.69 -28.92 42.54
C LEU E 716 53.10 -30.36 42.22
N ILE E 717 52.21 -31.28 42.59
CA ILE E 717 52.42 -32.70 42.40
C ILE E 717 52.57 -33.01 40.96
N GLU E 718 51.65 -32.46 40.21
CA GLU E 718 51.60 -32.71 38.82
C GLU E 718 52.88 -32.19 38.22
N MET E 719 53.33 -31.04 38.69
CA MET E 719 54.55 -30.45 38.14
C MET E 719 55.74 -31.34 38.40
N SER E 720 55.81 -31.89 39.61
CA SER E 720 56.93 -32.75 39.95
C SER E 720 56.93 -34.04 39.13
N LEU E 721 55.74 -34.57 38.87
CA LEU E 721 55.61 -35.87 38.21
C LEU E 721 56.20 -36.01 36.79
N GLN E 722 56.13 -34.97 35.98
CA GLN E 722 56.61 -35.05 34.60
C GLN E 722 58.09 -35.36 34.48
N MET E 723 58.85 -34.84 35.43
CA MET E 723 60.28 -35.08 35.48
C MET E 723 60.53 -36.55 35.87
N ASP E 724 61.74 -37.05 35.61
CA ASP E 724 62.04 -38.49 35.63
C ASP E 724 62.05 -39.12 37.03
N PRO E 725 61.98 -40.47 37.11
CA PRO E 725 61.61 -41.09 38.40
C PRO E 725 62.57 -40.85 39.56
N GLU E 726 63.88 -40.87 39.32
CA GLU E 726 64.83 -40.55 40.37
C GLU E 726 64.60 -39.11 40.78
N TYR E 727 64.38 -38.28 39.78
CA TYR E 727 64.15 -36.85 39.94
C TYR E 727 62.87 -36.47 40.68
N ARG E 728 61.77 -37.20 40.49
CA ARG E 728 60.46 -36.77 41.01
C ARG E 728 60.42 -36.56 42.52
N VAL E 729 61.01 -37.50 43.26
CA VAL E 729 61.08 -37.41 44.72
C VAL E 729 61.84 -36.17 45.19
N ARG E 730 62.95 -35.86 44.53
CA ARG E 730 63.89 -34.85 45.02
C ARG E 730 63.27 -33.53 44.64
N LYS E 731 62.77 -33.46 43.42
CA LYS E 731 62.26 -32.25 42.83
C LYS E 731 61.05 -31.88 43.66
N PHE E 732 60.16 -32.83 43.92
CA PHE E 732 58.95 -32.52 44.67
C PHE E 732 59.37 -31.99 46.03
N LEU E 733 60.33 -32.66 46.70
CA LEU E 733 60.73 -32.16 48.02
C LEU E 733 61.24 -30.72 47.96
N ALA E 734 62.05 -30.44 46.95
CA ALA E 734 62.66 -29.12 46.78
C ALA E 734 61.62 -28.05 46.51
N LEU E 735 60.65 -28.42 45.67
CA LEU E 735 59.54 -27.57 45.27
C LEU E 735 58.72 -27.24 46.51
N LEU E 736 58.50 -28.25 47.35
CA LEU E 736 57.74 -28.08 48.59
C LEU E 736 58.49 -27.09 49.44
N ARG E 737 59.81 -27.27 49.50
CA ARG E 737 60.66 -26.42 50.32
C ARG E 737 60.57 -24.96 49.90
N GLU E 738 60.61 -24.75 48.60
CA GLU E 738 60.53 -23.40 48.04
C GLU E 738 59.15 -22.79 48.30
N GLU E 739 58.11 -23.59 48.11
CA GLU E 739 56.73 -23.15 48.30
C GLU E 739 56.46 -22.78 49.76
N GLY E 740 56.96 -23.60 50.67
CA GLY E 740 56.79 -23.44 52.11
C GLY E 740 56.69 -22.02 52.63
N MET F 4 -79.28 27.85 32.67
CA MET F 4 -78.38 27.46 33.80
C MET F 4 -78.58 25.99 34.17
N ALA F 5 -79.82 25.54 34.13
CA ALA F 5 -80.14 24.16 34.47
C ALA F 5 -79.52 23.19 33.46
N GLY F 6 -79.27 23.68 32.25
CA GLY F 6 -78.68 22.84 31.23
C GLY F 6 -79.70 22.39 30.20
N ARG F 7 -79.22 21.94 29.04
CA ARG F 7 -80.11 21.48 27.97
C ARG F 7 -79.49 20.34 27.18
N SER F 8 -80.33 19.43 26.71
CA SER F 8 -79.86 18.28 25.93
C SER F 8 -79.31 18.72 24.57
N MET F 9 -78.24 18.07 24.14
CA MET F 9 -77.61 18.38 22.87
C MET F 9 -77.13 17.11 22.17
N GLN F 10 -76.47 17.28 21.03
CA GLN F 10 -75.95 16.15 20.27
C GLN F 10 -74.53 16.44 19.76
N ALA F 11 -73.64 15.47 19.93
CA ALA F 11 -72.26 15.62 19.48
C ALA F 11 -72.13 15.50 17.98
N ALA F 12 -71.31 16.37 17.39
CA ALA F 12 -71.09 16.36 15.95
C ALA F 12 -69.62 16.67 15.64
N ARG F 13 -69.29 16.74 14.36
CA ARG F 13 -67.93 17.02 13.92
C ARG F 13 -67.73 18.51 13.66
N CYS F 14 -66.50 18.99 13.87
CA CYS F 14 -66.17 20.39 13.66
C CYS F 14 -66.40 20.81 12.20
N PRO F 15 -67.08 21.95 12.00
CA PRO F 15 -67.37 22.48 10.66
C PRO F 15 -66.12 22.63 9.80
N THR F 16 -65.37 23.70 10.05
CA THR F 16 -64.15 23.97 9.29
C THR F 16 -62.93 23.39 9.99
N ASP F 17 -61.77 23.54 9.36
CA ASP F 17 -60.52 23.04 9.93
C ASP F 17 -59.87 24.08 10.83
N GLU F 18 -60.12 25.35 10.53
CA GLU F 18 -59.56 26.45 11.31
C GLU F 18 -60.11 26.44 12.73
N LEU F 19 -61.40 26.15 12.87
CA LEU F 19 -62.03 26.11 14.18
C LEU F 19 -61.55 24.90 14.98
N SER F 20 -61.23 23.83 14.27
CA SER F 20 -60.74 22.61 14.91
C SER F 20 -59.33 22.81 15.42
N LEU F 21 -58.76 23.99 15.12
CA LEU F 21 -57.40 24.31 15.55
C LEU F 21 -57.43 25.41 16.61
N SER F 22 -58.61 25.69 17.16
CA SER F 22 -58.75 26.71 18.18
C SER F 22 -59.24 26.10 19.50
N ASN F 23 -59.49 24.79 19.48
CA ASN F 23 -59.96 24.09 20.66
C ASN F 23 -61.22 24.77 21.21
N CYS F 24 -62.17 25.04 20.31
CA CYS F 24 -63.41 25.69 20.71
C CYS F 24 -64.62 24.91 20.20
N ALA F 25 -65.57 24.66 21.10
CA ALA F 25 -66.78 23.93 20.76
C ALA F 25 -67.67 24.77 19.86
N VAL F 26 -67.61 24.52 18.55
CA VAL F 26 -68.39 25.26 17.58
C VAL F 26 -69.89 25.01 17.78
N VAL F 27 -70.68 26.07 17.76
CA VAL F 27 -72.13 25.96 17.94
C VAL F 27 -72.86 26.90 16.99
N SER F 28 -74.19 26.89 17.06
CA SER F 28 -75.02 27.73 16.22
C SER F 28 -75.25 29.10 16.86
N GLU F 29 -75.61 30.08 16.06
CA GLU F 29 -75.87 31.43 16.55
C GLU F 29 -77.29 31.56 17.10
N LYS F 30 -78.07 30.50 16.93
CA LYS F 30 -79.45 30.48 17.41
C LYS F 30 -79.53 29.87 18.80
N ASP F 31 -78.40 29.40 19.31
CA ASP F 31 -78.35 28.79 20.63
C ASP F 31 -77.49 29.62 21.59
N TYR F 32 -76.19 29.64 21.35
CA TYR F 32 -75.27 30.39 22.20
C TYR F 32 -74.63 31.54 21.43
N GLN F 33 -73.59 32.13 22.02
CA GLN F 33 -72.88 33.24 21.40
C GLN F 33 -71.38 33.08 21.60
N SER F 34 -70.61 33.53 20.61
CA SER F 34 -69.15 33.44 20.68
C SER F 34 -68.60 34.20 21.87
N GLY F 35 -67.95 33.48 22.78
CA GLY F 35 -67.39 34.10 23.97
C GLY F 35 -67.88 33.45 25.25
N GLN F 36 -69.09 32.89 25.21
CA GLN F 36 -69.66 32.23 26.37
C GLN F 36 -68.96 30.91 26.68
N HIS F 37 -69.08 30.46 27.93
CA HIS F 37 -68.47 29.21 28.36
C HIS F 37 -69.54 28.21 28.77
N VAL F 38 -69.24 26.93 28.64
CA VAL F 38 -70.18 25.87 29.00
C VAL F 38 -69.46 24.67 29.62
N ILE F 39 -70.23 23.78 30.23
CA ILE F 39 -69.69 22.59 30.86
C ILE F 39 -70.40 21.34 30.33
N VAL F 40 -69.65 20.50 29.62
CA VAL F 40 -70.21 19.27 29.06
C VAL F 40 -70.30 18.18 30.12
N ARG F 41 -71.43 17.49 30.15
CA ARG F 41 -71.65 16.42 31.12
C ARG F 41 -71.90 15.09 30.42
N THR F 42 -71.20 14.05 30.86
CA THR F 42 -71.34 12.72 30.29
C THR F 42 -71.53 11.69 31.39
N SER F 43 -71.16 12.07 32.61
CA SER F 43 -71.28 11.18 33.77
C SER F 43 -71.11 11.97 35.06
N PRO F 44 -71.75 11.51 36.15
CA PRO F 44 -71.66 12.17 37.46
C PRO F 44 -70.23 12.42 37.93
N ASN F 45 -69.27 11.77 37.28
CA ASN F 45 -67.87 11.92 37.64
C ASN F 45 -67.03 12.28 36.41
N HIS F 46 -67.65 12.95 35.46
CA HIS F 46 -66.97 13.36 34.24
C HIS F 46 -67.49 14.71 33.75
N LYS F 47 -66.86 15.78 34.22
CA LYS F 47 -67.22 17.13 33.85
C LYS F 47 -66.09 17.82 33.10
N TYR F 48 -66.39 18.36 31.92
CA TYR F 48 -65.41 19.04 31.11
C TYR F 48 -65.91 20.45 30.74
N ILE F 49 -64.97 21.37 30.58
CA ILE F 49 -65.31 22.75 30.22
C ILE F 49 -64.65 23.16 28.91
N PHE F 50 -65.45 23.71 28.00
CA PHE F 50 -64.95 24.15 26.71
C PHE F 50 -65.37 25.59 26.42
N THR F 51 -64.88 26.14 25.32
CA THR F 51 -65.20 27.50 24.91
C THR F 51 -66.07 27.40 23.67
N LEU F 52 -66.96 28.37 23.47
CA LEU F 52 -67.86 28.35 22.32
C LEU F 52 -67.49 29.34 21.23
N ARG F 53 -67.76 28.94 19.99
CA ARG F 53 -67.48 29.77 18.82
C ARG F 53 -68.53 29.46 17.75
N THR F 54 -69.54 30.31 17.66
CA THR F 54 -70.61 30.15 16.69
C THR F 54 -70.13 30.11 15.24
N HIS F 55 -70.93 29.51 14.37
CA HIS F 55 -70.61 29.41 12.96
C HIS F 55 -71.89 29.14 12.16
N PRO F 56 -72.06 29.82 11.01
CA PRO F 56 -73.24 29.65 10.16
C PRO F 56 -73.32 28.30 9.45
N SER F 57 -72.88 27.23 10.11
CA SER F 57 -72.91 25.90 9.53
C SER F 57 -73.22 24.84 10.57
N VAL F 58 -73.59 25.29 11.77
CA VAL F 58 -73.91 24.38 12.87
C VAL F 58 -75.42 24.12 12.93
N VAL F 59 -75.79 22.91 13.33
CA VAL F 59 -77.20 22.54 13.46
C VAL F 59 -77.73 22.89 14.84
N PRO F 60 -78.74 23.77 14.91
CA PRO F 60 -79.33 24.18 16.18
C PRO F 60 -79.71 23.00 17.07
N GLY F 61 -79.02 22.87 18.21
CA GLY F 61 -79.30 21.79 19.12
C GLY F 61 -78.24 20.71 19.10
N SER F 62 -77.02 21.09 18.73
CA SER F 62 -75.91 20.15 18.67
C SER F 62 -74.57 20.88 18.72
N VAL F 63 -73.64 20.34 19.50
CA VAL F 63 -72.32 20.95 19.63
C VAL F 63 -71.29 20.11 18.89
N ALA F 64 -70.49 20.76 18.05
CA ALA F 64 -69.47 20.07 17.28
C ALA F 64 -68.11 20.09 17.98
N PHE F 65 -67.46 18.93 18.02
CA PHE F 65 -66.15 18.81 18.66
C PHE F 65 -65.12 18.28 17.66
N SER F 66 -63.87 18.67 17.85
CA SER F 66 -62.79 18.23 16.97
C SER F 66 -62.27 16.88 17.43
N LEU F 67 -61.46 16.24 16.60
CA LEU F 67 -60.90 14.93 16.93
C LEU F 67 -60.16 14.97 18.27
N PRO F 68 -59.25 15.94 18.46
CA PRO F 68 -58.50 16.04 19.72
C PRO F 68 -59.40 16.11 20.94
N GLN F 69 -60.40 16.98 20.89
CA GLN F 69 -61.35 17.15 21.98
C GLN F 69 -62.03 15.82 22.32
N ARG F 70 -62.44 15.10 21.28
CA ARG F 70 -63.11 13.82 21.47
C ARG F 70 -62.13 12.78 22.03
N LYS F 71 -60.85 12.94 21.71
CA LYS F 71 -59.82 12.04 22.19
C LYS F 71 -59.46 12.36 23.63
N TRP F 72 -60.05 13.45 24.14
CA TRP F 72 -59.80 13.88 25.51
C TRP F 72 -61.04 13.69 26.38
N ALA F 73 -62.12 14.36 25.99
CA ALA F 73 -63.38 14.28 26.72
C ALA F 73 -64.03 12.92 26.52
N GLY F 74 -63.50 12.15 25.58
CA GLY F 74 -64.05 10.84 25.30
C GLY F 74 -65.48 10.91 24.80
N LEU F 75 -65.71 11.77 23.81
CA LEU F 75 -67.04 11.95 23.23
C LEU F 75 -67.14 11.22 21.90
N SER F 76 -68.36 10.87 21.51
CA SER F 76 -68.60 10.17 20.25
C SER F 76 -69.63 10.92 19.42
N ILE F 77 -69.58 10.72 18.10
CA ILE F 77 -70.50 11.38 17.20
C ILE F 77 -71.87 10.71 17.21
N GLY F 78 -72.80 11.29 17.97
CA GLY F 78 -74.14 10.72 18.05
C GLY F 78 -74.67 10.62 19.47
N GLN F 79 -73.76 10.50 20.43
CA GLN F 79 -74.14 10.37 21.83
C GLN F 79 -74.81 11.63 22.34
N GLU F 80 -75.65 11.47 23.37
CA GLU F 80 -76.36 12.59 23.97
C GLU F 80 -75.58 13.17 25.14
N ILE F 81 -75.51 14.50 25.19
CA ILE F 81 -74.78 15.17 26.27
C ILE F 81 -75.57 16.37 26.79
N GLU F 82 -75.35 16.70 28.06
CA GLU F 82 -76.02 17.82 28.69
C GLU F 82 -75.06 19.00 28.84
N VAL F 83 -75.43 20.14 28.25
CA VAL F 83 -74.60 21.33 28.31
C VAL F 83 -75.29 22.43 29.11
N ALA F 84 -74.53 23.13 29.94
CA ALA F 84 -75.06 24.21 30.77
C ALA F 84 -74.09 25.38 30.81
N LEU F 85 -74.64 26.60 30.82
CA LEU F 85 -73.82 27.81 30.86
C LEU F 85 -72.96 27.84 32.12
N TYR F 86 -71.68 28.14 31.93
CA TYR F 86 -70.75 28.21 33.05
C TYR F 86 -70.01 29.54 33.07
N SER F 87 -70.15 30.27 34.18
CA SER F 87 -69.51 31.57 34.33
C SER F 87 -68.31 31.47 35.26
N PHE F 88 -67.13 31.79 34.73
CA PHE F 88 -65.89 31.74 35.51
C PHE F 88 -65.80 32.90 36.49
N ASP F 89 -65.11 32.67 37.61
CA ASP F 89 -64.92 33.69 38.62
C ASP F 89 -63.54 34.32 38.39
N LYS F 90 -63.53 35.43 37.67
CA LYS F 90 -62.28 36.13 37.37
C LYS F 90 -61.59 36.68 38.61
N ALA F 91 -61.88 36.08 39.76
CA ALA F 91 -61.29 36.51 41.01
C ALA F 91 -60.20 35.53 41.45
N LYS F 92 -60.37 34.26 41.08
CA LYS F 92 -59.41 33.23 41.45
C LYS F 92 -59.29 32.13 40.39
N GLN F 93 -59.81 32.40 39.20
CA GLN F 93 -59.75 31.41 38.12
C GLN F 93 -59.02 31.93 36.89
N CYS F 94 -58.49 33.14 36.98
CA CYS F 94 -57.76 33.73 35.87
C CYS F 94 -56.34 33.17 35.82
N ILE F 95 -55.99 32.55 34.69
CA ILE F 95 -54.67 31.96 34.51
C ILE F 95 -53.58 33.02 34.35
N GLY F 96 -52.53 32.90 35.15
CA GLY F 96 -51.43 33.84 35.08
C GLY F 96 -50.16 33.17 34.62
N THR F 97 -50.12 31.85 34.78
CA THR F 97 -48.97 31.04 34.38
C THR F 97 -49.44 29.60 34.19
N MET F 98 -49.80 29.26 32.96
CA MET F 98 -50.28 27.92 32.64
C MET F 98 -49.18 27.01 32.10
N THR F 99 -49.29 25.71 32.42
CA THR F 99 -48.32 24.71 31.98
C THR F 99 -48.86 23.96 30.75
N ILE F 100 -48.10 24.01 29.66
CA ILE F 100 -48.50 23.34 28.43
C ILE F 100 -47.35 22.53 27.83
N GLU F 101 -47.60 21.24 27.64
CA GLU F 101 -46.62 20.34 27.06
C GLU F 101 -46.81 20.32 25.55
N ILE F 102 -45.90 20.92 24.81
CA ILE F 102 -45.99 20.98 23.36
C ILE F 102 -45.20 19.87 22.67
N ASP F 103 -45.77 19.33 21.60
CA ASP F 103 -45.15 18.25 20.83
C ASP F 103 -45.90 18.09 19.52
N PHE F 104 -45.16 17.91 18.43
CA PHE F 104 -45.75 17.74 17.11
C PHE F 104 -46.97 16.84 17.13
N LEU F 105 -48.13 17.39 16.78
CA LEU F 105 -49.38 16.64 16.75
C LEU F 105 -49.23 15.40 15.88
N GLN F 106 -48.66 15.59 14.70
CA GLN F 106 -48.45 14.49 13.77
C GLN F 106 -46.98 14.09 13.71
N LYS F 107 -46.68 12.90 14.20
CA LYS F 107 -45.31 12.39 14.21
C LYS F 107 -44.88 12.10 12.77
N LYS F 108 -45.72 12.51 11.83
CA LYS F 108 -45.44 12.30 10.41
C LYS F 108 -44.76 13.53 9.82
N ASN F 109 -44.82 14.65 10.55
CA ASN F 109 -44.21 15.89 10.10
C ASN F 109 -43.29 16.46 11.18
N ILE F 110 -42.29 15.69 11.58
CA ILE F 110 -41.35 16.12 12.61
C ILE F 110 -40.06 16.63 11.97
N ASP F 111 -39.64 17.82 12.36
CA ASP F 111 -38.42 18.42 11.83
C ASP F 111 -37.48 18.83 12.97
N SER F 112 -36.29 19.31 12.60
CA SER F 112 -35.31 19.73 13.58
C SER F 112 -35.11 21.25 13.57
N ASN F 113 -35.99 21.95 12.87
CA ASN F 113 -35.92 23.40 12.78
C ASN F 113 -36.25 24.04 14.13
N PRO F 114 -35.64 25.20 14.43
CA PRO F 114 -35.89 25.91 15.69
C PRO F 114 -37.17 26.73 15.67
N TYR F 115 -37.89 26.73 16.78
CA TYR F 115 -39.13 27.49 16.89
C TYR F 115 -39.08 28.50 18.03
N ASP F 116 -39.21 29.78 17.68
CA ASP F 116 -39.18 30.85 18.67
C ASP F 116 -40.44 30.84 19.52
N THR F 117 -40.29 30.54 20.80
CA THR F 117 -41.42 30.47 21.72
C THR F 117 -42.01 31.85 22.00
N ASP F 118 -41.17 32.88 21.98
CA ASP F 118 -41.63 34.24 22.23
C ASP F 118 -42.75 34.62 21.27
N LYS F 119 -42.66 34.11 20.05
CA LYS F 119 -43.68 34.39 19.04
C LYS F 119 -44.87 33.45 19.22
N MET F 120 -44.62 32.32 19.88
CA MET F 120 -45.67 31.33 20.13
C MET F 120 -46.61 31.83 21.22
N ALA F 121 -46.03 32.24 22.35
CA ALA F 121 -46.82 32.75 23.47
C ALA F 121 -47.53 34.03 23.08
N ALA F 122 -46.98 34.72 22.08
CA ALA F 122 -47.56 35.96 21.60
C ALA F 122 -48.73 35.68 20.66
N GLU F 123 -48.70 34.52 20.02
CA GLU F 123 -49.77 34.13 19.11
C GLU F 123 -50.79 33.25 19.81
N PHE F 124 -50.36 32.62 20.91
CA PHE F 124 -51.24 31.75 21.69
C PHE F 124 -52.29 32.58 22.43
N ILE F 125 -51.84 33.62 23.12
CA ILE F 125 -52.73 34.49 23.87
C ILE F 125 -53.46 35.44 22.92
N GLN F 126 -52.96 35.52 21.68
CA GLN F 126 -53.55 36.39 20.68
C GLN F 126 -54.69 35.70 19.93
N GLN F 127 -54.78 34.39 20.09
CA GLN F 127 -55.83 33.61 19.43
C GLN F 127 -56.63 32.79 20.42
N PHE F 128 -56.00 32.41 21.53
CA PHE F 128 -56.65 31.62 22.56
C PHE F 128 -57.00 32.46 23.78
N ASN F 129 -57.33 33.72 23.55
CA ASN F 129 -57.68 34.63 24.63
C ASN F 129 -59.15 34.46 25.01
N ASN F 130 -59.45 34.66 26.30
CA ASN F 130 -60.80 34.54 26.81
C ASN F 130 -61.36 33.13 26.57
N GLN F 131 -60.55 32.13 26.88
CA GLN F 131 -60.95 30.73 26.69
C GLN F 131 -60.65 29.89 27.93
N ALA F 132 -61.27 28.73 28.01
CA ALA F 132 -61.07 27.84 29.15
C ALA F 132 -60.11 26.69 28.85
N PHE F 133 -59.20 26.43 29.78
CA PHE F 133 -58.23 25.36 29.65
C PHE F 133 -58.20 24.53 30.92
N SER F 134 -58.10 23.21 30.78
CA SER F 134 -58.08 22.32 31.92
C SER F 134 -56.78 21.51 31.96
N VAL F 135 -56.44 21.00 33.15
CA VAL F 135 -55.23 20.21 33.32
C VAL F 135 -55.38 18.85 32.65
N GLY F 136 -54.43 18.52 31.78
CA GLY F 136 -54.48 17.24 31.08
C GLY F 136 -55.28 17.33 29.80
N GLN F 137 -55.71 18.54 29.45
CA GLN F 137 -56.49 18.76 28.24
C GLN F 137 -55.61 18.68 27.01
N GLN F 138 -56.14 18.06 25.95
CA GLN F 138 -55.41 17.91 24.70
C GLN F 138 -56.03 18.75 23.59
N LEU F 139 -55.23 19.62 22.99
CA LEU F 139 -55.68 20.48 21.91
C LEU F 139 -54.60 20.61 20.84
N VAL F 140 -54.91 21.33 19.77
CA VAL F 140 -53.96 21.53 18.67
C VAL F 140 -53.63 23.01 18.48
N PHE F 141 -52.36 23.30 18.34
CA PHE F 141 -51.90 24.68 18.15
C PHE F 141 -51.37 24.87 16.72
N SER F 142 -51.83 25.93 16.07
CA SER F 142 -51.39 26.23 14.70
C SER F 142 -50.40 27.38 14.68
N PHE F 143 -49.12 27.04 14.58
CA PHE F 143 -48.06 28.04 14.55
C PHE F 143 -47.37 28.00 13.18
N ASN F 144 -47.61 29.03 12.37
CA ASN F 144 -47.02 29.11 11.04
C ASN F 144 -47.47 27.91 10.20
N ASP F 145 -48.78 27.71 10.13
CA ASP F 145 -49.35 26.61 9.37
C ASP F 145 -48.79 25.25 9.79
N LYS F 146 -48.28 25.17 11.02
CA LYS F 146 -47.72 23.93 11.53
C LYS F 146 -48.55 23.47 12.72
N LEU F 147 -49.04 22.24 12.67
CA LEU F 147 -49.86 21.69 13.74
C LEU F 147 -49.05 21.09 14.88
N PHE F 148 -49.43 21.40 16.11
CA PHE F 148 -48.75 20.90 17.30
C PHE F 148 -49.76 20.30 18.29
N GLY F 149 -49.26 19.54 19.24
CA GLY F 149 -50.11 18.92 20.23
C GLY F 149 -49.80 19.42 21.63
N LEU F 150 -50.65 20.32 22.13
CA LEU F 150 -50.47 20.88 23.47
C LEU F 150 -51.05 19.99 24.55
N LEU F 151 -50.42 19.97 25.72
CA LEU F 151 -50.88 19.15 26.83
C LEU F 151 -50.69 19.87 28.16
N VAL F 152 -51.77 20.44 28.69
CA VAL F 152 -51.72 21.14 29.96
C VAL F 152 -51.29 20.21 31.09
N LYS F 153 -50.27 20.62 31.83
CA LYS F 153 -49.74 19.83 32.93
C LYS F 153 -50.09 20.47 34.28
N ASP F 154 -50.20 21.79 34.29
CA ASP F 154 -50.54 22.53 35.51
C ASP F 154 -51.04 23.93 35.18
N ILE F 155 -51.90 24.46 36.03
CA ILE F 155 -52.46 25.79 35.83
C ILE F 155 -52.44 26.60 37.12
N GLU F 156 -51.97 27.84 37.03
CA GLU F 156 -51.90 28.72 38.20
C GLU F 156 -52.60 30.04 37.93
N ALA F 157 -53.24 30.57 38.97
CA ALA F 157 -53.96 31.84 38.85
C ALA F 157 -53.10 32.99 39.35
N MET F 158 -53.45 34.21 38.95
CA MET F 158 -52.70 35.39 39.35
C MET F 158 -52.82 35.62 40.85
N ARG F 172 -49.83 31.65 44.97
CA ARG F 172 -50.14 31.01 43.70
C ARG F 172 -50.85 29.67 43.93
N GLN F 173 -52.14 29.63 43.63
CA GLN F 173 -52.94 28.42 43.81
C GLN F 173 -53.01 27.62 42.50
N LYS F 174 -53.18 26.31 42.63
CA LYS F 174 -53.28 25.43 41.47
C LYS F 174 -54.73 25.03 41.23
N ILE F 175 -55.28 25.48 40.10
CA ILE F 175 -56.66 25.18 39.75
C ILE F 175 -56.74 24.07 38.70
N GLU F 176 -57.87 23.38 38.66
CA GLU F 176 -58.07 22.30 37.71
C GLU F 176 -58.44 22.85 36.34
N VAL F 177 -59.18 23.95 36.33
CA VAL F 177 -59.60 24.60 35.10
C VAL F 177 -59.50 26.11 35.27
N GLY F 178 -59.05 26.80 34.23
CA GLY F 178 -58.92 28.25 34.31
C GLY F 178 -59.34 28.99 33.06
N LEU F 179 -59.21 30.32 33.10
CA LEU F 179 -59.58 31.16 31.97
C LEU F 179 -58.39 32.03 31.57
N VAL F 180 -57.92 31.85 30.34
CA VAL F 180 -56.79 32.61 29.83
C VAL F 180 -57.21 34.02 29.43
N VAL F 181 -56.58 35.02 30.03
CA VAL F 181 -56.88 36.42 29.73
C VAL F 181 -55.78 37.02 28.87
N GLY F 182 -55.84 38.34 28.68
CA GLY F 182 -54.85 39.02 27.87
C GLY F 182 -53.49 39.10 28.54
N ASN F 183 -53.49 39.30 29.86
CA ASN F 183 -52.25 39.41 30.62
C ASN F 183 -51.81 38.05 31.18
N SER F 184 -52.10 36.99 30.44
CA SER F 184 -51.74 35.64 30.86
C SER F 184 -50.36 35.27 30.32
N GLN F 185 -49.55 34.66 31.17
CA GLN F 185 -48.20 34.24 30.78
C GLN F 185 -48.20 32.75 30.49
N VAL F 186 -47.70 32.36 29.32
CA VAL F 186 -47.65 30.96 28.94
C VAL F 186 -46.26 30.55 28.46
N ALA F 187 -45.78 29.41 28.96
CA ALA F 187 -44.47 28.89 28.58
C ALA F 187 -44.61 27.54 27.87
N PHE F 188 -43.57 27.14 27.15
CA PHE F 188 -43.59 25.88 26.42
C PHE F 188 -42.32 25.05 26.63
N GLU F 189 -42.48 23.75 26.84
CA GLU F 189 -41.35 22.85 27.04
C GLU F 189 -41.56 21.58 26.22
N LYS F 190 -40.49 21.10 25.60
CA LYS F 190 -40.56 19.90 24.77
C LYS F 190 -41.07 18.70 25.57
N ALA F 191 -41.90 17.89 24.93
CA ALA F 191 -42.47 16.70 25.56
C ALA F 191 -41.36 15.73 25.93
N GLU F 192 -41.65 14.82 26.85
CA GLU F 192 -40.66 13.84 27.28
C GLU F 192 -40.24 13.00 26.08
N ASN F 193 -38.94 13.01 25.79
CA ASN F 193 -38.38 12.26 24.67
C ASN F 193 -38.85 12.84 23.34
N SER F 194 -38.83 14.17 23.23
CA SER F 194 -39.25 14.85 22.01
C SER F 194 -38.04 15.39 21.26
N SER F 195 -38.25 15.83 20.03
CA SER F 195 -37.17 16.37 19.22
C SER F 195 -37.39 17.84 18.90
N LEU F 196 -38.47 18.39 19.44
CA LEU F 196 -38.79 19.80 19.23
C LEU F 196 -37.76 20.71 19.88
N ASN F 197 -37.11 21.55 19.07
CA ASN F 197 -36.10 22.47 19.56
C ASN F 197 -36.71 23.86 19.74
N LEU F 198 -36.84 24.28 21.00
CA LEU F 198 -37.41 25.58 21.32
C LEU F 198 -36.32 26.59 21.64
N ILE F 199 -36.59 27.86 21.34
CA ILE F 199 -35.63 28.93 21.59
C ILE F 199 -36.34 30.18 22.12
N GLY F 200 -35.67 30.90 23.03
CA GLY F 200 -36.24 32.11 23.60
C GLY F 200 -36.48 31.99 25.09
N LYS F 201 -37.00 33.05 25.69
CA LYS F 201 -37.27 33.06 27.13
C LYS F 201 -38.67 32.54 27.40
N ALA F 202 -39.54 32.62 26.40
CA ALA F 202 -40.93 32.17 26.53
C ALA F 202 -41.01 30.66 26.48
N LYS F 203 -39.85 30.01 26.39
CA LYS F 203 -39.79 28.55 26.36
C LYS F 203 -40.29 27.99 27.69
N THR F 204 -39.52 27.06 28.24
CA THR F 204 -39.85 26.44 29.52
C THR F 204 -41.31 26.01 29.57
N LYS F 220 -25.34 15.85 42.79
CA LYS F 220 -24.06 15.78 43.48
C LYS F 220 -23.54 14.34 43.52
N MET F 221 -24.11 13.49 42.66
CA MET F 221 -23.72 12.09 42.58
C MET F 221 -23.67 11.62 41.13
N GLY F 222 -22.88 10.56 40.87
CA GLY F 222 -22.04 9.93 41.86
C GLY F 222 -20.60 9.83 41.41
N ILE F 223 -19.69 10.25 42.28
CA ILE F 223 -18.26 10.20 42.01
C ILE F 223 -17.56 10.23 43.36
N GLY F 224 -16.87 9.15 43.72
CA GLY F 224 -16.28 9.09 45.05
C GLY F 224 -14.98 9.87 45.07
N GLY F 225 -14.89 10.81 46.00
CA GLY F 225 -13.73 11.68 46.05
C GLY F 225 -13.78 12.69 44.93
N LEU F 226 -12.63 13.33 44.66
CA LEU F 226 -12.54 14.29 43.56
C LEU F 226 -13.70 15.26 43.67
N ASP F 227 -13.71 16.03 44.75
CA ASP F 227 -14.72 17.06 44.92
C ASP F 227 -14.17 18.47 44.86
N LYS F 228 -13.02 18.73 45.46
CA LYS F 228 -12.43 20.07 45.34
C LYS F 228 -11.95 20.36 43.92
N GLU F 229 -11.15 19.47 43.36
CA GLU F 229 -10.59 19.68 42.03
C GLU F 229 -11.75 19.70 41.03
N PHE F 230 -12.63 18.70 41.15
CA PHE F 230 -13.76 18.57 40.23
C PHE F 230 -14.55 19.85 40.37
N SER F 231 -14.77 20.31 41.61
CA SER F 231 -15.66 21.44 41.82
C SER F 231 -15.08 22.64 41.10
N ASP F 232 -13.79 22.90 41.29
CA ASP F 232 -13.22 24.09 40.68
C ASP F 232 -13.32 23.97 39.15
N ILE F 233 -12.94 22.82 38.59
CA ILE F 233 -12.92 22.68 37.13
C ILE F 233 -14.34 22.82 36.54
N PHE F 234 -15.28 22.18 37.24
CA PHE F 234 -16.67 22.04 36.85
C PHE F 234 -17.17 23.44 36.79
N ARG F 235 -16.89 24.11 37.90
CA ARG F 235 -17.41 25.40 38.08
C ARG F 235 -16.83 26.24 36.93
N ARG F 236 -15.53 26.19 36.67
CA ARG F 236 -14.95 27.12 35.70
C ARG F 236 -15.49 26.96 34.28
N ALA F 237 -15.62 25.73 33.80
CA ALA F 237 -16.19 25.51 32.47
C ALA F 237 -17.70 25.81 32.36
N PHE F 238 -18.47 25.25 33.29
CA PHE F 238 -19.94 25.39 33.35
C PHE F 238 -20.47 26.73 33.84
N ALA F 239 -19.87 27.29 34.87
CA ALA F 239 -20.19 28.60 35.47
C ALA F 239 -20.05 29.77 34.50
N SER F 240 -18.97 29.81 33.73
CA SER F 240 -18.80 30.91 32.79
C SER F 240 -20.00 30.85 31.84
N ARG F 241 -20.36 29.65 31.42
CA ARG F 241 -21.59 29.40 30.66
C ARG F 241 -22.93 29.68 31.40
N VAL F 242 -22.98 29.43 32.72
CA VAL F 242 -24.22 29.30 33.51
C VAL F 242 -24.87 30.66 33.70
N PHE F 243 -24.02 31.66 33.89
CA PHE F 243 -24.44 33.00 34.23
C PHE F 243 -25.32 33.55 33.15
N PRO F 244 -26.50 34.04 33.56
CA PRO F 244 -27.53 34.55 32.66
C PRO F 244 -28.00 36.00 32.67
N PRO F 245 -28.06 36.62 31.49
CA PRO F 245 -27.15 36.19 30.43
C PRO F 245 -26.07 37.25 30.14
N GLU F 246 -26.27 38.44 30.69
CA GLU F 246 -25.44 39.62 30.48
C GLU F 246 -24.10 39.51 31.16
N ILE F 247 -24.05 38.67 32.18
CA ILE F 247 -22.89 38.64 33.05
C ILE F 247 -21.66 38.29 32.20
N VAL F 248 -21.81 37.34 31.27
CA VAL F 248 -20.70 36.90 30.44
C VAL F 248 -20.16 38.09 29.64
N GLU F 249 -21.05 38.89 29.05
CA GLU F 249 -20.61 40.05 28.28
C GLU F 249 -19.88 41.00 29.25
N GLN F 250 -20.38 41.13 30.48
CA GLN F 250 -19.69 41.97 31.46
C GLN F 250 -18.26 41.45 31.66
N MET F 251 -18.12 40.13 31.76
CA MET F 251 -16.83 39.44 31.69
C MET F 251 -16.21 39.68 30.30
N GLY F 252 -17.06 39.65 29.27
CA GLY F 252 -16.61 39.86 27.91
C GLY F 252 -15.56 38.86 27.48
N CYS F 253 -15.72 37.62 27.93
CA CYS F 253 -14.78 36.56 27.62
C CYS F 253 -15.49 35.46 26.85
N LYS F 254 -14.86 35.04 25.76
CA LYS F 254 -15.37 33.94 24.94
C LYS F 254 -15.37 32.65 25.74
N HIS F 255 -16.39 31.81 25.53
CA HIS F 255 -16.53 30.55 26.25
C HIS F 255 -15.38 29.59 25.97
N VAL F 256 -14.97 28.84 26.98
CA VAL F 256 -13.89 27.87 26.85
C VAL F 256 -14.28 26.77 25.85
N LYS F 257 -13.32 26.35 25.03
CA LYS F 257 -13.59 25.36 23.97
C LYS F 257 -13.66 23.94 24.48
N GLY F 258 -12.75 23.55 25.36
CA GLY F 258 -12.69 22.16 25.81
C GLY F 258 -11.98 21.96 27.14
N ILE F 259 -12.24 20.82 27.77
CA ILE F 259 -11.55 20.44 28.99
C ILE F 259 -10.96 19.03 28.78
N LEU F 260 -9.70 18.80 29.16
CA LEU F 260 -9.09 17.45 28.98
C LEU F 260 -8.58 16.83 30.27
N LEU F 261 -8.89 15.56 30.48
CA LEU F 261 -8.45 14.86 31.68
C LEU F 261 -7.54 13.65 31.46
N TYR F 262 -6.42 13.66 32.18
CA TYR F 262 -5.46 12.56 32.14
C TYR F 262 -5.27 11.94 33.53
N GLY F 263 -5.36 10.62 33.57
CA GLY F 263 -5.31 9.89 34.82
C GLY F 263 -4.54 8.60 34.64
N PRO F 264 -4.05 8.02 35.74
CA PRO F 264 -3.43 6.70 35.75
C PRO F 264 -4.53 5.71 35.44
N PRO F 265 -4.22 4.54 34.90
CA PRO F 265 -5.34 3.70 34.49
C PRO F 265 -6.20 3.22 35.65
N GLY F 266 -7.51 3.09 35.42
CA GLY F 266 -8.38 2.64 36.47
C GLY F 266 -8.88 3.73 37.37
N CYS F 267 -8.56 4.94 36.97
CA CYS F 267 -8.93 6.11 37.73
C CYS F 267 -10.40 6.50 37.58
N GLY F 268 -11.13 5.66 36.86
CA GLY F 268 -12.54 5.87 36.62
C GLY F 268 -12.78 7.18 35.92
N LYS F 269 -11.91 7.53 34.98
CA LYS F 269 -12.05 8.78 34.23
C LYS F 269 -13.37 8.83 33.44
N THR F 270 -13.72 7.70 32.81
CA THR F 270 -14.82 7.67 31.86
C THR F 270 -16.13 8.03 32.54
N LEU F 271 -16.35 7.45 33.72
CA LEU F 271 -17.60 7.65 34.44
C LEU F 271 -17.74 9.14 34.78
N LEU F 272 -16.64 9.75 35.21
CA LEU F 272 -16.67 11.15 35.59
C LEU F 272 -17.08 11.95 34.36
N ALA F 273 -16.48 11.63 33.22
CA ALA F 273 -16.83 12.37 32.00
C ALA F 273 -18.29 12.22 31.53
N ARG F 274 -18.82 11.01 31.58
CA ARG F 274 -20.21 10.82 31.17
C ARG F 274 -21.06 11.68 32.10
N GLN F 275 -20.75 11.60 33.40
CA GLN F 275 -21.52 12.31 34.42
C GLN F 275 -21.46 13.82 34.22
N ILE F 276 -20.26 14.32 33.92
CA ILE F 276 -20.04 15.75 33.77
C ILE F 276 -20.88 16.20 32.58
N GLY F 277 -20.84 15.43 31.49
CA GLY F 277 -21.60 15.76 30.30
C GLY F 277 -23.09 15.80 30.60
N LYS F 278 -23.57 14.79 31.34
CA LYS F 278 -24.99 14.70 31.67
C LYS F 278 -25.39 15.93 32.49
N MET F 279 -24.56 16.26 33.47
CA MET F 279 -24.80 17.36 34.41
C MET F 279 -24.88 18.69 33.66
N LEU F 280 -24.01 18.85 32.67
CA LEU F 280 -23.91 20.09 31.91
C LEU F 280 -25.15 20.49 31.10
N ASN F 281 -25.78 19.53 30.46
CA ASN F 281 -26.94 19.80 29.62
C ASN F 281 -28.09 18.87 29.94
N ALA F 282 -29.32 19.32 29.71
CA ALA F 282 -30.46 18.45 29.85
C ALA F 282 -30.25 17.23 28.96
N ARG F 283 -29.95 17.50 27.69
CA ARG F 283 -29.42 16.50 26.79
C ARG F 283 -28.43 17.16 25.84
N GLU F 284 -27.19 16.70 25.80
CA GLU F 284 -26.25 17.20 24.80
C GLU F 284 -26.76 16.82 23.39
N PRO F 285 -27.15 15.54 23.18
CA PRO F 285 -26.99 14.39 24.07
C PRO F 285 -25.79 13.51 23.69
N LYS F 286 -24.83 13.46 24.61
CA LYS F 286 -23.55 12.74 24.57
C LYS F 286 -23.09 12.14 23.22
N VAL F 287 -21.84 12.39 22.87
CA VAL F 287 -21.29 11.77 21.66
C VAL F 287 -20.09 10.92 22.02
N VAL F 288 -20.07 9.70 21.51
CA VAL F 288 -19.03 8.74 21.86
C VAL F 288 -18.18 8.47 20.64
N ASN F 289 -16.87 8.47 20.83
CA ASN F 289 -15.95 8.21 19.74
C ASN F 289 -15.21 6.89 19.90
N GLY F 290 -15.23 6.10 18.83
CA GLY F 290 -14.59 4.81 18.82
C GLY F 290 -13.08 4.95 18.91
N PRO F 291 -12.41 3.90 19.39
CA PRO F 291 -10.98 3.91 19.65
C PRO F 291 -10.23 4.11 18.35
N GLU F 292 -10.70 3.44 17.31
CA GLU F 292 -10.11 3.56 16.00
C GLU F 292 -10.25 4.99 15.53
N ILE F 293 -11.45 5.57 15.68
CA ILE F 293 -11.68 6.98 15.35
C ILE F 293 -11.59 7.12 13.84
N LEU F 294 -10.45 6.66 13.33
CA LEU F 294 -10.01 6.84 11.98
C LEU F 294 -10.31 5.63 11.10
N ASN F 295 -11.18 4.73 11.54
CA ASN F 295 -11.43 3.51 10.77
C ASN F 295 -12.00 3.85 9.37
N LYS F 296 -11.56 3.11 8.35
CA LYS F 296 -11.81 3.31 6.90
C LYS F 296 -10.72 4.12 6.19
N TYR F 297 -9.77 3.44 5.55
CA TYR F 297 -8.65 4.10 4.89
C TYR F 297 -8.82 4.94 3.62
N VAL F 298 -9.70 4.56 2.69
CA VAL F 298 -9.62 5.10 1.32
C VAL F 298 -9.62 6.64 1.20
N GLY F 299 -10.49 7.33 1.93
CA GLY F 299 -10.59 8.78 1.86
C GLY F 299 -10.18 9.47 3.16
N GLU F 300 -11.06 9.60 4.16
CA GLU F 300 -12.41 9.01 4.37
C GLU F 300 -12.74 9.07 5.84
N SER F 301 -11.96 8.34 6.63
CA SER F 301 -12.07 8.32 8.07
C SER F 301 -11.82 9.68 8.66
N GLU F 302 -10.83 10.32 8.07
CA GLU F 302 -10.40 11.63 8.47
C GLU F 302 -11.62 12.51 8.35
N ALA F 303 -12.35 12.26 7.26
CA ALA F 303 -13.55 13.01 7.00
C ALA F 303 -14.51 12.74 8.12
N ASN F 304 -14.56 11.51 8.65
CA ASN F 304 -15.50 11.16 9.74
C ASN F 304 -15.24 11.91 11.04
N ILE F 305 -13.96 12.02 11.37
CA ILE F 305 -13.52 12.79 12.52
C ILE F 305 -13.94 14.26 12.30
N ARG F 306 -13.82 14.73 11.07
CA ARG F 306 -14.36 16.06 10.75
C ARG F 306 -15.92 16.13 10.83
N LYS F 307 -16.58 15.03 10.44
CA LYS F 307 -18.02 14.97 10.21
C LYS F 307 -18.81 15.01 11.50
N LEU F 308 -18.41 14.26 12.54
CA LEU F 308 -19.21 14.34 13.78
C LEU F 308 -19.19 15.80 14.26
N PHE F 309 -18.06 16.48 14.12
CA PHE F 309 -18.00 17.90 14.45
C PHE F 309 -19.02 18.65 13.59
N ALA F 310 -19.12 18.21 12.33
CA ALA F 310 -19.91 18.94 11.35
C ALA F 310 -21.38 19.11 11.76
N ASP F 311 -22.00 18.10 12.37
CA ASP F 311 -23.40 18.27 12.76
C ASP F 311 -23.57 19.38 13.77
N ALA F 312 -22.70 19.39 14.78
CA ALA F 312 -22.76 20.41 15.82
C ALA F 312 -22.53 21.80 15.25
N GLU F 313 -21.55 21.93 14.36
CA GLU F 313 -21.29 23.25 13.79
C GLU F 313 -22.52 23.69 12.99
N GLU F 314 -23.15 22.75 12.29
CA GLU F 314 -24.33 23.05 11.46
C GLU F 314 -25.48 23.56 12.34
N GLU F 315 -25.72 22.88 13.47
CA GLU F 315 -26.80 23.30 14.34
C GLU F 315 -26.46 24.70 14.81
N GLN F 316 -25.21 24.90 15.19
CA GLN F 316 -24.82 26.21 15.68
C GLN F 316 -25.00 27.31 14.63
N ARG F 317 -24.64 27.07 13.36
CA ARG F 317 -24.82 28.12 12.35
C ARG F 317 -26.29 28.42 12.16
N ARG F 318 -27.11 27.37 12.18
CA ARG F 318 -28.55 27.50 11.98
C ARG F 318 -29.13 28.37 13.09
N LEU F 319 -28.64 28.16 14.32
CA LEU F 319 -29.15 28.92 15.46
C LEU F 319 -28.14 29.86 16.11
N GLY F 320 -27.03 30.17 15.46
CA GLY F 320 -25.93 30.80 16.16
C GLY F 320 -26.16 32.17 16.77
N ALA F 321 -25.89 32.20 18.07
CA ALA F 321 -25.97 33.35 18.97
C ALA F 321 -26.14 32.74 20.35
N ASN F 322 -27.32 32.15 20.52
CA ASN F 322 -27.72 31.34 21.67
C ASN F 322 -28.88 30.43 21.24
N SER F 323 -29.13 29.33 21.94
CA SER F 323 -28.31 28.83 23.04
C SER F 323 -28.07 27.31 22.93
N GLY F 324 -27.26 26.89 21.96
CA GLY F 324 -27.07 25.46 21.74
C GLY F 324 -25.69 24.96 22.07
N LEU F 325 -25.63 23.92 22.89
CA LEU F 325 -24.37 23.30 23.29
C LEU F 325 -24.31 21.83 22.89
N HIS F 326 -23.22 21.41 22.25
CA HIS F 326 -23.04 20.01 21.91
C HIS F 326 -21.78 19.49 22.57
N ILE F 327 -21.88 18.33 23.22
CA ILE F 327 -20.74 17.74 23.92
C ILE F 327 -20.28 16.52 23.15
N ILE F 328 -19.00 16.51 22.82
CA ILE F 328 -18.35 15.43 22.10
C ILE F 328 -17.17 14.95 22.92
N ILE F 329 -17.03 13.64 23.08
CA ILE F 329 -15.92 13.15 23.89
C ILE F 329 -15.05 12.15 23.12
N PHE F 330 -13.73 12.31 23.18
CA PHE F 330 -12.86 11.33 22.52
C PHE F 330 -12.10 10.49 23.55
N ASP F 331 -12.35 9.19 23.54
CA ASP F 331 -11.69 8.27 24.45
C ASP F 331 -10.37 7.80 23.81
N GLU F 332 -9.31 7.65 24.61
CA GLU F 332 -8.00 7.24 24.08
C GLU F 332 -7.43 8.14 22.97
N ILE F 333 -7.56 9.45 23.14
CA ILE F 333 -7.11 10.40 22.13
C ILE F 333 -5.62 10.31 21.84
N HIS F 350 -0.36 10.06 12.16
CA HIS F 350 -0.80 11.42 12.45
C HIS F 350 -1.32 12.11 11.19
N ASP F 351 -0.48 12.92 10.56
CA ASP F 351 -0.81 13.57 9.30
C ASP F 351 -2.06 14.46 9.39
N THR F 352 -3.00 14.21 8.50
CA THR F 352 -4.19 15.03 8.33
C THR F 352 -5.11 15.15 9.55
N VAL F 353 -5.29 14.06 10.29
CA VAL F 353 -6.25 14.07 11.42
C VAL F 353 -5.88 15.08 12.50
N VAL F 354 -4.59 15.19 12.82
CA VAL F 354 -4.07 16.20 13.73
C VAL F 354 -4.61 17.59 13.38
N ASN F 355 -4.27 18.01 12.15
CA ASN F 355 -4.66 19.31 11.64
C ASN F 355 -6.16 19.41 11.62
N GLN F 356 -6.84 18.32 11.31
CA GLN F 356 -8.27 18.36 11.06
C GLN F 356 -8.99 18.66 12.34
N LEU F 357 -8.60 17.95 13.40
CA LEU F 357 -9.19 18.21 14.69
C LEU F 357 -8.85 19.63 15.07
N LEU F 358 -7.58 20.04 14.88
CA LEU F 358 -7.20 21.38 15.29
C LEU F 358 -7.98 22.49 14.58
N SER F 359 -8.21 22.33 13.28
CA SER F 359 -8.92 23.33 12.52
C SER F 359 -10.37 23.48 12.97
N LYS F 360 -11.05 22.36 13.16
CA LYS F 360 -12.43 22.40 13.61
C LYS F 360 -12.62 22.94 15.01
N ILE F 361 -11.75 22.51 15.93
CA ILE F 361 -11.86 22.97 17.31
C ILE F 361 -11.60 24.48 17.43
N ASP F 362 -10.62 25.00 16.70
CA ASP F 362 -10.38 26.43 16.69
C ASP F 362 -10.25 26.96 15.27
N GLY F 363 -11.00 28.02 14.97
CA GLY F 363 -10.90 28.71 13.71
C GLY F 363 -11.57 27.95 12.57
N VAL F 364 -11.51 28.46 11.34
CA VAL F 364 -11.03 29.80 11.03
C VAL F 364 -11.95 30.85 11.65
N GLU F 365 -13.25 30.60 11.57
CA GLU F 365 -14.26 31.47 12.13
C GLU F 365 -15.15 30.69 13.11
N GLN F 366 -15.36 31.27 14.29
CA GLN F 366 -16.24 30.70 15.32
C GLN F 366 -15.83 29.29 15.74
N LEU F 367 -16.79 28.37 15.65
CA LEU F 367 -16.68 26.96 16.09
C LEU F 367 -16.93 26.83 17.59
N ASN F 368 -17.30 27.94 18.23
CA ASN F 368 -17.67 27.93 19.64
C ASN F 368 -19.11 27.48 19.81
N ASN F 369 -19.55 27.37 21.06
CA ASN F 369 -20.89 26.87 21.45
C ASN F 369 -20.88 25.35 21.54
N ILE F 370 -19.68 24.75 21.45
CA ILE F 370 -19.53 23.34 21.77
C ILE F 370 -18.29 23.10 22.64
N LEU F 371 -18.33 22.01 23.39
CA LEU F 371 -17.21 21.63 24.24
C LEU F 371 -16.89 20.15 24.05
N VAL F 372 -15.61 19.84 24.16
CA VAL F 372 -15.11 18.49 23.97
C VAL F 372 -14.16 18.04 25.08
N ILE F 373 -14.39 16.85 25.62
CA ILE F 373 -13.50 16.39 26.67
C ILE F 373 -12.69 15.16 26.23
N GLY F 374 -11.38 15.19 26.44
CA GLY F 374 -10.56 14.06 26.06
C GLY F 374 -10.01 13.29 27.25
N MET F 375 -10.20 11.97 27.25
CA MET F 375 -9.72 11.16 28.36
C MET F 375 -8.57 10.24 27.97
N THR F 376 -7.45 10.32 28.68
CA THR F 376 -6.29 9.52 28.28
C THR F 376 -5.42 9.13 29.48
N ASN F 377 -4.81 7.96 29.41
CA ASN F 377 -3.97 7.45 30.49
C ASN F 377 -2.68 8.23 30.72
N ARG F 378 -2.02 8.67 29.65
CA ARG F 378 -0.76 9.39 29.79
C ARG F 378 -0.75 10.76 29.12
N PRO F 379 -0.28 11.79 29.85
CA PRO F 379 -0.17 13.14 29.30
C PRO F 379 0.86 13.27 28.18
N ASP F 380 2.02 12.62 28.35
CA ASP F 380 3.17 12.85 27.49
C ASP F 380 2.96 12.43 26.03
N LEU F 381 2.20 11.36 25.84
CA LEU F 381 1.90 10.85 24.50
C LEU F 381 1.22 11.86 23.60
N ILE F 382 0.30 12.63 24.18
CA ILE F 382 -0.53 13.53 23.39
C ILE F 382 0.25 14.73 22.83
N ASP F 383 -0.30 15.32 21.76
CA ASP F 383 0.29 16.45 21.03
C ASP F 383 0.34 17.74 21.86
N GLU F 384 1.41 18.52 21.68
CA GLU F 384 1.57 19.83 22.33
C GLU F 384 0.59 20.93 21.91
N ALA F 385 0.23 20.97 20.63
CA ALA F 385 -0.54 22.08 20.06
C ALA F 385 -1.93 22.22 20.67
N LEU F 386 -2.56 21.08 20.94
CA LEU F 386 -3.89 21.09 21.53
C LEU F 386 -3.88 21.72 22.91
N LEU F 387 -2.81 21.48 23.66
CA LEU F 387 -2.73 21.84 25.08
C LEU F 387 -2.86 23.33 25.39
N ARG F 388 -2.33 24.18 24.52
CA ARG F 388 -2.25 25.62 24.79
C ARG F 388 -3.64 26.19 25.01
N PRO F 389 -3.78 27.20 25.89
CA PRO F 389 -5.11 27.72 26.19
C PRO F 389 -5.81 28.20 24.93
N GLY F 390 -7.13 27.97 24.86
CA GLY F 390 -7.81 28.06 23.59
C GLY F 390 -8.52 26.76 23.31
N ARG F 391 -8.00 26.00 22.34
CA ARG F 391 -8.65 24.77 21.90
C ARG F 391 -8.82 23.77 23.04
N LEU F 392 -7.78 23.61 23.85
CA LEU F 392 -7.83 22.81 25.07
C LEU F 392 -7.21 23.62 26.19
N GLU F 393 -7.91 24.65 26.65
CA GLU F 393 -7.34 25.56 27.64
C GLU F 393 -7.03 24.89 28.97
N VAL F 394 -7.94 24.04 29.41
CA VAL F 394 -7.75 23.44 30.73
C VAL F 394 -7.42 21.95 30.70
N LYS F 395 -6.34 21.61 31.39
CA LYS F 395 -5.91 20.23 31.54
C LYS F 395 -5.99 19.85 33.03
N MET F 396 -6.63 18.70 33.27
CA MET F 396 -6.92 18.18 34.60
C MET F 396 -6.23 16.85 34.84
N GLU F 397 -5.55 16.73 35.98
CA GLU F 397 -4.85 15.51 36.34
C GLU F 397 -5.66 14.87 37.44
N ILE F 398 -5.98 13.60 37.26
CA ILE F 398 -6.89 12.95 38.18
C ILE F 398 -6.05 11.90 38.91
N GLY F 399 -5.94 11.96 40.23
CA GLY F 399 -5.00 11.08 40.92
C GLY F 399 -5.10 9.56 40.89
N LEU F 400 -6.29 8.96 41.01
CA LEU F 400 -6.54 7.48 41.04
C LEU F 400 -8.00 7.23 41.44
N PRO F 401 -8.42 5.97 41.70
CA PRO F 401 -9.79 5.88 42.18
C PRO F 401 -9.83 5.73 43.69
N ASP F 402 -10.57 6.61 44.34
CA ASP F 402 -10.60 6.62 45.79
C ASP F 402 -11.17 5.31 46.29
N GLU F 403 -10.59 4.83 47.38
CA GLU F 403 -11.03 3.59 47.98
C GLU F 403 -12.51 3.56 48.32
N LYS F 404 -13.06 4.66 48.84
CA LYS F 404 -14.52 4.80 48.86
C LYS F 404 -15.15 4.38 47.52
N GLY F 405 -14.53 4.83 46.43
CA GLY F 405 -14.99 4.48 45.09
C GLY F 405 -14.88 3.00 44.83
N ARG F 406 -13.78 2.41 45.29
CA ARG F 406 -13.50 1.00 45.08
C ARG F 406 -14.64 0.26 45.73
N LEU F 407 -15.03 0.75 46.92
CA LEU F 407 -16.15 0.17 47.63
C LEU F 407 -17.38 0.34 46.77
N GLN F 408 -17.57 1.47 46.09
CA GLN F 408 -18.75 1.61 45.22
C GLN F 408 -18.85 0.63 44.04
N ILE F 409 -17.75 0.47 43.29
CA ILE F 409 -17.72 -0.45 42.13
C ILE F 409 -17.87 -1.90 42.54
N LEU F 410 -17.15 -2.31 43.57
CA LEU F 410 -17.28 -3.67 44.09
C LEU F 410 -18.73 -3.80 44.61
N HIS F 411 -19.25 -2.72 45.21
CA HIS F 411 -20.52 -2.70 45.96
C HIS F 411 -21.63 -2.97 44.99
N ILE F 412 -21.60 -2.40 43.80
CA ILE F 412 -22.70 -2.67 42.88
C ILE F 412 -22.76 -4.18 42.51
N HIS F 413 -21.65 -4.80 42.11
CA HIS F 413 -21.68 -6.21 41.72
C HIS F 413 -22.08 -7.10 42.92
N THR F 414 -21.45 -6.83 44.06
CA THR F 414 -21.71 -7.55 45.31
C THR F 414 -23.17 -7.40 45.75
N ALA F 415 -23.71 -6.20 45.59
CA ALA F 415 -25.06 -5.84 46.04
C ALA F 415 -26.06 -6.58 45.18
N ARG F 416 -25.76 -6.65 43.89
CA ARG F 416 -26.62 -7.31 42.94
C ARG F 416 -26.62 -8.78 43.41
N MET F 417 -25.44 -9.27 43.80
CA MET F 417 -25.33 -10.60 44.40
C MET F 417 -26.13 -10.74 45.70
N ARG F 418 -26.17 -9.64 46.45
CA ARG F 418 -26.84 -9.49 47.75
C ARG F 418 -28.34 -9.64 47.58
N GLY F 419 -28.83 -9.11 46.46
CA GLY F 419 -30.23 -8.87 46.20
C GLY F 419 -30.77 -10.26 45.99
N HIS F 420 -30.05 -11.04 45.19
CA HIS F 420 -30.38 -12.45 45.09
C HIS F 420 -29.96 -13.03 46.44
N GLN F 421 -30.58 -14.13 46.83
CA GLN F 421 -30.30 -14.72 48.14
C GLN F 421 -28.86 -15.18 48.35
N LEU F 422 -28.25 -15.76 47.32
CA LEU F 422 -26.89 -16.28 47.43
C LEU F 422 -25.88 -15.18 47.72
N LEU F 423 -25.01 -15.44 48.68
CA LEU F 423 -23.93 -14.52 49.02
C LEU F 423 -22.87 -15.28 49.81
N SER F 424 -21.69 -14.68 49.93
CA SER F 424 -20.65 -15.25 50.78
C SER F 424 -20.56 -14.45 52.07
N ALA F 425 -20.80 -15.11 53.20
CA ALA F 425 -20.81 -14.46 54.50
C ALA F 425 -19.43 -13.91 54.87
N ASP F 426 -18.39 -14.68 54.58
CA ASP F 426 -17.03 -14.31 54.95
C ASP F 426 -16.55 -13.03 54.27
N VAL F 427 -16.88 -12.87 53.00
CA VAL F 427 -16.47 -11.69 52.24
C VAL F 427 -17.17 -10.45 52.80
N ASP F 428 -16.38 -9.40 52.98
CA ASP F 428 -16.86 -8.08 53.41
C ASP F 428 -16.43 -6.96 52.46
N ILE F 429 -17.39 -6.11 52.11
CA ILE F 429 -17.15 -5.02 51.18
C ILE F 429 -16.05 -4.07 51.60
N LYS F 430 -16.10 -3.67 52.86
CA LYS F 430 -15.14 -2.74 53.42
C LYS F 430 -13.76 -3.37 53.41
N GLU F 431 -13.72 -4.66 53.78
CA GLU F 431 -12.48 -5.42 53.84
C GLU F 431 -11.83 -5.51 52.45
N LEU F 432 -12.63 -5.81 51.43
CA LEU F 432 -12.09 -5.93 50.08
C LEU F 432 -11.51 -4.57 49.70
N ALA F 433 -12.24 -3.51 50.03
CA ALA F 433 -11.76 -2.16 49.68
C ALA F 433 -10.43 -1.85 50.35
N VAL F 434 -10.31 -2.14 51.64
CA VAL F 434 -9.08 -1.84 52.39
C VAL F 434 -7.91 -2.67 51.81
N GLU F 435 -8.18 -3.92 51.43
CA GLU F 435 -7.14 -4.78 50.86
C GLU F 435 -6.56 -4.31 49.52
N THR F 436 -7.38 -3.73 48.65
CA THR F 436 -6.86 -3.34 47.35
C THR F 436 -6.80 -1.82 47.13
N LYS F 437 -5.64 -1.34 46.70
CA LYS F 437 -5.45 0.07 46.39
C LYS F 437 -5.27 0.38 44.91
N ASN F 438 -4.40 -0.39 44.25
CA ASN F 438 -3.93 -0.13 42.88
C ASN F 438 -4.97 -0.23 41.77
N PHE F 439 -5.88 -1.20 41.91
CA PHE F 439 -6.71 -1.73 40.83
C PHE F 439 -7.67 -0.75 40.11
N SER F 440 -7.73 -0.95 38.79
CA SER F 440 -8.68 -0.32 37.88
C SER F 440 -10.08 -0.84 38.08
N GLY F 441 -11.08 -0.07 37.65
CA GLY F 441 -12.44 -0.58 37.72
C GLY F 441 -12.70 -1.99 37.22
N ALA F 442 -12.84 -2.22 35.92
CA ALA F 442 -12.34 -3.42 35.21
C ALA F 442 -11.74 -4.57 36.06
N GLU F 443 -10.74 -4.21 36.86
CA GLU F 443 -10.07 -5.10 37.82
C GLU F 443 -11.01 -5.71 38.83
N LEU F 444 -11.96 -4.88 39.27
CA LEU F 444 -12.97 -5.21 40.26
C LEU F 444 -13.96 -6.23 39.69
N GLU F 445 -14.50 -5.97 38.51
CA GLU F 445 -15.42 -6.93 37.87
C GLU F 445 -14.63 -8.22 37.66
N GLY F 446 -13.35 -8.09 37.29
CA GLY F 446 -12.52 -9.26 37.06
C GLY F 446 -12.33 -10.10 38.32
N LEU F 447 -12.01 -9.45 39.43
CA LEU F 447 -11.83 -10.11 40.73
C LEU F 447 -13.11 -10.80 41.19
N VAL F 448 -14.24 -10.09 41.05
CA VAL F 448 -15.52 -10.63 41.50
C VAL F 448 -15.79 -11.84 40.65
N ARG F 449 -15.49 -11.70 39.36
CA ARG F 449 -15.78 -12.74 38.43
C ARG F 449 -15.00 -14.02 38.72
N ALA F 450 -13.72 -13.85 39.02
CA ALA F 450 -12.90 -14.99 39.42
C ALA F 450 -13.49 -15.65 40.66
N ALA F 451 -13.94 -14.84 41.62
CA ALA F 451 -14.60 -15.43 42.79
C ALA F 451 -15.86 -16.22 42.44
N GLN F 452 -16.66 -15.69 41.52
CA GLN F 452 -17.88 -16.39 41.12
C GLN F 452 -17.53 -17.71 40.49
N SER F 453 -16.50 -17.69 39.66
CA SER F 453 -16.06 -18.91 39.05
C SER F 453 -15.60 -19.89 40.13
N THR F 454 -14.90 -19.42 41.16
CA THR F 454 -14.42 -20.30 42.24
C THR F 454 -15.59 -21.00 42.95
N ALA F 455 -16.64 -20.21 43.12
CA ALA F 455 -17.86 -20.68 43.71
C ALA F 455 -18.40 -21.81 42.85
N MET F 456 -18.28 -21.63 41.53
CA MET F 456 -18.78 -22.63 40.59
C MET F 456 -18.07 -23.99 40.85
N ASN F 457 -16.75 -23.98 41.10
CA ASN F 457 -15.98 -25.24 41.37
C ASN F 457 -16.41 -25.94 42.62
N ARG F 458 -16.67 -25.13 43.63
CA ARG F 458 -17.09 -25.67 44.92
C ARG F 458 -18.39 -26.42 44.62
N HIS F 459 -19.24 -25.82 43.81
CA HIS F 459 -20.46 -26.51 43.48
C HIS F 459 -20.20 -27.84 42.69
N ILE F 460 -19.26 -27.83 41.74
CA ILE F 460 -18.91 -29.05 40.97
C ILE F 460 -17.51 -29.58 41.35
N GLU F 500 3.46 -1.40 48.95
CA GLU F 500 3.37 -0.92 50.33
C GLU F 500 2.62 -1.79 51.32
N ASP F 501 3.36 -2.65 52.00
CA ASP F 501 2.80 -3.48 53.04
C ASP F 501 3.52 -3.17 54.36
N TYR F 502 2.75 -2.89 55.41
CA TYR F 502 3.32 -2.74 56.75
C TYR F 502 3.87 -4.08 57.26
N ALA F 503 3.14 -5.15 56.97
CA ALA F 503 3.42 -6.49 57.49
C ALA F 503 4.71 -7.18 57.00
N SER F 504 5.02 -7.03 55.72
CA SER F 504 6.11 -7.79 55.11
C SER F 504 7.43 -7.41 55.73
N TYR F 505 7.53 -6.13 56.01
CA TYR F 505 8.74 -5.53 56.51
C TYR F 505 9.20 -6.06 57.90
N ILE F 506 8.26 -6.32 58.81
CA ILE F 506 8.62 -6.83 60.14
C ILE F 506 7.80 -8.08 60.39
N MET F 507 8.19 -9.17 59.73
CA MET F 507 7.47 -10.41 59.87
C MET F 507 7.62 -10.90 61.31
N ASN F 508 8.82 -10.69 61.85
CA ASN F 508 9.10 -11.13 63.19
C ASN F 508 8.25 -10.46 64.32
N GLY F 509 8.01 -9.15 64.23
CA GLY F 509 7.33 -8.35 65.24
C GLY F 509 8.24 -7.78 66.31
N ILE F 510 7.70 -7.00 67.25
CA ILE F 510 8.55 -6.34 68.24
C ILE F 510 8.27 -6.87 69.65
N ILE F 511 9.29 -7.42 70.31
CA ILE F 511 9.20 -7.78 71.73
C ILE F 511 9.41 -6.50 72.53
N LYS F 512 9.06 -6.52 73.80
CA LYS F 512 9.32 -5.36 74.66
C LYS F 512 10.06 -5.84 75.90
N TRP F 513 11.30 -6.30 75.70
CA TRP F 513 12.11 -6.85 76.78
C TRP F 513 12.53 -5.84 77.83
N GLY F 514 12.81 -4.63 77.40
CA GLY F 514 13.28 -3.59 78.29
C GLY F 514 12.47 -2.33 78.13
N ASP F 515 12.51 -1.46 79.13
CA ASP F 515 11.76 -0.23 78.98
C ASP F 515 12.32 0.47 77.74
N PRO F 516 13.65 0.42 77.44
CA PRO F 516 14.07 1.15 76.23
C PRO F 516 13.42 0.68 74.91
N VAL F 517 13.24 -0.64 74.69
CA VAL F 517 12.68 -1.18 73.43
C VAL F 517 11.36 -0.47 73.33
N THR F 518 10.59 -0.45 74.42
CA THR F 518 9.31 0.28 74.51
C THR F 518 9.34 1.84 74.43
N ARG F 519 10.34 2.44 75.04
CA ARG F 519 10.44 3.86 75.29
C ARG F 519 10.68 4.55 73.98
N VAL F 520 11.50 3.93 73.15
CA VAL F 520 11.69 4.48 71.82
C VAL F 520 10.41 4.52 70.99
N LEU F 521 9.60 3.47 71.03
CA LEU F 521 8.32 3.47 70.29
C LEU F 521 7.45 4.61 70.87
N ASP F 522 7.44 4.78 72.19
CA ASP F 522 6.67 5.89 72.80
C ASP F 522 7.14 7.29 72.41
N ASP F 523 8.46 7.48 72.38
CA ASP F 523 9.04 8.75 71.98
C ASP F 523 8.61 8.99 70.55
N GLY F 524 8.63 7.92 69.77
CA GLY F 524 8.20 7.99 68.39
C GLY F 524 6.77 8.43 68.23
N GLU F 525 5.90 7.89 69.08
CA GLU F 525 4.49 8.23 69.10
C GLU F 525 4.40 9.73 69.41
N LEU F 526 5.22 10.17 70.37
CA LEU F 526 5.26 11.58 70.75
C LEU F 526 5.66 12.49 69.58
N LEU F 527 6.65 12.06 68.79
CA LEU F 527 7.09 12.83 67.63
C LEU F 527 5.88 12.93 66.72
N VAL F 528 5.16 11.82 66.53
CA VAL F 528 3.99 11.87 65.67
C VAL F 528 2.95 12.86 66.09
N GLN F 529 2.68 12.83 67.39
CA GLN F 529 1.64 13.63 67.96
C GLN F 529 2.04 15.05 67.65
N GLN F 530 3.31 15.37 67.88
CA GLN F 530 3.81 16.72 67.72
C GLN F 530 3.63 17.19 66.28
N THR F 531 4.03 16.34 65.32
CA THR F 531 3.96 16.68 63.90
C THR F 531 2.56 16.99 63.40
N LYS F 532 1.64 16.09 63.76
CA LYS F 532 0.23 16.26 63.43
C LYS F 532 -0.47 17.40 64.14
N ASN F 533 -0.21 17.52 65.43
CA ASN F 533 -0.89 18.46 66.32
C ASN F 533 -0.49 19.92 66.12
N SER F 534 0.80 20.16 65.91
CA SER F 534 1.31 21.52 65.98
C SER F 534 1.61 22.13 64.61
N ASP F 535 1.05 23.31 64.42
CA ASP F 535 1.21 24.15 63.23
C ASP F 535 2.63 24.66 62.99
N ARG F 536 3.31 24.99 64.06
CA ARG F 536 4.56 25.75 64.05
C ARG F 536 5.73 25.14 63.33
N THR F 537 5.92 23.85 63.51
CA THR F 537 6.97 23.17 62.79
C THR F 537 6.27 22.33 61.76
N PRO F 538 6.49 22.59 60.47
CA PRO F 538 5.86 21.69 59.51
C PRO F 538 6.45 20.30 59.69
N LEU F 539 7.76 20.26 59.97
CA LEU F 539 8.52 19.01 59.99
C LEU F 539 9.32 18.70 61.21
N VAL F 540 9.34 17.43 61.50
CA VAL F 540 10.15 16.89 62.55
C VAL F 540 10.86 15.72 61.91
N SER F 541 12.11 15.50 62.31
CA SER F 541 12.90 14.41 61.78
C SER F 541 13.21 13.46 62.91
N VAL F 542 12.90 12.19 62.71
CA VAL F 542 13.18 11.17 63.69
C VAL F 542 14.39 10.32 63.32
N LEU F 543 15.35 10.28 64.22
CA LEU F 543 16.60 9.60 63.98
C LEU F 543 16.81 8.45 64.94
N LEU F 544 17.21 7.29 64.43
CA LEU F 544 17.45 6.15 65.30
C LEU F 544 18.93 5.78 65.30
N GLU F 545 19.48 5.67 66.51
CA GLU F 545 20.89 5.33 66.68
C GLU F 545 21.08 3.94 67.25
N GLY F 546 21.73 3.05 66.49
CA GLY F 546 22.02 1.71 66.97
C GLY F 546 23.20 1.15 66.21
N PRO F 547 23.94 0.20 66.81
CA PRO F 547 24.86 -0.38 65.84
C PRO F 547 24.25 -1.70 65.41
N PRO F 548 24.13 -1.90 64.08
CA PRO F 548 23.53 -3.13 63.58
C PRO F 548 24.39 -4.34 63.83
N HIS F 549 23.73 -5.48 63.85
CA HIS F 549 22.29 -5.48 63.62
C HIS F 549 21.49 -5.27 64.90
N SER F 550 21.36 -4.02 65.35
CA SER F 550 20.40 -3.78 66.43
C SER F 550 19.18 -3.63 65.54
N GLY F 551 17.96 -3.81 65.95
CA GLY F 551 17.00 -3.76 64.86
C GLY F 551 16.37 -2.35 64.83
N LYS F 552 17.11 -1.26 64.70
CA LYS F 552 16.47 0.04 64.88
C LYS F 552 15.35 0.22 63.85
N THR F 553 15.65 -0.21 62.63
CA THR F 553 14.79 -0.18 61.44
C THR F 553 13.35 -0.66 61.81
N ALA F 554 13.27 -1.73 62.61
CA ALA F 554 11.97 -2.25 63.05
C ALA F 554 11.22 -1.27 63.93
N LEU F 555 11.94 -0.65 64.84
CA LEU F 555 11.37 0.32 65.78
C LEU F 555 10.80 1.46 64.96
N ALA F 556 11.52 1.85 63.91
CA ALA F 556 11.08 2.93 63.05
C ALA F 556 9.76 2.55 62.37
N ALA F 557 9.67 1.31 61.89
CA ALA F 557 8.41 0.86 61.29
C ALA F 557 7.25 0.92 62.28
N LYS F 558 7.52 0.52 63.52
CA LYS F 558 6.52 0.51 64.57
C LYS F 558 5.98 1.93 64.77
N ILE F 559 6.96 2.84 64.86
CA ILE F 559 6.72 4.25 65.11
C ILE F 559 5.77 4.72 64.04
N ALA F 560 6.04 4.30 62.81
CA ALA F 560 5.20 4.73 61.70
C ALA F 560 3.79 4.19 61.89
N GLU F 561 3.66 2.93 62.33
CA GLU F 561 2.31 2.35 62.39
C GLU F 561 1.39 3.03 63.41
N GLU F 562 1.89 3.35 64.60
CA GLU F 562 1.02 3.98 65.62
C GLU F 562 0.46 5.34 65.28
N SER F 563 1.20 6.07 64.48
CA SER F 563 0.83 7.42 64.12
C SER F 563 -0.53 7.57 63.46
N ASN F 564 -0.86 6.60 62.60
CA ASN F 564 -2.05 6.61 61.76
C ASN F 564 -2.11 7.82 60.86
N PHE F 565 -0.95 8.23 60.36
CA PHE F 565 -0.88 9.34 59.42
C PHE F 565 -1.60 8.89 58.16
N PRO F 566 -2.10 9.83 57.35
CA PRO F 566 -3.06 9.58 56.29
C PRO F 566 -2.27 8.82 55.21
N PHE F 567 -1.05 9.30 54.99
CA PHE F 567 -0.06 8.70 54.10
C PHE F 567 1.24 8.46 54.88
N ILE F 568 1.59 7.18 55.01
CA ILE F 568 2.86 6.74 55.55
C ILE F 568 3.60 5.75 54.65
N LYS F 569 4.79 6.17 54.23
CA LYS F 569 5.57 5.38 53.30
C LYS F 569 6.98 5.14 53.84
N ILE F 570 7.41 3.88 53.76
CA ILE F 570 8.72 3.47 54.23
C ILE F 570 9.54 3.12 53.01
N CYS F 571 10.70 3.76 52.83
CA CYS F 571 11.41 3.52 51.58
C CYS F 571 12.57 2.57 51.76
N SER F 572 12.66 1.60 50.86
CA SER F 572 13.67 0.57 50.97
C SER F 572 14.75 0.68 49.90
N PRO F 573 16.02 0.60 50.28
CA PRO F 573 17.13 0.70 49.33
C PRO F 573 17.05 -0.41 48.29
N ASP F 574 16.64 -1.62 48.69
CA ASP F 574 16.66 -2.74 47.76
C ASP F 574 15.77 -2.35 46.60
N LYS F 575 14.68 -1.65 46.90
CA LYS F 575 13.79 -1.16 45.87
C LYS F 575 14.63 -0.27 44.94
N MET F 576 15.55 0.48 45.53
CA MET F 576 16.46 1.35 44.79
C MET F 576 17.73 0.63 44.33
N ILE F 577 17.81 -0.67 44.57
CA ILE F 577 19.07 -1.36 44.35
C ILE F 577 19.57 -1.39 42.93
N GLY F 578 20.86 -1.13 42.78
CA GLY F 578 21.50 -1.16 41.49
C GLY F 578 21.26 0.11 40.69
N PHE F 579 20.58 1.06 41.30
CA PHE F 579 20.23 2.27 40.58
C PHE F 579 21.41 3.19 40.37
N SER F 580 21.30 4.01 39.34
CA SER F 580 22.27 5.04 39.04
C SER F 580 22.03 6.11 40.09
N GLU F 581 22.98 7.05 40.22
CA GLU F 581 22.88 8.10 41.23
C GLU F 581 21.56 8.82 40.99
N THR F 582 21.35 9.15 39.73
CA THR F 582 20.21 9.94 39.31
C THR F 582 18.93 9.22 39.70
N ALA F 583 18.89 7.91 39.45
CA ALA F 583 17.67 7.14 39.70
C ALA F 583 17.29 7.09 41.17
N LYS F 584 18.28 6.90 42.03
CA LYS F 584 18.03 6.89 43.48
C LYS F 584 17.45 8.23 43.86
N CYS F 585 18.10 9.27 43.36
CA CYS F 585 17.67 10.62 43.71
C CYS F 585 16.24 10.88 43.25
N GLN F 586 15.92 10.40 42.06
CA GLN F 586 14.60 10.57 41.47
C GLN F 586 13.56 9.86 42.31
N ALA F 587 13.91 8.69 42.81
CA ALA F 587 13.01 7.94 43.68
C ALA F 587 12.73 8.73 44.96
N MET F 588 13.79 9.29 45.55
CA MET F 588 13.61 10.07 46.77
C MET F 588 12.66 11.23 46.49
N LYS F 589 12.88 11.87 45.34
CA LYS F 589 12.11 13.02 44.96
C LYS F 589 10.66 12.65 44.80
N LYS F 590 10.45 11.50 44.16
CA LYS F 590 9.11 11.00 43.92
C LYS F 590 8.34 10.71 45.18
N ILE F 591 8.97 10.00 46.11
CA ILE F 591 8.31 9.63 47.35
C ILE F 591 7.89 10.86 48.08
N PHE F 592 8.83 11.77 48.13
CA PHE F 592 8.67 13.02 48.81
C PHE F 592 7.63 13.94 48.20
N ASP F 593 7.56 13.98 46.87
CA ASP F 593 6.52 14.74 46.16
C ASP F 593 5.19 14.14 46.53
N ASP F 594 5.17 12.82 46.63
CA ASP F 594 3.98 12.09 47.01
C ASP F 594 3.55 12.53 48.40
N ALA F 595 4.52 12.69 49.29
CA ALA F 595 4.22 13.13 50.66
C ALA F 595 3.61 14.54 50.63
N TYR F 596 4.10 15.40 49.75
CA TYR F 596 3.63 16.78 49.67
C TYR F 596 2.12 16.84 49.41
N LYS F 597 1.57 15.99 48.55
CA LYS F 597 0.17 16.18 48.19
C LYS F 597 -0.78 16.03 49.37
N SER F 598 -0.50 15.10 50.27
CA SER F 598 -1.23 15.01 51.52
C SER F 598 -1.04 16.14 52.53
N GLN F 599 -2.08 16.39 53.31
CA GLN F 599 -2.08 17.44 54.34
C GLN F 599 -0.98 17.09 55.29
N LEU F 600 -0.85 15.83 55.63
CA LEU F 600 0.29 15.51 56.43
C LEU F 600 0.79 14.10 56.23
N SER F 601 2.07 13.86 56.50
CA SER F 601 2.53 12.50 56.40
C SER F 601 3.76 12.10 57.19
N CYS F 602 3.88 10.79 57.40
CA CYS F 602 5.05 10.23 58.05
C CYS F 602 5.88 9.51 57.00
N VAL F 603 7.13 9.87 56.79
CA VAL F 603 7.89 9.12 55.81
C VAL F 603 9.07 8.51 56.55
N VAL F 604 9.27 7.21 56.34
CA VAL F 604 10.30 6.52 57.08
C VAL F 604 11.45 6.21 56.12
N VAL F 605 12.65 6.59 56.53
CA VAL F 605 13.82 6.46 55.69
C VAL F 605 14.71 5.39 56.25
N ASP F 606 15.19 4.51 55.38
CA ASP F 606 15.87 3.33 55.86
C ASP F 606 17.24 3.23 55.23
N ASP F 607 18.15 2.56 55.93
CA ASP F 607 19.47 2.29 55.39
C ASP F 607 20.14 3.58 54.94
N ILE F 608 20.15 4.57 55.81
CA ILE F 608 20.59 5.91 55.47
C ILE F 608 22.02 5.85 54.95
N GLU F 609 22.85 5.01 55.56
CA GLU F 609 24.18 4.77 55.04
C GLU F 609 24.13 4.23 53.61
N ARG F 610 23.23 3.28 53.33
CA ARG F 610 23.19 2.63 52.02
C ARG F 610 22.75 3.52 50.87
N LEU F 611 21.81 4.42 51.13
CA LEU F 611 21.30 5.31 50.09
C LEU F 611 22.47 6.12 49.56
N LEU F 612 23.29 6.57 50.51
CA LEU F 612 24.56 7.22 50.27
C LEU F 612 25.52 6.33 49.55
N ASP F 613 25.42 5.04 49.86
CA ASP F 613 26.40 4.04 49.48
C ASP F 613 27.74 4.33 50.10
N TYR F 614 27.71 4.85 51.33
CA TYR F 614 28.94 5.08 52.06
C TYR F 614 29.66 3.76 52.35
N VAL F 615 30.97 3.75 52.17
CA VAL F 615 31.77 2.59 52.55
C VAL F 615 32.92 3.11 53.44
N PRO F 616 33.21 2.45 54.58
CA PRO F 616 34.31 3.06 55.36
C PRO F 616 35.65 3.16 54.59
N ILE F 617 36.06 2.15 53.84
CA ILE F 617 37.24 2.28 52.99
C ILE F 617 36.98 3.38 51.98
N GLY F 618 38.01 4.12 51.59
CA GLY F 618 37.76 5.20 50.69
C GLY F 618 38.27 6.50 51.27
N PRO F 619 37.35 7.39 51.66
CA PRO F 619 35.90 7.11 51.63
C PRO F 619 35.28 7.08 50.24
N ARG F 620 34.27 6.22 50.05
CA ARG F 620 33.45 6.25 48.85
C ARG F 620 32.01 6.57 49.24
N PHE F 621 31.45 7.61 48.65
CA PHE F 621 30.03 7.88 48.81
C PHE F 621 29.53 8.74 47.65
N SER F 622 28.21 8.75 47.44
CA SER F 622 27.63 9.57 46.38
C SER F 622 27.15 10.86 47.00
N ASN F 623 27.86 11.92 46.70
CA ASN F 623 27.58 13.24 47.22
C ASN F 623 26.23 13.80 46.76
N LEU F 624 25.93 13.57 45.48
CA LEU F 624 24.79 14.20 44.81
C LEU F 624 23.49 13.82 45.55
N VAL F 625 23.40 12.53 45.86
CA VAL F 625 22.27 11.96 46.57
C VAL F 625 22.19 12.58 47.96
N LEU F 626 23.35 12.79 48.55
CA LEU F 626 23.44 13.33 49.90
C LEU F 626 22.87 14.71 49.97
N GLN F 627 23.19 15.49 48.95
CA GLN F 627 22.64 16.81 48.84
C GLN F 627 21.15 16.78 48.66
N ALA F 628 20.67 15.86 47.82
CA ALA F 628 19.23 15.83 47.61
C ALA F 628 18.40 15.52 48.85
N LEU F 629 18.81 14.47 49.57
CA LEU F 629 18.18 14.17 50.84
C LEU F 629 18.33 15.23 51.89
N LEU F 630 19.54 15.74 52.05
CA LEU F 630 19.81 16.64 53.15
C LEU F 630 19.01 17.91 52.90
N VAL F 631 19.00 18.36 51.65
CA VAL F 631 18.30 19.61 51.33
C VAL F 631 16.84 19.45 51.57
N LEU F 632 16.30 18.35 51.06
CA LEU F 632 14.89 18.20 51.21
C LEU F 632 14.54 18.18 52.67
N LEU F 633 15.40 17.58 53.48
CA LEU F 633 15.07 17.37 54.88
C LEU F 633 14.73 18.69 55.56
N LYS F 634 15.53 19.71 55.27
CA LYS F 634 15.28 21.05 55.78
C LYS F 634 13.97 21.55 55.19
N LYS F 635 13.75 21.22 53.91
CA LYS F 635 12.58 21.67 53.14
C LYS F 635 11.25 21.18 53.69
N ALA F 636 10.21 21.98 53.53
CA ALA F 636 8.90 21.68 54.05
C ALA F 636 7.81 21.75 52.98
N PRO F 637 6.71 21.01 53.18
CA PRO F 637 5.69 21.00 52.14
C PRO F 637 5.00 22.36 52.12
N PRO F 638 4.22 22.65 51.07
CA PRO F 638 3.51 23.93 50.98
C PRO F 638 2.48 24.10 52.09
N GLN F 639 2.06 25.32 52.42
CA GLN F 639 1.27 25.53 53.63
C GLN F 639 -0.08 24.79 53.63
N GLY F 640 -0.57 24.48 54.84
CA GLY F 640 -1.76 23.69 55.06
C GLY F 640 -1.39 22.22 55.18
N ARG F 641 -0.10 21.94 55.04
CA ARG F 641 0.40 20.58 55.23
C ARG F 641 1.70 20.44 56.06
N LYS F 642 1.82 19.33 56.78
CA LYS F 642 3.01 19.02 57.60
C LYS F 642 3.55 17.58 57.47
N LEU F 643 4.85 17.36 57.58
CA LEU F 643 5.34 15.97 57.51
C LEU F 643 6.47 15.57 58.48
N LEU F 644 6.49 14.28 58.81
CA LEU F 644 7.52 13.69 59.67
C LEU F 644 8.39 12.67 58.93
N ILE F 645 9.70 12.88 59.00
CA ILE F 645 10.67 12.03 58.33
C ILE F 645 11.48 11.22 59.34
N ILE F 646 11.49 9.90 59.20
CA ILE F 646 12.26 9.13 60.15
C ILE F 646 13.36 8.37 59.43
N GLY F 647 14.58 8.44 59.93
CA GLY F 647 15.65 7.74 59.26
C GLY F 647 16.37 6.85 60.24
N THR F 648 16.91 5.73 59.74
CA THR F 648 17.67 4.82 60.57
C THR F 648 19.14 4.92 60.21
N THR F 649 19.99 5.21 61.19
CA THR F 649 21.42 5.31 60.89
C THR F 649 22.31 4.36 61.67
N SER F 650 23.12 3.60 60.93
CA SER F 650 24.07 2.67 61.55
C SER F 650 25.12 3.42 62.34
N ARG F 651 25.58 4.51 61.74
CA ARG F 651 26.83 5.15 62.11
C ARG F 651 26.64 6.61 62.38
N LYS F 652 26.17 6.94 63.58
CA LYS F 652 25.76 8.29 63.91
C LYS F 652 26.96 9.23 63.72
N ASP F 653 28.15 8.74 64.07
CA ASP F 653 29.37 9.54 64.01
C ASP F 653 29.71 9.97 62.59
N VAL F 654 29.61 9.03 61.65
CA VAL F 654 29.93 9.33 60.27
C VAL F 654 28.91 10.32 59.73
N LEU F 655 27.66 10.11 60.10
CA LEU F 655 26.58 11.00 59.69
C LEU F 655 26.76 12.43 60.18
N GLN F 656 27.17 12.57 61.44
CA GLN F 656 27.42 13.87 62.07
C GLN F 656 28.60 14.51 61.33
N GLU F 657 29.55 13.66 60.96
CA GLU F 657 30.74 14.08 60.24
C GLU F 657 30.37 14.68 58.90
N MET F 658 29.37 14.10 58.25
CA MET F 658 28.85 14.68 57.03
C MET F 658 28.35 16.10 57.25
N GLU F 659 27.86 16.42 58.46
CA GLU F 659 27.09 17.63 58.71
C GLU F 659 25.58 17.46 58.46
N MET F 660 25.16 16.23 58.18
CA MET F 660 23.77 15.87 57.98
C MET F 660 22.99 15.70 59.30
N LEU F 661 23.63 15.13 60.33
CA LEU F 661 22.95 14.80 61.58
C LEU F 661 22.37 16.05 62.24
N ASN F 662 23.11 17.13 62.12
CA ASN F 662 22.71 18.41 62.66
C ASN F 662 21.35 18.80 62.07
N ALA F 663 21.13 18.48 60.80
CA ALA F 663 19.90 18.81 60.10
C ALA F 663 18.67 18.12 60.71
N PHE F 664 18.81 16.87 61.14
CA PHE F 664 17.66 16.13 61.69
C PHE F 664 17.16 16.75 62.98
N SER F 665 15.83 16.77 63.14
CA SER F 665 15.19 17.45 64.26
C SER F 665 15.49 16.79 65.62
N THR F 666 15.48 15.47 65.67
CA THR F 666 15.65 14.77 66.94
C THR F 666 16.58 13.58 66.79
N THR F 667 17.24 13.22 67.88
CA THR F 667 18.11 12.06 67.90
C THR F 667 17.60 11.06 68.91
N ILE F 668 17.42 9.83 68.47
CA ILE F 668 16.97 8.75 69.34
C ILE F 668 17.94 7.57 69.26
N HIS F 669 18.29 6.99 70.40
CA HIS F 669 19.25 5.88 70.41
C HIS F 669 18.64 4.57 70.90
N VAL F 670 18.88 3.51 70.12
CA VAL F 670 18.44 2.16 70.44
C VAL F 670 19.66 1.28 70.72
N PRO F 671 19.69 0.64 71.89
CA PRO F 671 20.85 -0.17 72.22
C PRO F 671 20.65 -1.69 72.28
N ASN F 672 21.73 -2.40 72.03
CA ASN F 672 21.80 -3.84 72.21
C ASN F 672 21.70 -4.21 73.68
N ILE F 673 21.29 -5.44 73.97
CA ILE F 673 21.14 -5.89 75.35
C ILE F 673 22.49 -5.81 76.08
N ALA F 674 22.44 -5.53 77.39
CA ALA F 674 23.67 -5.33 78.18
C ALA F 674 23.70 -6.20 79.42
N THR F 675 22.52 -6.56 79.93
CA THR F 675 22.42 -7.39 81.11
C THR F 675 21.88 -8.78 80.79
N GLY F 676 22.16 -9.74 81.66
CA GLY F 676 21.68 -11.10 81.46
C GLY F 676 20.17 -11.17 81.54
N GLU F 677 19.60 -10.32 82.39
CA GLU F 677 18.17 -10.27 82.59
C GLU F 677 17.41 -9.90 81.32
N GLN F 678 17.91 -8.90 80.60
CA GLN F 678 17.28 -8.46 79.37
C GLN F 678 17.33 -9.60 78.34
N LEU F 679 18.41 -10.37 78.43
CA LEU F 679 18.65 -11.50 77.54
C LEU F 679 17.58 -12.57 77.75
N LEU F 680 17.44 -13.03 78.99
CA LEU F 680 16.41 -14.04 79.27
C LEU F 680 15.05 -13.47 78.97
N GLU F 681 14.82 -12.20 79.30
CA GLU F 681 13.54 -11.56 79.04
C GLU F 681 13.17 -11.70 77.56
N ALA F 682 14.19 -11.57 76.71
CA ALA F 682 13.99 -11.73 75.28
C ALA F 682 13.73 -13.18 74.92
N LEU F 683 14.54 -14.11 75.43
CA LEU F 683 14.33 -15.53 75.13
C LEU F 683 12.94 -16.00 75.56
N GLU F 684 12.43 -15.40 76.62
CA GLU F 684 11.13 -15.74 77.18
C GLU F 684 10.04 -15.21 76.27
N LEU F 685 10.12 -13.93 75.92
CA LEU F 685 9.12 -13.36 75.01
C LEU F 685 9.10 -14.10 73.67
N LEU F 686 10.27 -14.59 73.24
CA LEU F 686 10.37 -15.29 71.96
C LEU F 686 9.91 -16.74 72.06
N GLY F 687 10.12 -17.34 73.23
CA GLY F 687 9.75 -18.73 73.49
C GLY F 687 10.32 -19.70 72.47
N ASN F 688 11.59 -20.07 72.67
CA ASN F 688 12.28 -20.99 71.78
C ASN F 688 12.87 -22.15 72.55
N PHE F 689 13.46 -21.84 73.71
CA PHE F 689 14.08 -22.86 74.54
C PHE F 689 13.10 -23.35 75.59
N LYS F 690 13.37 -24.54 76.10
CA LYS F 690 12.54 -25.15 77.12
C LYS F 690 12.85 -24.50 78.45
N ASP F 691 11.96 -24.69 79.43
CA ASP F 691 12.14 -24.15 80.78
C ASP F 691 13.51 -24.51 81.33
N LYS F 692 13.91 -25.76 81.09
CA LYS F 692 15.18 -26.30 81.56
C LYS F 692 16.36 -25.57 80.92
N GLU F 693 16.33 -25.50 79.60
CA GLU F 693 17.38 -24.85 78.84
C GLU F 693 17.58 -23.42 79.34
N ARG F 694 16.51 -22.64 79.35
CA ARG F 694 16.60 -21.26 79.81
C ARG F 694 17.08 -21.18 81.25
N THR F 695 16.76 -22.21 82.04
CA THR F 695 17.26 -22.26 83.42
C THR F 695 18.77 -22.46 83.46
N THR F 696 19.33 -23.11 82.43
CA THR F 696 20.77 -23.33 82.38
C THR F 696 21.47 -22.08 81.84
N ILE F 697 20.86 -21.51 80.81
CA ILE F 697 21.37 -20.33 80.15
C ILE F 697 21.49 -19.20 81.15
N ALA F 698 20.42 -19.00 81.92
CA ALA F 698 20.41 -17.96 82.94
C ALA F 698 21.56 -18.19 83.91
N GLN F 699 21.81 -19.46 84.23
CA GLN F 699 22.89 -19.82 85.14
C GLN F 699 24.25 -19.56 84.48
N GLN F 700 24.24 -19.35 83.17
CA GLN F 700 25.48 -19.02 82.48
C GLN F 700 25.61 -17.54 82.07
N VAL F 701 24.58 -16.74 82.31
CA VAL F 701 24.64 -15.32 81.94
C VAL F 701 24.33 -14.34 83.07
N LYS F 702 23.34 -14.66 83.91
CA LYS F 702 22.95 -13.80 85.04
C LYS F 702 24.15 -13.31 85.84
N GLY F 703 24.30 -12.00 85.91
CA GLY F 703 25.39 -11.40 86.64
C GLY F 703 26.48 -10.94 85.68
N LYS F 704 26.64 -11.68 84.59
CA LYS F 704 27.67 -11.34 83.62
C LYS F 704 27.20 -10.23 82.67
N LYS F 705 28.11 -9.76 81.84
CA LYS F 705 27.79 -8.70 80.89
C LYS F 705 27.70 -9.26 79.47
N VAL F 706 26.63 -8.88 78.78
CA VAL F 706 26.40 -9.32 77.42
C VAL F 706 26.28 -8.08 76.56
N TRP F 707 26.33 -8.24 75.24
CA TRP F 707 26.24 -7.13 74.29
C TRP F 707 25.99 -7.64 72.90
N ILE F 708 24.73 -7.90 72.63
CA ILE F 708 24.32 -8.40 71.33
C ILE F 708 23.00 -7.78 70.92
N GLY F 709 22.96 -7.31 69.68
CA GLY F 709 21.78 -6.73 69.12
C GLY F 709 20.70 -7.79 69.10
N ILE F 710 19.46 -7.34 68.98
CA ILE F 710 18.32 -8.24 68.96
C ILE F 710 18.28 -9.24 67.76
N LYS F 711 18.48 -8.77 66.52
CA LYS F 711 18.41 -9.64 65.33
C LYS F 711 19.41 -10.82 65.33
N LYS F 712 20.68 -10.61 65.71
CA LYS F 712 21.69 -11.68 65.78
C LYS F 712 21.17 -12.68 66.75
N LEU F 713 20.49 -12.20 67.78
CA LEU F 713 19.95 -13.10 68.78
C LEU F 713 18.95 -13.96 68.05
N LEU F 714 17.98 -13.35 67.36
CA LEU F 714 17.03 -14.19 66.62
C LEU F 714 17.75 -15.16 65.69
N MET F 715 18.95 -14.78 65.26
CA MET F 715 19.73 -15.61 64.36
C MET F 715 20.42 -16.78 65.07
N LEU F 716 21.17 -16.47 66.13
CA LEU F 716 21.90 -17.44 66.94
C LEU F 716 20.95 -18.44 67.54
N ILE F 717 19.75 -17.99 67.88
CA ILE F 717 18.75 -18.86 68.46
C ILE F 717 18.46 -19.96 67.47
N GLU F 718 18.22 -19.54 66.23
CA GLU F 718 17.92 -20.47 65.16
C GLU F 718 19.15 -21.30 64.84
N MET F 719 20.33 -20.73 65.03
CA MET F 719 21.56 -21.43 64.75
C MET F 719 21.77 -22.51 65.81
N SER F 720 21.09 -22.34 66.94
CA SER F 720 21.17 -23.28 68.04
C SER F 720 20.09 -24.37 68.04
N LEU F 721 18.93 -24.03 67.50
CA LEU F 721 17.82 -24.97 67.44
C LEU F 721 18.13 -26.08 66.46
N GLN F 722 19.20 -25.85 65.70
CA GLN F 722 19.60 -26.81 64.69
C GLN F 722 20.39 -27.98 65.26
N MET F 723 20.95 -27.81 66.45
CA MET F 723 21.72 -28.88 67.03
C MET F 723 20.69 -29.76 67.73
N ASP F 724 21.07 -30.99 68.01
CA ASP F 724 20.18 -31.95 68.68
C ASP F 724 19.69 -31.34 70.00
N PRO F 725 18.55 -31.83 70.52
CA PRO F 725 17.95 -31.33 71.76
C PRO F 725 18.91 -31.10 72.93
N GLU F 726 20.08 -31.73 72.93
CA GLU F 726 21.04 -31.54 74.02
C GLU F 726 22.22 -30.66 73.60
N TYR F 727 22.43 -30.48 72.30
CA TYR F 727 23.54 -29.66 71.83
C TYR F 727 23.10 -28.22 71.53
N ARG F 728 21.81 -27.94 71.74
CA ARG F 728 21.26 -26.63 71.46
C ARG F 728 21.77 -25.58 72.44
N VAL F 729 21.68 -25.88 73.73
CA VAL F 729 22.13 -24.95 74.76
C VAL F 729 23.62 -24.63 74.61
N ARG F 730 24.42 -25.69 74.50
CA ARG F 730 25.86 -25.53 74.36
C ARG F 730 26.23 -24.71 73.12
N LYS F 731 25.52 -24.99 72.02
CA LYS F 731 25.81 -24.25 70.80
C LYS F 731 25.43 -22.78 70.95
N PHE F 732 24.36 -22.54 71.71
CA PHE F 732 23.90 -21.18 71.93
C PHE F 732 24.96 -20.39 72.69
N LEU F 733 25.38 -20.94 73.83
CA LEU F 733 26.40 -20.25 74.61
C LEU F 733 27.70 -20.06 73.84
N ALA F 734 27.99 -20.97 72.91
CA ALA F 734 29.17 -20.78 72.07
C ALA F 734 29.03 -19.59 71.13
N LEU F 735 27.87 -19.51 70.48
CA LEU F 735 27.64 -18.40 69.56
C LEU F 735 27.65 -17.08 70.30
N LEU F 736 26.89 -17.00 71.38
CA LEU F 736 26.85 -15.78 72.18
C LEU F 736 28.24 -15.46 72.71
N ARG F 737 29.06 -16.50 72.83
CA ARG F 737 30.44 -16.31 73.28
C ARG F 737 31.26 -15.65 72.20
N GLU F 738 30.87 -15.86 70.94
CA GLU F 738 31.58 -15.18 69.85
C GLU F 738 31.08 -13.76 69.54
N GLU F 739 29.77 -13.55 69.61
CA GLU F 739 29.16 -12.25 69.30
C GLU F 739 29.29 -11.22 70.43
N GLY F 740 30.35 -11.31 71.23
CA GLY F 740 30.56 -10.40 72.33
C GLY F 740 31.53 -9.28 71.98
N ALA G 10 -38.03 -11.83 -81.54
CA ALA G 10 -38.58 -10.81 -80.67
C ALA G 10 -37.57 -9.69 -80.44
N GLU G 11 -37.35 -8.87 -81.46
CA GLU G 11 -36.40 -7.77 -81.38
C GLU G 11 -37.06 -6.59 -80.69
N ALA G 12 -36.34 -5.96 -79.77
CA ALA G 12 -36.86 -4.80 -79.03
C ALA G 12 -37.29 -3.66 -79.95
N MET G 13 -36.33 -3.05 -80.64
CA MET G 13 -36.61 -1.94 -81.54
C MET G 13 -37.64 -2.28 -82.62
N ALA G 14 -37.79 -3.58 -82.91
CA ALA G 14 -38.77 -4.05 -83.88
C ALA G 14 -40.15 -3.91 -83.27
N LEU G 15 -40.27 -4.33 -82.02
CA LEU G 15 -41.53 -4.23 -81.30
C LEU G 15 -41.88 -2.75 -81.23
N LEU G 16 -40.88 -1.93 -80.91
CA LEU G 16 -41.07 -0.49 -80.83
C LEU G 16 -41.60 0.05 -82.17
N ALA G 17 -41.18 -0.56 -83.27
CA ALA G 17 -41.73 -0.20 -84.60
C ALA G 17 -43.19 -0.65 -84.86
N GLU G 18 -43.46 -1.95 -84.75
CA GLU G 18 -44.83 -2.45 -84.97
C GLU G 18 -45.85 -1.78 -84.06
N ALA G 19 -45.42 -1.50 -82.83
CA ALA G 19 -46.28 -0.86 -81.85
C ALA G 19 -46.73 0.48 -82.39
N GLU G 20 -45.84 1.13 -83.15
CA GLU G 20 -46.16 2.42 -83.73
C GLU G 20 -47.03 2.19 -84.94
N ARG G 21 -46.84 1.06 -85.61
CA ARG G 21 -47.66 0.75 -86.78
C ARG G 21 -49.13 0.59 -86.40
N LYS G 22 -49.41 0.12 -85.19
CA LYS G 22 -50.81 -0.05 -84.80
C LYS G 22 -51.37 1.06 -83.89
N VAL G 23 -50.49 1.84 -83.25
CA VAL G 23 -50.96 2.93 -82.38
C VAL G 23 -51.40 4.19 -83.16
N LYS G 24 -52.54 4.09 -83.84
CA LYS G 24 -53.03 5.20 -84.63
C LYS G 24 -54.44 4.91 -85.09
N ASN G 25 -55.29 5.94 -85.05
CA ASN G 25 -56.66 5.81 -85.48
C ASN G 25 -56.73 5.21 -86.87
N SER G 26 -57.44 4.10 -86.99
CA SER G 26 -57.58 3.40 -88.26
C SER G 26 -58.43 4.18 -89.26
N GLN G 27 -58.25 3.85 -90.53
CA GLN G 27 -58.97 4.50 -91.62
C GLN G 27 -58.90 3.61 -92.86
N SER G 28 -59.61 4.00 -93.91
CA SER G 28 -59.62 3.26 -95.18
C SER G 28 -60.24 1.88 -94.97
N PHE G 29 -59.69 0.85 -95.61
CA PHE G 29 -60.20 -0.51 -95.48
C PHE G 29 -59.79 -1.13 -94.14
N PHE G 30 -58.82 -0.52 -93.48
CA PHE G 30 -58.32 -1.00 -92.20
C PHE G 30 -59.37 -0.76 -91.13
N SER G 31 -59.91 0.45 -91.09
CA SER G 31 -60.95 0.80 -90.12
C SER G 31 -62.17 -0.12 -90.28
N GLY G 32 -62.44 -0.53 -91.51
CA GLY G 32 -63.57 -1.40 -91.80
C GLY G 32 -64.89 -0.99 -91.18
N LEU G 33 -65.38 -1.80 -90.25
CA LEU G 33 -66.65 -1.56 -89.59
C LEU G 33 -66.48 -0.95 -88.19
N PHE G 34 -65.56 -1.51 -87.41
CA PHE G 34 -65.34 -1.02 -86.05
C PHE G 34 -64.02 -0.28 -85.90
N GLY G 35 -63.91 0.50 -84.82
CA GLY G 35 -62.69 1.26 -84.55
C GLY G 35 -61.55 0.39 -84.06
N GLY G 36 -60.72 0.96 -83.19
CA GLY G 36 -59.58 0.22 -82.68
C GLY G 36 -59.16 0.57 -81.28
N SER G 37 -60.11 0.56 -80.34
CA SER G 37 -59.83 0.84 -78.95
C SER G 37 -58.89 -0.22 -78.38
N SER G 38 -58.72 -1.31 -79.13
CA SER G 38 -57.88 -2.43 -78.76
C SER G 38 -56.50 -2.35 -79.40
N LYS G 39 -56.43 -1.67 -80.54
CA LYS G 39 -55.19 -1.48 -81.29
C LYS G 39 -54.20 -0.78 -80.37
N ILE G 40 -54.66 0.31 -79.78
CA ILE G 40 -53.86 1.11 -78.86
C ILE G 40 -53.40 0.22 -77.67
N GLU G 41 -54.25 -0.73 -77.29
CA GLU G 41 -53.96 -1.64 -76.17
C GLU G 41 -52.93 -2.68 -76.60
N GLU G 42 -53.01 -3.04 -77.87
CA GLU G 42 -52.13 -4.03 -78.46
C GLU G 42 -50.76 -3.40 -78.44
N ALA G 43 -50.71 -2.12 -78.79
CA ALA G 43 -49.45 -1.39 -78.84
C ALA G 43 -48.89 -1.30 -77.44
N CYS G 44 -49.73 -0.98 -76.45
CA CYS G 44 -49.26 -0.95 -75.08
C CYS G 44 -48.58 -2.26 -74.69
N GLU G 45 -49.24 -3.37 -75.02
CA GLU G 45 -48.66 -4.69 -74.72
C GLU G 45 -47.35 -4.90 -75.46
N ILE G 46 -47.25 -4.34 -76.66
CA ILE G 46 -46.02 -4.46 -77.44
C ILE G 46 -44.87 -3.76 -76.72
N TYR G 47 -45.02 -2.44 -76.51
CA TYR G 47 -43.99 -1.68 -75.81
C TYR G 47 -43.63 -2.31 -74.48
N ALA G 48 -44.62 -2.90 -73.80
CA ALA G 48 -44.33 -3.60 -72.55
C ALA G 48 -43.40 -4.79 -72.79
N ARG G 49 -43.67 -5.51 -73.88
CA ARG G 49 -42.87 -6.65 -74.29
C ARG G 49 -41.44 -6.19 -74.62
N ALA G 50 -41.33 -4.96 -75.07
CA ALA G 50 -40.04 -4.38 -75.44
C ALA G 50 -39.26 -4.03 -74.19
N ALA G 51 -39.87 -3.23 -73.33
CA ALA G 51 -39.27 -2.81 -72.06
C ALA G 51 -38.85 -4.02 -71.25
N ASN G 52 -39.51 -5.15 -71.52
CA ASN G 52 -39.19 -6.39 -70.83
C ASN G 52 -37.75 -6.81 -71.14
N MET G 53 -37.44 -6.99 -72.43
CA MET G 53 -36.11 -7.40 -72.83
C MET G 53 -35.11 -6.27 -72.63
N PHE G 54 -35.61 -5.02 -72.56
CA PHE G 54 -34.72 -3.91 -72.31
C PHE G 54 -34.23 -4.02 -70.86
N LYS G 55 -35.15 -4.40 -69.97
CA LYS G 55 -34.82 -4.59 -68.56
C LYS G 55 -33.99 -5.87 -68.41
N MET G 56 -34.05 -6.73 -69.41
CA MET G 56 -33.28 -7.97 -69.40
C MET G 56 -31.79 -7.68 -69.51
N ALA G 57 -31.38 -7.08 -70.62
CA ALA G 57 -29.98 -6.72 -70.87
C ALA G 57 -29.46 -5.62 -69.94
N LYS G 58 -30.28 -5.27 -68.94
CA LYS G 58 -29.95 -4.24 -67.95
C LYS G 58 -29.76 -2.87 -68.59
N ASN G 59 -30.45 -2.66 -69.72
CA ASN G 59 -30.37 -1.40 -70.44
C ASN G 59 -31.35 -0.39 -69.89
N TRP G 60 -31.94 -0.71 -68.75
CA TRP G 60 -32.97 0.08 -68.05
C TRP G 60 -33.47 1.33 -68.75
N SER G 61 -32.56 2.27 -69.00
CA SER G 61 -32.85 3.53 -69.69
C SER G 61 -33.91 3.33 -70.78
N ALA G 62 -33.59 2.44 -71.71
CA ALA G 62 -34.48 2.11 -72.82
C ALA G 62 -35.78 1.50 -72.31
N ALA G 63 -35.68 0.63 -71.31
CA ALA G 63 -36.86 0.00 -70.71
C ALA G 63 -37.80 1.07 -70.18
N GLY G 64 -37.22 2.04 -69.48
CA GLY G 64 -37.99 3.12 -68.92
C GLY G 64 -38.65 3.92 -70.02
N ASN G 65 -37.86 4.36 -71.01
CA ASN G 65 -38.43 5.11 -72.13
C ASN G 65 -39.50 4.33 -72.89
N ALA G 66 -39.46 3.00 -72.75
CA ALA G 66 -40.39 2.10 -73.42
C ALA G 66 -41.70 2.11 -72.65
N PHE G 67 -41.57 2.00 -71.33
CA PHE G 67 -42.73 1.98 -70.46
C PHE G 67 -43.44 3.32 -70.58
N CYS G 68 -42.68 4.41 -70.73
CA CYS G 68 -43.28 5.72 -70.90
C CYS G 68 -44.23 5.69 -72.09
N GLN G 69 -43.81 4.98 -73.14
CA GLN G 69 -44.60 4.86 -74.35
C GLN G 69 -45.86 4.04 -74.09
N ALA G 70 -45.71 2.81 -73.63
CA ALA G 70 -46.89 1.95 -73.36
C ALA G 70 -47.89 2.63 -72.42
N ALA G 71 -47.35 3.46 -71.53
CA ALA G 71 -48.12 4.12 -70.48
C ALA G 71 -48.90 5.27 -71.09
N GLN G 72 -48.19 6.11 -71.85
CA GLN G 72 -48.79 7.27 -72.51
C GLN G 72 -49.91 6.77 -73.40
N LEU G 73 -49.64 5.68 -74.11
CA LEU G 73 -50.62 5.11 -75.01
C LEU G 73 -51.84 4.64 -74.25
N HIS G 74 -51.61 3.98 -73.11
CA HIS G 74 -52.72 3.46 -72.32
C HIS G 74 -53.73 4.58 -72.00
N LEU G 75 -53.25 5.80 -71.78
CA LEU G 75 -54.11 6.95 -71.49
C LEU G 75 -55.00 7.30 -72.69
N GLN G 76 -54.44 7.13 -73.89
CA GLN G 76 -55.12 7.41 -75.15
C GLN G 76 -56.13 6.32 -75.47
N LEU G 77 -56.42 5.49 -74.47
CA LEU G 77 -57.33 4.36 -74.60
C LEU G 77 -58.48 4.43 -73.61
N GLN G 78 -58.24 5.13 -72.50
CA GLN G 78 -59.18 5.33 -71.38
C GLN G 78 -59.02 4.17 -70.39
N SER G 79 -57.99 4.28 -69.55
CA SER G 79 -57.65 3.28 -68.53
C SER G 79 -56.57 3.82 -67.61
N LYS G 80 -56.89 4.91 -66.90
CA LYS G 80 -55.98 5.58 -65.98
C LYS G 80 -55.29 4.65 -64.97
N HIS G 81 -56.02 3.68 -64.45
CA HIS G 81 -55.50 2.72 -63.46
C HIS G 81 -54.21 2.02 -63.88
N ASP G 82 -54.39 0.93 -64.62
CA ASP G 82 -53.27 0.13 -65.11
C ASP G 82 -52.23 0.97 -65.86
N ALA G 83 -52.63 2.18 -66.26
CA ALA G 83 -51.74 3.11 -66.95
C ALA G 83 -50.75 3.65 -65.93
N ALA G 84 -51.30 4.28 -64.91
CA ALA G 84 -50.50 4.85 -63.83
C ALA G 84 -49.54 3.79 -63.31
N THR G 85 -50.03 2.57 -63.13
CA THR G 85 -49.11 1.51 -62.68
C THR G 85 -47.90 1.40 -63.63
N CYS G 86 -48.16 1.60 -64.93
CA CYS G 86 -47.09 1.55 -65.92
C CYS G 86 -46.12 2.69 -65.66
N PHE G 87 -46.66 3.89 -65.39
CA PHE G 87 -45.80 5.03 -65.06
C PHE G 87 -44.90 4.69 -63.89
N VAL G 88 -45.41 3.88 -62.97
CA VAL G 88 -44.63 3.44 -61.82
C VAL G 88 -43.51 2.55 -62.29
N ASP G 89 -43.81 1.59 -63.15
CA ASP G 89 -42.78 0.69 -63.69
C ASP G 89 -41.67 1.50 -64.36
N ALA G 90 -42.07 2.58 -65.03
CA ALA G 90 -41.16 3.46 -65.76
C ALA G 90 -40.28 4.17 -64.76
N GLY G 91 -40.88 4.58 -63.64
CA GLY G 91 -40.18 5.31 -62.62
C GLY G 91 -39.17 4.40 -61.95
N ASN G 92 -39.57 3.19 -61.62
CA ASN G 92 -38.68 2.22 -60.97
C ASN G 92 -37.51 1.94 -61.89
N ALA G 93 -37.79 1.88 -63.19
CA ALA G 93 -36.76 1.63 -64.19
C ALA G 93 -35.76 2.78 -64.18
N PHE G 94 -36.19 3.97 -64.57
CA PHE G 94 -35.30 5.13 -64.59
C PHE G 94 -34.54 5.32 -63.26
N LYS G 95 -35.26 5.17 -62.16
CA LYS G 95 -34.70 5.30 -60.82
C LYS G 95 -33.49 4.39 -60.67
N LYS G 96 -33.71 3.09 -60.84
CA LYS G 96 -32.59 2.16 -60.74
C LYS G 96 -31.63 2.36 -61.92
N ALA G 97 -32.13 2.93 -63.01
CA ALA G 97 -31.33 3.17 -64.21
C ALA G 97 -30.27 4.23 -63.98
N ASP G 98 -29.62 4.63 -65.06
CA ASP G 98 -28.58 5.65 -65.02
C ASP G 98 -29.08 7.06 -65.41
N PRO G 99 -30.11 7.20 -66.29
CA PRO G 99 -30.60 8.54 -66.56
C PRO G 99 -31.56 9.07 -65.50
N GLN G 100 -32.19 10.22 -65.80
CA GLN G 100 -33.14 10.85 -64.90
C GLN G 100 -34.55 10.36 -65.22
N GLU G 101 -35.49 11.28 -65.51
CA GLU G 101 -36.88 10.93 -65.84
C GLU G 101 -37.66 10.31 -64.68
N ALA G 102 -36.94 9.80 -63.68
CA ALA G 102 -37.54 9.19 -62.49
C ALA G 102 -38.50 10.15 -61.81
N ILE G 103 -38.25 11.44 -62.00
CA ILE G 103 -39.09 12.46 -61.39
C ILE G 103 -40.38 12.70 -62.21
N ASN G 104 -40.25 12.68 -63.54
CA ASN G 104 -41.38 12.93 -64.43
C ASN G 104 -42.41 11.81 -64.39
N CYS G 105 -41.95 10.57 -64.52
CA CYS G 105 -42.85 9.42 -64.49
C CYS G 105 -43.68 9.42 -63.21
N LEU G 106 -43.03 9.64 -62.08
CA LEU G 106 -43.72 9.65 -60.79
C LEU G 106 -44.73 10.80 -60.68
N MET G 107 -44.37 11.99 -61.16
CA MET G 107 -45.36 13.08 -61.13
C MET G 107 -46.58 12.69 -61.97
N ARG G 108 -46.29 12.09 -63.12
CA ARG G 108 -47.32 11.67 -64.06
C ARG G 108 -48.10 10.49 -63.50
N ALA G 109 -47.59 9.91 -62.41
CA ALA G 109 -48.26 8.80 -61.75
C ALA G 109 -49.21 9.32 -60.68
N ILE G 110 -48.72 10.27 -59.87
CA ILE G 110 -49.55 10.84 -58.84
C ILE G 110 -50.71 11.61 -59.41
N GLU G 111 -50.52 12.37 -60.48
CA GLU G 111 -51.68 13.07 -61.06
C GLU G 111 -52.86 12.13 -61.33
N ILE G 112 -52.54 10.86 -61.60
CA ILE G 112 -53.53 9.83 -61.90
C ILE G 112 -54.09 9.21 -60.63
N TYR G 113 -53.21 8.78 -59.73
CA TYR G 113 -53.67 8.19 -58.48
C TYR G 113 -54.49 9.20 -57.68
N THR G 114 -54.27 10.47 -57.98
CA THR G 114 -54.93 11.57 -57.30
C THR G 114 -56.28 11.83 -57.94
N ASP G 115 -56.28 12.14 -59.23
CA ASP G 115 -57.56 12.38 -59.91
C ASP G 115 -58.52 11.20 -59.80
N MET G 116 -58.01 9.98 -59.92
CA MET G 116 -58.82 8.76 -59.84
C MET G 116 -59.54 8.61 -58.51
N GLY G 117 -58.80 8.78 -57.41
CA GLY G 117 -59.34 8.66 -56.07
C GLY G 117 -58.54 7.73 -55.18
N ARG G 118 -57.27 7.57 -55.53
CA ARG G 118 -56.42 6.68 -54.79
C ARG G 118 -55.29 7.46 -54.09
N PHE G 119 -55.60 8.10 -52.96
CA PHE G 119 -54.62 8.88 -52.19
C PHE G 119 -53.65 8.05 -51.38
N THR G 120 -54.10 6.87 -50.94
CA THR G 120 -53.25 5.98 -50.17
C THR G 120 -51.95 5.78 -50.96
N ILE G 121 -52.13 5.31 -52.19
CA ILE G 121 -51.02 5.02 -53.04
C ILE G 121 -50.36 6.28 -53.59
N ALA G 122 -51.15 7.35 -53.72
CA ALA G 122 -50.64 8.62 -54.22
C ALA G 122 -49.58 9.12 -53.26
N ALA G 123 -49.85 8.93 -51.96
CA ALA G 123 -48.91 9.37 -50.93
C ALA G 123 -47.76 8.39 -50.87
N LYS G 124 -48.05 7.11 -51.11
CA LYS G 124 -46.98 6.12 -51.17
C LYS G 124 -45.89 6.50 -52.18
N HIS G 125 -46.30 7.01 -53.33
CA HIS G 125 -45.30 7.43 -54.30
C HIS G 125 -44.84 8.86 -54.05
N HIS G 126 -45.65 9.59 -53.29
CA HIS G 126 -45.38 11.00 -52.99
C HIS G 126 -44.15 11.10 -52.10
N ILE G 127 -44.05 10.20 -51.14
CA ILE G 127 -42.90 10.21 -50.25
C ILE G 127 -41.64 9.79 -51.01
N SER G 128 -41.79 8.84 -51.92
CA SER G 128 -40.66 8.37 -52.72
C SER G 128 -40.15 9.57 -53.52
N ILE G 129 -41.11 10.36 -53.99
CA ILE G 129 -40.81 11.54 -54.77
C ILE G 129 -40.00 12.52 -53.95
N ALA G 130 -40.58 13.04 -52.87
CA ALA G 130 -39.84 13.99 -52.04
C ALA G 130 -38.50 13.44 -51.57
N GLU G 131 -38.37 12.11 -51.54
CA GLU G 131 -37.12 11.49 -51.11
C GLU G 131 -36.06 11.55 -52.22
N ILE G 132 -36.52 11.47 -53.47
CA ILE G 132 -35.60 11.54 -54.62
C ILE G 132 -35.25 12.98 -54.92
N TYR G 133 -36.23 13.88 -54.81
CA TYR G 133 -36.03 15.30 -55.09
C TYR G 133 -35.06 15.93 -54.10
N GLU G 134 -34.61 15.14 -53.13
CA GLU G 134 -33.69 15.59 -52.11
C GLU G 134 -32.37 14.84 -52.19
N THR G 135 -32.41 13.52 -52.04
CA THR G 135 -31.16 12.76 -52.12
C THR G 135 -30.49 12.80 -53.51
N GLU G 136 -31.24 13.22 -54.53
CA GLU G 136 -30.72 13.31 -55.88
C GLU G 136 -30.63 14.76 -56.36
N LEU G 137 -31.75 15.26 -56.86
CA LEU G 137 -31.84 16.62 -57.37
C LEU G 137 -31.46 17.70 -56.36
N VAL G 138 -31.44 17.34 -55.07
CA VAL G 138 -31.11 18.26 -53.98
C VAL G 138 -31.99 19.50 -54.10
N ASP G 139 -33.30 19.29 -54.03
CA ASP G 139 -34.25 20.38 -54.18
C ASP G 139 -35.21 20.34 -52.99
N VAL G 140 -34.66 20.59 -51.81
CA VAL G 140 -35.39 20.57 -50.55
C VAL G 140 -36.63 21.47 -50.55
N GLU G 141 -36.54 22.64 -51.17
CA GLU G 141 -37.67 23.58 -51.22
C GLU G 141 -38.96 22.99 -51.81
N LYS G 142 -38.83 21.88 -52.55
CA LYS G 142 -39.97 21.22 -53.18
C LYS G 142 -40.21 19.87 -52.50
N ALA G 143 -39.12 19.33 -51.96
CA ALA G 143 -39.17 18.05 -51.28
C ALA G 143 -40.02 18.20 -50.04
N ILE G 144 -39.76 19.23 -49.25
CA ILE G 144 -40.53 19.49 -48.04
C ILE G 144 -42.01 19.64 -48.37
N ALA G 145 -42.29 20.33 -49.47
CA ALA G 145 -43.66 20.58 -49.92
C ALA G 145 -44.35 19.26 -50.15
N HIS G 146 -43.59 18.31 -50.70
CA HIS G 146 -44.17 17.01 -50.96
C HIS G 146 -44.29 16.18 -49.69
N TYR G 147 -43.26 16.21 -48.84
CA TYR G 147 -43.26 15.43 -47.61
C TYR G 147 -44.48 15.82 -46.79
N GLU G 148 -44.83 17.10 -46.89
CA GLU G 148 -45.93 17.66 -46.15
C GLU G 148 -47.25 17.26 -46.75
N GLN G 149 -47.49 17.63 -48.01
CA GLN G 149 -48.78 17.26 -48.63
C GLN G 149 -49.05 15.76 -48.47
N SER G 150 -47.97 14.99 -48.55
CA SER G 150 -48.05 13.55 -48.41
C SER G 150 -48.50 13.17 -47.01
N ALA G 151 -47.82 13.73 -46.00
CA ALA G 151 -48.25 13.49 -44.63
C ALA G 151 -49.70 13.86 -44.41
N ASP G 152 -50.20 14.83 -45.18
CA ASP G 152 -51.59 15.23 -45.04
C ASP G 152 -52.48 14.10 -45.50
N TYR G 153 -52.12 13.52 -46.65
CA TYR G 153 -52.90 12.39 -47.14
C TYR G 153 -52.87 11.21 -46.19
N TYR G 154 -51.70 10.94 -45.62
CA TYR G 154 -51.63 9.83 -44.68
C TYR G 154 -52.51 10.10 -43.46
N LYS G 155 -52.46 11.35 -42.99
CA LYS G 155 -53.25 11.77 -41.85
C LYS G 155 -54.75 11.74 -42.14
N GLY G 156 -55.12 11.67 -43.42
CA GLY G 156 -56.53 11.49 -43.75
C GLY G 156 -56.98 10.05 -43.97
N GLU G 157 -56.02 9.14 -44.03
CA GLU G 157 -56.30 7.72 -44.23
C GLU G 157 -56.25 7.05 -42.88
N GLU G 158 -56.43 7.85 -41.82
CA GLU G 158 -56.34 7.36 -40.46
C GLU G 158 -54.89 6.97 -40.23
N SER G 159 -54.15 6.75 -41.32
CA SER G 159 -52.77 6.38 -41.15
C SER G 159 -51.99 7.49 -40.46
N ASN G 160 -51.98 7.41 -39.12
CA ASN G 160 -51.27 8.37 -38.30
C ASN G 160 -49.76 8.28 -38.37
N SER G 161 -49.23 7.11 -38.03
CA SER G 161 -47.80 6.85 -38.05
C SER G 161 -47.10 7.40 -39.28
N SER G 162 -47.49 6.91 -40.46
CA SER G 162 -46.90 7.34 -41.74
C SER G 162 -46.93 8.86 -41.84
N ALA G 163 -48.07 9.45 -41.47
CA ALA G 163 -48.23 10.89 -41.50
C ALA G 163 -47.07 11.49 -40.71
N ASN G 164 -46.84 10.96 -39.51
CA ASN G 164 -45.74 11.46 -38.68
C ASN G 164 -44.39 11.18 -39.35
N LYS G 165 -44.26 10.02 -40.01
CA LYS G 165 -43.03 9.63 -40.71
C LYS G 165 -42.63 10.75 -41.64
N CYS G 166 -43.61 11.27 -42.37
CA CYS G 166 -43.36 12.36 -43.29
C CYS G 166 -43.12 13.68 -42.56
N LEU G 167 -43.94 13.97 -41.54
CA LEU G 167 -43.78 15.21 -40.77
C LEU G 167 -42.36 15.37 -40.23
N LEU G 168 -41.80 14.27 -39.73
CA LEU G 168 -40.44 14.25 -39.18
C LEU G 168 -39.45 14.68 -40.25
N LYS G 169 -39.71 14.27 -41.48
CA LYS G 169 -38.88 14.62 -42.61
C LYS G 169 -39.00 16.13 -42.81
N VAL G 170 -40.24 16.60 -42.87
CA VAL G 170 -40.55 18.02 -43.06
C VAL G 170 -39.79 18.91 -42.06
N ALA G 171 -40.02 18.70 -40.77
CA ALA G 171 -39.37 19.50 -39.73
C ALA G 171 -37.86 19.27 -39.71
N GLY G 172 -37.48 18.02 -39.88
CA GLY G 172 -36.08 17.60 -39.87
C GLY G 172 -35.26 18.39 -40.85
N TYR G 173 -35.72 18.46 -42.10
CA TYR G 173 -35.01 19.20 -43.13
C TYR G 173 -35.37 20.68 -43.08
N ALA G 174 -36.37 21.02 -42.29
CA ALA G 174 -36.80 22.42 -42.16
C ALA G 174 -35.82 23.16 -41.27
N ALA G 175 -35.37 22.50 -40.20
CA ALA G 175 -34.41 23.12 -39.30
C ALA G 175 -33.02 23.19 -39.92
N GLN G 176 -32.76 22.33 -40.90
CA GLN G 176 -31.46 22.30 -41.57
C GLN G 176 -31.44 23.33 -42.71
N LEU G 177 -32.48 24.16 -42.77
CA LEU G 177 -32.62 25.17 -43.82
C LEU G 177 -32.84 26.56 -43.22
N GLU G 178 -32.70 26.65 -41.89
CA GLU G 178 -32.86 27.86 -41.05
C GLU G 178 -34.25 27.93 -40.44
N GLN G 179 -35.22 27.23 -41.02
CA GLN G 179 -36.57 27.23 -40.50
C GLN G 179 -36.62 26.50 -39.15
N TYR G 180 -35.97 27.08 -38.15
CA TYR G 180 -35.89 26.51 -36.81
C TYR G 180 -37.24 26.56 -36.10
N GLN G 181 -37.87 27.72 -36.07
CA GLN G 181 -39.16 27.88 -35.42
C GLN G 181 -40.24 26.99 -36.03
N LYS G 182 -40.39 27.05 -37.35
CA LYS G 182 -41.39 26.25 -38.03
C LYS G 182 -41.19 24.77 -37.70
N ALA G 183 -39.95 24.44 -37.35
CA ALA G 183 -39.58 23.08 -37.03
C ALA G 183 -40.14 22.73 -35.67
N ILE G 184 -39.82 23.54 -34.64
CA ILE G 184 -40.33 23.26 -33.31
C ILE G 184 -41.84 23.14 -33.36
N ASP G 185 -42.49 24.01 -34.15
CA ASP G 185 -43.94 23.92 -34.27
C ASP G 185 -44.38 22.55 -34.81
N ILE G 186 -43.74 22.10 -35.89
CA ILE G 186 -44.07 20.76 -36.40
C ILE G 186 -43.85 19.68 -35.34
N TYR G 187 -42.84 19.86 -34.50
CA TYR G 187 -42.53 18.87 -33.47
C TYR G 187 -43.59 18.90 -32.38
N GLU G 188 -44.23 20.06 -32.22
CA GLU G 188 -45.27 20.21 -31.21
C GLU G 188 -46.50 19.49 -31.71
N GLN G 189 -46.83 19.69 -32.98
CA GLN G 189 -47.99 19.03 -33.56
C GLN G 189 -47.83 17.51 -33.52
N VAL G 190 -46.72 17.03 -34.08
CA VAL G 190 -46.44 15.60 -34.10
C VAL G 190 -46.27 15.06 -32.66
N GLY G 191 -46.02 15.95 -31.71
CA GLY G 191 -45.90 15.55 -30.32
C GLY G 191 -47.24 15.41 -29.65
N THR G 192 -48.21 16.23 -30.06
CA THR G 192 -49.54 16.18 -29.51
C THR G 192 -50.32 15.01 -30.11
N SER G 193 -50.10 14.79 -31.40
CA SER G 193 -50.78 13.70 -32.11
C SER G 193 -50.05 12.38 -31.90
N ALA G 194 -49.35 12.27 -30.77
CA ALA G 194 -48.60 11.07 -30.45
C ALA G 194 -48.96 10.59 -29.04
N MET G 195 -49.41 11.53 -28.22
CA MET G 195 -49.78 11.19 -26.84
C MET G 195 -51.14 10.50 -26.81
N ASP G 196 -51.99 10.78 -27.81
CA ASP G 196 -53.31 10.16 -27.89
C ASP G 196 -53.16 8.64 -27.93
N SER G 197 -51.97 8.20 -28.32
CA SER G 197 -51.69 6.79 -28.42
C SER G 197 -50.61 6.49 -27.39
N PRO G 198 -50.99 5.88 -26.26
CA PRO G 198 -50.07 5.52 -25.19
C PRO G 198 -49.16 4.41 -25.64
N LEU G 199 -49.06 4.25 -26.95
CA LEU G 199 -48.25 3.20 -27.50
C LEU G 199 -47.09 3.93 -28.22
N LEU G 200 -47.20 5.26 -28.23
CA LEU G 200 -46.25 6.21 -28.83
C LEU G 200 -45.55 7.04 -27.79
N LYS G 201 -46.05 6.95 -26.56
CA LYS G 201 -45.50 7.65 -25.41
C LYS G 201 -44.00 7.54 -25.46
N TYR G 202 -43.60 6.40 -25.98
CA TYR G 202 -42.24 6.05 -26.13
C TYR G 202 -41.42 6.95 -27.02
N SER G 203 -41.95 7.33 -28.17
CA SER G 203 -41.11 8.15 -29.01
C SER G 203 -41.30 9.62 -28.81
N ALA G 204 -42.42 10.00 -28.19
CA ALA G 204 -42.76 11.40 -27.95
C ALA G 204 -41.70 12.19 -27.18
N LYS G 205 -40.55 11.59 -26.90
CA LYS G 205 -39.48 12.28 -26.18
C LYS G 205 -38.63 13.04 -27.16
N ASP G 206 -37.91 12.27 -27.98
CA ASP G 206 -37.00 12.76 -29.00
C ASP G 206 -37.53 14.02 -29.67
N TYR G 207 -38.84 14.08 -29.83
CA TYR G 207 -39.50 15.23 -30.44
C TYR G 207 -39.23 16.46 -29.58
N PHE G 208 -39.39 16.32 -28.28
CA PHE G 208 -39.14 17.41 -27.34
C PHE G 208 -37.67 17.81 -27.36
N PHE G 209 -36.80 16.83 -27.57
CA PHE G 209 -35.36 17.08 -27.61
C PHE G 209 -35.00 17.91 -28.84
N LYS G 210 -35.54 17.50 -29.98
CA LYS G 210 -35.28 18.18 -31.24
C LYS G 210 -35.86 19.60 -31.15
N ALA G 211 -37.11 19.70 -30.73
CA ALA G 211 -37.80 20.99 -30.62
C ALA G 211 -37.07 21.94 -29.67
N ALA G 212 -36.57 21.41 -28.56
CA ALA G 212 -35.86 22.26 -27.60
C ALA G 212 -34.50 22.68 -28.19
N LEU G 213 -33.92 21.82 -29.04
CA LEU G 213 -32.64 22.16 -29.68
C LEU G 213 -32.80 23.23 -30.74
N CYS G 214 -33.88 23.13 -31.52
CA CYS G 214 -34.15 24.09 -32.58
C CYS G 214 -34.37 25.47 -31.97
N HIS G 215 -33.55 26.43 -32.38
CA HIS G 215 -33.68 27.78 -31.87
C HIS G 215 -33.68 28.80 -32.99
N PHE G 216 -34.71 29.64 -32.98
CA PHE G 216 -34.89 30.69 -33.97
C PHE G 216 -34.25 31.98 -33.45
N CYS G 217 -33.21 31.81 -32.64
CA CYS G 217 -32.47 32.91 -32.02
C CYS G 217 -33.35 33.69 -31.05
N ILE G 218 -34.11 32.95 -30.22
CA ILE G 218 -34.98 33.60 -29.25
C ILE G 218 -34.17 34.07 -28.05
N ASP G 219 -34.63 35.15 -27.42
CA ASP G 219 -33.95 35.72 -26.27
C ASP G 219 -34.60 35.28 -24.97
N MET G 220 -35.78 34.67 -25.09
CA MET G 220 -36.48 34.17 -23.91
C MET G 220 -36.10 32.73 -23.65
N LEU G 221 -36.90 32.05 -22.84
CA LEU G 221 -36.63 30.66 -22.50
C LEU G 221 -37.57 29.67 -23.20
N ASN G 222 -37.65 29.78 -24.53
CA ASN G 222 -38.51 28.90 -25.34
C ASN G 222 -38.15 27.44 -25.09
N ALA G 223 -36.86 27.21 -24.88
CA ALA G 223 -36.37 25.86 -24.63
C ALA G 223 -36.53 25.49 -23.16
N LYS G 224 -36.18 26.41 -22.26
CA LYS G 224 -36.33 26.16 -20.82
C LYS G 224 -37.81 25.92 -20.48
N LEU G 225 -38.68 26.38 -21.37
CA LEU G 225 -40.13 26.23 -21.22
C LEU G 225 -40.57 24.93 -21.87
N ALA G 226 -39.99 24.63 -23.03
CA ALA G 226 -40.31 23.39 -23.74
C ALA G 226 -39.87 22.17 -22.92
N VAL G 227 -38.79 22.31 -22.18
CA VAL G 227 -38.24 21.22 -21.38
C VAL G 227 -39.11 21.09 -20.11
N GLN G 228 -39.76 22.20 -19.76
CA GLN G 228 -40.60 22.22 -18.56
C GLN G 228 -41.91 21.52 -18.90
N LYS G 229 -42.50 21.87 -20.05
CA LYS G 229 -43.75 21.25 -20.51
C LYS G 229 -43.59 19.74 -20.55
N TYR G 230 -42.35 19.31 -20.71
CA TYR G 230 -42.03 17.89 -20.80
C TYR G 230 -42.23 17.28 -19.45
N GLU G 231 -43.10 16.29 -19.41
CA GLU G 231 -43.33 15.63 -18.15
C GLU G 231 -42.27 14.58 -18.09
N GLU G 232 -41.46 14.61 -17.03
CA GLU G 232 -40.43 13.61 -16.95
C GLU G 232 -40.37 13.30 -15.50
N LEU G 233 -39.91 12.08 -15.23
CA LEU G 233 -39.57 11.62 -13.90
C LEU G 233 -38.14 11.10 -13.94
N PHE G 234 -37.32 11.55 -13.00
CA PHE G 234 -35.89 11.13 -12.91
C PHE G 234 -35.59 9.63 -13.07
N PRO G 235 -36.26 8.76 -12.29
CA PRO G 235 -36.11 7.32 -12.41
C PRO G 235 -36.36 6.84 -13.84
N ALA G 236 -37.13 7.62 -14.62
CA ALA G 236 -37.43 7.26 -16.01
C ALA G 236 -36.18 7.08 -16.82
N PHE G 237 -36.28 6.28 -17.88
CA PHE G 237 -35.09 5.95 -18.68
C PHE G 237 -35.07 6.57 -20.07
N SER G 238 -36.17 6.41 -20.79
CA SER G 238 -36.35 6.98 -22.09
C SER G 238 -36.12 8.48 -22.01
N ASP G 239 -36.73 9.04 -20.98
CA ASP G 239 -36.71 10.48 -20.71
C ASP G 239 -35.31 11.00 -20.44
N SER G 240 -34.51 10.25 -19.68
CA SER G 240 -33.13 10.64 -19.41
C SER G 240 -32.35 10.80 -20.70
N ARG G 241 -32.99 10.42 -21.81
CA ARG G 241 -32.38 10.50 -23.12
C ARG G 241 -33.15 11.56 -23.93
N GLU G 242 -33.33 12.73 -23.33
CA GLU G 242 -34.10 13.77 -24.00
C GLU G 242 -33.94 15.12 -23.32
N CYS G 243 -34.57 15.29 -22.16
CA CYS G 243 -34.50 16.57 -21.45
C CYS G 243 -33.25 16.71 -20.57
N LYS G 244 -32.91 15.67 -19.82
CA LYS G 244 -31.74 15.68 -18.93
C LYS G 244 -30.56 16.45 -19.53
N LEU G 245 -30.16 16.05 -20.73
CA LEU G 245 -29.06 16.73 -21.43
C LEU G 245 -29.42 18.19 -21.69
N MET G 246 -30.61 18.37 -22.26
CA MET G 246 -31.15 19.68 -22.62
C MET G 246 -30.97 20.71 -21.52
N LYS G 247 -31.41 20.40 -20.31
CA LYS G 247 -31.27 21.31 -19.17
C LYS G 247 -29.83 21.82 -19.06
N LYS G 248 -28.89 20.88 -19.08
CA LYS G 248 -27.47 21.19 -18.96
C LYS G 248 -27.01 22.07 -20.12
N LEU G 249 -27.65 21.90 -21.28
CA LEU G 249 -27.25 22.65 -22.45
C LEU G 249 -27.79 24.07 -22.32
N LEU G 250 -28.94 24.19 -21.67
CA LEU G 250 -29.65 25.45 -21.51
C LEU G 250 -28.88 26.27 -20.52
N GLU G 251 -28.30 25.59 -19.54
CA GLU G 251 -27.51 26.30 -18.57
C GLU G 251 -26.21 26.73 -19.21
N ALA G 252 -25.55 25.83 -19.94
CA ALA G 252 -24.34 26.24 -20.64
C ALA G 252 -24.54 27.37 -21.66
N HIS G 253 -25.76 27.52 -22.20
CA HIS G 253 -26.03 28.64 -23.11
C HIS G 253 -26.31 29.95 -22.37
N GLU G 254 -27.11 29.86 -21.30
CA GLU G 254 -27.49 31.02 -20.48
C GLU G 254 -26.32 31.57 -19.67
N GLU G 255 -25.15 30.96 -19.84
CA GLU G 255 -23.97 31.35 -19.10
C GLU G 255 -22.79 31.56 -20.04
N GLN G 256 -23.10 31.70 -21.33
CA GLN G 256 -22.12 31.90 -22.40
C GLN G 256 -20.83 31.11 -22.15
N ASN G 257 -20.99 29.81 -21.92
CA ASN G 257 -19.86 28.94 -21.65
C ASN G 257 -19.73 27.86 -22.73
N VAL G 258 -18.96 28.16 -23.77
CA VAL G 258 -18.75 27.23 -24.87
C VAL G 258 -17.74 26.12 -24.48
N ASP G 259 -17.87 25.63 -23.25
CA ASP G 259 -16.99 24.57 -22.75
C ASP G 259 -17.85 23.51 -22.08
N SER G 260 -18.74 23.95 -21.20
CA SER G 260 -19.64 23.05 -20.50
C SER G 260 -20.61 22.41 -21.48
N TYR G 261 -20.96 23.16 -22.52
CA TYR G 261 -21.89 22.71 -23.55
C TYR G 261 -21.20 21.73 -24.48
N THR G 262 -19.97 22.10 -24.85
CA THR G 262 -19.15 21.31 -25.76
C THR G 262 -18.64 20.03 -25.10
N GLU G 263 -18.72 19.99 -23.77
CA GLU G 263 -18.25 18.82 -23.06
C GLU G 263 -19.45 17.96 -22.67
N SER G 264 -20.60 18.60 -22.48
CA SER G 264 -21.81 17.86 -22.16
C SER G 264 -22.29 17.13 -23.40
N VAL G 265 -22.06 17.73 -24.57
CA VAL G 265 -22.42 17.07 -25.81
C VAL G 265 -21.45 15.92 -26.08
N LYS G 266 -20.31 15.93 -25.38
CA LYS G 266 -19.32 14.90 -25.56
C LYS G 266 -19.67 13.74 -24.64
N GLU G 267 -20.25 14.06 -23.49
CA GLU G 267 -20.68 13.03 -22.56
C GLU G 267 -21.94 12.33 -23.03
N TYR G 268 -22.94 13.11 -23.41
CA TYR G 268 -24.20 12.51 -23.87
C TYR G 268 -23.93 11.59 -25.07
N ASP G 269 -22.89 11.92 -25.83
CA ASP G 269 -22.52 11.16 -27.02
C ASP G 269 -22.11 9.75 -26.65
N SER G 270 -22.01 9.50 -25.35
CA SER G 270 -21.62 8.20 -24.84
C SER G 270 -22.89 7.42 -24.66
N ILE G 271 -23.72 7.84 -23.70
CA ILE G 271 -24.98 7.15 -23.43
C ILE G 271 -25.93 7.09 -24.63
N SER G 272 -25.82 8.05 -25.53
CA SER G 272 -26.67 8.12 -26.72
C SER G 272 -25.89 8.70 -27.90
N ARG G 273 -25.64 7.87 -28.91
CA ARG G 273 -24.89 8.33 -30.06
C ARG G 273 -25.62 9.44 -30.81
N LEU G 274 -24.88 10.50 -31.09
CA LEU G 274 -25.41 11.64 -31.80
C LEU G 274 -25.42 11.44 -33.30
N ASP G 275 -26.60 11.45 -33.90
CA ASP G 275 -26.70 11.28 -35.35
C ASP G 275 -26.26 12.56 -36.06
N GLN G 276 -26.27 12.52 -37.39
CA GLN G 276 -25.88 13.65 -38.24
C GLN G 276 -26.57 14.96 -37.89
N TRP G 277 -27.90 14.90 -37.86
CA TRP G 277 -28.76 16.05 -37.56
C TRP G 277 -28.30 16.77 -36.31
N LEU G 278 -28.46 16.06 -35.19
CA LEU G 278 -28.09 16.58 -33.88
C LEU G 278 -26.75 17.28 -34.00
N THR G 279 -25.75 16.57 -34.51
CA THR G 279 -24.42 17.13 -34.68
C THR G 279 -24.47 18.52 -35.29
N THR G 280 -24.93 18.60 -36.55
CA THR G 280 -25.00 19.88 -37.25
C THR G 280 -25.62 21.00 -36.41
N MET G 281 -26.79 20.72 -35.84
CA MET G 281 -27.47 21.74 -35.05
C MET G 281 -26.72 22.15 -33.77
N LEU G 282 -26.21 21.14 -33.08
CA LEU G 282 -25.46 21.33 -31.84
C LEU G 282 -24.31 22.27 -32.13
N LEU G 283 -23.67 22.08 -33.28
CA LEU G 283 -22.58 22.95 -33.68
C LEU G 283 -23.10 24.37 -33.93
N ARG G 284 -24.29 24.47 -34.51
CA ARG G 284 -24.86 25.81 -34.71
C ARG G 284 -25.04 26.55 -33.38
N ILE G 285 -25.43 25.80 -32.34
CA ILE G 285 -25.63 26.41 -31.01
C ILE G 285 -24.28 26.73 -30.37
N LYS G 286 -23.30 25.87 -30.67
CA LYS G 286 -21.95 26.00 -30.14
C LYS G 286 -21.35 27.29 -30.67
N LYS G 287 -21.81 27.69 -31.84
CA LYS G 287 -21.32 28.94 -32.41
C LYS G 287 -22.16 30.10 -31.87
N THR G 288 -23.46 29.90 -31.63
CA THR G 288 -24.23 31.00 -31.03
C THR G 288 -23.67 31.42 -29.65
N ILE G 289 -23.09 30.46 -28.91
CA ILE G 289 -22.48 30.80 -27.62
C ILE G 289 -21.27 31.72 -27.74
N GLN G 290 -20.29 31.31 -28.55
CA GLN G 290 -19.07 32.09 -28.76
C GLN G 290 -19.45 33.43 -29.36
N GLY G 291 -20.39 33.39 -30.30
CA GLY G 291 -20.86 34.57 -30.99
C GLY G 291 -21.51 35.53 -30.01
N ASP G 292 -22.14 34.99 -28.96
CA ASP G 292 -22.77 35.84 -27.94
C ASP G 292 -21.69 36.37 -26.99
N GLU G 293 -20.60 35.64 -26.89
CA GLU G 293 -19.47 36.00 -26.03
C GLU G 293 -18.70 37.13 -26.68
N GLU G 294 -18.69 37.09 -28.00
CA GLU G 294 -17.94 38.02 -28.79
C GLU G 294 -18.79 39.06 -29.51
N ASP G 295 -20.11 39.00 -29.30
CA ASP G 295 -21.05 39.91 -29.95
C ASP G 295 -20.75 41.37 -29.66
N ALA H 10 -58.89 -40.15 -53.85
CA ALA H 10 -58.59 -41.29 -53.01
C ALA H 10 -57.55 -42.20 -53.65
N GLU H 11 -57.80 -42.57 -54.89
CA GLU H 11 -56.91 -43.46 -55.64
C GLU H 11 -56.09 -42.68 -56.66
N ALA H 12 -54.87 -42.31 -56.27
CA ALA H 12 -53.96 -41.59 -57.14
C ALA H 12 -53.62 -42.41 -58.37
N MET H 13 -53.37 -43.70 -58.15
CA MET H 13 -53.03 -44.62 -59.24
C MET H 13 -54.14 -44.73 -60.29
N ALA H 14 -55.34 -44.27 -59.94
CA ALA H 14 -56.49 -44.31 -60.82
C ALA H 14 -56.64 -42.97 -61.51
N LEU H 15 -56.34 -41.92 -60.74
CA LEU H 15 -56.44 -40.56 -61.25
C LEU H 15 -55.39 -40.32 -62.31
N LEU H 16 -54.14 -40.72 -62.06
CA LEU H 16 -53.06 -40.54 -63.03
C LEU H 16 -53.48 -41.14 -64.37
N ALA H 17 -54.07 -42.33 -64.29
CA ALA H 17 -54.51 -43.07 -65.47
C ALA H 17 -55.58 -42.27 -66.20
N GLU H 18 -56.65 -41.87 -65.50
CA GLU H 18 -57.69 -41.10 -66.18
C GLU H 18 -57.08 -39.81 -66.75
N ALA H 19 -56.08 -39.31 -66.03
CA ALA H 19 -55.41 -38.05 -66.31
C ALA H 19 -54.83 -38.11 -67.71
N GLU H 20 -54.05 -39.15 -67.98
CA GLU H 20 -53.49 -39.27 -69.32
C GLU H 20 -54.60 -39.59 -70.31
N ARG H 21 -55.57 -40.40 -69.91
CA ARG H 21 -56.68 -40.74 -70.81
C ARG H 21 -57.54 -39.55 -71.24
N LYS H 22 -57.35 -38.39 -70.60
CA LYS H 22 -58.12 -37.21 -71.00
C LYS H 22 -57.23 -36.14 -71.66
N VAL H 23 -55.94 -36.10 -71.30
CA VAL H 23 -55.03 -35.12 -71.89
C VAL H 23 -54.56 -35.56 -73.28
N LYS H 24 -55.40 -35.27 -74.28
CA LYS H 24 -55.10 -35.65 -75.65
C LYS H 24 -56.06 -34.94 -76.59
N ASN H 25 -55.50 -34.22 -77.56
CA ASN H 25 -56.29 -33.50 -78.54
C ASN H 25 -57.34 -34.42 -79.13
N SER H 26 -58.59 -34.25 -78.67
CA SER H 26 -59.70 -35.06 -79.13
C SER H 26 -59.91 -34.98 -80.64
N GLN H 27 -60.56 -35.99 -81.19
CA GLN H 27 -60.83 -36.07 -82.62
C GLN H 27 -62.20 -36.68 -82.87
N SER H 28 -62.44 -37.15 -84.09
CA SER H 28 -63.70 -37.79 -84.47
C SER H 28 -64.92 -37.04 -83.94
N PHE H 29 -65.73 -37.72 -83.14
CA PHE H 29 -66.93 -37.14 -82.56
C PHE H 29 -66.65 -36.41 -81.25
N PHE H 30 -65.49 -36.68 -80.65
CA PHE H 30 -65.12 -36.09 -79.37
C PHE H 30 -64.74 -34.62 -79.58
N SER H 31 -63.98 -34.35 -80.64
CA SER H 31 -63.55 -32.99 -80.96
C SER H 31 -64.71 -32.11 -81.41
N GLY H 32 -65.55 -32.64 -82.28
CA GLY H 32 -66.69 -31.88 -82.79
C GLY H 32 -66.27 -30.63 -83.52
N LEU H 33 -66.23 -29.51 -82.80
CA LEU H 33 -65.86 -28.23 -83.37
C LEU H 33 -64.72 -27.61 -82.55
N PHE H 34 -64.77 -27.80 -81.24
CA PHE H 34 -63.74 -27.26 -80.35
C PHE H 34 -63.24 -28.35 -79.40
N GLY H 35 -62.01 -28.21 -78.93
CA GLY H 35 -61.45 -29.18 -78.02
C GLY H 35 -59.98 -28.94 -77.73
N GLY H 36 -59.63 -28.93 -76.45
CA GLY H 36 -58.26 -28.71 -76.03
C GLY H 36 -58.18 -28.18 -74.61
N SER H 37 -58.19 -26.86 -74.47
CA SER H 37 -58.08 -26.17 -73.18
C SER H 37 -58.91 -26.80 -72.05
N SER H 38 -60.22 -26.85 -72.23
CA SER H 38 -61.14 -27.40 -71.23
C SER H 38 -60.75 -28.81 -70.76
N LYS H 39 -60.21 -29.61 -71.66
CA LYS H 39 -59.79 -30.99 -71.36
C LYS H 39 -58.44 -31.03 -70.61
N ILE H 40 -57.41 -30.54 -71.28
CA ILE H 40 -56.06 -30.49 -70.72
C ILE H 40 -56.05 -29.88 -69.31
N GLU H 41 -56.96 -28.93 -69.07
CA GLU H 41 -57.00 -28.28 -67.75
C GLU H 41 -57.50 -29.27 -66.72
N GLU H 42 -58.46 -30.08 -67.15
CA GLU H 42 -59.04 -31.10 -66.31
C GLU H 42 -57.94 -32.04 -65.90
N ALA H 43 -57.12 -32.44 -66.87
CA ALA H 43 -56.01 -33.32 -66.53
C ALA H 43 -55.08 -32.65 -65.52
N CYS H 44 -54.79 -31.36 -65.71
CA CYS H 44 -53.95 -30.64 -64.75
C CYS H 44 -54.49 -30.74 -63.32
N GLU H 45 -55.82 -30.65 -63.21
CA GLU H 45 -56.45 -30.74 -61.89
C GLU H 45 -56.36 -32.15 -61.35
N ILE H 46 -56.42 -33.13 -62.25
CA ILE H 46 -56.34 -34.52 -61.84
C ILE H 46 -54.98 -34.75 -61.21
N TYR H 47 -53.92 -34.54 -62.01
CA TYR H 47 -52.57 -34.73 -61.50
C TYR H 47 -52.30 -33.94 -60.22
N ALA H 48 -52.82 -32.71 -60.10
CA ALA H 48 -52.66 -31.99 -58.84
C ALA H 48 -53.31 -32.73 -57.67
N ARG H 49 -54.50 -33.28 -57.92
CA ARG H 49 -55.26 -34.04 -56.93
C ARG H 49 -54.51 -35.29 -56.49
N ALA H 50 -53.79 -35.89 -57.44
CA ALA H 50 -53.04 -37.10 -57.21
C ALA H 50 -51.78 -36.78 -56.41
N ALA H 51 -51.03 -35.80 -56.90
CA ALA H 51 -49.79 -35.36 -56.28
C ALA H 51 -50.04 -35.01 -54.82
N ASN H 52 -51.23 -34.51 -54.55
CA ASN H 52 -51.58 -34.14 -53.19
C ASN H 52 -51.61 -35.37 -52.26
N MET H 53 -52.36 -36.39 -52.64
CA MET H 53 -52.43 -37.57 -51.80
C MET H 53 -51.08 -38.28 -51.81
N PHE H 54 -50.30 -38.07 -52.86
CA PHE H 54 -48.97 -38.68 -52.90
C PHE H 54 -48.12 -37.99 -51.87
N LYS H 55 -48.47 -36.74 -51.58
CA LYS H 55 -47.78 -35.97 -50.55
C LYS H 55 -48.18 -36.45 -49.16
N MET H 56 -49.46 -36.73 -48.94
CA MET H 56 -49.85 -37.26 -47.64
C MET H 56 -49.34 -38.70 -47.46
N ALA H 57 -49.28 -39.44 -48.57
CA ALA H 57 -48.81 -40.82 -48.57
C ALA H 57 -47.31 -40.91 -48.23
N LYS H 58 -46.64 -39.77 -48.29
CA LYS H 58 -45.20 -39.63 -48.02
C LYS H 58 -44.34 -40.28 -49.10
N ASN H 59 -44.88 -40.32 -50.32
CA ASN H 59 -44.16 -40.88 -51.46
C ASN H 59 -43.21 -39.83 -52.02
N TRP H 60 -43.66 -38.58 -51.96
CA TRP H 60 -42.92 -37.44 -52.48
C TRP H 60 -42.52 -37.57 -53.95
N SER H 61 -41.62 -38.50 -54.25
CA SER H 61 -41.18 -38.76 -55.62
C SER H 61 -42.36 -38.74 -56.59
N ALA H 62 -43.36 -39.55 -56.26
CA ALA H 62 -44.58 -39.68 -57.03
C ALA H 62 -45.27 -38.31 -57.12
N ALA H 63 -45.40 -37.66 -55.97
CA ALA H 63 -46.03 -36.34 -55.88
C ALA H 63 -45.31 -35.33 -56.77
N GLY H 64 -43.98 -35.30 -56.67
CA GLY H 64 -43.17 -34.39 -57.45
C GLY H 64 -43.37 -34.62 -58.94
N ASN H 65 -43.10 -35.84 -59.40
CA ASN H 65 -43.26 -36.16 -60.82
C ASN H 65 -44.70 -35.88 -61.30
N ALA H 66 -45.65 -35.97 -60.37
CA ALA H 66 -47.06 -35.78 -60.69
C ALA H 66 -47.27 -34.30 -60.96
N PHE H 67 -46.69 -33.46 -60.10
CA PHE H 67 -46.83 -32.03 -60.27
C PHE H 67 -46.13 -31.66 -61.57
N CYS H 68 -45.02 -32.33 -61.87
CA CYS H 68 -44.31 -32.07 -63.12
C CYS H 68 -45.24 -32.34 -64.29
N GLN H 69 -46.00 -33.43 -64.18
CA GLN H 69 -46.98 -33.76 -65.21
C GLN H 69 -48.03 -32.64 -65.36
N ALA H 70 -48.73 -32.31 -64.28
CA ALA H 70 -49.75 -31.26 -64.33
C ALA H 70 -49.21 -29.93 -64.85
N ALA H 71 -47.95 -29.68 -64.51
CA ALA H 71 -47.26 -28.45 -64.85
C ALA H 71 -47.01 -28.38 -66.34
N GLN H 72 -46.36 -29.43 -66.85
CA GLN H 72 -46.04 -29.53 -68.26
C GLN H 72 -47.31 -29.44 -69.07
N LEU H 73 -48.34 -30.13 -68.59
CA LEU H 73 -49.62 -30.14 -69.27
C LEU H 73 -50.22 -28.74 -69.34
N HIS H 74 -50.18 -28.01 -68.23
CA HIS H 74 -50.74 -26.66 -68.19
C HIS H 74 -50.19 -25.80 -69.33
N LEU H 75 -48.91 -25.97 -69.65
CA LEU H 75 -48.25 -25.22 -70.72
C LEU H 75 -48.91 -25.50 -72.07
N GLN H 76 -49.35 -26.73 -72.26
CA GLN H 76 -50.01 -27.18 -73.50
C GLN H 76 -51.39 -26.53 -73.66
N LEU H 77 -51.74 -25.68 -72.69
CA LEU H 77 -53.04 -25.00 -72.65
C LEU H 77 -52.86 -23.49 -72.73
N GLN H 78 -51.60 -23.06 -72.65
CA GLN H 78 -51.13 -21.66 -72.63
C GLN H 78 -51.63 -20.94 -71.35
N SER H 79 -50.80 -21.03 -70.32
CA SER H 79 -51.08 -20.43 -69.01
C SER H 79 -49.80 -20.43 -68.16
N LYS H 80 -48.71 -19.96 -68.75
CA LYS H 80 -47.39 -19.91 -68.12
C LYS H 80 -47.41 -19.52 -66.63
N HIS H 81 -48.30 -18.61 -66.26
CA HIS H 81 -48.45 -18.14 -64.88
C HIS H 81 -48.68 -19.29 -63.88
N ASP H 82 -49.94 -19.71 -63.76
CA ASP H 82 -50.33 -20.78 -62.84
C ASP H 82 -49.47 -22.03 -63.04
N ALA H 83 -48.94 -22.16 -64.24
CA ALA H 83 -48.11 -23.29 -64.60
C ALA H 83 -46.86 -23.20 -63.77
N ALA H 84 -46.15 -22.07 -63.91
CA ALA H 84 -44.93 -21.85 -63.17
C ALA H 84 -45.17 -22.07 -61.69
N THR H 85 -46.30 -21.56 -61.18
CA THR H 85 -46.57 -21.82 -59.76
C THR H 85 -46.67 -23.32 -59.46
N CYS H 86 -47.19 -24.09 -60.43
CA CYS H 86 -47.22 -25.54 -60.27
C CYS H 86 -45.80 -26.09 -60.20
N PHE H 87 -44.93 -25.60 -61.08
CA PHE H 87 -43.54 -26.04 -61.04
C PHE H 87 -42.94 -25.75 -59.66
N VAL H 88 -43.40 -24.68 -59.03
CA VAL H 88 -42.97 -24.36 -57.67
C VAL H 88 -43.40 -25.48 -56.73
N ASP H 89 -44.67 -25.90 -56.84
CA ASP H 89 -45.15 -27.03 -56.03
C ASP H 89 -44.28 -28.29 -56.24
N ALA H 90 -43.88 -28.52 -57.49
CA ALA H 90 -43.08 -29.68 -57.85
C ALA H 90 -41.71 -29.59 -57.19
N GLY H 91 -41.19 -28.37 -57.15
CA GLY H 91 -39.87 -28.10 -56.62
C GLY H 91 -39.93 -28.34 -55.13
N ASN H 92 -40.98 -27.85 -54.50
CA ASN H 92 -41.17 -28.01 -53.06
C ASN H 92 -41.27 -29.50 -52.74
N ALA H 93 -41.89 -30.25 -53.66
CA ALA H 93 -42.00 -31.68 -53.49
C ALA H 93 -40.62 -32.32 -53.51
N PHE H 94 -39.96 -32.33 -54.67
CA PHE H 94 -38.61 -32.90 -54.80
C PHE H 94 -37.63 -32.45 -53.72
N LYS H 95 -37.74 -31.19 -53.31
CA LYS H 95 -36.89 -30.60 -52.29
C LYS H 95 -36.96 -31.43 -51.01
N LYS H 96 -38.16 -31.47 -50.42
CA LYS H 96 -38.39 -32.21 -49.18
C LYS H 96 -38.67 -33.69 -49.51
N ALA H 97 -38.08 -34.14 -50.62
CA ALA H 97 -38.26 -35.53 -51.05
C ALA H 97 -36.94 -36.26 -51.01
N ASP H 98 -36.84 -37.33 -51.80
CA ASP H 98 -35.60 -38.09 -51.88
C ASP H 98 -34.90 -37.96 -53.27
N PRO H 99 -35.65 -37.90 -54.40
CA PRO H 99 -34.89 -37.74 -55.65
C PRO H 99 -34.39 -36.32 -55.87
N GLN H 100 -33.89 -36.08 -57.07
CA GLN H 100 -33.36 -34.80 -57.48
C GLN H 100 -34.52 -34.03 -58.10
N GLU H 101 -34.28 -33.37 -59.23
CA GLU H 101 -35.29 -32.60 -59.97
C GLU H 101 -35.72 -31.34 -59.23
N ALA H 102 -35.36 -31.23 -57.95
CA ALA H 102 -35.70 -30.07 -57.13
C ALA H 102 -35.14 -28.82 -57.76
N ILE H 103 -34.03 -28.98 -58.46
CA ILE H 103 -33.36 -27.87 -59.12
C ILE H 103 -33.97 -27.57 -60.49
N ASN H 104 -34.40 -28.63 -61.18
CA ASN H 104 -34.99 -28.52 -62.51
C ASN H 104 -36.30 -27.77 -62.45
N CYS H 105 -37.20 -28.21 -61.58
CA CYS H 105 -38.51 -27.57 -61.42
C CYS H 105 -38.36 -26.06 -61.24
N LEU H 106 -37.46 -25.66 -60.35
CA LEU H 106 -37.23 -24.24 -60.08
C LEU H 106 -36.66 -23.51 -61.30
N MET H 107 -35.80 -24.19 -62.07
CA MET H 107 -35.28 -23.55 -63.28
C MET H 107 -36.42 -23.32 -64.29
N ARG H 108 -37.37 -24.26 -64.30
CA ARG H 108 -38.50 -24.20 -65.20
C ARG H 108 -39.49 -23.16 -64.71
N ALA H 109 -39.38 -22.81 -63.43
CA ALA H 109 -40.26 -21.81 -62.82
C ALA H 109 -39.74 -20.43 -63.17
N ILE H 110 -38.45 -20.23 -62.91
CA ILE H 110 -37.82 -18.96 -63.19
C ILE H 110 -37.83 -18.63 -64.69
N GLU H 111 -37.50 -19.59 -65.55
CA GLU H 111 -37.53 -19.32 -67.00
C GLU H 111 -38.87 -18.71 -67.43
N ILE H 112 -39.90 -18.94 -66.63
CA ILE H 112 -41.25 -18.44 -66.90
C ILE H 112 -41.48 -17.07 -66.26
N TYR H 113 -41.26 -17.00 -64.94
CA TYR H 113 -41.45 -15.74 -64.22
C TYR H 113 -40.61 -14.60 -64.79
N THR H 114 -39.38 -14.94 -65.19
CA THR H 114 -38.44 -13.97 -65.74
C THR H 114 -38.92 -13.40 -67.07
N ASP H 115 -39.09 -14.27 -68.05
CA ASP H 115 -39.55 -13.88 -69.38
C ASP H 115 -40.93 -13.22 -69.30
N MET H 116 -41.68 -13.51 -68.25
CA MET H 116 -43.01 -12.95 -68.08
C MET H 116 -42.93 -11.50 -67.56
N GLY H 117 -41.73 -11.09 -67.13
CA GLY H 117 -41.56 -9.75 -66.60
C GLY H 117 -41.77 -9.70 -65.10
N ARG H 118 -41.77 -10.89 -64.50
CA ARG H 118 -41.97 -11.06 -63.07
C ARG H 118 -40.64 -11.31 -62.36
N PHE H 119 -39.87 -10.25 -62.11
CA PHE H 119 -38.57 -10.37 -61.46
C PHE H 119 -38.69 -10.39 -59.94
N THR H 120 -39.75 -9.79 -59.43
CA THR H 120 -40.00 -9.73 -58.00
C THR H 120 -40.10 -11.14 -57.40
N ILE H 121 -40.76 -12.04 -58.11
CA ILE H 121 -40.95 -13.42 -57.65
C ILE H 121 -39.80 -14.30 -58.17
N ALA H 122 -39.26 -13.90 -59.32
CA ALA H 122 -38.16 -14.62 -59.93
C ALA H 122 -36.98 -14.64 -58.97
N ALA H 123 -36.77 -13.51 -58.29
CA ALA H 123 -35.67 -13.43 -57.33
C ALA H 123 -36.01 -14.26 -56.09
N LYS H 124 -37.31 -14.31 -55.77
CA LYS H 124 -37.82 -15.05 -54.62
C LYS H 124 -37.42 -16.50 -54.72
N HIS H 125 -37.63 -17.08 -55.90
CA HIS H 125 -37.23 -18.48 -56.09
C HIS H 125 -35.78 -18.60 -56.50
N HIS H 126 -35.19 -17.49 -56.91
CA HIS H 126 -33.80 -17.45 -57.38
C HIS H 126 -32.89 -17.71 -56.20
N ILE H 127 -33.19 -17.06 -55.08
CA ILE H 127 -32.39 -17.24 -53.88
C ILE H 127 -32.61 -18.63 -53.30
N SER H 128 -33.83 -19.13 -53.43
CA SER H 128 -34.16 -20.45 -52.95
C SER H 128 -33.30 -21.44 -53.73
N ILE H 129 -33.12 -21.09 -55.00
CA ILE H 129 -32.35 -21.90 -55.91
C ILE H 129 -30.91 -21.93 -55.46
N ALA H 130 -30.25 -20.77 -55.46
CA ALA H 130 -28.85 -20.76 -55.04
C ALA H 130 -28.65 -21.40 -53.66
N GLU H 131 -29.71 -21.39 -52.86
CA GLU H 131 -29.66 -21.95 -51.52
C GLU H 131 -29.62 -23.47 -51.58
N ILE H 132 -30.37 -24.06 -52.50
CA ILE H 132 -30.35 -25.50 -52.66
C ILE H 132 -29.07 -25.94 -53.37
N TYR H 133 -28.67 -25.15 -54.38
CA TYR H 133 -27.48 -25.45 -55.15
C TYR H 133 -26.22 -25.35 -54.32
N GLU H 134 -26.32 -24.66 -53.18
CA GLU H 134 -25.20 -24.64 -52.25
C GLU H 134 -25.29 -25.66 -51.11
N THR H 135 -26.35 -25.56 -50.30
CA THR H 135 -26.52 -26.50 -49.18
C THR H 135 -26.55 -27.98 -49.56
N GLU H 136 -26.95 -28.27 -50.80
CA GLU H 136 -27.04 -29.65 -51.27
C GLU H 136 -26.01 -29.97 -52.33
N LEU H 137 -26.24 -29.46 -53.53
CA LEU H 137 -25.35 -29.68 -54.67
C LEU H 137 -23.91 -29.23 -54.44
N VAL H 138 -23.70 -28.37 -53.46
CA VAL H 138 -22.38 -27.84 -53.10
C VAL H 138 -21.77 -27.17 -54.35
N ASP H 139 -22.64 -26.67 -55.22
CA ASP H 139 -22.21 -26.03 -56.45
C ASP H 139 -22.11 -24.52 -56.20
N VAL H 140 -21.10 -24.12 -55.43
CA VAL H 140 -20.90 -22.72 -55.07
C VAL H 140 -20.70 -21.79 -56.28
N GLU H 141 -19.99 -22.25 -57.30
CA GLU H 141 -19.73 -21.43 -58.48
C GLU H 141 -20.99 -20.96 -59.21
N LYS H 142 -22.07 -21.74 -59.11
CA LYS H 142 -23.33 -21.40 -59.77
C LYS H 142 -24.24 -20.67 -58.78
N ALA H 143 -24.06 -21.03 -57.52
CA ALA H 143 -24.84 -20.46 -56.44
C ALA H 143 -24.55 -18.99 -56.33
N ILE H 144 -23.27 -18.62 -56.37
CA ILE H 144 -22.89 -17.22 -56.29
C ILE H 144 -23.52 -16.44 -57.46
N ALA H 145 -23.51 -17.06 -58.64
CA ALA H 145 -24.05 -16.44 -59.84
C ALA H 145 -25.53 -16.12 -59.65
N HIS H 146 -26.21 -17.00 -58.93
CA HIS H 146 -27.62 -16.79 -58.68
C HIS H 146 -27.88 -15.78 -57.56
N TYR H 147 -27.17 -15.90 -56.44
CA TYR H 147 -27.34 -14.99 -55.32
C TYR H 147 -27.15 -13.57 -55.82
N GLU H 148 -26.23 -13.43 -56.76
CA GLU H 148 -25.89 -12.13 -57.30
C GLU H 148 -26.98 -11.63 -58.22
N GLN H 149 -27.22 -12.32 -59.34
CA GLN H 149 -28.25 -11.84 -60.26
C GLN H 149 -29.57 -11.53 -59.53
N SER H 150 -29.86 -12.34 -58.53
CA SER H 150 -31.06 -12.17 -57.73
C SER H 150 -30.99 -10.86 -56.97
N ALA H 151 -29.85 -10.62 -56.34
CA ALA H 151 -29.66 -9.35 -55.65
C ALA H 151 -29.83 -8.17 -56.59
N ASP H 152 -29.47 -8.35 -57.85
CA ASP H 152 -29.64 -7.27 -58.80
C ASP H 152 -31.12 -7.00 -59.01
N TYR H 153 -31.89 -8.08 -59.08
CA TYR H 153 -33.33 -7.91 -59.21
C TYR H 153 -33.93 -7.20 -58.01
N TYR H 154 -33.56 -7.67 -56.82
CA TYR H 154 -34.03 -7.03 -55.60
C TYR H 154 -33.68 -5.55 -55.53
N LYS H 155 -32.45 -5.23 -55.94
CA LYS H 155 -31.97 -3.85 -55.95
C LYS H 155 -32.76 -3.02 -56.95
N GLY H 156 -33.31 -3.68 -57.96
CA GLY H 156 -34.15 -2.99 -58.93
C GLY H 156 -35.48 -2.56 -58.36
N GLU H 157 -36.04 -3.39 -57.48
CA GLU H 157 -37.31 -3.09 -56.83
C GLU H 157 -37.10 -2.14 -55.66
N GLU H 158 -35.83 -1.77 -55.47
CA GLU H 158 -35.38 -0.90 -54.39
C GLU H 158 -35.57 -1.63 -53.08
N SER H 159 -35.69 -2.96 -53.18
CA SER H 159 -35.84 -3.77 -51.99
C SER H 159 -34.49 -3.94 -51.32
N ASN H 160 -33.87 -2.80 -51.00
CA ASN H 160 -32.55 -2.74 -50.38
C ASN H 160 -32.21 -3.92 -49.48
N SER H 161 -32.81 -3.98 -48.30
CA SER H 161 -32.56 -5.06 -47.33
C SER H 161 -32.42 -6.44 -47.97
N SER H 162 -33.38 -6.82 -48.82
CA SER H 162 -33.38 -8.11 -49.50
C SER H 162 -32.13 -8.29 -50.37
N ALA H 163 -31.82 -7.25 -51.13
CA ALA H 163 -30.69 -7.24 -52.04
C ALA H 163 -29.44 -7.42 -51.20
N ASN H 164 -29.41 -6.78 -50.04
CA ASN H 164 -28.26 -6.87 -49.15
C ASN H 164 -28.14 -8.27 -48.62
N LYS H 165 -29.27 -8.90 -48.30
CA LYS H 165 -29.25 -10.26 -47.79
C LYS H 165 -28.52 -11.14 -48.79
N CYS H 166 -28.90 -10.98 -50.05
CA CYS H 166 -28.28 -11.78 -51.10
C CYS H 166 -26.81 -11.43 -51.25
N LEU H 167 -26.48 -10.14 -51.25
CA LEU H 167 -25.08 -9.71 -51.38
C LEU H 167 -24.23 -10.32 -50.28
N LEU H 168 -24.76 -10.30 -49.05
CA LEU H 168 -24.10 -10.86 -47.90
C LEU H 168 -23.82 -12.33 -48.16
N LYS H 169 -24.80 -13.01 -48.75
CA LYS H 169 -24.58 -14.39 -49.15
C LYS H 169 -23.39 -14.46 -50.11
N VAL H 170 -23.46 -13.71 -51.20
CA VAL H 170 -22.41 -13.66 -52.22
C VAL H 170 -21.00 -13.49 -51.65
N ALA H 171 -20.78 -12.39 -50.96
CA ALA H 171 -19.48 -12.08 -50.35
C ALA H 171 -19.06 -13.15 -49.35
N GLY H 172 -20.00 -13.52 -48.49
CA GLY H 172 -19.77 -14.53 -47.46
C GLY H 172 -19.20 -15.81 -48.05
N TYR H 173 -19.80 -16.27 -49.15
CA TYR H 173 -19.35 -17.51 -49.78
C TYR H 173 -18.24 -17.23 -50.78
N ALA H 174 -17.90 -15.95 -50.95
CA ALA H 174 -16.87 -15.54 -51.90
C ALA H 174 -15.53 -15.62 -51.19
N ALA H 175 -15.54 -15.30 -49.90
CA ALA H 175 -14.31 -15.37 -49.12
C ALA H 175 -13.91 -16.82 -48.85
N GLN H 176 -14.90 -17.72 -48.84
CA GLN H 176 -14.65 -19.13 -48.62
C GLN H 176 -13.99 -19.77 -49.85
N LEU H 177 -14.32 -19.25 -51.02
CA LEU H 177 -13.79 -19.75 -52.30
C LEU H 177 -12.50 -19.00 -52.68
N GLU H 178 -11.73 -18.62 -51.66
CA GLU H 178 -10.46 -17.89 -51.82
C GLU H 178 -10.62 -16.47 -52.34
N GLN H 179 -11.74 -16.17 -52.99
CA GLN H 179 -12.00 -14.83 -53.51
C GLN H 179 -12.12 -13.84 -52.35
N TYR H 180 -11.00 -13.47 -51.75
CA TYR H 180 -10.98 -12.56 -50.61
C TYR H 180 -11.18 -11.11 -51.06
N GLN H 181 -10.40 -10.66 -52.03
CA GLN H 181 -10.52 -9.29 -52.53
C GLN H 181 -11.94 -9.00 -53.05
N LYS H 182 -12.44 -9.86 -53.93
CA LYS H 182 -13.77 -9.68 -54.49
C LYS H 182 -14.84 -9.66 -53.41
N ALA H 183 -14.47 -10.16 -52.23
CA ALA H 183 -15.39 -10.20 -51.10
C ALA H 183 -15.41 -8.84 -50.43
N ILE H 184 -14.23 -8.32 -50.12
CA ILE H 184 -14.12 -7.02 -49.46
C ILE H 184 -14.80 -5.96 -50.31
N ASP H 185 -14.67 -6.07 -51.64
CA ASP H 185 -15.34 -5.10 -52.51
C ASP H 185 -16.85 -5.13 -52.30
N ILE H 186 -17.41 -6.33 -52.22
CA ILE H 186 -18.83 -6.49 -52.01
C ILE H 186 -19.24 -5.91 -50.67
N TYR H 187 -18.39 -6.09 -49.66
CA TYR H 187 -18.68 -5.54 -48.34
C TYR H 187 -18.64 -4.03 -48.39
N GLU H 188 -17.84 -3.50 -49.31
CA GLU H 188 -17.72 -2.05 -49.46
C GLU H 188 -18.98 -1.52 -50.07
N GLN H 189 -19.43 -2.16 -51.14
CA GLN H 189 -20.66 -1.74 -51.82
C GLN H 189 -21.84 -1.82 -50.86
N VAL H 190 -22.06 -2.98 -50.27
CA VAL H 190 -23.15 -3.16 -49.31
C VAL H 190 -22.96 -2.25 -48.09
N GLY H 191 -21.75 -1.73 -47.90
CA GLY H 191 -21.50 -0.80 -46.81
C GLY H 191 -21.82 0.65 -47.13
N THR H 192 -21.62 1.04 -48.38
CA THR H 192 -21.88 2.42 -48.82
C THR H 192 -23.36 2.63 -49.08
N SER H 193 -24.08 1.54 -49.34
CA SER H 193 -25.50 1.59 -49.61
C SER H 193 -26.31 1.14 -48.40
N ALA H 194 -25.78 1.43 -47.22
CA ALA H 194 -26.42 1.04 -45.97
C ALA H 194 -26.11 2.02 -44.85
N MET H 195 -25.59 3.20 -45.21
CA MET H 195 -25.27 4.22 -44.22
C MET H 195 -26.35 5.29 -44.12
N ASP H 196 -26.92 5.68 -45.25
CA ASP H 196 -27.96 6.71 -45.27
C ASP H 196 -29.17 6.34 -44.39
N SER H 197 -29.34 5.04 -44.14
CA SER H 197 -30.44 4.55 -43.30
C SER H 197 -29.98 4.32 -41.88
N PRO H 198 -30.53 5.08 -40.92
CA PRO H 198 -30.13 4.92 -39.52
C PRO H 198 -30.64 3.63 -38.88
N LEU H 199 -31.19 2.73 -39.69
CA LEU H 199 -31.67 1.47 -39.15
C LEU H 199 -30.65 0.38 -39.45
N LEU H 200 -29.56 0.78 -40.11
CA LEU H 200 -28.49 -0.15 -40.48
C LEU H 200 -27.12 0.32 -40.04
N LYS H 201 -27.10 1.43 -39.32
CA LYS H 201 -25.87 2.04 -38.78
C LYS H 201 -25.07 1.05 -37.99
N TYR H 202 -25.75 0.64 -36.93
CA TYR H 202 -25.27 -0.28 -35.94
C TYR H 202 -24.70 -1.53 -36.59
N SER H 203 -25.26 -1.91 -37.73
CA SER H 203 -24.86 -3.13 -38.46
C SER H 203 -23.68 -2.99 -39.39
N ALA H 204 -23.46 -1.78 -39.88
CA ALA H 204 -22.37 -1.51 -40.80
C ALA H 204 -21.02 -1.94 -40.21
N LYS H 205 -21.00 -2.23 -38.91
CA LYS H 205 -19.78 -2.65 -38.26
C LYS H 205 -19.26 -3.96 -38.84
N ASP H 206 -20.00 -5.04 -38.55
CA ASP H 206 -19.67 -6.39 -39.01
C ASP H 206 -19.13 -6.42 -40.44
N TYR H 207 -19.70 -5.56 -41.29
CA TYR H 207 -19.28 -5.45 -42.68
C TYR H 207 -17.82 -5.07 -42.75
N PHE H 208 -17.48 -4.01 -42.01
CA PHE H 208 -16.10 -3.54 -41.96
C PHE H 208 -15.21 -4.58 -41.32
N PHE H 209 -15.76 -5.35 -40.39
CA PHE H 209 -14.98 -6.39 -39.73
C PHE H 209 -14.64 -7.53 -40.70
N LYS H 210 -15.63 -7.95 -41.48
CA LYS H 210 -15.47 -9.01 -42.45
C LYS H 210 -14.51 -8.55 -43.55
N ALA H 211 -14.78 -7.37 -44.08
CA ALA H 211 -13.97 -6.79 -45.14
C ALA H 211 -12.52 -6.62 -44.70
N ALA H 212 -12.32 -6.28 -43.43
CA ALA H 212 -10.97 -6.11 -42.92
C ALA H 212 -10.30 -7.48 -42.71
N LEU H 213 -11.12 -8.50 -42.39
CA LEU H 213 -10.59 -9.84 -42.18
C LEU H 213 -10.16 -10.50 -43.49
N CYS H 214 -11.00 -10.34 -44.51
CA CYS H 214 -10.71 -10.90 -45.82
C CYS H 214 -9.43 -10.28 -46.38
N HIS H 215 -8.41 -11.11 -46.55
CA HIS H 215 -7.13 -10.65 -47.08
C HIS H 215 -6.74 -11.38 -48.34
N PHE H 216 -6.52 -10.60 -49.40
CA PHE H 216 -6.12 -11.15 -50.68
C PHE H 216 -4.61 -11.36 -50.67
N CYS H 217 -4.11 -11.70 -49.48
CA CYS H 217 -2.69 -11.94 -49.23
C CYS H 217 -1.93 -10.64 -49.37
N ILE H 218 -2.55 -9.54 -48.96
CA ILE H 218 -1.86 -8.26 -49.05
C ILE H 218 -0.81 -8.26 -47.97
N ASP H 219 0.24 -7.50 -48.21
CA ASP H 219 1.35 -7.40 -47.29
C ASP H 219 1.52 -6.00 -46.71
N MET H 220 0.40 -5.35 -46.40
CA MET H 220 0.45 -4.00 -45.86
C MET H 220 -0.88 -3.54 -45.26
N LEU H 221 -1.27 -2.30 -45.53
CA LEU H 221 -2.50 -1.71 -45.02
C LEU H 221 -3.75 -2.43 -45.52
N ASN H 222 -4.59 -1.69 -46.22
CA ASN H 222 -5.86 -2.20 -46.78
C ASN H 222 -6.81 -2.35 -45.61
N ALA H 223 -6.43 -3.22 -44.69
CA ALA H 223 -7.20 -3.48 -43.48
C ALA H 223 -6.91 -2.36 -42.49
N LYS H 224 -5.66 -1.90 -42.48
CA LYS H 224 -5.24 -0.82 -41.58
C LYS H 224 -5.79 0.51 -42.12
N LEU H 225 -6.24 0.47 -43.37
CA LEU H 225 -6.77 1.65 -44.03
C LEU H 225 -8.30 1.64 -43.91
N ALA H 226 -8.87 0.44 -44.00
CA ALA H 226 -10.32 0.28 -43.90
C ALA H 226 -10.75 0.51 -42.46
N VAL H 227 -9.94 0.07 -41.51
CA VAL H 227 -10.24 0.27 -40.10
C VAL H 227 -10.25 1.77 -39.82
N GLN H 228 -9.50 2.52 -40.62
CA GLN H 228 -9.42 3.96 -40.49
C GLN H 228 -10.66 4.59 -41.08
N LYS H 229 -11.05 4.12 -42.27
CA LYS H 229 -12.26 4.63 -42.94
C LYS H 229 -13.48 4.49 -42.05
N TYR H 230 -13.42 3.54 -41.13
CA TYR H 230 -14.51 3.25 -40.20
C TYR H 230 -14.62 4.35 -39.15
N GLU H 231 -15.84 4.75 -38.85
CA GLU H 231 -16.07 5.79 -37.86
C GLU H 231 -16.37 5.17 -36.50
N GLU H 232 -15.44 5.34 -35.57
CA GLU H 232 -15.60 4.80 -34.22
C GLU H 232 -15.25 5.87 -33.19
N LEU H 233 -15.75 5.66 -31.97
CA LEU H 233 -15.56 6.54 -30.83
C LEU H 233 -15.19 5.67 -29.63
N PHE H 234 -14.19 6.05 -28.84
CA PHE H 234 -13.80 5.26 -27.67
C PHE H 234 -15.04 4.84 -26.82
N PRO H 235 -15.95 5.78 -26.49
CA PRO H 235 -17.21 5.42 -25.82
C PRO H 235 -18.18 4.52 -26.62
N ALA H 236 -17.84 4.10 -27.85
CA ALA H 236 -18.75 3.26 -28.67
C ALA H 236 -18.96 1.91 -28.00
N PHE H 237 -20.16 1.37 -28.19
CA PHE H 237 -20.45 0.12 -27.52
C PHE H 237 -20.31 -1.07 -28.43
N SER H 238 -21.01 -0.92 -29.54
CA SER H 238 -21.12 -1.89 -30.61
C SER H 238 -19.81 -1.98 -31.36
N ASP H 239 -19.19 -0.82 -31.60
CA ASP H 239 -17.92 -0.75 -32.30
C ASP H 239 -16.85 -1.62 -31.65
N SER H 240 -17.05 -1.94 -30.36
CA SER H 240 -16.12 -2.79 -29.62
C SER H 240 -16.15 -4.17 -30.25
N ARG H 241 -17.21 -4.43 -31.00
CA ARG H 241 -17.43 -5.71 -31.65
C ARG H 241 -17.17 -5.53 -33.15
N GLU H 242 -16.04 -4.91 -33.48
CA GLU H 242 -15.72 -4.68 -34.89
C GLU H 242 -14.24 -4.39 -35.14
N CYS H 243 -13.85 -3.12 -35.04
CA CYS H 243 -12.46 -2.74 -35.30
C CYS H 243 -11.55 -2.87 -34.10
N LYS H 244 -12.05 -2.54 -32.90
CA LYS H 244 -11.25 -2.64 -31.68
C LYS H 244 -10.41 -3.91 -31.65
N LEU H 245 -10.99 -5.01 -32.12
CA LEU H 245 -10.32 -6.29 -32.18
C LEU H 245 -9.34 -6.29 -33.35
N MET H 246 -9.86 -5.87 -34.50
CA MET H 246 -9.11 -5.80 -35.75
C MET H 246 -7.76 -5.15 -35.60
N LYS H 247 -7.71 -3.97 -34.98
CA LYS H 247 -6.46 -3.25 -34.75
C LYS H 247 -5.42 -4.18 -34.16
N LYS H 248 -5.79 -4.81 -33.05
CA LYS H 248 -4.92 -5.74 -32.35
C LYS H 248 -4.49 -6.88 -33.25
N LEU H 249 -5.37 -7.26 -34.18
CA LEU H 249 -5.06 -8.37 -35.09
C LEU H 249 -4.05 -7.89 -36.15
N LEU H 250 -4.18 -6.62 -36.54
CA LEU H 250 -3.36 -6.03 -37.59
C LEU H 250 -1.97 -5.90 -37.04
N GLU H 251 -1.90 -5.64 -35.75
CA GLU H 251 -0.60 -5.49 -35.11
C GLU H 251 0.02 -6.87 -34.94
N ALA H 252 -0.78 -7.85 -34.52
CA ALA H 252 -0.24 -9.20 -34.43
C ALA H 252 0.12 -9.79 -35.80
N HIS H 253 -0.36 -9.19 -36.89
CA HIS H 253 0.00 -9.68 -38.22
C HIS H 253 1.26 -9.00 -38.77
N GLU H 254 1.31 -7.67 -38.66
CA GLU H 254 2.46 -6.89 -39.12
C GLU H 254 3.76 -7.23 -38.38
N GLU H 255 3.64 -7.97 -37.28
CA GLU H 255 4.77 -8.33 -36.44
C GLU H 255 5.01 -9.83 -36.48
N GLN H 256 4.33 -10.49 -37.42
CA GLN H 256 4.38 -11.94 -37.64
C GLN H 256 4.47 -12.73 -36.32
N ASN H 257 3.60 -12.36 -35.38
CA ASN H 257 3.54 -12.99 -34.07
C ASN H 257 2.30 -13.88 -33.95
N VAL H 258 2.46 -15.16 -34.25
CA VAL H 258 1.36 -16.12 -34.20
C VAL H 258 1.05 -16.53 -32.74
N ASP H 259 1.33 -15.62 -31.81
CA ASP H 259 1.09 -15.88 -30.40
C ASP H 259 0.18 -14.81 -29.83
N SER H 260 0.23 -13.62 -30.43
CA SER H 260 -0.58 -12.49 -30.00
C SER H 260 -1.92 -12.47 -30.74
N TYR H 261 -1.95 -13.09 -31.91
CA TYR H 261 -3.15 -13.16 -32.73
C TYR H 261 -4.11 -14.21 -32.20
N THR H 262 -3.58 -15.40 -32.01
CA THR H 262 -4.35 -16.55 -31.51
C THR H 262 -4.73 -16.38 -30.05
N GLU H 263 -4.21 -15.32 -29.42
CA GLU H 263 -4.49 -15.03 -28.03
C GLU H 263 -5.65 -14.04 -27.96
N SER H 264 -5.51 -12.97 -28.73
CA SER H 264 -6.54 -11.95 -28.77
C SER H 264 -7.83 -12.53 -29.30
N VAL H 265 -7.73 -13.49 -30.22
CA VAL H 265 -8.96 -14.11 -30.69
C VAL H 265 -9.61 -14.93 -29.56
N LYS H 266 -8.78 -15.37 -28.62
CA LYS H 266 -9.25 -16.17 -27.49
C LYS H 266 -10.01 -15.27 -26.53
N GLU H 267 -9.50 -14.06 -26.37
CA GLU H 267 -10.18 -13.11 -25.50
C GLU H 267 -11.47 -12.64 -26.13
N TYR H 268 -11.40 -12.28 -27.40
CA TYR H 268 -12.58 -11.82 -28.11
C TYR H 268 -13.66 -12.89 -28.10
N ASP H 269 -13.27 -14.16 -28.06
CA ASP H 269 -14.25 -15.25 -27.98
C ASP H 269 -14.96 -15.32 -26.61
N SER H 270 -15.23 -14.17 -26.03
CA SER H 270 -15.85 -14.09 -24.72
C SER H 270 -16.92 -13.02 -24.74
N ILE H 271 -16.52 -11.86 -25.27
CA ILE H 271 -17.39 -10.71 -25.38
C ILE H 271 -18.30 -10.84 -26.60
N SER H 272 -17.82 -11.57 -27.59
CA SER H 272 -18.51 -11.77 -28.86
C SER H 272 -18.02 -13.06 -29.51
N ARG H 273 -18.73 -14.15 -29.24
CA ARG H 273 -18.39 -15.47 -29.77
C ARG H 273 -18.18 -15.50 -31.26
N LEU H 274 -17.24 -16.33 -31.68
CA LEU H 274 -16.90 -16.46 -33.09
C LEU H 274 -17.76 -17.48 -33.82
N ASP H 275 -18.43 -17.06 -34.87
CA ASP H 275 -19.25 -17.99 -35.65
C ASP H 275 -18.32 -18.77 -36.58
N GLN H 276 -18.82 -19.89 -37.10
CA GLN H 276 -18.08 -20.77 -38.00
C GLN H 276 -17.22 -20.04 -39.04
N TRP H 277 -17.84 -19.04 -39.67
CA TRP H 277 -17.19 -18.23 -40.70
C TRP H 277 -15.90 -17.67 -40.15
N LEU H 278 -16.06 -16.78 -39.16
CA LEU H 278 -14.95 -16.12 -38.50
C LEU H 278 -13.87 -17.12 -38.18
N THR H 279 -14.23 -18.19 -37.48
CA THR H 279 -13.26 -19.22 -37.11
C THR H 279 -12.44 -19.68 -38.31
N THR H 280 -13.13 -20.04 -39.39
CA THR H 280 -12.47 -20.51 -40.61
C THR H 280 -11.43 -19.51 -41.13
N MET H 281 -11.86 -18.26 -41.28
CA MET H 281 -10.94 -17.25 -41.81
C MET H 281 -9.81 -16.89 -40.84
N LEU H 282 -10.14 -16.82 -39.56
CA LEU H 282 -9.17 -16.49 -38.51
C LEU H 282 -8.06 -17.52 -38.56
N LEU H 283 -8.44 -18.79 -38.61
CA LEU H 283 -7.45 -19.85 -38.70
C LEU H 283 -6.63 -19.70 -39.98
N ARG H 284 -7.29 -19.29 -41.08
CA ARG H 284 -6.53 -19.09 -42.32
C ARG H 284 -5.45 -17.99 -42.14
N ILE H 285 -5.79 -16.92 -41.44
CA ILE H 285 -4.86 -15.81 -41.23
C ILE H 285 -3.74 -16.25 -40.29
N LYS H 286 -4.13 -17.09 -39.34
CA LYS H 286 -3.22 -17.61 -38.32
C LYS H 286 -2.19 -18.48 -39.01
N LYS H 287 -2.60 -19.10 -40.12
CA LYS H 287 -1.66 -19.92 -40.87
C LYS H 287 -0.80 -19.04 -41.74
N THR H 288 -1.36 -17.99 -42.34
CA THR H 288 -0.54 -17.08 -43.15
C THR H 288 0.63 -16.50 -42.34
N ILE H 289 0.39 -16.25 -41.05
CA ILE H 289 1.45 -15.74 -40.17
C ILE H 289 2.63 -16.72 -40.05
N GLN H 290 2.32 -17.99 -39.80
CA GLN H 290 3.33 -19.03 -39.63
C GLN H 290 4.02 -19.25 -40.96
N GLY H 291 3.26 -19.10 -42.03
CA GLY H 291 3.74 -19.32 -43.38
C GLY H 291 4.62 -18.16 -43.79
N ASP H 292 4.62 -17.10 -42.98
CA ASP H 292 5.56 -16.00 -43.21
C ASP H 292 6.73 -16.10 -42.21
N GLU H 293 6.53 -16.82 -41.11
CA GLU H 293 7.60 -16.97 -40.11
C GLU H 293 8.65 -18.00 -40.55
N GLU H 294 8.18 -19.21 -40.84
CA GLU H 294 9.04 -20.32 -41.25
C GLU H 294 9.48 -20.22 -42.71
N ASP H 295 9.48 -18.99 -43.25
CA ASP H 295 9.84 -18.74 -44.64
C ASP H 295 11.04 -17.77 -44.66
N ALA I 10 -86.52 -9.41 -41.16
CA ALA I 10 -85.75 -8.70 -40.14
C ALA I 10 -85.25 -9.66 -39.07
N GLU I 11 -86.17 -10.39 -38.46
CA GLU I 11 -85.84 -11.36 -37.42
C GLU I 11 -85.27 -12.63 -38.03
N ALA I 12 -84.37 -13.27 -37.29
CA ALA I 12 -83.75 -14.51 -37.73
C ALA I 12 -84.76 -15.64 -37.73
N MET I 13 -85.63 -15.67 -36.73
CA MET I 13 -86.65 -16.71 -36.62
C MET I 13 -87.55 -16.76 -37.87
N ALA I 14 -87.65 -15.64 -38.56
CA ALA I 14 -88.47 -15.53 -39.77
C ALA I 14 -87.67 -16.04 -40.96
N LEU I 15 -86.39 -15.67 -40.97
CA LEU I 15 -85.49 -16.06 -42.04
C LEU I 15 -85.32 -17.58 -42.04
N LEU I 16 -85.06 -18.17 -40.88
CA LEU I 16 -84.87 -19.61 -40.76
C LEU I 16 -86.07 -20.33 -41.38
N ALA I 17 -87.24 -19.73 -41.17
CA ALA I 17 -88.49 -20.28 -41.68
C ALA I 17 -88.54 -20.21 -43.20
N GLU I 18 -88.31 -19.02 -43.76
CA GLU I 18 -88.32 -18.91 -45.23
C GLU I 18 -87.28 -19.83 -45.87
N ALA I 19 -86.09 -19.86 -45.26
CA ALA I 19 -84.98 -20.69 -45.72
C ALA I 19 -85.36 -22.15 -45.76
N GLU I 20 -86.09 -22.59 -44.73
CA GLU I 20 -86.54 -23.98 -44.69
C GLU I 20 -87.53 -24.29 -45.80
N ARG I 21 -88.49 -23.39 -46.02
CA ARG I 21 -89.51 -23.57 -47.06
C ARG I 21 -88.98 -23.47 -48.50
N LYS I 22 -87.67 -23.29 -48.65
CA LYS I 22 -87.08 -23.18 -49.98
C LYS I 22 -85.92 -24.17 -50.15
N VAL I 23 -85.40 -24.68 -49.03
CA VAL I 23 -84.30 -25.63 -49.05
C VAL I 23 -84.83 -27.05 -49.34
N LYS I 24 -85.63 -27.17 -50.40
CA LYS I 24 -86.21 -28.45 -50.75
C LYS I 24 -86.00 -28.72 -52.23
N ASN I 25 -85.29 -29.81 -52.52
CA ASN I 25 -85.03 -30.21 -53.90
C ASN I 25 -86.31 -30.23 -54.70
N SER I 26 -86.37 -29.42 -55.74
CA SER I 26 -87.54 -29.35 -56.59
C SER I 26 -87.68 -30.58 -57.46
N GLN I 27 -88.92 -31.03 -57.64
CA GLN I 27 -89.21 -32.20 -58.45
C GLN I 27 -90.50 -31.97 -59.23
N SER I 28 -90.77 -32.83 -60.20
CA SER I 28 -91.96 -32.76 -61.04
C SER I 28 -91.96 -31.49 -61.90
N PHE I 29 -93.09 -30.78 -61.91
CA PHE I 29 -93.22 -29.55 -62.70
C PHE I 29 -92.43 -28.38 -62.11
N PHE I 30 -92.45 -28.24 -60.78
CA PHE I 30 -91.75 -27.16 -60.08
C PHE I 30 -90.25 -27.19 -60.40
N SER I 31 -89.72 -28.39 -60.66
CA SER I 31 -88.32 -28.56 -60.99
C SER I 31 -88.05 -28.09 -62.41
N GLY I 32 -89.03 -28.28 -63.28
CA GLY I 32 -88.92 -27.88 -64.67
C GLY I 32 -87.70 -28.46 -65.36
N LEU I 33 -87.06 -27.65 -66.19
CA LEU I 33 -85.87 -28.06 -66.93
C LEU I 33 -84.64 -27.98 -66.04
N PHE I 34 -84.63 -27.00 -65.15
CA PHE I 34 -83.50 -26.80 -64.26
C PHE I 34 -83.95 -26.49 -62.83
N GLY I 35 -83.80 -27.47 -61.95
CA GLY I 35 -84.15 -27.30 -60.56
C GLY I 35 -83.23 -26.24 -60.00
N GLY I 36 -81.99 -26.26 -60.47
CA GLY I 36 -80.99 -25.30 -60.07
C GLY I 36 -80.59 -25.30 -58.62
N SER I 37 -79.31 -25.02 -58.37
CA SER I 37 -78.80 -24.97 -57.03
C SER I 37 -78.94 -23.53 -56.50
N SER I 38 -79.72 -22.72 -57.20
CA SER I 38 -79.92 -21.34 -56.84
C SER I 38 -80.80 -21.23 -55.59
N LYS I 39 -81.65 -22.26 -55.40
CA LYS I 39 -82.57 -22.33 -54.27
C LYS I 39 -81.77 -22.65 -53.01
N ILE I 40 -81.03 -23.75 -53.06
CA ILE I 40 -80.23 -24.20 -51.92
C ILE I 40 -79.26 -23.09 -51.51
N GLU I 41 -78.75 -22.35 -52.49
CA GLU I 41 -77.81 -21.26 -52.24
C GLU I 41 -78.53 -20.09 -51.59
N GLU I 42 -79.76 -19.85 -52.03
CA GLU I 42 -80.56 -18.76 -51.50
C GLU I 42 -80.75 -19.03 -50.02
N ALA I 43 -81.11 -20.27 -49.71
CA ALA I 43 -81.30 -20.65 -48.31
C ALA I 43 -80.01 -20.47 -47.55
N CYS I 44 -78.88 -20.86 -48.14
CA CYS I 44 -77.60 -20.66 -47.47
C CYS I 44 -77.38 -19.21 -47.06
N GLU I 45 -77.70 -18.30 -47.99
CA GLU I 45 -77.56 -16.87 -47.70
C GLU I 45 -78.51 -16.45 -46.59
N ILE I 46 -79.69 -17.07 -46.57
CA ILE I 46 -80.66 -16.76 -45.53
C ILE I 46 -80.10 -17.14 -44.16
N TYR I 47 -79.79 -18.42 -43.99
CA TYR I 47 -79.23 -18.92 -42.73
C TYR I 47 -77.99 -18.13 -42.31
N ALA I 48 -77.14 -17.74 -43.26
CA ALA I 48 -75.97 -16.94 -42.91
C ALA I 48 -76.40 -15.60 -42.30
N ARG I 49 -77.42 -15.01 -42.91
CA ARG I 49 -77.97 -13.73 -42.45
C ARG I 49 -78.59 -13.85 -41.06
N ALA I 50 -79.13 -15.03 -40.77
CA ALA I 50 -79.78 -15.29 -39.50
C ALA I 50 -78.73 -15.55 -38.43
N ALA I 51 -77.81 -16.45 -38.75
CA ALA I 51 -76.73 -16.85 -37.89
C ALA I 51 -75.96 -15.63 -37.43
N ASN I 52 -75.83 -14.66 -38.32
CA ASN I 52 -75.13 -13.45 -37.95
C ASN I 52 -75.87 -12.64 -36.88
N MET I 53 -77.14 -12.33 -37.11
CA MET I 53 -77.87 -11.57 -36.11
C MET I 53 -77.97 -12.39 -34.82
N PHE I 54 -77.84 -13.71 -34.92
CA PHE I 54 -77.84 -14.53 -33.73
C PHE I 54 -76.54 -14.25 -33.00
N LYS I 55 -75.47 -14.09 -33.78
CA LYS I 55 -74.17 -13.76 -33.24
C LYS I 55 -74.20 -12.34 -32.64
N MET I 56 -75.24 -11.58 -32.97
CA MET I 56 -75.40 -10.23 -32.41
C MET I 56 -75.95 -10.29 -30.98
N ALA I 57 -77.06 -11.00 -30.80
CA ALA I 57 -77.70 -11.18 -29.50
C ALA I 57 -76.93 -12.15 -28.59
N LYS I 58 -75.72 -12.50 -29.02
CA LYS I 58 -74.84 -13.44 -28.32
C LYS I 58 -75.55 -14.75 -28.02
N ASN I 59 -76.48 -15.12 -28.91
CA ASN I 59 -77.21 -16.37 -28.76
C ASN I 59 -76.30 -17.54 -29.08
N TRP I 60 -75.17 -17.23 -29.72
CA TRP I 60 -74.16 -18.21 -30.11
C TRP I 60 -74.68 -19.57 -30.56
N SER I 61 -75.21 -20.35 -29.62
CA SER I 61 -75.81 -21.65 -29.90
C SER I 61 -76.57 -21.61 -31.23
N ALA I 62 -77.53 -20.70 -31.29
CA ALA I 62 -78.36 -20.51 -32.47
C ALA I 62 -77.53 -20.08 -33.68
N ALA I 63 -76.56 -19.21 -33.44
CA ALA I 63 -75.68 -18.72 -34.50
C ALA I 63 -74.92 -19.87 -35.12
N GLY I 64 -74.28 -20.66 -34.26
CA GLY I 64 -73.51 -21.80 -34.71
C GLY I 64 -74.36 -22.81 -35.44
N ASN I 65 -75.42 -23.31 -34.80
CA ASN I 65 -76.28 -24.29 -35.47
C ASN I 65 -76.83 -23.77 -36.81
N ALA I 66 -77.06 -22.46 -36.89
CA ALA I 66 -77.59 -21.83 -38.09
C ALA I 66 -76.53 -21.90 -39.19
N PHE I 67 -75.30 -21.56 -38.81
CA PHE I 67 -74.19 -21.61 -39.76
C PHE I 67 -74.05 -23.05 -40.23
N CYS I 68 -74.22 -24.00 -39.33
CA CYS I 68 -74.15 -25.42 -39.68
C CYS I 68 -75.17 -25.72 -40.74
N GLN I 69 -76.37 -25.14 -40.58
CA GLN I 69 -77.42 -25.31 -41.56
C GLN I 69 -76.97 -24.77 -42.93
N ALA I 70 -76.65 -23.47 -42.98
CA ALA I 70 -76.21 -22.83 -44.24
C ALA I 70 -75.07 -23.56 -44.93
N ALA I 71 -74.12 -24.05 -44.14
CA ALA I 71 -72.95 -24.75 -44.63
C ALA I 71 -73.33 -26.12 -45.19
N GLN I 72 -74.22 -26.80 -44.47
CA GLN I 72 -74.67 -28.14 -44.80
C GLN I 72 -75.38 -28.07 -46.13
N LEU I 73 -76.20 -27.04 -46.29
CA LEU I 73 -76.94 -26.85 -47.53
C LEU I 73 -75.94 -26.48 -48.61
N HIS I 74 -74.97 -25.67 -48.23
CA HIS I 74 -73.94 -25.18 -49.11
C HIS I 74 -73.21 -26.36 -49.73
N LEU I 75 -73.19 -27.50 -49.02
CA LEU I 75 -72.62 -28.73 -49.58
C LEU I 75 -73.55 -29.30 -50.66
N GLN I 76 -74.86 -29.18 -50.44
CA GLN I 76 -75.87 -29.68 -51.37
C GLN I 76 -75.90 -28.79 -52.60
N LEU I 77 -75.22 -27.66 -52.48
CA LEU I 77 -75.10 -26.66 -53.53
C LEU I 77 -74.05 -27.01 -54.57
N GLN I 78 -72.95 -27.60 -54.10
CA GLN I 78 -71.77 -28.03 -54.86
C GLN I 78 -70.76 -26.89 -54.88
N SER I 79 -70.06 -26.72 -53.76
CA SER I 79 -69.07 -25.66 -53.57
C SER I 79 -68.32 -25.87 -52.25
N LYS I 80 -67.77 -27.06 -52.07
CA LYS I 80 -67.03 -27.47 -50.87
C LYS I 80 -66.16 -26.39 -50.19
N HIS I 81 -65.50 -25.54 -50.99
CA HIS I 81 -64.63 -24.48 -50.46
C HIS I 81 -65.35 -23.53 -49.48
N ASP I 82 -66.12 -22.62 -50.05
CA ASP I 82 -66.88 -21.63 -49.31
C ASP I 82 -67.64 -22.30 -48.16
N ALA I 83 -68.03 -23.56 -48.38
CA ALA I 83 -68.76 -24.29 -47.36
C ALA I 83 -67.80 -24.50 -46.21
N ALA I 84 -66.64 -25.07 -46.52
CA ALA I 84 -65.61 -25.32 -45.52
C ALA I 84 -65.40 -24.10 -44.65
N THR I 85 -65.11 -22.95 -45.29
CA THR I 85 -64.88 -21.76 -44.46
C THR I 85 -66.14 -21.44 -43.64
N CYS I 86 -67.34 -21.74 -44.17
CA CYS I 86 -68.54 -21.56 -43.36
C CYS I 86 -68.48 -22.44 -42.09
N PHE I 87 -68.02 -23.69 -42.25
CA PHE I 87 -67.89 -24.60 -41.12
C PHE I 87 -66.95 -23.98 -40.11
N VAL I 88 -65.96 -23.26 -40.61
CA VAL I 88 -65.04 -22.56 -39.73
C VAL I 88 -65.79 -21.51 -38.94
N ASP I 89 -66.66 -20.74 -39.63
CA ASP I 89 -67.47 -19.73 -38.97
C ASP I 89 -68.28 -20.36 -37.82
N ALA I 90 -68.80 -21.56 -38.10
CA ALA I 90 -69.60 -22.32 -37.15
C ALA I 90 -68.74 -22.69 -35.95
N GLY I 91 -67.49 -23.05 -36.23
CA GLY I 91 -66.57 -23.47 -35.19
C GLY I 91 -66.25 -22.26 -34.33
N ASN I 92 -66.12 -21.10 -34.97
CA ASN I 92 -65.80 -19.86 -34.29
C ASN I 92 -66.93 -19.47 -33.35
N ALA I 93 -68.16 -19.79 -33.76
CA ALA I 93 -69.31 -19.53 -32.91
C ALA I 93 -69.30 -20.51 -31.74
N PHE I 94 -69.50 -21.81 -32.03
CA PHE I 94 -69.51 -22.85 -31.00
C PHE I 94 -68.37 -22.78 -29.97
N LYS I 95 -67.14 -22.59 -30.45
CA LYS I 95 -65.96 -22.46 -29.61
C LYS I 95 -66.26 -21.55 -28.43
N LYS I 96 -66.43 -20.26 -28.73
CA LYS I 96 -66.73 -19.27 -27.71
C LYS I 96 -68.25 -19.13 -27.63
N ALA I 97 -68.91 -20.21 -27.21
CA ALA I 97 -70.36 -20.24 -27.11
C ALA I 97 -70.79 -20.98 -25.84
N ASP I 98 -71.95 -21.60 -25.93
CA ASP I 98 -72.52 -22.36 -24.82
C ASP I 98 -72.42 -23.88 -25.10
N PRO I 99 -72.96 -24.36 -26.24
CA PRO I 99 -72.86 -25.79 -26.52
C PRO I 99 -71.47 -26.20 -27.00
N GLN I 100 -71.38 -27.42 -27.53
CA GLN I 100 -70.10 -27.95 -28.03
C GLN I 100 -70.11 -27.81 -29.55
N GLU I 101 -69.92 -28.93 -30.27
CA GLU I 101 -69.89 -28.95 -31.73
C GLU I 101 -68.65 -28.28 -32.29
N ALA I 102 -67.97 -27.51 -31.45
CA ALA I 102 -66.76 -26.79 -31.81
C ALA I 102 -65.75 -27.76 -32.42
N ILE I 103 -65.76 -28.98 -31.89
CA ILE I 103 -64.86 -30.01 -32.36
C ILE I 103 -65.37 -30.60 -33.67
N ASN I 104 -66.69 -30.78 -33.75
CA ASN I 104 -67.34 -31.36 -34.92
C ASN I 104 -67.13 -30.49 -36.15
N CYS I 105 -67.56 -29.23 -36.07
CA CYS I 105 -67.43 -28.30 -37.19
C CYS I 105 -66.01 -28.28 -37.75
N LEU I 106 -65.02 -28.15 -36.86
CA LEU I 106 -63.62 -28.12 -37.27
C LEU I 106 -63.22 -29.42 -37.99
N MET I 107 -63.67 -30.57 -37.47
CA MET I 107 -63.35 -31.84 -38.14
C MET I 107 -64.00 -31.88 -39.53
N ARG I 108 -65.19 -31.30 -39.61
CA ARG I 108 -65.99 -31.28 -40.83
C ARG I 108 -65.37 -30.30 -41.82
N ALA I 109 -64.48 -29.45 -41.30
CA ALA I 109 -63.83 -28.42 -42.10
C ALA I 109 -62.55 -29.00 -42.68
N ILE I 110 -61.79 -29.67 -41.82
CA ILE I 110 -60.54 -30.27 -42.27
C ILE I 110 -60.83 -31.40 -43.25
N GLU I 111 -61.86 -32.20 -43.00
CA GLU I 111 -62.19 -33.27 -43.95
C GLU I 111 -62.39 -32.69 -45.36
N ILE I 112 -62.70 -31.40 -45.42
CA ILE I 112 -62.93 -30.71 -46.68
C ILE I 112 -61.63 -30.13 -47.24
N TYR I 113 -60.90 -29.37 -46.42
CA TYR I 113 -59.62 -28.78 -46.84
C TYR I 113 -58.60 -29.83 -47.28
N THR I 114 -58.53 -30.91 -46.51
CA THR I 114 -57.61 -32.03 -46.76
C THR I 114 -57.90 -32.74 -48.07
N ASP I 115 -59.16 -33.08 -48.29
CA ASP I 115 -59.57 -33.79 -49.50
C ASP I 115 -59.50 -32.84 -50.71
N MET I 116 -59.74 -31.56 -50.47
CA MET I 116 -59.74 -30.55 -51.52
C MET I 116 -58.33 -30.28 -52.01
N GLY I 117 -57.36 -30.64 -51.17
CA GLY I 117 -55.96 -30.43 -51.51
C GLY I 117 -55.40 -29.16 -50.90
N ARG I 118 -56.06 -28.68 -49.85
CA ARG I 118 -55.64 -27.46 -49.17
C ARG I 118 -55.09 -27.79 -47.79
N PHE I 119 -53.83 -28.26 -47.74
CA PHE I 119 -53.18 -28.61 -46.47
C PHE I 119 -52.69 -27.38 -45.74
N THR I 120 -52.25 -26.39 -46.49
CA THR I 120 -51.75 -25.14 -45.92
C THR I 120 -52.69 -24.58 -44.87
N ILE I 121 -53.98 -24.58 -45.19
CA ILE I 121 -55.01 -24.07 -44.28
C ILE I 121 -55.51 -25.16 -43.33
N ALA I 122 -55.44 -26.40 -43.81
CA ALA I 122 -55.89 -27.56 -43.04
C ALA I 122 -55.09 -27.65 -41.76
N ALA I 123 -53.80 -27.32 -41.84
CA ALA I 123 -52.91 -27.38 -40.70
C ALA I 123 -53.20 -26.20 -39.79
N LYS I 124 -53.62 -25.11 -40.40
CA LYS I 124 -53.94 -23.87 -39.69
C LYS I 124 -55.07 -24.14 -38.73
N HIS I 125 -56.08 -24.86 -39.19
CA HIS I 125 -57.18 -25.19 -38.31
C HIS I 125 -56.89 -26.46 -37.50
N HIS I 126 -55.90 -27.22 -37.95
CA HIS I 126 -55.54 -28.48 -37.32
C HIS I 126 -54.93 -28.19 -35.97
N ILE I 127 -54.08 -27.16 -35.94
CA ILE I 127 -53.45 -26.76 -34.70
C ILE I 127 -54.46 -26.15 -33.75
N SER I 128 -55.45 -25.43 -34.29
CA SER I 128 -56.47 -24.83 -33.45
C SER I 128 -57.23 -25.97 -32.79
N ILE I 129 -57.43 -27.02 -33.57
CA ILE I 129 -58.13 -28.21 -33.10
C ILE I 129 -57.38 -28.84 -31.95
N ALA I 130 -56.16 -29.29 -32.20
CA ALA I 130 -55.37 -29.89 -31.12
C ALA I 130 -55.22 -28.95 -29.93
N GLU I 131 -55.38 -27.65 -30.18
CA GLU I 131 -55.26 -26.65 -29.13
C GLU I 131 -56.50 -26.62 -28.25
N ILE I 132 -57.64 -27.01 -28.83
CA ILE I 132 -58.88 -27.07 -28.06
C ILE I 132 -59.07 -28.43 -27.39
N TYR I 133 -58.65 -29.50 -28.09
CA TYR I 133 -58.80 -30.87 -27.59
C TYR I 133 -57.94 -31.15 -26.35
N GLU I 134 -57.19 -30.14 -25.92
CA GLU I 134 -56.31 -30.25 -24.77
C GLU I 134 -56.76 -29.32 -23.65
N THR I 135 -56.76 -28.02 -23.92
CA THR I 135 -57.17 -27.02 -22.94
C THR I 135 -58.64 -27.12 -22.56
N GLU I 136 -59.37 -27.99 -23.27
CA GLU I 136 -60.80 -28.17 -23.01
C GLU I 136 -61.13 -29.63 -22.79
N LEU I 137 -61.23 -30.39 -23.89
CA LEU I 137 -61.56 -31.82 -23.80
C LEU I 137 -60.55 -32.63 -22.99
N VAL I 138 -59.36 -32.07 -22.77
CA VAL I 138 -58.29 -32.72 -22.02
C VAL I 138 -58.04 -34.10 -22.61
N ASP I 139 -57.96 -34.15 -23.94
CA ASP I 139 -57.74 -35.43 -24.61
C ASP I 139 -56.36 -35.39 -25.26
N VAL I 140 -55.33 -35.36 -24.42
CA VAL I 140 -53.94 -35.30 -24.86
C VAL I 140 -53.60 -36.31 -25.97
N GLU I 141 -54.04 -37.56 -25.81
CA GLU I 141 -53.77 -38.60 -26.79
C GLU I 141 -54.28 -38.26 -28.19
N LYS I 142 -55.37 -37.49 -28.26
CA LYS I 142 -55.95 -37.09 -29.55
C LYS I 142 -55.40 -35.73 -29.98
N ALA I 143 -54.89 -34.97 -29.03
CA ALA I 143 -54.34 -33.65 -29.31
C ALA I 143 -52.98 -33.78 -29.98
N ILE I 144 -52.12 -34.62 -29.39
CA ILE I 144 -50.78 -34.87 -29.89
C ILE I 144 -50.81 -35.37 -31.33
N ALA I 145 -51.73 -36.29 -31.63
CA ALA I 145 -51.87 -36.87 -32.96
C ALA I 145 -52.06 -35.78 -34.00
N HIS I 146 -52.75 -34.73 -33.58
CA HIS I 146 -53.06 -33.60 -34.45
C HIS I 146 -51.89 -32.67 -34.52
N TYR I 147 -51.29 -32.34 -33.38
CA TYR I 147 -50.14 -31.44 -33.36
C TYR I 147 -49.06 -32.00 -34.28
N GLU I 148 -49.00 -33.33 -34.32
CA GLU I 148 -48.02 -34.05 -35.10
C GLU I 148 -48.39 -34.04 -36.57
N GLN I 149 -49.53 -34.61 -36.93
CA GLN I 149 -49.92 -34.64 -38.34
C GLN I 149 -49.85 -33.24 -38.97
N SER I 150 -50.26 -32.25 -38.18
CA SER I 150 -50.24 -30.87 -38.61
C SER I 150 -48.81 -30.42 -38.86
N ALA I 151 -47.93 -30.71 -37.89
CA ALA I 151 -46.52 -30.39 -38.10
C ALA I 151 -45.97 -31.04 -39.35
N ASP I 152 -46.51 -32.20 -39.71
CA ASP I 152 -46.08 -32.88 -40.92
C ASP I 152 -46.46 -32.05 -42.13
N TYR I 153 -47.67 -31.50 -42.08
CA TYR I 153 -48.10 -30.62 -43.17
C TYR I 153 -47.24 -29.36 -43.26
N TYR I 154 -47.02 -28.69 -42.13
CA TYR I 154 -46.18 -27.50 -42.12
C TYR I 154 -44.79 -27.78 -42.67
N LYS I 155 -44.25 -28.94 -42.29
CA LYS I 155 -42.93 -29.37 -42.74
C LYS I 155 -42.99 -29.72 -44.23
N GLY I 156 -44.19 -29.97 -44.73
CA GLY I 156 -44.39 -30.34 -46.12
C GLY I 156 -44.40 -29.07 -46.96
N GLU I 157 -44.80 -27.97 -46.32
CA GLU I 157 -44.86 -26.67 -46.96
C GLU I 157 -43.59 -25.88 -46.68
N GLU I 158 -42.51 -26.61 -46.39
CA GLU I 158 -41.18 -26.10 -46.02
C GLU I 158 -41.20 -25.04 -44.90
N SER I 159 -42.40 -24.78 -44.37
CA SER I 159 -42.58 -23.84 -43.28
C SER I 159 -41.96 -24.43 -42.03
N ASN I 160 -40.64 -24.33 -41.95
CA ASN I 160 -39.89 -24.85 -40.83
C ASN I 160 -40.45 -24.28 -39.55
N SER I 161 -40.50 -22.96 -39.48
CA SER I 161 -41.00 -22.25 -38.33
C SER I 161 -42.26 -22.81 -37.66
N SER I 162 -43.34 -22.89 -38.44
CA SER I 162 -44.60 -23.39 -37.93
C SER I 162 -44.43 -24.83 -37.49
N ALA I 163 -43.75 -25.60 -38.34
CA ALA I 163 -43.53 -27.02 -38.08
C ALA I 163 -42.93 -27.19 -36.69
N ASN I 164 -41.96 -26.34 -36.35
CA ASN I 164 -41.33 -26.43 -35.05
C ASN I 164 -42.31 -26.01 -33.97
N LYS I 165 -43.11 -24.98 -34.26
CA LYS I 165 -44.11 -24.57 -33.29
C LYS I 165 -44.95 -25.74 -32.86
N CYS I 166 -45.31 -26.58 -33.83
CA CYS I 166 -46.09 -27.78 -33.52
C CYS I 166 -45.30 -28.88 -32.81
N LEU I 167 -44.10 -29.17 -33.32
CA LEU I 167 -43.23 -30.19 -32.72
C LEU I 167 -43.02 -29.97 -31.23
N LEU I 168 -42.78 -28.71 -30.86
CA LEU I 168 -42.57 -28.34 -29.46
C LEU I 168 -43.76 -28.74 -28.62
N LYS I 169 -44.96 -28.59 -29.20
CA LYS I 169 -46.18 -28.95 -28.53
C LYS I 169 -46.19 -30.47 -28.34
N VAL I 170 -45.99 -31.18 -29.45
CA VAL I 170 -45.97 -32.64 -29.45
C VAL I 170 -45.08 -33.21 -28.36
N ALA I 171 -43.79 -32.88 -28.41
CA ALA I 171 -42.83 -33.38 -27.41
C ALA I 171 -43.15 -32.84 -26.03
N GLY I 172 -43.51 -31.57 -25.96
CA GLY I 172 -43.85 -30.90 -24.72
C GLY I 172 -44.89 -31.63 -23.90
N TYR I 173 -45.93 -32.12 -24.58
CA TYR I 173 -47.01 -32.84 -23.92
C TYR I 173 -46.78 -34.35 -23.95
N ALA I 174 -45.75 -34.77 -24.69
CA ALA I 174 -45.45 -36.19 -24.84
C ALA I 174 -44.80 -36.67 -23.54
N ALA I 175 -43.97 -35.80 -22.97
CA ALA I 175 -43.27 -36.11 -21.75
C ALA I 175 -44.25 -36.17 -20.58
N GLN I 176 -45.37 -35.46 -20.71
CA GLN I 176 -46.38 -35.45 -19.67
C GLN I 176 -47.11 -36.79 -19.64
N LEU I 177 -47.21 -37.41 -20.81
CA LEU I 177 -47.89 -38.70 -20.96
C LEU I 177 -46.90 -39.85 -20.82
N GLU I 178 -45.87 -39.63 -20.00
CA GLU I 178 -44.82 -40.63 -19.73
C GLU I 178 -43.90 -40.86 -20.93
N GLN I 179 -44.36 -40.50 -22.13
CA GLN I 179 -43.56 -40.66 -23.34
C GLN I 179 -42.34 -39.75 -23.25
N TYR I 180 -41.31 -40.20 -22.55
CA TYR I 180 -40.08 -39.42 -22.38
C TYR I 180 -39.14 -39.62 -23.55
N GLN I 181 -38.84 -40.87 -23.89
CA GLN I 181 -37.94 -41.14 -25.00
C GLN I 181 -38.51 -40.54 -26.29
N LYS I 182 -39.80 -40.75 -26.54
CA LYS I 182 -40.44 -40.23 -27.73
C LYS I 182 -40.37 -38.70 -27.73
N ALA I 183 -40.13 -38.13 -26.55
CA ALA I 183 -40.03 -36.69 -26.40
C ALA I 183 -38.62 -36.25 -26.76
N ILE I 184 -37.62 -36.89 -26.14
CA ILE I 184 -36.23 -36.53 -26.40
C ILE I 184 -35.92 -36.67 -27.89
N ASP I 185 -36.43 -37.70 -28.56
CA ASP I 185 -36.19 -37.84 -30.00
C ASP I 185 -36.66 -36.60 -30.77
N ILE I 186 -37.85 -36.11 -30.41
CA ILE I 186 -38.43 -34.94 -31.05
C ILE I 186 -37.58 -33.72 -30.76
N TYR I 187 -37.05 -33.63 -29.55
CA TYR I 187 -36.22 -32.49 -29.17
C TYR I 187 -34.89 -32.53 -29.93
N GLU I 188 -34.39 -33.74 -30.17
CA GLU I 188 -33.13 -33.91 -30.87
C GLU I 188 -33.30 -33.47 -32.31
N GLN I 189 -34.40 -33.88 -32.93
CA GLN I 189 -34.67 -33.52 -34.32
C GLN I 189 -34.90 -32.01 -34.45
N VAL I 190 -35.82 -31.48 -33.66
CA VAL I 190 -36.14 -30.05 -33.70
C VAL I 190 -34.91 -29.24 -33.27
N GLY I 191 -33.93 -29.91 -32.67
CA GLY I 191 -32.72 -29.27 -32.18
C GLY I 191 -31.66 -29.20 -33.27
N THR I 192 -31.56 -30.28 -34.05
CA THR I 192 -30.60 -30.35 -35.14
C THR I 192 -31.07 -29.47 -36.27
N SER I 193 -32.37 -29.50 -36.54
CA SER I 193 -32.92 -28.67 -37.61
C SER I 193 -33.18 -27.25 -37.12
N ALA I 194 -32.34 -26.79 -36.19
CA ALA I 194 -32.47 -25.46 -35.62
C ALA I 194 -31.13 -24.71 -35.62
N MET I 195 -30.03 -25.47 -35.72
CA MET I 195 -28.70 -24.89 -35.73
C MET I 195 -28.37 -24.31 -37.10
N ASP I 196 -28.89 -24.95 -38.15
CA ASP I 196 -28.67 -24.50 -39.53
C ASP I 196 -29.18 -23.07 -39.72
N SER I 197 -29.93 -22.59 -38.74
CA SER I 197 -30.52 -21.27 -38.76
C SER I 197 -30.00 -20.47 -37.58
N PRO I 198 -29.08 -19.54 -37.83
CA PRO I 198 -28.47 -18.69 -36.80
C PRO I 198 -29.47 -17.72 -36.19
N LEU I 199 -30.76 -18.01 -36.37
CA LEU I 199 -31.81 -17.17 -35.84
C LEU I 199 -32.61 -17.96 -34.82
N LEU I 200 -32.07 -19.10 -34.41
CA LEU I 200 -32.71 -20.01 -33.46
C LEU I 200 -31.70 -20.45 -32.41
N LYS I 201 -30.45 -20.05 -32.62
CA LYS I 201 -29.32 -20.39 -31.76
C LYS I 201 -29.63 -20.22 -30.28
N TYR I 202 -30.28 -19.10 -29.99
CA TYR I 202 -30.63 -18.73 -28.64
C TYR I 202 -31.61 -19.72 -28.06
N SER I 203 -32.63 -20.08 -28.82
CA SER I 203 -33.62 -21.02 -28.34
C SER I 203 -33.16 -22.45 -28.20
N ALA I 204 -32.22 -22.84 -29.05
CA ALA I 204 -31.68 -24.19 -29.08
C ALA I 204 -31.26 -24.75 -27.73
N LYS I 205 -31.14 -23.87 -26.74
CA LYS I 205 -30.75 -24.27 -25.39
C LYS I 205 -31.85 -25.08 -24.73
N ASP I 206 -32.96 -24.40 -24.46
CA ASP I 206 -34.14 -24.98 -23.82
C ASP I 206 -34.45 -26.38 -24.36
N TYR I 207 -34.20 -26.58 -25.65
CA TYR I 207 -34.42 -27.87 -26.29
C TYR I 207 -33.57 -28.92 -25.61
N PHE I 208 -32.28 -28.63 -25.52
CA PHE I 208 -31.33 -29.53 -24.87
C PHE I 208 -31.68 -29.73 -23.41
N PHE I 209 -32.21 -28.68 -22.76
CA PHE I 209 -32.60 -28.83 -21.36
C PHE I 209 -33.76 -29.80 -21.20
N LYS I 210 -34.77 -29.65 -22.06
CA LYS I 210 -35.94 -30.52 -22.03
C LYS I 210 -35.54 -31.96 -22.32
N ALA I 211 -34.81 -32.15 -23.42
CA ALA I 211 -34.36 -33.47 -23.83
C ALA I 211 -33.49 -34.14 -22.76
N ALA I 212 -32.65 -33.36 -22.09
CA ALA I 212 -31.79 -33.91 -21.06
C ALA I 212 -32.59 -34.22 -19.80
N LEU I 213 -33.75 -33.57 -19.65
CA LEU I 213 -34.61 -33.80 -18.50
C LEU I 213 -35.49 -35.02 -18.72
N CYS I 214 -36.02 -35.15 -19.94
CA CYS I 214 -36.88 -36.26 -20.27
C CYS I 214 -36.09 -37.55 -20.14
N HIS I 215 -36.53 -38.43 -19.25
CA HIS I 215 -35.84 -39.70 -19.07
C HIS I 215 -36.81 -40.87 -19.11
N PHE I 216 -36.53 -41.76 -20.04
CA PHE I 216 -37.29 -42.99 -20.26
C PHE I 216 -36.82 -44.10 -19.33
N CYS I 217 -36.56 -43.72 -18.08
CA CYS I 217 -36.07 -44.61 -17.03
C CYS I 217 -34.63 -45.05 -17.29
N ILE I 218 -33.90 -44.23 -18.05
CA ILE I 218 -32.51 -44.53 -18.36
C ILE I 218 -31.68 -44.28 -17.10
N ASP I 219 -30.56 -44.96 -16.97
CA ASP I 219 -29.70 -44.80 -15.80
C ASP I 219 -28.31 -44.36 -16.22
N MET I 220 -28.07 -44.48 -17.52
CA MET I 220 -26.78 -44.14 -18.09
C MET I 220 -26.56 -42.66 -18.33
N LEU I 221 -25.77 -42.37 -19.36
CA LEU I 221 -25.51 -40.98 -19.65
C LEU I 221 -26.25 -40.53 -20.89
N ASN I 222 -27.54 -40.85 -20.96
CA ASN I 222 -28.36 -40.43 -22.09
C ASN I 222 -28.38 -38.90 -22.11
N ALA I 223 -28.32 -38.34 -20.91
CA ALA I 223 -28.34 -36.89 -20.71
C ALA I 223 -26.93 -36.36 -20.52
N LYS I 224 -26.09 -37.12 -19.81
CA LYS I 224 -24.71 -36.74 -19.56
C LYS I 224 -23.94 -36.66 -20.89
N LEU I 225 -24.51 -37.26 -21.93
CA LEU I 225 -23.91 -37.25 -23.26
C LEU I 225 -24.54 -36.13 -24.07
N ALA I 226 -25.82 -35.87 -23.80
CA ALA I 226 -26.56 -34.83 -24.49
C ALA I 226 -26.12 -33.46 -24.01
N VAL I 227 -25.58 -33.41 -22.79
CA VAL I 227 -25.11 -32.17 -22.19
C VAL I 227 -23.73 -31.84 -22.78
N GLN I 228 -23.01 -32.89 -23.18
CA GLN I 228 -21.69 -32.73 -23.76
C GLN I 228 -21.83 -32.25 -25.20
N LYS I 229 -22.75 -32.88 -25.94
CA LYS I 229 -23.02 -32.52 -27.33
C LYS I 229 -23.34 -31.03 -27.42
N TYR I 230 -23.77 -30.48 -26.29
CA TYR I 230 -24.16 -29.10 -26.18
C TYR I 230 -22.94 -28.21 -26.05
N GLU I 231 -22.59 -27.55 -27.13
CA GLU I 231 -21.45 -26.66 -27.13
C GLU I 231 -21.73 -25.47 -26.22
N GLU I 232 -21.02 -25.38 -25.10
CA GLU I 232 -21.26 -24.27 -24.21
C GLU I 232 -19.93 -23.76 -23.65
N LEU I 233 -19.96 -22.54 -23.11
CA LEU I 233 -18.85 -21.83 -22.51
C LEU I 233 -19.46 -20.97 -21.39
N PHE I 234 -19.47 -21.48 -20.14
CA PHE I 234 -20.07 -20.79 -18.96
C PHE I 234 -20.33 -19.28 -19.07
N PRO I 235 -19.30 -18.44 -19.33
CA PRO I 235 -19.65 -17.02 -19.41
C PRO I 235 -20.49 -16.63 -20.64
N ALA I 236 -21.50 -17.45 -20.97
CA ALA I 236 -22.39 -17.19 -22.10
C ALA I 236 -23.79 -16.87 -21.61
N PHE I 237 -24.09 -17.33 -20.37
CA PHE I 237 -25.40 -17.08 -19.75
C PHE I 237 -26.62 -17.75 -20.30
N SER I 238 -26.96 -17.42 -21.53
CA SER I 238 -28.09 -18.02 -22.18
C SER I 238 -27.98 -19.51 -21.91
N ASP I 239 -26.77 -20.03 -22.05
CA ASP I 239 -26.51 -21.44 -21.84
C ASP I 239 -26.63 -21.81 -20.34
N SER I 240 -26.27 -20.90 -19.43
CA SER I 240 -26.37 -21.14 -17.99
C SER I 240 -27.79 -21.55 -17.62
N ARG I 241 -28.74 -21.06 -18.41
CA ARG I 241 -30.15 -21.35 -18.22
C ARG I 241 -30.46 -22.59 -19.02
N GLU I 242 -29.58 -23.58 -18.94
CA GLU I 242 -29.77 -24.80 -19.71
C GLU I 242 -29.06 -26.02 -19.11
N CYS I 243 -27.76 -26.20 -19.38
CA CYS I 243 -27.06 -27.37 -18.88
C CYS I 243 -26.50 -27.30 -17.46
N LYS I 244 -26.09 -26.13 -17.00
CA LYS I 244 -25.55 -25.97 -15.65
C LYS I 244 -26.31 -26.83 -14.62
N LEU I 245 -27.57 -26.47 -14.47
CA LEU I 245 -28.45 -27.15 -13.56
C LEU I 245 -28.43 -28.64 -13.89
N MET I 246 -28.63 -28.96 -15.18
CA MET I 246 -28.66 -30.35 -15.65
C MET I 246 -27.53 -31.17 -15.09
N LYS I 247 -26.31 -30.67 -15.24
CA LYS I 247 -25.11 -31.32 -14.74
C LYS I 247 -25.32 -31.60 -13.26
N LYS I 248 -25.76 -30.58 -12.53
CA LYS I 248 -25.98 -30.80 -11.10
C LYS I 248 -27.11 -31.81 -10.82
N LEU I 249 -27.98 -32.03 -11.79
CA LEU I 249 -29.11 -32.94 -11.60
C LEU I 249 -28.66 -34.38 -11.89
N LEU I 250 -27.73 -34.48 -12.83
CA LEU I 250 -27.19 -35.76 -13.30
C LEU I 250 -26.33 -36.33 -12.20
N GLU I 251 -25.70 -35.46 -11.43
CA GLU I 251 -24.92 -36.00 -10.33
C GLU I 251 -25.84 -36.46 -9.21
N ALA I 252 -26.88 -35.68 -8.92
CA ALA I 252 -27.82 -36.02 -7.87
C ALA I 252 -28.66 -37.28 -8.17
N HIS I 253 -28.79 -37.65 -9.44
CA HIS I 253 -29.50 -38.88 -9.79
C HIS I 253 -28.60 -40.12 -9.72
N GLU I 254 -27.36 -40.00 -10.21
CA GLU I 254 -26.40 -41.10 -10.20
C GLU I 254 -25.93 -41.47 -8.79
N GLU I 255 -26.46 -40.77 -7.79
CA GLU I 255 -26.07 -40.98 -6.40
C GLU I 255 -27.30 -41.13 -5.51
N GLN I 256 -28.43 -41.44 -6.13
CA GLN I 256 -29.72 -41.62 -5.45
C GLN I 256 -29.92 -40.64 -4.30
N ASN I 257 -29.63 -39.37 -4.55
CA ASN I 257 -29.76 -38.33 -3.54
C ASN I 257 -30.97 -37.45 -3.83
N VAL I 258 -32.10 -37.76 -3.22
CA VAL I 258 -33.32 -36.99 -3.42
C VAL I 258 -33.30 -35.73 -2.51
N ASP I 259 -32.11 -35.20 -2.30
CA ASP I 259 -31.94 -34.01 -1.47
C ASP I 259 -31.10 -32.99 -2.23
N SER I 260 -30.12 -33.48 -2.99
CA SER I 260 -29.25 -32.61 -3.78
C SER I 260 -30.00 -32.17 -5.03
N TYR I 261 -30.91 -33.03 -5.48
CA TYR I 261 -31.71 -32.76 -6.67
C TYR I 261 -32.87 -31.84 -6.33
N THR I 262 -33.46 -32.10 -5.17
CA THR I 262 -34.62 -31.35 -4.69
C THR I 262 -34.19 -29.99 -4.15
N GLU I 263 -32.89 -29.81 -3.98
CA GLU I 263 -32.35 -28.55 -3.48
C GLU I 263 -31.93 -27.73 -4.69
N SER I 264 -31.41 -28.45 -5.69
CA SER I 264 -30.99 -27.82 -6.93
C SER I 264 -32.19 -27.26 -7.66
N VAL I 265 -33.30 -27.99 -7.66
CA VAL I 265 -34.51 -27.45 -8.26
C VAL I 265 -34.98 -26.17 -7.53
N LYS I 266 -34.68 -26.10 -6.24
CA LYS I 266 -35.08 -24.96 -5.40
C LYS I 266 -34.22 -23.73 -5.67
N GLU I 267 -32.93 -23.97 -5.89
CA GLU I 267 -31.99 -22.89 -6.16
C GLU I 267 -32.16 -22.38 -7.59
N TYR I 268 -32.25 -23.31 -8.53
CA TYR I 268 -32.41 -22.95 -9.93
C TYR I 268 -33.73 -22.20 -10.12
N ASP I 269 -34.74 -22.54 -9.31
CA ASP I 269 -36.01 -21.82 -9.39
C ASP I 269 -35.86 -20.34 -8.93
N SER I 270 -34.63 -19.83 -9.01
CA SER I 270 -34.34 -18.47 -8.58
C SER I 270 -33.92 -17.65 -9.79
N ILE I 271 -32.81 -18.04 -10.41
CA ILE I 271 -32.28 -17.36 -11.59
C ILE I 271 -33.20 -17.50 -12.81
N SER I 272 -34.02 -18.54 -12.79
CA SER I 272 -34.93 -18.88 -13.90
C SER I 272 -36.09 -19.70 -13.36
N ARG I 273 -37.27 -19.08 -13.25
CA ARG I 273 -38.44 -19.77 -12.74
C ARG I 273 -38.83 -21.00 -13.54
N LEU I 274 -39.38 -21.98 -12.84
CA LEU I 274 -39.80 -23.20 -13.48
C LEU I 274 -41.26 -23.12 -13.89
N ASP I 275 -41.56 -23.54 -15.11
CA ASP I 275 -42.94 -23.54 -15.59
C ASP I 275 -43.58 -24.85 -15.15
N GLN I 276 -44.90 -24.94 -15.26
CA GLN I 276 -45.66 -26.12 -14.89
C GLN I 276 -45.09 -27.44 -15.45
N TRP I 277 -44.54 -27.37 -16.66
CA TRP I 277 -43.96 -28.52 -17.34
C TRP I 277 -42.81 -29.05 -16.49
N LEU I 278 -41.81 -28.18 -16.33
CA LEU I 278 -40.63 -28.51 -15.56
C LEU I 278 -41.03 -29.03 -14.20
N THR I 279 -41.94 -28.33 -13.53
CA THR I 279 -42.39 -28.76 -12.20
C THR I 279 -42.83 -30.23 -12.20
N THR I 280 -43.75 -30.57 -13.10
CA THR I 280 -44.26 -31.94 -13.16
C THR I 280 -43.16 -32.97 -13.44
N MET I 281 -42.31 -32.67 -14.42
CA MET I 281 -41.25 -33.62 -14.75
C MET I 281 -40.22 -33.79 -13.64
N LEU I 282 -39.73 -32.67 -13.13
CA LEU I 282 -38.76 -32.66 -12.04
C LEU I 282 -39.30 -33.48 -10.88
N LEU I 283 -40.60 -33.38 -10.62
CA LEU I 283 -41.19 -34.20 -9.57
C LEU I 283 -41.15 -35.69 -9.94
N ARG I 284 -41.42 -36.02 -11.20
CA ARG I 284 -41.35 -37.43 -11.60
C ARG I 284 -39.93 -38.01 -11.39
N ILE I 285 -38.92 -37.20 -11.75
CA ILE I 285 -37.52 -37.59 -11.61
C ILE I 285 -37.17 -37.65 -10.12
N LYS I 286 -37.89 -36.87 -9.33
CA LYS I 286 -37.70 -36.79 -7.89
C LYS I 286 -38.17 -38.09 -7.28
N LYS I 287 -39.19 -38.68 -7.89
CA LYS I 287 -39.73 -39.94 -7.38
C LYS I 287 -38.85 -41.10 -7.84
N THR I 288 -38.34 -41.01 -9.07
CA THR I 288 -37.45 -42.07 -9.58
C THR I 288 -36.23 -42.28 -8.67
N ILE I 289 -35.94 -41.30 -7.83
CA ILE I 289 -34.79 -41.35 -6.91
C ILE I 289 -35.20 -42.01 -5.62
N GLN I 290 -36.31 -41.52 -5.04
CA GLN I 290 -36.83 -42.04 -3.78
C GLN I 290 -37.15 -43.52 -3.87
N GLY I 291 -37.98 -43.91 -4.83
CA GLY I 291 -38.33 -45.32 -4.97
C GLY I 291 -37.13 -46.22 -5.23
N ASP I 292 -36.04 -45.62 -5.69
CA ASP I 292 -34.79 -46.31 -6.01
C ASP I 292 -33.80 -46.43 -4.83
N GLU I 293 -33.85 -45.50 -3.86
CA GLU I 293 -32.89 -45.57 -2.76
C GLU I 293 -33.00 -46.77 -1.83
N GLU I 294 -34.14 -46.86 -1.16
CA GLU I 294 -34.44 -47.93 -0.23
C GLU I 294 -35.14 -49.06 -1.00
N ASP I 295 -34.58 -49.52 -2.11
CA ASP I 295 -35.25 -50.57 -2.90
C ASP I 295 -34.30 -51.75 -3.12
N ALA J 10 -64.77 19.55 -64.52
CA ALA J 10 -63.86 19.24 -63.43
C ALA J 10 -64.22 20.01 -62.16
N GLU J 11 -65.36 20.70 -62.22
CA GLU J 11 -65.83 21.49 -61.09
C GLU J 11 -66.76 20.67 -60.21
N ALA J 12 -66.43 20.59 -58.92
CA ALA J 12 -67.24 19.84 -57.97
C ALA J 12 -68.67 20.36 -57.93
N MET J 13 -68.83 21.68 -57.82
CA MET J 13 -70.14 22.32 -57.76
C MET J 13 -71.04 21.95 -58.96
N ALA J 14 -70.42 21.67 -60.11
CA ALA J 14 -71.13 21.31 -61.32
C ALA J 14 -71.60 19.85 -61.24
N LEU J 15 -70.68 19.00 -60.78
CA LEU J 15 -70.94 17.58 -60.63
C LEU J 15 -72.07 17.37 -59.64
N LEU J 16 -72.00 18.03 -58.48
CA LEU J 16 -73.03 17.90 -57.45
C LEU J 16 -74.42 18.20 -58.04
N ALA J 17 -74.45 19.01 -59.09
CA ALA J 17 -75.70 19.38 -59.74
C ALA J 17 -76.16 18.31 -60.73
N GLU J 18 -75.23 17.85 -61.57
CA GLU J 18 -75.57 16.82 -62.55
C GLU J 18 -76.06 15.55 -61.84
N ALA J 19 -75.33 15.20 -60.78
CA ALA J 19 -75.64 14.02 -59.99
C ALA J 19 -77.08 14.08 -59.55
N GLU J 20 -77.47 15.23 -58.99
CA GLU J 20 -78.83 15.44 -58.53
C GLU J 20 -79.79 15.25 -59.68
N ARG J 21 -79.49 15.87 -60.81
CA ARG J 21 -80.34 15.75 -61.99
C ARG J 21 -80.56 14.29 -62.42
N LYS J 22 -79.60 13.41 -62.12
CA LYS J 22 -79.79 12.02 -62.51
C LYS J 22 -80.26 11.10 -61.36
N VAL J 23 -80.00 11.50 -60.10
CA VAL J 23 -80.43 10.68 -58.96
C VAL J 23 -81.89 10.92 -58.57
N LYS J 24 -82.78 10.15 -59.17
CA LYS J 24 -84.20 10.29 -58.91
C LYS J 24 -84.93 9.23 -59.70
N ASN J 25 -85.77 8.46 -59.01
CA ASN J 25 -86.55 7.41 -59.65
C ASN J 25 -87.23 7.98 -60.89
N SER J 26 -86.67 7.64 -62.05
CA SER J 26 -87.19 8.09 -63.34
C SER J 26 -88.71 8.08 -63.42
N GLN J 27 -89.28 9.17 -63.93
CA GLN J 27 -90.73 9.31 -64.07
C GLN J 27 -91.11 9.45 -65.54
N SER J 28 -92.41 9.32 -65.82
CA SER J 28 -92.93 9.43 -67.18
C SER J 28 -92.16 8.57 -68.19
N PHE J 29 -92.10 9.03 -69.43
CA PHE J 29 -91.40 8.32 -70.50
C PHE J 29 -89.94 8.03 -70.16
N PHE J 30 -89.30 8.96 -69.44
CA PHE J 30 -87.89 8.81 -69.05
C PHE J 30 -87.66 7.49 -68.30
N SER J 31 -88.72 6.95 -67.70
CA SER J 31 -88.66 5.70 -66.95
C SER J 31 -88.91 4.47 -67.82
N GLY J 32 -90.06 4.43 -68.48
CA GLY J 32 -90.41 3.31 -69.34
C GLY J 32 -90.78 2.08 -68.54
N LEU J 33 -89.87 1.11 -68.50
CA LEU J 33 -90.08 -0.13 -67.78
C LEU J 33 -88.92 -0.31 -66.80
N PHE J 34 -87.72 -0.44 -67.36
CA PHE J 34 -86.52 -0.62 -66.55
C PHE J 34 -86.23 0.66 -65.75
N GLY J 35 -86.00 0.48 -64.45
CA GLY J 35 -85.72 1.59 -63.56
C GLY J 35 -84.41 2.30 -63.85
N GLY J 36 -83.89 3.00 -62.84
CA GLY J 36 -82.64 3.72 -63.01
C GLY J 36 -81.54 3.20 -62.12
N SER J 37 -81.48 1.89 -61.96
CA SER J 37 -80.46 1.23 -61.15
C SER J 37 -79.05 1.62 -61.60
N SER J 38 -78.94 2.08 -62.84
CA SER J 38 -77.66 2.48 -63.43
C SER J 38 -77.45 3.98 -63.23
N LYS J 39 -78.54 4.74 -63.26
CA LYS J 39 -78.52 6.18 -63.08
C LYS J 39 -78.05 6.53 -61.68
N ILE J 40 -78.64 5.86 -60.69
CA ILE J 40 -78.31 6.08 -59.28
C ILE J 40 -76.81 5.83 -59.06
N GLU J 41 -76.27 4.88 -59.82
CA GLU J 41 -74.85 4.50 -59.72
C GLU J 41 -73.99 5.57 -60.36
N GLU J 42 -74.52 6.19 -61.40
CA GLU J 42 -73.81 7.23 -62.11
C GLU J 42 -73.68 8.39 -61.16
N ALA J 43 -74.77 8.68 -60.45
CA ALA J 43 -74.77 9.77 -59.48
C ALA J 43 -73.76 9.48 -58.39
N CYS J 44 -73.76 8.25 -57.88
CA CYS J 44 -72.77 7.88 -56.87
C CYS J 44 -71.34 8.17 -57.36
N GLU J 45 -71.05 7.81 -58.61
CA GLU J 45 -69.74 8.07 -59.18
C GLU J 45 -69.44 9.57 -59.27
N ILE J 46 -70.49 10.35 -59.53
CA ILE J 46 -70.37 11.80 -59.63
C ILE J 46 -69.93 12.36 -58.29
N TYR J 47 -70.79 12.16 -57.28
CA TYR J 47 -70.50 12.63 -55.94
C TYR J 47 -69.13 12.13 -55.47
N ALA J 48 -68.79 10.89 -55.80
CA ALA J 48 -67.48 10.36 -55.41
C ALA J 48 -66.34 11.21 -55.99
N ARG J 49 -66.48 11.57 -57.25
CA ARG J 49 -65.49 12.39 -57.95
C ARG J 49 -65.40 13.77 -57.29
N ALA J 50 -66.55 14.23 -56.83
CA ALA J 50 -66.66 15.53 -56.19
C ALA J 50 -65.98 15.49 -54.83
N ALA J 51 -66.34 14.51 -54.01
CA ALA J 51 -65.77 14.34 -52.68
C ALA J 51 -64.28 14.26 -52.81
N ASN J 52 -63.84 13.71 -53.93
CA ASN J 52 -62.44 13.56 -54.21
C ASN J 52 -61.73 14.89 -54.37
N MET J 53 -62.23 15.70 -55.30
CA MET J 53 -61.59 17.00 -55.43
C MET J 53 -61.84 17.88 -54.21
N PHE J 54 -62.84 17.55 -53.39
CA PHE J 54 -63.07 18.32 -52.18
C PHE J 54 -62.04 17.95 -51.14
N LYS J 55 -61.53 16.71 -51.24
CA LYS J 55 -60.48 16.27 -50.33
C LYS J 55 -59.09 16.79 -50.75
N MET J 56 -58.84 16.94 -52.05
CA MET J 56 -57.53 17.52 -52.41
C MET J 56 -57.49 19.02 -52.05
N ALA J 57 -58.64 19.67 -52.09
CA ALA J 57 -58.78 21.10 -51.76
C ALA J 57 -58.81 21.36 -50.26
N LYS J 58 -58.86 20.28 -49.48
CA LYS J 58 -58.91 20.31 -48.02
C LYS J 58 -60.22 20.91 -47.51
N ASN J 59 -61.25 20.86 -48.35
CA ASN J 59 -62.57 21.39 -47.98
C ASN J 59 -63.31 20.40 -47.10
N TRP J 60 -62.62 19.35 -46.69
CA TRP J 60 -63.11 18.24 -45.85
C TRP J 60 -64.62 18.18 -45.69
N SER J 61 -65.18 19.17 -44.99
CA SER J 61 -66.62 19.29 -44.78
C SER J 61 -67.39 18.86 -46.02
N ALA J 62 -67.10 19.56 -47.12
CA ALA J 62 -67.73 19.29 -48.40
C ALA J 62 -67.44 17.86 -48.85
N ALA J 63 -66.20 17.42 -48.66
CA ALA J 63 -65.79 16.07 -49.03
C ALA J 63 -66.64 15.05 -48.29
N GLY J 64 -66.75 15.23 -46.99
CA GLY J 64 -67.52 14.32 -46.16
C GLY J 64 -68.98 14.29 -46.57
N ASN J 65 -69.62 15.46 -46.61
CA ASN J 65 -71.04 15.52 -47.00
C ASN J 65 -71.27 14.89 -48.38
N ALA J 66 -70.27 15.02 -49.25
CA ALA J 66 -70.34 14.51 -50.62
C ALA J 66 -70.35 12.99 -50.59
N PHE J 67 -69.44 12.43 -49.80
CA PHE J 67 -69.36 10.97 -49.68
C PHE J 67 -70.68 10.50 -49.09
N CYS J 68 -71.24 11.25 -48.14
CA CYS J 68 -72.53 10.91 -47.53
C CYS J 68 -73.60 10.80 -48.62
N GLN J 69 -73.57 11.73 -49.57
CA GLN J 69 -74.52 11.69 -50.66
C GLN J 69 -74.33 10.43 -51.52
N ALA J 70 -73.11 10.23 -52.02
CA ALA J 70 -72.83 9.06 -52.89
C ALA J 70 -73.17 7.74 -52.19
N ALA J 71 -73.10 7.77 -50.87
CA ALA J 71 -73.27 6.59 -50.05
C ALA J 71 -74.74 6.30 -49.92
N GLN J 72 -75.49 7.31 -49.50
CA GLN J 72 -76.93 7.19 -49.31
C GLN J 72 -77.54 6.70 -50.61
N LEU J 73 -77.12 7.33 -51.71
CA LEU J 73 -77.66 6.94 -53.01
C LEU J 73 -77.29 5.49 -53.28
N HIS J 74 -76.04 5.13 -52.95
CA HIS J 74 -75.62 3.76 -53.20
C HIS J 74 -76.60 2.81 -52.49
N LEU J 75 -77.02 3.17 -51.28
CA LEU J 75 -78.03 2.35 -50.58
C LEU J 75 -79.30 2.28 -51.40
N GLN J 76 -79.66 3.40 -52.01
CA GLN J 76 -80.85 3.45 -52.87
C GLN J 76 -80.67 2.63 -54.14
N LEU J 77 -79.47 2.07 -54.32
CA LEU J 77 -79.17 1.26 -55.50
C LEU J 77 -79.24 -0.25 -55.23
N GLN J 78 -79.08 -0.62 -53.95
CA GLN J 78 -79.08 -2.00 -53.43
C GLN J 78 -77.66 -2.57 -53.50
N SER J 79 -76.78 -2.05 -52.64
CA SER J 79 -75.39 -2.45 -52.56
C SER J 79 -74.80 -1.99 -51.22
N LYS J 80 -75.33 -2.54 -50.14
CA LYS J 80 -74.92 -2.20 -48.77
C LYS J 80 -73.41 -2.22 -48.51
N HIS J 81 -72.72 -3.18 -49.13
CA HIS J 81 -71.28 -3.36 -48.95
C HIS J 81 -70.53 -2.06 -49.28
N ASP J 82 -70.28 -1.88 -50.57
CA ASP J 82 -69.56 -0.72 -51.08
C ASP J 82 -70.14 0.61 -50.65
N ALA J 83 -71.35 0.56 -50.09
CA ALA J 83 -72.02 1.74 -49.59
C ALA J 83 -71.36 2.08 -48.27
N ALA J 84 -71.47 1.13 -47.34
CA ALA J 84 -70.89 1.23 -46.02
C ALA J 84 -69.45 1.70 -46.16
N THR J 85 -68.77 1.15 -47.17
CA THR J 85 -67.41 1.58 -47.41
C THR J 85 -67.29 3.10 -47.59
N CYS J 86 -68.27 3.66 -48.29
CA CYS J 86 -68.32 5.09 -48.52
C CYS J 86 -68.56 5.79 -47.19
N PHE J 87 -69.49 5.24 -46.40
CA PHE J 87 -69.78 5.80 -45.09
C PHE J 87 -68.51 5.95 -44.26
N VAL J 88 -67.63 4.97 -44.38
CA VAL J 88 -66.37 5.03 -43.67
C VAL J 88 -65.51 6.16 -44.22
N ASP J 89 -65.35 6.20 -45.54
CA ASP J 89 -64.58 7.28 -46.17
C ASP J 89 -65.02 8.64 -45.63
N ALA J 90 -66.35 8.81 -45.55
CA ALA J 90 -66.95 10.04 -45.07
C ALA J 90 -66.59 10.27 -43.60
N GLY J 91 -66.53 9.19 -42.83
CA GLY J 91 -66.19 9.31 -41.43
C GLY J 91 -64.75 9.80 -41.30
N ASN J 92 -63.85 9.21 -42.07
CA ASN J 92 -62.45 9.61 -42.07
C ASN J 92 -62.32 11.07 -42.48
N ALA J 93 -63.23 11.52 -43.35
CA ALA J 93 -63.24 12.93 -43.74
C ALA J 93 -63.66 13.82 -42.58
N PHE J 94 -64.89 13.65 -42.10
CA PHE J 94 -65.41 14.43 -40.97
C PHE J 94 -64.51 14.46 -39.72
N LYS J 95 -63.86 13.33 -39.43
CA LYS J 95 -62.96 13.23 -38.29
C LYS J 95 -61.86 14.29 -38.37
N LYS J 96 -61.03 14.20 -39.41
CA LYS J 96 -59.93 15.12 -39.64
C LYS J 96 -60.46 16.41 -40.29
N ALA J 97 -61.70 16.75 -39.97
CA ALA J 97 -62.35 17.93 -40.51
C ALA J 97 -62.74 18.90 -39.40
N ASP J 98 -63.66 19.78 -39.71
CA ASP J 98 -64.16 20.76 -38.75
C ASP J 98 -65.64 20.57 -38.39
N PRO J 99 -66.48 20.01 -39.29
CA PRO J 99 -67.85 19.78 -38.82
C PRO J 99 -67.99 18.53 -37.97
N GLN J 100 -69.22 18.04 -37.85
CA GLN J 100 -69.52 16.85 -37.06
C GLN J 100 -69.79 15.69 -38.03
N GLU J 101 -70.91 14.98 -37.88
CA GLU J 101 -71.28 13.86 -38.74
C GLU J 101 -70.34 12.67 -38.59
N ALA J 102 -69.15 12.93 -38.03
CA ALA J 102 -68.15 11.90 -37.81
C ALA J 102 -68.74 10.72 -37.05
N ILE J 103 -69.55 11.02 -36.04
CA ILE J 103 -70.17 9.98 -35.24
C ILE J 103 -71.33 9.29 -35.99
N ASN J 104 -72.06 10.08 -36.77
CA ASN J 104 -73.21 9.59 -37.51
C ASN J 104 -72.79 8.63 -38.62
N CYS J 105 -71.81 9.04 -39.43
CA CYS J 105 -71.34 8.20 -40.52
C CYS J 105 -70.89 6.84 -40.00
N LEU J 106 -70.14 6.84 -38.90
CA LEU J 106 -69.66 5.60 -38.31
C LEU J 106 -70.82 4.71 -37.84
N MET J 107 -71.80 5.29 -37.12
CA MET J 107 -72.94 4.46 -36.71
C MET J 107 -73.67 3.88 -37.93
N ARG J 108 -73.72 4.67 -39.00
CA ARG J 108 -74.39 4.30 -40.23
C ARG J 108 -73.59 3.25 -40.98
N ALA J 109 -72.32 3.12 -40.60
CA ALA J 109 -71.42 2.17 -41.22
C ALA J 109 -71.54 0.85 -40.48
N ILE J 110 -71.59 0.94 -39.16
CA ILE J 110 -71.71 -0.25 -38.33
C ILE J 110 -73.04 -0.92 -38.55
N GLU J 111 -74.15 -0.18 -38.59
CA GLU J 111 -75.43 -0.83 -38.85
C GLU J 111 -75.39 -1.75 -40.09
N ILE J 112 -74.51 -1.40 -41.03
CA ILE J 112 -74.35 -2.14 -42.28
C ILE J 112 -73.40 -3.31 -42.12
N TYR J 113 -72.18 -3.08 -41.64
CA TYR J 113 -71.23 -4.18 -41.45
C TYR J 113 -71.82 -5.22 -40.49
N THR J 114 -72.67 -4.77 -39.59
CA THR J 114 -73.30 -5.60 -38.57
C THR J 114 -74.47 -6.41 -39.13
N ASP J 115 -75.39 -5.79 -39.87
CA ASP J 115 -76.47 -6.59 -40.44
C ASP J 115 -76.06 -7.37 -41.72
N MET J 116 -74.88 -7.07 -42.27
CA MET J 116 -74.42 -7.69 -43.52
C MET J 116 -73.70 -9.02 -43.27
N GLY J 117 -73.15 -9.17 -42.06
CA GLY J 117 -72.42 -10.36 -41.69
C GLY J 117 -70.92 -10.12 -41.52
N ARG J 118 -70.58 -8.86 -41.29
CA ARG J 118 -69.20 -8.43 -41.12
C ARG J 118 -68.91 -7.85 -39.73
N PHE J 119 -68.77 -8.70 -38.72
CA PHE J 119 -68.49 -8.21 -37.35
C PHE J 119 -67.03 -7.85 -37.14
N THR J 120 -66.14 -8.52 -37.84
CA THR J 120 -64.71 -8.23 -37.71
C THR J 120 -64.45 -6.74 -37.92
N ILE J 121 -64.87 -6.25 -39.08
CA ILE J 121 -64.65 -4.86 -39.45
C ILE J 121 -65.57 -3.96 -38.64
N ALA J 122 -66.73 -4.50 -38.24
CA ALA J 122 -67.69 -3.75 -37.46
C ALA J 122 -67.07 -3.36 -36.13
N ALA J 123 -66.37 -4.31 -35.52
CA ALA J 123 -65.69 -4.07 -34.25
C ALA J 123 -64.50 -3.16 -34.49
N LYS J 124 -63.85 -3.31 -35.64
CA LYS J 124 -62.76 -2.42 -36.01
C LYS J 124 -63.18 -0.96 -36.00
N HIS J 125 -64.39 -0.67 -36.45
CA HIS J 125 -64.88 0.70 -36.43
C HIS J 125 -65.59 1.03 -35.12
N HIS J 126 -65.98 -0.01 -34.39
CA HIS J 126 -66.71 0.14 -33.15
C HIS J 126 -65.76 0.73 -32.11
N ILE J 127 -64.53 0.23 -32.10
CA ILE J 127 -63.54 0.74 -31.16
C ILE J 127 -63.14 2.15 -31.57
N SER J 128 -63.13 2.41 -32.88
CA SER J 128 -62.79 3.73 -33.39
C SER J 128 -63.84 4.69 -32.85
N ILE J 129 -65.07 4.21 -32.83
CA ILE J 129 -66.20 4.99 -32.35
C ILE J 129 -66.02 5.29 -30.88
N ALA J 130 -65.92 4.25 -30.05
CA ALA J 130 -65.73 4.47 -28.61
C ALA J 130 -64.50 5.34 -28.33
N GLU J 131 -63.57 5.40 -29.29
CA GLU J 131 -62.37 6.19 -29.14
C GLU J 131 -62.64 7.67 -29.42
N ILE J 132 -63.53 7.93 -30.38
CA ILE J 132 -63.89 9.30 -30.74
C ILE J 132 -64.86 9.87 -29.71
N TYR J 133 -65.82 9.05 -29.29
CA TYR J 133 -66.84 9.46 -28.31
C TYR J 133 -66.22 9.75 -26.96
N GLU J 134 -64.92 9.53 -26.86
CA GLU J 134 -64.17 9.75 -25.64
C GLU J 134 -63.14 10.88 -25.83
N THR J 135 -62.33 10.77 -26.88
CA THR J 135 -61.32 11.80 -27.15
C THR J 135 -61.90 13.06 -27.81
N GLU J 136 -63.21 13.09 -28.02
CA GLU J 136 -63.88 14.23 -28.65
C GLU J 136 -65.15 14.61 -27.89
N LEU J 137 -66.20 13.82 -28.06
CA LEU J 137 -67.49 14.06 -27.40
C LEU J 137 -67.40 14.02 -25.87
N VAL J 138 -66.35 13.39 -25.35
CA VAL J 138 -66.11 13.25 -23.91
C VAL J 138 -67.33 12.61 -23.25
N ASP J 139 -67.75 11.48 -23.79
CA ASP J 139 -68.92 10.76 -23.27
C ASP J 139 -68.45 9.39 -22.81
N VAL J 140 -67.78 9.35 -21.66
CA VAL J 140 -67.22 8.11 -21.11
C VAL J 140 -68.24 6.96 -21.00
N GLU J 141 -69.41 7.20 -20.42
CA GLU J 141 -70.43 6.17 -20.27
C GLU J 141 -70.88 5.49 -21.57
N LYS J 142 -70.88 6.23 -22.68
CA LYS J 142 -71.31 5.66 -23.97
C LYS J 142 -70.14 4.93 -24.62
N ALA J 143 -68.96 5.46 -24.35
CA ALA J 143 -67.72 4.91 -24.89
C ALA J 143 -67.49 3.54 -24.27
N ILE J 144 -67.66 3.42 -22.97
CA ILE J 144 -67.48 2.14 -22.29
C ILE J 144 -68.41 1.09 -22.90
N ALA J 145 -69.65 1.50 -23.14
CA ALA J 145 -70.67 0.62 -23.72
C ALA J 145 -70.21 0.10 -25.07
N HIS J 146 -69.57 0.98 -25.84
CA HIS J 146 -69.06 0.55 -27.13
C HIS J 146 -67.80 -0.32 -27.02
N TYR J 147 -66.87 0.05 -26.16
CA TYR J 147 -65.62 -0.72 -26.00
C TYR J 147 -65.96 -2.16 -25.60
N GLU J 148 -67.05 -2.27 -24.86
CA GLU J 148 -67.51 -3.56 -24.35
C GLU J 148 -68.16 -4.38 -25.44
N GLN J 149 -69.24 -3.84 -26.01
CA GLN J 149 -69.93 -4.58 -27.06
C GLN J 149 -68.95 -4.97 -28.19
N SER J 150 -67.93 -4.15 -28.40
CA SER J 150 -66.93 -4.41 -29.43
C SER J 150 -65.98 -5.55 -29.02
N ALA J 151 -65.56 -5.53 -27.76
CA ALA J 151 -64.73 -6.63 -27.26
C ALA J 151 -65.45 -7.96 -27.34
N ASP J 152 -66.78 -7.94 -27.30
CA ASP J 152 -67.51 -9.21 -27.42
C ASP J 152 -67.28 -9.83 -28.80
N TYR J 153 -67.26 -8.97 -29.82
CA TYR J 153 -67.10 -9.43 -31.20
C TYR J 153 -65.69 -9.91 -31.39
N TYR J 154 -64.73 -9.10 -30.94
CA TYR J 154 -63.33 -9.52 -31.05
C TYR J 154 -63.14 -10.89 -30.42
N LYS J 155 -63.51 -11.01 -29.15
CA LYS J 155 -63.38 -12.30 -28.47
C LYS J 155 -64.10 -13.43 -29.22
N GLY J 156 -65.15 -13.09 -29.97
CA GLY J 156 -65.78 -14.10 -30.81
C GLY J 156 -64.97 -14.52 -32.02
N GLU J 157 -64.20 -13.59 -32.60
CA GLU J 157 -63.34 -13.93 -33.74
C GLU J 157 -62.01 -14.53 -33.29
N GLU J 158 -62.05 -15.28 -32.19
CA GLU J 158 -60.88 -15.88 -31.51
C GLU J 158 -59.68 -14.93 -31.55
N SER J 159 -59.98 -13.64 -31.43
CA SER J 159 -58.97 -12.60 -31.42
C SER J 159 -58.87 -12.11 -29.99
N ASN J 160 -58.70 -13.05 -29.06
CA ASN J 160 -58.58 -12.78 -27.63
C ASN J 160 -57.77 -11.54 -27.36
N SER J 161 -56.69 -11.44 -28.11
CA SER J 161 -55.76 -10.35 -28.03
C SER J 161 -56.43 -8.97 -28.18
N SER J 162 -57.28 -8.83 -29.19
CA SER J 162 -57.95 -7.56 -29.46
C SER J 162 -59.04 -7.35 -28.42
N ALA J 163 -59.67 -8.47 -28.07
CA ALA J 163 -60.76 -8.49 -27.10
C ALA J 163 -60.29 -7.86 -25.81
N ASN J 164 -59.12 -8.32 -25.36
CA ASN J 164 -58.58 -7.78 -24.13
C ASN J 164 -58.18 -6.34 -24.38
N LYS J 165 -57.63 -6.06 -25.56
CA LYS J 165 -57.27 -4.65 -25.85
C LYS J 165 -58.45 -3.71 -25.56
N CYS J 166 -59.66 -4.18 -25.84
CA CYS J 166 -60.86 -3.39 -25.55
C CYS J 166 -61.28 -3.42 -24.08
N LEU J 167 -61.24 -4.62 -23.49
CA LEU J 167 -61.60 -4.79 -22.07
C LEU J 167 -60.78 -3.89 -21.16
N LEU J 168 -59.49 -3.77 -21.45
CA LEU J 168 -58.58 -2.93 -20.68
C LEU J 168 -59.07 -1.49 -20.71
N LYS J 169 -59.61 -1.09 -21.86
CA LYS J 169 -60.15 0.25 -22.03
C LYS J 169 -61.35 0.37 -21.12
N VAL J 170 -62.29 -0.57 -21.25
CA VAL J 170 -63.51 -0.59 -20.45
C VAL J 170 -63.24 -0.43 -18.96
N ALA J 171 -62.45 -1.34 -18.39
CA ALA J 171 -62.10 -1.31 -16.97
C ALA J 171 -61.33 -0.05 -16.61
N GLY J 172 -60.36 0.27 -17.45
CA GLY J 172 -59.49 1.42 -17.27
C GLY J 172 -60.29 2.69 -17.02
N TYR J 173 -61.22 3.01 -17.91
CA TYR J 173 -62.00 4.24 -17.74
C TYR J 173 -63.14 4.02 -16.75
N ALA J 174 -63.40 2.75 -16.42
CA ALA J 174 -64.48 2.41 -15.50
C ALA J 174 -64.02 2.73 -14.09
N ALA J 175 -62.71 2.67 -13.87
CA ALA J 175 -62.19 2.98 -12.56
C ALA J 175 -62.06 4.49 -12.42
N GLN J 176 -61.92 5.18 -13.54
CA GLN J 176 -61.82 6.64 -13.51
C GLN J 176 -63.18 7.25 -13.22
N LEU J 177 -64.24 6.72 -13.84
CA LEU J 177 -65.58 7.23 -13.54
C LEU J 177 -65.95 7.08 -12.06
N GLU J 178 -65.98 5.85 -11.56
CA GLU J 178 -66.32 5.53 -10.16
C GLU J 178 -66.38 4.02 -9.98
N GLN J 179 -66.69 3.33 -11.07
CA GLN J 179 -66.83 1.89 -11.08
C GLN J 179 -65.54 1.17 -10.76
N TYR J 180 -65.16 1.16 -9.48
CA TYR J 180 -63.94 0.50 -9.03
C TYR J 180 -64.15 -1.01 -9.01
N GLN J 181 -65.30 -1.44 -8.50
CA GLN J 181 -65.63 -2.86 -8.43
C GLN J 181 -65.73 -3.42 -9.84
N LYS J 182 -66.65 -2.85 -10.62
CA LYS J 182 -66.89 -3.28 -12.00
C LYS J 182 -65.58 -3.30 -12.80
N ALA J 183 -64.56 -2.63 -12.28
CA ALA J 183 -63.26 -2.56 -12.90
C ALA J 183 -62.47 -3.83 -12.55
N ILE J 184 -62.37 -4.12 -11.25
CA ILE J 184 -61.63 -5.29 -10.80
C ILE J 184 -62.23 -6.55 -11.42
N ASP J 185 -63.55 -6.62 -11.54
CA ASP J 185 -64.16 -7.81 -12.16
C ASP J 185 -63.60 -8.04 -13.57
N ILE J 186 -63.48 -6.94 -14.31
CA ILE J 186 -62.98 -6.98 -15.67
C ILE J 186 -61.51 -7.38 -15.65
N TYR J 187 -60.77 -6.91 -14.64
CA TYR J 187 -59.35 -7.24 -14.55
C TYR J 187 -59.18 -8.72 -14.20
N GLU J 188 -60.17 -9.27 -13.50
CA GLU J 188 -60.13 -10.65 -13.07
C GLU J 188 -60.38 -11.52 -14.30
N GLN J 189 -61.40 -11.16 -15.08
CA GLN J 189 -61.70 -11.91 -16.30
C GLN J 189 -60.53 -11.83 -17.29
N VAL J 190 -60.07 -10.62 -17.60
CA VAL J 190 -58.95 -10.44 -18.51
C VAL J 190 -57.68 -11.08 -17.94
N GLY J 191 -57.68 -11.35 -16.64
CA GLY J 191 -56.53 -11.97 -16.00
C GLY J 191 -56.55 -13.49 -16.11
N THR J 192 -57.74 -14.08 -16.01
CA THR J 192 -57.89 -15.53 -16.12
C THR J 192 -57.70 -15.97 -17.56
N SER J 193 -58.15 -15.14 -18.50
CA SER J 193 -58.05 -15.42 -19.92
C SER J 193 -56.77 -14.83 -20.52
N ALA J 194 -55.72 -14.80 -19.70
CA ALA J 194 -54.44 -14.25 -20.13
C ALA J 194 -53.32 -15.26 -19.84
N MET J 195 -53.55 -16.13 -18.86
CA MET J 195 -52.58 -17.13 -18.47
C MET J 195 -52.52 -18.28 -19.49
N ASP J 196 -53.60 -18.46 -20.25
CA ASP J 196 -53.68 -19.51 -21.26
C ASP J 196 -52.69 -19.22 -22.41
N SER J 197 -51.99 -18.10 -22.30
CA SER J 197 -51.06 -17.68 -23.33
C SER J 197 -49.78 -17.18 -22.65
N PRO J 198 -48.76 -18.04 -22.58
CA PRO J 198 -47.44 -17.73 -22.00
C PRO J 198 -46.79 -16.47 -22.58
N LEU J 199 -47.46 -15.82 -23.51
CA LEU J 199 -46.95 -14.60 -24.12
C LEU J 199 -47.48 -13.37 -23.42
N LEU J 200 -48.15 -13.57 -22.30
CA LEU J 200 -48.74 -12.48 -21.54
C LEU J 200 -48.47 -12.64 -20.04
N LYS J 201 -47.68 -13.64 -19.68
CA LYS J 201 -47.33 -13.91 -18.28
C LYS J 201 -46.76 -12.69 -17.58
N TYR J 202 -45.70 -12.14 -18.18
CA TYR J 202 -45.04 -10.97 -17.65
C TYR J 202 -45.99 -9.79 -17.51
N SER J 203 -46.90 -9.63 -18.46
CA SER J 203 -47.85 -8.52 -18.42
C SER J 203 -48.99 -8.76 -17.42
N ALA J 204 -49.26 -10.03 -17.12
CA ALA J 204 -50.34 -10.41 -16.19
C ALA J 204 -50.18 -9.84 -14.78
N LYS J 205 -49.07 -9.15 -14.54
CA LYS J 205 -48.80 -8.55 -13.23
C LYS J 205 -49.66 -7.30 -13.03
N ASP J 206 -49.40 -6.31 -13.89
CA ASP J 206 -50.08 -5.02 -13.87
C ASP J 206 -51.59 -5.17 -13.65
N TYR J 207 -52.16 -6.25 -14.19
CA TYR J 207 -53.58 -6.53 -14.04
C TYR J 207 -53.93 -6.66 -12.57
N PHE J 208 -53.19 -7.53 -11.88
CA PHE J 208 -53.39 -7.76 -10.46
C PHE J 208 -53.09 -6.48 -9.68
N PHE J 209 -52.14 -5.68 -10.16
CA PHE J 209 -51.83 -4.43 -9.48
C PHE J 209 -53.00 -3.45 -9.55
N LYS J 210 -53.59 -3.36 -10.74
CA LYS J 210 -54.74 -2.47 -10.97
C LYS J 210 -55.93 -2.96 -10.16
N ALA J 211 -56.28 -4.23 -10.31
CA ALA J 211 -57.41 -4.84 -9.62
C ALA J 211 -57.27 -4.70 -8.10
N ALA J 212 -56.05 -4.82 -7.60
CA ALA J 212 -55.84 -4.67 -6.16
C ALA J 212 -55.93 -3.20 -5.74
N LEU J 213 -55.56 -2.29 -6.64
CA LEU J 213 -55.63 -0.86 -6.33
C LEU J 213 -57.08 -0.37 -6.30
N CYS J 214 -57.88 -0.88 -7.23
CA CYS J 214 -59.29 -0.48 -7.33
C CYS J 214 -60.05 -0.93 -6.08
N HIS J 215 -60.69 0.03 -5.42
CA HIS J 215 -61.47 -0.26 -4.22
C HIS J 215 -62.84 0.39 -4.28
N PHE J 216 -63.85 -0.44 -4.10
CA PHE J 216 -65.23 -0.01 -4.12
C PHE J 216 -65.71 0.24 -2.70
N CYS J 217 -64.79 0.76 -1.88
CA CYS J 217 -65.07 1.07 -0.47
C CYS J 217 -65.37 -0.18 0.35
N ILE J 218 -64.67 -1.28 0.05
CA ILE J 218 -64.88 -2.53 0.76
C ILE J 218 -64.13 -2.46 2.10
N ASP J 219 -64.69 -3.08 3.13
CA ASP J 219 -64.08 -3.07 4.45
C ASP J 219 -63.23 -4.30 4.71
N MET J 220 -63.55 -5.39 4.03
CA MET J 220 -62.81 -6.65 4.18
C MET J 220 -61.41 -6.51 3.60
N LEU J 221 -60.89 -7.62 3.10
CA LEU J 221 -59.57 -7.63 2.53
C LEU J 221 -59.54 -8.13 1.08
N ASN J 222 -60.47 -7.62 0.27
CA ASN J 222 -60.58 -7.98 -1.16
C ASN J 222 -59.23 -7.84 -1.84
N ALA J 223 -58.48 -6.83 -1.41
CA ALA J 223 -57.17 -6.55 -1.96
C ALA J 223 -56.13 -7.48 -1.34
N LYS J 224 -56.17 -7.64 -0.02
CA LYS J 224 -55.24 -8.53 0.70
C LYS J 224 -55.42 -9.98 0.21
N LEU J 225 -56.58 -10.24 -0.41
CA LEU J 225 -56.92 -11.56 -0.93
C LEU J 225 -56.50 -11.67 -2.40
N ALA J 226 -56.67 -10.57 -3.13
CA ALA J 226 -56.32 -10.54 -4.55
C ALA J 226 -54.81 -10.61 -4.72
N VAL J 227 -54.09 -10.10 -3.73
CA VAL J 227 -52.63 -10.05 -3.75
C VAL J 227 -52.10 -11.45 -3.41
N GLN J 228 -52.87 -12.17 -2.59
CA GLN J 228 -52.50 -13.52 -2.17
C GLN J 228 -52.72 -14.47 -3.34
N LYS J 229 -53.81 -14.25 -4.08
CA LYS J 229 -54.12 -15.07 -5.25
C LYS J 229 -52.97 -15.04 -6.24
N TYR J 230 -52.19 -13.94 -6.19
CA TYR J 230 -51.06 -13.73 -7.07
C TYR J 230 -49.91 -14.65 -6.66
N GLU J 231 -49.22 -15.21 -7.64
CA GLU J 231 -48.12 -16.10 -7.32
C GLU J 231 -46.77 -15.41 -7.51
N GLU J 232 -46.11 -15.08 -6.41
CA GLU J 232 -44.81 -14.43 -6.48
C GLU J 232 -43.83 -15.09 -5.49
N LEU J 233 -42.54 -14.86 -5.71
CA LEU J 233 -41.44 -15.35 -4.90
C LEU J 233 -40.55 -14.13 -4.63
N PHE J 234 -39.25 -14.34 -4.50
CA PHE J 234 -38.32 -13.23 -4.28
C PHE J 234 -37.31 -13.05 -5.41
N PRO J 235 -36.66 -14.13 -5.87
CA PRO J 235 -35.73 -13.87 -6.96
C PRO J 235 -36.40 -13.47 -8.30
N ALA J 236 -37.58 -12.85 -8.26
CA ALA J 236 -38.25 -12.42 -9.49
C ALA J 236 -38.17 -10.91 -9.45
N PHE J 237 -38.00 -10.35 -10.63
CA PHE J 237 -37.85 -8.93 -10.76
C PHE J 237 -38.99 -8.23 -11.50
N SER J 238 -39.74 -9.04 -12.24
CA SER J 238 -40.88 -8.58 -13.01
C SER J 238 -41.96 -8.36 -11.97
N ASP J 239 -42.15 -9.35 -11.12
CA ASP J 239 -43.14 -9.29 -10.05
C ASP J 239 -42.89 -8.11 -9.09
N SER J 240 -41.63 -7.68 -8.98
CA SER J 240 -41.25 -6.56 -8.10
C SER J 240 -42.09 -5.31 -8.41
N ARG J 241 -42.58 -5.24 -9.65
CA ARG J 241 -43.39 -4.11 -10.10
C ARG J 241 -44.85 -4.52 -10.10
N GLU J 242 -45.36 -4.93 -8.94
CA GLU J 242 -46.76 -5.36 -8.85
C GLU J 242 -47.29 -5.48 -7.42
N CYS J 243 -47.14 -6.66 -6.81
CA CYS J 243 -47.67 -6.88 -5.47
C CYS J 243 -46.79 -6.40 -4.32
N LYS J 244 -45.48 -6.61 -4.42
CA LYS J 244 -44.55 -6.18 -3.36
C LYS J 244 -44.91 -4.81 -2.81
N LEU J 245 -45.28 -3.91 -3.72
CA LEU J 245 -45.69 -2.56 -3.36
C LEU J 245 -47.07 -2.59 -2.72
N MET J 246 -47.97 -3.31 -3.40
CA MET J 246 -49.35 -3.45 -2.98
C MET J 246 -49.47 -3.76 -1.51
N LYS J 247 -48.79 -4.80 -1.04
CA LYS J 247 -48.83 -5.16 0.37
C LYS J 247 -48.52 -3.96 1.27
N LYS J 248 -47.48 -3.22 0.92
CA LYS J 248 -47.05 -2.06 1.67
C LYS J 248 -48.19 -1.03 1.70
N LEU J 249 -48.98 -0.99 0.62
CA LEU J 249 -50.08 -0.03 0.53
C LEU J 249 -51.28 -0.54 1.35
N LEU J 250 -51.37 -1.86 1.47
CA LEU J 250 -52.50 -2.52 2.14
C LEU J 250 -52.26 -2.34 3.62
N GLU J 251 -51.00 -2.23 3.99
CA GLU J 251 -50.66 -2.06 5.39
C GLU J 251 -50.82 -0.58 5.71
N ALA J 252 -50.38 0.29 4.81
CA ALA J 252 -50.62 1.72 5.04
C ALA J 252 -52.12 2.09 5.08
N HIS J 253 -52.99 1.30 4.43
CA HIS J 253 -54.42 1.57 4.52
C HIS J 253 -55.06 1.01 5.79
N GLU J 254 -54.63 -0.19 6.19
CA GLU J 254 -55.14 -0.88 7.37
C GLU J 254 -54.55 -0.34 8.69
N GLU J 255 -53.88 0.80 8.63
CA GLU J 255 -53.25 1.43 9.78
C GLU J 255 -53.49 2.93 9.79
N GLN J 256 -54.42 3.37 8.94
CA GLN J 256 -54.79 4.77 8.76
C GLN J 256 -53.62 5.74 8.87
N ASN J 257 -52.55 5.42 8.15
CA ASN J 257 -51.33 6.22 8.13
C ASN J 257 -51.12 6.78 6.71
N VAL J 258 -51.74 7.92 6.41
CA VAL J 258 -51.62 8.53 5.08
C VAL J 258 -50.26 9.20 4.70
N ASP J 259 -49.20 8.95 5.45
CA ASP J 259 -47.89 9.54 5.13
C ASP J 259 -46.95 8.41 4.71
N SER J 260 -47.29 7.20 5.13
CA SER J 260 -46.50 6.01 4.84
C SER J 260 -47.01 5.47 3.50
N TYR J 261 -48.25 5.80 3.17
CA TYR J 261 -48.84 5.38 1.92
C TYR J 261 -48.26 6.30 0.86
N THR J 262 -48.23 7.58 1.20
CA THR J 262 -47.71 8.63 0.32
C THR J 262 -46.18 8.64 0.25
N GLU J 263 -45.53 7.90 1.14
CA GLU J 263 -44.07 7.85 1.16
C GLU J 263 -43.65 6.66 0.32
N SER J 264 -44.44 5.60 0.41
CA SER J 264 -44.16 4.39 -0.33
C SER J 264 -44.48 4.64 -1.79
N VAL J 265 -45.51 5.43 -2.06
CA VAL J 265 -45.79 5.75 -3.45
C VAL J 265 -44.64 6.60 -4.01
N LYS J 266 -43.98 7.34 -3.13
CA LYS J 266 -42.89 8.21 -3.53
C LYS J 266 -41.63 7.40 -3.78
N GLU J 267 -41.50 6.29 -3.05
CA GLU J 267 -40.35 5.42 -3.24
C GLU J 267 -40.53 4.56 -4.48
N TYR J 268 -41.69 3.92 -4.58
CA TYR J 268 -41.99 3.08 -5.72
C TYR J 268 -41.91 3.90 -6.99
N ASP J 269 -42.23 5.19 -6.87
CA ASP J 269 -42.15 6.05 -8.03
C ASP J 269 -40.67 6.24 -8.48
N SER J 270 -39.80 5.35 -7.99
CA SER J 270 -38.37 5.37 -8.28
C SER J 270 -37.95 4.16 -9.12
N ILE J 271 -38.39 2.98 -8.68
CA ILE J 271 -38.03 1.76 -9.41
C ILE J 271 -38.98 1.52 -10.56
N SER J 272 -40.13 2.16 -10.52
CA SER J 272 -41.11 1.97 -11.58
C SER J 272 -41.97 3.20 -11.58
N ARG J 273 -41.54 4.17 -12.38
CA ARG J 273 -42.25 5.43 -12.51
C ARG J 273 -43.74 5.35 -12.82
N LEU J 274 -44.54 6.01 -12.01
CA LEU J 274 -46.01 6.05 -12.14
C LEU J 274 -46.62 6.92 -13.26
N ASP J 275 -47.76 6.46 -13.78
CA ASP J 275 -48.52 7.16 -14.83
C ASP J 275 -49.76 7.85 -14.26
N GLN J 276 -50.41 8.67 -15.09
CA GLN J 276 -51.61 9.42 -14.73
C GLN J 276 -52.67 8.61 -13.97
N TRP J 277 -53.02 7.45 -14.53
CA TRP J 277 -54.01 6.55 -13.97
C TRP J 277 -53.70 6.26 -12.51
N LEU J 278 -52.56 5.60 -12.31
CA LEU J 278 -52.09 5.23 -10.99
C LEU J 278 -52.16 6.44 -10.08
N THR J 279 -51.59 7.56 -10.51
CA THR J 279 -51.60 8.78 -9.71
C THR J 279 -52.99 9.12 -9.18
N THR J 280 -53.96 9.26 -10.09
CA THR J 280 -55.34 9.58 -9.72
C THR J 280 -55.91 8.61 -8.67
N MET J 281 -55.76 7.31 -8.94
CA MET J 281 -56.31 6.32 -8.02
C MET J 281 -55.61 6.30 -6.65
N LEU J 282 -54.29 6.37 -6.66
CA LEU J 282 -53.46 6.38 -5.46
C LEU J 282 -53.91 7.54 -4.59
N LEU J 283 -54.13 8.70 -5.21
CA LEU J 283 -54.59 9.86 -4.45
C LEU J 283 -55.99 9.59 -3.89
N ARG J 284 -56.83 8.87 -4.65
CA ARG J 284 -58.16 8.54 -4.15
C ARG J 284 -58.05 7.71 -2.85
N ILE J 285 -57.07 6.79 -2.85
CA ILE J 285 -56.83 5.92 -1.69
C ILE J 285 -56.20 6.73 -0.57
N LYS J 286 -55.55 7.83 -0.93
CA LYS J 286 -54.87 8.69 0.03
C LYS J 286 -55.94 9.45 0.80
N LYS J 287 -56.99 9.83 0.08
CA LYS J 287 -58.06 10.59 0.68
C LYS J 287 -58.94 9.68 1.50
N THR J 288 -59.17 8.43 1.08
CA THR J 288 -59.95 7.56 1.93
C THR J 288 -59.29 7.39 3.31
N ILE J 289 -57.95 7.41 3.32
CA ILE J 289 -57.21 7.25 4.56
C ILE J 289 -57.31 8.50 5.41
N GLN J 290 -57.07 9.66 4.79
CA GLN J 290 -57.21 10.91 5.55
C GLN J 290 -58.60 11.02 6.13
N GLY J 291 -59.60 10.65 5.34
CA GLY J 291 -60.98 10.73 5.74
C GLY J 291 -61.35 9.74 6.82
N ASP J 292 -60.57 8.66 6.95
CA ASP J 292 -60.77 7.76 8.09
C ASP J 292 -60.01 8.24 9.34
N GLU J 293 -58.96 9.04 9.16
CA GLU J 293 -58.17 9.53 10.31
C GLU J 293 -58.90 10.57 11.16
N GLU J 294 -59.41 11.61 10.52
CA GLU J 294 -60.10 12.70 11.19
C GLU J 294 -61.58 12.36 11.46
N ASP J 295 -61.89 11.07 11.58
CA ASP J 295 -63.27 10.63 11.83
C ASP J 295 -63.29 9.67 13.01
N ASN K 3 -19.15 -9.08 -8.86
CA ASN K 3 -17.84 -8.68 -9.45
C ASN K 3 -17.70 -9.26 -10.85
N ARG K 4 -17.24 -10.51 -10.92
CA ARG K 4 -17.05 -11.19 -12.19
C ARG K 4 -18.34 -11.19 -13.01
N ARG K 5 -19.46 -11.22 -12.31
CA ARG K 5 -20.76 -11.22 -12.99
C ARG K 5 -20.91 -9.98 -13.84
N LEU K 6 -20.35 -8.86 -13.38
CA LEU K 6 -20.42 -7.61 -14.12
C LEU K 6 -19.63 -7.73 -15.43
N GLN K 7 -18.35 -8.07 -15.31
CA GLN K 7 -17.49 -8.23 -16.46
C GLN K 7 -18.00 -9.36 -17.35
N GLN K 8 -18.89 -10.17 -16.79
CA GLN K 8 -19.45 -11.30 -17.52
C GLN K 8 -20.79 -10.95 -18.18
N THR K 9 -21.80 -10.68 -17.36
CA THR K 9 -23.13 -10.34 -17.85
C THR K 9 -23.09 -9.33 -19.00
N GLN K 10 -21.98 -8.63 -19.14
CA GLN K 10 -21.81 -7.63 -20.19
C GLN K 10 -22.17 -8.20 -21.57
N ALA K 11 -21.77 -9.44 -21.82
CA ALA K 11 -22.05 -10.08 -23.10
C ALA K 11 -23.43 -10.70 -23.14
N GLN K 12 -24.05 -10.81 -21.96
CA GLN K 12 -25.39 -11.39 -21.86
C GLN K 12 -26.39 -10.50 -22.59
N VAL K 13 -25.97 -9.27 -22.88
CA VAL K 13 -26.81 -8.31 -23.58
C VAL K 13 -26.24 -8.00 -24.96
N ASP K 14 -24.92 -7.92 -25.06
CA ASP K 14 -24.28 -7.65 -26.34
C ASP K 14 -24.73 -8.71 -27.34
N GLU K 15 -25.15 -9.85 -26.79
CA GLU K 15 -25.63 -10.96 -27.60
C GLU K 15 -27.06 -10.67 -28.03
N VAL K 16 -27.81 -10.01 -27.16
CA VAL K 16 -29.19 -9.65 -27.46
C VAL K 16 -29.21 -8.45 -28.40
N VAL K 17 -28.23 -7.56 -28.23
CA VAL K 17 -28.11 -6.38 -29.08
C VAL K 17 -28.04 -6.85 -30.52
N ASP K 18 -27.61 -8.09 -30.71
CA ASP K 18 -27.49 -8.69 -32.03
C ASP K 18 -28.83 -9.31 -32.42
N ILE K 19 -29.51 -9.88 -31.43
CA ILE K 19 -30.82 -10.49 -31.65
C ILE K 19 -31.77 -9.46 -32.24
N MET K 20 -31.88 -8.31 -31.58
CA MET K 20 -32.75 -7.25 -32.04
C MET K 20 -32.26 -6.69 -33.36
N ARG K 21 -30.94 -6.65 -33.54
CA ARG K 21 -30.35 -6.15 -34.77
C ARG K 21 -30.98 -6.87 -35.95
N VAL K 22 -31.33 -8.14 -35.72
CA VAL K 22 -31.94 -8.97 -36.76
C VAL K 22 -33.46 -8.81 -36.67
N ASN K 23 -33.96 -8.58 -35.46
CA ASN K 23 -35.39 -8.39 -35.24
C ASN K 23 -35.85 -7.12 -35.93
N VAL K 24 -35.02 -6.08 -35.87
CA VAL K 24 -35.32 -4.80 -36.49
C VAL K 24 -35.27 -4.95 -38.01
N ASP K 25 -34.37 -5.79 -38.49
CA ASP K 25 -34.21 -6.03 -39.92
C ASP K 25 -35.31 -6.93 -40.46
N LYS K 26 -35.59 -8.03 -39.75
CA LYS K 26 -36.62 -8.96 -40.18
C LYS K 26 -37.93 -8.23 -40.46
N VAL K 27 -38.39 -7.46 -39.48
CA VAL K 27 -39.63 -6.71 -39.60
C VAL K 27 -39.60 -5.74 -40.78
N LEU K 28 -38.47 -5.06 -40.95
CA LEU K 28 -38.31 -4.10 -42.04
C LEU K 28 -38.34 -4.79 -43.39
N GLU K 29 -37.85 -6.03 -43.44
CA GLU K 29 -37.84 -6.79 -44.68
C GLU K 29 -39.27 -7.13 -45.07
N ARG K 30 -40.13 -7.27 -44.07
CA ARG K 30 -41.54 -7.57 -44.32
C ARG K 30 -42.25 -6.34 -44.85
N ASP K 31 -41.82 -5.17 -44.34
CA ASP K 31 -42.41 -3.90 -44.74
C ASP K 31 -42.36 -3.73 -46.26
N GLN K 32 -41.20 -4.01 -46.85
CA GLN K 32 -41.03 -3.89 -48.29
C GLN K 32 -41.79 -4.97 -49.05
N LYS K 33 -41.89 -6.15 -48.44
CA LYS K 33 -42.61 -7.26 -49.05
C LYS K 33 -44.10 -6.97 -49.03
N LEU K 34 -44.54 -6.22 -48.03
CA LEU K 34 -45.95 -5.85 -47.89
C LEU K 34 -46.20 -4.52 -48.60
N SER K 35 -45.13 -3.74 -48.78
CA SER K 35 -45.23 -2.45 -49.44
C SER K 35 -45.51 -2.68 -50.92
N GLU K 36 -44.77 -3.61 -51.51
CA GLU K 36 -44.94 -3.95 -52.92
C GLU K 36 -46.27 -4.69 -53.09
N LEU K 37 -46.59 -5.54 -52.12
CA LEU K 37 -47.83 -6.30 -52.15
C LEU K 37 -49.01 -5.34 -52.04
N ASP K 38 -48.73 -4.16 -51.48
CA ASP K 38 -49.76 -3.14 -51.31
C ASP K 38 -50.02 -2.42 -52.62
N ASP K 39 -49.03 -2.43 -53.51
CA ASP K 39 -49.15 -1.78 -54.81
C ASP K 39 -49.58 -2.74 -55.91
N ARG K 40 -49.60 -4.04 -55.60
CA ARG K 40 -49.99 -5.04 -56.58
C ARG K 40 -51.32 -5.69 -56.20
N ALA K 41 -51.63 -5.65 -54.90
CA ALA K 41 -52.88 -6.24 -54.40
C ALA K 41 -54.01 -5.24 -54.56
N ASP K 42 -53.75 -4.00 -54.15
CA ASP K 42 -54.75 -2.93 -54.26
C ASP K 42 -54.96 -2.61 -55.74
N ALA K 43 -53.87 -2.64 -56.50
CA ALA K 43 -53.94 -2.36 -57.93
C ALA K 43 -54.65 -3.53 -58.60
N LEU K 44 -54.58 -4.70 -57.96
CA LEU K 44 -55.23 -5.90 -58.47
C LEU K 44 -56.74 -5.72 -58.47
N GLN K 45 -57.30 -5.47 -57.28
CA GLN K 45 -58.73 -5.26 -57.16
C GLN K 45 -59.16 -4.09 -58.03
N ALA K 46 -58.21 -3.20 -58.30
CA ALA K 46 -58.49 -2.03 -59.14
C ALA K 46 -58.95 -2.52 -60.50
N GLY K 47 -58.31 -3.59 -60.98
CA GLY K 47 -58.68 -4.16 -62.26
C GLY K 47 -59.98 -4.91 -62.10
N ALA K 48 -60.19 -5.45 -60.90
CA ALA K 48 -61.41 -6.19 -60.60
C ALA K 48 -62.59 -5.25 -60.71
N SER K 49 -62.36 -3.98 -60.38
CA SER K 49 -63.41 -2.96 -60.48
C SER K 49 -63.80 -2.81 -61.93
N GLN K 50 -62.82 -2.96 -62.82
CA GLN K 50 -63.06 -2.86 -64.26
C GLN K 50 -63.82 -4.09 -64.71
N PHE K 51 -63.61 -5.19 -63.99
CA PHE K 51 -64.29 -6.46 -64.30
C PHE K 51 -65.70 -6.47 -63.73
N GLU K 52 -65.88 -5.77 -62.60
CA GLU K 52 -67.18 -5.68 -61.96
C GLU K 52 -68.12 -4.86 -62.84
N THR K 53 -67.57 -3.82 -63.44
CA THR K 53 -68.34 -2.93 -64.31
C THR K 53 -68.63 -3.61 -65.65
N SER K 54 -67.65 -4.37 -66.13
CA SER K 54 -67.78 -5.08 -67.40
C SER K 54 -68.75 -6.26 -67.27
N ALA K 55 -68.64 -6.98 -66.16
CA ALA K 55 -69.49 -8.13 -65.91
C ALA K 55 -70.92 -7.69 -65.60
N ALA K 56 -71.07 -6.48 -65.08
CA ALA K 56 -72.39 -5.95 -64.75
C ALA K 56 -73.15 -5.59 -66.01
N LYS K 57 -72.44 -5.06 -67.01
CA LYS K 57 -73.04 -4.67 -68.28
C LYS K 57 -73.40 -5.88 -69.14
N LEU K 58 -72.57 -6.92 -69.08
CA LEU K 58 -72.82 -8.13 -69.85
C LEU K 58 -74.07 -8.79 -69.28
N LYS K 59 -74.49 -8.32 -68.11
CA LYS K 59 -75.66 -8.83 -67.43
C LYS K 59 -76.93 -8.13 -67.89
N ARG K 60 -76.80 -6.84 -68.22
CA ARG K 60 -77.95 -6.06 -68.67
C ARG K 60 -78.16 -6.13 -70.17
N LYS K 61 -77.57 -7.14 -70.82
CA LYS K 61 -77.71 -7.27 -72.26
C LYS K 61 -78.03 -8.70 -72.70
N TYR K 62 -77.41 -9.68 -72.05
CA TYR K 62 -77.64 -11.07 -72.40
C TYR K 62 -78.58 -11.81 -71.46
N TRP K 63 -78.68 -11.34 -70.21
CA TRP K 63 -79.57 -11.98 -69.24
C TRP K 63 -81.02 -11.70 -69.62
N ALA L 2 -9.35 -3.32 -3.08
CA ALA L 2 -7.93 -3.44 -3.53
C ALA L 2 -7.62 -2.38 -4.58
N LEU L 3 -8.58 -1.48 -4.81
CA LEU L 3 -8.42 -0.40 -5.80
C LEU L 3 -8.32 -0.91 -7.24
N SER L 4 -7.24 -1.60 -7.55
CA SER L 4 -7.03 -2.13 -8.90
C SER L 4 -8.27 -2.87 -9.42
N GLU L 5 -8.84 -3.72 -8.57
CA GLU L 5 -10.02 -4.49 -8.95
C GLU L 5 -11.26 -3.61 -8.94
N ILE L 6 -11.28 -2.62 -8.05
CA ILE L 6 -12.40 -1.70 -7.92
C ILE L 6 -12.45 -0.74 -9.11
N GLU L 7 -11.29 -0.41 -9.67
CA GLU L 7 -11.21 0.50 -10.80
C GLU L 7 -11.47 -0.28 -12.09
N THR L 8 -10.88 -1.48 -12.17
CA THR L 8 -11.06 -2.32 -13.34
C THR L 8 -12.52 -2.73 -13.43
N ARG L 9 -13.14 -2.90 -12.26
CA ARG L 9 -14.55 -3.26 -12.17
C ARG L 9 -15.36 -2.20 -12.92
N HIS L 10 -15.23 -0.96 -12.45
CA HIS L 10 -15.92 0.18 -13.05
C HIS L 10 -15.76 0.21 -14.56
N SER L 11 -14.52 0.01 -15.02
CA SER L 11 -14.22 0.03 -16.45
C SER L 11 -15.11 -0.95 -17.22
N GLU L 12 -15.23 -2.17 -16.71
CA GLU L 12 -16.04 -3.20 -17.34
C GLU L 12 -17.54 -2.93 -17.18
N ILE L 13 -17.91 -2.33 -16.05
CA ILE L 13 -19.31 -2.03 -15.78
C ILE L 13 -19.86 -1.01 -16.77
N ILE L 14 -19.12 0.08 -16.97
CA ILE L 14 -19.54 1.12 -17.90
C ILE L 14 -19.61 0.57 -19.33
N LYS L 15 -18.56 -0.12 -19.75
CA LYS L 15 -18.53 -0.71 -21.09
C LYS L 15 -19.78 -1.56 -21.26
N LEU L 16 -20.31 -2.04 -20.14
CA LEU L 16 -21.52 -2.84 -20.13
C LEU L 16 -22.71 -1.89 -20.19
N GLU L 17 -22.74 -0.93 -19.27
CA GLU L 17 -23.81 0.06 -19.24
C GLU L 17 -24.03 0.63 -20.63
N ASN L 18 -22.93 0.94 -21.31
CA ASN L 18 -22.97 1.51 -22.65
C ASN L 18 -23.78 0.66 -23.63
N SER L 19 -23.27 -0.52 -23.97
CA SER L 19 -23.94 -1.42 -24.89
C SER L 19 -25.43 -1.56 -24.61
N ILE L 20 -25.80 -1.44 -23.34
CA ILE L 20 -27.19 -1.55 -22.94
C ILE L 20 -28.08 -0.44 -23.51
N ARG L 21 -27.80 0.79 -23.11
CA ARG L 21 -28.56 1.95 -23.57
C ARG L 21 -28.92 1.97 -25.05
N GLU L 22 -28.01 1.52 -25.90
CA GLU L 22 -28.28 1.53 -27.33
C GLU L 22 -29.30 0.47 -27.74
N LEU L 23 -29.20 -0.71 -27.14
CA LEU L 23 -30.13 -1.79 -27.45
C LEU L 23 -31.55 -1.31 -27.16
N HIS L 24 -31.66 -0.42 -26.18
CA HIS L 24 -32.95 0.14 -25.80
C HIS L 24 -33.40 1.12 -26.89
N ASP L 25 -32.43 1.78 -27.52
CA ASP L 25 -32.71 2.73 -28.58
C ASP L 25 -33.42 2.07 -29.75
N MET L 26 -33.07 0.81 -30.00
CA MET L 26 -33.65 0.06 -31.12
C MET L 26 -35.16 -0.20 -30.95
N PHE L 27 -35.56 -0.67 -29.78
CA PHE L 27 -36.98 -0.95 -29.54
C PHE L 27 -37.82 0.30 -29.76
N MET L 28 -37.30 1.45 -29.34
CA MET L 28 -38.02 2.71 -29.50
C MET L 28 -38.37 2.90 -30.97
N ASP L 29 -37.35 2.76 -31.82
CA ASP L 29 -37.54 2.91 -33.25
C ASP L 29 -38.41 1.76 -33.76
N MET L 30 -38.29 0.60 -33.12
CA MET L 30 -39.05 -0.58 -33.48
C MET L 30 -40.55 -0.33 -33.35
N ALA L 31 -40.98 0.03 -32.15
CA ALA L 31 -42.40 0.28 -31.89
C ALA L 31 -42.95 1.35 -32.84
N MET L 32 -42.04 2.14 -33.41
CA MET L 32 -42.43 3.19 -34.34
C MET L 32 -42.52 2.65 -35.77
N LEU L 33 -41.80 1.57 -36.03
CA LEU L 33 -41.80 0.95 -37.35
C LEU L 33 -42.96 -0.03 -37.49
N VAL L 34 -43.00 -1.02 -36.59
CA VAL L 34 -44.05 -2.02 -36.59
C VAL L 34 -45.44 -1.40 -36.62
N GLU L 35 -45.62 -0.32 -35.87
CA GLU L 35 -46.90 0.36 -35.81
C GLU L 35 -47.18 1.08 -37.13
N SER L 36 -46.13 1.66 -37.71
CA SER L 36 -46.27 2.36 -38.98
C SER L 36 -46.62 1.36 -40.08
N GLN L 37 -46.34 0.09 -39.80
CA GLN L 37 -46.64 -0.99 -40.74
C GLN L 37 -48.00 -1.59 -40.43
N GLY L 38 -48.39 -1.52 -39.16
CA GLY L 38 -49.67 -2.05 -38.75
C GLY L 38 -50.82 -1.36 -39.47
N GLU L 39 -50.67 -0.06 -39.68
CA GLU L 39 -51.68 0.73 -40.37
C GLU L 39 -51.66 0.42 -41.87
N MET L 40 -50.50 -0.06 -42.34
CA MET L 40 -50.34 -0.41 -43.75
C MET L 40 -50.98 -1.75 -44.08
N ILE L 41 -51.47 -2.43 -43.04
CA ILE L 41 -52.11 -3.73 -43.22
C ILE L 41 -53.60 -3.63 -42.96
N ASP L 42 -53.99 -2.69 -42.11
CA ASP L 42 -55.40 -2.49 -41.79
C ASP L 42 -56.19 -2.19 -43.06
N ARG L 43 -55.53 -1.55 -44.02
CA ARG L 43 -56.17 -1.22 -45.28
C ARG L 43 -56.15 -2.43 -46.22
N ILE L 44 -55.14 -3.27 -46.07
CA ILE L 44 -55.02 -4.48 -46.89
C ILE L 44 -56.21 -5.39 -46.64
N GLU L 45 -56.39 -5.77 -45.38
CA GLU L 45 -57.49 -6.64 -44.98
C GLU L 45 -58.80 -6.08 -45.54
N TYR L 46 -58.87 -4.76 -45.60
CA TYR L 46 -60.05 -4.08 -46.11
C TYR L 46 -60.21 -4.29 -47.61
N ASN L 47 -59.15 -3.97 -48.36
CA ASN L 47 -59.14 -4.10 -49.81
C ASN L 47 -59.22 -5.54 -50.29
N VAL L 48 -58.90 -6.49 -49.41
CA VAL L 48 -58.90 -7.91 -49.75
C VAL L 48 -60.29 -8.54 -49.66
N GLU L 49 -60.79 -8.72 -48.45
CA GLU L 49 -62.10 -9.32 -48.24
C GLU L 49 -63.19 -8.58 -49.01
N HIS L 50 -62.92 -7.34 -49.40
CA HIS L 50 -63.88 -6.54 -50.15
C HIS L 50 -63.76 -6.87 -51.64
N ALA L 51 -62.52 -7.05 -52.08
CA ALA L 51 -62.27 -7.38 -53.48
C ALA L 51 -63.00 -8.69 -53.76
N VAL L 52 -63.16 -9.48 -52.71
CA VAL L 52 -63.85 -10.76 -52.79
C VAL L 52 -65.31 -10.52 -53.13
N ASP L 53 -65.82 -9.36 -52.73
CA ASP L 53 -67.21 -9.00 -52.99
C ASP L 53 -67.38 -8.54 -54.44
N TYR L 54 -66.40 -7.78 -54.92
CA TYR L 54 -66.43 -7.28 -56.30
C TYR L 54 -66.35 -8.44 -57.27
N VAL L 55 -65.46 -9.38 -56.99
CA VAL L 55 -65.27 -10.55 -57.84
C VAL L 55 -66.46 -11.50 -57.74
N GLU L 56 -67.00 -11.63 -56.53
CA GLU L 56 -68.14 -12.51 -56.29
C GLU L 56 -69.36 -12.02 -57.04
N ARG L 57 -69.52 -10.70 -57.12
CA ARG L 57 -70.65 -10.10 -57.81
C ARG L 57 -70.51 -10.25 -59.32
N ALA L 58 -69.25 -10.33 -59.78
CA ALA L 58 -68.98 -10.47 -61.20
C ALA L 58 -69.20 -11.90 -61.66
N VAL L 59 -68.62 -12.85 -60.94
CA VAL L 59 -68.75 -14.26 -61.27
C VAL L 59 -70.20 -14.72 -61.20
N SER L 60 -70.99 -14.05 -60.35
CA SER L 60 -72.40 -14.39 -60.19
C SER L 60 -73.22 -13.90 -61.38
N ASP L 61 -73.00 -12.65 -61.77
CA ASP L 61 -73.72 -12.05 -62.89
C ASP L 61 -73.42 -12.78 -64.20
N THR L 62 -72.17 -13.21 -64.36
CA THR L 62 -71.74 -13.91 -65.56
C THR L 62 -72.46 -15.25 -65.70
N LYS L 63 -72.63 -15.94 -64.57
CA LYS L 63 -73.30 -17.24 -64.57
C LYS L 63 -74.77 -17.08 -64.97
N LYS L 64 -75.44 -16.08 -64.41
CA LYS L 64 -76.84 -15.83 -64.71
C LYS L 64 -77.00 -15.12 -66.05
N ALA L 65 -75.93 -15.12 -66.84
CA ALA L 65 -75.94 -14.48 -68.14
C ALA L 65 -75.77 -15.53 -69.24
N VAL L 66 -75.72 -16.79 -68.85
CA VAL L 66 -75.56 -17.89 -69.79
C VAL L 66 -76.67 -18.91 -69.65
N LYS L 67 -77.17 -19.07 -68.43
CA LYS L 67 -78.26 -20.01 -68.17
C LYS L 67 -79.59 -19.43 -68.61
N ARG M 1 -15.41 9.82 -7.22
CA ARG M 1 -15.59 9.14 -8.53
C ARG M 1 -15.78 7.64 -8.34
N ALA M 2 -14.92 7.04 -7.52
CA ALA M 2 -14.98 5.61 -7.24
C ALA M 2 -16.39 5.21 -6.81
N ASP M 3 -16.97 5.96 -5.88
CA ASP M 3 -18.31 5.67 -5.39
C ASP M 3 -19.34 6.24 -6.35
N GLN M 4 -18.97 7.31 -7.06
CA GLN M 4 -19.87 7.94 -8.02
C GLN M 4 -20.01 7.06 -9.26
N LEU M 5 -19.33 5.91 -9.24
CA LEU M 5 -19.38 4.98 -10.35
C LEU M 5 -19.95 3.63 -9.93
N ALA M 6 -19.65 3.23 -8.68
CA ALA M 6 -20.14 1.96 -8.16
C ALA M 6 -21.62 2.06 -7.83
N ASP M 7 -22.13 3.29 -7.76
CA ASP M 7 -23.53 3.53 -7.46
C ASP M 7 -24.28 4.03 -8.70
N GLU M 8 -23.66 4.94 -9.44
CA GLU M 8 -24.26 5.48 -10.64
C GLU M 8 -24.48 4.35 -11.64
N SER M 9 -23.48 3.49 -11.78
CA SER M 9 -23.57 2.36 -12.68
C SER M 9 -24.57 1.38 -12.08
N LEU M 10 -24.72 1.42 -10.76
CA LEU M 10 -25.65 0.56 -10.05
C LEU M 10 -27.06 1.04 -10.39
N GLU M 11 -27.21 2.34 -10.56
CA GLU M 11 -28.50 2.92 -10.91
C GLU M 11 -28.79 2.50 -12.34
N SER M 12 -27.72 2.30 -13.11
CA SER M 12 -27.83 1.89 -14.51
C SER M 12 -28.29 0.45 -14.58
N THR M 13 -27.90 -0.35 -13.58
CA THR M 13 -28.31 -1.75 -13.53
C THR M 13 -29.79 -1.79 -13.19
N ARG M 14 -30.21 -0.91 -12.30
CA ARG M 14 -31.62 -0.83 -11.91
C ARG M 14 -32.39 -0.39 -13.14
N ARG M 15 -31.85 0.64 -13.81
CA ARG M 15 -32.47 1.17 -15.02
C ARG M 15 -32.38 0.13 -16.13
N MET M 16 -31.32 -0.68 -16.09
CA MET M 16 -31.10 -1.72 -17.09
C MET M 16 -32.33 -2.63 -17.16
N LEU M 17 -33.18 -2.55 -16.14
CA LEU M 17 -34.39 -3.35 -16.08
C LEU M 17 -35.49 -2.74 -16.93
N GLN M 18 -35.91 -1.53 -16.57
CA GLN M 18 -36.95 -0.84 -17.31
C GLN M 18 -36.54 -0.72 -18.77
N LEU M 19 -35.23 -0.68 -19.02
CA LEU M 19 -34.70 -0.59 -20.37
C LEU M 19 -35.07 -1.85 -21.14
N VAL M 20 -34.89 -3.00 -20.49
CA VAL M 20 -35.19 -4.28 -21.12
C VAL M 20 -36.63 -4.70 -20.81
N GLU M 21 -37.35 -3.86 -20.06
CA GLU M 21 -38.74 -4.14 -19.73
C GLU M 21 -39.62 -3.34 -20.67
N GLU M 22 -39.19 -2.12 -20.95
CA GLU M 22 -39.93 -1.25 -21.86
C GLU M 22 -39.83 -1.89 -23.23
N SER M 23 -38.81 -2.71 -23.42
CA SER M 23 -38.59 -3.41 -24.68
C SER M 23 -39.68 -4.46 -24.85
N LYS M 24 -40.06 -5.08 -23.75
CA LYS M 24 -41.11 -6.11 -23.78
C LYS M 24 -42.41 -5.43 -24.16
N ASP M 25 -42.68 -4.29 -23.54
CA ASP M 25 -43.91 -3.54 -23.81
C ASP M 25 -43.95 -3.23 -25.30
N ALA M 26 -42.81 -2.81 -25.85
CA ALA M 26 -42.72 -2.50 -27.26
C ALA M 26 -42.84 -3.77 -28.08
N GLY M 27 -42.42 -4.89 -27.47
CA GLY M 27 -42.49 -6.17 -28.16
C GLY M 27 -43.90 -6.72 -28.14
N ILE M 28 -44.62 -6.48 -27.05
CA ILE M 28 -45.98 -6.94 -26.90
C ILE M 28 -46.86 -6.36 -28.01
N ARG M 29 -46.88 -5.04 -28.11
CA ARG M 29 -47.67 -4.37 -29.14
C ARG M 29 -47.35 -4.97 -30.51
N THR M 30 -46.09 -5.31 -30.72
CA THR M 30 -45.65 -5.89 -31.97
C THR M 30 -46.22 -7.30 -32.13
N LEU M 31 -45.96 -8.15 -31.14
CA LEU M 31 -46.44 -9.52 -31.15
C LEU M 31 -47.97 -9.56 -31.21
N VAL M 32 -48.61 -8.82 -30.32
CA VAL M 32 -50.07 -8.77 -30.27
C VAL M 32 -50.63 -8.51 -31.66
N MET M 33 -49.95 -7.65 -32.43
CA MET M 33 -50.38 -7.34 -33.78
C MET M 33 -49.99 -8.45 -34.74
N LEU M 34 -48.73 -8.88 -34.67
CA LEU M 34 -48.23 -9.94 -35.54
C LEU M 34 -49.15 -11.15 -35.45
N ASP M 35 -49.76 -11.34 -34.28
CA ASP M 35 -50.68 -12.46 -34.07
C ASP M 35 -52.04 -12.11 -34.66
N GLU M 36 -52.54 -10.91 -34.30
CA GLU M 36 -53.82 -10.44 -34.80
C GLU M 36 -53.79 -10.43 -36.32
N GLN M 37 -52.73 -9.85 -36.86
CA GLN M 37 -52.55 -9.77 -38.31
C GLN M 37 -52.38 -11.14 -38.93
N GLY M 38 -51.71 -12.04 -38.21
CA GLY M 38 -51.51 -13.38 -38.71
C GLY M 38 -52.84 -14.01 -39.08
N GLU M 39 -53.82 -13.87 -38.19
CA GLU M 39 -55.16 -14.42 -38.42
C GLU M 39 -55.86 -13.62 -39.52
N GLN M 40 -55.60 -12.33 -39.56
CA GLN M 40 -56.21 -11.47 -40.57
C GLN M 40 -55.79 -11.94 -41.96
N LEU M 41 -54.48 -12.07 -42.16
CA LEU M 41 -53.95 -12.51 -43.44
C LEU M 41 -54.55 -13.85 -43.85
N ASP M 42 -54.99 -14.64 -42.88
CA ASP M 42 -55.59 -15.93 -43.18
C ASP M 42 -56.90 -15.69 -43.93
N ARG M 43 -57.66 -14.71 -43.47
CA ARG M 43 -58.93 -14.35 -44.12
C ARG M 43 -58.61 -13.52 -45.34
N VAL M 44 -57.40 -12.95 -45.36
CA VAL M 44 -56.94 -12.14 -46.48
C VAL M 44 -56.54 -13.07 -47.61
N GLU M 45 -55.80 -14.11 -47.26
CA GLU M 45 -55.35 -15.10 -48.23
C GLU M 45 -56.57 -15.72 -48.90
N GLU M 46 -57.61 -15.93 -48.11
CA GLU M 46 -58.85 -16.51 -48.62
C GLU M 46 -59.35 -15.68 -49.79
N GLY M 47 -59.02 -14.39 -49.78
CA GLY M 47 -59.43 -13.51 -50.84
C GLY M 47 -58.75 -13.87 -52.15
N MET M 48 -57.44 -14.10 -52.09
CA MET M 48 -56.67 -14.46 -53.29
C MET M 48 -57.11 -15.82 -53.78
N ASN M 49 -57.59 -16.66 -52.86
CA ASN M 49 -58.05 -18.00 -53.20
C ASN M 49 -59.50 -17.97 -53.66
N HIS M 50 -60.28 -17.10 -53.03
CA HIS M 50 -61.70 -16.95 -53.36
C HIS M 50 -61.82 -16.38 -54.77
N ILE M 51 -60.97 -15.40 -55.07
CA ILE M 51 -60.97 -14.77 -56.38
C ILE M 51 -60.39 -15.75 -57.40
N ASN M 52 -59.40 -16.52 -56.96
CA ASN M 52 -58.76 -17.52 -57.82
C ASN M 52 -59.79 -18.50 -58.35
N GLN M 53 -60.78 -18.82 -57.52
CA GLN M 53 -61.83 -19.75 -57.89
C GLN M 53 -62.86 -19.08 -58.80
N ASP M 54 -63.51 -18.03 -58.31
CA ASP M 54 -64.52 -17.32 -59.09
C ASP M 54 -64.02 -16.95 -60.48
N MET M 55 -62.83 -16.38 -60.56
CA MET M 55 -62.25 -15.98 -61.85
C MET M 55 -62.24 -17.14 -62.84
N LYS M 56 -61.96 -18.34 -62.35
CA LYS M 56 -61.94 -19.51 -63.22
C LYS M 56 -63.33 -19.74 -63.80
N GLU M 57 -64.34 -19.55 -62.95
CA GLU M 57 -65.73 -19.71 -63.36
C GLU M 57 -66.14 -18.52 -64.24
N ALA M 58 -65.76 -17.33 -63.80
CA ALA M 58 -66.08 -16.11 -64.53
C ALA M 58 -65.49 -16.16 -65.94
N GLU M 59 -64.27 -16.70 -66.04
CA GLU M 59 -63.61 -16.82 -67.33
C GLU M 59 -64.38 -17.79 -68.22
N LYS M 60 -64.82 -18.89 -67.64
CA LYS M 60 -65.58 -19.90 -68.38
C LYS M 60 -66.89 -19.32 -68.89
N ASN M 61 -67.57 -18.55 -68.06
CA ASN M 61 -68.84 -17.94 -68.45
C ASN M 61 -68.63 -16.95 -69.58
N LEU M 62 -67.54 -16.18 -69.49
CA LEU M 62 -67.23 -15.19 -70.51
C LEU M 62 -66.81 -15.90 -71.80
N LYS M 63 -66.48 -17.18 -71.67
CA LYS M 63 -66.07 -17.99 -72.81
C LYS M 63 -67.27 -18.68 -73.42
N ASP M 64 -68.23 -19.02 -72.57
CA ASP M 64 -69.46 -19.68 -73.00
C ASP M 64 -70.41 -18.68 -73.63
N LEU M 65 -70.40 -17.45 -73.10
CA LEU M 65 -71.25 -16.39 -73.58
C LEU M 65 -70.61 -15.65 -74.76
N GLY M 66 -69.31 -15.83 -74.92
CA GLY M 66 -68.59 -15.18 -76.00
C GLY M 66 -68.82 -15.82 -77.36
N LYS M 67 -69.42 -17.01 -77.36
CA LYS M 67 -69.68 -17.72 -78.62
C LYS M 67 -71.11 -18.26 -78.64
N ALA M 125 -22.65 -4.63 0.87
CA ALA M 125 -23.70 -5.39 0.12
C ALA M 125 -24.07 -4.66 -1.17
N ARG M 126 -23.25 -3.69 -1.56
CA ARG M 126 -23.50 -2.92 -2.77
C ARG M 126 -23.19 -3.80 -3.97
N GLU M 127 -22.12 -4.59 -3.87
CA GLU M 127 -21.70 -5.48 -4.95
C GLU M 127 -22.58 -6.72 -4.98
N ASN M 128 -23.22 -7.02 -3.85
CA ASN M 128 -24.09 -8.18 -3.76
C ASN M 128 -25.37 -7.92 -4.54
N GLU M 129 -25.79 -6.65 -4.56
CA GLU M 129 -26.98 -6.25 -5.28
C GLU M 129 -26.62 -6.02 -6.74
N MET M 130 -25.48 -5.37 -6.96
CA MET M 130 -25.00 -5.09 -8.30
C MET M 130 -24.87 -6.40 -9.06
N ASP M 131 -24.75 -7.49 -8.31
CA ASP M 131 -24.63 -8.82 -8.89
C ASP M 131 -26.03 -9.37 -9.11
N GLU M 132 -26.97 -8.94 -8.29
CA GLU M 132 -28.36 -9.38 -8.38
C GLU M 132 -29.06 -8.72 -9.58
N ASN M 133 -28.82 -7.43 -9.76
CA ASN M 133 -29.42 -6.69 -10.87
C ASN M 133 -29.09 -7.38 -12.19
N LEU M 134 -27.87 -7.92 -12.27
CA LEU M 134 -27.43 -8.62 -13.48
C LEU M 134 -28.32 -9.85 -13.66
N GLU M 135 -28.54 -10.56 -12.57
CA GLU M 135 -29.39 -11.75 -12.59
C GLU M 135 -30.78 -11.33 -13.07
N GLN M 136 -31.19 -10.12 -12.69
CA GLN M 136 -32.50 -9.60 -13.10
C GLN M 136 -32.50 -9.41 -14.60
N VAL M 137 -31.46 -8.76 -15.11
CA VAL M 137 -31.33 -8.51 -16.53
C VAL M 137 -31.34 -9.86 -17.23
N SER M 138 -30.61 -10.82 -16.66
CA SER M 138 -30.51 -12.17 -17.20
C SER M 138 -31.90 -12.78 -17.35
N GLY M 139 -32.69 -12.74 -16.28
CA GLY M 139 -34.02 -13.30 -16.30
C GLY M 139 -34.87 -12.65 -17.38
N ILE M 140 -34.57 -11.40 -17.68
CA ILE M 140 -35.31 -10.65 -18.69
C ILE M 140 -34.75 -10.96 -20.07
N ILE M 141 -33.45 -11.25 -20.13
CA ILE M 141 -32.80 -11.58 -21.38
C ILE M 141 -33.50 -12.80 -21.97
N GLY M 142 -33.90 -13.71 -21.10
CA GLY M 142 -34.60 -14.90 -21.54
C GLY M 142 -35.89 -14.50 -22.22
N ASN M 143 -36.55 -13.49 -21.67
CA ASN M 143 -37.79 -12.98 -22.23
C ASN M 143 -37.54 -12.44 -23.63
N LEU M 144 -36.48 -11.65 -23.76
CA LEU M 144 -36.11 -11.08 -25.04
C LEU M 144 -35.96 -12.18 -26.09
N ARG M 145 -35.68 -13.39 -25.62
CA ARG M 145 -35.53 -14.54 -26.51
C ARG M 145 -36.93 -15.04 -26.86
N HIS M 146 -37.83 -14.98 -25.89
CA HIS M 146 -39.20 -15.43 -26.08
C HIS M 146 -39.85 -14.64 -27.20
N MET M 147 -39.77 -13.32 -27.12
CA MET M 147 -40.35 -12.44 -28.14
C MET M 147 -39.58 -12.60 -29.44
N ALA M 148 -38.26 -12.70 -29.34
CA ALA M 148 -37.40 -12.84 -30.51
C ALA M 148 -37.78 -14.06 -31.33
N LEU M 149 -38.34 -15.08 -30.67
CA LEU M 149 -38.76 -16.30 -31.36
C LEU M 149 -40.18 -16.16 -31.90
N ASP M 150 -41.08 -15.62 -31.08
CA ASP M 150 -42.46 -15.43 -31.51
C ASP M 150 -42.48 -14.46 -32.69
N MET M 151 -41.62 -13.45 -32.60
CA MET M 151 -41.52 -12.45 -33.65
C MET M 151 -40.90 -13.11 -34.87
N GLY M 152 -39.88 -13.94 -34.63
CA GLY M 152 -39.22 -14.64 -35.70
C GLY M 152 -40.11 -15.62 -36.44
N ASN M 153 -40.70 -16.55 -35.68
CA ASN M 153 -41.59 -17.56 -36.27
C ASN M 153 -42.81 -16.97 -36.94
N GLU M 154 -43.20 -15.76 -36.52
CA GLU M 154 -44.36 -15.09 -37.10
C GLU M 154 -43.94 -14.39 -38.38
N ILE M 155 -42.69 -13.94 -38.42
CA ILE M 155 -42.15 -13.25 -39.58
C ILE M 155 -41.92 -14.24 -40.73
N ASP M 156 -41.20 -15.31 -40.46
CA ASP M 156 -40.92 -16.33 -41.47
C ASP M 156 -42.18 -17.00 -42.00
N THR M 157 -43.14 -17.26 -41.10
CA THR M 157 -44.38 -17.91 -41.50
C THR M 157 -45.24 -17.01 -42.38
N GLN M 158 -45.13 -15.70 -42.17
CA GLN M 158 -45.91 -14.74 -42.95
C GLN M 158 -45.22 -14.34 -44.25
N ASN M 159 -43.89 -14.23 -44.22
CA ASN M 159 -43.14 -13.87 -45.42
C ASN M 159 -43.47 -14.86 -46.52
N ARG M 160 -43.43 -16.14 -46.17
CA ARG M 160 -43.73 -17.20 -47.12
C ARG M 160 -45.21 -17.13 -47.51
N GLN M 161 -46.02 -16.57 -46.62
CA GLN M 161 -47.45 -16.42 -46.89
C GLN M 161 -47.62 -15.32 -47.92
N ILE M 162 -46.82 -14.26 -47.77
CA ILE M 162 -46.86 -13.14 -48.70
C ILE M 162 -46.57 -13.67 -50.09
N ASP M 163 -45.63 -14.61 -50.16
CA ASP M 163 -45.25 -15.22 -51.44
C ASP M 163 -46.47 -15.81 -52.12
N ARG M 164 -47.20 -16.66 -51.41
CA ARG M 164 -48.39 -17.29 -51.97
C ARG M 164 -49.41 -16.23 -52.37
N ILE M 165 -49.57 -15.22 -51.52
CA ILE M 165 -50.51 -14.13 -51.79
C ILE M 165 -50.13 -13.43 -53.09
N MET M 166 -48.88 -13.00 -53.17
CA MET M 166 -48.39 -12.31 -54.37
C MET M 166 -48.58 -13.15 -55.62
N GLU M 167 -48.37 -14.46 -55.48
CA GLU M 167 -48.52 -15.38 -56.61
C GLU M 167 -49.96 -15.42 -57.12
N LYS M 168 -50.87 -15.91 -56.29
CA LYS M 168 -52.28 -16.00 -56.66
C LYS M 168 -52.83 -14.64 -57.10
N ALA M 169 -52.51 -13.60 -56.34
CA ALA M 169 -52.98 -12.25 -56.67
C ALA M 169 -52.64 -11.93 -58.12
N ASP M 170 -51.39 -12.18 -58.50
CA ASP M 170 -50.93 -11.93 -59.85
C ASP M 170 -51.66 -12.83 -60.83
N SER M 171 -51.62 -14.14 -60.56
CA SER M 171 -52.27 -15.13 -61.41
C SER M 171 -53.69 -14.69 -61.77
N ASN M 172 -54.41 -14.17 -60.79
CA ASN M 172 -55.78 -13.72 -61.00
C ASN M 172 -55.82 -12.41 -61.76
N LYS M 173 -54.84 -11.55 -61.51
CA LYS M 173 -54.77 -10.25 -62.19
C LYS M 173 -54.83 -10.45 -63.69
N THR M 174 -54.08 -11.44 -64.18
CA THR M 174 -54.03 -11.74 -65.60
C THR M 174 -55.42 -12.12 -66.12
N ARG M 175 -56.07 -13.05 -65.44
CA ARG M 175 -57.40 -13.50 -65.83
C ARG M 175 -58.37 -12.32 -65.93
N ILE M 176 -58.17 -11.33 -65.07
CA ILE M 176 -59.03 -10.15 -65.06
C ILE M 176 -58.75 -9.30 -66.29
N ASP M 177 -57.47 -9.12 -66.60
CA ASP M 177 -57.07 -8.32 -67.76
C ASP M 177 -57.56 -8.94 -69.06
N GLU M 178 -57.34 -10.25 -69.21
CA GLU M 178 -57.77 -10.95 -70.42
C GLU M 178 -59.29 -10.85 -70.55
N ALA M 179 -59.98 -11.09 -69.45
CA ALA M 179 -61.43 -11.04 -69.42
C ALA M 179 -61.94 -9.61 -69.65
N ASN M 180 -61.19 -8.64 -69.14
CA ASN M 180 -61.56 -7.23 -69.30
C ASN M 180 -61.37 -6.75 -70.73
N GLN M 181 -60.52 -7.45 -71.48
CA GLN M 181 -60.26 -7.09 -72.86
C GLN M 181 -61.27 -7.75 -73.79
N ARG M 182 -61.92 -8.81 -73.31
CA ARG M 182 -62.91 -9.53 -74.09
C ARG M 182 -64.32 -9.07 -73.72
N ALA M 183 -64.46 -8.53 -72.52
CA ALA M 183 -65.75 -8.06 -72.03
C ALA M 183 -66.03 -6.61 -72.46
N THR M 184 -65.03 -5.75 -72.33
CA THR M 184 -65.16 -4.34 -72.69
C THR M 184 -65.66 -4.17 -74.12
N LYS M 185 -65.35 -5.13 -74.98
CA LYS M 185 -65.79 -5.05 -76.37
C LYS M 185 -67.27 -5.38 -76.49
N MET M 186 -67.73 -6.36 -75.73
CA MET M 186 -69.14 -6.75 -75.73
C MET M 186 -69.87 -5.86 -74.74
N LEU M 187 -69.45 -4.61 -74.65
CA LEU M 187 -70.04 -3.65 -73.72
C LEU M 187 -71.40 -3.15 -74.22
N GLY M 188 -72.21 -2.65 -73.29
CA GLY M 188 -73.52 -2.13 -73.65
C GLY M 188 -74.46 -3.19 -74.16
#